data_6Q2A
#
_entry.id   6Q2A
#
_cell.length_a   147.150
_cell.length_b   147.150
_cell.length_c   264.800
_cell.angle_alpha   90.000
_cell.angle_beta   90.000
_cell.angle_gamma   120.000
#
_symmetry.space_group_name_H-M   'P 31'
#
loop_
_entity.id
_entity.type
_entity.pdbx_description
1 polymer 'Protein kinase, putative'
2 non-polymer 'SULFATE ION'
3 non-polymer ~{N}-[1-[(3~{R})-1-[4-(dimethylamino)but-2-enoyl]azepan-3-yl]-7-methyl-benzimidazol-2-yl]-2-methyl-pyridine-4-carboxamide
4 water water
#
_entity_poly.entity_id   1
_entity_poly.type   'polypeptide(L)'
_entity_poly.pdbx_seq_one_letter_code
;GPSMHVLGEDIDASTGRFKILSLLGEGTFGKVVEAWDRKRKEYCAVKIVRNVPKYTRDAKIEIQFMERVRLSDVEDRFPL
MKIQRYFQNETGHMCIVMPKYGPCLLDWIMKHGPFNHRHLAQIIFQVGAALDYFHTELHLMHTDLKPENILMESGDTSVD
PMTHRALPPEPCRVRICDLGGCCDERHSRTAIVSTRHYRSPEVVLSLGWMYSTDLWSMGCIIYELYTGKLLYDTHDNLEH
LHLMEKTLGRLPADWSVRCGTQEARDLFTAAGTLQPCKDPKHIARIARARPVREVITEPLLCDLILNLLHYDRQRRLNAR
QMMSHAYVHKYFPECRQHPNHVDNRSKLPPTPVM
;
_entity_poly.pdbx_strand_id   A,B,C,D,E,F,G,H,I,J,K,L,M,N,O,P
#
loop_
_chem_comp.id
_chem_comp.type
_chem_comp.name
_chem_comp.formula
5XH non-polymer ~{N}-[1-[(3~{R})-1-[4-(dimethylamino)but-2-enoyl]azepan-3-yl]-7-methyl-benzimidazol-2-yl]-2-methyl-pyridine-4-carboxamide 'C27 H34 N6 O2'
SO4 non-polymer 'SULFATE ION' 'O4 S -2'
#
# COMPACT_ATOMS: atom_id res chain seq x y z
N GLY A 16 -20.60 -51.85 0.37
CA GLY A 16 -20.49 -52.58 -0.88
C GLY A 16 -21.60 -52.26 -1.86
N ARG A 17 -22.80 -52.78 -1.58
CA ARG A 17 -23.96 -52.55 -2.41
C ARG A 17 -24.88 -51.46 -1.89
N PHE A 18 -24.96 -51.29 -0.58
CA PHE A 18 -25.86 -50.33 0.05
C PHE A 18 -25.03 -49.21 0.65
N LYS A 19 -25.30 -47.98 0.20
CA LYS A 19 -24.63 -46.79 0.72
C LYS A 19 -25.63 -46.07 1.63
N ILE A 20 -25.23 -45.84 2.87
CA ILE A 20 -26.12 -45.23 3.86
C ILE A 20 -26.26 -43.75 3.56
N LEU A 21 -27.51 -43.28 3.49
CA LEU A 21 -27.84 -41.91 3.17
C LEU A 21 -28.37 -41.13 4.37
N SER A 22 -29.43 -41.63 5.01
CA SER A 22 -30.12 -40.93 6.04
C SER A 22 -30.26 -41.80 7.28
N LEU A 23 -30.49 -41.15 8.43
CA LEU A 23 -30.95 -41.83 9.62
C LEU A 23 -32.45 -41.55 9.73
N LEU A 24 -33.27 -42.59 9.61
CA LEU A 24 -34.71 -42.40 9.68
C LEU A 24 -35.28 -42.63 11.07
N GLY A 25 -34.67 -43.52 11.84
CA GLY A 25 -35.12 -43.79 13.18
C GLY A 25 -34.16 -44.70 13.89
N GLU A 26 -34.28 -44.71 15.21
CA GLU A 26 -33.32 -45.39 16.07
C GLU A 26 -34.04 -45.94 17.30
N GLY A 27 -33.57 -47.08 17.77
CA GLY A 27 -34.15 -47.65 18.97
C GLY A 27 -33.30 -48.77 19.53
N THR A 28 -33.88 -49.47 20.52
CA THR A 28 -33.22 -50.63 21.11
C THR A 28 -32.83 -51.65 20.06
N PHE A 29 -33.77 -51.99 19.17
CA PHE A 29 -33.50 -52.95 18.10
C PHE A 29 -32.24 -52.59 17.32
N GLY A 30 -32.03 -51.30 17.06
CA GLY A 30 -30.98 -50.83 16.19
C GLY A 30 -31.36 -49.56 15.46
N LYS A 31 -31.16 -49.52 14.15
CA LYS A 31 -31.42 -48.32 13.36
C LYS A 31 -32.15 -48.68 12.08
N VAL A 32 -32.96 -47.75 11.59
CA VAL A 32 -33.51 -47.78 10.24
C VAL A 32 -32.89 -46.63 9.47
N VAL A 33 -32.20 -46.94 8.37
CA VAL A 33 -31.52 -45.94 7.56
C VAL A 33 -32.09 -45.95 6.16
N GLU A 34 -32.06 -44.78 5.52
CA GLU A 34 -32.27 -44.70 4.09
C GLU A 34 -30.96 -45.01 3.39
N ALA A 35 -31.00 -45.90 2.41
CA ALA A 35 -29.78 -46.32 1.73
C ALA A 35 -30.01 -46.30 0.23
N TRP A 36 -28.89 -46.23 -0.49
CA TRP A 36 -28.88 -46.30 -1.94
C TRP A 36 -28.42 -47.68 -2.37
N ASP A 37 -29.27 -48.39 -3.12
CA ASP A 37 -28.96 -49.72 -3.63
C ASP A 37 -28.19 -49.54 -4.93
N ARG A 38 -26.88 -49.83 -4.90
CA ARG A 38 -26.04 -49.50 -6.04
C ARG A 38 -26.29 -50.37 -7.25
N LYS A 39 -26.74 -51.58 -7.02
CA LYS A 39 -26.90 -52.58 -8.06
C LYS A 39 -28.31 -52.51 -8.66
N ARG A 40 -29.26 -52.02 -7.86
CA ARG A 40 -30.70 -51.94 -8.14
C ARG A 40 -31.23 -50.50 -8.06
N LYS A 41 -30.34 -49.48 -8.02
CA LYS A 41 -30.74 -48.26 -8.70
C LYS A 41 -31.93 -47.58 -8.01
N GLU A 42 -31.94 -47.62 -6.67
CA GLU A 42 -33.07 -47.06 -5.91
C GLU A 42 -32.76 -46.83 -4.43
N TYR A 43 -33.67 -46.08 -3.80
CA TYR A 43 -33.64 -45.79 -2.37
C TYR A 43 -34.39 -46.89 -1.64
N CYS A 44 -33.93 -47.18 -0.44
CA CYS A 44 -34.45 -48.28 0.36
C CYS A 44 -34.33 -47.85 1.81
N ALA A 45 -35.06 -48.56 2.65
CA ALA A 45 -34.87 -48.49 4.09
C ALA A 45 -34.19 -49.76 4.54
N VAL A 46 -33.17 -49.63 5.39
CA VAL A 46 -32.41 -50.77 5.88
C VAL A 46 -32.49 -50.78 7.39
N LYS A 47 -32.97 -51.89 7.94
CA LYS A 47 -33.02 -52.11 9.38
C LYS A 47 -31.72 -52.79 9.80
N ILE A 48 -30.92 -52.08 10.58
CA ILE A 48 -29.64 -52.59 11.07
C ILE A 48 -29.82 -53.01 12.53
N VAL A 49 -29.88 -54.31 12.76
CA VAL A 49 -30.09 -54.86 14.09
C VAL A 49 -28.77 -54.86 14.85
N ARG A 50 -28.83 -54.56 16.15
CA ARG A 50 -27.62 -54.58 16.97
C ARG A 50 -27.05 -55.98 16.92
N ASN A 51 -25.74 -56.05 16.91
CA ASN A 51 -25.07 -57.29 16.53
C ASN A 51 -24.93 -58.10 17.81
N VAL A 52 -26.07 -58.55 18.34
CA VAL A 52 -26.06 -59.26 19.62
C VAL A 52 -26.77 -60.58 19.42
N PRO A 53 -26.38 -61.66 20.12
CA PRO A 53 -26.96 -62.98 19.83
C PRO A 53 -28.48 -63.04 19.92
N LYS A 54 -29.15 -62.38 20.88
CA LYS A 54 -30.61 -62.53 21.01
C LYS A 54 -31.35 -61.77 19.92
N TYR A 55 -30.82 -60.62 19.55
CA TYR A 55 -31.47 -59.84 18.51
C TYR A 55 -31.13 -60.36 17.13
N THR A 56 -29.92 -60.89 16.94
CA THR A 56 -29.53 -61.45 15.64
C THR A 56 -30.38 -62.63 15.23
N ARG A 57 -30.81 -63.42 16.22
CA ARG A 57 -31.61 -64.61 16.07
C ARG A 57 -33.08 -64.25 15.96
N ASP A 58 -33.47 -63.18 16.66
CA ASP A 58 -34.83 -62.66 16.52
C ASP A 58 -34.99 -61.89 15.23
N ALA A 59 -33.87 -61.42 14.67
CA ALA A 59 -33.91 -60.88 13.31
C ALA A 59 -34.04 -62.01 12.30
N LYS A 60 -33.32 -63.12 12.52
CA LYS A 60 -33.44 -64.25 11.61
C LYS A 60 -34.84 -64.85 11.66
N ILE A 61 -35.47 -64.85 12.84
CA ILE A 61 -36.86 -65.28 12.95
C ILE A 61 -37.78 -64.24 12.32
N GLU A 62 -37.56 -62.96 12.63
CA GLU A 62 -38.33 -61.90 12.00
C GLU A 62 -38.19 -61.95 10.49
N ILE A 63 -36.97 -62.22 9.99
CA ILE A 63 -36.82 -62.32 8.56
C ILE A 63 -37.75 -63.42 8.06
N GLN A 64 -37.76 -64.57 8.74
CA GLN A 64 -38.50 -65.74 8.24
C GLN A 64 -40.00 -65.48 8.10
N PHE A 65 -40.58 -64.71 9.02
CA PHE A 65 -41.98 -64.34 8.84
C PHE A 65 -42.16 -63.38 7.67
N MET A 66 -41.14 -62.58 7.37
CA MET A 66 -41.23 -61.61 6.28
C MET A 66 -41.15 -62.30 4.91
N GLU A 67 -40.33 -63.35 4.74
CA GLU A 67 -40.39 -63.99 3.41
C GLU A 67 -41.66 -64.77 3.21
N ARG A 68 -42.31 -65.21 4.28
CA ARG A 68 -43.55 -65.94 4.07
C ARG A 68 -44.69 -65.02 3.63
N VAL A 69 -44.74 -63.78 4.14
CA VAL A 69 -45.72 -62.82 3.61
C VAL A 69 -45.47 -62.49 2.15
N ARG A 70 -44.28 -62.09 1.76
CA ARG A 70 -44.22 -61.78 0.34
C ARG A 70 -44.43 -62.99 -0.56
N LEU A 71 -43.79 -64.11 -0.28
CA LEU A 71 -43.82 -65.20 -1.24
C LEU A 71 -45.25 -65.65 -1.55
N SER A 72 -46.22 -65.47 -0.63
CA SER A 72 -47.61 -65.80 -0.90
C SER A 72 -48.36 -64.64 -1.56
N ASP A 73 -48.24 -63.43 -1.00
CA ASP A 73 -48.90 -62.25 -1.55
C ASP A 73 -47.98 -61.56 -2.58
N VAL A 74 -47.85 -62.19 -3.74
CA VAL A 74 -46.76 -61.84 -4.65
C VAL A 74 -46.96 -60.47 -5.32
N GLU A 75 -48.21 -59.97 -5.32
CA GLU A 75 -48.66 -58.71 -5.93
C GLU A 75 -49.27 -57.77 -4.89
N ASP A 76 -48.74 -57.91 -3.68
CA ASP A 76 -48.88 -56.95 -2.59
C ASP A 76 -50.33 -56.47 -2.45
N ARG A 77 -51.23 -57.42 -2.26
CA ARG A 77 -52.64 -57.08 -2.13
C ARG A 77 -53.00 -56.54 -0.76
N PHE A 78 -52.20 -56.85 0.26
CA PHE A 78 -52.51 -56.42 1.60
C PHE A 78 -51.41 -55.53 2.15
N PRO A 79 -51.76 -54.52 2.96
CA PRO A 79 -50.80 -53.52 3.46
C PRO A 79 -49.91 -54.07 4.57
N LEU A 80 -49.29 -55.21 4.31
CA LEU A 80 -48.22 -55.76 5.12
C LEU A 80 -46.87 -55.41 4.51
N MET A 81 -45.86 -55.34 5.38
CA MET A 81 -44.51 -55.00 4.94
C MET A 81 -43.97 -56.07 4.01
N LYS A 82 -43.17 -55.66 3.02
CA LYS A 82 -42.66 -56.56 1.99
C LYS A 82 -41.15 -56.43 1.91
N ILE A 83 -40.45 -57.39 2.51
CA ILE A 83 -38.99 -57.42 2.47
C ILE A 83 -38.49 -57.49 1.03
N GLN A 84 -37.38 -56.81 0.78
CA GLN A 84 -36.73 -56.83 -0.53
C GLN A 84 -35.51 -57.75 -0.56
N ARG A 85 -34.64 -57.65 0.44
CA ARG A 85 -33.46 -58.49 0.56
C ARG A 85 -32.98 -58.44 2.01
N TYR A 86 -32.03 -59.30 2.34
CA TYR A 86 -31.42 -59.27 3.66
C TYR A 86 -30.02 -59.88 3.60
N PHE A 87 -29.20 -59.52 4.58
CA PHE A 87 -27.86 -60.08 4.72
C PHE A 87 -27.34 -59.82 6.13
N GLN A 88 -26.27 -60.53 6.47
CA GLN A 88 -25.52 -60.28 7.69
C GLN A 88 -24.27 -59.51 7.30
N ASN A 89 -24.08 -58.36 7.91
CA ASN A 89 -22.96 -57.51 7.55
C ASN A 89 -21.63 -58.18 7.89
N GLU A 90 -20.57 -57.53 7.39
CA GLU A 90 -19.19 -57.92 7.58
C GLU A 90 -18.76 -57.60 8.99
N THR A 91 -19.59 -56.84 9.69
CA THR A 91 -19.48 -56.63 11.12
C THR A 91 -20.49 -57.48 11.89
N GLY A 92 -21.25 -58.36 11.23
CA GLY A 92 -22.18 -59.27 11.86
C GLY A 92 -23.58 -58.73 12.13
N HIS A 93 -23.83 -57.45 11.86
CA HIS A 93 -25.16 -56.90 12.05
C HIS A 93 -26.12 -57.51 11.04
N MET A 94 -27.28 -57.98 11.53
CA MET A 94 -28.34 -58.37 10.62
C MET A 94 -28.93 -57.14 9.95
N CYS A 95 -29.07 -57.21 8.63
CA CYS A 95 -29.54 -56.08 7.85
C CYS A 95 -30.73 -56.51 7.00
N ILE A 96 -31.86 -55.85 7.21
CA ILE A 96 -33.09 -56.16 6.49
C ILE A 96 -33.37 -55.01 5.53
N VAL A 97 -33.32 -55.31 4.23
CA VAL A 97 -33.56 -54.32 3.20
C VAL A 97 -35.04 -54.34 2.83
N MET A 98 -35.66 -53.16 2.82
CA MET A 98 -37.08 -53.03 2.60
C MET A 98 -37.35 -51.76 1.81
N PRO A 99 -38.56 -51.55 1.30
CA PRO A 99 -38.88 -50.25 0.70
C PRO A 99 -38.87 -49.17 1.76
N LYS A 100 -38.72 -47.93 1.31
CA LYS A 100 -38.75 -46.79 2.21
C LYS A 100 -40.20 -46.37 2.36
N TYR A 101 -40.73 -46.50 3.57
CA TYR A 101 -42.08 -46.07 3.86
C TYR A 101 -42.00 -44.73 4.61
N GLY A 102 -43.09 -44.32 5.24
CA GLY A 102 -43.11 -43.09 5.97
C GLY A 102 -43.05 -43.29 7.46
N PRO A 103 -43.42 -42.26 8.21
CA PRO A 103 -43.40 -42.37 9.68
C PRO A 103 -44.62 -43.14 10.17
N CYS A 104 -44.50 -43.65 11.39
CA CYS A 104 -45.58 -44.37 12.04
C CYS A 104 -46.78 -43.44 12.30
N LEU A 105 -47.94 -44.06 12.56
CA LEU A 105 -49.11 -43.30 12.95
C LEU A 105 -48.89 -42.48 14.21
N LEU A 106 -48.07 -42.98 15.15
CA LEU A 106 -47.80 -42.23 16.37
C LEU A 106 -47.19 -40.87 16.05
N ASP A 107 -46.27 -40.82 15.09
CA ASP A 107 -45.67 -39.55 14.70
C ASP A 107 -46.72 -38.58 14.17
N TRP A 108 -47.70 -39.07 13.41
CA TRP A 108 -48.71 -38.17 12.85
C TRP A 108 -49.62 -37.62 13.94
N ILE A 109 -50.11 -38.48 14.84
CA ILE A 109 -51.06 -38.02 15.84
C ILE A 109 -50.42 -37.01 16.78
N MET A 110 -49.11 -37.14 17.04
CA MET A 110 -48.46 -36.22 17.96
C MET A 110 -48.19 -34.86 17.31
N LYS A 111 -48.01 -34.80 15.99
CA LYS A 111 -47.78 -33.51 15.34
C LYS A 111 -49.07 -32.87 14.85
N HIS A 112 -49.98 -33.65 14.24
CA HIS A 112 -51.16 -33.09 13.61
C HIS A 112 -52.46 -33.44 14.34
N GLY A 113 -52.40 -34.24 15.41
CA GLY A 113 -53.59 -34.61 16.13
C GLY A 113 -54.27 -35.84 15.54
N PRO A 114 -55.46 -36.15 16.04
CA PRO A 114 -56.16 -37.36 15.60
C PRO A 114 -56.60 -37.23 14.14
N PHE A 115 -56.80 -38.40 13.52
CA PHE A 115 -57.33 -38.44 12.17
C PHE A 115 -58.82 -38.13 12.17
N ASN A 116 -59.30 -37.63 11.03
CA ASN A 116 -60.73 -37.48 10.85
C ASN A 116 -61.35 -38.83 10.53
N HIS A 117 -62.68 -38.87 10.52
CA HIS A 117 -63.38 -40.15 10.41
C HIS A 117 -63.02 -40.89 9.13
N ARG A 118 -62.85 -40.16 8.02
CA ARG A 118 -62.55 -40.82 6.75
C ARG A 118 -61.21 -41.54 6.79
N HIS A 119 -60.14 -40.82 7.17
CA HIS A 119 -58.82 -41.45 7.16
C HIS A 119 -58.72 -42.53 8.22
N LEU A 120 -59.38 -42.34 9.36
CA LEU A 120 -59.45 -43.40 10.36
C LEU A 120 -60.16 -44.62 9.80
N ALA A 121 -61.27 -44.40 9.10
CA ALA A 121 -61.97 -45.52 8.48
C ALA A 121 -61.08 -46.21 7.43
N GLN A 122 -60.31 -45.43 6.68
CA GLN A 122 -59.41 -46.01 5.70
C GLN A 122 -58.30 -46.80 6.37
N ILE A 123 -57.79 -46.31 7.50
CA ILE A 123 -56.76 -47.04 8.24
C ILE A 123 -57.33 -48.35 8.79
N ILE A 124 -58.53 -48.29 9.36
CA ILE A 124 -59.16 -49.48 9.92
C ILE A 124 -59.41 -50.51 8.83
N PHE A 125 -59.83 -50.06 7.64
CA PHE A 125 -60.08 -50.99 6.55
C PHE A 125 -58.82 -51.75 6.15
N GLN A 126 -57.69 -51.02 5.99
CA GLN A 126 -56.47 -51.64 5.52
C GLN A 126 -55.89 -52.63 6.53
N VAL A 127 -55.78 -52.20 7.79
CA VAL A 127 -55.24 -53.08 8.82
C VAL A 127 -56.12 -54.32 8.97
N GLY A 128 -57.44 -54.14 8.85
CA GLY A 128 -58.33 -55.29 8.86
C GLY A 128 -58.05 -56.25 7.72
N ALA A 129 -57.88 -55.70 6.50
CA ALA A 129 -57.62 -56.56 5.35
C ALA A 129 -56.31 -57.32 5.50
N ALA A 130 -55.28 -56.66 6.04
CA ALA A 130 -54.01 -57.34 6.28
C ALA A 130 -54.14 -58.39 7.39
N LEU A 131 -54.89 -58.07 8.45
CA LEU A 131 -54.97 -58.97 9.59
C LEU A 131 -55.79 -60.22 9.30
N ASP A 132 -56.88 -60.11 8.54
CA ASP A 132 -57.61 -61.34 8.22
C ASP A 132 -56.81 -62.21 7.27
N TYR A 133 -56.01 -61.60 6.40
CA TYR A 133 -55.07 -62.37 5.60
C TYR A 133 -54.04 -63.03 6.50
N PHE A 134 -53.51 -62.29 7.46
CA PHE A 134 -52.58 -62.87 8.44
C PHE A 134 -53.23 -64.02 9.19
N HIS A 135 -54.48 -63.83 9.63
CA HIS A 135 -55.11 -64.79 10.54
C HIS A 135 -55.65 -66.03 9.83
N THR A 136 -56.28 -65.87 8.66
CA THR A 136 -56.95 -66.99 8.03
C THR A 136 -56.21 -67.55 6.81
N GLU A 137 -55.25 -66.83 6.26
CA GLU A 137 -54.47 -67.34 5.14
C GLU A 137 -53.09 -67.83 5.55
N LEU A 138 -52.39 -67.07 6.39
CA LEU A 138 -51.11 -67.53 6.91
C LEU A 138 -51.25 -68.22 8.26
N HIS A 139 -52.37 -67.99 8.95
CA HIS A 139 -52.60 -68.54 10.28
C HIS A 139 -51.47 -68.16 11.22
N LEU A 140 -51.20 -66.87 11.28
CA LEU A 140 -50.21 -66.28 12.16
C LEU A 140 -50.89 -65.15 12.92
N MET A 141 -50.41 -64.90 14.13
CA MET A 141 -50.78 -63.70 14.86
C MET A 141 -49.61 -62.74 14.90
N HIS A 142 -49.92 -61.45 14.84
CA HIS A 142 -48.89 -60.43 14.95
C HIS A 142 -48.47 -60.26 16.41
N THR A 143 -49.45 -60.08 17.30
CA THR A 143 -49.32 -60.03 18.75
C THR A 143 -48.64 -58.77 19.27
N ASP A 144 -48.09 -57.92 18.41
CA ASP A 144 -47.42 -56.72 18.89
C ASP A 144 -47.77 -55.52 18.03
N LEU A 145 -49.04 -55.35 17.69
CA LEU A 145 -49.45 -54.19 16.92
C LEU A 145 -49.53 -52.97 17.84
N LYS A 146 -48.99 -51.86 17.37
CA LYS A 146 -48.97 -50.61 18.12
C LYS A 146 -48.83 -49.47 17.13
N PRO A 147 -49.26 -48.26 17.50
CA PRO A 147 -49.10 -47.11 16.59
C PRO A 147 -47.67 -46.87 16.13
N GLU A 148 -46.67 -47.39 16.85
CA GLU A 148 -45.28 -47.15 16.46
C GLU A 148 -44.83 -48.03 15.30
N ASN A 149 -45.52 -49.14 15.02
CA ASN A 149 -45.15 -50.01 13.92
C ASN A 149 -46.22 -50.12 12.85
N ILE A 150 -47.24 -49.25 12.87
CA ILE A 150 -48.11 -49.04 11.72
C ILE A 150 -47.57 -47.79 11.04
N LEU A 151 -46.95 -47.98 9.88
CA LEU A 151 -46.25 -46.89 9.21
C LEU A 151 -47.14 -46.36 8.09
N MET A 152 -47.10 -45.05 7.88
CA MET A 152 -47.68 -44.49 6.68
C MET A 152 -46.90 -44.97 5.47
N GLU A 153 -47.62 -45.34 4.40
CA GLU A 153 -46.94 -45.76 3.18
C GLU A 153 -46.06 -44.64 2.64
N SER A 154 -46.52 -43.40 2.72
CA SER A 154 -45.75 -42.25 2.27
C SER A 154 -45.85 -41.14 3.31
N GLY A 155 -44.80 -40.31 3.36
CA GLY A 155 -44.77 -39.19 4.27
C GLY A 155 -45.19 -37.89 3.60
N ASP A 156 -46.04 -38.00 2.59
CA ASP A 156 -46.48 -36.84 1.84
C ASP A 156 -47.67 -36.20 2.54
N THR A 157 -47.80 -34.90 2.35
CA THR A 157 -48.76 -34.10 3.07
C THR A 157 -49.50 -33.19 2.12
N SER A 158 -50.76 -33.01 2.43
CA SER A 158 -51.73 -32.18 1.75
C SER A 158 -52.37 -31.23 2.76
N VAL A 159 -52.90 -30.10 2.30
CA VAL A 159 -53.52 -29.11 3.21
C VAL A 159 -55.02 -29.04 2.93
N ASP A 160 -55.80 -29.24 3.97
CA ASP A 160 -57.25 -29.09 3.89
C ASP A 160 -57.58 -27.65 3.57
N PRO A 161 -58.26 -27.36 2.45
CA PRO A 161 -58.49 -25.96 2.08
C PRO A 161 -59.39 -25.21 3.06
N MET A 162 -60.26 -25.91 3.80
CA MET A 162 -61.17 -25.25 4.73
C MET A 162 -60.55 -25.03 6.11
N THR A 163 -59.93 -26.07 6.67
CA THR A 163 -59.36 -26.00 8.00
C THR A 163 -57.88 -25.58 8.00
N HIS A 164 -57.20 -25.68 6.86
CA HIS A 164 -55.76 -25.43 6.69
C HIS A 164 -54.90 -26.41 7.45
N ARG A 165 -55.49 -27.44 8.04
CA ARG A 165 -54.73 -28.45 8.73
C ARG A 165 -54.18 -29.49 7.75
N ALA A 166 -53.21 -30.26 8.21
CA ALA A 166 -52.52 -31.18 7.33
C ALA A 166 -53.40 -32.40 7.08
N LEU A 167 -53.45 -32.82 5.84
CA LEU A 167 -54.15 -34.03 5.48
C LEU A 167 -53.15 -35.07 4.98
N PRO A 168 -53.33 -36.33 5.33
CA PRO A 168 -52.46 -37.37 4.81
C PRO A 168 -52.75 -37.63 3.34
N PRO A 169 -51.97 -38.48 2.68
CA PRO A 169 -52.29 -38.83 1.30
C PRO A 169 -53.71 -39.40 1.18
N GLU A 170 -54.28 -39.25 -0.01
CA GLU A 170 -55.63 -39.75 -0.29
C GLU A 170 -55.58 -40.79 -1.39
N PRO A 171 -55.73 -42.09 -1.10
CA PRO A 171 -56.05 -42.69 0.21
C PRO A 171 -54.86 -42.74 1.18
N CYS A 172 -55.15 -42.89 2.47
CA CYS A 172 -54.14 -42.93 3.51
C CYS A 172 -53.65 -44.37 3.65
N ARG A 173 -52.71 -44.73 2.77
CA ARG A 173 -52.13 -46.07 2.79
C ARG A 173 -51.18 -46.23 3.96
N VAL A 174 -51.29 -47.36 4.66
CA VAL A 174 -50.41 -47.68 5.79
C VAL A 174 -49.79 -49.05 5.54
N ARG A 175 -48.79 -49.38 6.36
CA ARG A 175 -48.09 -50.66 6.29
C ARG A 175 -47.89 -51.21 7.69
N ILE A 176 -48.24 -52.48 7.87
CA ILE A 176 -48.02 -53.18 9.13
C ILE A 176 -46.58 -53.68 9.17
N CYS A 177 -45.86 -53.35 10.23
CA CYS A 177 -44.45 -53.70 10.36
C CYS A 177 -44.22 -54.59 11.59
N ASP A 178 -42.93 -54.81 11.87
CA ASP A 178 -42.44 -55.45 13.09
C ASP A 178 -43.09 -56.81 13.31
N LEU A 179 -42.64 -57.78 12.51
CA LEU A 179 -43.14 -59.14 12.57
C LEU A 179 -42.28 -60.03 13.46
N GLY A 180 -41.49 -59.43 14.36
CA GLY A 180 -40.60 -60.21 15.21
C GLY A 180 -41.33 -61.11 16.19
N GLY A 181 -42.52 -60.69 16.63
CA GLY A 181 -43.25 -61.43 17.64
C GLY A 181 -44.37 -62.29 17.09
N CYS A 182 -44.28 -62.68 15.82
CA CYS A 182 -45.39 -63.43 15.22
C CYS A 182 -45.49 -64.79 15.88
N CYS A 183 -46.72 -65.20 16.15
CA CYS A 183 -46.95 -66.50 16.76
C CYS A 183 -47.88 -67.32 15.89
N ASP A 184 -48.03 -68.58 16.32
CA ASP A 184 -48.82 -69.60 15.66
C ASP A 184 -49.73 -70.38 16.61
N GLU A 185 -50.43 -71.34 15.99
CA GLU A 185 -51.67 -71.93 16.54
C GLU A 185 -51.46 -72.81 17.75
N ARG A 186 -50.22 -73.11 18.13
CA ARG A 186 -49.97 -73.63 19.47
C ARG A 186 -48.69 -73.01 20.00
N HIS A 187 -48.75 -71.70 20.13
CA HIS A 187 -47.82 -70.97 20.96
C HIS A 187 -47.95 -71.49 22.40
N SER A 188 -46.95 -71.18 23.22
CA SER A 188 -47.07 -71.46 24.64
C SER A 188 -48.39 -70.90 25.17
N ARG A 189 -49.12 -71.72 25.91
CA ARG A 189 -50.46 -71.28 26.25
C ARG A 189 -50.50 -70.17 27.29
N THR A 190 -49.53 -70.16 28.17
CA THR A 190 -49.45 -69.08 29.13
C THR A 190 -48.45 -68.03 28.67
N ALA A 191 -48.08 -68.06 27.39
CA ALA A 191 -47.15 -67.09 26.84
C ALA A 191 -47.65 -65.67 27.04
N ILE A 192 -46.71 -64.77 27.27
CA ILE A 192 -46.99 -63.35 27.40
C ILE A 192 -46.59 -62.67 26.10
N VAL A 193 -47.55 -62.01 25.46
CA VAL A 193 -47.34 -61.29 24.22
C VAL A 193 -47.75 -59.85 24.43
N SER A 194 -47.51 -59.02 23.39
CA SER A 194 -47.96 -57.64 23.29
C SER A 194 -47.16 -56.69 24.17
N THR A 195 -46.97 -55.45 23.72
CA THR A 195 -46.62 -54.39 24.66
C THR A 195 -47.82 -54.18 25.60
N ARG A 196 -47.52 -53.91 26.87
CA ARG A 196 -48.56 -53.98 27.91
C ARG A 196 -49.73 -53.05 27.62
N HIS A 197 -49.46 -51.87 27.07
CA HIS A 197 -50.55 -50.93 26.77
C HIS A 197 -51.62 -51.55 25.89
N TYR A 198 -51.21 -52.48 25.02
CA TYR A 198 -52.10 -53.08 24.02
C TYR A 198 -52.27 -54.57 24.26
N ARG A 199 -51.97 -55.02 25.47
CA ARG A 199 -52.02 -56.44 25.82
C ARG A 199 -53.44 -56.79 26.28
N SER A 200 -54.02 -57.80 25.66
CA SER A 200 -55.38 -58.20 26.00
C SER A 200 -55.42 -58.83 27.39
N PRO A 201 -56.60 -58.82 28.03
CA PRO A 201 -56.71 -59.45 29.35
C PRO A 201 -56.48 -60.95 29.32
N GLU A 202 -56.91 -61.62 28.24
CA GLU A 202 -56.69 -63.06 28.12
C GLU A 202 -55.21 -63.42 28.21
N VAL A 203 -54.33 -62.54 27.71
CA VAL A 203 -52.90 -62.80 27.81
C VAL A 203 -52.40 -62.54 29.22
N VAL A 204 -52.86 -61.45 29.84
CA VAL A 204 -52.41 -61.09 31.18
C VAL A 204 -52.65 -62.23 32.17
N LEU A 205 -53.87 -62.76 32.19
CA LEU A 205 -54.24 -63.79 33.16
C LEU A 205 -54.10 -65.22 32.64
N SER A 206 -53.51 -65.42 31.46
CA SER A 206 -53.31 -66.75 30.89
C SER A 206 -54.61 -67.55 30.79
N LEU A 207 -55.64 -66.94 30.18
CA LEU A 207 -56.90 -67.63 29.94
C LEU A 207 -56.93 -68.32 28.59
N GLY A 208 -55.84 -68.27 27.83
CA GLY A 208 -55.88 -68.72 26.44
C GLY A 208 -56.09 -67.57 25.47
N TRP A 209 -55.23 -67.47 24.45
CA TRP A 209 -55.35 -66.42 23.45
C TRP A 209 -54.90 -66.93 22.09
N MET A 210 -55.43 -66.30 21.03
CA MET A 210 -55.10 -66.60 19.64
C MET A 210 -55.25 -65.32 18.82
N TYR A 211 -55.87 -65.45 17.64
CA TYR A 211 -55.97 -64.33 16.71
C TYR A 211 -56.69 -63.16 17.36
N SER A 212 -57.66 -63.42 18.23
CA SER A 212 -58.48 -62.37 18.82
C SER A 212 -57.67 -61.38 19.66
N THR A 213 -56.45 -61.73 20.06
CA THR A 213 -55.66 -60.76 20.83
C THR A 213 -55.13 -59.65 19.94
N ASP A 214 -54.97 -59.90 18.64
CA ASP A 214 -54.64 -58.84 17.71
C ASP A 214 -55.77 -57.83 17.61
N LEU A 215 -57.02 -58.27 17.81
CA LEU A 215 -58.15 -57.39 17.69
C LEU A 215 -58.36 -56.56 18.95
N TRP A 216 -57.95 -57.08 20.11
CA TRP A 216 -57.88 -56.24 21.30
C TRP A 216 -56.92 -55.07 21.07
N SER A 217 -55.74 -55.35 20.51
CA SER A 217 -54.77 -54.28 20.26
C SER A 217 -55.32 -53.25 19.29
N MET A 218 -56.09 -53.69 18.29
CA MET A 218 -56.69 -52.73 17.37
C MET A 218 -57.69 -51.82 18.08
N GLY A 219 -58.40 -52.35 19.06
CA GLY A 219 -59.28 -51.51 19.86
C GLY A 219 -58.52 -50.42 20.58
N CYS A 220 -57.38 -50.78 21.17
CA CYS A 220 -56.60 -49.78 21.91
C CYS A 220 -55.91 -48.81 20.96
N ILE A 221 -55.54 -49.28 19.77
CA ILE A 221 -54.93 -48.38 18.79
C ILE A 221 -55.98 -47.43 18.22
N ILE A 222 -57.19 -47.94 17.92
CA ILE A 222 -58.21 -47.08 17.33
C ILE A 222 -58.64 -46.00 18.31
N TYR A 223 -58.78 -46.35 19.59
CA TYR A 223 -59.03 -45.34 20.61
C TYR A 223 -57.95 -44.26 20.57
N GLU A 224 -56.69 -44.67 20.51
CA GLU A 224 -55.59 -43.72 20.58
C GLU A 224 -55.50 -42.89 19.30
N LEU A 225 -55.79 -43.49 18.15
CA LEU A 225 -55.75 -42.73 16.89
C LEU A 225 -56.84 -41.67 16.86
N TYR A 226 -57.95 -41.88 17.58
CA TYR A 226 -59.07 -40.95 17.56
C TYR A 226 -59.02 -39.93 18.68
N THR A 227 -58.50 -40.30 19.85
CA THR A 227 -58.41 -39.38 20.97
C THR A 227 -57.02 -38.78 21.16
N GLY A 228 -55.99 -39.40 20.60
CA GLY A 228 -54.64 -38.96 20.86
C GLY A 228 -54.11 -39.40 22.21
N LYS A 229 -54.84 -40.23 22.93
CA LYS A 229 -54.45 -40.66 24.27
C LYS A 229 -54.40 -42.17 24.31
N LEU A 230 -53.46 -42.70 25.09
CA LEU A 230 -53.46 -44.13 25.35
C LEU A 230 -54.65 -44.49 26.23
N LEU A 231 -55.32 -45.59 25.90
CA LEU A 231 -56.43 -46.05 26.72
C LEU A 231 -55.95 -46.64 28.03
N TYR A 232 -54.80 -47.31 28.03
CA TYR A 232 -54.25 -47.94 29.22
C TYR A 232 -52.78 -47.53 29.32
N ASP A 233 -52.55 -46.40 30.00
CA ASP A 233 -51.20 -45.92 30.29
C ASP A 233 -50.86 -46.47 31.67
N THR A 234 -50.39 -47.71 31.69
CA THR A 234 -50.26 -48.45 32.94
C THR A 234 -49.04 -49.34 32.84
N HIS A 235 -48.44 -49.65 34.00
CA HIS A 235 -47.26 -50.49 33.99
C HIS A 235 -47.45 -51.75 34.83
N ASP A 236 -48.66 -51.95 35.38
CA ASP A 236 -48.92 -52.99 36.38
C ASP A 236 -50.20 -53.74 36.06
N ASN A 237 -50.14 -55.07 36.19
CA ASN A 237 -51.26 -55.94 35.78
C ASN A 237 -52.57 -55.56 36.47
N LEU A 238 -52.54 -55.36 37.79
CA LEU A 238 -53.79 -55.14 38.50
C LEU A 238 -54.36 -53.75 38.20
N GLU A 239 -53.50 -52.75 38.08
CA GLU A 239 -54.00 -51.43 37.69
C GLU A 239 -54.54 -51.49 36.28
N HIS A 240 -53.88 -52.24 35.41
CA HIS A 240 -54.39 -52.48 34.07
C HIS A 240 -55.79 -53.06 34.12
N LEU A 241 -56.00 -54.05 35.01
CA LEU A 241 -57.29 -54.73 35.09
C LEU A 241 -58.38 -53.81 35.65
N HIS A 242 -58.04 -52.96 36.62
CA HIS A 242 -59.02 -52.00 37.13
C HIS A 242 -59.39 -50.97 36.06
N LEU A 243 -58.41 -50.57 35.25
CA LEU A 243 -58.69 -49.65 34.16
C LEU A 243 -59.61 -50.29 33.14
N MET A 244 -59.43 -51.58 32.88
CA MET A 244 -60.38 -52.31 32.04
C MET A 244 -61.76 -52.29 32.65
N GLU A 245 -61.85 -52.47 33.98
CA GLU A 245 -63.15 -52.41 34.64
C GLU A 245 -63.75 -51.01 34.57
N LYS A 246 -62.93 -49.98 34.71
CA LYS A 246 -63.52 -48.66 34.71
C LYS A 246 -63.79 -48.16 33.29
N THR A 247 -63.02 -48.60 32.31
CA THR A 247 -63.26 -48.15 30.95
C THR A 247 -64.35 -48.96 30.27
N LEU A 248 -64.50 -50.23 30.64
CA LEU A 248 -65.34 -51.14 29.88
C LEU A 248 -66.46 -51.82 30.66
N GLY A 249 -66.32 -51.99 31.96
CA GLY A 249 -67.30 -52.78 32.71
C GLY A 249 -66.65 -53.90 33.48
N ARG A 250 -67.49 -54.58 34.27
CA ARG A 250 -67.00 -55.58 35.21
C ARG A 250 -66.24 -56.67 34.46
N LEU A 251 -65.19 -57.18 35.09
CA LEU A 251 -64.53 -58.35 34.55
C LEU A 251 -65.43 -59.56 34.78
N PRO A 252 -65.39 -60.56 33.89
CA PRO A 252 -66.26 -61.74 34.05
C PRO A 252 -66.03 -62.45 35.37
N ALA A 253 -67.14 -62.92 35.96
CA ALA A 253 -67.09 -63.50 37.31
C ALA A 253 -66.28 -64.79 37.38
N ASP A 254 -66.27 -65.57 36.30
CA ASP A 254 -65.54 -66.83 36.30
C ASP A 254 -64.04 -66.65 36.13
N TRP A 255 -63.56 -65.41 35.91
CA TRP A 255 -62.15 -65.24 35.55
C TRP A 255 -61.22 -65.70 36.68
N SER A 256 -61.64 -65.60 37.95
CA SER A 256 -60.75 -65.96 39.03
C SER A 256 -60.52 -67.47 39.12
N VAL A 257 -61.41 -68.29 38.55
CA VAL A 257 -61.17 -69.75 38.58
C VAL A 257 -60.37 -70.25 37.39
N ARG A 258 -60.27 -69.46 36.32
CA ARG A 258 -59.68 -69.95 35.07
C ARG A 258 -58.29 -69.40 34.76
N CYS A 259 -57.66 -68.59 35.62
CA CYS A 259 -56.35 -68.09 35.24
C CYS A 259 -55.32 -69.22 35.21
N GLY A 260 -54.37 -69.13 34.28
CA GLY A 260 -53.54 -70.28 33.98
C GLY A 260 -52.20 -70.31 34.68
N THR A 261 -51.87 -69.23 35.38
CA THR A 261 -50.62 -69.17 36.13
C THR A 261 -50.92 -68.66 37.53
N GLN A 262 -50.02 -69.01 38.45
CA GLN A 262 -50.09 -68.48 39.81
C GLN A 262 -50.17 -66.97 39.83
N GLU A 263 -49.33 -66.29 39.05
CA GLU A 263 -49.32 -64.83 39.06
C GLU A 263 -50.70 -64.26 38.79
N ALA A 264 -51.43 -64.86 37.84
CA ALA A 264 -52.71 -64.30 37.41
C ALA A 264 -53.81 -64.47 38.47
N ARG A 265 -53.98 -65.68 39.00
CA ARG A 265 -54.93 -65.98 40.06
C ARG A 265 -54.65 -65.19 41.34
N ASP A 266 -53.41 -64.81 41.67
CA ASP A 266 -53.26 -64.03 42.91
C ASP A 266 -53.74 -62.60 42.79
N LEU A 267 -54.17 -62.13 41.61
CA LEU A 267 -54.78 -60.83 41.46
C LEU A 267 -56.25 -60.81 41.88
N PHE A 268 -56.80 -61.93 42.30
CA PHE A 268 -58.19 -62.05 42.71
C PHE A 268 -58.30 -62.40 44.18
N THR A 269 -59.49 -62.13 44.74
CA THR A 269 -59.85 -62.51 46.09
C THR A 269 -59.86 -64.03 46.24
N ALA A 270 -59.94 -64.48 47.48
CA ALA A 270 -60.36 -65.86 47.73
C ALA A 270 -61.79 -66.06 47.24
N ALA A 271 -62.61 -65.01 47.33
CA ALA A 271 -63.96 -65.07 46.78
C ALA A 271 -63.93 -65.09 45.25
N GLY A 272 -63.16 -64.19 44.65
CA GLY A 272 -63.04 -64.14 43.20
C GLY A 272 -63.13 -62.78 42.56
N THR A 273 -63.09 -61.73 43.39
CA THR A 273 -63.13 -60.36 42.92
C THR A 273 -61.73 -59.79 42.81
N LEU A 274 -61.63 -58.67 42.08
CA LEU A 274 -60.35 -58.03 41.90
C LEU A 274 -59.84 -57.49 43.22
N GLN A 275 -58.53 -57.66 43.47
CA GLN A 275 -57.98 -57.00 44.65
C GLN A 275 -57.84 -55.51 44.35
N PRO A 276 -58.16 -54.64 45.27
CA PRO A 276 -58.01 -53.20 45.00
C PRO A 276 -56.56 -52.78 45.06
N CYS A 277 -56.25 -51.76 44.25
CA CYS A 277 -54.99 -51.09 44.37
C CYS A 277 -55.15 -50.06 45.47
N LYS A 278 -54.05 -49.76 46.16
CA LYS A 278 -54.01 -48.55 46.98
C LYS A 278 -52.71 -47.80 46.77
N ASP A 279 -51.95 -48.11 45.73
CA ASP A 279 -50.84 -47.23 45.45
C ASP A 279 -51.47 -45.92 45.01
N PRO A 280 -51.06 -44.80 45.62
CA PRO A 280 -51.80 -43.56 45.36
C PRO A 280 -51.76 -43.14 43.91
N LYS A 281 -50.85 -43.71 43.12
CA LYS A 281 -50.76 -43.47 41.69
C LYS A 281 -51.78 -44.24 40.88
N HIS A 282 -52.23 -45.37 41.38
CA HIS A 282 -53.21 -46.19 40.70
C HIS A 282 -54.62 -45.81 41.11
N ILE A 283 -54.79 -45.40 42.36
CA ILE A 283 -56.09 -44.89 42.81
C ILE A 283 -56.46 -43.63 42.04
N ALA A 284 -55.47 -42.77 41.82
CA ALA A 284 -55.73 -41.53 41.10
C ALA A 284 -56.05 -41.80 39.64
N ARG A 285 -55.33 -42.72 38.99
CA ARG A 285 -55.50 -42.94 37.55
C ARG A 285 -56.83 -43.59 37.20
N ILE A 286 -57.26 -44.56 38.00
CA ILE A 286 -58.56 -45.17 37.71
C ILE A 286 -59.69 -44.17 37.92
N ALA A 287 -59.55 -43.29 38.93
CA ALA A 287 -60.57 -42.26 39.21
C ALA A 287 -60.64 -41.25 38.06
N ARG A 288 -59.54 -41.13 37.36
CA ARG A 288 -59.20 -40.22 36.31
C ARG A 288 -59.57 -40.72 34.92
N ALA A 289 -59.70 -42.05 34.74
CA ALA A 289 -60.24 -42.64 33.53
C ALA A 289 -61.76 -42.57 33.49
N ARG A 290 -62.32 -42.35 32.30
CA ARG A 290 -63.75 -42.35 32.09
C ARG A 290 -64.11 -43.37 31.02
N PRO A 291 -65.34 -43.91 31.02
CA PRO A 291 -65.66 -44.98 30.07
C PRO A 291 -65.49 -44.55 28.63
N VAL A 292 -64.96 -45.47 27.82
CA VAL A 292 -64.86 -45.24 26.38
C VAL A 292 -66.20 -44.80 25.80
N ARG A 293 -67.30 -45.43 26.23
CA ARG A 293 -68.63 -45.06 25.74
C ARG A 293 -68.99 -43.57 25.96
N GLU A 294 -68.42 -42.88 26.96
CA GLU A 294 -68.68 -41.44 27.02
C GLU A 294 -67.63 -40.62 26.27
N VAL A 295 -66.47 -41.20 25.96
CA VAL A 295 -65.43 -40.45 25.26
C VAL A 295 -65.66 -40.50 23.75
N ILE A 296 -66.06 -41.65 23.23
CA ILE A 296 -66.32 -41.81 21.80
C ILE A 296 -67.76 -41.39 21.55
N THR A 297 -67.96 -40.17 21.05
CA THR A 297 -69.32 -39.69 20.80
C THR A 297 -69.94 -40.37 19.58
N GLU A 298 -69.14 -40.75 18.59
CA GLU A 298 -69.69 -41.37 17.38
C GLU A 298 -70.20 -42.77 17.72
N PRO A 299 -71.50 -43.05 17.57
CA PRO A 299 -72.02 -44.33 18.05
C PRO A 299 -71.46 -45.53 17.31
N LEU A 300 -71.22 -45.41 16.01
CA LEU A 300 -70.66 -46.54 15.26
C LEU A 300 -69.19 -46.75 15.61
N LEU A 301 -68.44 -45.66 15.80
CA LEU A 301 -67.05 -45.81 16.22
C LEU A 301 -66.98 -46.38 17.64
N CYS A 302 -67.89 -45.96 18.52
CA CYS A 302 -67.94 -46.51 19.86
C CYS A 302 -68.23 -48.00 19.84
N ASP A 303 -69.24 -48.42 19.09
CA ASP A 303 -69.56 -49.84 19.01
C ASP A 303 -68.39 -50.63 18.44
N LEU A 304 -67.69 -50.04 17.47
CA LEU A 304 -66.51 -50.69 16.91
C LEU A 304 -65.43 -50.90 17.96
N ILE A 305 -65.12 -49.85 18.72
CA ILE A 305 -64.08 -49.94 19.74
C ILE A 305 -64.49 -50.89 20.85
N LEU A 306 -65.73 -50.80 21.31
CA LEU A 306 -66.15 -51.56 22.48
C LEU A 306 -66.19 -53.06 22.19
N ASN A 307 -66.60 -53.45 20.99
CA ASN A 307 -66.65 -54.86 20.65
C ASN A 307 -65.33 -55.42 20.14
N LEU A 308 -64.35 -54.55 19.89
CA LEU A 308 -62.97 -55.01 19.78
C LEU A 308 -62.38 -55.28 21.16
N LEU A 309 -62.89 -54.58 22.17
CA LEU A 309 -62.45 -54.75 23.54
C LEU A 309 -63.39 -55.67 24.33
N HIS A 310 -64.10 -56.55 23.64
CA HIS A 310 -65.00 -57.50 24.30
C HIS A 310 -64.21 -58.51 25.13
N TYR A 311 -64.68 -58.76 26.36
CA TYR A 311 -64.02 -59.73 27.22
C TYR A 311 -64.17 -61.15 26.67
N ASP A 312 -65.25 -61.41 25.94
CA ASP A 312 -65.44 -62.71 25.32
C ASP A 312 -64.66 -62.74 24.02
N ARG A 313 -63.72 -63.68 23.91
CA ARG A 313 -62.83 -63.71 22.75
C ARG A 313 -63.57 -64.13 21.48
N GLN A 314 -64.74 -64.77 21.60
CA GLN A 314 -65.47 -65.17 20.41
C GLN A 314 -66.55 -64.20 19.95
N ARG A 315 -67.09 -63.37 20.85
CA ARG A 315 -68.02 -62.31 20.46
C ARG A 315 -67.25 -61.05 20.10
N ARG A 316 -65.98 -60.99 20.49
CA ARG A 316 -65.08 -59.94 20.03
C ARG A 316 -64.99 -59.98 18.51
N LEU A 317 -64.94 -58.79 17.91
CA LEU A 317 -64.86 -58.69 16.46
C LEU A 317 -63.59 -59.37 15.96
N ASN A 318 -63.69 -60.01 14.80
CA ASN A 318 -62.52 -60.51 14.11
C ASN A 318 -62.08 -59.47 13.07
N ALA A 319 -60.95 -59.73 12.41
CA ALA A 319 -60.41 -58.75 11.48
C ALA A 319 -61.39 -58.46 10.35
N ARG A 320 -62.08 -59.49 9.85
CA ARG A 320 -63.04 -59.29 8.77
C ARG A 320 -64.19 -58.41 9.21
N GLN A 321 -64.71 -58.63 10.42
CA GLN A 321 -65.80 -57.80 10.92
C GLN A 321 -65.33 -56.37 11.17
N MET A 322 -64.09 -56.19 11.62
CA MET A 322 -63.56 -54.86 11.86
C MET A 322 -63.51 -54.06 10.56
N MET A 323 -62.88 -54.63 9.53
CA MET A 323 -62.79 -53.96 8.24
C MET A 323 -64.14 -53.84 7.54
N SER A 324 -65.12 -54.66 7.93
CA SER A 324 -66.45 -54.62 7.33
C SER A 324 -67.46 -53.95 8.25
N HIS A 325 -66.99 -53.23 9.26
CA HIS A 325 -67.87 -52.59 10.24
C HIS A 325 -68.64 -51.43 9.61
N ALA A 326 -69.81 -51.13 10.20
CA ALA A 326 -70.64 -50.04 9.70
C ALA A 326 -69.93 -48.70 9.76
N TYR A 327 -69.02 -48.53 10.72
CA TYR A 327 -68.27 -47.29 10.82
C TYR A 327 -67.44 -47.05 9.55
N VAL A 328 -66.75 -48.08 9.08
CA VAL A 328 -65.94 -47.95 7.87
C VAL A 328 -66.85 -47.69 6.66
N HIS A 329 -68.02 -48.31 6.63
CA HIS A 329 -68.92 -48.12 5.50
C HIS A 329 -69.50 -46.72 5.46
N LYS A 330 -69.64 -46.06 6.61
CA LYS A 330 -70.22 -44.73 6.63
C LYS A 330 -69.22 -43.67 6.18
N TYR A 331 -68.01 -43.69 6.72
CA TYR A 331 -67.03 -42.64 6.49
C TYR A 331 -66.05 -42.96 5.38
N PHE A 332 -65.96 -44.21 4.97
CA PHE A 332 -65.15 -44.63 3.82
C PHE A 332 -66.05 -45.40 2.86
N PRO A 333 -67.06 -44.74 2.28
CA PRO A 333 -68.04 -45.48 1.45
C PRO A 333 -67.45 -46.14 0.22
N GLU A 334 -66.35 -45.60 -0.32
CA GLU A 334 -65.69 -46.23 -1.44
C GLU A 334 -65.01 -47.52 -1.02
N CYS A 335 -65.08 -47.85 0.27
CA CYS A 335 -64.76 -49.19 0.76
C CYS A 335 -65.36 -50.30 -0.08
N ARG A 336 -66.58 -50.09 -0.58
CA ARG A 336 -67.31 -51.15 -1.27
C ARG A 336 -66.81 -51.41 -2.68
N GLN A 337 -66.05 -50.49 -3.28
CA GLN A 337 -65.46 -50.67 -4.59
C GLN A 337 -64.01 -51.12 -4.52
N HIS A 338 -63.50 -51.38 -3.32
CA HIS A 338 -62.13 -51.84 -3.16
C HIS A 338 -62.05 -53.35 -3.41
N PRO A 339 -60.99 -53.82 -4.09
CA PRO A 339 -60.85 -55.26 -4.33
C PRO A 339 -60.68 -56.09 -3.07
N ASN A 340 -60.37 -55.47 -1.93
CA ASN A 340 -60.23 -56.19 -0.67
C ASN A 340 -61.52 -56.24 0.13
N HIS A 341 -62.55 -55.50 -0.30
CA HIS A 341 -63.86 -55.61 0.35
C HIS A 341 -64.33 -57.06 0.26
N VAL A 342 -64.94 -57.54 1.34
CA VAL A 342 -65.22 -58.98 1.47
C VAL A 342 -66.17 -59.45 0.37
N ASP A 343 -67.13 -58.61 0.00
CA ASP A 343 -68.11 -59.02 -1.01
C ASP A 343 -67.61 -58.83 -2.44
N ASN A 344 -66.40 -58.29 -2.61
CA ASN A 344 -65.75 -58.21 -3.92
C ASN A 344 -64.67 -59.28 -4.06
N ARG A 345 -64.62 -60.22 -3.14
CA ARG A 345 -63.69 -61.33 -3.18
C ARG A 345 -64.48 -62.63 -3.31
N SER A 346 -63.81 -63.71 -3.69
CA SER A 346 -64.42 -65.02 -3.66
C SER A 346 -64.65 -65.42 -2.22
N LYS A 347 -65.32 -66.56 -2.02
CA LYS A 347 -65.54 -67.02 -0.65
C LYS A 347 -64.23 -67.31 0.03
N LEU A 348 -64.05 -66.72 1.19
CA LEU A 348 -62.82 -66.69 1.96
C LEU A 348 -62.79 -67.85 2.94
N PRO A 349 -61.60 -68.22 3.42
CA PRO A 349 -61.56 -69.19 4.51
C PRO A 349 -62.37 -68.69 5.69
N PRO A 350 -62.87 -69.59 6.53
CA PRO A 350 -63.69 -69.14 7.65
C PRO A 350 -62.87 -68.27 8.61
N THR A 351 -63.55 -67.31 9.22
CA THR A 351 -62.91 -66.47 10.22
C THR A 351 -62.52 -67.31 11.43
N PRO A 352 -61.51 -66.88 12.20
CA PRO A 352 -61.10 -67.66 13.36
C PRO A 352 -62.21 -67.74 14.40
N VAL A 353 -62.20 -68.84 15.12
CA VAL A 353 -62.96 -68.96 16.37
C VAL A 353 -62.01 -68.55 17.48
N MET A 354 -62.31 -67.44 18.13
CA MET A 354 -61.46 -66.84 19.17
C MET A 354 -59.98 -66.68 18.77
N GLY B 16 -59.49 -17.47 18.09
CA GLY B 16 -60.04 -16.27 17.49
C GLY B 16 -59.38 -15.87 16.18
N ARG B 17 -58.18 -15.31 16.29
CA ARG B 17 -57.43 -14.88 15.11
C ARG B 17 -56.41 -15.91 14.65
N PHE B 18 -55.82 -16.66 15.57
CA PHE B 18 -54.81 -17.67 15.25
C PHE B 18 -55.36 -19.04 15.61
N LYS B 19 -55.47 -19.93 14.62
CA LYS B 19 -55.89 -21.31 14.84
C LYS B 19 -54.70 -22.24 14.65
N ILE B 20 -54.50 -23.12 15.63
CA ILE B 20 -53.37 -24.04 15.66
C ILE B 20 -53.54 -25.14 14.63
N LEU B 21 -52.47 -25.41 13.88
CA LEU B 21 -52.49 -26.47 12.87
C LEU B 21 -51.70 -27.69 13.32
N SER B 22 -50.40 -27.55 13.55
CA SER B 22 -49.58 -28.67 13.98
C SER B 22 -48.63 -28.21 15.07
N LEU B 23 -48.07 -29.18 15.76
CA LEU B 23 -47.04 -28.94 16.75
C LEU B 23 -45.66 -29.14 16.13
N LEU B 24 -44.83 -28.11 16.16
CA LEU B 24 -43.49 -28.19 15.55
C LEU B 24 -42.40 -28.63 16.52
N GLY B 25 -42.52 -28.30 17.80
CA GLY B 25 -41.53 -28.68 18.78
C GLY B 25 -42.00 -28.31 20.16
N GLU B 26 -41.38 -28.93 21.17
CA GLU B 26 -41.92 -28.78 22.52
C GLU B 26 -40.74 -28.78 23.46
N GLY B 27 -40.82 -28.03 24.54
CA GLY B 27 -39.70 -28.00 25.44
C GLY B 27 -40.02 -27.39 26.78
N THR B 28 -38.93 -27.07 27.50
CA THR B 28 -39.03 -26.34 28.76
C THR B 28 -39.88 -25.08 28.63
N PHE B 29 -39.53 -24.23 27.66
CA PHE B 29 -40.22 -22.97 27.43
C PHE B 29 -41.72 -23.13 27.25
N GLY B 30 -42.13 -24.19 26.56
CA GLY B 30 -43.52 -24.35 26.17
C GLY B 30 -43.63 -25.04 24.82
N LYS B 31 -44.39 -24.46 23.90
CA LYS B 31 -44.63 -25.08 22.61
C LYS B 31 -44.44 -24.08 21.49
N VAL B 32 -44.01 -24.58 20.34
CA VAL B 32 -44.08 -23.85 19.08
C VAL B 32 -45.05 -24.61 18.19
N VAL B 33 -46.12 -23.94 17.77
CA VAL B 33 -47.14 -24.56 16.94
C VAL B 33 -47.18 -23.82 15.61
N GLU B 34 -47.52 -24.56 14.56
CA GLU B 34 -47.85 -23.93 13.29
C GLU B 34 -49.29 -23.45 13.36
N ALA B 35 -49.51 -22.19 13.00
CA ALA B 35 -50.82 -21.58 13.07
C ALA B 35 -51.12 -20.88 11.77
N TRP B 36 -52.40 -20.75 11.49
CA TRP B 36 -52.88 -19.99 10.34
C TRP B 36 -53.43 -18.67 10.86
N ASP B 37 -52.89 -17.56 10.37
CA ASP B 37 -53.38 -16.25 10.78
C ASP B 37 -54.59 -15.88 9.94
N ARG B 38 -55.78 -15.82 10.59
CA ARG B 38 -57.04 -15.63 9.86
C ARG B 38 -57.21 -14.19 9.33
N LYS B 39 -56.52 -13.23 9.97
CA LYS B 39 -56.34 -11.82 9.60
C LYS B 39 -55.49 -11.59 8.39
N ARG B 40 -54.90 -12.60 7.79
CA ARG B 40 -53.78 -12.15 7.01
C ARG B 40 -53.48 -13.09 5.88
N LYS B 41 -54.04 -14.28 6.03
CA LYS B 41 -54.13 -15.31 5.02
C LYS B 41 -52.75 -15.94 4.79
N GLU B 42 -52.05 -16.30 5.87
CA GLU B 42 -50.72 -16.90 5.81
C GLU B 42 -50.46 -17.82 7.01
N TYR B 43 -49.42 -18.62 6.88
CA TYR B 43 -48.97 -19.51 7.93
C TYR B 43 -47.88 -18.87 8.78
N CYS B 44 -47.84 -19.25 10.05
CA CYS B 44 -46.88 -18.66 10.97
C CYS B 44 -46.49 -19.71 12.01
N ALA B 45 -45.39 -19.42 12.69
CA ALA B 45 -45.02 -20.17 13.89
C ALA B 45 -45.35 -19.33 15.11
N VAL B 46 -45.93 -19.96 16.11
CA VAL B 46 -46.33 -19.29 17.34
C VAL B 46 -45.66 -20.00 18.51
N LYS B 47 -44.87 -19.26 19.27
CA LYS B 47 -44.27 -19.79 20.48
C LYS B 47 -45.24 -19.53 21.63
N ILE B 48 -45.78 -20.60 22.20
CA ILE B 48 -46.74 -20.52 23.29
C ILE B 48 -45.96 -20.83 24.56
N VAL B 49 -45.70 -19.79 25.32
CA VAL B 49 -44.93 -19.93 26.54
C VAL B 49 -45.85 -20.42 27.66
N ARG B 50 -45.26 -21.31 28.47
CA ARG B 50 -45.77 -21.95 29.67
C ARG B 50 -46.47 -20.91 30.53
N ASN B 51 -47.54 -21.33 31.21
CA ASN B 51 -48.35 -20.36 31.93
C ASN B 51 -47.94 -20.30 33.42
N VAL B 52 -46.70 -19.86 33.66
CA VAL B 52 -46.12 -19.68 35.00
C VAL B 52 -45.46 -18.30 35.02
N PRO B 53 -45.44 -17.61 36.17
CA PRO B 53 -44.90 -16.24 36.20
C PRO B 53 -43.48 -16.06 35.66
N LYS B 54 -42.55 -17.03 35.82
CA LYS B 54 -41.18 -16.87 35.31
C LYS B 54 -41.03 -16.99 33.83
N TYR B 55 -41.85 -17.80 33.21
CA TYR B 55 -41.72 -17.88 31.78
C TYR B 55 -42.38 -16.67 31.15
N THR B 56 -43.50 -16.22 31.72
CA THR B 56 -44.16 -15.04 31.22
C THR B 56 -43.28 -13.81 31.37
N ARG B 57 -42.44 -13.76 32.41
CA ARG B 57 -41.62 -12.57 32.61
C ARG B 57 -40.38 -12.56 31.73
N ASP B 58 -39.79 -13.72 31.48
CA ASP B 58 -38.69 -13.79 30.54
C ASP B 58 -39.16 -13.86 29.10
N ALA B 59 -40.43 -14.21 28.86
CA ALA B 59 -40.98 -14.10 27.52
C ALA B 59 -41.17 -12.64 27.13
N LYS B 60 -41.64 -11.81 28.06
CA LYS B 60 -41.82 -10.40 27.76
C LYS B 60 -40.48 -9.71 27.52
N ILE B 61 -39.43 -10.11 28.23
CA ILE B 61 -38.10 -9.57 27.95
C ILE B 61 -37.59 -10.09 26.61
N GLU B 62 -37.79 -11.39 26.34
CA GLU B 62 -37.42 -11.92 25.03
C GLU B 62 -38.11 -11.16 23.91
N ILE B 63 -39.39 -10.84 24.09
CA ILE B 63 -40.12 -10.09 23.08
C ILE B 63 -39.48 -8.72 22.85
N GLN B 64 -39.10 -8.05 23.94
CA GLN B 64 -38.48 -6.73 23.82
C GLN B 64 -37.14 -6.82 23.08
N PHE B 65 -36.37 -7.88 23.32
CA PHE B 65 -35.18 -8.10 22.52
C PHE B 65 -35.52 -8.38 21.07
N MET B 66 -36.65 -9.06 20.81
CA MET B 66 -37.00 -9.40 19.43
C MET B 66 -37.45 -8.19 18.63
N GLU B 67 -38.21 -7.29 19.27
CA GLU B 67 -38.63 -6.08 18.57
C GLU B 67 -37.48 -5.11 18.36
N ARG B 68 -36.42 -5.15 19.17
CA ARG B 68 -35.33 -4.22 18.92
C ARG B 68 -34.57 -4.61 17.66
N VAL B 69 -34.50 -5.90 17.35
CA VAL B 69 -33.96 -6.35 16.07
C VAL B 69 -34.92 -5.95 14.95
N ARG B 70 -36.20 -6.22 15.14
CA ARG B 70 -37.21 -5.91 14.11
C ARG B 70 -37.22 -4.41 13.82
N LEU B 71 -37.14 -3.59 14.85
CA LEU B 71 -37.15 -2.14 14.67
C LEU B 71 -35.86 -1.62 14.03
N SER B 72 -34.73 -2.27 14.29
CA SER B 72 -33.45 -1.78 13.78
C SER B 72 -33.19 -2.26 12.36
N ASP B 73 -33.39 -3.55 12.10
CA ASP B 73 -33.17 -4.13 10.77
C ASP B 73 -34.49 -4.03 10.01
N VAL B 74 -34.79 -2.81 9.56
CA VAL B 74 -36.08 -2.50 8.97
C VAL B 74 -36.26 -3.20 7.64
N GLU B 75 -35.15 -3.55 6.96
CA GLU B 75 -35.23 -4.17 5.67
C GLU B 75 -34.83 -5.64 5.70
N ASP B 76 -34.92 -6.28 6.86
CA ASP B 76 -34.69 -7.72 7.01
C ASP B 76 -33.42 -8.15 6.28
N ARG B 77 -32.35 -7.37 6.48
CA ARG B 77 -31.09 -7.62 5.81
C ARG B 77 -30.23 -8.65 6.51
N PHE B 78 -30.44 -8.89 7.81
CA PHE B 78 -29.56 -9.81 8.51
C PHE B 78 -30.34 -11.02 9.02
N PRO B 79 -29.71 -12.21 9.03
CA PRO B 79 -30.40 -13.45 9.38
C PRO B 79 -30.64 -13.60 10.89
N LEU B 80 -31.18 -12.56 11.49
CA LEU B 80 -31.75 -12.65 12.82
C LEU B 80 -33.26 -12.82 12.64
N MET B 81 -33.86 -13.57 13.53
CA MET B 81 -35.28 -13.87 13.44
C MET B 81 -36.12 -12.62 13.63
N LYS B 82 -37.28 -12.55 12.98
CA LYS B 82 -38.08 -11.39 13.34
C LYS B 82 -39.51 -11.72 13.71
N ILE B 83 -39.78 -11.32 14.95
CA ILE B 83 -41.09 -11.35 15.56
C ILE B 83 -42.05 -10.58 14.70
N GLN B 84 -43.26 -11.08 14.58
CA GLN B 84 -44.31 -10.41 13.84
C GLN B 84 -45.34 -9.77 14.75
N ARG B 85 -45.75 -10.46 15.81
CA ARG B 85 -46.65 -9.88 16.80
C ARG B 85 -46.57 -10.71 18.07
N TYR B 86 -47.20 -10.21 19.13
CA TYR B 86 -47.30 -10.92 20.39
C TYR B 86 -48.56 -10.48 21.12
N PHE B 87 -49.02 -11.36 22.00
CA PHE B 87 -50.16 -11.09 22.87
C PHE B 87 -50.15 -12.14 23.97
N GLN B 88 -50.94 -11.88 25.01
CA GLN B 88 -51.15 -12.86 26.07
C GLN B 88 -52.51 -13.53 25.90
N ASN B 89 -52.50 -14.87 25.91
CA ASN B 89 -53.73 -15.62 25.71
C ASN B 89 -54.69 -15.37 26.87
N GLU B 90 -55.95 -15.79 26.70
CA GLU B 90 -56.91 -15.62 27.78
C GLU B 90 -56.67 -16.56 28.94
N THR B 91 -55.81 -17.55 28.79
CA THR B 91 -55.42 -18.35 29.92
C THR B 91 -54.08 -17.90 30.51
N GLY B 92 -53.55 -16.77 30.02
CA GLY B 92 -52.32 -16.21 30.54
C GLY B 92 -51.04 -16.62 29.84
N HIS B 93 -51.10 -17.55 28.88
CA HIS B 93 -49.90 -17.92 28.13
C HIS B 93 -49.45 -16.76 27.25
N MET B 94 -48.16 -16.44 27.31
CA MET B 94 -47.56 -15.53 26.34
C MET B 94 -47.43 -16.23 24.99
N CYS B 95 -47.83 -15.55 23.92
CA CYS B 95 -47.78 -16.11 22.58
C CYS B 95 -47.02 -15.16 21.68
N ILE B 96 -45.91 -15.64 21.11
CA ILE B 96 -45.04 -14.84 20.26
C ILE B 96 -45.23 -15.35 18.83
N VAL B 97 -45.80 -14.52 17.98
CA VAL B 97 -46.08 -14.89 16.59
C VAL B 97 -44.90 -14.48 15.72
N MET B 98 -44.42 -15.42 14.92
CA MET B 98 -43.22 -15.25 14.11
C MET B 98 -43.43 -15.94 12.78
N PRO B 99 -42.59 -15.71 11.77
CA PRO B 99 -42.70 -16.49 10.54
C PRO B 99 -42.35 -17.94 10.82
N LYS B 100 -42.88 -18.82 9.96
CA LYS B 100 -42.57 -20.24 10.10
C LYS B 100 -41.36 -20.57 9.24
N TYR B 101 -40.28 -20.93 9.89
CA TYR B 101 -39.03 -21.33 9.25
C TYR B 101 -38.92 -22.86 9.30
N GLY B 102 -37.71 -23.38 9.11
CA GLY B 102 -37.53 -24.82 9.10
C GLY B 102 -36.93 -25.37 10.38
N PRO B 103 -36.45 -26.61 10.32
CA PRO B 103 -35.91 -27.28 11.52
C PRO B 103 -34.52 -26.78 11.89
N CYS B 104 -34.12 -27.07 13.13
CA CYS B 104 -32.81 -26.69 13.61
C CYS B 104 -31.70 -27.38 12.80
N LEU B 105 -30.52 -26.78 12.86
CA LEU B 105 -29.34 -27.41 12.30
C LEU B 105 -29.04 -28.75 12.98
N LEU B 106 -29.32 -28.86 14.28
CA LEU B 106 -29.09 -30.12 14.97
C LEU B 106 -29.92 -31.24 14.36
N ASP B 107 -31.19 -30.98 14.04
CA ASP B 107 -32.02 -31.99 13.42
C ASP B 107 -31.42 -32.46 12.10
N TRP B 108 -30.79 -31.53 11.36
CA TRP B 108 -30.21 -31.90 10.07
C TRP B 108 -29.00 -32.81 10.27
N ILE B 109 -28.06 -32.40 11.13
CA ILE B 109 -26.85 -33.20 11.30
C ILE B 109 -27.18 -34.55 11.92
N MET B 110 -28.24 -34.63 12.71
CA MET B 110 -28.63 -35.92 13.28
C MET B 110 -29.31 -36.81 12.24
N LYS B 111 -29.96 -36.23 11.23
CA LYS B 111 -30.64 -36.94 10.15
C LYS B 111 -29.78 -37.14 8.92
N HIS B 112 -29.03 -36.13 8.48
CA HIS B 112 -28.31 -36.23 7.23
C HIS B 112 -26.81 -36.24 7.42
N GLY B 113 -26.33 -36.10 8.65
CA GLY B 113 -24.91 -36.07 8.91
C GLY B 113 -24.40 -34.65 8.75
N PRO B 114 -23.08 -34.48 8.82
CA PRO B 114 -22.50 -33.14 8.74
C PRO B 114 -22.71 -32.51 7.36
N PHE B 115 -22.68 -31.19 7.34
CA PHE B 115 -22.79 -30.43 6.11
C PHE B 115 -21.51 -30.54 5.29
N ASN B 116 -21.64 -30.34 3.98
CA ASN B 116 -20.45 -30.23 3.15
C ASN B 116 -19.85 -28.84 3.28
N HIS B 117 -18.65 -28.68 2.70
CA HIS B 117 -17.88 -27.45 2.91
C HIS B 117 -18.62 -26.20 2.45
N ARG B 118 -19.31 -26.28 1.31
CA ARG B 118 -20.01 -25.11 0.79
C ARG B 118 -21.10 -24.64 1.75
N HIS B 119 -21.97 -25.56 2.18
CA HIS B 119 -23.08 -25.17 3.05
C HIS B 119 -22.59 -24.77 4.43
N LEU B 120 -21.50 -25.39 4.90
CA LEU B 120 -20.88 -24.92 6.13
C LEU B 120 -20.38 -23.49 5.99
N ALA B 121 -19.77 -23.16 4.86
CA ALA B 121 -19.34 -21.80 4.60
C ALA B 121 -20.52 -20.84 4.52
N GLN B 122 -21.63 -21.29 3.94
CA GLN B 122 -22.81 -20.44 3.84
C GLN B 122 -23.41 -20.17 5.22
N ILE B 123 -23.42 -21.18 6.08
CA ILE B 123 -23.93 -20.98 7.44
C ILE B 123 -23.02 -20.02 8.21
N ILE B 124 -21.70 -20.20 8.09
CA ILE B 124 -20.75 -19.34 8.77
C ILE B 124 -20.88 -17.90 8.28
N PHE B 125 -21.09 -17.73 6.96
CA PHE B 125 -21.23 -16.39 6.41
C PHE B 125 -22.44 -15.68 7.00
N GLN B 126 -23.58 -16.36 7.07
CA GLN B 126 -24.79 -15.74 7.58
C GLN B 126 -24.68 -15.46 9.08
N VAL B 127 -24.26 -16.47 9.85
CA VAL B 127 -24.13 -16.28 11.29
C VAL B 127 -23.10 -15.20 11.59
N GLY B 128 -22.02 -15.16 10.82
CA GLY B 128 -21.05 -14.08 10.98
C GLY B 128 -21.67 -12.72 10.72
N ALA B 129 -22.44 -12.60 9.63
CA ALA B 129 -23.10 -11.34 9.33
C ALA B 129 -24.12 -10.97 10.41
N ALA B 130 -24.86 -11.95 10.91
CA ALA B 130 -25.83 -11.67 11.96
C ALA B 130 -25.15 -11.25 13.25
N LEU B 131 -24.07 -11.94 13.64
CA LEU B 131 -23.40 -11.63 14.90
C LEU B 131 -22.69 -10.29 14.80
N ASP B 132 -22.14 -9.96 13.64
CA ASP B 132 -21.48 -8.67 13.47
C ASP B 132 -22.47 -7.52 13.56
N TYR B 133 -23.68 -7.74 13.06
CA TYR B 133 -24.75 -6.76 13.26
C TYR B 133 -25.14 -6.67 14.74
N PHE B 134 -25.32 -7.84 15.37
CA PHE B 134 -25.67 -7.88 16.79
C PHE B 134 -24.63 -7.17 17.64
N HIS B 135 -23.35 -7.42 17.38
CA HIS B 135 -22.30 -6.96 18.28
C HIS B 135 -22.00 -5.47 18.10
N THR B 136 -21.92 -4.99 16.86
CA THR B 136 -21.43 -3.65 16.61
C THR B 136 -22.53 -2.65 16.29
N GLU B 137 -23.73 -3.11 15.93
CA GLU B 137 -24.85 -2.21 15.66
C GLU B 137 -25.89 -2.22 16.77
N LEU B 138 -26.20 -3.39 17.34
CA LEU B 138 -27.10 -3.45 18.48
C LEU B 138 -26.35 -3.47 19.80
N HIS B 139 -25.05 -3.78 19.79
CA HIS B 139 -24.23 -3.88 21.00
C HIS B 139 -24.84 -4.87 22.00
N LEU B 140 -25.13 -6.06 21.50
CA LEU B 140 -25.66 -7.16 22.28
C LEU B 140 -24.83 -8.40 22.05
N MET B 141 -24.81 -9.29 23.05
CA MET B 141 -24.30 -10.63 22.89
C MET B 141 -25.48 -11.59 22.92
N HIS B 142 -25.40 -12.66 22.12
CA HIS B 142 -26.43 -13.68 22.16
C HIS B 142 -26.27 -14.58 23.37
N THR B 143 -25.04 -15.08 23.58
CA THR B 143 -24.60 -15.86 24.73
C THR B 143 -25.20 -17.27 24.79
N ASP B 144 -26.14 -17.60 23.92
CA ASP B 144 -26.74 -18.92 23.97
C ASP B 144 -26.92 -19.49 22.57
N LEU B 145 -25.88 -19.35 21.73
CA LEU B 145 -25.92 -19.87 20.37
C LEU B 145 -25.77 -21.38 20.39
N LYS B 146 -26.55 -22.04 19.55
CA LYS B 146 -26.62 -23.47 19.63
C LYS B 146 -27.13 -24.00 18.30
N PRO B 147 -26.76 -25.22 17.92
CA PRO B 147 -27.40 -25.79 16.72
C PRO B 147 -28.92 -25.96 16.86
N GLU B 148 -29.50 -25.98 18.08
CA GLU B 148 -30.94 -26.17 18.17
C GLU B 148 -31.73 -24.89 17.90
N ASN B 149 -31.10 -23.74 18.04
CA ASN B 149 -31.77 -22.46 17.89
C ASN B 149 -31.20 -21.70 16.70
N ILE B 150 -30.38 -22.34 15.90
CA ILE B 150 -30.07 -21.85 14.58
C ILE B 150 -30.92 -22.65 13.61
N LEU B 151 -31.91 -22.01 13.04
CA LEU B 151 -32.94 -22.70 12.27
C LEU B 151 -32.71 -22.55 10.78
N MET B 152 -33.08 -23.59 10.06
CA MET B 152 -33.22 -23.54 8.62
C MET B 152 -34.28 -22.50 8.25
N GLU B 153 -34.00 -21.69 7.23
CA GLU B 153 -35.04 -20.82 6.72
C GLU B 153 -36.21 -21.65 6.17
N SER B 154 -35.89 -22.73 5.46
CA SER B 154 -36.88 -23.63 4.87
C SER B 154 -36.51 -25.07 5.14
N GLY B 155 -37.52 -25.93 5.23
CA GLY B 155 -37.24 -27.34 5.46
C GLY B 155 -37.25 -28.21 4.22
N ASP B 156 -37.03 -27.64 3.05
CA ASP B 156 -37.06 -28.41 1.81
C ASP B 156 -35.67 -28.94 1.47
N THR B 157 -35.62 -30.13 0.86
CA THR B 157 -34.36 -30.80 0.57
C THR B 157 -34.39 -31.42 -0.82
N SER B 158 -33.20 -31.51 -1.41
CA SER B 158 -32.94 -32.03 -2.74
C SER B 158 -32.08 -33.30 -2.63
N VAL B 159 -31.86 -33.91 -3.79
CA VAL B 159 -31.04 -35.11 -3.91
C VAL B 159 -29.71 -34.71 -4.52
N ASP B 160 -28.64 -35.01 -3.84
CA ASP B 160 -27.32 -34.89 -4.42
C ASP B 160 -27.24 -35.90 -5.55
N PRO B 161 -27.11 -35.48 -6.82
CA PRO B 161 -27.20 -36.46 -7.91
C PRO B 161 -26.07 -37.48 -7.92
N MET B 162 -24.89 -37.11 -7.43
CA MET B 162 -23.75 -38.02 -7.43
C MET B 162 -23.71 -38.89 -6.19
N THR B 163 -23.94 -38.31 -5.03
CA THR B 163 -23.87 -39.02 -3.78
C THR B 163 -25.21 -39.59 -3.33
N HIS B 164 -26.32 -39.11 -3.88
CA HIS B 164 -27.68 -39.49 -3.50
C HIS B 164 -28.03 -39.09 -2.08
N ARG B 165 -27.17 -38.30 -1.42
CA ARG B 165 -27.46 -37.81 -0.08
C ARG B 165 -28.31 -36.53 -0.15
N ALA B 166 -28.87 -36.16 1.00
CA ALA B 166 -29.79 -35.04 1.08
C ALA B 166 -29.03 -33.72 1.03
N LEU B 167 -29.58 -32.76 0.29
CA LEU B 167 -29.03 -31.42 0.21
C LEU B 167 -29.96 -30.41 0.85
N PRO B 168 -29.44 -29.43 1.58
CA PRO B 168 -30.28 -28.34 2.08
C PRO B 168 -30.62 -27.42 0.94
N PRO B 169 -31.48 -26.42 1.15
CA PRO B 169 -31.73 -25.43 0.09
C PRO B 169 -30.45 -24.75 -0.34
N GLU B 170 -30.43 -24.29 -1.58
CA GLU B 170 -29.28 -23.58 -2.14
C GLU B 170 -29.71 -22.17 -2.56
N PRO B 171 -29.31 -21.11 -1.83
CA PRO B 171 -28.40 -21.19 -0.69
C PRO B 171 -29.09 -21.69 0.56
N CYS B 172 -28.29 -22.19 1.52
CA CYS B 172 -28.85 -22.73 2.76
C CYS B 172 -29.00 -21.57 3.74
N ARG B 173 -30.13 -20.88 3.62
CA ARG B 173 -30.40 -19.75 4.49
C ARG B 173 -30.77 -20.24 5.89
N VAL B 174 -30.21 -19.57 6.90
CA VAL B 174 -30.49 -19.89 8.29
C VAL B 174 -30.94 -18.63 9.01
N ARG B 175 -31.48 -18.83 10.21
CA ARG B 175 -31.95 -17.74 11.06
C ARG B 175 -31.50 -18.00 12.47
N ILE B 176 -30.89 -16.99 13.09
CA ILE B 176 -30.56 -17.07 14.51
C ILE B 176 -31.79 -16.66 15.31
N CYS B 177 -32.27 -17.55 16.17
CA CYS B 177 -33.43 -17.29 16.99
C CYS B 177 -33.05 -17.44 18.46
N ASP B 178 -34.06 -17.44 19.33
CA ASP B 178 -33.87 -17.61 20.78
C ASP B 178 -33.04 -16.44 21.33
N LEU B 179 -33.69 -15.27 21.39
CA LEU B 179 -33.08 -14.05 21.88
C LEU B 179 -33.42 -13.77 23.35
N GLY B 180 -33.92 -14.77 24.08
CA GLY B 180 -34.34 -14.53 25.45
C GLY B 180 -33.18 -14.23 26.39
N GLY B 181 -32.02 -14.82 26.13
CA GLY B 181 -30.90 -14.70 27.04
C GLY B 181 -29.87 -13.67 26.63
N CYS B 182 -30.29 -12.70 25.83
CA CYS B 182 -29.36 -11.69 25.34
C CYS B 182 -28.91 -10.76 26.47
N CYS B 183 -27.64 -10.38 26.42
CA CYS B 183 -27.06 -9.45 27.37
C CYS B 183 -26.49 -8.24 26.64
N ASP B 184 -26.09 -7.25 27.41
CA ASP B 184 -25.41 -6.06 26.90
C ASP B 184 -24.23 -5.79 27.83
N GLU B 185 -23.54 -4.68 27.58
CA GLU B 185 -22.23 -4.48 28.18
C GLU B 185 -22.26 -4.25 29.69
N ARG B 186 -23.42 -4.17 30.33
CA ARG B 186 -23.48 -4.11 31.78
C ARG B 186 -24.23 -5.31 32.34
N HIS B 187 -23.88 -6.50 31.86
CA HIS B 187 -24.31 -7.72 32.52
C HIS B 187 -23.58 -7.90 33.85
N SER B 188 -24.14 -8.74 34.72
CA SER B 188 -23.40 -9.18 35.88
C SER B 188 -22.05 -9.71 35.44
N ARG B 189 -20.97 -9.24 36.09
CA ARG B 189 -19.66 -9.55 35.57
C ARG B 189 -19.25 -10.96 35.91
N THR B 190 -19.84 -11.54 36.96
CA THR B 190 -19.65 -12.95 37.29
C THR B 190 -20.79 -13.82 36.79
N ALA B 191 -21.63 -13.29 35.89
CA ALA B 191 -22.75 -14.07 35.37
C ALA B 191 -22.27 -15.31 34.64
N ILE B 192 -23.04 -16.39 34.77
CA ILE B 192 -22.80 -17.63 34.04
C ILE B 192 -23.85 -17.72 32.95
N VAL B 193 -23.40 -17.74 31.70
CA VAL B 193 -24.31 -17.82 30.56
C VAL B 193 -23.89 -19.01 29.70
N SER B 194 -24.72 -19.30 28.69
CA SER B 194 -24.48 -20.33 27.68
C SER B 194 -24.75 -21.72 28.27
N THR B 195 -25.30 -22.61 27.46
CA THR B 195 -25.27 -24.03 27.81
C THR B 195 -23.84 -24.53 27.80
N ARG B 196 -23.55 -25.45 28.72
CA ARG B 196 -22.16 -25.81 29.06
C ARG B 196 -21.38 -26.26 27.83
N HIS B 197 -22.01 -26.97 26.90
CA HIS B 197 -21.32 -27.46 25.72
C HIS B 197 -20.61 -26.36 24.95
N TYR B 198 -21.19 -25.15 24.94
CA TYR B 198 -20.69 -24.06 24.12
C TYR B 198 -20.21 -22.88 24.94
N ARG B 199 -19.98 -23.08 26.24
CA ARG B 199 -19.63 -22.01 27.16
C ARG B 199 -18.13 -21.79 27.18
N SER B 200 -17.71 -20.54 26.97
CA SER B 200 -16.30 -20.20 26.93
C SER B 200 -15.65 -20.34 28.31
N PRO B 201 -14.32 -20.55 28.35
CA PRO B 201 -13.65 -20.66 29.65
C PRO B 201 -13.70 -19.39 30.48
N GLU B 202 -13.65 -18.22 29.85
CA GLU B 202 -13.77 -16.98 30.62
C GLU B 202 -15.08 -16.93 31.39
N VAL B 203 -16.14 -17.53 30.84
CA VAL B 203 -17.41 -17.58 31.57
C VAL B 203 -17.34 -18.59 32.71
N VAL B 204 -16.80 -19.78 32.42
CA VAL B 204 -16.68 -20.82 33.42
C VAL B 204 -15.90 -20.32 34.63
N LEU B 205 -14.74 -19.71 34.38
CA LEU B 205 -13.86 -19.26 35.44
C LEU B 205 -14.11 -17.81 35.85
N SER B 206 -15.14 -17.17 35.30
CA SER B 206 -15.46 -15.77 35.59
C SER B 206 -14.24 -14.88 35.39
N LEU B 207 -13.61 -15.02 34.23
CA LEU B 207 -12.42 -14.26 33.88
C LEU B 207 -12.75 -12.91 33.29
N GLY B 208 -14.03 -12.56 33.20
CA GLY B 208 -14.47 -11.42 32.44
C GLY B 208 -14.83 -11.89 31.05
N TRP B 209 -16.05 -11.60 30.60
CA TRP B 209 -16.48 -12.03 29.28
C TRP B 209 -17.33 -10.94 28.63
N MET B 210 -17.32 -10.94 27.30
CA MET B 210 -18.11 -9.99 26.53
C MET B 210 -18.46 -10.58 25.16
N TYR B 211 -18.33 -9.77 24.11
CA TYR B 211 -18.78 -10.18 22.79
C TYR B 211 -18.11 -11.47 22.31
N SER B 212 -16.83 -11.66 22.64
CA SER B 212 -16.09 -12.81 22.14
C SER B 212 -16.62 -14.14 22.63
N THR B 213 -17.52 -14.16 23.62
CA THR B 213 -18.08 -15.42 24.07
C THR B 213 -19.06 -16.00 23.05
N ASP B 214 -19.68 -15.15 22.23
CA ASP B 214 -20.50 -15.65 21.14
C ASP B 214 -19.67 -16.36 20.08
N LEU B 215 -18.42 -15.92 19.90
CA LEU B 215 -17.56 -16.51 18.88
C LEU B 215 -16.91 -17.79 19.38
N TRP B 216 -16.73 -17.93 20.69
CA TRP B 216 -16.31 -19.22 21.24
C TRP B 216 -17.33 -20.29 20.91
N SER B 217 -18.62 -20.02 21.18
CA SER B 217 -19.66 -21.00 20.90
C SER B 217 -19.75 -21.28 19.41
N MET B 218 -19.53 -20.26 18.57
CA MET B 218 -19.49 -20.48 17.14
C MET B 218 -18.36 -21.42 16.76
N GLY B 219 -17.25 -21.37 17.50
CA GLY B 219 -16.23 -22.38 17.32
C GLY B 219 -16.74 -23.77 17.63
N CYS B 220 -17.50 -23.90 18.73
CA CYS B 220 -18.01 -25.22 19.11
C CYS B 220 -19.11 -25.70 18.17
N ILE B 221 -19.88 -24.76 17.62
CA ILE B 221 -20.93 -25.12 16.68
C ILE B 221 -20.34 -25.57 15.34
N ILE B 222 -19.31 -24.86 14.86
CA ILE B 222 -18.71 -25.20 13.58
C ILE B 222 -18.02 -26.56 13.63
N TYR B 223 -17.33 -26.85 14.75
CA TYR B 223 -16.79 -28.19 14.93
C TYR B 223 -17.88 -29.25 14.80
N GLU B 224 -19.01 -29.03 15.46
CA GLU B 224 -20.07 -30.05 15.46
C GLU B 224 -20.76 -30.13 14.10
N LEU B 225 -20.92 -29.00 13.42
CA LEU B 225 -21.57 -29.03 12.10
C LEU B 225 -20.74 -29.78 11.07
N TYR B 226 -19.43 -29.83 11.27
CA TYR B 226 -18.53 -30.48 10.32
C TYR B 226 -18.22 -31.93 10.67
N THR B 227 -18.19 -32.26 11.96
CA THR B 227 -17.90 -33.63 12.39
C THR B 227 -19.13 -34.42 12.80
N GLY B 228 -20.24 -33.75 13.12
CA GLY B 228 -21.42 -34.42 13.63
C GLY B 228 -21.36 -34.78 15.10
N LYS B 229 -20.32 -34.35 15.81
CA LYS B 229 -20.14 -34.69 17.22
C LYS B 229 -19.95 -33.43 18.03
N LEU B 230 -20.37 -33.49 19.30
CA LEU B 230 -20.10 -32.41 20.22
C LEU B 230 -18.61 -32.28 20.47
N LEU B 231 -18.11 -31.05 20.46
CA LEU B 231 -16.71 -30.85 20.80
C LEU B 231 -16.49 -31.06 22.30
N TYR B 232 -17.46 -30.65 23.11
CA TYR B 232 -17.41 -30.77 24.56
C TYR B 232 -18.75 -31.32 25.05
N ASP B 233 -18.85 -32.65 25.15
CA ASP B 233 -20.03 -33.33 25.71
C ASP B 233 -19.71 -33.58 27.17
N THR B 234 -20.00 -32.56 27.99
CA THR B 234 -19.58 -32.52 29.37
C THR B 234 -20.65 -31.83 30.21
N HIS B 235 -20.69 -32.26 31.47
CA HIS B 235 -21.60 -31.85 32.52
C HIS B 235 -20.84 -31.32 33.75
N ASP B 236 -19.52 -31.16 33.64
CA ASP B 236 -18.64 -30.89 34.76
C ASP B 236 -17.60 -29.84 34.42
N ASN B 237 -17.43 -28.87 35.33
CA ASN B 237 -16.47 -27.79 35.11
C ASN B 237 -15.04 -28.34 34.94
N LEU B 238 -14.63 -29.25 35.82
CA LEU B 238 -13.26 -29.73 35.81
C LEU B 238 -13.01 -30.63 34.61
N GLU B 239 -14.01 -31.43 34.21
CA GLU B 239 -13.85 -32.22 33.00
C GLU B 239 -13.81 -31.34 31.76
N HIS B 240 -14.65 -30.29 31.73
CA HIS B 240 -14.66 -29.38 30.60
C HIS B 240 -13.29 -28.77 30.36
N LEU B 241 -12.65 -28.26 31.41
CA LEU B 241 -11.39 -27.55 31.25
C LEU B 241 -10.27 -28.50 30.81
N HIS B 242 -10.28 -29.73 31.31
CA HIS B 242 -9.31 -30.71 30.84
C HIS B 242 -9.55 -31.04 29.38
N LEU B 243 -10.83 -31.10 28.97
CA LEU B 243 -11.14 -31.33 27.56
C LEU B 243 -10.65 -30.19 26.70
N MET B 244 -10.76 -28.96 27.22
CA MET B 244 -10.19 -27.81 26.52
C MET B 244 -8.68 -27.92 26.38
N GLU B 245 -7.99 -28.34 27.45
CA GLU B 245 -6.55 -28.51 27.39
C GLU B 245 -6.19 -29.56 26.36
N LYS B 246 -7.07 -30.56 26.26
CA LYS B 246 -6.84 -31.80 25.57
C LYS B 246 -7.15 -31.64 24.11
N THR B 247 -8.16 -30.80 23.76
CA THR B 247 -8.53 -30.46 22.37
C THR B 247 -7.78 -29.25 21.79
N LEU B 248 -7.39 -28.27 22.61
CA LEU B 248 -6.88 -27.00 22.12
C LEU B 248 -5.50 -26.64 22.65
N GLY B 249 -5.11 -27.14 23.82
CA GLY B 249 -3.87 -26.75 24.44
C GLY B 249 -4.07 -26.24 25.85
N ARG B 250 -2.95 -26.10 26.55
CA ARG B 250 -2.97 -25.78 27.97
C ARG B 250 -3.64 -24.44 28.23
N LEU B 251 -4.25 -24.33 29.40
CA LEU B 251 -4.75 -23.04 29.80
C LEU B 251 -3.57 -22.12 30.08
N PRO B 252 -3.72 -20.82 29.84
CA PRO B 252 -2.65 -19.89 30.19
C PRO B 252 -2.38 -19.94 31.68
N ALA B 253 -1.11 -19.76 32.04
CA ALA B 253 -0.72 -19.88 33.43
C ALA B 253 -1.42 -18.84 34.31
N ASP B 254 -1.91 -17.71 33.77
CA ASP B 254 -2.42 -16.66 34.67
C ASP B 254 -3.77 -17.02 35.22
N TRP B 255 -4.44 -17.97 34.58
CA TRP B 255 -5.86 -18.17 34.85
C TRP B 255 -6.07 -18.59 36.29
N SER B 256 -5.07 -19.28 36.86
CA SER B 256 -5.18 -19.77 38.21
C SER B 256 -5.27 -18.68 39.25
N VAL B 257 -4.88 -17.44 38.92
CA VAL B 257 -5.03 -16.32 39.83
C VAL B 257 -6.10 -15.33 39.42
N ARG B 258 -6.55 -15.34 38.16
CA ARG B 258 -7.47 -14.30 37.69
C ARG B 258 -8.91 -14.78 37.61
N CYS B 259 -9.23 -15.96 38.16
CA CYS B 259 -10.60 -16.43 38.14
C CYS B 259 -11.46 -15.58 39.06
N GLY B 260 -12.73 -15.42 38.69
CA GLY B 260 -13.57 -14.42 39.32
C GLY B 260 -14.49 -14.88 40.43
N THR B 261 -14.56 -16.18 40.68
CA THR B 261 -15.43 -16.72 41.74
C THR B 261 -14.67 -17.70 42.61
N GLN B 262 -15.14 -17.86 43.86
CA GLN B 262 -14.58 -18.93 44.68
C GLN B 262 -14.64 -20.28 43.97
N GLU B 263 -15.83 -20.62 43.45
CA GLU B 263 -16.03 -21.91 42.81
C GLU B 263 -15.00 -22.17 41.73
N ALA B 264 -14.66 -21.14 40.94
CA ALA B 264 -13.80 -21.34 39.77
C ALA B 264 -12.35 -21.67 40.16
N ARG B 265 -11.76 -20.93 41.11
CA ARG B 265 -10.38 -21.19 41.51
C ARG B 265 -10.26 -22.59 42.12
N ASP B 266 -11.31 -23.07 42.82
CA ASP B 266 -11.12 -24.37 43.45
C ASP B 266 -10.88 -25.46 42.42
N LEU B 267 -10.95 -25.13 41.14
CA LEU B 267 -10.56 -26.03 40.09
C LEU B 267 -9.05 -26.08 39.89
N PHE B 268 -8.29 -25.22 40.58
CA PHE B 268 -6.83 -25.20 40.42
C PHE B 268 -6.16 -25.58 41.74
N THR B 269 -4.93 -26.06 41.61
CA THR B 269 -4.05 -26.34 42.74
C THR B 269 -3.66 -25.06 43.47
N ALA B 270 -3.01 -25.22 44.62
CA ALA B 270 -2.29 -24.12 45.23
C ALA B 270 -1.16 -23.63 44.33
N ALA B 271 -0.55 -24.54 43.57
CA ALA B 271 0.49 -24.14 42.63
C ALA B 271 -0.07 -23.32 41.49
N GLY B 272 -1.14 -23.80 40.87
CA GLY B 272 -1.76 -23.09 39.77
C GLY B 272 -2.05 -24.02 38.61
N THR B 273 -1.89 -25.31 38.85
CA THR B 273 -2.17 -26.33 37.86
C THR B 273 -3.60 -26.81 38.06
N LEU B 274 -4.21 -27.31 36.97
CA LEU B 274 -5.60 -27.72 37.07
C LEU B 274 -5.73 -29.02 37.84
N GLN B 275 -6.80 -29.14 38.64
CA GLN B 275 -7.00 -30.31 39.48
C GLN B 275 -7.29 -31.54 38.62
N PRO B 276 -6.82 -32.72 39.02
CA PRO B 276 -7.16 -33.92 38.26
C PRO B 276 -8.59 -34.37 38.50
N CYS B 277 -9.17 -35.00 37.50
CA CYS B 277 -10.46 -35.64 37.65
C CYS B 277 -10.22 -37.06 38.18
N LYS B 278 -11.18 -37.63 38.95
CA LYS B 278 -10.98 -39.01 39.41
C LYS B 278 -12.07 -39.91 38.90
N ASP B 279 -13.03 -39.35 38.22
CA ASP B 279 -14.16 -40.12 37.81
C ASP B 279 -13.73 -40.89 36.58
N PRO B 280 -13.82 -42.22 36.56
CA PRO B 280 -13.27 -42.98 35.44
C PRO B 280 -13.96 -42.65 34.14
N LYS B 281 -15.15 -42.06 34.24
CA LYS B 281 -15.94 -41.62 33.11
C LYS B 281 -15.42 -40.30 32.54
N HIS B 282 -14.67 -39.53 33.33
CA HIS B 282 -14.01 -38.33 32.84
C HIS B 282 -12.58 -38.59 32.39
N ILE B 283 -11.86 -39.52 33.03
CA ILE B 283 -10.52 -39.87 32.55
C ILE B 283 -10.61 -40.47 31.16
N ALA B 284 -11.66 -41.23 30.90
CA ALA B 284 -11.80 -41.84 29.59
C ALA B 284 -12.10 -40.79 28.53
N ARG B 285 -13.04 -39.88 28.81
CA ARG B 285 -13.43 -38.92 27.78
C ARG B 285 -12.29 -37.95 27.49
N ILE B 286 -11.51 -37.58 28.50
CA ILE B 286 -10.33 -36.75 28.26
C ILE B 286 -9.29 -37.53 27.44
N ALA B 287 -9.06 -38.80 27.82
CA ALA B 287 -8.15 -39.67 27.07
C ALA B 287 -8.68 -39.98 25.68
N ARG B 288 -10.01 -39.97 25.54
CA ARG B 288 -10.69 -40.31 24.31
C ARG B 288 -10.87 -39.15 23.36
N ALA B 289 -10.76 -37.92 23.85
CA ALA B 289 -10.77 -36.72 23.00
C ALA B 289 -9.45 -36.50 22.27
N ARG B 290 -9.55 -36.04 21.01
CA ARG B 290 -8.31 -35.79 20.26
C ARG B 290 -8.23 -34.34 19.76
N PRO B 291 -7.01 -33.81 19.54
CA PRO B 291 -6.86 -32.38 19.23
C PRO B 291 -7.64 -31.95 18.00
N VAL B 292 -8.21 -30.74 18.06
CA VAL B 292 -8.93 -30.16 16.93
C VAL B 292 -8.08 -30.20 15.67
N ARG B 293 -6.78 -29.88 15.81
CA ARG B 293 -5.88 -29.87 14.66
C ARG B 293 -5.87 -31.19 13.90
N GLU B 294 -6.06 -32.30 14.59
CA GLU B 294 -6.03 -33.59 13.92
C GLU B 294 -7.41 -34.07 13.49
N VAL B 295 -8.47 -33.46 14.02
CA VAL B 295 -9.82 -33.84 13.60
C VAL B 295 -10.23 -33.04 12.37
N ILE B 296 -9.87 -31.76 12.33
CA ILE B 296 -10.21 -30.89 11.20
C ILE B 296 -9.07 -30.99 10.19
N THR B 297 -9.26 -31.81 9.16
CA THR B 297 -8.24 -31.98 8.12
C THR B 297 -8.16 -30.77 7.20
N GLU B 298 -9.26 -30.08 6.97
CA GLU B 298 -9.27 -28.93 6.07
C GLU B 298 -8.46 -27.81 6.70
N PRO B 299 -7.37 -27.36 6.07
CA PRO B 299 -6.46 -26.42 6.77
C PRO B 299 -7.07 -25.07 7.08
N LEU B 300 -7.90 -24.52 6.19
CA LEU B 300 -8.51 -23.23 6.47
C LEU B 300 -9.63 -23.35 7.50
N LEU B 301 -10.42 -24.43 7.43
CA LEU B 301 -11.42 -24.68 8.46
C LEU B 301 -10.76 -24.90 9.81
N CYS B 302 -9.60 -25.58 9.80
CA CYS B 302 -8.83 -25.77 11.02
C CYS B 302 -8.46 -24.43 11.66
N ASP B 303 -7.92 -23.51 10.84
CA ASP B 303 -7.58 -22.18 11.32
C ASP B 303 -8.82 -21.44 11.82
N LEU B 304 -9.94 -21.61 11.14
CA LEU B 304 -11.18 -20.95 11.54
C LEU B 304 -11.63 -21.41 12.92
N ILE B 305 -11.73 -22.73 13.11
CA ILE B 305 -12.20 -23.25 14.40
C ILE B 305 -11.21 -22.92 15.51
N LEU B 306 -9.91 -23.08 15.25
CA LEU B 306 -8.90 -22.88 16.28
C LEU B 306 -8.80 -21.43 16.73
N ASN B 307 -9.00 -20.47 15.82
CA ASN B 307 -8.98 -19.06 16.19
C ASN B 307 -10.32 -18.56 16.72
N LEU B 308 -11.40 -19.32 16.53
CA LEU B 308 -12.62 -19.01 17.24
C LEU B 308 -12.54 -19.49 18.69
N LEU B 309 -11.75 -20.52 18.95
CA LEU B 309 -11.56 -21.06 20.29
C LEU B 309 -10.28 -20.53 20.93
N HIS B 310 -9.83 -19.34 20.53
CA HIS B 310 -8.62 -18.76 21.12
C HIS B 310 -8.87 -18.41 22.58
N TYR B 311 -7.92 -18.79 23.44
CA TYR B 311 -8.04 -18.48 24.86
C TYR B 311 -7.93 -16.99 25.11
N ASP B 312 -7.20 -16.28 24.26
CA ASP B 312 -7.07 -14.83 24.36
C ASP B 312 -8.29 -14.18 23.72
N ARG B 313 -9.03 -13.40 24.50
CA ARG B 313 -10.32 -12.87 24.03
C ARG B 313 -10.18 -11.80 22.96
N GLN B 314 -9.03 -11.13 22.85
CA GLN B 314 -8.88 -10.11 21.82
C GLN B 314 -8.28 -10.64 20.53
N ARG B 315 -7.52 -11.74 20.60
CA ARG B 315 -7.03 -12.38 19.39
C ARG B 315 -7.99 -13.40 18.85
N ARG B 316 -8.97 -13.81 19.66
CA ARG B 316 -10.06 -14.64 19.16
C ARG B 316 -10.78 -13.89 18.04
N LEU B 317 -11.12 -14.63 16.98
CA LEU B 317 -11.79 -14.02 15.85
C LEU B 317 -13.10 -13.38 16.27
N ASN B 318 -13.42 -12.24 15.68
CA ASN B 318 -14.73 -11.64 15.84
C ASN B 318 -15.64 -12.09 14.70
N ALA B 319 -16.91 -11.72 14.81
CA ALA B 319 -17.90 -12.19 13.83
C ALA B 319 -17.55 -11.72 12.43
N ARG B 320 -17.07 -10.48 12.28
CA ARG B 320 -16.73 -9.97 10.96
C ARG B 320 -15.59 -10.78 10.35
N GLN B 321 -14.59 -11.13 11.15
CA GLN B 321 -13.49 -11.95 10.66
C GLN B 321 -13.97 -13.35 10.30
N MET B 322 -14.93 -13.88 11.06
CA MET B 322 -15.46 -15.21 10.77
C MET B 322 -16.12 -15.26 9.40
N MET B 323 -17.02 -14.32 9.12
CA MET B 323 -17.69 -14.30 7.82
C MET B 323 -16.73 -13.95 6.69
N SER B 324 -15.60 -13.32 6.98
CA SER B 324 -14.62 -12.96 5.97
C SER B 324 -13.41 -13.88 5.98
N HIS B 325 -13.52 -15.03 6.64
CA HIS B 325 -12.40 -15.95 6.73
C HIS B 325 -12.12 -16.59 5.37
N ALA B 326 -10.87 -17.01 5.18
CA ALA B 326 -10.46 -17.63 3.92
C ALA B 326 -11.28 -18.89 3.62
N TYR B 327 -11.75 -19.59 4.66
CA TYR B 327 -12.58 -20.77 4.45
C TYR B 327 -13.86 -20.42 3.72
N VAL B 328 -14.51 -19.33 4.13
CA VAL B 328 -15.76 -18.92 3.50
C VAL B 328 -15.50 -18.49 2.05
N HIS B 329 -14.37 -17.84 1.80
CA HIS B 329 -14.09 -17.37 0.45
C HIS B 329 -13.73 -18.51 -0.49
N LYS B 330 -13.17 -19.60 0.03
CA LYS B 330 -12.80 -20.70 -0.86
C LYS B 330 -14.00 -21.54 -1.27
N TYR B 331 -14.84 -21.94 -0.31
CA TYR B 331 -15.92 -22.88 -0.58
C TYR B 331 -17.26 -22.19 -0.81
N PHE B 332 -17.37 -20.92 -0.48
CA PHE B 332 -18.52 -20.10 -0.84
C PHE B 332 -18.04 -18.84 -1.54
N PRO B 333 -17.40 -18.98 -2.71
CA PRO B 333 -16.79 -17.81 -3.36
C PRO B 333 -17.81 -16.75 -3.72
N GLU B 334 -19.06 -17.13 -3.93
CA GLU B 334 -20.11 -16.18 -4.26
C GLU B 334 -20.51 -15.32 -3.08
N CYS B 335 -19.95 -15.60 -1.89
CA CYS B 335 -20.03 -14.64 -0.79
C CYS B 335 -19.58 -13.25 -1.21
N ARG B 336 -18.61 -13.14 -2.13
CA ARG B 336 -18.10 -11.81 -2.44
C ARG B 336 -19.08 -10.98 -3.28
N GLN B 337 -20.09 -11.60 -3.91
CA GLN B 337 -21.12 -10.79 -4.56
C GLN B 337 -22.37 -10.60 -3.72
N HIS B 338 -22.39 -11.08 -2.48
CA HIS B 338 -23.55 -10.88 -1.61
C HIS B 338 -23.52 -9.48 -1.00
N PRO B 339 -24.67 -8.81 -0.90
CA PRO B 339 -24.69 -7.44 -0.38
C PRO B 339 -24.19 -7.29 1.05
N ASN B 340 -24.07 -8.38 1.81
CA ASN B 340 -23.58 -8.29 3.18
C ASN B 340 -22.08 -8.50 3.28
N HIS B 341 -21.42 -8.89 2.19
CA HIS B 341 -19.97 -9.02 2.20
C HIS B 341 -19.30 -7.70 2.56
N VAL B 342 -18.24 -7.77 3.35
CA VAL B 342 -17.63 -6.58 3.94
C VAL B 342 -17.14 -5.61 2.87
N ASP B 343 -16.70 -6.11 1.71
CA ASP B 343 -16.17 -5.22 0.69
C ASP B 343 -17.24 -4.52 -0.14
N ASN B 344 -18.51 -4.86 0.04
CA ASN B 344 -19.60 -4.17 -0.66
C ASN B 344 -20.47 -3.33 0.25
N ARG B 345 -20.03 -3.06 1.48
CA ARG B 345 -20.77 -2.28 2.43
C ARG B 345 -20.04 -0.98 2.73
N SER B 346 -20.74 -0.06 3.42
CA SER B 346 -20.07 1.13 3.92
C SER B 346 -19.01 0.71 4.92
N LYS B 347 -18.12 1.62 5.32
CA LYS B 347 -17.20 1.17 6.35
C LYS B 347 -17.95 1.13 7.66
N LEU B 348 -17.78 0.06 8.34
CA LEU B 348 -18.55 -0.40 9.46
C LEU B 348 -18.03 0.15 10.77
N PRO B 349 -18.88 0.15 11.80
CA PRO B 349 -18.43 0.45 13.15
C PRO B 349 -17.31 -0.49 13.54
N PRO B 350 -16.45 -0.09 14.47
CA PRO B 350 -15.32 -0.96 14.83
C PRO B 350 -15.80 -2.29 15.41
N THR B 351 -15.05 -3.34 15.12
CA THR B 351 -15.32 -4.62 15.72
C THR B 351 -15.09 -4.52 17.23
N PRO B 352 -15.74 -5.36 18.02
CA PRO B 352 -15.51 -5.30 19.46
C PRO B 352 -14.06 -5.63 19.79
N VAL B 353 -13.58 -5.03 20.87
CA VAL B 353 -12.36 -5.48 21.51
C VAL B 353 -12.82 -6.44 22.61
N MET B 354 -12.46 -7.71 22.46
CA MET B 354 -12.89 -8.79 23.37
C MET B 354 -14.40 -8.85 23.64
N GLY C 16 10.06 6.44 8.17
CA GLY C 16 9.75 7.84 7.96
C GLY C 16 10.01 8.28 6.52
N ARG C 17 11.29 8.44 6.20
CA ARG C 17 11.73 8.78 4.86
C ARG C 17 12.53 7.67 4.20
N PHE C 18 13.26 6.90 4.98
CA PHE C 18 14.15 5.86 4.52
C PHE C 18 13.61 4.50 4.89
N LYS C 19 13.44 3.62 3.90
CA LYS C 19 13.15 2.23 4.19
C LYS C 19 14.35 1.32 3.95
N ILE C 20 14.61 0.47 4.96
CA ILE C 20 15.73 -0.46 5.00
C ILE C 20 15.56 -1.58 3.99
N LEU C 21 16.61 -1.86 3.21
CA LEU C 21 16.54 -2.92 2.21
C LEU C 21 17.27 -4.17 2.68
N SER C 22 18.56 -4.06 2.91
CA SER C 22 19.37 -5.18 3.39
C SER C 22 20.30 -4.67 4.47
N LEU C 23 20.86 -5.61 5.21
CA LEU C 23 21.88 -5.34 6.19
C LEU C 23 23.26 -5.59 5.59
N LEU C 24 24.11 -4.56 5.58
CA LEU C 24 25.44 -4.66 4.97
C LEU C 24 26.52 -5.08 5.96
N GLY C 25 26.36 -4.73 7.24
CA GLY C 25 27.33 -5.11 8.24
C GLY C 25 26.82 -4.72 9.61
N GLU C 26 27.39 -5.32 10.64
CA GLU C 26 26.84 -5.13 11.95
C GLU C 26 28.04 -5.14 12.88
N GLY C 27 27.97 -4.39 13.95
CA GLY C 27 29.10 -4.38 14.84
C GLY C 27 28.78 -3.80 16.18
N THR C 28 29.85 -3.53 16.90
CA THR C 28 29.76 -2.95 18.24
C THR C 28 28.91 -1.68 18.18
N PHE C 29 29.28 -0.78 17.25
CA PHE C 29 28.59 0.49 17.03
C PHE C 29 27.08 0.32 16.83
N GLY C 30 26.69 -0.70 16.09
CA GLY C 30 25.32 -0.85 15.66
C GLY C 30 25.25 -1.54 14.32
N LYS C 31 24.49 -0.96 13.39
CA LYS C 31 24.26 -1.58 12.09
C LYS C 31 24.44 -0.57 10.97
N VAL C 32 24.87 -1.08 9.82
CA VAL C 32 24.82 -0.36 8.56
C VAL C 32 23.85 -1.10 7.66
N VAL C 33 22.81 -0.42 7.21
CA VAL C 33 21.81 -1.04 6.36
C VAL C 33 21.82 -0.32 5.01
N GLU C 34 21.51 -1.07 3.96
CA GLU C 34 21.21 -0.46 2.67
C GLU C 34 19.77 0.02 2.71
N ALA C 35 19.55 1.27 2.34
CA ALA C 35 18.23 1.87 2.44
C ALA C 35 17.88 2.57 1.15
N TRP C 36 16.58 2.74 0.94
CA TRP C 36 16.03 3.49 -0.17
C TRP C 36 15.51 4.82 0.35
N ASP C 37 16.01 5.93 -0.20
CA ASP C 37 15.58 7.26 0.18
C ASP C 37 14.37 7.62 -0.65
N ARG C 38 13.23 7.74 0.01
CA ARG C 38 12.01 7.83 -0.75
C ARG C 38 11.75 9.19 -1.40
N LYS C 39 12.27 10.26 -0.82
CA LYS C 39 12.10 11.59 -1.34
C LYS C 39 13.23 12.01 -2.26
N ARG C 40 14.31 11.26 -2.36
CA ARG C 40 15.41 11.69 -3.20
C ARG C 40 15.74 10.72 -4.33
N LYS C 41 15.07 9.57 -4.45
CA LYS C 41 15.23 8.68 -5.59
C LYS C 41 16.48 7.75 -5.65
N GLU C 42 16.84 7.09 -4.52
CA GLU C 42 18.04 6.24 -4.62
C GLU C 42 18.57 5.77 -3.28
N TYR C 43 19.39 4.74 -3.43
CA TYR C 43 19.94 3.88 -2.42
C TYR C 43 21.00 4.66 -1.69
N CYS C 44 21.14 4.30 -0.42
CA CYS C 44 22.03 4.95 0.52
C CYS C 44 22.53 3.85 1.43
N ALA C 45 23.58 4.18 2.16
CA ALA C 45 23.99 3.40 3.31
C ALA C 45 23.67 4.22 4.56
N VAL C 46 23.05 3.60 5.54
CA VAL C 46 22.69 4.28 6.78
C VAL C 46 23.27 3.52 7.95
N LYS C 47 24.09 4.21 8.74
CA LYS C 47 24.65 3.65 9.97
C LYS C 47 23.69 3.91 11.11
N ILE C 48 23.13 2.86 11.69
CA ILE C 48 22.19 2.97 12.80
C ILE C 48 22.96 2.64 14.06
N VAL C 49 23.27 3.67 14.85
CA VAL C 49 24.00 3.46 16.09
C VAL C 49 22.98 3.03 17.14
N ARG C 50 23.30 1.97 17.90
CA ARG C 50 22.38 1.49 18.94
C ARG C 50 22.04 2.61 19.93
N ASN C 51 20.87 2.47 20.53
CA ASN C 51 20.21 3.45 21.39
C ASN C 51 20.82 3.42 22.80
N VAL C 52 22.07 3.84 22.89
CA VAL C 52 22.77 3.95 24.17
C VAL C 52 23.33 5.37 24.27
N PRO C 53 23.29 6.01 25.44
CA PRO C 53 23.71 7.41 25.51
C PRO C 53 25.11 7.70 25.01
N LYS C 54 26.08 6.85 25.28
CA LYS C 54 27.42 7.22 24.85
C LYS C 54 27.73 6.86 23.41
N TYR C 55 26.94 5.99 22.82
CA TYR C 55 27.04 5.87 21.39
C TYR C 55 26.38 7.06 20.71
N THR C 56 25.27 7.56 21.28
CA THR C 56 24.61 8.74 20.73
C THR C 56 25.49 9.97 20.81
N ARG C 57 26.32 10.09 21.85
CA ARG C 57 27.16 11.28 21.95
C ARG C 57 28.40 11.17 21.10
N ASP C 58 28.96 9.97 20.97
CA ASP C 58 30.11 9.79 20.08
C ASP C 58 29.70 9.65 18.61
N ALA C 59 28.44 9.33 18.35
CA ALA C 59 27.94 9.42 16.97
C ALA C 59 27.77 10.87 16.56
N LYS C 60 27.26 11.71 17.47
CA LYS C 60 27.11 13.12 17.17
C LYS C 60 28.46 13.79 16.97
N ILE C 61 29.48 13.35 17.71
CA ILE C 61 30.83 13.84 17.46
C ILE C 61 31.34 13.35 16.11
N GLU C 62 31.12 12.07 15.80
CA GLU C 62 31.49 11.55 14.49
C GLU C 62 30.81 12.33 13.37
N ILE C 63 29.52 12.67 13.55
CA ILE C 63 28.80 13.44 12.54
C ILE C 63 29.46 14.78 12.31
N GLN C 64 29.86 15.46 13.40
CA GLN C 64 30.50 16.75 13.26
C GLN C 64 31.82 16.65 12.52
N PHE C 65 32.58 15.58 12.76
CA PHE C 65 33.80 15.35 11.98
C PHE C 65 33.46 15.04 10.52
N MET C 66 32.33 14.38 10.27
CA MET C 66 31.92 14.11 8.90
C MET C 66 31.46 15.35 8.15
N GLU C 67 30.75 16.26 8.81
CA GLU C 67 30.33 17.44 8.08
C GLU C 67 31.48 18.38 7.81
N ARG C 68 32.56 18.33 8.59
CA ARG C 68 33.66 19.23 8.30
C ARG C 68 34.40 18.79 7.04
N VAL C 69 34.43 17.49 6.78
CA VAL C 69 34.99 17.00 5.51
C VAL C 69 34.11 17.43 4.35
N ARG C 70 32.79 17.22 4.47
CA ARG C 70 31.88 17.58 3.40
C ARG C 70 31.89 19.09 3.16
N LEU C 71 31.91 19.89 4.22
CA LEU C 71 31.87 21.33 4.04
C LEU C 71 33.16 21.87 3.43
N SER C 72 34.30 21.23 3.69
CA SER C 72 35.56 21.73 3.16
C SER C 72 35.82 21.23 1.75
N ASP C 73 35.64 19.92 1.51
CA ASP C 73 35.83 19.34 0.18
C ASP C 73 34.49 19.39 -0.55
N VAL C 74 34.15 20.60 -1.02
CA VAL C 74 32.78 20.83 -1.51
C VAL C 74 32.52 20.11 -2.83
N GLU C 75 33.57 19.84 -3.62
CA GLU C 75 33.38 19.16 -4.89
C GLU C 75 33.93 17.74 -4.87
N ASP C 76 33.92 17.09 -3.71
CA ASP C 76 34.21 15.67 -3.56
C ASP C 76 35.47 15.27 -4.32
N ARG C 77 36.53 16.04 -4.10
CA ARG C 77 37.79 15.80 -4.78
C ARG C 77 38.67 14.77 -4.10
N PHE C 78 38.50 14.55 -2.80
CA PHE C 78 39.38 13.65 -2.08
C PHE C 78 38.61 12.46 -1.54
N PRO C 79 39.24 11.26 -1.49
CA PRO C 79 38.54 10.03 -1.11
C PRO C 79 38.28 9.88 0.39
N LEU C 80 37.79 10.95 1.01
CA LEU C 80 37.21 10.86 2.34
C LEU C 80 35.71 10.79 2.09
N MET C 81 35.03 10.03 2.93
CA MET C 81 33.67 9.73 2.54
C MET C 81 32.79 10.94 2.89
N LYS C 82 31.55 10.98 2.37
CA LYS C 82 30.64 12.08 2.63
C LYS C 82 29.28 11.73 3.17
N ILE C 83 29.04 12.21 4.39
CA ILE C 83 27.74 12.19 5.03
C ILE C 83 26.76 12.95 4.16
N GLN C 84 25.54 12.45 4.05
CA GLN C 84 24.55 13.14 3.25
C GLN C 84 23.53 13.85 4.13
N ARG C 85 23.05 13.19 5.17
CA ARG C 85 22.28 13.87 6.18
C ARG C 85 22.21 12.94 7.39
N TYR C 86 21.62 13.40 8.49
CA TYR C 86 21.49 12.63 9.74
C TYR C 86 20.23 13.08 10.47
N PHE C 87 19.76 12.22 11.36
CA PHE C 87 18.59 12.51 12.20
C PHE C 87 18.62 11.51 13.34
N GLN C 88 17.83 11.77 14.37
CA GLN C 88 17.64 10.83 15.46
C GLN C 88 16.30 10.12 15.28
N ASN C 89 16.32 8.79 15.29
CA ASN C 89 15.12 7.98 15.08
C ASN C 89 14.09 8.16 16.21
N GLU C 90 12.85 7.60 16.02
CA GLU C 90 11.87 7.72 17.13
C GLU C 90 12.21 6.88 18.31
N THR C 91 13.15 5.99 18.13
CA THR C 91 13.55 5.14 19.21
C THR C 91 14.88 5.59 19.78
N GLY C 92 15.34 6.78 19.41
CA GLY C 92 16.56 7.33 19.95
C GLY C 92 17.82 6.97 19.20
N HIS C 93 17.75 6.14 18.18
CA HIS C 93 18.93 5.78 17.41
C HIS C 93 19.44 6.95 16.57
N MET C 94 20.74 7.22 16.67
CA MET C 94 21.38 8.11 15.71
C MET C 94 21.51 7.37 14.38
N CYS C 95 21.11 8.04 13.30
CA CYS C 95 21.14 7.43 11.97
C CYS C 95 21.91 8.36 11.05
N ILE C 96 22.99 7.85 10.49
CA ILE C 96 23.86 8.64 9.62
C ILE C 96 23.65 8.12 8.20
N VAL C 97 23.08 8.95 7.35
CA VAL C 97 22.80 8.59 5.96
C VAL C 97 23.98 9.01 5.11
N MET C 98 24.50 8.07 4.32
CA MET C 98 25.70 8.25 3.53
C MET C 98 25.55 7.51 2.19
N PRO C 99 26.43 7.73 1.21
CA PRO C 99 26.34 6.94 -0.02
C PRO C 99 26.63 5.48 0.27
N LYS C 100 26.13 4.64 -0.64
CA LYS C 100 26.33 3.21 -0.54
C LYS C 100 27.63 2.87 -1.27
N TYR C 101 28.61 2.37 -0.53
CA TYR C 101 29.89 1.98 -1.08
C TYR C 101 29.97 0.46 -1.20
N GLY C 102 31.18 -0.06 -1.35
CA GLY C 102 31.39 -1.48 -1.44
C GLY C 102 31.95 -2.01 -0.14
N PRO C 103 32.45 -3.25 -0.18
CA PRO C 103 32.98 -3.87 1.04
C PRO C 103 34.39 -3.39 1.38
N CYS C 104 34.77 -3.60 2.63
CA CYS C 104 36.09 -3.20 3.10
C CYS C 104 37.20 -3.90 2.33
N LEU C 105 38.39 -3.28 2.36
CA LEU C 105 39.59 -3.91 1.80
C LEU C 105 39.87 -5.24 2.47
N LEU C 106 39.56 -5.36 3.77
CA LEU C 106 39.78 -6.63 4.45
C LEU C 106 38.97 -7.75 3.82
N ASP C 107 37.70 -7.47 3.47
CA ASP C 107 36.87 -8.50 2.84
C ASP C 107 37.50 -8.96 1.53
N TRP C 108 38.11 -8.04 0.78
CA TRP C 108 38.72 -8.42 -0.49
C TRP C 108 39.93 -9.33 -0.29
N ILE C 109 40.85 -8.93 0.60
CA ILE C 109 42.07 -9.72 0.77
C ILE C 109 41.78 -11.08 1.38
N MET C 110 40.74 -11.19 2.22
CA MET C 110 40.41 -12.48 2.77
C MET C 110 39.66 -13.34 1.75
N LYS C 111 38.97 -12.71 0.80
CA LYS C 111 38.25 -13.46 -0.22
C LYS C 111 39.11 -13.74 -1.45
N HIS C 112 39.85 -12.74 -1.92
CA HIS C 112 40.60 -12.87 -3.16
C HIS C 112 42.11 -12.87 -2.97
N GLY C 113 42.60 -12.68 -1.74
CA GLY C 113 44.02 -12.63 -1.50
C GLY C 113 44.55 -11.22 -1.70
N PRO C 114 45.88 -11.07 -1.67
CA PRO C 114 46.48 -9.74 -1.78
C PRO C 114 46.24 -9.12 -3.14
N PHE C 115 46.29 -7.79 -3.16
CA PHE C 115 46.17 -7.03 -4.40
C PHE C 115 47.45 -7.14 -5.23
N ASN C 116 47.30 -6.94 -6.55
CA ASN C 116 48.50 -6.84 -7.37
C ASN C 116 49.10 -5.44 -7.24
N HIS C 117 50.31 -5.28 -7.79
CA HIS C 117 51.08 -4.05 -7.57
C HIS C 117 50.36 -2.81 -8.08
N ARG C 118 49.67 -2.89 -9.22
CA ARG C 118 49.01 -1.71 -9.76
C ARG C 118 47.92 -1.21 -8.81
N HIS C 119 47.03 -2.10 -8.39
CA HIS C 119 45.92 -1.68 -7.53
C HIS C 119 46.38 -1.28 -6.14
N LEU C 120 47.45 -1.91 -5.65
CA LEU C 120 48.06 -1.44 -4.40
C LEU C 120 48.56 -0.01 -4.56
N ALA C 121 49.19 0.30 -5.69
CA ALA C 121 49.64 1.66 -5.94
C ALA C 121 48.46 2.63 -6.02
N GLN C 122 47.34 2.19 -6.61
CA GLN C 122 46.16 3.04 -6.67
C GLN C 122 45.56 3.26 -5.29
N ILE C 123 45.58 2.22 -4.44
CA ILE C 123 45.08 2.38 -3.08
C ILE C 123 45.97 3.33 -2.29
N ILE C 124 47.29 3.18 -2.42
CA ILE C 124 48.23 4.05 -1.73
C ILE C 124 48.09 5.50 -2.19
N PHE C 125 47.86 5.70 -3.50
CA PHE C 125 47.72 7.04 -4.03
C PHE C 125 46.53 7.78 -3.41
N GLN C 126 45.37 7.11 -3.36
CA GLN C 126 44.17 7.77 -2.86
C GLN C 126 44.28 8.06 -1.37
N VAL C 127 44.68 7.06 -0.59
CA VAL C 127 44.81 7.26 0.85
C VAL C 127 45.84 8.34 1.14
N GLY C 128 46.93 8.37 0.37
CA GLY C 128 47.90 9.45 0.52
C GLY C 128 47.28 10.81 0.26
N ALA C 129 46.51 10.93 -0.83
CA ALA C 129 45.85 12.20 -1.13
C ALA C 129 44.82 12.55 -0.07
N ALA C 130 44.09 11.55 0.43
CA ALA C 130 43.10 11.81 1.48
C ALA C 130 43.78 12.21 2.79
N LEU C 131 44.87 11.52 3.16
CA LEU C 131 45.56 11.83 4.39
C LEU C 131 46.29 13.17 4.30
N ASP C 132 46.82 13.50 3.12
CA ASP C 132 47.49 14.79 2.94
C ASP C 132 46.49 15.93 3.04
N TYR C 133 45.26 15.71 2.55
CA TYR C 133 44.19 16.67 2.74
C TYR C 133 43.80 16.75 4.21
N PHE C 134 43.62 15.59 4.84
CA PHE C 134 43.28 15.53 6.25
C PHE C 134 44.32 16.23 7.12
N HIS C 135 45.60 15.98 6.85
CA HIS C 135 46.66 16.44 7.73
C HIS C 135 46.98 17.92 7.54
N THR C 136 47.03 18.38 6.29
CA THR C 136 47.56 19.72 6.01
C THR C 136 46.50 20.77 5.72
N GLU C 137 45.29 20.38 5.36
CA GLU C 137 44.22 21.34 5.14
C GLU C 137 43.17 21.33 6.23
N LEU C 138 42.81 20.16 6.75
CA LEU C 138 41.88 20.09 7.87
C LEU C 138 42.57 20.05 9.23
N HIS C 139 43.85 19.68 9.26
CA HIS C 139 44.62 19.54 10.50
C HIS C 139 43.94 18.57 11.46
N LEU C 140 43.67 17.36 10.96
CA LEU C 140 43.14 16.26 11.73
C LEU C 140 44.03 15.04 11.51
N MET C 141 44.07 14.17 12.51
CA MET C 141 44.60 12.83 12.36
C MET C 141 43.43 11.87 12.39
N HIS C 142 43.51 10.81 11.58
CA HIS C 142 42.47 9.80 11.60
C HIS C 142 42.62 8.90 12.82
N THR C 143 43.85 8.41 13.03
CA THR C 143 44.27 7.64 14.20
C THR C 143 43.69 6.24 14.23
N ASP C 144 42.80 5.91 13.32
CA ASP C 144 42.18 4.58 13.37
C ASP C 144 42.07 3.98 11.97
N LEU C 145 43.10 4.09 11.17
CA LEU C 145 43.08 3.51 9.84
C LEU C 145 43.34 2.00 9.91
N LYS C 146 42.56 1.24 9.16
CA LYS C 146 42.58 -0.22 9.04
C LYS C 146 42.00 -0.62 7.72
N PRO C 147 42.39 -1.79 7.21
CA PRO C 147 41.70 -2.35 6.02
C PRO C 147 40.21 -2.54 6.23
N GLU C 148 39.75 -2.66 7.48
CA GLU C 148 38.32 -2.89 7.71
C GLU C 148 37.46 -1.63 7.59
N ASN C 149 38.05 -0.44 7.69
CA ASN C 149 37.28 0.80 7.49
C ASN C 149 37.81 1.61 6.31
N ILE C 150 38.65 1.03 5.46
CA ILE C 150 38.93 1.58 4.14
C ILE C 150 38.07 0.79 3.14
N LEU C 151 37.10 1.46 2.54
CA LEU C 151 36.10 0.79 1.73
C LEU C 151 36.34 0.97 0.23
N MET C 152 36.02 -0.08 -0.52
CA MET C 152 35.90 0.04 -1.96
C MET C 152 34.72 0.94 -2.32
N GLU C 153 34.91 1.79 -3.32
CA GLU C 153 33.81 2.62 -3.80
C GLU C 153 32.66 1.76 -4.33
N SER C 154 32.98 0.69 -5.04
CA SER C 154 32.00 -0.21 -5.62
C SER C 154 32.41 -1.64 -5.35
N GLY C 155 31.41 -2.53 -5.30
CA GLY C 155 31.69 -3.94 -5.10
C GLY C 155 31.67 -4.77 -6.36
N ASP C 156 31.91 -4.16 -7.52
CA ASP C 156 31.86 -4.90 -8.77
C ASP C 156 33.20 -5.54 -9.08
N THR C 157 33.15 -6.69 -9.76
CA THR C 157 34.37 -7.47 -9.97
C THR C 157 34.44 -7.99 -11.41
N SER C 158 35.65 -8.06 -11.92
CA SER C 158 35.96 -8.58 -13.24
C SER C 158 36.85 -9.80 -13.09
N VAL C 159 37.04 -10.51 -14.20
CA VAL C 159 37.87 -11.70 -14.23
C VAL C 159 39.16 -11.32 -14.93
N ASP C 160 40.27 -11.56 -14.27
CA ASP C 160 41.55 -11.38 -14.92
C ASP C 160 41.65 -12.36 -16.07
N PRO C 161 41.81 -11.91 -17.31
CA PRO C 161 41.75 -12.84 -18.44
C PRO C 161 42.87 -13.88 -18.46
N MET C 162 44.06 -13.55 -17.95
CA MET C 162 45.15 -14.52 -17.96
C MET C 162 45.17 -15.38 -16.70
N THR C 163 44.98 -14.78 -15.53
CA THR C 163 45.01 -15.55 -14.28
C THR C 163 43.68 -16.15 -13.88
N HIS C 164 42.58 -15.64 -14.41
CA HIS C 164 41.22 -16.00 -14.00
C HIS C 164 40.92 -15.62 -12.54
N ARG C 165 41.81 -14.87 -11.90
CA ARG C 165 41.59 -14.41 -10.54
C ARG C 165 40.74 -13.14 -10.56
N ALA C 166 40.19 -12.78 -9.41
CA ALA C 166 39.27 -11.66 -9.35
C ALA C 166 40.02 -10.34 -9.39
N LEU C 167 39.52 -9.42 -10.19
CA LEU C 167 40.10 -8.09 -10.22
C LEU C 167 39.11 -7.08 -9.66
N PRO C 168 39.58 -6.10 -8.89
CA PRO C 168 38.69 -5.04 -8.44
C PRO C 168 38.39 -4.10 -9.59
N PRO C 169 37.49 -3.13 -9.42
CA PRO C 169 37.26 -2.15 -10.49
C PRO C 169 38.53 -1.42 -10.85
N GLU C 170 38.61 -0.97 -12.10
CA GLU C 170 39.77 -0.24 -12.60
C GLU C 170 39.34 1.16 -13.06
N PRO C 171 39.73 2.23 -12.36
CA PRO C 171 40.66 2.26 -11.23
C PRO C 171 40.01 1.78 -9.96
N CYS C 172 40.81 1.31 -8.99
CA CYS C 172 40.23 0.77 -7.74
C CYS C 172 40.04 1.92 -6.76
N ARG C 173 38.89 2.59 -6.89
CA ARG C 173 38.58 3.74 -6.04
C ARG C 173 38.22 3.28 -4.63
N VAL C 174 38.77 3.97 -3.63
CA VAL C 174 38.48 3.68 -2.23
C VAL C 174 38.01 4.95 -1.52
N ARG C 175 37.48 4.77 -0.31
CA ARG C 175 37.01 5.87 0.52
C ARG C 175 37.45 5.64 1.96
N ILE C 176 38.02 6.66 2.58
CA ILE C 176 38.36 6.59 4.00
C ILE C 176 37.11 6.94 4.80
N CYS C 177 36.69 6.02 5.67
CA CYS C 177 35.50 6.28 6.48
C CYS C 177 35.82 6.12 7.97
N ASP C 178 34.78 6.16 8.79
CA ASP C 178 34.88 6.00 10.26
C ASP C 178 35.77 7.11 10.82
N LEU C 179 35.19 8.31 10.85
CA LEU C 179 35.88 9.50 11.35
C LEU C 179 35.56 9.79 12.82
N GLY C 180 35.01 8.81 13.54
CA GLY C 180 34.61 9.07 14.92
C GLY C 180 35.77 9.32 15.86
N GLY C 181 36.92 8.69 15.60
CA GLY C 181 38.04 8.78 16.51
C GLY C 181 39.06 9.80 16.07
N CYS C 182 38.62 10.78 15.28
CA CYS C 182 39.53 11.78 14.78
C CYS C 182 40.01 12.69 15.89
N CYS C 183 41.29 13.04 15.86
CA CYS C 183 41.88 13.96 16.82
C CYS C 183 42.47 15.15 16.08
N ASP C 184 42.88 16.14 16.86
CA ASP C 184 43.51 17.34 16.34
C ASP C 184 44.74 17.60 17.21
N GLU C 185 45.39 18.73 16.96
CA GLU C 185 46.70 18.96 17.55
C GLU C 185 46.62 19.22 19.06
N ARG C 186 45.44 19.25 19.66
CA ARG C 186 45.27 19.37 21.09
C ARG C 186 44.58 18.15 21.67
N HIS C 187 44.92 16.95 21.19
CA HIS C 187 44.45 15.78 21.92
C HIS C 187 45.28 15.58 23.18
N SER C 188 44.74 14.78 24.10
CA SER C 188 45.50 14.33 25.26
C SER C 188 46.82 13.68 24.83
N ARG C 189 47.92 14.11 25.42
CA ARG C 189 49.14 13.63 24.83
C ARG C 189 49.47 12.18 25.25
N THR C 190 49.00 11.76 26.39
CA THR C 190 49.21 10.39 26.76
C THR C 190 48.05 9.52 26.32
N ALA C 191 47.18 10.04 25.45
CA ALA C 191 46.06 9.27 24.95
C ALA C 191 46.53 8.05 24.18
N ILE C 192 45.75 6.97 24.28
CA ILE C 192 45.99 5.75 23.52
C ILE C 192 44.95 5.72 22.41
N VAL C 193 45.41 5.75 21.16
CA VAL C 193 44.52 5.71 20.02
C VAL C 193 44.95 4.54 19.13
N SER C 194 44.13 4.26 18.12
CA SER C 194 44.36 3.25 17.09
C SER C 194 44.13 1.86 17.67
N THR C 195 43.58 0.96 16.85
CA THR C 195 43.59 -0.45 17.20
C THR C 195 45.03 -0.93 17.27
N ARG C 196 45.29 -1.85 18.20
CA ARG C 196 46.66 -2.19 18.57
C ARG C 196 47.47 -2.66 17.37
N HIS C 197 46.83 -3.37 16.44
CA HIS C 197 47.53 -3.88 15.26
C HIS C 197 48.23 -2.77 14.49
N TYR C 198 47.67 -1.56 14.49
CA TYR C 198 48.18 -0.46 13.66
C TYR C 198 48.67 0.71 14.50
N ARG C 199 48.89 0.50 15.80
CA ARG C 199 49.25 1.57 16.72
C ARG C 199 50.75 1.77 16.72
N SER C 200 51.18 3.01 16.52
CA SER C 200 52.60 3.34 16.46
C SER C 200 53.23 3.18 17.85
N PRO C 201 54.55 2.98 17.90
CA PRO C 201 55.22 2.86 19.21
C PRO C 201 55.15 4.14 20.03
N GLU C 202 55.20 5.31 19.38
CA GLU C 202 55.07 6.56 20.13
C GLU C 202 53.75 6.63 20.88
N VAL C 203 52.68 6.04 20.34
CA VAL C 203 51.41 6.01 21.06
C VAL C 203 51.47 4.99 22.18
N VAL C 204 52.00 3.79 21.88
CA VAL C 204 52.11 2.73 22.89
C VAL C 204 52.89 3.25 24.10
N LEU C 205 54.03 3.88 23.86
CA LEU C 205 54.86 4.37 24.93
C LEU C 205 54.59 5.84 25.25
N SER C 206 53.56 6.44 24.62
CA SER C 206 53.25 7.89 24.66
C SER C 206 54.52 8.74 24.77
N LEU C 207 55.31 8.64 23.70
CA LEU C 207 56.50 9.40 23.41
C LEU C 207 56.11 10.75 22.82
N GLY C 208 54.80 11.01 22.69
CA GLY C 208 54.30 12.12 21.91
C GLY C 208 54.01 11.67 20.50
N TRP C 209 52.80 11.93 19.98
CA TRP C 209 52.42 11.49 18.64
C TRP C 209 51.60 12.56 17.94
N MET C 210 51.62 12.55 16.62
CA MET C 210 50.78 13.53 15.93
C MET C 210 50.40 12.92 14.61
N TYR C 211 50.50 13.72 13.54
CA TYR C 211 50.03 13.26 12.24
C TYR C 211 50.75 12.00 11.79
N SER C 212 52.04 11.87 12.11
CA SER C 212 52.83 10.75 11.59
C SER C 212 52.34 9.39 12.07
N THR C 213 51.46 9.33 13.07
CA THR C 213 50.95 8.04 13.52
C THR C 213 49.97 7.45 12.51
N ASP C 214 49.32 8.29 11.70
CA ASP C 214 48.49 7.78 10.61
C ASP C 214 49.32 7.06 9.56
N LEU C 215 50.56 7.51 9.36
CA LEU C 215 51.42 6.89 8.35
C LEU C 215 52.04 5.60 8.85
N TRP C 216 52.23 5.48 10.17
CA TRP C 216 52.58 4.19 10.74
C TRP C 216 51.52 3.14 10.41
N SER C 217 50.25 3.49 10.66
CA SER C 217 49.18 2.54 10.37
C SER C 217 49.12 2.23 8.88
N MET C 218 49.39 3.23 8.04
CA MET C 218 49.45 3.00 6.60
C MET C 218 50.56 2.03 6.24
N GLY C 219 51.68 2.07 6.96
CA GLY C 219 52.73 1.09 6.73
C GLY C 219 52.24 -0.33 6.97
N CYS C 220 51.54 -0.54 8.10
CA CYS C 220 51.05 -1.87 8.41
C CYS C 220 49.87 -2.27 7.53
N ILE C 221 49.09 -1.29 7.07
CA ILE C 221 47.98 -1.60 6.17
C ILE C 221 48.53 -2.06 4.82
N ILE C 222 49.55 -1.37 4.31
CA ILE C 222 50.12 -1.74 3.02
C ILE C 222 50.80 -3.10 3.10
N TYR C 223 51.49 -3.39 4.20
CA TYR C 223 52.04 -4.73 4.43
C TYR C 223 50.95 -5.79 4.32
N GLU C 224 49.81 -5.52 4.96
CA GLU C 224 48.72 -6.50 4.99
C GLU C 224 48.05 -6.63 3.64
N LEU C 225 47.92 -5.53 2.89
CA LEU C 225 47.31 -5.60 1.58
C LEU C 225 48.16 -6.38 0.58
N TYR C 226 49.48 -6.40 0.78
CA TYR C 226 50.38 -7.07 -0.15
C TYR C 226 50.69 -8.51 0.24
N THR C 227 50.73 -8.81 1.54
CA THR C 227 51.01 -10.18 1.98
C THR C 227 49.76 -10.94 2.41
N GLY C 228 48.68 -10.25 2.75
CA GLY C 228 47.49 -10.91 3.26
C GLY C 228 47.57 -11.28 4.72
N LYS C 229 48.61 -10.87 5.43
CA LYS C 229 48.83 -11.23 6.83
C LYS C 229 48.97 -9.97 7.67
N LEU C 230 48.54 -10.06 8.93
CA LEU C 230 48.79 -8.97 9.86
C LEU C 230 50.29 -8.82 10.11
N LEU C 231 50.75 -7.58 10.10
CA LEU C 231 52.16 -7.34 10.43
C LEU C 231 52.40 -7.51 11.93
N TYR C 232 51.43 -7.09 12.74
CA TYR C 232 51.52 -7.19 14.20
C TYR C 232 50.20 -7.78 14.69
N ASP C 233 50.15 -9.11 14.76
CA ASP C 233 48.99 -9.82 15.30
C ASP C 233 49.27 -10.14 16.76
N THR C 234 49.04 -9.15 17.61
CA THR C 234 49.39 -9.24 19.02
C THR C 234 48.39 -8.41 19.81
N HIS C 235 48.18 -8.81 21.05
CA HIS C 235 47.33 -8.04 21.97
C HIS C 235 48.11 -7.60 23.21
N ASP C 236 49.44 -7.62 23.15
CA ASP C 236 50.30 -7.38 24.30
C ASP C 236 51.37 -6.36 23.94
N ASN C 237 51.53 -5.35 24.81
CA ASN C 237 52.52 -4.29 24.57
C ASN C 237 53.93 -4.86 24.45
N LEU C 238 54.30 -5.73 25.40
CA LEU C 238 55.68 -6.21 25.44
C LEU C 238 55.98 -7.12 24.26
N GLU C 239 54.99 -7.90 23.83
CA GLU C 239 55.17 -8.69 22.62
C GLU C 239 55.17 -7.80 21.38
N HIS C 240 54.30 -6.79 21.36
CA HIS C 240 54.24 -5.88 20.22
C HIS C 240 55.58 -5.22 19.96
N LEU C 241 56.21 -4.69 21.01
CA LEU C 241 57.47 -3.98 20.84
C LEU C 241 58.60 -4.93 20.42
N HIS C 242 58.59 -6.15 20.95
CA HIS C 242 59.56 -7.15 20.50
C HIS C 242 59.32 -7.52 19.05
N LEU C 243 58.05 -7.57 18.63
CA LEU C 243 57.74 -7.83 17.23
C LEU C 243 58.25 -6.70 16.34
N MET C 244 58.12 -5.46 16.82
CA MET C 244 58.69 -4.32 16.11
C MET C 244 60.20 -4.45 15.98
N GLU C 245 60.86 -4.88 17.05
CA GLU C 245 62.32 -5.07 17.01
C GLU C 245 62.69 -6.16 16.01
N LYS C 246 61.89 -7.23 15.95
CA LYS C 246 62.23 -8.32 15.06
C LYS C 246 61.82 -8.02 13.62
N THR C 247 60.80 -7.20 13.41
CA THR C 247 60.40 -6.87 12.04
C THR C 247 61.19 -5.68 11.49
N LEU C 248 61.62 -4.75 12.34
CA LEU C 248 62.19 -3.51 11.86
C LEU C 248 63.59 -3.20 12.40
N GLY C 249 63.96 -3.68 13.57
CA GLY C 249 65.22 -3.33 14.19
C GLY C 249 65.05 -2.76 15.58
N ARG C 250 66.19 -2.61 16.27
CA ARG C 250 66.15 -2.23 17.68
C ARG C 250 65.44 -0.91 17.88
N LEU C 251 64.79 -0.79 19.03
CA LEU C 251 64.21 0.49 19.39
C LEU C 251 65.32 1.47 19.74
N PRO C 252 65.11 2.76 19.50
CA PRO C 252 66.13 3.76 19.84
C PRO C 252 66.48 3.73 21.33
N ALA C 253 67.76 3.97 21.63
CA ALA C 253 68.24 3.85 22.99
C ALA C 253 67.60 4.88 23.94
N ASP C 254 67.26 6.11 23.47
CA ASP C 254 66.54 7.00 24.39
C ASP C 254 65.04 6.73 24.56
N TRP C 255 64.46 5.70 23.96
CA TRP C 255 63.03 5.55 24.13
C TRP C 255 62.68 5.27 25.59
N SER C 256 63.54 4.56 26.32
CA SER C 256 63.18 4.17 27.69
C SER C 256 63.13 5.34 28.68
N VAL C 257 63.84 6.43 28.42
CA VAL C 257 63.75 7.57 29.32
C VAL C 257 62.67 8.56 28.88
N ARG C 258 62.21 8.46 27.62
CA ARG C 258 61.26 9.41 27.09
C ARG C 258 59.84 8.88 27.17
N CYS C 259 59.62 7.81 27.93
CA CYS C 259 58.32 7.20 28.04
C CYS C 259 57.38 8.21 28.68
N GLY C 260 56.11 8.13 28.28
CA GLY C 260 55.17 9.18 28.64
C GLY C 260 54.28 8.79 29.81
N THR C 261 54.22 7.51 30.13
CA THR C 261 53.43 6.97 31.24
C THR C 261 54.29 5.98 32.03
N GLN C 262 53.91 5.79 33.30
CA GLN C 262 54.55 4.85 34.21
C GLN C 262 54.55 3.49 33.52
N GLU C 263 53.36 3.15 33.00
CA GLU C 263 53.07 1.86 32.37
C GLU C 263 54.04 1.57 31.22
N ALA C 264 54.32 2.60 30.41
CA ALA C 264 55.22 2.42 29.30
C ALA C 264 56.64 2.20 29.80
N ARG C 265 57.04 2.98 30.82
CA ARG C 265 58.35 2.83 31.45
C ARG C 265 58.56 1.44 32.03
N ASP C 266 57.51 0.80 32.52
CA ASP C 266 57.67 -0.51 33.13
C ASP C 266 57.93 -1.61 32.12
N LEU C 267 57.86 -1.29 30.82
CA LEU C 267 58.25 -2.25 29.78
C LEU C 267 59.75 -2.29 29.53
N PHE C 268 60.53 -1.44 30.21
CA PHE C 268 61.97 -1.42 30.07
C PHE C 268 62.64 -1.74 31.41
N THR C 269 63.89 -2.23 31.32
CA THR C 269 64.74 -2.43 32.48
C THR C 269 65.10 -1.09 33.12
N ALA C 270 65.71 -1.17 34.31
CA ALA C 270 66.37 -0.02 34.92
C ALA C 270 67.50 0.49 34.03
N ALA C 271 68.17 -0.39 33.31
CA ALA C 271 69.21 0.04 32.38
C ALA C 271 68.63 0.81 31.20
N GLY C 272 67.59 0.27 30.57
CA GLY C 272 66.97 0.93 29.45
C GLY C 272 66.70 -0.01 28.30
N THR C 273 66.83 -1.31 28.56
CA THR C 273 66.57 -2.35 27.57
C THR C 273 65.15 -2.87 27.71
N LEU C 274 64.64 -3.47 26.64
CA LEU C 274 63.27 -3.94 26.65
C LEU C 274 63.17 -5.17 27.56
N GLN C 275 62.05 -5.27 28.28
CA GLN C 275 61.86 -6.42 29.13
C GLN C 275 61.63 -7.66 28.28
N PRO C 276 62.18 -8.80 28.67
CA PRO C 276 61.92 -10.04 27.93
C PRO C 276 60.50 -10.54 28.22
N CYS C 277 59.95 -11.26 27.23
CA CYS C 277 58.66 -11.92 27.42
C CYS C 277 58.87 -13.30 28.03
N LYS C 278 57.91 -13.74 28.84
CA LYS C 278 57.98 -15.06 29.43
C LYS C 278 56.78 -15.94 29.17
N ASP C 279 55.75 -15.44 28.45
CA ASP C 279 54.65 -16.33 28.10
C ASP C 279 54.94 -17.05 26.78
N PRO C 280 54.85 -18.38 26.77
CA PRO C 280 55.26 -19.13 25.58
C PRO C 280 54.43 -18.81 24.34
N LYS C 281 53.29 -18.12 24.49
CA LYS C 281 52.52 -17.73 23.32
C LYS C 281 53.21 -16.64 22.55
N HIS C 282 54.05 -15.87 23.23
CA HIS C 282 54.77 -14.77 22.63
C HIS C 282 56.21 -15.10 22.17
N ILE C 283 56.93 -16.07 22.78
CA ILE C 283 58.25 -16.46 22.22
C ILE C 283 58.07 -16.97 20.82
N ALA C 284 57.00 -17.75 20.58
CA ALA C 284 56.82 -18.39 19.28
C ALA C 284 56.54 -17.38 18.20
N ARG C 285 55.66 -16.41 18.47
CA ARG C 285 55.34 -15.41 17.46
C ARG C 285 56.54 -14.50 17.23
N ILE C 286 57.28 -14.20 18.30
CA ILE C 286 58.54 -13.47 18.16
C ILE C 286 59.55 -14.31 17.39
N ALA C 287 59.50 -15.64 17.54
CA ALA C 287 60.38 -16.50 16.75
C ALA C 287 60.02 -16.50 15.25
N ARG C 288 58.72 -16.45 14.84
CA ARG C 288 58.45 -16.50 13.39
C ARG C 288 58.31 -15.20 12.64
N ALA C 289 58.11 -14.08 13.29
CA ALA C 289 57.99 -12.91 12.48
C ALA C 289 59.34 -12.71 11.81
N ARG C 290 59.29 -12.34 10.54
CA ARG C 290 60.52 -12.20 9.81
C ARG C 290 60.67 -10.77 9.34
N PRO C 291 61.89 -10.31 9.10
CA PRO C 291 62.11 -8.90 8.79
C PRO C 291 61.32 -8.46 7.55
N VAL C 292 60.77 -7.24 7.63
CA VAL C 292 60.03 -6.66 6.50
C VAL C 292 60.87 -6.68 5.22
N ARG C 293 62.16 -6.31 5.34
CA ARG C 293 63.17 -6.38 4.26
C ARG C 293 63.11 -7.74 3.56
N GLU C 294 62.79 -8.81 4.32
CA GLU C 294 62.72 -10.15 3.75
C GLU C 294 61.36 -10.54 3.26
N VAL C 295 60.29 -9.92 3.75
CA VAL C 295 59.02 -10.37 3.24
C VAL C 295 58.64 -9.60 1.99
N ILE C 296 58.98 -8.32 1.94
CA ILE C 296 58.65 -7.47 0.81
C ILE C 296 59.74 -7.61 -0.25
N THR C 297 59.47 -8.42 -1.27
CA THR C 297 60.43 -8.65 -2.34
C THR C 297 60.57 -7.46 -3.28
N GLU C 298 59.51 -6.71 -3.49
CA GLU C 298 59.55 -5.56 -4.39
C GLU C 298 60.36 -4.44 -3.76
N PRO C 299 61.47 -4.01 -4.37
CA PRO C 299 62.37 -3.08 -3.67
C PRO C 299 61.75 -1.72 -3.40
N LEU C 300 60.92 -1.21 -4.31
CA LEU C 300 60.29 0.09 -4.10
C LEU C 300 59.21 0.01 -3.03
N LEU C 301 58.42 -1.06 -3.03
CA LEU C 301 57.42 -1.23 -1.98
C LEU C 301 58.08 -1.40 -0.62
N CYS C 302 59.22 -2.07 -0.61
CA CYS C 302 59.99 -2.25 0.62
C CYS C 302 60.42 -0.90 1.20
N ASP C 303 60.97 -0.02 0.36
CA ASP C 303 61.35 1.31 0.83
C ASP C 303 60.13 2.08 1.35
N LEU C 304 58.99 1.92 0.67
CA LEU C 304 57.77 2.58 1.10
C LEU C 304 57.34 2.09 2.48
N ILE C 305 57.26 0.77 2.66
CA ILE C 305 56.79 0.23 3.93
C ILE C 305 57.78 0.55 5.05
N LEU C 306 59.07 0.36 4.80
CA LEU C 306 60.07 0.54 5.85
C LEU C 306 60.17 2.01 6.27
N ASN C 307 60.04 2.93 5.33
CA ASN C 307 60.06 4.35 5.68
C ASN C 307 58.70 4.86 6.12
N LEU C 308 57.63 4.08 5.95
CA LEU C 308 56.40 4.36 6.66
C LEU C 308 56.46 3.89 8.11
N LEU C 309 57.25 2.86 8.39
CA LEU C 309 57.42 2.33 9.74
C LEU C 309 58.67 2.86 10.41
N HIS C 310 59.13 4.04 10.00
CA HIS C 310 60.31 4.65 10.60
C HIS C 310 60.03 4.99 12.05
N TYR C 311 60.98 4.62 12.93
CA TYR C 311 60.81 4.93 14.35
C TYR C 311 60.87 6.43 14.60
N ASP C 312 61.60 7.17 13.77
CA ASP C 312 61.68 8.62 13.89
C ASP C 312 60.47 9.25 13.20
N ARG C 313 59.69 10.01 13.96
CA ARG C 313 58.44 10.57 13.44
C ARG C 313 58.68 11.66 12.41
N GLN C 314 59.85 12.26 12.40
CA GLN C 314 60.12 13.31 11.41
C GLN C 314 60.75 12.76 10.15
N ARG C 315 61.45 11.63 10.22
CA ARG C 315 61.84 11.08 8.92
C ARG C 315 60.88 10.04 8.39
N ARG C 316 59.96 9.60 9.22
CA ARG C 316 58.88 8.78 8.69
C ARG C 316 58.19 9.55 7.57
N LEU C 317 57.88 8.85 6.49
CA LEU C 317 57.25 9.49 5.35
C LEU C 317 55.92 10.11 5.75
N ASN C 318 55.61 11.26 5.16
CA ASN C 318 54.28 11.84 5.33
C ASN C 318 53.39 11.37 4.19
N ALA C 319 52.10 11.72 4.30
CA ALA C 319 51.13 11.25 3.32
C ALA C 319 51.47 11.74 1.92
N ARG C 320 51.94 12.98 1.79
CA ARG C 320 52.27 13.51 0.48
C ARG C 320 53.39 12.72 -0.18
N GLN C 321 54.42 12.37 0.60
CA GLN C 321 55.49 11.54 0.06
C GLN C 321 54.99 10.14 -0.25
N MET C 322 54.03 9.64 0.54
CA MET C 322 53.46 8.32 0.29
C MET C 322 52.79 8.25 -1.07
N MET C 323 51.90 9.20 -1.35
CA MET C 323 51.24 9.23 -2.66
C MET C 323 52.21 9.58 -3.79
N SER C 324 53.36 10.18 -3.48
CA SER C 324 54.34 10.53 -4.48
C SER C 324 55.52 9.58 -4.51
N HIS C 325 55.41 8.42 -3.86
CA HIS C 325 56.52 7.49 -3.78
C HIS C 325 56.80 6.84 -5.13
N ALA C 326 58.06 6.42 -5.32
CA ALA C 326 58.46 5.79 -6.58
C ALA C 326 57.66 4.53 -6.88
N TYR C 327 57.20 3.82 -5.83
CA TYR C 327 56.37 2.64 -6.05
C TYR C 327 55.08 3.01 -6.77
N VAL C 328 54.44 4.09 -6.34
CA VAL C 328 53.19 4.52 -6.97
C VAL C 328 53.46 4.95 -8.41
N HIS C 329 54.59 5.60 -8.65
CA HIS C 329 54.91 6.07 -10.00
C HIS C 329 55.27 4.92 -10.94
N LYS C 330 55.83 3.83 -10.42
CA LYS C 330 56.21 2.73 -11.30
C LYS C 330 55.00 1.90 -11.72
N TYR C 331 54.17 1.50 -10.76
CA TYR C 331 53.08 0.58 -11.03
C TYR C 331 51.74 1.28 -11.25
N PHE C 332 51.64 2.56 -10.91
CA PHE C 332 50.48 3.39 -11.28
C PHE C 332 50.99 4.64 -11.98
N PRO C 333 51.62 4.48 -13.15
CA PRO C 333 52.22 5.65 -13.83
C PRO C 333 51.21 6.71 -14.20
N GLU C 334 49.94 6.34 -14.40
CA GLU C 334 48.93 7.31 -14.76
C GLU C 334 48.52 8.20 -13.59
N CYS C 335 49.00 7.94 -12.37
CA CYS C 335 48.90 8.92 -11.29
C CYS C 335 49.40 10.30 -11.73
N ARG C 336 50.39 10.36 -12.64
CA ARG C 336 50.99 11.63 -13.07
C ARG C 336 50.00 12.49 -13.84
N GLN C 337 48.95 11.90 -14.40
CA GLN C 337 47.90 12.64 -15.08
C GLN C 337 46.65 12.82 -14.23
N HIS C 338 46.65 12.37 -12.99
CA HIS C 338 45.50 12.54 -12.12
C HIS C 338 45.47 13.96 -11.56
N PRO C 339 44.28 14.57 -11.45
CA PRO C 339 44.21 15.95 -10.94
C PRO C 339 44.71 16.12 -9.52
N ASN C 340 44.86 15.04 -8.76
CA ASN C 340 45.36 15.13 -7.39
C ASN C 340 46.86 14.94 -7.28
N HIS C 341 47.53 14.55 -8.37
CA HIS C 341 48.98 14.42 -8.36
C HIS C 341 49.63 15.74 -8.00
N VAL C 342 50.72 15.65 -7.21
CA VAL C 342 51.35 16.84 -6.64
C VAL C 342 51.83 17.79 -7.72
N ASP C 343 52.28 17.27 -8.86
CA ASP C 343 52.76 18.13 -9.93
C ASP C 343 51.64 18.74 -10.74
N ASN C 344 50.39 18.38 -10.47
CA ASN C 344 49.24 18.97 -11.12
C ASN C 344 48.48 19.94 -10.24
N ARG C 345 49.03 20.29 -9.08
CA ARG C 345 48.34 21.20 -8.17
C ARG C 345 49.14 22.48 -7.95
N SER C 346 48.46 23.47 -7.38
CA SER C 346 49.06 24.69 -6.88
C SER C 346 49.96 24.38 -5.70
N LYS C 347 50.59 25.41 -5.17
CA LYS C 347 51.48 25.18 -4.05
C LYS C 347 50.67 24.75 -2.84
N LEU C 348 51.09 23.67 -2.22
CA LEU C 348 50.31 23.10 -1.13
C LEU C 348 50.77 23.64 0.22
N PRO C 349 49.92 23.57 1.24
CA PRO C 349 50.39 23.88 2.61
C PRO C 349 51.53 22.96 3.00
N PRO C 350 52.37 23.37 3.94
CA PRO C 350 53.50 22.51 4.31
C PRO C 350 53.04 21.19 4.89
N THR C 351 53.80 20.13 4.61
CA THR C 351 53.51 18.85 5.21
C THR C 351 53.75 18.95 6.71
N PRO C 352 53.08 18.10 7.50
CA PRO C 352 53.29 18.19 8.95
C PRO C 352 54.74 17.88 9.29
N VAL C 353 55.21 18.52 10.36
CA VAL C 353 56.45 18.12 11.01
C VAL C 353 56.04 17.16 12.11
N MET C 354 56.44 15.89 11.97
CA MET C 354 56.05 14.79 12.86
C MET C 354 54.54 14.67 13.11
N GLY D 16 48.50 -28.26 -10.06
CA GLY D 16 48.64 -28.98 -11.31
C GLY D 16 47.52 -28.68 -12.29
N ARG D 17 46.34 -29.24 -12.01
CA ARG D 17 45.18 -29.01 -12.85
C ARG D 17 44.23 -27.96 -12.29
N PHE D 18 44.13 -27.83 -10.97
CA PHE D 18 43.18 -26.92 -10.36
C PHE D 18 43.95 -25.75 -9.78
N LYS D 19 43.64 -24.56 -10.27
CA LYS D 19 44.24 -23.31 -9.85
C LYS D 19 43.27 -22.64 -8.90
N ILE D 20 43.68 -22.43 -7.66
CA ILE D 20 42.80 -21.83 -6.67
C ILE D 20 42.74 -20.33 -6.91
N LEU D 21 41.53 -19.78 -7.02
CA LEU D 21 41.33 -18.37 -7.27
C LEU D 21 40.78 -17.62 -6.07
N SER D 22 39.61 -18.00 -5.54
CA SER D 22 39.04 -17.28 -4.43
C SER D 22 38.65 -18.24 -3.31
N LEU D 23 38.50 -17.68 -2.11
CA LEU D 23 37.98 -18.39 -0.95
C LEU D 23 36.49 -18.09 -0.80
N LEU D 24 35.67 -19.13 -0.87
CA LEU D 24 34.22 -18.97 -0.78
C LEU D 24 33.70 -19.17 0.64
N GLY D 25 34.33 -20.03 1.44
CA GLY D 25 33.86 -20.27 2.79
C GLY D 25 34.85 -21.12 3.57
N GLU D 26 34.67 -21.14 4.88
CA GLU D 26 35.62 -21.74 5.80
C GLU D 26 34.83 -22.37 6.96
N GLY D 27 35.33 -23.49 7.46
CA GLY D 27 34.75 -24.09 8.65
C GLY D 27 35.58 -25.23 9.17
N THR D 28 34.98 -25.96 10.14
CA THR D 28 35.52 -27.23 10.64
C THR D 28 35.84 -28.23 9.52
N PHE D 29 34.93 -28.46 8.59
CA PHE D 29 35.15 -29.44 7.54
C PHE D 29 36.45 -29.18 6.80
N GLY D 30 36.75 -27.90 6.53
CA GLY D 30 37.86 -27.51 5.68
C GLY D 30 37.53 -26.22 4.96
N LYS D 31 37.75 -26.18 3.65
CA LYS D 31 37.48 -24.97 2.87
C LYS D 31 36.78 -25.32 1.55
N VAL D 32 35.97 -24.38 1.08
CA VAL D 32 35.43 -24.39 -0.28
C VAL D 32 36.05 -23.23 -1.02
N VAL D 33 36.75 -23.51 -2.11
CA VAL D 33 37.41 -22.48 -2.89
C VAL D 33 36.83 -22.48 -4.30
N GLU D 34 36.79 -21.30 -4.91
CA GLU D 34 36.55 -21.20 -6.33
C GLU D 34 37.87 -21.47 -7.05
N ALA D 35 37.85 -22.35 -8.02
CA ALA D 35 39.07 -22.76 -8.71
C ALA D 35 38.86 -22.74 -10.21
N TRP D 36 39.98 -22.63 -10.92
CA TRP D 36 40.01 -22.70 -12.37
C TRP D 36 40.53 -24.07 -12.80
N ASP D 37 39.72 -24.79 -13.57
CA ASP D 37 40.06 -26.08 -14.14
C ASP D 37 40.84 -25.91 -15.43
N ARG D 38 42.12 -26.27 -15.44
CA ARG D 38 42.90 -26.00 -16.64
C ARG D 38 42.49 -26.92 -17.78
N LYS D 39 41.86 -28.01 -17.45
CA LYS D 39 41.76 -29.11 -18.36
C LYS D 39 40.41 -29.14 -19.05
N ARG D 40 39.48 -28.42 -18.46
CA ARG D 40 38.14 -28.19 -18.95
C ARG D 40 37.93 -26.72 -19.19
N LYS D 41 38.81 -25.87 -18.68
CA LYS D 41 38.73 -24.45 -18.93
C LYS D 41 37.42 -23.92 -18.38
N GLU D 42 37.19 -24.24 -17.13
CA GLU D 42 35.95 -23.71 -16.65
C GLU D 42 36.12 -23.47 -15.15
N TYR D 43 35.22 -22.68 -14.54
CA TYR D 43 35.26 -22.39 -13.10
C TYR D 43 34.48 -23.43 -12.28
N CYS D 44 34.99 -23.68 -11.08
CA CYS D 44 34.41 -24.69 -10.22
C CYS D 44 34.61 -24.31 -8.75
N ALA D 45 33.85 -24.99 -7.89
CA ALA D 45 34.07 -24.95 -6.47
C ALA D 45 34.73 -26.26 -6.04
N VAL D 46 35.75 -26.15 -5.19
CA VAL D 46 36.50 -27.30 -4.71
C VAL D 46 36.41 -27.31 -3.19
N LYS D 47 35.88 -28.40 -2.64
CA LYS D 47 35.82 -28.58 -1.20
C LYS D 47 37.10 -29.26 -0.77
N ILE D 48 37.94 -28.54 -0.02
CA ILE D 48 39.21 -29.06 0.45
C ILE D 48 38.99 -29.47 1.90
N VAL D 49 38.86 -30.77 2.12
CA VAL D 49 38.58 -31.30 3.45
C VAL D 49 39.87 -31.40 4.25
N ARG D 50 39.78 -31.11 5.55
CA ARG D 50 40.91 -31.11 6.45
C ARG D 50 41.57 -32.48 6.42
N ASN D 51 42.87 -32.49 6.54
CA ASN D 51 43.60 -33.67 6.19
C ASN D 51 43.79 -34.47 7.49
N VAL D 52 42.67 -34.95 8.02
CA VAL D 52 42.61 -35.62 9.31
C VAL D 52 41.92 -36.98 9.13
N PRO D 53 42.32 -38.03 9.88
CA PRO D 53 41.77 -39.37 9.61
C PRO D 53 40.24 -39.43 9.65
N LYS D 54 39.55 -38.72 10.57
CA LYS D 54 38.10 -38.76 10.46
C LYS D 54 37.55 -37.86 9.38
N TYR D 55 38.26 -36.82 9.00
CA TYR D 55 37.66 -36.01 7.97
C TYR D 55 37.83 -36.65 6.60
N THR D 56 38.98 -37.30 6.36
CA THR D 56 39.21 -37.90 5.05
C THR D 56 38.30 -39.08 4.77
N ARG D 57 37.97 -39.90 5.78
CA ARG D 57 37.09 -41.01 5.45
C ARG D 57 35.63 -40.57 5.50
N ASP D 58 35.30 -39.55 6.30
CA ASP D 58 33.96 -39.00 6.18
C ASP D 58 33.82 -38.20 4.89
N ALA D 59 34.93 -37.73 4.33
CA ALA D 59 34.92 -37.20 2.98
C ALA D 59 34.81 -38.31 1.94
N LYS D 60 35.55 -39.41 2.16
CA LYS D 60 35.45 -40.55 1.26
C LYS D 60 34.07 -41.19 1.32
N ILE D 61 33.44 -41.20 2.49
CA ILE D 61 32.05 -41.65 2.60
C ILE D 61 31.13 -40.66 1.91
N GLU D 62 31.35 -39.37 2.17
CA GLU D 62 30.58 -38.32 1.51
C GLU D 62 30.62 -38.45 -0.01
N ILE D 63 31.81 -38.75 -0.54
CA ILE D 63 31.98 -38.86 -1.99
C ILE D 63 31.13 -40.00 -2.56
N GLN D 64 31.12 -41.14 -1.87
CA GLN D 64 30.40 -42.30 -2.36
C GLN D 64 28.91 -42.05 -2.41
N PHE D 65 28.37 -41.31 -1.46
CA PHE D 65 26.96 -40.92 -1.59
C PHE D 65 26.74 -39.97 -2.77
N MET D 66 27.75 -39.16 -3.12
CA MET D 66 27.57 -38.18 -4.20
C MET D 66 27.65 -38.83 -5.58
N GLU D 67 28.51 -39.83 -5.71
CA GLU D 67 28.69 -40.63 -6.91
C GLU D 67 27.47 -41.50 -7.19
N ARG D 68 26.68 -41.89 -6.18
CA ARG D 68 25.41 -42.59 -6.40
C ARG D 68 24.27 -41.67 -6.85
N VAL D 69 24.24 -40.43 -6.35
CA VAL D 69 23.26 -39.45 -6.83
C VAL D 69 23.54 -39.12 -8.28
N ARG D 70 24.80 -38.84 -8.62
CA ARG D 70 25.04 -38.43 -9.99
C ARG D 70 24.77 -39.55 -11.01
N LEU D 71 25.23 -40.74 -10.73
CA LEU D 71 25.09 -41.80 -11.71
C LEU D 71 23.63 -42.14 -11.88
N SER D 72 22.80 -41.89 -10.87
CA SER D 72 21.38 -42.20 -10.96
C SER D 72 20.59 -41.09 -11.64
N ASP D 73 20.76 -39.85 -11.21
CA ASP D 73 20.10 -38.70 -11.83
C ASP D 73 21.02 -38.03 -12.86
N VAL D 74 21.20 -38.67 -14.02
CA VAL D 74 22.28 -38.25 -14.91
C VAL D 74 21.97 -36.93 -15.61
N GLU D 75 20.68 -36.56 -15.69
CA GLU D 75 20.19 -35.39 -16.40
C GLU D 75 19.65 -34.33 -15.44
N ASP D 76 20.23 -34.30 -14.23
CA ASP D 76 20.06 -33.25 -13.23
C ASP D 76 18.59 -32.90 -13.03
N ARG D 77 17.78 -33.93 -12.75
CA ARG D 77 16.35 -33.72 -12.59
C ARG D 77 15.98 -33.15 -11.22
N PHE D 78 16.80 -33.39 -10.22
CA PHE D 78 16.53 -32.96 -8.87
C PHE D 78 17.63 -32.05 -8.33
N PRO D 79 17.28 -31.05 -7.51
CA PRO D 79 18.24 -30.07 -7.00
C PRO D 79 19.11 -30.59 -5.85
N LEU D 80 19.72 -31.76 -6.07
CA LEU D 80 20.76 -32.30 -5.20
C LEU D 80 22.14 -31.97 -5.73
N MET D 81 23.11 -31.93 -4.82
CA MET D 81 24.47 -31.62 -5.21
C MET D 81 24.99 -32.70 -6.15
N LYS D 82 25.78 -32.29 -7.15
CA LYS D 82 26.27 -33.20 -8.19
C LYS D 82 27.79 -33.05 -8.32
N ILE D 83 28.52 -34.02 -7.76
CA ILE D 83 29.97 -34.04 -7.85
C ILE D 83 30.42 -34.09 -9.31
N GLN D 84 31.56 -33.46 -9.59
CA GLN D 84 32.14 -33.53 -10.93
C GLN D 84 33.23 -34.58 -10.98
N ARG D 85 34.17 -34.51 -10.05
CA ARG D 85 35.23 -35.48 -9.84
C ARG D 85 35.83 -35.18 -8.46
N TYR D 86 36.73 -36.05 -8.02
CA TYR D 86 37.38 -35.90 -6.73
C TYR D 86 38.77 -36.51 -6.79
N PHE D 87 39.60 -36.12 -5.83
CA PHE D 87 40.93 -36.70 -5.71
C PHE D 87 41.44 -36.47 -4.30
N GLN D 88 42.50 -37.18 -3.94
CA GLN D 88 43.22 -36.97 -2.69
C GLN D 88 44.46 -36.15 -3.04
N ASN D 89 44.61 -35.00 -2.39
CA ASN D 89 45.71 -34.12 -2.75
C ASN D 89 47.05 -34.76 -2.42
N GLU D 90 48.11 -34.14 -2.98
CA GLU D 90 49.46 -34.61 -2.72
C GLU D 90 49.93 -34.25 -1.32
N THR D 91 49.16 -33.45 -0.60
CA THR D 91 49.36 -33.26 0.81
C THR D 91 48.37 -34.05 1.64
N GLY D 92 47.57 -34.91 1.01
CA GLY D 92 46.63 -35.78 1.68
C GLY D 92 45.23 -35.24 1.90
N HIS D 93 44.98 -33.96 1.61
CA HIS D 93 43.64 -33.42 1.75
C HIS D 93 42.71 -34.04 0.72
N MET D 94 41.55 -34.52 1.17
CA MET D 94 40.52 -34.90 0.22
C MET D 94 39.96 -33.64 -0.44
N CYS D 95 39.86 -33.66 -1.77
CA CYS D 95 39.41 -32.49 -2.52
C CYS D 95 38.27 -32.92 -3.43
N ILE D 96 37.10 -32.31 -3.24
CA ILE D 96 35.90 -32.65 -3.99
C ILE D 96 35.58 -31.51 -4.93
N VAL D 97 35.62 -31.79 -6.23
CA VAL D 97 35.37 -30.79 -7.26
C VAL D 97 33.90 -30.83 -7.64
N MET D 98 33.26 -29.66 -7.66
CA MET D 98 31.84 -29.53 -7.90
C MET D 98 31.57 -28.27 -8.71
N PRO D 99 30.37 -28.05 -9.23
CA PRO D 99 30.06 -26.76 -9.85
C PRO D 99 30.07 -25.66 -8.79
N LYS D 100 30.18 -24.43 -9.27
CA LYS D 100 30.13 -23.27 -8.38
C LYS D 100 28.67 -22.86 -8.21
N TYR D 101 28.16 -22.99 -7.00
CA TYR D 101 26.82 -22.55 -6.69
C TYR D 101 26.90 -21.22 -5.97
N GLY D 102 25.83 -20.80 -5.32
CA GLY D 102 25.81 -19.56 -4.60
C GLY D 102 25.90 -19.78 -3.11
N PRO D 103 25.54 -18.76 -2.32
CA PRO D 103 25.58 -18.90 -0.87
C PRO D 103 24.37 -19.68 -0.38
N CYS D 104 24.51 -20.21 0.83
CA CYS D 104 23.44 -20.95 1.48
C CYS D 104 22.22 -20.05 1.73
N LEU D 105 21.09 -20.70 1.99
CA LEU D 105 19.88 -19.98 2.39
C LEU D 105 20.09 -19.14 3.64
N LEU D 106 20.92 -19.61 4.57
CA LEU D 106 21.16 -18.84 5.79
C LEU D 106 21.72 -17.46 5.48
N ASP D 107 22.67 -17.37 4.55
CA ASP D 107 23.26 -16.09 4.19
C ASP D 107 22.23 -15.11 3.64
N TRP D 108 21.26 -15.61 2.87
CA TRP D 108 20.29 -14.70 2.27
C TRP D 108 19.37 -14.08 3.31
N ILE D 109 18.77 -14.90 4.19
CA ILE D 109 17.82 -14.38 5.16
C ILE D 109 18.50 -13.46 6.15
N MET D 110 19.79 -13.67 6.44
CA MET D 110 20.48 -12.80 7.37
C MET D 110 20.78 -11.44 6.76
N LYS D 111 20.92 -11.37 5.43
CA LYS D 111 21.17 -10.10 4.76
C LYS D 111 19.89 -9.42 4.28
N HIS D 112 18.95 -10.16 3.69
CA HIS D 112 17.78 -9.58 3.06
C HIS D 112 16.47 -9.87 3.79
N GLY D 113 16.50 -10.67 4.85
CA GLY D 113 15.29 -11.03 5.56
C GLY D 113 14.61 -12.25 4.97
N PRO D 114 13.41 -12.57 5.47
CA PRO D 114 12.72 -13.79 5.03
C PRO D 114 12.28 -13.69 3.57
N PHE D 115 12.09 -14.87 2.97
CA PHE D 115 11.57 -14.94 1.62
C PHE D 115 10.09 -14.63 1.60
N ASN D 116 9.62 -14.12 0.47
CA ASN D 116 8.19 -13.97 0.29
C ASN D 116 7.59 -15.32 -0.07
N HIS D 117 6.25 -15.37 -0.08
CA HIS D 117 5.56 -16.65 -0.20
C HIS D 117 5.94 -17.40 -1.49
N ARG D 118 6.09 -16.67 -2.61
CA ARG D 118 6.39 -17.34 -3.87
C ARG D 118 7.73 -18.07 -3.81
N HIS D 119 8.79 -17.38 -3.39
CA HIS D 119 10.12 -18.01 -3.37
C HIS D 119 10.19 -19.10 -2.32
N LEU D 120 9.51 -18.91 -1.18
CA LEU D 120 9.42 -19.97 -0.19
C LEU D 120 8.71 -21.20 -0.75
N ALA D 121 7.63 -20.98 -1.50
CA ALA D 121 6.94 -22.10 -2.13
C ALA D 121 7.83 -22.79 -3.15
N GLN D 122 8.63 -22.02 -3.88
CA GLN D 122 9.54 -22.60 -4.85
C GLN D 122 10.64 -23.42 -4.18
N ILE D 123 11.15 -22.93 -3.05
CA ILE D 123 12.17 -23.66 -2.31
C ILE D 123 11.60 -24.96 -1.74
N ILE D 124 10.39 -24.89 -1.17
CA ILE D 124 9.77 -26.07 -0.61
C ILE D 124 9.53 -27.11 -1.69
N PHE D 125 9.13 -26.66 -2.89
CA PHE D 125 8.89 -27.58 -4.00
C PHE D 125 10.17 -28.30 -4.41
N GLN D 126 11.28 -27.56 -4.55
CA GLN D 126 12.52 -28.16 -5.01
C GLN D 126 13.08 -29.15 -4.00
N VAL D 127 13.17 -28.73 -2.74
CA VAL D 127 13.67 -29.64 -1.70
C VAL D 127 12.77 -30.85 -1.58
N GLY D 128 11.46 -30.64 -1.71
CA GLY D 128 10.54 -31.78 -1.73
C GLY D 128 10.84 -32.74 -2.87
N ALA D 129 11.06 -32.20 -4.07
CA ALA D 129 11.38 -33.05 -5.22
C ALA D 129 12.69 -33.80 -5.01
N ALA D 130 13.69 -33.12 -4.45
CA ALA D 130 14.96 -33.78 -4.16
C ALA D 130 14.82 -34.81 -3.04
N LEU D 131 14.07 -34.48 -1.99
CA LEU D 131 13.98 -35.37 -0.84
C LEU D 131 13.18 -36.63 -1.13
N ASP D 132 12.10 -36.54 -1.91
CA ASP D 132 11.34 -37.75 -2.22
C ASP D 132 12.11 -38.66 -3.16
N TYR D 133 12.91 -38.09 -4.06
CA TYR D 133 13.82 -38.89 -4.86
C TYR D 133 14.87 -39.55 -3.97
N PHE D 134 15.43 -38.78 -3.03
CA PHE D 134 16.37 -39.35 -2.07
C PHE D 134 15.72 -40.50 -1.30
N HIS D 135 14.48 -40.33 -0.87
CA HIS D 135 13.85 -41.27 0.05
C HIS D 135 13.33 -42.52 -0.66
N THR D 136 12.67 -42.37 -1.82
CA THR D 136 12.00 -43.50 -2.44
C THR D 136 12.72 -44.06 -3.65
N GLU D 137 13.71 -43.36 -4.21
CA GLU D 137 14.47 -43.88 -5.33
C GLU D 137 15.86 -44.37 -4.94
N LEU D 138 16.56 -43.63 -4.09
CA LEU D 138 17.84 -44.09 -3.57
C LEU D 138 17.70 -44.75 -2.20
N HIS D 139 16.58 -44.52 -1.51
CA HIS D 139 16.34 -45.05 -0.17
C HIS D 139 17.47 -44.64 0.77
N LEU D 140 17.72 -43.33 0.80
CA LEU D 140 18.71 -42.72 1.67
C LEU D 140 18.03 -41.61 2.46
N MET D 141 18.54 -41.36 3.66
CA MET D 141 18.18 -40.19 4.44
C MET D 141 19.35 -39.22 4.48
N HIS D 142 19.05 -37.93 4.44
CA HIS D 142 20.07 -36.89 4.55
C HIS D 142 20.50 -36.72 6.01
N THR D 143 19.53 -36.51 6.89
CA THR D 143 19.62 -36.42 8.36
C THR D 143 20.34 -35.16 8.86
N ASP D 144 20.89 -34.33 7.99
CA ASP D 144 21.57 -33.12 8.46
C ASP D 144 21.23 -31.93 7.59
N LEU D 145 19.94 -31.75 7.28
CA LEU D 145 19.52 -30.60 6.50
C LEU D 145 19.45 -29.37 7.40
N LYS D 146 19.99 -28.26 6.90
CA LYS D 146 20.05 -27.00 7.62
C LYS D 146 20.16 -25.88 6.60
N PRO D 147 19.75 -24.66 6.96
CA PRO D 147 19.91 -23.53 6.02
C PRO D 147 21.34 -23.29 5.57
N GLU D 148 22.35 -23.79 6.28
CA GLU D 148 23.73 -23.59 5.87
C GLU D 148 24.16 -24.50 4.75
N ASN D 149 23.45 -25.61 4.52
CA ASN D 149 23.81 -26.53 3.45
C ASN D 149 22.73 -26.66 2.38
N ILE D 150 21.73 -25.80 2.37
CA ILE D 150 20.88 -25.62 1.20
C ILE D 150 21.37 -24.35 0.51
N LEU D 151 22.01 -24.53 -0.64
CA LEU D 151 22.68 -23.43 -1.32
C LEU D 151 21.79 -22.90 -2.43
N MET D 152 21.84 -21.59 -2.65
CA MET D 152 21.26 -21.03 -3.86
C MET D 152 22.06 -21.52 -5.07
N GLU D 153 21.34 -21.87 -6.13
CA GLU D 153 22.00 -22.30 -7.36
C GLU D 153 22.92 -21.21 -7.90
N SER D 154 22.48 -19.96 -7.82
CA SER D 154 23.26 -18.81 -8.24
C SER D 154 23.16 -17.72 -7.20
N GLY D 155 24.22 -16.90 -7.11
CA GLY D 155 24.22 -15.80 -6.17
C GLY D 155 23.84 -14.47 -6.79
N ASP D 156 23.04 -14.50 -7.86
CA ASP D 156 22.65 -13.28 -8.53
C ASP D 156 21.38 -12.70 -7.93
N THR D 157 21.25 -11.38 -8.05
CA THR D 157 20.20 -10.62 -7.39
C THR D 157 19.59 -9.62 -8.37
N SER D 158 18.28 -9.40 -8.24
CA SER D 158 17.56 -8.38 -8.97
C SER D 158 16.79 -7.50 -7.99
N VAL D 159 16.29 -6.37 -8.48
CA VAL D 159 15.61 -5.38 -7.64
C VAL D 159 14.11 -5.47 -7.92
N ASP D 160 13.33 -5.66 -6.87
CA ASP D 160 11.88 -5.57 -6.97
C ASP D 160 11.52 -4.12 -7.28
N PRO D 161 10.86 -3.84 -8.41
CA PRO D 161 10.57 -2.45 -8.76
C PRO D 161 9.64 -1.75 -7.79
N MET D 162 8.82 -2.49 -7.03
CA MET D 162 7.89 -1.85 -6.11
C MET D 162 8.48 -1.58 -4.73
N THR D 163 9.10 -2.58 -4.11
CA THR D 163 9.66 -2.43 -2.77
C THR D 163 11.12 -2.01 -2.77
N HIS D 164 11.81 -2.17 -3.90
CA HIS D 164 13.25 -1.93 -4.07
C HIS D 164 14.10 -2.90 -3.26
N ARG D 165 13.51 -3.92 -2.65
CA ARG D 165 14.31 -4.90 -1.93
C ARG D 165 14.83 -5.96 -2.90
N ALA D 166 15.77 -6.76 -2.41
CA ALA D 166 16.47 -7.69 -3.27
C ALA D 166 15.59 -8.89 -3.59
N LEU D 167 15.62 -9.30 -4.85
CA LEU D 167 14.92 -10.49 -5.26
C LEU D 167 15.90 -11.58 -5.64
N PRO D 168 15.62 -12.82 -5.29
CA PRO D 168 16.45 -13.92 -5.75
C PRO D 168 16.18 -14.18 -7.21
N PRO D 169 16.92 -15.08 -7.86
CA PRO D 169 16.58 -15.44 -9.24
C PRO D 169 15.15 -15.96 -9.33
N GLU D 170 14.59 -15.84 -10.53
CA GLU D 170 13.24 -16.33 -10.80
C GLU D 170 13.30 -17.39 -11.89
N PRO D 171 13.16 -18.68 -11.58
CA PRO D 171 12.87 -19.23 -10.24
C PRO D 171 14.11 -19.24 -9.34
N CYS D 172 13.89 -19.31 -8.04
CA CYS D 172 15.00 -19.32 -7.06
C CYS D 172 15.45 -20.76 -6.88
N ARG D 173 16.35 -21.20 -7.77
CA ARG D 173 16.84 -22.57 -7.72
C ARG D 173 17.79 -22.74 -6.54
N VAL D 174 17.66 -23.88 -5.84
CA VAL D 174 18.51 -24.22 -4.70
C VAL D 174 19.17 -25.56 -4.95
N ARG D 175 20.16 -25.88 -4.10
CA ARG D 175 20.89 -27.14 -4.18
C ARG D 175 21.09 -27.69 -2.76
N ILE D 176 20.75 -28.97 -2.57
CA ILE D 176 20.98 -29.66 -1.31
C ILE D 176 22.40 -30.20 -1.27
N CYS D 177 23.14 -29.87 -0.22
CA CYS D 177 24.51 -30.30 -0.04
C CYS D 177 24.65 -31.12 1.24
N ASP D 178 25.91 -31.35 1.63
CA ASP D 178 26.27 -32.06 2.87
C ASP D 178 25.68 -33.48 2.89
N LEU D 179 26.27 -34.33 2.07
CA LEU D 179 25.86 -35.73 2.01
C LEU D 179 26.75 -36.61 2.89
N GLY D 180 27.53 -36.01 3.79
CA GLY D 180 28.44 -36.77 4.61
C GLY D 180 27.73 -37.65 5.63
N GLY D 181 26.59 -37.19 6.13
CA GLY D 181 25.88 -37.91 7.17
C GLY D 181 24.69 -38.72 6.70
N CYS D 182 24.68 -39.13 5.42
CA CYS D 182 23.53 -39.85 4.89
C CYS D 182 23.44 -41.25 5.49
N CYS D 183 22.21 -41.66 5.81
CA CYS D 183 21.92 -42.96 6.41
C CYS D 183 20.95 -43.73 5.53
N ASP D 184 20.69 -44.98 5.92
CA ASP D 184 19.82 -45.92 5.21
C ASP D 184 18.88 -46.59 6.19
N GLU D 185 18.14 -47.58 5.69
CA GLU D 185 17.10 -48.20 6.49
C GLU D 185 17.66 -49.07 7.61
N ARG D 186 18.98 -49.29 7.64
CA ARG D 186 19.56 -50.01 8.77
C ARG D 186 20.69 -49.19 9.42
N HIS D 187 20.38 -47.95 9.76
CA HIS D 187 21.23 -47.24 10.70
C HIS D 187 21.10 -47.87 12.08
N SER D 188 22.10 -47.61 12.93
CA SER D 188 21.94 -47.94 14.33
C SER D 188 20.66 -47.31 14.86
N ARG D 189 19.87 -48.09 15.60
CA ARG D 189 18.52 -47.61 15.91
C ARG D 189 18.54 -46.47 16.91
N THR D 190 19.55 -46.41 17.77
CA THR D 190 19.69 -45.32 18.72
C THR D 190 20.68 -44.28 18.25
N ALA D 191 21.04 -44.32 16.97
CA ALA D 191 21.97 -43.33 16.43
C ALA D 191 21.38 -41.93 16.53
N ILE D 192 22.25 -40.98 16.81
CA ILE D 192 21.87 -39.58 16.85
C ILE D 192 22.41 -38.83 15.65
N VAL D 193 21.45 -38.19 15.01
CA VAL D 193 21.58 -37.51 13.73
C VAL D 193 21.32 -36.03 13.96
N SER D 194 21.48 -35.25 12.89
CA SER D 194 20.99 -33.88 12.82
C SER D 194 21.82 -32.90 13.63
N THR D 195 21.91 -31.67 13.12
CA THR D 195 22.26 -30.55 13.97
C THR D 195 21.18 -30.39 15.01
N ARG D 196 21.58 -30.02 16.23
CA ARG D 196 20.67 -30.09 17.36
C ARG D 196 19.41 -29.23 17.14
N HIS D 197 19.57 -28.07 16.52
CA HIS D 197 18.45 -27.19 16.25
C HIS D 197 17.37 -27.85 15.39
N TYR D 198 17.77 -28.80 14.54
CA TYR D 198 16.87 -29.40 13.55
C TYR D 198 16.66 -30.89 13.81
N ARG D 199 16.94 -31.34 15.02
CA ARG D 199 16.85 -32.75 15.37
C ARG D 199 15.43 -33.10 15.85
N SER D 200 14.85 -34.11 15.23
CA SER D 200 13.49 -34.52 15.57
C SER D 200 13.45 -35.16 16.96
N PRO D 201 12.27 -35.16 17.61
CA PRO D 201 12.17 -35.79 18.93
C PRO D 201 12.38 -37.28 18.89
N GLU D 202 11.95 -37.96 17.82
CA GLU D 202 12.14 -39.39 17.70
C GLU D 202 13.62 -39.76 17.81
N VAL D 203 14.51 -38.89 17.36
CA VAL D 203 15.94 -39.14 17.48
C VAL D 203 16.43 -38.87 18.89
N VAL D 204 16.04 -37.73 19.46
CA VAL D 204 16.52 -37.36 20.80
C VAL D 204 16.18 -38.44 21.81
N LEU D 205 14.95 -38.92 21.79
CA LEU D 205 14.50 -39.92 22.76
C LEU D 205 14.70 -41.34 22.26
N SER D 206 15.37 -41.51 21.12
CA SER D 206 15.65 -42.82 20.53
C SER D 206 14.39 -43.66 20.42
N LEU D 207 13.36 -43.06 19.83
CA LEU D 207 12.07 -43.72 19.62
C LEU D 207 12.02 -44.49 18.30
N GLY D 208 13.11 -44.49 17.55
CA GLY D 208 13.07 -44.98 16.19
C GLY D 208 12.84 -43.85 15.21
N TRP D 209 13.72 -43.75 14.22
CA TRP D 209 13.62 -42.70 13.21
C TRP D 209 14.07 -43.25 11.86
N MET D 210 13.52 -42.65 10.79
CA MET D 210 13.94 -42.97 9.44
C MET D 210 13.68 -41.76 8.54
N TYR D 211 13.10 -41.98 7.35
CA TYR D 211 12.99 -40.91 6.35
C TYR D 211 12.26 -39.69 6.89
N SER D 212 11.24 -39.87 7.72
CA SER D 212 10.44 -38.75 8.19
C SER D 212 11.24 -37.78 9.05
N THR D 213 12.44 -38.14 9.52
CA THR D 213 13.22 -37.19 10.30
C THR D 213 13.78 -36.06 9.44
N ASP D 214 13.96 -36.32 8.14
CA ASP D 214 14.32 -35.24 7.23
C ASP D 214 13.19 -34.23 7.12
N LEU D 215 11.94 -34.67 7.31
CA LEU D 215 10.80 -33.79 7.19
C LEU D 215 10.56 -32.98 8.45
N TRP D 216 10.95 -33.51 9.62
CA TRP D 216 11.03 -32.65 10.80
C TRP D 216 12.00 -31.51 10.57
N SER D 217 13.17 -31.82 10.01
CA SER D 217 14.16 -30.78 9.75
C SER D 217 13.62 -29.74 8.78
N MET D 218 12.86 -30.17 7.77
CA MET D 218 12.24 -29.21 6.86
C MET D 218 11.22 -28.35 7.59
N GLY D 219 10.51 -28.92 8.55
CA GLY D 219 9.62 -28.12 9.37
C GLY D 219 10.35 -27.01 10.10
N CYS D 220 11.51 -27.33 10.68
CA CYS D 220 12.26 -26.33 11.42
C CYS D 220 12.93 -25.32 10.49
N ILE D 221 13.34 -25.75 9.29
CA ILE D 221 13.93 -24.83 8.34
C ILE D 221 12.88 -23.87 7.76
N ILE D 222 11.69 -24.39 7.44
CA ILE D 222 10.67 -23.55 6.82
C ILE D 222 10.22 -22.47 7.78
N TYR D 223 10.08 -22.79 9.08
CA TYR D 223 9.83 -21.77 10.08
C TYR D 223 10.89 -20.68 10.02
N GLU D 224 12.16 -21.09 9.95
CA GLU D 224 13.26 -20.14 9.99
C GLU D 224 13.36 -19.33 8.70
N LEU D 225 13.09 -19.96 7.55
CA LEU D 225 13.12 -19.22 6.30
C LEU D 225 12.02 -18.17 6.23
N TYR D 226 10.92 -18.39 6.96
CA TYR D 226 9.80 -17.46 6.93
C TYR D 226 9.86 -16.43 8.04
N THR D 227 10.40 -16.79 9.21
CA THR D 227 10.50 -15.85 10.32
C THR D 227 11.88 -15.24 10.47
N GLY D 228 12.92 -15.87 9.92
CA GLY D 228 14.27 -15.40 10.14
C GLY D 228 14.84 -15.78 11.49
N LYS D 229 14.13 -16.59 12.26
CA LYS D 229 14.54 -16.98 13.60
C LYS D 229 14.56 -18.49 13.72
N LEU D 230 15.46 -18.99 14.55
CA LEU D 230 15.46 -20.41 14.88
C LEU D 230 14.20 -20.76 15.67
N LEU D 231 13.59 -21.89 15.33
CA LEU D 231 12.44 -22.35 16.11
C LEU D 231 12.90 -22.91 17.45
N TYR D 232 14.05 -23.57 17.48
CA TYR D 232 14.60 -24.20 18.68
C TYR D 232 16.06 -23.78 18.80
N ASP D 233 16.30 -22.68 19.52
CA ASP D 233 17.66 -22.19 19.77
C ASP D 233 18.13 -22.77 21.11
N THR D 234 18.62 -24.00 21.05
CA THR D 234 18.90 -24.75 22.27
C THR D 234 20.04 -25.74 22.06
N HIS D 235 20.72 -26.01 23.17
CA HIS D 235 21.71 -27.09 23.33
C HIS D 235 21.28 -28.18 24.30
N ASP D 236 20.03 -28.23 24.73
CA ASP D 236 19.79 -29.19 25.78
C ASP D 236 18.48 -29.96 25.59
N ASN D 237 18.62 -31.29 25.73
CA ASN D 237 17.51 -32.22 25.52
C ASN D 237 16.30 -31.82 26.34
N LEU D 238 16.51 -31.42 27.59
CA LEU D 238 15.39 -31.09 28.45
C LEU D 238 14.72 -29.80 28.02
N GLU D 239 15.51 -28.78 27.69
CA GLU D 239 14.94 -27.53 27.23
C GLU D 239 14.35 -27.67 25.83
N HIS D 240 15.02 -28.43 24.96
CA HIS D 240 14.51 -28.67 23.61
C HIS D 240 13.10 -29.26 23.68
N LEU D 241 12.91 -30.25 24.56
CA LEU D 241 11.62 -30.92 24.65
C LEU D 241 10.56 -29.99 25.22
N HIS D 242 10.93 -29.11 26.15
CA HIS D 242 9.97 -28.14 26.67
C HIS D 242 9.56 -27.15 25.61
N LEU D 243 10.51 -26.75 24.76
CA LEU D 243 10.18 -25.85 23.65
C LEU D 243 9.26 -26.52 22.65
N MET D 244 9.45 -27.83 22.43
CA MET D 244 8.56 -28.57 21.55
C MET D 244 7.12 -28.54 22.04
N GLU D 245 6.92 -28.75 23.35
CA GLU D 245 5.56 -28.67 23.88
C GLU D 245 5.06 -27.21 23.86
N LYS D 246 5.96 -26.25 24.07
CA LYS D 246 5.49 -24.86 24.06
C LYS D 246 5.21 -24.38 22.64
N THR D 247 5.92 -24.92 21.64
CA THR D 247 5.66 -24.52 20.27
C THR D 247 4.56 -25.34 19.60
N LEU D 248 4.40 -26.61 19.99
CA LEU D 248 3.55 -27.50 19.20
C LEU D 248 2.43 -28.18 19.98
N GLY D 249 2.57 -28.35 21.29
CA GLY D 249 1.61 -29.10 22.07
C GLY D 249 2.27 -30.22 22.85
N ARG D 250 1.45 -30.83 23.73
CA ARG D 250 1.97 -31.80 24.68
C ARG D 250 2.60 -33.00 23.98
N LEU D 251 3.62 -33.57 24.61
CA LEU D 251 4.24 -34.79 24.10
C LEU D 251 3.28 -35.97 24.29
N PRO D 252 3.34 -36.97 23.40
CA PRO D 252 2.46 -38.14 23.57
C PRO D 252 2.70 -38.82 24.91
N ALA D 253 1.60 -39.29 25.52
CA ALA D 253 1.67 -39.84 26.86
C ALA D 253 2.50 -41.12 26.92
N ASP D 254 2.49 -41.89 25.84
CA ASP D 254 3.22 -43.15 25.80
C ASP D 254 4.71 -42.98 25.51
N TRP D 255 5.17 -41.77 25.21
CA TRP D 255 6.53 -41.61 24.73
C TRP D 255 7.54 -42.04 25.79
N SER D 256 7.24 -41.79 27.07
CA SER D 256 8.19 -42.09 28.13
C SER D 256 8.39 -43.59 28.36
N VAL D 257 7.47 -44.43 27.89
CA VAL D 257 7.66 -45.86 28.00
C VAL D 257 8.41 -46.42 26.79
N ARG D 258 8.46 -45.68 25.69
CA ARG D 258 9.04 -46.16 24.44
C ARG D 258 10.45 -45.65 24.17
N CYS D 259 11.04 -44.90 25.10
CA CYS D 259 12.38 -44.37 24.86
C CYS D 259 13.41 -45.48 24.91
N GLY D 260 14.42 -45.38 24.03
CA GLY D 260 15.31 -46.49 23.77
C GLY D 260 16.61 -46.42 24.53
N THR D 261 16.85 -45.33 25.26
CA THR D 261 18.09 -45.23 26.01
C THR D 261 17.86 -44.78 27.44
N GLN D 262 18.87 -45.14 28.25
CA GLN D 262 19.00 -44.63 29.61
C GLN D 262 18.83 -43.12 29.67
N GLU D 263 19.52 -42.41 28.77
CA GLU D 263 19.49 -40.95 28.75
C GLU D 263 18.09 -40.39 28.55
N ALA D 264 17.30 -40.99 27.65
CA ALA D 264 16.02 -40.41 27.26
C ALA D 264 14.98 -40.53 28.37
N ARG D 265 14.86 -41.71 28.97
CA ARG D 265 13.88 -41.95 30.03
C ARG D 265 14.06 -41.04 31.24
N ASP D 266 15.30 -40.66 31.56
CA ASP D 266 15.55 -39.83 32.74
C ASP D 266 15.10 -38.38 32.56
N LEU D 267 14.69 -37.99 31.36
CA LEU D 267 14.11 -36.67 31.15
C LEU D 267 12.62 -36.62 31.52
N PHE D 268 12.04 -37.74 31.97
CA PHE D 268 10.63 -37.86 32.29
C PHE D 268 10.38 -38.19 33.75
N THR D 269 9.14 -37.99 34.17
CA THR D 269 8.61 -38.35 35.49
C THR D 269 8.71 -39.86 35.72
N ALA D 270 8.48 -40.25 36.98
CA ALA D 270 8.12 -41.64 37.24
C ALA D 270 6.78 -41.98 36.59
N ALA D 271 5.87 -41.00 36.53
CA ALA D 271 4.60 -41.19 35.83
C ALA D 271 4.81 -41.22 34.32
N GLY D 272 5.56 -40.26 33.78
CA GLY D 272 5.82 -40.19 32.36
C GLY D 272 5.69 -38.78 31.79
N THR D 273 5.62 -37.80 32.67
CA THR D 273 5.52 -36.38 32.34
C THR D 273 6.94 -35.78 32.32
N LEU D 274 7.09 -34.66 31.62
CA LEU D 274 8.41 -34.06 31.48
C LEU D 274 8.89 -33.46 32.80
N GLN D 275 10.18 -33.61 33.05
CA GLN D 275 10.76 -32.95 34.20
C GLN D 275 10.85 -31.46 33.91
N PRO D 276 10.55 -30.60 34.88
CA PRO D 276 10.71 -29.17 34.64
C PRO D 276 12.18 -28.81 34.61
N CYS D 277 12.50 -27.78 33.83
CA CYS D 277 13.85 -27.28 33.83
C CYS D 277 14.03 -26.32 34.98
N LYS D 278 15.25 -26.28 35.53
CA LYS D 278 15.54 -25.45 36.69
C LYS D 278 16.58 -24.39 36.41
N ASP D 279 17.06 -24.27 35.21
CA ASP D 279 17.86 -23.11 34.86
C ASP D 279 17.03 -21.88 34.52
N PRO D 280 17.30 -20.76 35.16
CA PRO D 280 16.65 -19.51 34.80
C PRO D 280 16.96 -19.15 33.37
N LYS D 281 17.97 -19.76 32.77
CA LYS D 281 18.26 -19.62 31.35
C LYS D 281 17.40 -20.49 30.46
N HIS D 282 16.87 -21.60 30.97
CA HIS D 282 15.96 -22.42 30.17
C HIS D 282 14.51 -22.04 30.43
N ILE D 283 14.20 -21.68 31.67
CA ILE D 283 12.87 -21.17 32.00
C ILE D 283 12.58 -19.89 31.23
N ALA D 284 13.62 -19.07 31.02
CA ALA D 284 13.44 -17.81 30.32
C ALA D 284 13.10 -18.04 28.85
N ARG D 285 13.78 -18.99 28.18
CA ARG D 285 13.56 -19.14 26.76
C ARG D 285 12.23 -19.79 26.44
N ILE D 286 11.79 -20.73 27.25
CA ILE D 286 10.46 -21.33 27.04
C ILE D 286 9.37 -20.31 27.30
N ALA D 287 9.55 -19.44 28.30
CA ALA D 287 8.52 -18.46 28.63
C ALA D 287 8.24 -17.52 27.48
N ARG D 288 9.27 -17.27 26.70
CA ARG D 288 9.28 -16.35 25.59
C ARG D 288 8.95 -17.00 24.25
N ALA D 289 9.01 -18.33 24.16
CA ALA D 289 8.59 -19.03 22.96
C ALA D 289 7.08 -18.97 22.83
N ARG D 290 6.60 -18.82 21.59
CA ARG D 290 5.17 -18.75 21.35
C ARG D 290 4.75 -19.87 20.40
N PRO D 291 3.49 -20.29 20.44
CA PRO D 291 3.08 -21.41 19.59
C PRO D 291 3.33 -21.08 18.13
N VAL D 292 3.85 -22.07 17.41
CA VAL D 292 4.09 -21.91 15.97
C VAL D 292 2.84 -21.40 15.27
N ARG D 293 1.67 -21.92 15.64
CA ARG D 293 0.42 -21.45 15.06
C ARG D 293 0.22 -19.96 15.23
N GLU D 294 0.76 -19.38 16.30
CA GLU D 294 0.45 -17.97 16.53
C GLU D 294 1.39 -17.05 15.78
N VAL D 295 2.55 -17.55 15.39
CA VAL D 295 3.48 -16.73 14.63
C VAL D 295 3.24 -16.87 13.13
N ILE D 296 2.91 -18.06 12.64
CA ILE D 296 2.63 -18.29 11.22
C ILE D 296 1.14 -18.01 11.02
N THR D 297 0.82 -16.80 10.57
CA THR D 297 -0.57 -16.43 10.32
C THR D 297 -1.12 -17.03 9.03
N GLU D 298 -0.29 -17.30 8.03
CA GLU D 298 -0.79 -17.86 6.79
C GLU D 298 -1.29 -19.27 7.07
N PRO D 299 -2.59 -19.55 6.90
CA PRO D 299 -3.13 -20.85 7.36
C PRO D 299 -2.56 -22.05 6.63
N LEU D 300 -2.26 -21.93 5.34
CA LEU D 300 -1.69 -23.07 4.62
C LEU D 300 -0.24 -23.28 5.00
N LEU D 301 0.52 -22.20 5.17
CA LEU D 301 1.90 -22.33 5.63
C LEU D 301 1.94 -22.87 7.05
N CYS D 302 1.01 -22.41 7.89
CA CYS D 302 0.92 -22.91 9.26
C CYS D 302 0.65 -24.41 9.27
N ASP D 303 -0.34 -24.86 8.49
CA ASP D 303 -0.65 -26.28 8.42
C ASP D 303 0.54 -27.08 7.91
N LEU D 304 1.27 -26.51 6.94
CA LEU D 304 2.45 -27.18 6.39
C LEU D 304 3.51 -27.39 7.46
N ILE D 305 3.83 -26.34 8.23
CA ILE D 305 4.87 -26.45 9.24
C ILE D 305 4.44 -27.41 10.35
N LEU D 306 3.18 -27.33 10.78
CA LEU D 306 2.73 -28.12 11.92
C LEU D 306 2.71 -29.62 11.62
N ASN D 307 2.35 -30.00 10.40
CA ASN D 307 2.31 -31.41 10.06
C ASN D 307 3.66 -31.93 9.58
N LEU D 308 4.63 -31.05 9.35
CA LEU D 308 6.03 -31.47 9.25
C LEU D 308 6.61 -31.72 10.63
N LEU D 309 6.11 -31.02 11.64
CA LEU D 309 6.56 -31.17 13.02
C LEU D 309 5.62 -32.09 13.81
N HIS D 310 4.93 -32.99 13.12
CA HIS D 310 4.04 -33.92 13.79
C HIS D 310 4.79 -34.92 14.64
N TYR D 311 4.29 -35.15 15.86
CA TYR D 311 4.92 -36.14 16.74
C TYR D 311 4.74 -37.55 16.21
N ASP D 312 3.63 -37.81 15.49
CA ASP D 312 3.42 -39.10 14.86
C ASP D 312 4.19 -39.08 13.54
N ARG D 313 5.17 -39.97 13.40
CA ARG D 313 6.05 -39.94 12.24
C ARG D 313 5.35 -40.38 10.97
N GLN D 314 4.26 -41.13 11.09
CA GLN D 314 3.56 -41.66 9.93
C GLN D 314 2.45 -40.74 9.43
N ARG D 315 1.86 -39.93 10.31
CA ARG D 315 0.93 -38.89 9.89
C ARG D 315 1.64 -37.59 9.57
N ARG D 316 2.90 -37.47 9.98
CA ARG D 316 3.75 -36.38 9.54
C ARG D 316 3.89 -36.42 8.02
N LEU D 317 3.93 -35.25 7.40
CA LEU D 317 4.06 -35.17 5.95
C LEU D 317 5.36 -35.82 5.50
N ASN D 318 5.30 -36.49 4.34
CA ASN D 318 6.48 -36.98 3.67
C ASN D 318 6.91 -35.94 2.63
N ALA D 319 8.05 -36.19 1.97
CA ALA D 319 8.61 -35.23 1.03
C ALA D 319 7.64 -34.94 -0.13
N ARG D 320 6.96 -35.98 -0.63
CA ARG D 320 6.03 -35.77 -1.73
C ARG D 320 4.85 -34.91 -1.30
N GLN D 321 4.31 -35.15 -0.11
CA GLN D 321 3.20 -34.32 0.37
C GLN D 321 3.63 -32.89 0.62
N MET D 322 4.87 -32.71 1.09
CA MET D 322 5.39 -31.36 1.31
C MET D 322 5.45 -30.58 0.00
N MET D 323 6.07 -31.19 -1.02
CA MET D 323 6.17 -30.54 -2.32
C MET D 323 4.83 -30.43 -3.03
N SER D 324 3.84 -31.24 -2.63
CA SER D 324 2.51 -31.21 -3.22
C SER D 324 1.50 -30.53 -2.32
N HIS D 325 1.97 -29.80 -1.30
CA HIS D 325 1.08 -29.16 -0.34
C HIS D 325 0.32 -28.01 -0.97
N ALA D 326 -0.86 -27.72 -0.40
CA ALA D 326 -1.70 -26.64 -0.92
C ALA D 326 -1.00 -25.30 -0.86
N TYR D 327 -0.10 -25.11 0.11
CA TYR D 327 0.64 -23.86 0.21
C TYR D 327 1.48 -23.61 -1.05
N VAL D 328 2.18 -24.66 -1.53
CA VAL D 328 3.00 -24.52 -2.74
C VAL D 328 2.13 -24.24 -3.95
N HIS D 329 0.94 -24.85 -4.01
CA HIS D 329 0.06 -24.64 -5.15
C HIS D 329 -0.52 -23.24 -5.17
N LYS D 330 -0.67 -22.61 -4.00
CA LYS D 330 -1.26 -21.28 -3.93
C LYS D 330 -0.28 -20.20 -4.40
N TYR D 331 0.94 -20.23 -3.90
CA TYR D 331 1.90 -19.17 -4.17
C TYR D 331 2.87 -19.48 -5.30
N PHE D 332 2.97 -20.75 -5.69
CA PHE D 332 3.76 -21.16 -6.85
C PHE D 332 2.89 -21.99 -7.78
N PRO D 333 1.83 -21.39 -8.34
CA PRO D 333 0.86 -22.19 -9.12
C PRO D 333 1.46 -22.85 -10.36
N GLU D 334 2.52 -22.29 -10.93
CA GLU D 334 3.15 -22.93 -12.07
C GLU D 334 3.89 -24.20 -11.68
N CYS D 335 3.90 -24.52 -10.37
CA CYS D 335 4.25 -25.85 -9.89
C CYS D 335 3.62 -26.96 -10.71
N ARG D 336 2.40 -26.73 -11.18
CA ARG D 336 1.64 -27.74 -11.89
C ARG D 336 2.17 -28.04 -13.28
N GLN D 337 2.94 -27.13 -13.86
CA GLN D 337 3.57 -27.33 -15.15
C GLN D 337 5.01 -27.77 -15.04
N HIS D 338 5.48 -28.01 -13.84
CA HIS D 338 6.84 -28.46 -13.70
C HIS D 338 6.91 -29.97 -13.94
N PRO D 339 7.96 -30.45 -14.63
CA PRO D 339 8.08 -31.89 -14.88
C PRO D 339 8.25 -32.71 -13.60
N ASN D 340 8.54 -32.08 -12.47
CA ASN D 340 8.68 -32.79 -11.20
C ASN D 340 7.40 -32.82 -10.39
N HIS D 341 6.37 -32.07 -10.81
CA HIS D 341 5.07 -32.19 -10.17
C HIS D 341 4.59 -33.63 -10.28
N VAL D 342 3.98 -34.13 -9.20
CA VAL D 342 3.68 -35.56 -9.12
C VAL D 342 2.74 -35.99 -10.24
N ASP D 343 1.82 -35.13 -10.63
CA ASP D 343 0.85 -35.47 -11.66
C ASP D 343 1.42 -35.34 -13.07
N ASN D 344 2.67 -34.87 -13.21
CA ASN D 344 3.35 -34.83 -14.49
C ASN D 344 4.39 -35.93 -14.62
N ARG D 345 4.42 -36.88 -13.70
CA ARG D 345 5.37 -37.98 -13.71
C ARG D 345 4.62 -39.29 -13.87
N SER D 346 5.37 -40.34 -14.18
CA SER D 346 4.80 -41.68 -14.14
C SER D 346 4.46 -42.03 -12.70
N LYS D 347 3.78 -43.16 -12.49
CA LYS D 347 3.53 -43.59 -11.12
C LYS D 347 4.87 -43.87 -10.43
N LEU D 348 5.04 -43.29 -9.28
CA LEU D 348 6.24 -43.24 -8.48
C LEU D 348 6.28 -44.40 -7.49
N PRO D 349 7.46 -44.73 -6.97
CA PRO D 349 7.55 -45.71 -5.89
C PRO D 349 6.69 -45.25 -4.71
N PRO D 350 6.25 -46.18 -3.86
CA PRO D 350 5.41 -45.77 -2.74
C PRO D 350 6.17 -44.82 -1.82
N THR D 351 5.42 -43.89 -1.24
CA THR D 351 6.02 -43.01 -0.25
C THR D 351 6.43 -43.82 0.98
N PRO D 352 7.40 -43.34 1.75
CA PRO D 352 7.82 -44.10 2.91
C PRO D 352 6.72 -44.24 3.94
N VAL D 353 6.79 -45.32 4.68
CA VAL D 353 6.05 -45.50 5.93
C VAL D 353 6.97 -45.03 7.04
N MET D 354 6.61 -43.91 7.68
CA MET D 354 7.41 -43.29 8.72
C MET D 354 8.90 -43.08 8.36
N GLY E 16 -6.79 17.80 14.52
CA GLY E 16 -6.57 17.04 13.30
C GLY E 16 -7.72 17.19 12.33
N ARG E 17 -8.85 16.55 12.65
CA ARG E 17 -10.05 16.64 11.83
C ARG E 17 -11.09 17.61 12.36
N PHE E 18 -11.18 17.77 13.67
CA PHE E 18 -12.13 18.70 14.29
C PHE E 18 -11.33 19.79 14.99
N LYS E 19 -11.51 21.05 14.56
CA LYS E 19 -10.89 22.16 15.27
C LYS E 19 -11.95 22.99 15.99
N ILE E 20 -11.67 23.25 17.27
CA ILE E 20 -12.61 23.91 18.17
C ILE E 20 -12.76 25.38 17.80
N LEU E 21 -14.00 25.86 17.78
CA LEU E 21 -14.28 27.26 17.46
C LEU E 21 -14.66 28.04 18.71
N SER E 22 -15.74 27.68 19.39
CA SER E 22 -16.17 28.37 20.60
C SER E 22 -16.57 27.35 21.65
N LEU E 23 -16.68 27.81 22.89
CA LEU E 23 -17.21 27.02 24.00
C LEU E 23 -18.70 27.35 24.17
N LEU E 24 -19.55 26.34 24.04
CA LEU E 24 -21.00 26.52 24.15
C LEU E 24 -21.51 26.33 25.57
N GLY E 25 -20.87 25.47 26.35
CA GLY E 25 -21.30 25.23 27.71
C GLY E 25 -20.31 24.36 28.44
N GLU E 26 -20.41 24.38 29.77
CA GLU E 26 -19.44 23.74 30.63
C GLU E 26 -20.17 23.17 31.84
N GLY E 27 -19.68 22.03 32.33
CA GLY E 27 -20.30 21.43 33.47
C GLY E 27 -19.48 20.31 34.09
N THR E 28 -20.14 19.56 34.97
CA THR E 28 -19.55 18.39 35.60
C THR E 28 -18.97 17.43 34.56
N PHE E 29 -19.80 17.05 33.58
CA PHE E 29 -19.39 16.12 32.54
C PHE E 29 -18.11 16.54 31.84
N GLY E 30 -17.97 17.85 31.59
CA GLY E 30 -16.88 18.34 30.78
C GLY E 30 -17.30 19.58 30.01
N LYS E 31 -17.05 19.58 28.70
CA LYS E 31 -17.32 20.74 27.86
C LYS E 31 -18.06 20.32 26.61
N VAL E 32 -18.87 21.24 26.11
CA VAL E 32 -19.41 21.17 24.75
C VAL E 32 -18.83 22.35 23.99
N VAL E 33 -18.14 22.07 22.90
CA VAL E 33 -17.54 23.12 22.09
C VAL E 33 -18.18 23.09 20.71
N GLU E 34 -18.27 24.25 20.10
CA GLU E 34 -18.60 24.33 18.68
C GLU E 34 -17.34 24.02 17.89
N ALA E 35 -17.45 23.10 16.93
CA ALA E 35 -16.29 22.67 16.17
C ALA E 35 -16.63 22.68 14.70
N TRP E 36 -15.58 22.80 13.90
CA TRP E 36 -15.69 22.72 12.45
C TRP E 36 -15.15 21.35 12.04
N ASP E 37 -15.99 20.56 11.38
CA ASP E 37 -15.56 19.25 10.91
C ASP E 37 -14.88 19.44 9.57
N ARG E 38 -13.56 19.26 9.53
CA ARG E 38 -12.79 19.57 8.32
C ARG E 38 -13.07 18.59 7.20
N LYS E 39 -13.58 17.41 7.50
CA LYS E 39 -13.81 16.42 6.45
C LYS E 39 -15.27 16.04 6.26
N ARG E 40 -16.21 16.81 6.81
CA ARG E 40 -17.48 16.90 6.09
C ARG E 40 -17.92 18.33 5.77
N LYS E 41 -17.26 19.36 6.29
CA LYS E 41 -17.46 20.76 5.96
C LYS E 41 -18.79 21.38 6.37
N GLU E 42 -19.11 21.23 7.65
CA GLU E 42 -20.15 22.00 8.32
C GLU E 42 -19.81 22.00 9.80
N TYR E 43 -20.53 22.83 10.56
CA TYR E 43 -20.27 22.97 11.98
C TYR E 43 -20.97 21.87 12.78
N CYS E 44 -20.40 21.58 13.95
CA CYS E 44 -20.88 20.52 14.82
C CYS E 44 -20.71 20.95 16.25
N ALA E 45 -21.42 20.27 17.14
CA ALA E 45 -21.20 20.35 18.57
C ALA E 45 -20.47 19.09 19.03
N VAL E 46 -19.46 19.27 19.86
CA VAL E 46 -18.65 18.15 20.35
C VAL E 46 -18.70 18.18 21.87
N LYS E 47 -19.14 17.07 22.46
CA LYS E 47 -19.10 16.91 23.92
C LYS E 47 -17.76 16.29 24.28
N ILE E 48 -16.93 17.04 24.98
CA ILE E 48 -15.62 16.59 25.41
C ILE E 48 -15.73 16.23 26.88
N VAL E 49 -15.75 14.93 27.17
CA VAL E 49 -15.96 14.43 28.52
C VAL E 49 -14.64 14.49 29.27
N ARG E 50 -14.71 14.83 30.54
CA ARG E 50 -13.49 14.85 31.32
C ARG E 50 -12.76 13.51 31.34
N ASN E 51 -11.43 13.64 31.40
CA ASN E 51 -10.50 12.53 31.25
C ASN E 51 -10.35 11.84 32.59
N VAL E 52 -11.46 11.28 33.04
CA VAL E 52 -11.52 10.56 34.29
C VAL E 52 -12.11 9.20 33.97
N PRO E 53 -11.62 8.14 34.58
CA PRO E 53 -12.11 6.80 34.21
C PRO E 53 -13.61 6.62 34.35
N LYS E 54 -14.24 7.21 35.35
CA LYS E 54 -15.67 6.95 35.51
C LYS E 54 -16.54 7.82 34.61
N TYR E 55 -16.02 8.95 34.13
CA TYR E 55 -16.75 9.71 33.13
C TYR E 55 -16.56 9.09 31.75
N THR E 56 -15.36 8.59 31.46
CA THR E 56 -15.12 7.95 30.17
C THR E 56 -16.01 6.73 30.02
N ARG E 57 -16.31 6.08 31.12
CA ARG E 57 -16.94 4.79 30.93
C ARG E 57 -18.45 4.93 30.83
N ASP E 58 -18.98 5.92 31.53
CA ASP E 58 -20.36 6.32 31.38
C ASP E 58 -20.58 7.15 30.13
N ALA E 59 -19.50 7.70 29.54
CA ALA E 59 -19.61 8.31 28.22
C ALA E 59 -19.80 7.24 27.14
N LYS E 60 -19.09 6.12 27.28
CA LYS E 60 -19.26 5.02 26.33
C LYS E 60 -20.66 4.41 26.44
N ILE E 61 -21.25 4.40 27.64
CA ILE E 61 -22.63 3.95 27.78
C ILE E 61 -23.58 4.94 27.12
N GLU E 62 -23.37 6.23 27.35
CA GLU E 62 -24.20 7.25 26.71
C GLU E 62 -24.13 7.13 25.19
N ILE E 63 -22.94 6.87 24.64
CA ILE E 63 -22.81 6.73 23.20
C ILE E 63 -23.63 5.56 22.69
N GLN E 64 -23.58 4.43 23.40
CA GLN E 64 -24.32 3.25 22.96
C GLN E 64 -25.82 3.50 22.98
N PHE E 65 -26.31 4.25 23.97
CA PHE E 65 -27.71 4.65 23.97
C PHE E 65 -28.01 5.62 22.82
N MET E 66 -27.03 6.44 22.42
CA MET E 66 -27.27 7.41 21.36
C MET E 66 -27.38 6.74 19.99
N GLU E 67 -26.56 5.73 19.74
CA GLU E 67 -26.64 5.01 18.47
C GLU E 67 -27.89 4.16 18.37
N ARG E 68 -28.48 3.75 19.50
CA ARG E 68 -29.69 2.96 19.43
C ARG E 68 -30.85 3.82 18.94
N VAL E 69 -30.84 5.11 19.29
CA VAL E 69 -31.77 6.05 18.68
C VAL E 69 -31.42 6.25 17.22
N ARG E 70 -30.14 6.48 16.93
CA ARG E 70 -29.70 6.75 15.56
C ARG E 70 -30.02 5.57 14.65
N LEU E 71 -29.79 4.35 15.13
CA LEU E 71 -30.06 3.17 14.30
C LEU E 71 -31.55 2.92 14.11
N SER E 72 -32.37 3.26 15.11
CA SER E 72 -33.80 2.97 15.05
C SER E 72 -34.58 4.07 14.32
N ASP E 73 -34.34 5.34 14.65
CA ASP E 73 -35.03 6.45 14.00
C ASP E 73 -34.23 6.86 12.77
N VAL E 74 -34.37 6.07 11.71
CA VAL E 74 -33.45 6.15 10.56
C VAL E 74 -33.61 7.43 9.79
N GLU E 75 -34.80 8.03 9.85
CA GLU E 75 -35.17 9.13 8.97
C GLU E 75 -35.36 10.41 9.78
N ASP E 76 -34.75 10.48 10.97
CA ASP E 76 -34.79 11.63 11.88
C ASP E 76 -36.23 12.11 12.06
N ARG E 77 -37.12 11.17 12.37
CA ARG E 77 -38.55 11.46 12.53
C ARG E 77 -38.94 11.95 13.93
N PHE E 78 -38.17 11.60 14.96
CA PHE E 78 -38.55 11.98 16.31
C PHE E 78 -37.48 12.88 16.92
N PRO E 79 -37.89 13.86 17.75
CA PRO E 79 -36.96 14.87 18.28
C PRO E 79 -36.06 14.38 19.41
N LEU E 80 -35.43 13.23 19.21
CA LEU E 80 -34.31 12.81 20.02
C LEU E 80 -33.05 13.19 19.27
N MET E 81 -32.02 13.61 19.99
CA MET E 81 -30.80 14.06 19.33
C MET E 81 -30.05 12.91 18.67
N LYS E 82 -29.30 13.19 17.61
CA LYS E 82 -28.55 12.08 17.03
C LYS E 82 -27.08 12.38 16.92
N ILE E 83 -26.35 11.43 17.51
CA ILE E 83 -24.91 11.34 17.52
C ILE E 83 -24.44 11.25 16.08
N GLN E 84 -23.31 11.90 15.78
CA GLN E 84 -22.71 11.88 14.45
C GLN E 84 -21.53 10.95 14.35
N ARG E 85 -20.61 11.04 15.29
CA ARG E 85 -19.52 10.07 15.40
C ARG E 85 -18.95 10.25 16.80
N TYR E 86 -18.03 9.36 17.16
CA TYR E 86 -17.35 9.45 18.44
C TYR E 86 -15.97 8.85 18.28
N PHE E 87 -15.08 9.28 19.16
CA PHE E 87 -13.71 8.80 19.19
C PHE E 87 -13.13 9.17 20.53
N GLN E 88 -11.98 8.58 20.84
CA GLN E 88 -11.22 8.93 22.03
C GLN E 88 -10.05 9.83 21.64
N ASN E 89 -9.93 10.94 22.36
CA ASN E 89 -8.96 12.00 22.13
C ASN E 89 -7.54 11.49 22.32
N GLU E 90 -6.58 12.34 21.98
CA GLU E 90 -5.19 12.00 22.25
C GLU E 90 -4.86 12.15 23.72
N THR E 91 -5.76 12.76 24.48
CA THR E 91 -5.64 12.90 25.92
C THR E 91 -6.53 11.92 26.69
N GLY E 92 -7.18 10.98 26.00
CA GLY E 92 -8.05 10.03 26.66
C GLY E 92 -9.44 10.54 26.87
N HIS E 93 -9.72 11.80 26.51
CA HIS E 93 -11.05 12.36 26.61
C HIS E 93 -11.97 11.70 25.58
N MET E 94 -13.13 11.25 26.03
CA MET E 94 -14.17 10.83 25.09
C MET E 94 -14.78 12.06 24.40
N CYS E 95 -14.96 11.96 23.09
CA CYS E 95 -15.49 13.06 22.30
C CYS E 95 -16.69 12.57 21.51
N ILE E 96 -17.84 13.16 21.75
CA ILE E 96 -19.09 12.80 21.08
C ILE E 96 -19.44 13.94 20.15
N VAL E 97 -19.42 13.67 18.84
CA VAL E 97 -19.73 14.68 17.84
C VAL E 97 -21.21 14.62 17.52
N MET E 98 -21.86 15.78 17.52
CA MET E 98 -23.30 15.88 17.38
C MET E 98 -23.60 17.10 16.51
N PRO E 99 -24.82 17.29 16.02
CA PRO E 99 -25.11 18.55 15.34
C PRO E 99 -25.13 19.68 16.35
N LYS E 100 -24.98 20.89 15.84
CA LYS E 100 -24.99 22.07 16.68
C LYS E 100 -26.43 22.49 16.86
N TYR E 101 -26.96 22.37 18.09
CA TYR E 101 -28.31 22.89 18.19
C TYR E 101 -28.27 24.19 18.99
N GLY E 102 -29.41 24.60 19.52
CA GLY E 102 -29.46 25.86 20.24
C GLY E 102 -29.38 25.70 21.75
N PRO E 103 -29.69 26.77 22.48
CA PRO E 103 -29.59 26.73 23.94
C PRO E 103 -30.76 25.97 24.57
N CYS E 104 -30.54 25.57 25.82
CA CYS E 104 -31.58 24.85 26.55
C CYS E 104 -32.81 25.73 26.76
N LEU E 105 -33.94 25.06 27.04
CA LEU E 105 -35.16 25.77 27.40
C LEU E 105 -34.98 26.60 28.66
N LEU E 106 -34.15 26.13 29.60
CA LEU E 106 -33.93 26.91 30.82
C LEU E 106 -33.35 28.28 30.50
N ASP E 107 -32.39 28.34 29.58
CA ASP E 107 -31.81 29.63 29.19
C ASP E 107 -32.88 30.57 28.65
N TRP E 108 -33.86 30.02 27.92
CA TRP E 108 -34.90 30.88 27.35
C TRP E 108 -35.80 31.44 28.45
N ILE E 109 -36.29 30.58 29.34
CA ILE E 109 -37.19 31.07 30.37
C ILE E 109 -36.44 32.02 31.32
N MET E 110 -35.12 31.84 31.48
CA MET E 110 -34.34 32.71 32.37
C MET E 110 -34.05 34.07 31.73
N LYS E 111 -33.97 34.14 30.38
CA LYS E 111 -33.77 35.26 29.44
C LYS E 111 -35.05 36.00 29.16
N HIS E 112 -36.01 35.25 28.65
CA HIS E 112 -37.17 35.83 28.03
C HIS E 112 -38.45 35.56 28.79
N GLY E 113 -38.40 34.80 29.87
CA GLY E 113 -39.59 34.47 30.62
C GLY E 113 -40.30 33.25 30.06
N PRO E 114 -41.47 32.95 30.59
CA PRO E 114 -42.18 31.74 30.18
C PRO E 114 -42.66 31.82 28.73
N PHE E 115 -42.86 30.64 28.14
CA PHE E 115 -43.37 30.53 26.78
C PHE E 115 -44.86 30.87 26.73
N ASN E 116 -45.31 31.30 25.55
CA ASN E 116 -46.74 31.46 25.34
C ASN E 116 -47.37 30.10 25.06
N HIS E 117 -48.71 30.09 25.05
CA HIS E 117 -49.45 28.84 24.99
C HIS E 117 -49.12 28.02 23.74
N ARG E 118 -48.98 28.70 22.59
CA ARG E 118 -48.72 27.98 21.34
C ARG E 118 -47.39 27.23 21.40
N HIS E 119 -46.31 27.95 21.75
CA HIS E 119 -44.99 27.34 21.76
C HIS E 119 -44.85 26.31 22.87
N LEU E 120 -45.54 26.52 23.99
CA LEU E 120 -45.59 25.48 25.02
C LEU E 120 -46.26 24.23 24.48
N ALA E 121 -47.35 24.39 23.72
CA ALA E 121 -48.02 23.25 23.11
C ALA E 121 -47.11 22.56 22.09
N GLN E 122 -46.32 23.32 21.36
CA GLN E 122 -45.40 22.73 20.39
C GLN E 122 -44.32 21.94 21.09
N ILE E 123 -43.83 22.45 22.22
CA ILE E 123 -42.83 21.71 22.98
C ILE E 123 -43.42 20.43 23.55
N ILE E 124 -44.64 20.52 24.09
CA ILE E 124 -45.32 19.34 24.64
C ILE E 124 -45.57 18.31 23.55
N PHE E 125 -45.95 18.76 22.35
CA PHE E 125 -46.21 17.84 21.25
C PHE E 125 -44.96 17.05 20.88
N GLN E 126 -43.83 17.76 20.73
CA GLN E 126 -42.60 17.10 20.30
C GLN E 126 -42.07 16.16 21.38
N VAL E 127 -41.98 16.65 22.62
CA VAL E 127 -41.48 15.81 23.71
C VAL E 127 -42.39 14.60 23.89
N GLY E 128 -43.71 14.81 23.76
CA GLY E 128 -44.62 13.69 23.80
C GLY E 128 -44.33 12.69 22.70
N ALA E 129 -44.12 13.17 21.48
CA ALA E 129 -43.79 12.28 20.37
C ALA E 129 -42.46 11.58 20.60
N ALA E 130 -41.47 12.29 21.14
CA ALA E 130 -40.19 11.66 21.41
C ALA E 130 -40.30 10.61 22.51
N LEU E 131 -41.01 10.93 23.59
CA LEU E 131 -41.11 10.01 24.71
C LEU E 131 -41.95 8.79 24.35
N ASP E 132 -42.98 8.98 23.53
CA ASP E 132 -43.80 7.85 23.09
C ASP E 132 -43.00 6.90 22.21
N TYR E 133 -42.09 7.44 21.40
CA TYR E 133 -41.16 6.60 20.66
C TYR E 133 -40.20 5.89 21.60
N PHE E 134 -39.64 6.64 22.55
CA PHE E 134 -38.71 6.06 23.52
C PHE E 134 -39.36 4.93 24.30
N HIS E 135 -40.60 5.14 24.76
CA HIS E 135 -41.21 4.20 25.68
C HIS E 135 -41.72 2.95 24.98
N THR E 136 -42.36 3.11 23.82
CA THR E 136 -43.08 1.99 23.20
C THR E 136 -42.34 1.37 22.01
N GLU E 137 -41.35 2.05 21.45
CA GLU E 137 -40.55 1.49 20.37
C GLU E 137 -39.16 1.07 20.81
N LEU E 138 -38.51 1.88 21.65
CA LEU E 138 -37.20 1.50 22.20
C LEU E 138 -37.31 0.84 23.57
N HIS E 139 -38.45 1.01 24.26
CA HIS E 139 -38.65 0.47 25.60
C HIS E 139 -37.57 0.96 26.56
N LEU E 140 -37.38 2.28 26.58
CA LEU E 140 -36.44 2.94 27.45
C LEU E 140 -37.14 4.07 28.19
N MET E 141 -36.65 4.37 29.38
CA MET E 141 -37.01 5.60 30.07
C MET E 141 -35.82 6.52 30.07
N HIS E 142 -36.09 7.82 29.97
CA HIS E 142 -35.03 8.80 30.03
C HIS E 142 -34.56 9.00 31.47
N THR E 143 -35.52 9.23 32.38
CA THR E 143 -35.34 9.33 33.83
C THR E 143 -34.63 10.61 34.25
N ASP E 144 -34.12 11.41 33.31
CA ASP E 144 -33.41 12.63 33.68
C ASP E 144 -33.81 13.77 32.78
N LEU E 145 -35.11 13.93 32.55
CA LEU E 145 -35.57 15.05 31.75
C LEU E 145 -35.54 16.32 32.58
N LYS E 146 -35.04 17.39 31.98
CA LYS E 146 -34.88 18.67 32.64
C LYS E 146 -34.93 19.75 31.57
N PRO E 147 -35.35 20.97 31.92
CA PRO E 147 -35.24 22.07 30.97
C PRO E 147 -33.81 22.34 30.55
N GLU E 148 -32.82 21.86 31.31
CA GLU E 148 -31.42 22.08 30.99
C GLU E 148 -30.92 21.17 29.89
N ASN E 149 -31.59 20.04 29.64
CA ASN E 149 -31.20 19.11 28.59
C ASN E 149 -32.25 18.93 27.51
N ILE E 150 -33.29 19.76 27.49
CA ILE E 150 -34.16 19.89 26.34
C ILE E 150 -33.73 21.15 25.59
N LEU E 151 -33.13 20.96 24.42
CA LEU E 151 -32.50 22.05 23.70
C LEU E 151 -33.37 22.55 22.56
N MET E 152 -33.32 23.85 22.32
CA MET E 152 -33.86 24.42 21.09
C MET E 152 -33.08 23.90 19.89
N GLU E 153 -33.81 23.56 18.82
CA GLU E 153 -33.15 23.16 17.58
C GLU E 153 -32.28 24.29 17.04
N SER E 154 -32.76 25.52 17.13
CA SER E 154 -32.03 26.68 16.65
C SER E 154 -32.09 27.78 17.71
N GLY E 155 -31.04 28.62 17.72
CA GLY E 155 -31.00 29.72 18.67
C GLY E 155 -31.41 31.08 18.12
N ASP E 156 -32.21 31.09 17.06
CA ASP E 156 -32.64 32.34 16.45
C ASP E 156 -33.98 32.81 17.02
N THR E 157 -34.16 34.13 17.06
CA THR E 157 -35.32 34.75 17.67
C THR E 157 -35.82 35.89 16.80
N SER E 158 -37.13 36.11 16.83
CA SER E 158 -37.80 37.19 16.14
C SER E 158 -38.54 38.06 17.15
N VAL E 159 -39.12 39.14 16.66
CA VAL E 159 -39.80 40.12 17.50
C VAL E 159 -41.30 39.91 17.39
N ASP E 160 -41.95 39.77 18.53
CA ASP E 160 -43.39 39.80 18.60
C ASP E 160 -43.81 41.20 18.20
N PRO E 161 -44.51 41.41 17.08
CA PRO E 161 -44.79 42.79 16.65
C PRO E 161 -45.74 43.52 17.59
N MET E 162 -46.61 42.79 18.29
CA MET E 162 -47.59 43.40 19.18
C MET E 162 -47.04 43.60 20.58
N THR E 163 -46.36 42.60 21.14
CA THR E 163 -45.81 42.69 22.49
C THR E 163 -44.37 43.17 22.53
N HIS E 164 -43.65 43.12 21.41
CA HIS E 164 -42.23 43.45 21.28
C HIS E 164 -41.33 42.50 22.07
N ARG E 165 -41.88 41.43 22.64
CA ARG E 165 -41.09 40.45 23.36
C ARG E 165 -40.51 39.41 22.40
N ALA E 166 -39.54 38.64 22.89
CA ALA E 166 -38.81 37.71 22.04
C ALA E 166 -39.65 36.47 21.74
N LEU E 167 -39.60 36.03 20.47
CA LEU E 167 -40.27 34.81 20.03
C LEU E 167 -39.25 33.76 19.60
N PRO E 168 -39.49 32.50 19.93
CA PRO E 168 -38.64 31.42 19.41
C PRO E 168 -38.93 31.18 17.94
N PRO E 169 -38.17 30.30 17.27
CA PRO E 169 -38.51 29.94 15.89
C PRO E 169 -39.92 29.39 15.79
N GLU E 170 -40.52 29.54 14.60
CA GLU E 170 -41.86 29.02 14.34
C GLU E 170 -41.80 28.01 13.21
N PRO E 171 -41.94 26.70 13.48
CA PRO E 171 -42.24 26.16 14.80
C PRO E 171 -41.02 26.13 15.72
N CYS E 172 -41.27 26.07 17.03
CA CYS E 172 -40.17 26.05 18.01
C CYS E 172 -39.76 24.59 18.19
N ARG E 173 -38.89 24.14 17.30
CA ARG E 173 -38.42 22.76 17.33
C ARG E 173 -37.44 22.57 18.48
N VAL E 174 -37.59 21.47 19.21
CA VAL E 174 -36.70 21.14 20.31
C VAL E 174 -36.11 19.75 20.09
N ARG E 175 -35.08 19.45 20.89
CA ARG E 175 -34.40 18.17 20.83
C ARG E 175 -34.15 17.69 22.26
N ILE E 176 -34.53 16.46 22.54
CA ILE E 176 -34.18 15.84 23.81
C ILE E 176 -32.79 15.23 23.69
N CYS E 177 -31.89 15.67 24.57
CA CYS E 177 -30.52 15.17 24.62
C CYS E 177 -30.25 14.59 25.99
N ASP E 178 -28.97 14.30 26.26
CA ASP E 178 -28.53 13.76 27.55
C ASP E 178 -29.16 12.39 27.80
N LEU E 179 -28.66 11.40 27.05
CA LEU E 179 -29.11 10.02 27.13
C LEU E 179 -28.23 9.15 28.03
N GLY E 180 -27.39 9.77 28.86
CA GLY E 180 -26.47 8.99 29.66
C GLY E 180 -27.14 8.16 30.75
N GLY E 181 -28.25 8.65 31.29
CA GLY E 181 -28.91 8.01 32.40
C GLY E 181 -30.11 7.15 32.03
N CYS E 182 -30.11 6.66 30.79
CA CYS E 182 -31.24 5.89 30.30
C CYS E 182 -31.35 4.55 31.01
N CYS E 183 -32.58 4.12 31.24
CA CYS E 183 -32.87 2.86 31.87
C CYS E 183 -33.70 2.00 30.93
N ASP E 184 -33.87 0.74 31.31
CA ASP E 184 -34.81 -0.15 30.65
C ASP E 184 -35.48 -0.95 31.76
N GLU E 185 -36.33 -1.90 31.37
CA GLU E 185 -37.27 -2.48 32.32
C GLU E 185 -36.61 -3.36 33.39
N ARG E 186 -35.29 -3.59 33.36
CA ARG E 186 -34.65 -4.31 34.46
C ARG E 186 -33.61 -3.44 35.13
N HIS E 187 -33.97 -2.20 35.45
CA HIS E 187 -33.19 -1.40 36.37
C HIS E 187 -33.33 -1.96 37.79
N SER E 188 -32.42 -1.57 38.65
CA SER E 188 -32.59 -1.81 40.07
C SER E 188 -33.94 -1.28 40.51
N ARG E 189 -34.69 -2.11 41.24
CA ARG E 189 -36.07 -1.74 41.52
C ARG E 189 -36.16 -0.66 42.58
N THR E 190 -35.14 -0.52 43.44
CA THR E 190 -35.08 0.58 44.40
C THR E 190 -34.09 1.66 43.96
N ALA E 191 -33.66 1.66 42.70
CA ALA E 191 -32.73 2.67 42.20
C ALA E 191 -33.32 4.08 42.34
N ILE E 192 -32.45 5.04 42.61
CA ILE E 192 -32.81 6.45 42.69
C ILE E 192 -32.36 7.13 41.39
N VAL E 193 -33.30 7.69 40.65
CA VAL E 193 -33.02 8.35 39.39
C VAL E 193 -33.54 9.78 39.46
N SER E 194 -33.22 10.54 38.41
CA SER E 194 -33.75 11.89 38.19
C SER E 194 -33.09 12.94 39.10
N THR E 195 -32.93 14.15 38.58
CA THR E 195 -32.66 15.30 39.43
C THR E 195 -33.84 15.52 40.37
N ARG E 196 -33.53 15.91 41.61
CA ARG E 196 -34.54 15.89 42.66
C ARG E 196 -35.75 16.75 42.30
N HIS E 197 -35.51 17.88 41.62
CA HIS E 197 -36.60 18.77 41.23
C HIS E 197 -37.68 18.06 40.43
N TYR E 198 -37.29 17.06 39.64
CA TYR E 198 -38.19 16.41 38.71
C TYR E 198 -38.41 14.94 39.03
N ARG E 199 -38.07 14.52 40.25
CA ARG E 199 -38.11 13.12 40.64
C ARG E 199 -39.48 12.75 41.18
N SER E 200 -40.06 11.68 40.63
CA SER E 200 -41.38 11.24 41.03
C SER E 200 -41.38 10.69 42.46
N PRO E 201 -42.53 10.69 43.13
CA PRO E 201 -42.58 10.12 44.49
C PRO E 201 -42.29 8.63 44.52
N GLU E 202 -42.70 7.88 43.49
CA GLU E 202 -42.38 6.45 43.46
C GLU E 202 -40.88 6.21 43.53
N VAL E 203 -40.08 7.10 42.94
CA VAL E 203 -38.63 6.96 43.02
C VAL E 203 -38.14 7.37 44.41
N VAL E 204 -38.64 8.48 44.92
CA VAL E 204 -38.22 8.97 46.24
C VAL E 204 -38.44 7.90 47.30
N LEU E 205 -39.63 7.32 47.33
CA LEU E 205 -40.00 6.33 48.33
C LEU E 205 -39.74 4.91 47.86
N SER E 206 -39.11 4.73 46.69
CA SER E 206 -38.84 3.40 46.13
C SER E 206 -40.11 2.56 46.10
N LEU E 207 -41.16 3.15 45.52
CA LEU E 207 -42.45 2.48 45.42
C LEU E 207 -42.56 1.59 44.20
N GLY E 208 -41.48 1.47 43.42
CA GLY E 208 -41.54 0.85 42.12
C GLY E 208 -41.79 1.91 41.08
N TRP E 209 -40.93 1.99 40.06
CA TRP E 209 -41.07 3.00 39.03
C TRP E 209 -40.72 2.41 37.68
N MET E 210 -41.32 3.00 36.64
CA MET E 210 -41.06 2.59 35.27
C MET E 210 -41.26 3.78 34.35
N TYR E 211 -41.93 3.56 33.21
CA TYR E 211 -42.04 4.59 32.19
C TYR E 211 -42.73 5.86 32.71
N SER E 212 -43.70 5.70 33.60
CA SER E 212 -44.47 6.85 34.07
C SER E 212 -43.62 7.87 34.82
N THR E 213 -42.38 7.53 35.20
CA THR E 213 -41.54 8.48 35.89
C THR E 213 -41.05 9.60 34.97
N ASP E 214 -40.95 9.33 33.67
CA ASP E 214 -40.64 10.38 32.71
C ASP E 214 -41.78 11.38 32.56
N LEU E 215 -43.02 10.93 32.76
CA LEU E 215 -44.15 11.84 32.59
C LEU E 215 -44.36 12.69 33.83
N TRP E 216 -43.94 12.21 35.00
CA TRP E 216 -43.90 13.07 36.18
C TRP E 216 -42.97 14.26 35.96
N SER E 217 -41.76 13.99 35.46
CA SER E 217 -40.81 15.07 35.22
C SER E 217 -41.36 16.04 34.18
N MET E 218 -42.08 15.53 33.17
CA MET E 218 -42.71 16.41 32.20
C MET E 218 -43.74 17.30 32.87
N GLY E 219 -44.44 16.80 33.89
CA GLY E 219 -45.31 17.66 34.67
C GLY E 219 -44.55 18.78 35.34
N CYS E 220 -43.38 18.47 35.91
CA CYS E 220 -42.60 19.50 36.58
C CYS E 220 -41.97 20.45 35.57
N ILE E 221 -41.65 19.95 34.38
CA ILE E 221 -41.06 20.79 33.35
C ILE E 221 -42.10 21.76 32.79
N ILE E 222 -43.31 21.26 32.49
CA ILE E 222 -44.34 22.10 31.90
C ILE E 222 -44.80 23.18 32.87
N TYR E 223 -44.91 22.84 34.16
CA TYR E 223 -45.20 23.88 35.16
C TYR E 223 -44.17 25.00 35.07
N GLU E 224 -42.89 24.63 34.99
CA GLU E 224 -41.81 25.62 34.98
C GLU E 224 -41.76 26.41 33.68
N LEU E 225 -42.08 25.76 32.55
CA LEU E 225 -42.06 26.46 31.27
C LEU E 225 -43.17 27.50 31.18
N TYR E 226 -44.26 27.31 31.91
CA TYR E 226 -45.39 28.21 31.86
C TYR E 226 -45.34 29.29 32.93
N THR E 227 -44.78 28.99 34.09
CA THR E 227 -44.70 29.97 35.17
C THR E 227 -43.31 30.59 35.32
N GLY E 228 -42.27 29.94 34.79
CA GLY E 228 -40.92 30.41 35.00
C GLY E 228 -40.35 30.05 36.35
N LYS E 229 -41.03 29.23 37.14
CA LYS E 229 -40.60 28.88 38.49
C LYS E 229 -40.51 27.37 38.63
N LEU E 230 -39.57 26.93 39.46
CA LEU E 230 -39.49 25.52 39.82
C LEU E 230 -40.74 25.13 40.60
N LEU E 231 -41.31 23.98 40.24
CA LEU E 231 -42.44 23.50 41.02
C LEU E 231 -41.97 22.98 42.38
N TYR E 232 -40.80 22.34 42.41
CA TYR E 232 -40.25 21.78 43.64
C TYR E 232 -38.79 22.19 43.70
N ASP E 233 -38.53 23.34 44.33
CA ASP E 233 -37.15 23.80 44.57
C ASP E 233 -36.74 23.29 45.94
N THR E 234 -36.25 22.05 45.96
CA THR E 234 -36.00 21.37 47.21
C THR E 234 -34.78 20.47 47.04
N HIS E 235 -34.05 20.32 48.17
CA HIS E 235 -33.03 19.26 48.32
C HIS E 235 -33.36 18.19 49.34
N ASP E 236 -34.56 18.15 49.86
CA ASP E 236 -34.80 17.31 51.01
C ASP E 236 -36.02 16.46 50.78
N ASN E 237 -35.92 15.15 51.07
CA ASN E 237 -37.01 14.23 50.83
C ASN E 237 -38.28 14.66 51.57
N LEU E 238 -38.15 14.98 52.86
CA LEU E 238 -39.33 15.28 53.66
C LEU E 238 -39.97 16.60 53.24
N GLU E 239 -39.16 17.58 52.88
CA GLU E 239 -39.70 18.83 52.36
C GLU E 239 -40.36 18.63 51.01
N HIS E 240 -39.75 17.81 50.15
CA HIS E 240 -40.30 17.53 48.82
C HIS E 240 -41.72 16.96 48.92
N LEU E 241 -41.92 15.98 49.80
CA LEU E 241 -43.22 15.31 49.89
C LEU E 241 -44.29 16.24 50.43
N HIS E 242 -43.94 17.10 51.39
CA HIS E 242 -44.90 18.07 51.87
C HIS E 242 -45.26 19.06 50.78
N LEU E 243 -44.30 19.41 49.94
CA LEU E 243 -44.60 20.29 48.81
C LEU E 243 -45.52 19.59 47.82
N MET E 244 -45.31 18.30 47.61
CA MET E 244 -46.24 17.51 46.80
C MET E 244 -47.62 17.49 47.44
N GLU E 245 -47.68 17.34 48.76
CA GLU E 245 -48.97 17.35 49.45
C GLU E 245 -49.65 18.70 49.31
N LYS E 246 -48.86 19.79 49.35
CA LYS E 246 -49.44 21.11 49.28
C LYS E 246 -49.76 21.54 47.86
N THR E 247 -49.00 21.08 46.87
CA THR E 247 -49.25 21.46 45.49
C THR E 247 -50.28 20.58 44.80
N LEU E 248 -50.36 19.29 45.18
CA LEU E 248 -51.15 18.34 44.43
C LEU E 248 -52.23 17.62 45.24
N GLY E 249 -52.10 17.52 46.55
CA GLY E 249 -53.01 16.73 47.33
C GLY E 249 -52.28 15.67 48.11
N ARG E 250 -52.99 15.09 49.04
CA ARG E 250 -52.21 14.25 49.92
C ARG E 250 -51.82 12.93 49.27
N LEU E 251 -50.75 12.38 49.80
CA LEU E 251 -50.27 11.09 49.39
C LEU E 251 -51.30 10.01 49.76
N PRO E 252 -51.38 8.96 48.95
CA PRO E 252 -52.27 7.85 49.28
C PRO E 252 -51.89 7.27 50.63
N ALA E 253 -52.92 6.87 51.39
CA ALA E 253 -52.70 6.45 52.76
C ALA E 253 -51.82 5.21 52.85
N ASP E 254 -51.86 4.35 51.82
CA ASP E 254 -51.11 3.10 51.84
C ASP E 254 -49.63 3.27 51.54
N TRP E 255 -49.18 4.49 51.19
CA TRP E 255 -47.78 4.68 50.83
C TRP E 255 -46.87 4.38 52.01
N SER E 256 -47.37 4.56 53.23
CA SER E 256 -46.51 4.38 54.40
C SER E 256 -46.02 2.96 54.62
N VAL E 257 -46.72 1.94 54.12
CA VAL E 257 -46.27 0.55 54.24
C VAL E 257 -45.63 0.03 52.96
N ARG E 258 -45.76 0.76 51.86
CA ARG E 258 -45.47 0.29 50.51
C ARG E 258 -44.13 0.82 50.02
N CYS E 259 -43.43 1.60 50.83
CA CYS E 259 -42.14 2.17 50.50
C CYS E 259 -41.04 1.10 50.46
N GLY E 260 -40.08 1.30 49.58
CA GLY E 260 -39.14 0.25 49.24
C GLY E 260 -37.82 0.28 49.97
N THR E 261 -37.57 1.32 50.78
CA THR E 261 -36.34 1.41 51.55
C THR E 261 -36.62 1.79 53.00
N GLN E 262 -35.67 1.38 53.86
CA GLN E 262 -35.63 1.84 55.25
C GLN E 262 -35.67 3.36 55.32
N GLU E 263 -34.80 4.03 54.53
CA GLU E 263 -34.88 5.49 54.40
C GLU E 263 -36.29 6.00 54.21
N ALA E 264 -37.00 5.39 53.28
CA ALA E 264 -38.24 5.96 52.81
C ALA E 264 -39.28 5.83 53.89
N ARG E 265 -39.31 4.67 54.53
CA ARG E 265 -40.21 4.45 55.66
C ARG E 265 -39.95 5.44 56.78
N ASP E 266 -38.70 5.86 56.96
CA ASP E 266 -38.39 6.78 58.06
C ASP E 266 -38.97 8.16 57.83
N LEU E 267 -39.55 8.42 56.66
CA LEU E 267 -40.24 9.67 56.39
C LEU E 267 -41.68 9.67 56.91
N PHE E 268 -42.17 8.56 57.44
CA PHE E 268 -43.51 8.50 57.98
C PHE E 268 -43.46 8.15 59.47
N THR E 269 -44.52 8.57 60.17
CA THR E 269 -44.73 8.19 61.57
C THR E 269 -45.03 6.70 61.66
N ALA E 270 -45.07 6.20 62.90
CA ALA E 270 -45.61 4.87 63.16
C ALA E 270 -47.05 4.75 62.72
N ALA E 271 -47.83 5.83 62.77
CA ALA E 271 -49.21 5.79 62.30
C ALA E 271 -49.26 5.59 60.79
N GLY E 272 -48.50 6.37 60.04
CA GLY E 272 -48.49 6.26 58.59
C GLY E 272 -48.61 7.64 57.98
N THR E 273 -48.46 8.65 58.82
CA THR E 273 -48.56 10.04 58.44
C THR E 273 -47.18 10.61 58.12
N LEU E 274 -47.17 11.70 57.39
CA LEU E 274 -45.90 12.32 56.99
C LEU E 274 -45.26 12.98 58.21
N GLN E 275 -43.96 12.84 58.32
CA GLN E 275 -43.26 13.48 59.43
C GLN E 275 -43.25 14.99 59.22
N PRO E 276 -43.42 15.78 60.27
CA PRO E 276 -43.33 17.23 60.10
C PRO E 276 -41.87 17.67 59.93
N CYS E 277 -41.67 18.75 59.19
CA CYS E 277 -40.36 19.39 59.05
C CYS E 277 -40.17 20.39 60.19
N LYS E 278 -38.92 20.58 60.64
CA LYS E 278 -38.66 21.47 61.77
C LYS E 278 -37.71 22.59 61.37
N ASP E 279 -37.35 22.63 60.12
CA ASP E 279 -36.41 23.59 59.60
C ASP E 279 -37.17 24.84 59.17
N PRO E 280 -36.79 26.06 59.61
CA PRO E 280 -37.75 27.19 59.44
C PRO E 280 -38.04 27.60 58.00
N LYS E 281 -37.10 27.40 57.06
CA LYS E 281 -37.36 27.75 55.66
C LYS E 281 -38.14 26.66 54.92
N HIS E 282 -38.16 25.42 55.44
CA HIS E 282 -38.99 24.44 54.76
C HIS E 282 -40.42 24.63 55.18
N ILE E 283 -40.63 24.98 56.46
CA ILE E 283 -41.97 25.37 56.89
C ILE E 283 -42.39 26.60 56.11
N ALA E 284 -41.44 27.48 55.81
CA ALA E 284 -41.78 28.63 55.00
C ALA E 284 -42.12 28.18 53.59
N ARG E 285 -41.24 27.38 52.98
CA ARG E 285 -41.43 27.04 51.57
C ARG E 285 -42.69 26.21 51.37
N ILE E 286 -43.01 25.32 52.31
CA ILE E 286 -44.28 24.60 52.20
C ILE E 286 -45.46 25.53 52.41
N ALA E 287 -45.36 26.42 53.40
CA ALA E 287 -46.44 27.38 53.61
C ALA E 287 -46.54 28.36 52.45
N ARG E 288 -45.44 28.67 51.77
CA ARG E 288 -45.61 29.63 50.69
C ARG E 288 -45.90 28.99 49.34
N ALA E 289 -45.80 27.65 49.23
CA ALA E 289 -46.25 26.98 48.02
C ALA E 289 -47.77 27.01 47.94
N ARG E 290 -48.29 27.17 46.73
CA ARG E 290 -49.73 27.23 46.51
C ARG E 290 -50.15 26.13 45.54
N PRO E 291 -51.40 25.65 45.61
CA PRO E 291 -51.82 24.50 44.80
C PRO E 291 -51.68 24.74 43.30
N VAL E 292 -51.27 23.67 42.58
CA VAL E 292 -51.10 23.73 41.11
C VAL E 292 -52.36 24.27 40.46
N ARG E 293 -53.47 23.73 40.92
CA ARG E 293 -54.80 24.16 40.55
C ARG E 293 -55.07 25.66 40.67
N GLU E 294 -54.43 26.39 41.60
CA GLU E 294 -54.65 27.83 41.56
C GLU E 294 -53.54 28.61 40.84
N VAL E 295 -52.41 27.98 40.53
CA VAL E 295 -51.39 28.70 39.77
C VAL E 295 -51.69 28.59 38.27
N ILE E 296 -52.16 27.43 37.82
CA ILE E 296 -52.45 27.23 36.40
C ILE E 296 -53.90 27.63 36.15
N THR E 297 -54.08 28.86 35.67
CA THR E 297 -55.37 29.43 35.29
C THR E 297 -55.96 28.80 34.03
N GLU E 298 -55.14 28.39 33.10
CA GLU E 298 -55.66 27.83 31.86
C GLU E 298 -56.26 26.46 32.17
N PRO E 299 -57.57 26.23 31.94
CA PRO E 299 -58.19 24.98 32.42
C PRO E 299 -57.64 23.72 31.76
N LEU E 300 -57.32 23.77 30.47
CA LEU E 300 -56.77 22.59 29.80
C LEU E 300 -55.33 22.33 30.22
N LEU E 301 -54.54 23.38 30.39
CA LEU E 301 -53.18 23.21 30.89
C LEU E 301 -53.20 22.69 32.33
N CYS E 302 -54.18 23.15 33.11
CA CYS E 302 -54.35 22.67 34.48
C CYS E 302 -54.57 21.16 34.50
N ASP E 303 -55.48 20.67 33.66
CA ASP E 303 -55.74 19.24 33.59
C ASP E 303 -54.49 18.48 33.13
N LEU E 304 -53.74 19.05 32.20
CA LEU E 304 -52.52 18.41 31.71
C LEU E 304 -51.50 18.26 32.82
N ILE E 305 -51.23 19.33 33.57
CA ILE E 305 -50.23 19.30 34.62
C ILE E 305 -50.64 18.32 35.72
N LEU E 306 -51.90 18.39 36.14
CA LEU E 306 -52.35 17.59 37.28
C LEU E 306 -52.38 16.10 36.94
N ASN E 307 -52.75 15.75 35.71
CA ASN E 307 -52.79 14.35 35.33
C ASN E 307 -51.44 13.82 34.86
N LEU E 308 -50.47 14.71 34.62
CA LEU E 308 -49.09 14.26 34.50
C LEU E 308 -48.46 13.99 35.86
N LEU E 309 -48.92 14.70 36.89
CA LEU E 309 -48.41 14.52 38.25
C LEU E 309 -49.31 13.65 39.11
N HIS E 310 -50.05 12.73 38.46
CA HIS E 310 -50.93 11.82 39.17
C HIS E 310 -50.12 10.88 40.07
N TYR E 311 -50.57 10.72 41.32
CA TYR E 311 -49.90 9.81 42.23
C TYR E 311 -50.05 8.35 41.79
N ASP E 312 -51.14 8.04 41.09
CA ASP E 312 -51.35 6.69 40.56
C ASP E 312 -50.58 6.57 39.26
N ARG E 313 -49.66 5.60 39.22
CA ARG E 313 -48.78 5.46 38.07
C ARG E 313 -49.50 4.95 36.82
N GLN E 314 -50.66 4.31 36.99
CA GLN E 314 -51.38 3.81 35.82
C GLN E 314 -52.39 4.80 35.28
N ARG E 315 -52.90 5.71 36.11
CA ARG E 315 -53.76 6.78 35.62
C ARG E 315 -52.99 8.04 35.25
N ARG E 316 -51.72 8.16 35.65
CA ARG E 316 -50.90 9.25 35.14
C ARG E 316 -50.85 9.19 33.62
N LEU E 317 -50.97 10.36 33.00
CA LEU E 317 -50.97 10.42 31.54
C LEU E 317 -49.67 9.85 30.99
N ASN E 318 -49.77 9.13 29.88
CA ASN E 318 -48.59 8.65 29.19
C ASN E 318 -48.18 9.65 28.12
N ALA E 319 -47.02 9.39 27.49
CA ALA E 319 -46.48 10.32 26.51
C ALA E 319 -47.45 10.52 25.34
N ARG E 320 -48.10 9.44 24.90
CA ARG E 320 -49.03 9.56 23.78
C ARG E 320 -50.21 10.46 24.14
N GLN E 321 -50.75 10.32 25.34
CA GLN E 321 -51.85 11.19 25.77
C GLN E 321 -51.38 12.62 25.94
N MET E 322 -50.14 12.82 26.38
CA MET E 322 -49.61 14.17 26.54
C MET E 322 -49.59 14.91 25.21
N MET E 323 -49.01 14.30 24.17
CA MET E 323 -48.96 14.97 22.86
C MET E 323 -50.32 15.11 22.22
N SER E 324 -51.31 14.29 22.62
CA SER E 324 -52.65 14.35 22.05
C SER E 324 -53.64 14.98 23.01
N HIS E 325 -53.16 15.68 24.04
CA HIS E 325 -54.04 16.32 24.99
C HIS E 325 -54.80 17.47 24.35
N ALA E 326 -55.95 17.80 24.94
CA ALA E 326 -56.76 18.89 24.40
C ALA E 326 -56.02 20.22 24.38
N TYR E 327 -55.09 20.43 25.32
CA TYR E 327 -54.31 21.66 25.34
C TYR E 327 -53.49 21.81 24.06
N VAL E 328 -52.84 20.73 23.62
CA VAL E 328 -52.04 20.79 22.40
C VAL E 328 -52.93 21.04 21.19
N HIS E 329 -54.13 20.46 21.19
CA HIS E 329 -55.04 20.62 20.07
C HIS E 329 -55.64 22.03 20.02
N LYS E 330 -55.79 22.68 21.18
CA LYS E 330 -56.40 24.01 21.19
C LYS E 330 -55.41 25.08 20.75
N TYR E 331 -54.21 25.07 21.31
CA TYR E 331 -53.25 26.14 21.06
C TYR E 331 -52.22 25.79 19.99
N PHE E 332 -52.10 24.52 19.62
CA PHE E 332 -51.30 24.11 18.47
C PHE E 332 -52.17 23.27 17.55
N PRO E 333 -53.22 23.86 16.97
CA PRO E 333 -54.18 23.06 16.19
C PRO E 333 -53.56 22.39 14.99
N GLU E 334 -52.48 22.95 14.45
CA GLU E 334 -51.81 22.36 13.29
C GLU E 334 -51.03 21.09 13.62
N CYS E 335 -50.93 20.71 14.90
CA CYS E 335 -50.49 19.37 15.24
C CYS E 335 -51.26 18.31 14.48
N ARG E 336 -52.54 18.57 14.15
CA ARG E 336 -53.36 17.54 13.54
C ARG E 336 -52.92 17.24 12.10
N GLN E 337 -52.17 18.13 11.47
CA GLN E 337 -51.60 17.87 10.15
C GLN E 337 -50.13 17.46 10.22
N HIS E 338 -49.58 17.31 11.40
CA HIS E 338 -48.19 16.87 11.51
C HIS E 338 -48.09 15.36 11.34
N PRO E 339 -47.07 14.87 10.63
CA PRO E 339 -46.98 13.42 10.38
C PRO E 339 -46.84 12.58 11.65
N ASN E 340 -46.51 13.19 12.78
CA ASN E 340 -46.39 12.46 14.04
C ASN E 340 -47.66 12.45 14.86
N HIS E 341 -48.68 13.21 14.47
CA HIS E 341 -49.96 13.17 15.15
C HIS E 341 -50.54 11.76 15.10
N VAL E 342 -51.17 11.35 16.22
CA VAL E 342 -51.58 9.96 16.40
C VAL E 342 -52.57 9.53 15.32
N ASP E 343 -53.43 10.43 14.84
CA ASP E 343 -54.45 10.02 13.87
C ASP E 343 -53.94 9.92 12.44
N ASN E 344 -52.69 10.32 12.17
CA ASN E 344 -52.12 10.20 10.83
C ASN E 344 -51.03 9.14 10.74
N ARG E 345 -50.93 8.27 11.73
CA ARG E 345 -49.95 7.20 11.78
C ARG E 345 -50.62 5.84 11.76
N SER E 346 -49.80 4.79 11.65
CA SER E 346 -50.28 3.44 11.91
C SER E 346 -50.80 3.30 13.30
N LYS E 347 -51.43 2.16 13.52
CA LYS E 347 -51.77 1.75 14.86
C LYS E 347 -50.47 1.44 15.58
N LEU E 348 -50.28 2.05 16.71
CA LEU E 348 -49.03 2.05 17.43
C LEU E 348 -48.97 0.91 18.43
N PRO E 349 -47.77 0.53 18.87
CA PRO E 349 -47.66 -0.41 19.99
C PRO E 349 -48.40 0.12 21.19
N PRO E 350 -48.81 -0.75 22.11
CA PRO E 350 -49.57 -0.27 23.27
C PRO E 350 -48.75 0.69 24.10
N THR E 351 -49.44 1.66 24.71
CA THR E 351 -48.78 2.53 25.66
C THR E 351 -48.34 1.71 26.85
N PRO E 352 -47.33 2.18 27.59
CA PRO E 352 -46.89 1.41 28.75
C PRO E 352 -47.99 1.32 29.81
N VAL E 353 -47.94 0.23 30.55
CA VAL E 353 -48.66 0.10 31.81
C VAL E 353 -47.74 0.62 32.88
N MET E 354 -48.09 1.76 33.49
CA MET E 354 -47.27 2.42 34.51
C MET E 354 -45.80 2.62 34.13
N GLY F 16 62.06 40.92 3.99
CA GLY F 16 62.18 40.20 2.74
C GLY F 16 61.02 40.46 1.80
N ARG F 17 59.87 39.87 2.12
CA ARG F 17 58.67 40.04 1.31
C ARG F 17 57.72 41.08 1.86
N PHE F 18 57.65 41.22 3.17
CA PHE F 18 56.77 42.17 3.80
C PHE F 18 57.60 43.26 4.45
N LYS F 19 57.42 44.50 3.99
CA LYS F 19 58.02 45.66 4.63
C LYS F 19 56.99 46.40 5.47
N ILE F 20 57.34 46.70 6.73
CA ILE F 20 56.42 47.38 7.63
C ILE F 20 56.24 48.84 7.23
N LEU F 21 54.99 49.29 7.20
CA LEU F 21 54.66 50.68 6.88
C LEU F 21 54.25 51.48 8.12
N SER F 22 53.18 51.09 8.79
CA SER F 22 52.72 51.79 9.99
C SER F 22 52.35 50.78 11.07
N LEU F 23 52.24 51.25 12.30
CA LEU F 23 51.71 50.47 13.41
C LEU F 23 50.24 50.81 13.59
N LEU F 24 49.38 49.80 13.44
CA LEU F 24 47.94 49.98 13.55
C LEU F 24 47.43 49.76 14.96
N GLY F 25 48.06 48.88 15.71
CA GLY F 25 47.64 48.62 17.06
C GLY F 25 48.62 47.72 17.77
N GLU F 26 48.56 47.75 19.10
CA GLU F 26 49.57 47.09 19.92
C GLU F 26 48.92 46.58 21.20
N GLY F 27 49.43 45.46 21.69
CA GLY F 27 48.95 44.91 22.94
C GLY F 27 49.85 43.80 23.43
N THR F 28 49.39 43.07 24.46
CA THR F 28 50.04 41.86 24.93
C THR F 28 50.39 40.87 23.81
N PHE F 29 49.42 40.51 22.98
CA PHE F 29 49.69 39.54 21.92
C PHE F 29 50.92 39.96 21.14
N GLY F 30 51.09 41.25 20.90
CA GLY F 30 52.14 41.74 20.05
C GLY F 30 51.73 42.99 19.31
N LYS F 31 51.91 42.96 17.99
CA LYS F 31 51.72 44.13 17.16
C LYS F 31 50.84 43.75 15.97
N VAL F 32 50.06 44.72 15.52
CA VAL F 32 49.46 44.68 14.19
C VAL F 32 50.06 45.84 13.42
N VAL F 33 50.71 45.52 12.31
CA VAL F 33 51.35 46.56 11.52
C VAL F 33 50.71 46.55 10.14
N GLU F 34 50.64 47.73 9.53
CA GLU F 34 50.30 47.82 8.13
C GLU F 34 51.54 47.50 7.31
N ALA F 35 51.40 46.60 6.35
CA ALA F 35 52.55 46.15 5.58
C ALA F 35 52.23 46.20 4.10
N TRP F 36 53.29 46.30 3.30
CA TRP F 36 53.21 46.22 1.85
C TRP F 36 53.75 44.86 1.41
N ASP F 37 52.92 44.05 0.75
CA ASP F 37 53.36 42.74 0.26
C ASP F 37 53.99 42.92 -1.11
N ARG F 38 55.29 42.64 -1.22
CA ARG F 38 55.95 42.99 -2.47
C ARG F 38 55.57 42.14 -3.67
N LYS F 39 54.99 40.98 -3.42
CA LYS F 39 54.44 40.09 -4.45
C LYS F 39 53.11 40.50 -4.99
N ARG F 40 52.13 40.52 -4.10
CA ARG F 40 50.75 40.73 -4.47
C ARG F 40 50.39 42.13 -4.91
N LYS F 41 51.27 43.12 -4.80
CA LYS F 41 50.90 44.44 -5.27
C LYS F 41 49.74 45.01 -4.47
N GLU F 42 49.82 44.88 -3.15
CA GLU F 42 48.77 45.39 -2.30
C GLU F 42 49.18 45.45 -0.83
N TYR F 43 48.39 46.21 -0.05
CA TYR F 43 48.62 46.40 1.37
C TYR F 43 47.94 45.29 2.17
N CYS F 44 48.48 45.02 3.35
CA CYS F 44 48.05 43.93 4.20
C CYS F 44 48.13 44.42 5.65
N ALA F 45 47.47 43.67 6.52
CA ALA F 45 47.68 43.76 7.95
C ALA F 45 48.43 42.53 8.40
N VAL F 46 49.47 42.71 9.22
CA VAL F 46 50.27 41.59 9.70
C VAL F 46 50.28 41.63 11.21
N LYS F 47 49.82 40.55 11.83
CA LYS F 47 49.88 40.40 13.28
C LYS F 47 51.21 39.73 13.62
N ILE F 48 52.08 40.46 14.31
CA ILE F 48 53.39 39.95 14.71
C ILE F 48 53.28 39.59 16.19
N VAL F 49 53.23 38.29 16.48
CA VAL F 49 53.03 37.81 17.84
C VAL F 49 54.33 37.85 18.62
N ARG F 50 54.29 38.24 19.90
CA ARG F 50 55.53 38.22 20.65
C ARG F 50 56.22 36.86 20.68
N ASN F 51 57.57 36.94 20.67
CA ASN F 51 58.50 35.84 20.58
C ASN F 51 58.69 35.21 21.96
N VAL F 52 57.60 34.62 22.43
CA VAL F 52 57.60 33.89 23.69
C VAL F 52 57.02 32.53 23.31
N PRO F 53 57.52 31.43 23.87
CA PRO F 53 57.05 30.10 23.43
C PRO F 53 55.55 29.94 23.55
N LYS F 54 55.02 30.64 24.53
CA LYS F 54 53.65 30.51 24.98
C LYS F 54 52.70 31.23 24.03
N TYR F 55 53.21 32.25 23.38
CA TYR F 55 52.60 33.04 22.32
C TYR F 55 52.67 32.35 20.98
N THR F 56 53.81 31.72 20.68
CA THR F 56 53.95 31.01 19.41
C THR F 56 53.02 29.80 19.33
N ARG F 57 52.72 29.15 20.45
CA ARG F 57 51.85 27.97 20.38
C ARG F 57 50.38 28.34 20.29
N ASP F 58 49.96 29.41 20.95
CA ASP F 58 48.58 29.87 20.81
C ASP F 58 48.36 30.67 19.53
N ALA F 59 49.43 31.19 18.93
CA ALA F 59 49.30 31.80 17.60
C ALA F 59 49.09 30.73 16.52
N LYS F 60 49.82 29.62 16.62
CA LYS F 60 49.63 28.53 15.69
C LYS F 60 48.26 27.88 15.86
N ILE F 61 47.74 27.87 17.09
CA ILE F 61 46.36 27.40 17.29
C ILE F 61 45.38 28.37 16.63
N GLU F 62 45.59 29.67 16.84
CA GLU F 62 44.74 30.67 16.18
C GLU F 62 44.80 30.52 14.66
N ILE F 63 45.99 30.27 14.11
CA ILE F 63 46.13 30.14 12.66
C ILE F 63 45.28 28.98 12.16
N GLN F 64 45.30 27.85 12.87
CA GLN F 64 44.54 26.68 12.43
C GLN F 64 43.04 26.96 12.47
N PHE F 65 42.57 27.70 13.48
CA PHE F 65 41.18 28.12 13.47
C PHE F 65 40.87 29.09 12.35
N MET F 66 41.83 29.93 11.97
CA MET F 66 41.57 30.92 10.93
C MET F 66 41.51 30.29 9.54
N GLU F 67 42.36 29.30 9.28
CA GLU F 67 42.32 28.62 7.98
C GLU F 67 41.09 27.75 7.82
N ARG F 68 40.48 27.31 8.93
CA ARG F 68 39.29 26.50 8.79
C ARG F 68 38.12 27.36 8.32
N VAL F 69 38.11 28.63 8.72
CA VAL F 69 37.17 29.58 8.11
C VAL F 69 37.55 29.81 6.66
N ARG F 70 38.83 30.03 6.39
CA ARG F 70 39.30 30.30 5.03
C ARG F 70 38.96 29.14 4.10
N LEU F 71 39.17 27.91 4.56
CA LEU F 71 38.91 26.73 3.74
C LEU F 71 37.43 26.43 3.56
N SER F 72 36.59 26.75 4.57
CA SER F 72 35.18 26.40 4.49
C SER F 72 34.37 27.48 3.76
N ASP F 73 34.58 28.74 4.11
CA ASP F 73 33.89 29.86 3.44
C ASP F 73 34.74 30.30 2.25
N VAL F 74 34.72 29.46 1.21
CA VAL F 74 35.67 29.63 0.10
C VAL F 74 35.35 30.86 -0.73
N GLU F 75 34.09 31.31 -0.69
CA GLU F 75 33.64 32.53 -1.36
C GLU F 75 33.29 33.66 -0.41
N ASP F 76 33.94 33.71 0.74
CA ASP F 76 33.94 34.89 1.58
C ASP F 76 32.53 35.46 1.69
N ARG F 77 31.57 34.57 1.91
CA ARG F 77 30.18 35.00 2.01
C ARG F 77 29.84 35.47 3.40
N PHE F 78 30.57 34.98 4.41
CA PHE F 78 30.19 35.35 5.76
C PHE F 78 31.29 36.20 6.37
N PRO F 79 30.93 37.21 7.19
CA PRO F 79 31.89 38.20 7.70
C PRO F 79 32.79 37.71 8.83
N LEU F 80 33.41 36.56 8.64
CA LEU F 80 34.53 36.18 9.47
C LEU F 80 35.78 36.55 8.69
N MET F 81 36.80 37.01 9.40
CA MET F 81 38.00 37.53 8.75
C MET F 81 38.79 36.42 8.05
N LYS F 82 39.58 36.78 7.03
CA LYS F 82 40.34 35.71 6.38
C LYS F 82 41.82 35.92 6.37
N ILE F 83 42.46 34.95 6.99
CA ILE F 83 43.90 34.77 6.98
C ILE F 83 44.34 34.63 5.54
N GLN F 84 45.48 35.23 5.20
CA GLN F 84 46.01 35.13 3.84
C GLN F 84 47.23 34.22 3.76
N ARG F 85 48.22 34.35 4.67
CA ARG F 85 49.37 33.46 4.83
C ARG F 85 49.92 33.69 6.24
N TYR F 86 50.86 32.82 6.61
CA TYR F 86 51.56 32.87 7.87
C TYR F 86 52.93 32.27 7.62
N PHE F 87 53.86 32.67 8.47
CA PHE F 87 55.23 32.17 8.47
C PHE F 87 55.79 32.53 9.83
N GLN F 88 56.94 31.94 10.14
CA GLN F 88 57.67 32.30 11.34
C GLN F 88 58.84 33.21 10.97
N ASN F 89 58.91 34.37 11.62
CA ASN F 89 59.96 35.33 11.33
C ASN F 89 61.33 34.78 11.71
N GLU F 90 62.38 35.48 11.28
CA GLU F 90 63.74 35.08 11.62
C GLU F 90 64.08 35.43 13.07
N THR F 91 63.19 36.14 13.76
CA THR F 91 63.30 36.40 15.19
C THR F 91 62.42 35.47 16.01
N GLY F 92 61.78 34.49 15.39
CA GLY F 92 60.90 33.59 16.11
C GLY F 92 59.48 34.10 16.27
N HIS F 93 59.20 35.32 15.82
CA HIS F 93 57.86 35.86 15.86
C HIS F 93 56.96 35.14 14.87
N MET F 94 55.80 34.69 15.34
CA MET F 94 54.76 34.24 14.44
C MET F 94 54.14 35.45 13.74
N CYS F 95 53.95 35.36 12.44
CA CYS F 95 53.44 36.47 11.65
C CYS F 95 52.22 36.00 10.89
N ILE F 96 51.09 36.65 11.14
CA ILE F 96 49.83 36.31 10.51
C ILE F 96 49.49 37.43 9.55
N VAL F 97 49.51 37.15 8.25
CA VAL F 97 49.23 38.14 7.23
C VAL F 97 47.75 38.09 6.91
N MET F 98 47.11 39.26 6.90
CA MET F 98 45.67 39.36 6.72
C MET F 98 45.34 40.59 5.87
N PRO F 99 44.12 40.74 5.38
CA PRO F 99 43.75 41.99 4.72
C PRO F 99 43.74 43.13 5.73
N LYS F 100 43.87 44.34 5.22
CA LYS F 100 43.85 45.53 6.06
C LYS F 100 42.40 45.99 6.19
N TYR F 101 41.87 45.91 7.40
CA TYR F 101 40.53 46.38 7.69
C TYR F 101 40.62 47.72 8.43
N GLY F 102 39.53 48.13 9.07
CA GLY F 102 39.52 49.39 9.78
C GLY F 102 39.63 49.20 11.27
N PRO F 103 39.32 50.25 12.02
CA PRO F 103 39.44 50.20 13.48
C PRO F 103 38.27 49.45 14.11
N CYS F 104 38.47 49.05 15.36
CA CYS F 104 37.45 48.34 16.11
C CYS F 104 36.19 49.19 16.28
N LEU F 105 35.08 48.51 16.57
CA LEU F 105 33.85 49.19 16.93
C LEU F 105 34.02 50.04 18.18
N LEU F 106 34.87 49.60 19.12
CA LEU F 106 35.10 50.39 20.32
C LEU F 106 35.65 51.77 20.00
N ASP F 107 36.60 51.84 19.06
CA ASP F 107 37.16 53.14 18.67
C ASP F 107 36.07 54.07 18.14
N TRP F 108 35.10 53.52 17.41
CA TRP F 108 34.05 54.35 16.85
C TRP F 108 33.15 54.92 17.94
N ILE F 109 32.65 54.06 18.83
CA ILE F 109 31.75 54.54 19.87
C ILE F 109 32.48 55.47 20.82
N MET F 110 33.79 55.29 21.00
CA MET F 110 34.52 56.19 21.87
C MET F 110 34.76 57.54 21.22
N LYS F 111 34.89 57.57 19.89
CA LYS F 111 35.12 58.83 19.18
C LYS F 111 33.84 59.47 18.68
N HIS F 112 32.92 58.69 18.12
CA HIS F 112 31.73 59.24 17.48
C HIS F 112 30.45 58.94 18.23
N GLY F 113 30.52 58.20 19.34
CA GLY F 113 29.35 57.87 20.10
C GLY F 113 28.65 56.65 19.56
N PRO F 114 27.46 56.35 20.09
CA PRO F 114 26.75 55.15 19.67
C PRO F 114 26.29 55.26 18.21
N PHE F 115 26.10 54.08 17.61
CA PHE F 115 25.60 54.01 16.24
C PHE F 115 24.11 54.34 16.19
N ASN F 116 23.65 54.80 15.03
CA ASN F 116 22.21 54.95 14.87
C ASN F 116 21.57 53.60 14.56
N HIS F 117 20.23 53.58 14.58
CA HIS F 117 19.49 52.33 14.52
C HIS F 117 19.79 51.53 13.25
N ARG F 118 19.93 52.20 12.11
CA ARG F 118 20.18 51.47 10.86
C ARG F 118 21.50 50.72 10.91
N HIS F 119 22.58 51.42 11.25
CA HIS F 119 23.90 50.78 11.25
C HIS F 119 24.02 49.75 12.35
N LEU F 120 23.34 49.97 13.48
CA LEU F 120 23.28 48.92 14.50
C LEU F 120 22.60 47.68 13.95
N ALA F 121 21.52 47.86 13.19
CA ALA F 121 20.85 46.72 12.56
C ALA F 121 21.76 46.03 11.55
N GLN F 122 22.56 46.81 10.81
CA GLN F 122 23.48 46.20 9.85
C GLN F 122 24.58 45.43 10.56
N ILE F 123 25.07 45.94 11.69
CA ILE F 123 26.10 45.22 12.45
C ILE F 123 25.52 43.93 13.03
N ILE F 124 24.32 44.01 13.60
CA ILE F 124 23.67 42.83 14.18
C ILE F 124 23.40 41.79 13.10
N PHE F 125 23.02 42.25 11.90
CA PHE F 125 22.74 41.33 10.80
C PHE F 125 23.98 40.53 10.41
N GLN F 126 25.12 41.22 10.26
CA GLN F 126 26.34 40.55 9.83
C GLN F 126 26.86 39.59 10.89
N VAL F 127 26.95 40.06 12.13
CA VAL F 127 27.44 39.20 13.22
C VAL F 127 26.53 37.99 13.37
N GLY F 128 25.21 38.18 13.24
CA GLY F 128 24.30 37.05 13.27
C GLY F 128 24.59 36.04 12.19
N ALA F 129 24.77 36.51 10.95
CA ALA F 129 25.09 35.61 9.85
C ALA F 129 26.43 34.93 10.07
N ALA F 130 27.42 35.67 10.61
CA ALA F 130 28.72 35.08 10.88
C ALA F 130 28.63 34.05 12.02
N LEU F 131 27.92 34.40 13.10
CA LEU F 131 27.81 33.49 14.23
C LEU F 131 26.95 32.27 13.87
N ASP F 132 25.93 32.46 13.03
CA ASP F 132 25.13 31.33 12.59
C ASP F 132 25.93 30.39 11.72
N TYR F 133 26.85 30.93 10.90
CA TYR F 133 27.79 30.10 10.18
C TYR F 133 28.74 29.39 11.12
N PHE F 134 29.29 30.13 12.08
CA PHE F 134 30.21 29.56 13.05
C PHE F 134 29.58 28.42 13.83
N HIS F 135 28.33 28.63 14.29
CA HIS F 135 27.71 27.68 15.22
C HIS F 135 27.16 26.46 14.50
N THR F 136 26.52 26.63 13.34
CA THR F 136 25.77 25.53 12.74
C THR F 136 26.48 24.83 11.59
N GLU F 137 27.45 25.47 10.95
CA GLU F 137 28.19 24.81 9.89
C GLU F 137 29.62 24.46 10.29
N LEU F 138 30.30 25.31 11.08
CA LEU F 138 31.62 24.96 11.59
C LEU F 138 31.57 24.29 12.96
N HIS F 139 30.48 24.46 13.71
CA HIS F 139 30.35 23.92 15.06
C HIS F 139 31.44 24.44 15.98
N LEU F 140 31.59 25.76 16.02
CA LEU F 140 32.53 26.44 16.90
C LEU F 140 31.82 27.52 17.68
N MET F 141 32.35 27.82 18.87
CA MET F 141 31.99 29.02 19.60
C MET F 141 33.17 29.98 19.56
N HIS F 142 32.87 31.27 19.46
CA HIS F 142 33.93 32.27 19.50
C HIS F 142 34.41 32.48 20.93
N THR F 143 33.47 32.69 21.85
CA THR F 143 33.66 32.80 23.29
C THR F 143 34.35 34.09 23.71
N ASP F 144 34.84 34.90 22.78
CA ASP F 144 35.55 36.12 23.14
C ASP F 144 35.16 37.29 22.23
N LEU F 145 33.87 37.42 21.93
CA LEU F 145 33.43 38.55 21.14
C LEU F 145 33.32 39.80 21.99
N LYS F 146 33.82 40.90 21.45
CA LYS F 146 33.87 42.18 22.13
C LYS F 146 33.91 43.28 21.06
N PRO F 147 33.44 44.49 21.37
CA PRO F 147 33.51 45.59 20.38
C PRO F 147 34.93 45.87 19.90
N GLU F 148 35.94 45.47 20.67
CA GLU F 148 37.33 45.73 20.32
C GLU F 148 37.89 44.75 19.29
N ASN F 149 37.27 43.59 19.09
CA ASN F 149 37.71 42.64 18.05
C ASN F 149 36.67 42.42 16.97
N ILE F 150 35.60 43.22 16.95
CA ILE F 150 34.73 43.32 15.79
C ILE F 150 35.16 44.58 15.04
N LEU F 151 35.76 44.40 13.88
CA LEU F 151 36.37 45.50 13.16
C LEU F 151 35.49 45.99 12.03
N MET F 152 35.55 47.30 11.81
CA MET F 152 35.00 47.87 10.58
C MET F 152 35.79 47.35 9.39
N GLU F 153 35.07 47.02 8.32
CA GLU F 153 35.75 46.61 7.10
C GLU F 153 36.65 47.71 6.56
N SER F 154 36.19 48.96 6.63
CA SER F 154 36.95 50.10 6.15
C SER F 154 36.92 51.22 7.19
N GLY F 155 37.97 52.03 7.18
CA GLY F 155 38.03 53.17 8.08
C GLY F 155 37.62 54.48 7.43
N ASP F 156 36.83 54.40 6.35
CA ASP F 156 36.33 55.60 5.69
C ASP F 156 35.01 55.99 6.30
N THR F 157 34.81 57.30 6.52
CA THR F 157 33.53 57.77 7.05
C THR F 157 33.13 59.10 6.43
N SER F 158 31.82 59.27 6.25
CA SER F 158 31.19 60.41 5.59
C SER F 158 30.43 61.24 6.63
N VAL F 159 29.92 62.38 6.16
CA VAL F 159 29.27 63.36 7.03
C VAL F 159 27.76 63.27 6.86
N ASP F 160 27.05 63.09 7.97
CA ASP F 160 25.60 63.20 7.91
C ASP F 160 25.20 64.66 7.67
N PRO F 161 24.54 64.96 6.56
CA PRO F 161 24.23 66.34 6.21
C PRO F 161 23.24 67.01 7.16
N MET F 162 22.37 66.26 7.81
CA MET F 162 21.43 66.89 8.74
C MET F 162 22.01 67.01 10.14
N THR F 163 22.69 65.99 10.65
CA THR F 163 23.23 66.08 11.98
C THR F 163 24.68 66.60 12.01
N HIS F 164 25.37 66.59 10.86
CA HIS F 164 26.78 66.95 10.75
C HIS F 164 27.68 66.02 11.54
N ARG F 165 27.12 64.94 12.10
CA ARG F 165 27.87 63.94 12.84
C ARG F 165 28.44 62.89 11.88
N ALA F 166 29.38 62.11 12.39
CA ALA F 166 30.11 61.17 11.55
C ALA F 166 29.27 59.92 11.25
N LEU F 167 29.30 59.48 10.00
CA LEU F 167 28.61 58.25 9.59
C LEU F 167 29.62 57.20 9.11
N PRO F 168 29.43 55.94 9.48
CA PRO F 168 30.31 54.89 8.95
C PRO F 168 30.00 54.64 7.48
N PRO F 169 30.76 53.77 6.81
CA PRO F 169 30.42 53.44 5.42
C PRO F 169 29.01 52.88 5.32
N GLU F 170 28.41 53.05 4.14
CA GLU F 170 27.07 52.53 3.87
C GLU F 170 27.12 51.53 2.72
N PRO F 171 26.96 50.23 2.98
CA PRO F 171 26.64 49.64 4.28
C PRO F 171 27.86 49.59 5.19
N CYS F 172 27.63 49.52 6.50
CA CYS F 172 28.74 49.48 7.48
C CYS F 172 29.14 48.02 7.66
N ARG F 173 30.02 47.57 6.77
CA ARG F 173 30.49 46.19 6.81
C ARG F 173 31.49 46.00 7.96
N VAL F 174 31.34 44.90 8.68
CA VAL F 174 32.23 44.56 9.78
C VAL F 174 32.81 43.18 9.57
N ARG F 175 33.82 42.85 10.39
CA ARG F 175 34.49 41.55 10.33
C ARG F 175 34.71 41.03 11.73
N ILE F 176 34.34 39.77 11.97
CA ILE F 176 34.64 39.11 13.24
C ILE F 176 36.06 38.58 13.17
N CYS F 177 36.89 39.00 14.12
CA CYS F 177 38.29 38.59 14.18
C CYS F 177 38.59 37.93 15.53
N ASP F 178 39.88 37.70 15.78
CA ASP F 178 40.35 37.15 17.05
C ASP F 178 39.77 35.75 17.30
N LEU F 179 40.24 34.79 16.52
CA LEU F 179 39.78 33.41 16.61
C LEU F 179 40.69 32.52 17.48
N GLY F 180 41.57 33.12 18.28
CA GLY F 180 42.49 32.31 19.06
C GLY F 180 41.82 31.53 20.17
N GLY F 181 40.74 32.07 20.73
CA GLY F 181 40.09 31.46 21.88
C GLY F 181 38.88 30.64 21.51
N CYS F 182 38.84 30.15 20.27
CA CYS F 182 37.71 29.37 19.81
C CYS F 182 37.68 28.00 20.49
N CYS F 183 36.47 27.54 20.81
CA CYS F 183 36.27 26.22 21.39
C CYS F 183 35.31 25.44 20.50
N ASP F 184 35.15 24.16 20.83
CA ASP F 184 34.23 23.28 20.14
C ASP F 184 33.44 22.52 21.18
N GLU F 185 32.62 21.58 20.72
CA GLU F 185 31.67 21.02 21.66
C GLU F 185 32.29 20.12 22.70
N ARG F 186 33.54 19.71 22.63
CA ARG F 186 33.85 19.37 24.01
C ARG F 186 35.13 19.98 24.49
N HIS F 187 34.97 21.27 24.72
CA HIS F 187 35.80 22.05 25.58
C HIS F 187 35.65 21.52 27.00
N SER F 188 36.64 21.85 27.82
CA SER F 188 36.49 21.62 29.25
C SER F 188 35.21 22.28 29.74
N ARG F 189 34.37 21.49 30.38
CA ARG F 189 33.05 21.97 30.73
C ARG F 189 33.07 22.92 31.92
N THR F 190 34.13 22.93 32.71
CA THR F 190 34.32 23.89 33.78
C THR F 190 35.20 25.06 33.37
N ALA F 191 35.60 25.12 32.10
CA ALA F 191 36.48 26.18 31.62
C ALA F 191 35.80 27.53 31.74
N ILE F 192 36.61 28.55 32.03
CA ILE F 192 36.16 29.94 32.10
C ILE F 192 36.60 30.63 30.83
N VAL F 193 35.65 31.15 30.07
CA VAL F 193 35.91 31.82 28.81
C VAL F 193 35.37 33.23 28.88
N SER F 194 35.68 34.01 27.85
CA SER F 194 35.19 35.37 27.65
C SER F 194 35.86 36.35 28.60
N THR F 195 36.14 37.55 28.11
CA THR F 195 36.46 38.65 29.00
C THR F 195 35.23 38.92 29.86
N ARG F 196 35.48 39.27 31.14
CA ARG F 196 34.41 39.24 32.14
C ARG F 196 33.22 40.09 31.74
N HIS F 197 33.47 41.24 31.09
CA HIS F 197 32.39 42.13 30.70
C HIS F 197 31.32 41.42 29.86
N TYR F 198 31.70 40.41 29.08
CA TYR F 198 30.80 39.76 28.15
C TYR F 198 30.58 38.29 28.48
N ARG F 199 30.92 37.87 29.69
CA ARG F 199 30.87 36.46 30.08
C ARG F 199 29.49 36.11 30.63
N SER F 200 28.90 35.05 30.10
CA SER F 200 27.58 34.62 30.51
C SER F 200 27.61 34.10 31.94
N PRO F 201 26.48 34.09 32.63
CA PRO F 201 26.46 33.53 33.99
C PRO F 201 26.74 32.04 34.02
N GLU F 202 26.29 31.29 33.01
CA GLU F 202 26.59 29.86 32.96
C GLU F 202 28.10 29.60 32.97
N VAL F 203 28.88 30.48 32.34
CA VAL F 203 30.33 30.32 32.37
C VAL F 203 30.87 30.70 33.75
N VAL F 204 30.39 31.83 34.31
CA VAL F 204 30.86 32.28 35.61
C VAL F 204 30.65 31.19 36.67
N LEU F 205 29.44 30.63 36.72
CA LEU F 205 29.10 29.64 37.72
C LEU F 205 29.31 28.20 37.24
N SER F 206 29.93 28.02 36.08
CA SER F 206 30.19 26.69 35.51
C SER F 206 28.90 25.87 35.46
N LEU F 207 27.89 26.49 34.87
CA LEU F 207 26.60 25.85 34.76
C LEU F 207 26.51 24.95 33.53
N GLY F 208 27.59 24.82 32.77
CA GLY F 208 27.47 24.16 31.50
C GLY F 208 27.15 25.22 30.48
N TRP F 209 28.00 25.31 29.47
CA TRP F 209 27.85 26.32 28.47
C TRP F 209 28.23 25.76 27.12
N MET F 210 27.65 26.36 26.09
CA MET F 210 27.96 25.99 24.72
C MET F 210 27.78 27.22 23.84
N TYR F 211 27.14 27.02 22.69
CA TYR F 211 27.03 28.08 21.71
C TYR F 211 26.32 29.32 22.27
N SER F 212 25.28 29.17 23.09
CA SER F 212 24.56 30.43 23.35
C SER F 212 25.34 31.45 24.14
N THR F 213 26.51 31.09 24.65
CA THR F 213 27.34 32.06 25.37
C THR F 213 27.87 33.14 24.41
N ASP F 214 27.97 32.83 23.12
CA ASP F 214 28.31 33.85 22.13
C ASP F 214 27.18 34.88 21.98
N LEU F 215 25.94 34.46 22.21
CA LEU F 215 24.81 35.37 22.06
C LEU F 215 24.60 36.24 23.29
N TRP F 216 24.99 35.73 24.47
CA TRP F 216 25.04 36.59 25.65
C TRP F 216 25.98 37.76 25.43
N SER F 217 27.19 37.47 24.93
CA SER F 217 28.15 38.54 24.68
C SER F 217 27.61 39.51 23.63
N MET F 218 26.90 39.00 22.63
CA MET F 218 26.26 39.86 21.65
C MET F 218 25.20 40.75 22.29
N GLY F 219 24.51 40.23 23.31
CA GLY F 219 23.57 41.07 24.05
C GLY F 219 24.26 42.26 24.70
N CYS F 220 25.41 42.01 25.35
CA CYS F 220 26.14 43.09 25.99
C CYS F 220 26.84 43.98 24.97
N ILE F 221 27.25 43.41 23.83
CA ILE F 221 27.89 44.21 22.79
C ILE F 221 26.87 45.18 22.19
N ILE F 222 25.65 44.70 21.94
CA ILE F 222 24.63 45.56 21.36
C ILE F 222 24.22 46.65 22.32
N TYR F 223 24.12 46.33 23.62
CA TYR F 223 23.88 47.37 24.62
C TYR F 223 24.94 48.46 24.54
N GLU F 224 26.20 48.07 24.41
CA GLU F 224 27.30 49.03 24.43
C GLU F 224 27.32 49.86 23.15
N LEU F 225 26.96 49.25 22.02
CA LEU F 225 26.95 49.99 20.75
C LEU F 225 25.84 51.04 20.72
N TYR F 226 24.75 50.82 21.46
CA TYR F 226 23.60 51.72 21.43
C TYR F 226 23.64 52.77 22.52
N THR F 227 24.20 52.45 23.69
CA THR F 227 24.30 53.41 24.78
C THR F 227 25.68 54.03 24.93
N GLY F 228 26.71 53.40 24.38
CA GLY F 228 28.07 53.86 24.56
C GLY F 228 28.69 53.48 25.90
N LYS F 229 28.01 52.66 26.70
CA LYS F 229 28.48 52.30 28.03
C LYS F 229 28.55 50.80 28.19
N LEU F 230 29.48 50.36 29.03
CA LEU F 230 29.55 48.95 29.38
C LEU F 230 28.30 48.53 30.14
N LEU F 231 27.76 47.37 29.79
CA LEU F 231 26.62 46.85 30.52
C LEU F 231 27.04 46.35 31.89
N TYR F 232 28.23 45.75 31.97
CA TYR F 232 28.79 45.21 33.20
C TYR F 232 30.24 45.67 33.30
N ASP F 233 30.48 46.82 33.92
CA ASP F 233 31.84 47.30 34.17
C ASP F 233 32.24 46.83 35.57
N THR F 234 32.69 45.59 35.63
CA THR F 234 32.95 44.92 36.89
C THR F 234 34.10 43.95 36.67
N HIS F 235 34.85 43.71 37.74
CA HIS F 235 35.90 42.70 37.75
C HIS F 235 35.62 41.61 38.76
N ASP F 236 34.42 41.56 39.31
CA ASP F 236 34.12 40.69 40.45
C ASP F 236 32.88 39.87 40.16
N ASN F 237 32.99 38.56 40.39
CA ASN F 237 31.87 37.65 40.13
C ASN F 237 30.66 38.05 40.96
N LEU F 238 30.87 38.31 42.25
CA LEU F 238 29.75 38.58 43.14
C LEU F 238 29.10 39.91 42.80
N GLU F 239 29.90 40.89 42.39
CA GLU F 239 29.34 42.14 41.89
C GLU F 239 28.67 41.94 40.53
N HIS F 240 29.29 41.15 39.66
CA HIS F 240 28.74 40.89 38.33
C HIS F 240 27.34 40.30 38.42
N LEU F 241 27.15 39.30 39.27
CA LEU F 241 25.86 38.63 39.35
C LEU F 241 24.79 39.55 39.94
N HIS F 242 25.16 40.37 40.91
CA HIS F 242 24.21 41.36 41.45
C HIS F 242 23.84 42.38 40.39
N LEU F 243 24.80 42.75 39.53
CA LEU F 243 24.47 43.66 38.43
C LEU F 243 23.50 43.00 37.47
N MET F 244 23.70 41.70 37.19
CA MET F 244 22.75 40.97 36.38
C MET F 244 21.36 40.97 37.01
N GLU F 245 21.30 40.80 38.33
CA GLU F 245 20.01 40.83 39.02
C GLU F 245 19.38 42.22 38.90
N LYS F 246 20.20 43.27 38.94
CA LYS F 246 19.67 44.62 38.87
C LYS F 246 19.36 45.06 37.44
N THR F 247 20.10 44.53 36.45
CA THR F 247 19.84 44.92 35.06
C THR F 247 18.77 44.07 34.38
N LEU F 248 18.66 42.79 34.73
CA LEU F 248 17.83 41.85 34.01
C LEU F 248 16.77 41.19 34.88
N GLY F 249 17.04 41.07 36.17
CA GLY F 249 16.19 40.41 37.13
C GLY F 249 16.93 39.27 37.79
N ARG F 250 16.50 38.92 38.99
CA ARG F 250 17.20 37.90 39.77
C ARG F 250 17.15 36.50 39.21
N LEU F 251 18.21 35.79 39.55
CA LEU F 251 18.65 34.56 38.92
C LEU F 251 17.68 33.42 39.22
N PRO F 252 17.64 32.41 38.35
CA PRO F 252 16.78 31.26 38.62
C PRO F 252 17.15 30.64 39.97
N ALA F 253 16.13 30.22 40.70
CA ALA F 253 16.32 29.76 42.07
C ALA F 253 17.19 28.52 42.17
N ASP F 254 17.18 27.66 41.13
CA ASP F 254 17.94 26.42 41.17
C ASP F 254 19.42 26.60 40.88
N TRP F 255 19.88 27.81 40.54
CA TRP F 255 21.26 27.96 40.09
C TRP F 255 22.26 27.57 41.17
N SER F 256 21.91 27.77 42.45
CA SER F 256 22.86 27.55 43.53
C SER F 256 23.18 26.07 43.78
N VAL F 257 22.33 25.15 43.38
CA VAL F 257 22.65 23.73 43.57
C VAL F 257 23.40 23.15 42.38
N ARG F 258 23.32 23.78 41.22
CA ARG F 258 23.90 23.26 39.99
C ARG F 258 25.18 23.98 39.55
N CYS F 259 25.79 24.78 40.44
CA CYS F 259 27.06 25.42 40.09
C CYS F 259 28.10 24.34 39.86
N GLY F 260 29.05 24.60 38.96
CA GLY F 260 29.92 23.54 38.47
C GLY F 260 31.26 23.47 39.17
N THR F 261 31.56 24.48 39.98
CA THR F 261 32.79 24.51 40.75
C THR F 261 32.46 24.88 42.19
N GLN F 262 33.31 24.43 43.12
CA GLN F 262 33.21 24.90 44.49
C GLN F 262 33.20 26.42 44.55
N GLU F 263 34.09 27.05 43.77
CA GLU F 263 34.20 28.51 43.76
C GLU F 263 32.86 29.17 43.45
N ALA F 264 32.12 28.63 42.48
CA ALA F 264 30.85 29.21 42.09
C ALA F 264 29.81 29.02 43.19
N ARG F 265 29.77 27.83 43.77
CA ARG F 265 28.94 27.60 44.95
C ARG F 265 29.21 28.53 46.11
N ASP F 266 30.44 28.94 46.33
CA ASP F 266 30.69 29.78 47.48
C ASP F 266 30.13 31.19 47.30
N LEU F 267 29.60 31.53 46.12
CA LEU F 267 28.94 32.81 45.95
C LEU F 267 27.51 32.83 46.46
N PHE F 268 26.97 31.69 46.91
CA PHE F 268 25.63 31.58 47.45
C PHE F 268 25.67 31.11 48.90
N THR F 269 24.59 31.42 49.62
CA THR F 269 24.33 30.92 50.96
C THR F 269 24.08 29.41 50.91
N ALA F 270 24.07 28.79 52.11
CA ALA F 270 23.51 27.44 52.24
C ALA F 270 22.04 27.40 51.84
N ALA F 271 21.32 28.51 52.02
CA ALA F 271 19.92 28.55 51.59
C ALA F 271 19.80 28.45 50.08
N GLY F 272 20.57 29.27 49.36
CA GLY F 272 20.57 29.24 47.91
C GLY F 272 20.48 30.63 47.32
N THR F 273 20.57 31.64 48.18
CA THR F 273 20.58 33.03 47.77
C THR F 273 22.04 33.46 47.72
N LEU F 274 22.39 34.25 46.70
CA LEU F 274 23.81 34.59 46.57
C LEU F 274 24.21 35.70 47.54
N GLN F 275 25.45 35.61 48.00
CA GLN F 275 26.02 36.53 48.97
C GLN F 275 25.79 37.99 48.61
N PRO F 276 25.50 38.85 49.59
CA PRO F 276 25.52 40.28 49.34
C PRO F 276 26.96 40.78 49.26
N CYS F 277 27.12 41.89 48.55
CA CYS F 277 28.43 42.55 48.51
C CYS F 277 28.57 43.43 49.74
N LYS F 278 29.81 43.56 50.22
CA LYS F 278 30.07 44.46 51.32
C LYS F 278 31.22 45.42 51.06
N ASP F 279 31.80 45.41 49.86
CA ASP F 279 32.78 46.44 49.50
C ASP F 279 32.08 47.69 48.96
N PRO F 280 32.31 48.87 49.55
CA PRO F 280 31.54 50.06 49.16
C PRO F 280 31.72 50.44 47.71
N LYS F 281 32.69 49.84 47.01
CA LYS F 281 32.92 50.07 45.60
C LYS F 281 31.90 49.41 44.69
N HIS F 282 31.25 48.37 45.18
CA HIS F 282 30.29 47.62 44.40
C HIS F 282 28.84 47.94 44.73
N ILE F 283 28.53 48.33 45.96
CA ILE F 283 27.17 48.71 46.33
C ILE F 283 26.70 49.94 45.54
N ALA F 284 27.60 50.90 45.33
CA ALA F 284 27.21 52.10 44.58
C ALA F 284 26.93 51.75 43.12
N ARG F 285 27.77 50.90 42.53
CA ARG F 285 27.60 50.56 41.13
C ARG F 285 26.34 49.73 40.92
N ILE F 286 26.04 48.84 41.88
CA ILE F 286 24.80 48.07 41.80
C ILE F 286 23.58 48.98 42.01
N ALA F 287 23.66 49.94 42.95
CA ALA F 287 22.52 50.82 43.22
C ALA F 287 22.21 51.74 42.05
N ARG F 288 23.22 52.21 41.36
CA ARG F 288 23.00 53.05 40.19
C ARG F 288 22.86 52.29 38.88
N ALA F 289 23.09 50.98 38.83
CA ALA F 289 22.77 50.24 37.62
C ALA F 289 21.26 50.27 37.40
N ARG F 290 20.85 50.40 36.14
CA ARG F 290 19.41 50.51 35.91
C ARG F 290 18.90 49.39 35.02
N PRO F 291 17.62 49.03 35.14
CA PRO F 291 17.10 47.90 34.37
C PRO F 291 17.25 48.15 32.88
N VAL F 292 17.63 47.08 32.16
CA VAL F 292 17.74 47.16 30.71
C VAL F 292 16.48 47.74 30.10
N ARG F 293 15.32 47.33 30.62
CA ARG F 293 14.03 47.84 30.11
C ARG F 293 13.95 49.36 30.08
N GLU F 294 14.54 50.05 31.05
CA GLU F 294 14.48 51.50 31.05
C GLU F 294 15.65 52.20 30.37
N VAL F 295 16.73 51.50 30.09
CA VAL F 295 17.75 52.18 29.33
C VAL F 295 17.46 52.07 27.83
N ILE F 296 16.97 50.93 27.38
CA ILE F 296 16.69 50.71 25.96
C ILE F 296 15.22 51.10 25.70
N THR F 297 15.02 52.32 25.23
CA THR F 297 13.68 52.80 24.81
C THR F 297 13.17 52.18 23.51
N GLU F 298 14.02 51.84 22.57
CA GLU F 298 13.49 51.30 21.33
C GLU F 298 12.89 49.94 21.61
N PRO F 299 11.58 49.74 21.42
CA PRO F 299 10.95 48.49 21.91
C PRO F 299 11.45 47.22 21.24
N LEU F 300 11.76 47.28 19.94
CA LEU F 300 12.26 46.08 19.25
C LEU F 300 13.70 45.77 19.67
N LEU F 301 14.52 46.81 19.82
CA LEU F 301 15.87 46.59 20.32
C LEU F 301 15.84 46.05 21.73
N CYS F 302 14.88 46.51 22.53
CA CYS F 302 14.70 46.01 23.90
C CYS F 302 14.45 44.51 23.91
N ASP F 303 13.52 44.02 23.08
CA ASP F 303 13.26 42.59 23.02
C ASP F 303 14.51 41.82 22.58
N LEU F 304 15.26 42.38 21.63
CA LEU F 304 16.49 41.74 21.16
C LEU F 304 17.50 41.62 22.28
N ILE F 305 17.77 42.72 22.98
CA ILE F 305 18.78 42.71 24.04
C ILE F 305 18.34 41.81 25.19
N LEU F 306 17.07 41.91 25.61
CA LEU F 306 16.61 41.15 26.77
C LEU F 306 16.57 39.66 26.47
N ASN F 307 16.20 39.29 25.25
CA ASN F 307 16.16 37.88 24.89
C ASN F 307 17.51 37.34 24.42
N LEU F 308 18.50 38.21 24.19
CA LEU F 308 19.87 37.74 24.08
C LEU F 308 20.49 37.47 25.44
N LEU F 309 20.02 38.18 26.48
CA LEU F 309 20.53 38.02 27.84
C LEU F 309 19.63 37.11 28.67
N HIS F 310 18.89 36.21 28.01
CA HIS F 310 18.02 35.29 28.71
C HIS F 310 18.84 34.33 29.57
N TYR F 311 18.40 34.15 30.82
CA TYR F 311 19.10 33.23 31.71
C TYR F 311 18.94 31.79 31.24
N ASP F 312 17.82 31.47 30.57
CA ASP F 312 17.59 30.14 30.03
C ASP F 312 18.31 30.01 28.69
N ARG F 313 19.24 29.06 28.60
CA ARG F 313 20.09 28.95 27.42
C ARG F 313 19.35 28.45 26.19
N GLN F 314 18.21 27.79 26.36
CA GLN F 314 17.48 27.31 25.20
C GLN F 314 16.44 28.31 24.72
N ARG F 315 15.96 29.18 25.60
CA ARG F 315 15.10 30.27 25.16
C ARG F 315 15.88 31.51 24.75
N ARG F 316 17.15 31.59 25.13
CA ARG F 316 17.99 32.66 24.64
C ARG F 316 18.07 32.59 23.12
N LEU F 317 17.98 33.76 22.49
CA LEU F 317 18.01 33.81 21.03
C LEU F 317 19.30 33.22 20.50
N ASN F 318 19.22 32.53 19.38
CA ASN F 318 20.41 32.08 18.67
C ASN F 318 20.78 33.11 17.60
N ALA F 319 21.93 32.88 16.96
CA ALA F 319 22.43 33.84 15.97
C ALA F 319 21.44 34.02 14.83
N ARG F 320 20.80 32.93 14.39
CA ARG F 320 19.85 33.04 13.28
C ARG F 320 18.68 33.93 13.64
N GLN F 321 18.16 33.78 14.86
CA GLN F 321 17.08 34.65 15.31
C GLN F 321 17.56 36.08 15.48
N MET F 322 18.83 36.26 15.89
CA MET F 322 19.39 37.60 16.03
C MET F 322 19.39 38.34 14.71
N MET F 323 19.95 37.73 13.67
CA MET F 323 20.00 38.37 12.36
C MET F 323 18.62 38.48 11.72
N SER F 324 17.64 37.70 12.16
CA SER F 324 16.29 37.74 11.60
C SER F 324 15.31 38.42 12.54
N HIS F 325 15.80 39.14 13.54
CA HIS F 325 14.94 39.79 14.52
C HIS F 325 14.17 40.94 13.88
N ALA F 326 13.02 41.27 14.48
CA ALA F 326 12.18 42.35 13.95
C ALA F 326 12.93 43.67 13.94
N TYR F 327 13.87 43.87 14.88
CA TYR F 327 14.65 45.10 14.89
C TYR F 327 15.47 45.25 13.60
N VAL F 328 16.10 44.17 13.16
CA VAL F 328 16.90 44.23 11.94
C VAL F 328 15.98 44.50 10.74
N HIS F 329 14.79 43.90 10.74
CA HIS F 329 13.87 44.09 9.63
C HIS F 329 13.27 45.49 9.62
N LYS F 330 13.12 46.13 10.78
CA LYS F 330 12.51 47.45 10.80
C LYS F 330 13.50 48.51 10.34
N TYR F 331 14.71 48.50 10.88
CA TYR F 331 15.68 49.56 10.61
C TYR F 331 16.70 49.18 9.54
N PHE F 332 16.80 47.92 9.18
CA PHE F 332 17.59 47.49 8.02
C PHE F 332 16.71 46.65 7.10
N PRO F 333 15.65 47.24 6.53
CA PRO F 333 14.71 46.44 5.74
C PRO F 333 15.34 45.80 4.52
N GLU F 334 16.42 46.38 3.99
CA GLU F 334 17.09 45.81 2.83
C GLU F 334 17.87 44.53 3.15
N CYS F 335 17.97 44.15 4.43
CA CYS F 335 18.41 42.80 4.76
C CYS F 335 17.64 41.74 3.98
N ARG F 336 16.37 42.02 3.65
CA ARG F 336 15.54 41.00 3.02
C ARG F 336 15.98 40.70 1.59
N GLN F 337 16.73 41.60 0.95
CA GLN F 337 17.29 41.34 -0.36
C GLN F 337 18.76 40.94 -0.31
N HIS F 338 19.32 40.79 0.88
CA HIS F 338 20.71 40.37 0.99
C HIS F 338 20.81 38.84 0.82
N PRO F 339 21.83 38.36 0.11
CA PRO F 339 21.94 36.91 -0.12
C PRO F 339 22.09 36.08 1.15
N ASN F 340 22.40 36.69 2.28
CA ASN F 340 22.53 35.96 3.53
C ASN F 340 21.25 35.93 4.35
N HIS F 341 20.23 36.70 3.95
CA HIS F 341 18.95 36.65 4.63
C HIS F 341 18.37 35.24 4.59
N VAL F 342 17.75 34.84 5.70
CA VAL F 342 17.32 33.45 5.87
C VAL F 342 16.35 33.04 4.77
N ASP F 343 15.51 33.96 4.31
CA ASP F 343 14.53 33.63 3.28
C ASP F 343 15.12 33.61 1.87
N ASN F 344 16.37 33.98 1.70
CA ASN F 344 17.03 33.89 0.40
C ASN F 344 17.98 32.71 0.31
N ARG F 345 17.95 31.81 1.27
CA ARG F 345 18.86 30.68 1.26
C ARG F 345 18.11 29.36 1.18
N SER F 346 18.85 28.32 0.86
CA SER F 346 18.34 26.97 1.01
C SER F 346 18.16 26.65 2.50
N LYS F 347 17.58 25.51 2.78
CA LYS F 347 17.41 25.10 4.17
C LYS F 347 18.73 24.78 4.83
N LEU F 348 18.94 25.40 5.99
CA LEU F 348 20.16 25.44 6.79
C LEU F 348 20.18 24.31 7.80
N PRO F 349 21.36 23.95 8.30
CA PRO F 349 21.43 23.02 9.43
C PRO F 349 20.68 23.57 10.62
N PRO F 350 20.23 22.71 11.54
CA PRO F 350 19.45 23.19 12.68
C PRO F 350 20.28 24.13 13.54
N THR F 351 19.59 25.11 14.14
CA THR F 351 20.24 25.99 15.09
C THR F 351 20.68 25.14 16.30
N PRO F 352 21.68 25.60 17.03
CA PRO F 352 22.09 24.84 18.22
C PRO F 352 20.96 24.79 19.23
N VAL F 353 20.93 23.71 20.00
CA VAL F 353 20.15 23.66 21.23
C VAL F 353 21.10 24.08 22.34
N MET F 354 20.82 25.23 22.95
CA MET F 354 21.69 25.84 23.97
C MET F 354 23.16 25.99 23.57
N GLY G 16 -4.97 10.24 -16.78
CA GLY G 16 -4.93 10.98 -15.53
C GLY G 16 -5.29 10.13 -14.33
N ARG G 17 -6.57 9.82 -14.19
CA ARG G 17 -7.06 8.99 -13.09
C ARG G 17 -7.30 7.55 -13.48
N PHE G 18 -7.65 7.26 -14.72
CA PHE G 18 -7.96 5.89 -15.11
C PHE G 18 -6.85 5.40 -16.01
N LYS G 19 -6.21 4.31 -15.59
CA LYS G 19 -5.14 3.70 -16.36
C LYS G 19 -5.69 2.46 -17.04
N ILE G 20 -5.56 2.40 -18.36
CA ILE G 20 -6.13 1.29 -19.12
C ILE G 20 -5.27 0.05 -18.91
N LEU G 21 -5.92 -1.06 -18.56
CA LEU G 21 -5.23 -2.32 -18.30
C LEU G 21 -5.43 -3.33 -19.41
N SER G 22 -6.66 -3.72 -19.69
CA SER G 22 -6.95 -4.70 -20.72
C SER G 22 -8.10 -4.24 -21.59
N LEU G 23 -8.24 -4.88 -22.75
CA LEU G 23 -9.39 -4.70 -23.62
C LEU G 23 -10.38 -5.83 -23.37
N LEU G 24 -11.60 -5.47 -22.96
CA LEU G 24 -12.61 -6.48 -22.67
C LEU G 24 -13.52 -6.77 -23.85
N GLY G 25 -13.78 -5.78 -24.70
CA GLY G 25 -14.64 -5.98 -25.86
C GLY G 25 -14.64 -4.75 -26.74
N GLU G 26 -15.11 -4.94 -27.96
CA GLU G 26 -15.05 -3.92 -28.98
C GLU G 26 -16.30 -4.00 -29.86
N GLY G 27 -16.76 -2.85 -30.31
CA GLY G 27 -17.91 -2.81 -31.20
C GLY G 27 -18.06 -1.46 -31.84
N THR G 28 -19.17 -1.30 -32.57
CA THR G 28 -19.48 -0.02 -33.20
C THR G 28 -19.51 1.11 -32.17
N PHE G 29 -20.20 0.91 -31.04
CA PHE G 29 -20.27 1.93 -29.99
C PHE G 29 -18.87 2.43 -29.62
N GLY G 30 -17.89 1.52 -29.57
CA GLY G 30 -16.54 1.81 -29.09
C GLY G 30 -15.92 0.60 -28.43
N LYS G 31 -15.32 0.78 -27.24
CA LYS G 31 -14.62 -0.30 -26.54
C LYS G 31 -15.00 -0.29 -25.07
N VAL G 32 -14.94 -1.48 -24.46
CA VAL G 32 -15.00 -1.63 -23.01
C VAL G 32 -13.63 -2.13 -22.54
N VAL G 33 -13.00 -1.37 -21.66
CA VAL G 33 -11.67 -1.71 -21.17
C VAL G 33 -11.72 -1.92 -19.67
N GLU G 34 -10.84 -2.80 -19.19
CA GLU G 34 -10.56 -2.86 -17.77
C GLU G 34 -9.56 -1.76 -17.44
N ALA G 35 -9.88 -0.98 -16.42
CA ALA G 35 -9.07 0.16 -16.06
C ALA G 35 -8.80 0.15 -14.55
N TRP G 36 -7.71 0.81 -14.18
CA TRP G 36 -7.34 0.96 -12.78
C TRP G 36 -7.72 2.36 -12.30
N ASP G 37 -8.53 2.41 -11.24
CA ASP G 37 -8.96 3.64 -10.60
C ASP G 37 -7.91 4.13 -9.63
N ARG G 38 -7.31 5.26 -10.02
CA ARG G 38 -6.21 5.92 -9.35
C ARG G 38 -6.66 6.64 -8.08
N LYS G 39 -7.93 7.14 -7.95
CA LYS G 39 -8.37 7.86 -6.74
C LYS G 39 -8.87 6.97 -5.62
N ARG G 40 -9.25 5.74 -5.90
CA ARG G 40 -9.80 5.01 -4.78
C ARG G 40 -9.54 3.52 -4.92
N LYS G 41 -8.50 3.18 -5.68
CA LYS G 41 -7.86 1.88 -5.58
C LYS G 41 -8.81 0.76 -5.99
N GLU G 42 -9.38 0.90 -7.18
CA GLU G 42 -10.27 -0.13 -7.66
C GLU G 42 -10.11 -0.44 -9.14
N TYR G 43 -10.54 -1.65 -9.52
CA TYR G 43 -10.69 -2.09 -10.88
C TYR G 43 -12.10 -1.78 -11.36
N CYS G 44 -12.18 -1.39 -12.62
CA CYS G 44 -13.45 -0.98 -13.18
C CYS G 44 -13.44 -1.30 -14.67
N ALA G 45 -14.63 -1.29 -15.25
CA ALA G 45 -14.81 -1.32 -16.69
C ALA G 45 -15.18 0.06 -17.18
N VAL G 46 -14.58 0.48 -18.29
CA VAL G 46 -14.80 1.80 -18.86
C VAL G 46 -15.29 1.62 -20.28
N LYS G 47 -16.48 2.15 -20.57
CA LYS G 47 -17.05 2.14 -21.90
C LYS G 47 -16.61 3.41 -22.61
N ILE G 48 -15.78 3.27 -23.64
CA ILE G 48 -15.24 4.40 -24.39
C ILE G 48 -16.00 4.48 -25.71
N VAL G 49 -16.89 5.47 -25.82
CA VAL G 49 -17.72 5.65 -27.01
C VAL G 49 -16.91 6.38 -28.08
N ARG G 50 -17.07 6.00 -29.36
CA ARG G 50 -16.37 6.65 -30.45
C ARG G 50 -16.75 8.13 -30.42
N ASN G 51 -15.83 9.02 -30.76
CA ASN G 51 -16.23 10.34 -30.35
C ASN G 51 -16.62 11.12 -31.62
N VAL G 52 -17.86 10.84 -32.04
CA VAL G 52 -18.64 11.33 -33.19
C VAL G 52 -19.99 11.82 -32.64
N PRO G 53 -20.55 12.89 -33.22
CA PRO G 53 -21.71 13.59 -32.63
C PRO G 53 -22.93 12.73 -32.29
N LYS G 54 -23.35 11.74 -33.11
CA LYS G 54 -24.52 10.93 -32.73
C LYS G 54 -24.16 9.91 -31.68
N TYR G 55 -22.89 9.49 -31.65
CA TYR G 55 -22.44 8.59 -30.61
C TYR G 55 -22.25 9.34 -29.30
N THR G 56 -21.80 10.60 -29.38
CA THR G 56 -21.66 11.40 -28.17
C THR G 56 -23.01 11.74 -27.54
N ARG G 57 -24.05 11.96 -28.36
CA ARG G 57 -25.34 12.35 -27.77
C ARG G 57 -26.10 11.14 -27.27
N ASP G 58 -25.91 9.98 -27.89
CA ASP G 58 -26.55 8.79 -27.38
C ASP G 58 -25.84 8.22 -26.15
N ALA G 59 -24.57 8.57 -25.95
CA ALA G 59 -23.92 8.23 -24.69
C ALA G 59 -24.44 9.09 -23.56
N LYS G 60 -24.61 10.39 -23.81
CA LYS G 60 -25.14 11.28 -22.76
C LYS G 60 -26.58 10.93 -22.42
N ILE G 61 -27.37 10.49 -23.40
CA ILE G 61 -28.72 10.02 -23.10
C ILE G 61 -28.65 8.71 -22.34
N GLU G 62 -27.83 7.76 -22.82
CA GLU G 62 -27.65 6.52 -22.09
C GLU G 62 -27.17 6.79 -20.68
N ILE G 63 -26.26 7.76 -20.54
CA ILE G 63 -25.79 8.08 -19.21
C ILE G 63 -26.97 8.47 -18.34
N GLN G 64 -27.81 9.38 -18.83
CA GLN G 64 -28.89 9.95 -18.01
C GLN G 64 -29.86 8.88 -17.49
N PHE G 65 -30.16 7.86 -18.30
CA PHE G 65 -30.98 6.76 -17.81
C PHE G 65 -30.25 5.97 -16.75
N MET G 66 -28.93 5.92 -16.84
CA MET G 66 -28.16 5.20 -15.84
C MET G 66 -28.07 5.98 -14.52
N GLU G 67 -27.98 7.34 -14.51
CA GLU G 67 -27.97 7.88 -13.12
C GLU G 67 -29.30 7.79 -12.43
N ARG G 68 -30.39 7.70 -13.14
CA ARG G 68 -31.67 7.58 -12.44
C ARG G 68 -31.91 6.17 -11.89
N VAL G 69 -31.33 5.13 -12.51
CA VAL G 69 -31.43 3.79 -11.92
C VAL G 69 -30.64 3.73 -10.61
N ARG G 70 -29.38 4.14 -10.62
CA ARG G 70 -28.56 4.11 -9.41
C ARG G 70 -29.10 4.99 -8.30
N LEU G 71 -29.47 6.22 -8.63
CA LEU G 71 -29.94 7.14 -7.60
C LEU G 71 -31.26 6.67 -6.97
N SER G 72 -32.05 5.91 -7.72
CA SER G 72 -33.31 5.38 -7.20
C SER G 72 -33.09 4.09 -6.42
N ASP G 73 -32.38 3.13 -7.02
CA ASP G 73 -32.10 1.82 -6.46
C ASP G 73 -30.81 1.91 -5.67
N VAL G 74 -30.88 2.64 -4.54
CA VAL G 74 -29.64 3.02 -3.87
C VAL G 74 -28.97 1.80 -3.24
N GLU G 75 -29.69 0.72 -2.94
CA GLU G 75 -28.86 -0.38 -2.47
C GLU G 75 -28.83 -1.57 -3.39
N ASP G 76 -28.72 -1.35 -4.68
CA ASP G 76 -28.40 -2.39 -5.63
C ASP G 76 -29.31 -3.61 -5.44
N ARG G 77 -30.60 -3.34 -5.38
CA ARG G 77 -31.56 -4.40 -5.13
C ARG G 77 -31.90 -5.17 -6.41
N PHE G 78 -31.75 -4.56 -7.57
CA PHE G 78 -32.12 -5.23 -8.79
C PHE G 78 -30.92 -5.37 -9.72
N PRO G 79 -30.84 -6.46 -10.48
CA PRO G 79 -29.69 -6.74 -11.34
C PRO G 79 -29.69 -5.88 -12.60
N LEU G 80 -29.87 -4.57 -12.42
CA LEU G 80 -29.59 -3.60 -13.45
C LEU G 80 -28.19 -3.06 -13.23
N MET G 81 -27.58 -2.66 -14.33
CA MET G 81 -26.22 -2.14 -14.31
C MET G 81 -26.17 -0.81 -13.57
N LYS G 82 -25.09 -0.59 -12.83
CA LYS G 82 -25.01 0.64 -12.03
C LYS G 82 -23.75 1.44 -12.28
N ILE G 83 -23.91 2.53 -13.01
CA ILE G 83 -22.84 3.47 -13.28
C ILE G 83 -22.26 3.99 -11.98
N GLN G 84 -20.96 4.20 -12.00
CA GLN G 84 -20.26 4.84 -10.90
C GLN G 84 -20.00 6.31 -11.19
N ARG G 85 -19.54 6.59 -12.41
CA ARG G 85 -19.02 7.88 -12.85
C ARG G 85 -18.88 7.92 -14.38
N TYR G 86 -18.75 9.14 -14.87
CA TYR G 86 -18.57 9.41 -16.28
C TYR G 86 -17.85 10.73 -16.47
N PHE G 87 -17.27 10.87 -17.66
CA PHE G 87 -16.62 12.11 -18.07
C PHE G 87 -16.49 12.09 -19.59
N GLN G 88 -16.19 13.27 -20.14
CA GLN G 88 -15.85 13.40 -21.55
C GLN G 88 -14.34 13.52 -21.65
N ASN G 89 -13.74 12.64 -22.44
CA ASN G 89 -12.30 12.66 -22.54
C ASN G 89 -11.79 13.95 -23.16
N GLU G 90 -10.46 14.11 -23.04
CA GLU G 90 -9.74 15.25 -23.57
C GLU G 90 -9.60 15.16 -25.07
N THR G 91 -9.86 13.98 -25.63
CA THR G 91 -10.05 13.85 -27.06
C THR G 91 -11.54 13.77 -27.41
N GLY G 92 -12.44 14.01 -26.45
CA GLY G 92 -13.87 14.06 -26.72
C GLY G 92 -14.65 12.77 -26.59
N HIS G 93 -14.00 11.63 -26.33
CA HIS G 93 -14.74 10.39 -26.14
C HIS G 93 -15.55 10.44 -24.86
N MET G 94 -16.83 10.09 -24.96
CA MET G 94 -17.60 9.86 -23.74
C MET G 94 -17.13 8.57 -23.11
N CYS G 95 -16.84 8.62 -21.81
CA CYS G 95 -16.30 7.47 -21.10
C CYS G 95 -17.16 7.21 -19.86
N ILE G 96 -17.74 6.02 -19.81
CA ILE G 96 -18.67 5.64 -18.76
C ILE G 96 -17.95 4.66 -17.85
N VAL G 97 -17.72 5.06 -16.60
CA VAL G 97 -17.00 4.23 -15.63
C VAL G 97 -18.00 3.42 -14.85
N MET G 98 -17.75 2.12 -14.77
CA MET G 98 -18.70 1.18 -14.21
C MET G 98 -17.94 0.06 -13.50
N PRO G 99 -18.62 -0.78 -12.71
CA PRO G 99 -17.97 -1.98 -12.18
C PRO G 99 -17.63 -2.93 -13.31
N LYS G 100 -16.66 -3.81 -13.04
CA LYS G 100 -16.28 -4.83 -14.01
C LYS G 100 -17.15 -6.05 -13.79
N TYR G 101 -17.97 -6.38 -14.78
CA TYR G 101 -18.81 -7.56 -14.75
C TYR G 101 -18.13 -8.63 -15.60
N GLY G 102 -18.88 -9.66 -15.98
CA GLY G 102 -18.34 -10.73 -16.78
C GLY G 102 -18.81 -10.65 -18.22
N PRO G 103 -18.67 -11.76 -18.94
CA PRO G 103 -19.10 -11.79 -20.34
C PRO G 103 -20.62 -11.93 -20.41
N CYS G 104 -21.15 -11.57 -21.58
CA CYS G 104 -22.59 -11.69 -21.82
C CYS G 104 -23.03 -13.15 -21.80
N LEU G 105 -24.34 -13.36 -21.67
CA LEU G 105 -24.90 -14.70 -21.76
C LEU G 105 -24.59 -15.36 -23.10
N LEU G 106 -24.52 -14.59 -24.18
CA LEU G 106 -24.24 -15.18 -25.49
C LEU G 106 -22.90 -15.90 -25.49
N ASP G 107 -21.88 -15.30 -24.87
CA ASP G 107 -20.58 -15.94 -24.79
C ASP G 107 -20.65 -17.28 -24.06
N TRP G 108 -21.49 -17.38 -23.03
CA TRP G 108 -21.57 -18.63 -22.28
C TRP G 108 -22.20 -19.74 -23.11
N ILE G 109 -23.33 -19.46 -23.74
CA ILE G 109 -24.03 -20.52 -24.49
C ILE G 109 -23.20 -20.98 -25.68
N MET G 110 -22.40 -20.09 -26.28
CA MET G 110 -21.58 -20.49 -27.41
C MET G 110 -20.35 -21.27 -26.97
N LYS G 111 -19.86 -21.07 -25.75
CA LYS G 111 -18.71 -21.84 -25.31
C LYS G 111 -19.11 -23.11 -24.57
N HIS G 112 -20.10 -23.04 -23.68
CA HIS G 112 -20.46 -24.17 -22.83
C HIS G 112 -21.83 -24.76 -23.15
N GLY G 113 -22.57 -24.19 -24.09
CA GLY G 113 -23.89 -24.67 -24.42
C GLY G 113 -24.95 -24.04 -23.55
N PRO G 114 -26.19 -24.51 -23.70
CA PRO G 114 -27.31 -23.91 -22.96
C PRO G 114 -27.21 -24.17 -21.46
N PHE G 115 -27.88 -23.30 -20.70
CA PHE G 115 -27.96 -23.48 -19.26
C PHE G 115 -28.92 -24.61 -18.90
N ASN G 116 -28.69 -25.21 -17.74
CA ASN G 116 -29.67 -26.15 -17.20
C ASN G 116 -30.83 -25.38 -16.58
N HIS G 117 -31.89 -26.11 -16.22
CA HIS G 117 -33.13 -25.47 -15.82
C HIS G 117 -32.94 -24.55 -14.62
N ARG G 118 -32.11 -24.95 -13.65
CA ARG G 118 -31.95 -24.12 -12.46
C ARG G 118 -31.34 -22.77 -12.79
N HIS G 119 -30.23 -22.75 -13.54
CA HIS G 119 -29.58 -21.48 -13.84
C HIS G 119 -30.43 -20.65 -14.78
N LEU G 120 -31.14 -21.29 -15.72
CA LEU G 120 -32.09 -20.55 -16.55
C LEU G 120 -33.20 -19.96 -15.71
N ALA G 121 -33.72 -20.73 -14.74
CA ALA G 121 -34.74 -20.20 -13.84
C ALA G 121 -34.19 -19.04 -13.03
N GLN G 122 -32.91 -19.14 -12.62
CA GLN G 122 -32.29 -18.05 -11.86
C GLN G 122 -32.14 -16.80 -12.71
N ILE G 123 -31.79 -16.97 -14.00
CA ILE G 123 -31.67 -15.83 -14.90
C ILE G 123 -33.04 -15.20 -15.13
N ILE G 124 -34.06 -16.02 -15.36
CA ILE G 124 -35.41 -15.51 -15.60
C ILE G 124 -35.92 -14.75 -14.38
N PHE G 125 -35.63 -15.25 -13.18
CA PHE G 125 -36.07 -14.57 -11.97
C PHE G 125 -35.44 -13.19 -11.85
N GLN G 126 -34.13 -13.08 -12.08
CA GLN G 126 -33.44 -11.81 -11.91
C GLN G 126 -33.87 -10.79 -12.96
N VAL G 127 -33.87 -11.18 -14.23
CA VAL G 127 -34.27 -10.26 -15.29
C VAL G 127 -35.72 -9.83 -15.08
N GLY G 128 -36.57 -10.75 -14.63
CA GLY G 128 -37.93 -10.38 -14.29
C GLY G 128 -37.98 -9.32 -13.20
N ALA G 129 -37.20 -9.52 -12.13
CA ALA G 129 -37.19 -8.55 -11.03
C ALA G 129 -36.69 -7.18 -11.48
N ALA G 130 -35.66 -7.14 -12.33
CA ALA G 130 -35.17 -5.87 -12.83
C ALA G 130 -36.18 -5.20 -13.75
N LEU G 131 -36.81 -5.98 -14.62
CA LEU G 131 -37.73 -5.42 -15.61
C LEU G 131 -39.03 -4.92 -14.96
N ASP G 132 -39.54 -5.62 -13.95
CA ASP G 132 -40.74 -5.15 -13.28
C ASP G 132 -40.47 -3.87 -12.51
N TYR G 133 -39.27 -3.73 -11.95
CA TYR G 133 -38.85 -2.46 -11.36
C TYR G 133 -38.73 -1.40 -12.44
N PHE G 134 -38.11 -1.75 -13.57
CA PHE G 134 -38.01 -0.84 -14.70
C PHE G 134 -39.39 -0.39 -15.15
N HIS G 135 -40.33 -1.33 -15.26
CA HIS G 135 -41.62 -1.04 -15.87
C HIS G 135 -42.56 -0.32 -14.91
N THR G 136 -42.60 -0.71 -13.64
CA THR G 136 -43.60 -0.20 -12.72
C THR G 136 -43.09 0.84 -11.74
N GLU G 137 -41.78 0.97 -11.56
CA GLU G 137 -41.22 1.99 -10.67
C GLU G 137 -40.59 3.17 -11.38
N LEU G 138 -39.82 2.93 -12.44
CA LEU G 138 -39.27 4.02 -13.22
C LEU G 138 -40.14 4.34 -14.43
N HIS G 139 -41.01 3.40 -14.81
CA HIS G 139 -41.87 3.53 -15.98
C HIS G 139 -41.04 3.82 -17.22
N LEU G 140 -40.06 2.96 -17.41
CA LEU G 140 -39.20 3.00 -18.57
C LEU G 140 -39.24 1.62 -19.21
N MET G 141 -39.07 1.61 -20.51
CA MET G 141 -38.76 0.35 -21.19
C MET G 141 -37.33 0.31 -21.68
N HIS G 142 -36.82 -0.91 -21.70
CA HIS G 142 -35.50 -1.19 -22.23
C HIS G 142 -35.49 -1.20 -23.77
N THR G 143 -36.37 -2.00 -24.38
CA THR G 143 -36.59 -2.07 -25.83
C THR G 143 -35.44 -2.70 -26.62
N ASP G 144 -34.29 -2.96 -26.00
CA ASP G 144 -33.17 -3.55 -26.73
C ASP G 144 -32.50 -4.64 -25.91
N LEU G 145 -33.30 -5.51 -25.30
CA LEU G 145 -32.72 -6.61 -24.54
C LEU G 145 -32.27 -7.72 -25.50
N LYS G 146 -31.07 -8.24 -25.24
CA LYS G 146 -30.49 -9.28 -26.07
C LYS G 146 -29.47 -10.04 -25.24
N PRO G 147 -29.18 -11.29 -25.59
CA PRO G 147 -28.16 -12.04 -24.85
C PRO G 147 -26.80 -11.36 -24.81
N GLU G 148 -26.53 -10.40 -25.71
CA GLU G 148 -25.24 -9.74 -25.74
C GLU G 148 -25.12 -8.63 -24.70
N ASN G 149 -26.24 -8.13 -24.17
CA ASN G 149 -26.19 -7.09 -23.15
C ASN G 149 -26.77 -7.53 -21.82
N ILE G 150 -27.02 -8.83 -21.66
CA ILE G 150 -27.23 -9.42 -20.34
C ILE G 150 -25.92 -10.08 -19.97
N LEU G 151 -25.20 -9.49 -19.01
CA LEU G 151 -23.86 -9.92 -18.67
C LEU G 151 -23.89 -10.75 -17.40
N MET G 152 -23.05 -11.78 -17.36
CA MET G 152 -22.81 -12.44 -16.09
C MET G 152 -22.12 -11.48 -15.14
N GLU G 153 -22.58 -11.47 -13.89
CA GLU G 153 -21.97 -10.61 -12.87
C GLU G 153 -20.50 -10.94 -12.69
N SER G 154 -20.14 -12.22 -12.79
CA SER G 154 -18.77 -12.65 -12.61
C SER G 154 -18.38 -13.57 -13.77
N GLY G 155 -17.08 -13.59 -14.05
CA GLY G 155 -16.53 -14.50 -15.04
C GLY G 155 -15.96 -15.75 -14.41
N ASP G 156 -16.46 -16.10 -13.22
CA ASP G 156 -15.96 -17.25 -12.48
C ASP G 156 -16.66 -18.51 -12.94
N THR G 157 -15.95 -19.63 -12.82
CA THR G 157 -16.40 -20.87 -13.39
C THR G 157 -16.30 -21.99 -12.38
N SER G 158 -17.25 -22.90 -12.49
CA SER G 158 -17.40 -23.99 -11.58
C SER G 158 -17.40 -25.29 -12.38
N VAL G 159 -16.95 -26.40 -11.80
CA VAL G 159 -16.96 -27.67 -12.52
C VAL G 159 -17.99 -28.58 -11.89
N ASP G 160 -18.95 -29.04 -12.69
CA ASP G 160 -19.93 -30.02 -12.21
C ASP G 160 -19.24 -31.35 -11.92
N PRO G 161 -19.27 -31.85 -10.68
CA PRO G 161 -18.53 -33.09 -10.37
C PRO G 161 -19.03 -34.32 -11.10
N MET G 162 -20.30 -34.35 -11.54
CA MET G 162 -20.81 -35.52 -12.21
C MET G 162 -20.57 -35.50 -13.72
N THR G 163 -20.88 -34.38 -14.37
CA THR G 163 -20.73 -34.26 -15.82
C THR G 163 -19.39 -33.69 -16.25
N HIS G 164 -18.66 -33.03 -15.35
CA HIS G 164 -17.41 -32.34 -15.61
C HIS G 164 -17.56 -31.15 -16.56
N ARG G 165 -18.78 -30.77 -16.90
CA ARG G 165 -18.95 -29.58 -17.72
C ARG G 165 -18.95 -28.35 -16.84
N ALA G 166 -18.82 -27.19 -17.47
CA ALA G 166 -18.69 -25.95 -16.71
C ALA G 166 -20.04 -25.51 -16.18
N LEU G 167 -20.04 -25.09 -14.91
CA LEU G 167 -21.21 -24.51 -14.28
C LEU G 167 -20.93 -23.05 -13.94
N PRO G 168 -21.91 -22.17 -14.08
CA PRO G 168 -21.71 -20.77 -13.71
C PRO G 168 -21.67 -20.64 -12.20
N PRO G 169 -21.40 -19.45 -11.67
CA PRO G 169 -21.48 -19.24 -10.22
C PRO G 169 -22.86 -19.58 -9.70
N GLU G 170 -22.91 -19.94 -8.42
CA GLU G 170 -24.17 -20.29 -7.75
C GLU G 170 -24.42 -19.33 -6.58
N PRO G 171 -25.38 -18.40 -6.69
CA PRO G 171 -26.31 -18.22 -7.80
C PRO G 171 -25.71 -17.55 -9.03
N CYS G 172 -26.38 -17.72 -10.17
CA CYS G 172 -25.91 -17.19 -11.45
C CYS G 172 -26.43 -15.76 -11.59
N ARG G 173 -25.69 -14.83 -11.00
CA ARG G 173 -26.06 -13.42 -11.06
C ARG G 173 -25.75 -12.85 -12.43
N VAL G 174 -26.69 -12.08 -12.98
CA VAL G 174 -26.52 -11.41 -14.26
C VAL G 174 -26.80 -9.93 -14.06
N ARG G 175 -26.46 -9.15 -15.09
CA ARG G 175 -26.70 -7.71 -15.07
C ARG G 175 -27.27 -7.27 -16.41
N ILE G 176 -28.35 -6.51 -16.35
CA ILE G 176 -28.95 -5.92 -17.54
C ILE G 176 -28.17 -4.65 -17.88
N CYS G 177 -27.68 -4.58 -19.10
CA CYS G 177 -26.93 -3.40 -19.46
C CYS G 177 -27.58 -2.72 -20.65
N ASP G 178 -26.87 -1.74 -21.14
CA ASP G 178 -27.08 -1.17 -22.46
C ASP G 178 -28.46 -0.51 -22.53
N LEU G 179 -28.56 0.59 -21.78
CA LEU G 179 -29.80 1.34 -21.60
C LEU G 179 -29.94 2.50 -22.57
N GLY G 180 -29.20 2.46 -23.69
CA GLY G 180 -29.22 3.55 -24.64
C GLY G 180 -30.55 3.72 -25.34
N GLY G 181 -31.28 2.62 -25.56
CA GLY G 181 -32.50 2.70 -26.32
C GLY G 181 -33.77 2.73 -25.48
N CYS G 182 -33.64 3.17 -24.22
CA CYS G 182 -34.80 3.16 -23.34
C CYS G 182 -35.81 4.22 -23.76
N CYS G 183 -37.08 3.87 -23.66
CA CYS G 183 -38.18 4.75 -24.02
C CYS G 183 -39.07 4.95 -22.79
N ASP G 184 -40.08 5.81 -22.98
CA ASP G 184 -41.15 6.16 -22.04
C ASP G 184 -42.52 6.01 -22.67
N GLU G 185 -43.52 6.37 -21.87
CA GLU G 185 -44.90 6.04 -22.16
C GLU G 185 -45.44 6.87 -23.32
N ARG G 186 -44.68 7.87 -23.77
CA ARG G 186 -44.95 8.72 -24.94
C ARG G 186 -43.72 8.66 -25.85
N HIS G 187 -43.27 7.45 -26.21
CA HIS G 187 -42.44 7.35 -27.40
C HIS G 187 -43.32 7.65 -28.62
N SER G 188 -42.70 8.02 -29.73
CA SER G 188 -43.45 8.10 -30.98
C SER G 188 -44.15 6.78 -31.25
N ARG G 189 -45.35 6.92 -31.80
CA ARG G 189 -46.39 5.92 -31.68
C ARG G 189 -46.13 4.70 -32.53
N THR G 190 -45.52 4.91 -33.70
CA THR G 190 -45.06 3.89 -34.62
C THR G 190 -43.53 3.75 -34.62
N ALA G 191 -42.85 4.23 -33.57
CA ALA G 191 -41.40 4.11 -33.53
C ALA G 191 -40.97 2.66 -33.68
N ILE G 192 -39.80 2.46 -34.28
CA ILE G 192 -39.23 1.12 -34.46
C ILE G 192 -38.15 0.93 -33.40
N VAL G 193 -38.29 -0.12 -32.60
CA VAL G 193 -37.38 -0.43 -31.51
C VAL G 193 -36.79 -1.81 -31.75
N SER G 194 -35.82 -2.16 -30.90
CA SER G 194 -35.29 -3.53 -30.82
C SER G 194 -34.42 -3.95 -31.98
N THR G 195 -33.43 -4.81 -31.70
CA THR G 195 -32.79 -5.58 -32.75
C THR G 195 -33.84 -6.51 -33.35
N ARG G 196 -33.75 -6.71 -34.68
CA ARG G 196 -34.82 -7.37 -35.41
C ARG G 196 -35.10 -8.78 -34.89
N HIS G 197 -34.05 -9.50 -34.51
CA HIS G 197 -34.23 -10.86 -34.00
C HIS G 197 -35.18 -10.90 -32.81
N TYR G 198 -35.21 -9.83 -32.01
CA TYR G 198 -35.96 -9.78 -30.77
C TYR G 198 -37.06 -8.74 -30.80
N ARG G 199 -37.45 -8.29 -31.99
CA ARG G 199 -38.44 -7.23 -32.16
C ARG G 199 -39.84 -7.82 -32.17
N SER G 200 -40.72 -7.30 -31.33
CA SER G 200 -42.07 -7.81 -31.23
C SER G 200 -42.85 -7.48 -32.50
N PRO G 201 -43.90 -8.26 -32.80
CA PRO G 201 -44.70 -7.97 -34.00
C PRO G 201 -45.43 -6.64 -33.94
N GLU G 202 -45.88 -6.21 -32.76
CA GLU G 202 -46.53 -4.91 -32.63
C GLU G 202 -45.62 -3.78 -33.08
N VAL G 203 -44.31 -3.93 -32.87
CA VAL G 203 -43.38 -2.90 -33.31
C VAL G 203 -43.22 -2.92 -34.83
N VAL G 204 -43.06 -4.12 -35.37
CA VAL G 204 -42.89 -4.27 -36.82
C VAL G 204 -44.07 -3.66 -37.57
N LEU G 205 -45.28 -3.99 -37.13
CA LEU G 205 -46.49 -3.55 -37.80
C LEU G 205 -47.05 -2.24 -37.27
N SER G 206 -46.32 -1.55 -36.39
CA SER G 206 -46.77 -0.30 -35.81
C SER G 206 -48.16 -0.47 -35.21
N LEU G 207 -48.28 -1.49 -34.38
CA LEU G 207 -49.52 -1.89 -33.75
C LEU G 207 -49.78 -1.20 -32.44
N GLY G 208 -48.88 -0.33 -32.03
CA GLY G 208 -48.92 0.19 -30.69
C GLY G 208 -48.09 -0.74 -29.84
N TRP G 209 -47.11 -0.21 -29.14
CA TRP G 209 -46.28 -1.06 -28.30
C TRP G 209 -45.95 -0.31 -27.02
N MET G 210 -45.80 -1.08 -25.95
CA MET G 210 -45.40 -0.54 -24.65
C MET G 210 -44.61 -1.58 -23.88
N TYR G 211 -44.78 -1.64 -22.56
CA TYR G 211 -43.87 -2.41 -21.73
C TYR G 211 -43.77 -3.87 -22.17
N SER G 212 -44.85 -4.44 -22.71
CA SER G 212 -44.90 -5.83 -23.11
C SER G 212 -43.93 -6.17 -24.23
N THR G 213 -43.34 -5.19 -24.91
CA THR G 213 -42.38 -5.55 -25.95
C THR G 213 -41.05 -6.03 -25.35
N ASP G 214 -40.72 -5.61 -24.13
CA ASP G 214 -39.53 -6.15 -23.45
C ASP G 214 -39.70 -7.62 -23.14
N LEU G 215 -40.94 -8.02 -22.93
CA LEU G 215 -41.39 -9.33 -22.56
C LEU G 215 -41.57 -10.22 -23.76
N TRP G 216 -41.87 -9.69 -24.95
CA TRP G 216 -41.63 -10.46 -26.18
C TRP G 216 -40.15 -10.83 -26.34
N SER G 217 -39.24 -9.85 -26.15
CA SER G 217 -37.80 -10.11 -26.31
C SER G 217 -37.30 -11.14 -25.32
N MET G 218 -37.84 -11.15 -24.10
CA MET G 218 -37.46 -12.20 -23.16
C MET G 218 -37.86 -13.57 -23.67
N GLY G 219 -38.98 -13.66 -24.39
CA GLY G 219 -39.38 -14.93 -24.98
C GLY G 219 -38.34 -15.47 -25.94
N CYS G 220 -37.84 -14.60 -26.84
CA CYS G 220 -36.86 -15.05 -27.81
C CYS G 220 -35.49 -15.26 -27.18
N ILE G 221 -35.16 -14.48 -26.15
CA ILE G 221 -33.89 -14.72 -25.44
C ILE G 221 -33.96 -16.03 -24.67
N ILE G 222 -35.09 -16.31 -24.01
CA ILE G 222 -35.20 -17.53 -23.23
C ILE G 222 -35.18 -18.76 -24.15
N TYR G 223 -35.84 -18.68 -25.31
CA TYR G 223 -35.72 -19.74 -26.30
C TYR G 223 -34.26 -19.98 -26.66
N GLU G 224 -33.51 -18.89 -26.89
CA GLU G 224 -32.13 -19.00 -27.34
C GLU G 224 -31.22 -19.49 -26.22
N LEU G 225 -31.49 -19.08 -24.97
CA LEU G 225 -30.66 -19.54 -23.86
C LEU G 225 -30.81 -21.04 -23.62
N TYR G 226 -31.96 -21.61 -23.98
CA TYR G 226 -32.23 -23.01 -23.73
C TYR G 226 -31.88 -23.91 -24.92
N THR G 227 -32.00 -23.40 -26.15
CA THR G 227 -31.67 -24.19 -27.32
C THR G 227 -30.32 -23.85 -27.94
N GLY G 228 -29.74 -22.67 -27.66
CA GLY G 228 -28.51 -22.29 -28.35
C GLY G 228 -28.76 -21.78 -29.74
N LYS G 229 -30.03 -21.53 -30.06
CA LYS G 229 -30.53 -21.18 -31.39
C LYS G 229 -31.26 -19.84 -31.37
N LEU G 230 -31.07 -19.06 -32.43
CA LEU G 230 -31.93 -17.89 -32.59
C LEU G 230 -33.31 -18.41 -32.95
N LEU G 231 -34.36 -17.84 -32.34
CA LEU G 231 -35.71 -18.23 -32.75
C LEU G 231 -36.08 -17.63 -34.10
N TYR G 232 -35.63 -16.40 -34.35
CA TYR G 232 -35.94 -15.67 -35.58
C TYR G 232 -34.63 -15.12 -36.14
N ASP G 233 -34.00 -15.90 -37.01
CA ASP G 233 -32.77 -15.47 -37.69
C ASP G 233 -33.18 -14.84 -39.01
N THR G 234 -33.52 -13.54 -38.96
CA THR G 234 -34.14 -12.88 -40.10
C THR G 234 -33.74 -11.41 -40.20
N HIS G 235 -33.69 -10.92 -41.43
CA HIS G 235 -33.41 -9.53 -41.81
C HIS G 235 -34.52 -8.87 -42.64
N ASP G 236 -35.69 -9.53 -42.80
CA ASP G 236 -36.78 -8.97 -43.59
C ASP G 236 -38.10 -9.15 -42.84
N ASN G 237 -38.91 -8.08 -42.83
CA ASN G 237 -40.17 -8.08 -42.08
C ASN G 237 -41.07 -9.24 -42.49
N LEU G 238 -41.18 -9.50 -43.79
CA LEU G 238 -42.12 -10.51 -44.25
C LEU G 238 -41.71 -11.91 -43.87
N GLU G 239 -40.43 -12.23 -43.98
CA GLU G 239 -39.97 -13.53 -43.55
C GLU G 239 -40.09 -13.68 -42.04
N HIS G 240 -39.82 -12.60 -41.31
CA HIS G 240 -39.95 -12.61 -39.86
C HIS G 240 -41.36 -13.01 -39.45
N LEU G 241 -42.38 -12.40 -40.07
CA LEU G 241 -43.75 -12.68 -39.68
C LEU G 241 -44.18 -14.09 -40.07
N HIS G 242 -43.70 -14.60 -41.21
CA HIS G 242 -44.01 -15.97 -41.61
C HIS G 242 -43.42 -16.98 -40.62
N LEU G 243 -42.22 -16.68 -40.11
CA LEU G 243 -41.63 -17.54 -39.08
C LEU G 243 -42.40 -17.46 -37.79
N MET G 244 -42.94 -16.28 -37.46
CA MET G 244 -43.85 -16.17 -36.32
C MET G 244 -45.05 -17.08 -36.50
N GLU G 245 -45.60 -17.13 -37.72
CA GLU G 245 -46.73 -18.01 -37.99
C GLU G 245 -46.33 -19.47 -37.84
N LYS G 246 -45.11 -19.82 -38.27
CA LYS G 246 -44.70 -21.22 -38.25
C LYS G 246 -44.28 -21.67 -36.86
N THR G 247 -43.74 -20.77 -36.05
CA THR G 247 -43.30 -21.13 -34.71
C THR G 247 -44.41 -21.03 -33.67
N LEU G 248 -45.37 -20.12 -33.86
CA LEU G 248 -46.35 -19.79 -32.83
C LEU G 248 -47.78 -19.97 -33.25
N GLY G 249 -48.08 -19.88 -34.55
CA GLY G 249 -49.45 -19.92 -34.98
C GLY G 249 -49.84 -18.71 -35.80
N ARG G 250 -51.02 -18.74 -36.39
CA ARG G 250 -51.46 -17.71 -37.31
C ARG G 250 -51.51 -16.34 -36.63
N LEU G 251 -51.31 -15.31 -37.44
CA LEU G 251 -51.48 -13.94 -36.97
C LEU G 251 -52.97 -13.62 -36.79
N PRO G 252 -53.31 -12.71 -35.87
CA PRO G 252 -54.72 -12.31 -35.70
C PRO G 252 -55.29 -11.76 -37.01
N ALA G 253 -56.55 -12.12 -37.28
CA ALA G 253 -57.14 -11.79 -38.57
C ALA G 253 -57.29 -10.29 -38.75
N ASP G 254 -57.47 -9.55 -37.66
CA ASP G 254 -57.65 -8.12 -37.72
C ASP G 254 -56.34 -7.35 -37.91
N TRP G 255 -55.19 -8.01 -37.93
CA TRP G 255 -53.96 -7.24 -37.94
C TRP G 255 -53.84 -6.41 -39.21
N SER G 256 -54.39 -6.89 -40.32
CA SER G 256 -54.25 -6.13 -41.55
C SER G 256 -55.00 -4.81 -41.53
N VAL G 257 -55.98 -4.65 -40.64
CA VAL G 257 -56.72 -3.40 -40.63
C VAL G 257 -56.11 -2.39 -39.64
N ARG G 258 -55.39 -2.87 -38.63
CA ARG G 258 -54.79 -1.99 -37.62
C ARG G 258 -53.27 -1.75 -37.73
N CYS G 259 -52.65 -2.03 -38.88
CA CYS G 259 -51.26 -1.65 -39.02
C CYS G 259 -51.14 -0.14 -39.08
N GLY G 260 -50.07 0.41 -38.51
CA GLY G 260 -49.99 1.84 -38.27
C GLY G 260 -49.22 2.63 -39.31
N THR G 261 -48.54 1.95 -40.22
CA THR G 261 -47.82 2.64 -41.28
C THR G 261 -48.08 1.98 -42.63
N GLN G 262 -47.92 2.80 -43.66
CA GLN G 262 -47.94 2.32 -45.05
C GLN G 262 -47.02 1.13 -45.30
N GLU G 263 -45.81 1.13 -44.72
CA GLU G 263 -44.90 -0.01 -44.88
C GLU G 263 -45.54 -1.27 -44.36
N ALA G 264 -46.19 -1.19 -43.20
CA ALA G 264 -46.76 -2.37 -42.60
C ALA G 264 -47.94 -2.89 -43.39
N ARG G 265 -48.83 -2.03 -43.84
CA ARG G 265 -50.00 -2.75 -44.32
C ARG G 265 -49.78 -3.43 -45.67
N ASP G 266 -48.75 -3.04 -46.43
CA ASP G 266 -48.48 -3.71 -47.68
C ASP G 266 -47.92 -5.12 -47.46
N LEU G 267 -47.67 -5.55 -46.21
CA LEU G 267 -47.30 -6.93 -45.97
C LEU G 267 -48.51 -7.88 -45.99
N PHE G 268 -49.71 -7.35 -46.15
CA PHE G 268 -50.94 -8.13 -46.20
C PHE G 268 -51.61 -7.97 -47.56
N THR G 269 -52.46 -8.95 -47.87
CA THR G 269 -53.32 -8.95 -49.04
C THR G 269 -54.31 -7.79 -48.97
N ALA G 270 -54.98 -7.53 -50.10
CA ALA G 270 -56.18 -6.71 -50.07
C ALA G 270 -57.26 -7.38 -49.23
N ALA G 271 -57.29 -8.71 -49.21
CA ALA G 271 -58.23 -9.43 -48.35
C ALA G 271 -57.87 -9.25 -46.88
N GLY G 272 -56.60 -9.44 -46.53
CA GLY G 272 -56.13 -9.23 -45.17
C GLY G 272 -55.21 -10.32 -44.64
N THR G 273 -54.79 -11.19 -45.54
CA THR G 273 -53.89 -12.28 -45.26
C THR G 273 -52.46 -11.91 -45.62
N LEU G 274 -51.55 -12.72 -45.15
CA LEU G 274 -50.14 -12.48 -45.40
C LEU G 274 -49.66 -12.71 -46.83
N GLN G 275 -48.68 -11.87 -47.26
CA GLN G 275 -47.96 -12.13 -48.50
C GLN G 275 -47.20 -13.41 -48.32
N PRO G 276 -47.19 -14.24 -49.31
CA PRO G 276 -46.21 -15.29 -49.35
C PRO G 276 -44.87 -14.68 -49.71
N CYS G 277 -43.82 -15.26 -49.11
CA CYS G 277 -42.47 -14.96 -49.55
C CYS G 277 -42.19 -15.88 -50.70
N LYS G 278 -41.39 -15.42 -51.65
CA LYS G 278 -40.94 -16.29 -52.72
C LYS G 278 -39.46 -16.28 -52.94
N ASP G 279 -38.68 -15.66 -52.07
CA ASP G 279 -37.26 -15.93 -52.26
C ASP G 279 -36.92 -17.31 -51.69
N PRO G 280 -36.23 -18.11 -52.48
CA PRO G 280 -36.06 -19.53 -52.14
C PRO G 280 -35.33 -19.67 -50.82
N LYS G 281 -34.65 -18.64 -50.33
CA LYS G 281 -34.00 -18.63 -49.03
C LYS G 281 -34.95 -18.37 -47.88
N HIS G 282 -36.04 -17.67 -48.14
CA HIS G 282 -37.01 -17.45 -47.10
C HIS G 282 -38.00 -18.58 -47.06
N ILE G 283 -38.29 -19.16 -48.22
CA ILE G 283 -39.13 -20.34 -48.29
C ILE G 283 -38.48 -21.50 -47.56
N ALA G 284 -37.15 -21.63 -47.69
CA ALA G 284 -36.47 -22.80 -47.12
C ALA G 284 -36.41 -22.75 -45.59
N ARG G 285 -35.98 -21.64 -45.00
CA ARG G 285 -35.86 -21.65 -43.54
C ARG G 285 -37.21 -21.54 -42.85
N ILE G 286 -38.22 -20.91 -43.48
CA ILE G 286 -39.56 -21.03 -42.92
C ILE G 286 -40.01 -22.47 -42.96
N ALA G 287 -39.65 -23.18 -44.03
CA ALA G 287 -39.97 -24.60 -44.10
C ALA G 287 -39.21 -25.40 -43.04
N ARG G 288 -37.99 -24.96 -42.69
CA ARG G 288 -37.24 -25.74 -41.73
C ARG G 288 -37.41 -25.27 -40.29
N ALA G 289 -37.96 -24.08 -40.07
CA ALA G 289 -38.29 -23.70 -38.71
C ALA G 289 -39.44 -24.57 -38.24
N ARG G 290 -39.37 -25.01 -37.00
CA ARG G 290 -40.35 -25.90 -36.42
C ARG G 290 -41.00 -25.27 -35.18
N PRO G 291 -42.24 -25.65 -34.84
CA PRO G 291 -42.96 -24.93 -33.77
C PRO G 291 -42.25 -24.93 -32.43
N VAL G 292 -42.37 -23.80 -31.72
CA VAL G 292 -41.85 -23.69 -30.35
C VAL G 292 -42.41 -24.82 -29.47
N ARG G 293 -43.71 -25.11 -29.60
CA ARG G 293 -44.39 -26.14 -28.82
C ARG G 293 -43.68 -27.48 -28.90
N GLU G 294 -43.02 -27.66 -30.02
CA GLU G 294 -42.44 -28.84 -30.58
C GLU G 294 -40.96 -29.02 -30.25
N VAL G 295 -40.25 -27.91 -29.98
CA VAL G 295 -38.84 -27.90 -29.58
C VAL G 295 -38.65 -27.92 -28.06
N ILE G 296 -39.49 -27.19 -27.32
CA ILE G 296 -39.37 -27.07 -25.87
C ILE G 296 -40.16 -28.23 -25.24
N THR G 297 -39.43 -29.27 -24.82
CA THR G 297 -40.07 -30.43 -24.21
C THR G 297 -40.56 -30.16 -22.79
N GLU G 298 -39.91 -29.25 -22.05
CA GLU G 298 -40.36 -28.95 -20.68
C GLU G 298 -41.66 -28.18 -20.73
N PRO G 299 -42.76 -28.74 -20.21
CA PRO G 299 -44.07 -28.09 -20.41
C PRO G 299 -44.20 -26.73 -19.72
N LEU G 300 -43.58 -26.55 -18.55
CA LEU G 300 -43.64 -25.26 -17.89
C LEU G 300 -42.78 -24.23 -18.60
N LEU G 301 -41.61 -24.66 -19.10
CA LEU G 301 -40.78 -23.76 -19.88
C LEU G 301 -41.46 -23.39 -21.20
N CYS G 302 -42.11 -24.36 -21.84
CA CYS G 302 -42.84 -24.10 -23.07
C CYS G 302 -43.96 -23.08 -22.86
N ASP G 303 -44.78 -23.29 -21.82
CA ASP G 303 -45.86 -22.35 -21.54
C ASP G 303 -45.31 -20.96 -21.23
N LEU G 304 -44.18 -20.89 -20.52
CA LEU G 304 -43.56 -19.61 -20.22
C LEU G 304 -43.15 -18.90 -21.51
N ILE G 305 -42.46 -19.61 -22.40
CA ILE G 305 -41.97 -19.00 -23.64
C ILE G 305 -43.14 -18.56 -24.52
N LEU G 306 -44.15 -19.42 -24.67
CA LEU G 306 -45.23 -19.14 -25.59
C LEU G 306 -46.08 -17.96 -25.13
N ASN G 307 -46.27 -17.81 -23.82
CA ASN G 307 -47.04 -16.69 -23.30
C ASN G 307 -46.20 -15.43 -23.12
N LEU G 308 -44.87 -15.53 -23.25
CA LEU G 308 -44.06 -14.34 -23.47
C LEU G 308 -44.17 -13.87 -24.91
N LEU G 309 -44.43 -14.80 -25.83
CA LEU G 309 -44.59 -14.50 -27.24
C LEU G 309 -46.06 -14.39 -27.66
N HIS G 310 -46.94 -14.05 -26.71
CA HIS G 310 -48.36 -13.93 -26.99
C HIS G 310 -48.62 -12.73 -27.92
N TYR G 311 -49.47 -12.96 -28.94
CA TYR G 311 -49.80 -11.90 -29.88
C TYR G 311 -50.60 -10.79 -29.22
N ASP G 312 -51.39 -11.13 -28.19
CA ASP G 312 -52.17 -10.13 -27.47
C ASP G 312 -51.27 -9.46 -26.44
N ARG G 313 -51.11 -8.14 -26.55
CA ARG G 313 -50.20 -7.43 -25.66
C ARG G 313 -50.70 -7.42 -24.22
N GLN G 314 -51.99 -7.66 -24.00
CA GLN G 314 -52.54 -7.64 -22.65
C GLN G 314 -52.60 -9.02 -22.00
N ARG G 315 -52.68 -10.08 -22.80
CA ARG G 315 -52.62 -11.43 -22.27
C ARG G 315 -51.18 -11.96 -22.26
N ARG G 316 -50.27 -11.30 -22.97
CA ARG G 316 -48.85 -11.60 -22.85
C ARG G 316 -48.39 -11.40 -21.41
N LEU G 317 -47.52 -12.28 -20.96
CA LEU G 317 -47.01 -12.18 -19.60
C LEU G 317 -46.31 -10.86 -19.37
N ASN G 318 -46.47 -10.30 -18.17
CA ASN G 318 -45.69 -9.15 -17.75
C ASN G 318 -44.47 -9.62 -16.95
N ALA G 319 -43.60 -8.66 -16.61
CA ALA G 319 -42.36 -9.00 -15.93
C ALA G 319 -42.60 -9.69 -14.60
N ARG G 320 -43.61 -9.24 -13.86
CA ARG G 320 -43.92 -9.87 -12.58
C ARG G 320 -44.37 -11.32 -12.75
N GLN G 321 -45.22 -11.58 -13.74
CA GLN G 321 -45.66 -12.94 -13.99
C GLN G 321 -44.52 -13.82 -14.48
N MET G 322 -43.62 -13.27 -15.29
CA MET G 322 -42.48 -14.05 -15.78
C MET G 322 -41.59 -14.50 -14.64
N MET G 323 -41.18 -13.56 -13.77
CA MET G 323 -40.31 -13.90 -12.65
C MET G 323 -41.00 -14.77 -11.62
N SER G 324 -42.34 -14.77 -11.60
CA SER G 324 -43.11 -15.57 -10.66
C SER G 324 -43.76 -16.78 -11.32
N HIS G 325 -43.30 -17.14 -12.52
CA HIS G 325 -43.87 -18.26 -13.26
C HIS G 325 -43.59 -19.59 -12.59
N ALA G 326 -44.47 -20.57 -12.86
CA ALA G 326 -44.33 -21.88 -12.27
C ALA G 326 -42.99 -22.53 -12.63
N TYR G 327 -42.44 -22.21 -13.81
CA TYR G 327 -41.15 -22.75 -14.19
C TYR G 327 -40.06 -22.33 -13.21
N VAL G 328 -40.04 -21.06 -12.83
CA VAL G 328 -39.04 -20.56 -11.90
C VAL G 328 -39.21 -21.21 -10.53
N HIS G 329 -40.46 -21.45 -10.11
CA HIS G 329 -40.69 -22.04 -8.80
C HIS G 329 -40.30 -23.51 -8.75
N LYS G 330 -40.34 -24.21 -9.90
CA LYS G 330 -40.00 -25.63 -9.89
C LYS G 330 -38.49 -25.84 -9.82
N TYR G 331 -37.73 -25.14 -10.66
CA TYR G 331 -36.30 -25.39 -10.77
C TYR G 331 -35.44 -24.43 -9.96
N PHE G 332 -36.02 -23.33 -9.49
CA PHE G 332 -35.35 -22.41 -8.57
C PHE G 332 -36.25 -22.22 -7.35
N PRO G 333 -36.49 -23.28 -6.58
CA PRO G 333 -37.45 -23.19 -5.48
C PRO G 333 -37.07 -22.19 -4.41
N GLU G 334 -35.77 -21.93 -4.24
CA GLU G 334 -35.31 -20.97 -3.23
C GLU G 334 -35.59 -19.52 -3.63
N CYS G 335 -36.08 -19.29 -4.85
CA CYS G 335 -36.65 -17.98 -5.19
C CYS G 335 -37.66 -17.50 -4.15
N ARG G 336 -38.41 -18.43 -3.52
CA ARG G 336 -39.47 -18.04 -2.58
C ARG G 336 -38.90 -17.43 -1.31
N GLN G 337 -37.62 -17.66 -1.02
CA GLN G 337 -36.95 -17.01 0.11
C GLN G 337 -36.12 -15.81 -0.31
N HIS G 338 -36.18 -15.45 -1.58
CA HIS G 338 -35.45 -14.27 -2.06
C HIS G 338 -36.24 -13.01 -1.74
N PRO G 339 -35.55 -11.94 -1.32
CA PRO G 339 -36.27 -10.69 -1.00
C PRO G 339 -36.97 -10.05 -2.19
N ASN G 340 -36.68 -10.46 -3.41
CA ASN G 340 -37.35 -9.90 -4.58
C ASN G 340 -38.58 -10.71 -5.01
N HIS G 341 -38.79 -11.89 -4.42
CA HIS G 341 -40.02 -12.62 -4.67
C HIS G 341 -41.21 -11.76 -4.28
N VAL G 342 -42.26 -11.80 -5.10
CA VAL G 342 -43.38 -10.87 -4.93
C VAL G 342 -44.05 -11.03 -3.57
N ASP G 343 -44.12 -12.27 -3.07
CA ASP G 343 -44.81 -12.51 -1.83
C ASP G 343 -43.97 -12.20 -0.59
N ASN G 344 -42.69 -11.83 -0.77
CA ASN G 344 -41.92 -11.32 0.35
C ASN G 344 -41.73 -9.82 0.28
N ARG G 345 -42.40 -9.16 -0.67
CA ARG G 345 -42.25 -7.74 -0.85
C ARG G 345 -43.53 -7.03 -0.45
N SER G 346 -43.42 -5.71 -0.36
CA SER G 346 -44.52 -4.75 -0.23
C SER G 346 -45.74 -5.11 -1.08
N LYS G 347 -46.82 -4.34 -0.96
CA LYS G 347 -47.67 -4.26 -2.13
C LYS G 347 -47.01 -3.37 -3.15
N LEU G 348 -46.81 -3.88 -4.33
CA LEU G 348 -46.06 -3.23 -5.40
C LEU G 348 -47.04 -2.43 -6.27
N PRO G 349 -46.56 -1.45 -7.04
CA PRO G 349 -47.46 -0.81 -8.00
C PRO G 349 -48.04 -1.79 -8.94
N PRO G 350 -49.22 -1.52 -9.54
CA PRO G 350 -49.85 -2.47 -10.45
C PRO G 350 -48.97 -2.72 -11.67
N THR G 351 -49.05 -3.94 -12.18
CA THR G 351 -48.35 -4.30 -13.40
C THR G 351 -48.89 -3.47 -14.56
N PRO G 352 -48.10 -3.27 -15.61
CA PRO G 352 -48.59 -2.51 -16.76
C PRO G 352 -49.76 -3.21 -17.43
N VAL G 353 -50.62 -2.41 -18.02
CA VAL G 353 -51.59 -2.90 -18.99
C VAL G 353 -50.94 -2.75 -20.35
N MET G 354 -50.66 -3.88 -20.99
CA MET G 354 -49.94 -3.93 -22.28
C MET G 354 -48.64 -3.11 -22.32
N GLY H 16 64.11 33.60 -27.43
CA GLY H 16 64.06 34.43 -26.23
C GLY H 16 63.62 33.66 -25.00
N ARG H 17 62.32 33.35 -24.93
CA ARG H 17 61.80 32.61 -23.80
C ARG H 17 61.60 31.13 -24.08
N PHE H 18 61.24 30.77 -25.30
CA PHE H 18 60.92 29.38 -25.63
C PHE H 18 62.03 28.85 -26.52
N LYS H 19 62.66 27.77 -26.06
CA LYS H 19 63.72 27.11 -26.82
C LYS H 19 63.12 25.85 -27.41
N ILE H 20 63.17 25.77 -28.72
CA ILE H 20 62.56 24.71 -29.47
C ILE H 20 63.45 23.48 -29.40
N LEU H 21 62.87 22.35 -29.02
CA LEU H 21 63.61 21.13 -28.81
C LEU H 21 63.39 20.12 -29.93
N SER H 22 62.15 19.71 -30.17
CA SER H 22 61.88 18.72 -31.19
C SER H 22 60.73 19.20 -32.07
N LEU H 23 60.64 18.57 -33.22
CA LEU H 23 59.51 18.75 -34.12
C LEU H 23 58.52 17.61 -33.91
N LEU H 24 57.30 17.96 -33.52
CA LEU H 24 56.28 16.95 -33.26
C LEU H 24 55.36 16.67 -34.45
N GLY H 25 55.08 17.66 -35.29
CA GLY H 25 54.22 17.44 -36.43
C GLY H 25 54.21 18.66 -37.33
N GLU H 26 53.76 18.47 -38.57
CA GLU H 26 53.88 19.57 -39.49
C GLU H 26 52.67 19.50 -40.40
N GLY H 27 52.21 20.64 -40.87
CA GLY H 27 51.11 20.62 -41.81
C GLY H 27 50.93 21.96 -42.50
N THR H 28 49.82 22.08 -43.23
CA THR H 28 49.48 23.36 -43.86
C THR H 28 49.46 24.49 -42.85
N PHE H 29 48.78 24.28 -41.72
CA PHE H 29 48.69 25.28 -40.67
C PHE H 29 50.07 25.81 -40.26
N GLY H 30 51.06 24.92 -40.19
CA GLY H 30 52.37 25.25 -39.67
C GLY H 30 53.03 24.07 -38.98
N LYS H 31 53.56 24.29 -37.78
CA LYS H 31 54.30 23.26 -37.05
C LYS H 31 53.85 23.23 -35.59
N VAL H 32 53.93 22.06 -35.00
CA VAL H 32 53.85 21.88 -33.55
C VAL H 32 55.21 21.39 -33.09
N VAL H 33 55.86 22.15 -32.22
CA VAL H 33 57.20 21.78 -31.74
C VAL H 33 57.15 21.64 -30.23
N GLU H 34 57.98 20.74 -29.72
CA GLU H 34 58.27 20.67 -28.29
C GLU H 34 59.29 21.75 -27.98
N ALA H 35 59.01 22.54 -26.94
CA ALA H 35 59.86 23.66 -26.60
C ALA H 35 60.15 23.63 -25.10
N TRP H 36 61.24 24.28 -24.73
CA TRP H 36 61.60 24.42 -23.33
C TRP H 36 61.20 25.82 -22.87
N ASP H 37 60.35 25.86 -21.85
CA ASP H 37 59.83 27.10 -21.33
C ASP H 37 60.87 27.66 -20.37
N ARG H 38 61.58 28.69 -20.80
CA ARG H 38 62.61 29.10 -19.89
C ARG H 38 62.07 29.90 -18.73
N LYS H 39 60.81 30.41 -18.79
CA LYS H 39 60.47 31.23 -17.65
C LYS H 39 59.80 30.41 -16.56
N ARG H 40 59.39 29.18 -16.85
CA ARG H 40 58.82 28.32 -15.83
C ARG H 40 59.53 26.96 -15.65
N LYS H 41 60.52 26.58 -16.45
CA LYS H 41 61.15 25.24 -16.22
C LYS H 41 60.19 24.08 -16.44
N GLU H 42 59.62 24.03 -17.64
CA GLU H 42 58.78 22.90 -18.00
C GLU H 42 58.84 22.73 -19.52
N TYR H 43 58.41 21.58 -19.97
CA TYR H 43 58.32 21.32 -21.38
C TYR H 43 56.93 21.69 -21.88
N CYS H 44 56.86 22.11 -23.13
CA CYS H 44 55.63 22.61 -23.71
C CYS H 44 55.59 22.21 -25.17
N ALA H 45 54.40 22.27 -25.75
CA ALA H 45 54.21 22.20 -27.18
C ALA H 45 53.82 23.58 -27.69
N VAL H 46 54.45 24.01 -28.79
CA VAL H 46 54.18 25.33 -29.35
C VAL H 46 53.69 25.13 -30.78
N LYS H 47 52.49 25.61 -31.05
CA LYS H 47 51.92 25.57 -32.39
C LYS H 47 52.34 26.85 -33.11
N ILE H 48 53.16 26.71 -34.13
CA ILE H 48 53.64 27.85 -34.90
C ILE H 48 52.82 27.88 -36.18
N VAL H 49 51.87 28.79 -36.27
CA VAL H 49 51.00 28.88 -37.43
C VAL H 49 51.74 29.64 -38.53
N ARG H 50 51.61 29.20 -39.79
CA ARG H 50 52.36 29.92 -40.81
C ARG H 50 51.88 31.36 -40.94
N ASN H 51 52.82 32.20 -41.32
CA ASN H 51 52.84 33.60 -41.03
C ASN H 51 52.14 34.27 -42.22
N VAL H 52 50.86 33.94 -42.43
CA VAL H 52 50.16 34.47 -43.60
C VAL H 52 48.84 35.07 -43.15
N PRO H 53 48.24 36.01 -43.90
CA PRO H 53 47.04 36.71 -43.37
C PRO H 53 45.91 35.81 -42.89
N LYS H 54 45.49 34.71 -43.58
CA LYS H 54 44.43 33.88 -43.00
C LYS H 54 44.89 32.82 -42.02
N TYR H 55 46.11 32.34 -42.12
CA TYR H 55 46.43 31.43 -41.03
C TYR H 55 46.66 32.27 -39.79
N THR H 56 47.19 33.48 -39.95
CA THR H 56 47.33 34.38 -38.79
C THR H 56 45.99 34.82 -38.25
N ARG H 57 44.97 34.98 -39.10
CA ARG H 57 43.69 35.39 -38.54
C ARG H 57 42.83 34.22 -38.03
N ASP H 58 42.94 33.01 -38.59
CA ASP H 58 42.18 31.98 -37.91
C ASP H 58 42.92 31.46 -36.67
N ALA H 59 44.23 31.76 -36.53
CA ALA H 59 44.87 31.53 -35.25
C ALA H 59 44.37 32.50 -34.19
N LYS H 60 44.20 33.78 -34.55
CA LYS H 60 43.69 34.76 -33.59
C LYS H 60 42.25 34.41 -33.19
N ILE H 61 41.46 33.89 -34.11
CA ILE H 61 40.14 33.37 -33.77
C ILE H 61 40.25 32.11 -32.93
N GLU H 62 41.15 31.20 -33.33
CA GLU H 62 41.38 29.97 -32.58
C GLU H 62 41.77 30.25 -31.13
N ILE H 63 42.65 31.24 -30.92
CA ILE H 63 43.10 31.57 -29.57
C ILE H 63 41.93 32.02 -28.70
N GLN H 64 41.04 32.83 -29.26
CA GLN H 64 39.92 33.36 -28.47
C GLN H 64 38.99 32.25 -28.01
N PHE H 65 38.77 31.22 -28.84
CA PHE H 65 38.00 30.08 -28.40
C PHE H 65 38.73 29.28 -27.32
N MET H 66 40.07 29.25 -27.38
CA MET H 66 40.83 28.49 -26.40
C MET H 66 40.87 29.18 -25.04
N GLU H 67 40.97 30.52 -24.96
CA GLU H 67 40.89 31.08 -23.60
C GLU H 67 39.53 30.94 -22.97
N ARG H 68 38.50 30.92 -23.78
CA ARG H 68 37.16 30.89 -23.24
C ARG H 68 36.87 29.54 -22.61
N VAL H 69 37.52 28.50 -23.11
CA VAL H 69 37.39 27.20 -22.51
C VAL H 69 38.01 27.17 -21.12
N ARG H 70 39.28 27.50 -21.00
CA ARG H 70 39.86 27.24 -19.68
C ARG H 70 39.57 28.34 -18.65
N LEU H 71 39.36 29.60 -19.06
CA LEU H 71 38.90 30.54 -18.03
C LEU H 71 37.54 30.11 -17.48
N SER H 72 36.74 29.39 -18.28
CA SER H 72 35.44 28.89 -17.82
C SER H 72 35.58 27.58 -17.05
N ASP H 73 36.29 26.61 -17.63
CA ASP H 73 36.52 25.32 -16.98
C ASP H 73 37.80 25.54 -16.16
N VAL H 74 37.61 25.92 -14.88
CA VAL H 74 38.78 26.43 -14.20
C VAL H 74 39.68 25.34 -13.67
N GLU H 75 39.13 24.12 -13.47
CA GLU H 75 39.80 22.98 -12.83
C GLU H 75 39.97 21.75 -13.71
N ASP H 76 40.18 21.94 -15.03
CA ASP H 76 40.54 20.92 -16.01
C ASP H 76 39.58 19.74 -15.92
N ARG H 77 38.28 20.07 -15.94
CA ARG H 77 37.28 19.04 -15.76
C ARG H 77 36.97 18.29 -17.05
N PHE H 78 37.13 18.93 -18.19
CA PHE H 78 36.78 18.24 -19.42
C PHE H 78 38.00 18.12 -20.34
N PRO H 79 38.12 17.02 -21.09
CA PRO H 79 39.30 16.76 -21.90
C PRO H 79 39.35 17.61 -23.16
N LEU H 80 39.19 18.91 -23.00
CA LEU H 80 39.45 19.90 -24.03
C LEU H 80 40.85 20.49 -23.87
N MET H 81 41.39 20.95 -24.99
CA MET H 81 42.73 21.53 -24.98
C MET H 81 42.72 22.79 -24.12
N LYS H 82 43.82 23.01 -23.40
CA LYS H 82 43.91 24.12 -22.46
C LYS H 82 45.14 24.93 -22.83
N ILE H 83 44.92 26.02 -23.56
CA ILE H 83 46.01 26.92 -23.93
C ILE H 83 46.64 27.49 -22.67
N GLN H 84 47.97 27.65 -22.69
CA GLN H 84 48.62 28.28 -21.56
C GLN H 84 49.17 29.66 -21.90
N ARG H 85 49.77 29.84 -23.08
CA ARG H 85 50.14 31.18 -23.50
C ARG H 85 50.11 31.23 -25.02
N TYR H 86 50.20 32.45 -25.52
CA TYR H 86 50.27 32.71 -26.94
C TYR H 86 50.97 34.05 -27.13
N PHE H 87 51.53 34.23 -28.31
CA PHE H 87 52.17 35.49 -28.68
C PHE H 87 52.33 35.50 -30.19
N GLN H 88 52.62 36.67 -30.72
CA GLN H 88 53.00 36.80 -32.11
C GLN H 88 54.51 36.94 -32.16
N ASN H 89 55.13 36.06 -32.92
CA ASN H 89 56.58 36.02 -33.01
C ASN H 89 57.15 37.31 -33.60
N GLU H 90 58.47 37.41 -33.47
CA GLU H 90 59.27 38.52 -33.93
C GLU H 90 59.51 38.36 -35.41
N THR H 91 59.09 37.21 -35.96
CA THR H 91 58.86 36.99 -37.38
C THR H 91 57.37 37.11 -37.76
N GLY H 92 56.47 37.43 -36.81
CA GLY H 92 55.04 37.62 -37.10
C GLY H 92 54.20 36.35 -37.07
N HIS H 93 54.82 35.18 -36.92
CA HIS H 93 54.08 33.94 -36.78
C HIS H 93 53.29 33.98 -35.48
N MET H 94 52.02 33.64 -35.55
CA MET H 94 51.28 33.39 -34.33
C MET H 94 51.76 32.08 -33.72
N CYS H 95 52.05 32.10 -32.42
CA CYS H 95 52.58 30.95 -31.72
C CYS H 95 51.73 30.67 -30.49
N ILE H 96 51.16 29.47 -30.43
CA ILE H 96 50.23 29.08 -29.37
C ILE H 96 50.94 28.09 -28.45
N VAL H 97 51.12 28.49 -27.19
CA VAL H 97 51.80 27.67 -26.20
C VAL H 97 50.76 26.84 -25.47
N MET H 98 51.01 25.53 -25.38
CA MET H 98 50.09 24.57 -24.79
C MET H 98 50.88 23.49 -24.06
N PRO H 99 50.24 22.64 -23.27
CA PRO H 99 50.94 21.48 -22.72
C PRO H 99 51.32 20.51 -23.82
N LYS H 100 52.26 19.64 -23.52
CA LYS H 100 52.68 18.61 -24.46
C LYS H 100 51.77 17.41 -24.26
N TYR H 101 50.97 17.10 -25.28
CA TYR H 101 50.12 15.93 -25.25
C TYR H 101 50.80 14.86 -26.12
N GLY H 102 50.05 13.82 -26.47
CA GLY H 102 50.59 12.75 -27.26
C GLY H 102 50.12 12.83 -28.70
N PRO H 103 50.28 11.73 -29.43
CA PRO H 103 49.84 11.71 -30.83
C PRO H 103 48.33 11.54 -30.92
N CYS H 104 47.80 11.90 -32.09
CA CYS H 104 46.36 11.76 -32.34
C CYS H 104 45.94 10.29 -32.31
N LEU H 105 44.63 10.08 -32.17
CA LEU H 105 44.06 8.74 -32.25
C LEU H 105 44.36 8.08 -33.58
N LEU H 106 44.43 8.86 -34.67
CA LEU H 106 44.72 8.26 -35.97
C LEU H 106 46.08 7.56 -35.93
N ASP H 107 47.08 8.20 -35.32
CA ASP H 107 48.41 7.60 -35.24
C ASP H 107 48.37 6.24 -34.55
N TRP H 108 47.54 6.10 -33.51
CA TRP H 108 47.51 4.84 -32.78
C TRP H 108 46.91 3.72 -33.62
N ILE H 109 45.74 3.96 -34.21
CA ILE H 109 45.07 2.90 -34.97
C ILE H 109 45.88 2.52 -36.20
N MET H 110 46.67 3.45 -36.76
CA MET H 110 47.47 3.10 -37.92
C MET H 110 48.65 2.22 -37.54
N LYS H 111 49.16 2.34 -36.32
CA LYS H 111 50.29 1.53 -35.87
C LYS H 111 49.86 0.27 -35.12
N HIS H 112 48.87 0.37 -34.23
CA HIS H 112 48.49 -0.75 -33.37
C HIS H 112 47.12 -1.32 -33.69
N GLY H 113 46.40 -0.75 -34.67
CA GLY H 113 45.09 -1.23 -35.01
C GLY H 113 44.00 -0.60 -34.16
N PRO H 114 42.77 -1.10 -34.31
CA PRO H 114 41.64 -0.49 -33.59
C PRO H 114 41.73 -0.72 -32.09
N PHE H 115 41.04 0.16 -31.36
CA PHE H 115 40.95 0.01 -29.92
C PHE H 115 40.03 -1.14 -29.55
N ASN H 116 40.27 -1.69 -28.37
CA ASN H 116 39.37 -2.66 -27.77
C ASN H 116 38.16 -1.93 -27.19
N HIS H 117 37.15 -2.71 -26.79
CA HIS H 117 35.89 -2.10 -26.36
C HIS H 117 36.09 -1.18 -25.16
N ARG H 118 36.95 -1.56 -24.21
CA ARG H 118 37.14 -0.74 -23.01
C ARG H 118 37.72 0.63 -23.35
N HIS H 119 38.85 0.65 -24.07
CA HIS H 119 39.48 1.93 -24.35
C HIS H 119 38.62 2.77 -25.29
N LEU H 120 37.91 2.12 -26.20
CA LEU H 120 36.95 2.84 -27.04
C LEU H 120 35.83 3.44 -26.19
N ALA H 121 35.32 2.68 -25.22
CA ALA H 121 34.28 3.22 -24.35
C ALA H 121 34.80 4.39 -23.54
N GLN H 122 36.06 4.31 -23.09
CA GLN H 122 36.64 5.41 -22.33
C GLN H 122 36.80 6.65 -23.19
N ILE H 123 37.18 6.46 -24.47
CA ILE H 123 37.30 7.60 -25.38
C ILE H 123 35.93 8.21 -25.65
N ILE H 124 34.93 7.37 -25.90
CA ILE H 124 33.58 7.87 -26.15
C ILE H 124 33.04 8.64 -24.95
N PHE H 125 33.35 8.16 -23.74
CA PHE H 125 32.87 8.83 -22.53
C PHE H 125 33.42 10.24 -22.40
N GLN H 126 34.74 10.39 -22.59
CA GLN H 126 35.38 11.69 -22.40
C GLN H 126 34.98 12.67 -23.49
N VAL H 127 35.01 12.26 -24.75
CA VAL H 127 34.63 13.18 -25.84
C VAL H 127 33.19 13.64 -25.64
N GLY H 128 32.32 12.74 -25.18
CA GLY H 128 30.97 13.14 -24.84
C GLY H 128 30.96 14.19 -23.74
N ALA H 129 31.74 13.96 -22.68
CA ALA H 129 31.79 14.92 -21.58
C ALA H 129 32.33 16.27 -22.04
N ALA H 130 33.35 16.25 -22.89
CA ALA H 130 33.88 17.50 -23.43
C ALA H 130 32.88 18.15 -24.38
N LEU H 131 32.21 17.35 -25.22
CA LEU H 131 31.32 17.92 -26.22
C LEU H 131 30.04 18.48 -25.59
N ASP H 132 29.47 17.81 -24.59
CA ASP H 132 28.27 18.37 -23.97
C ASP H 132 28.59 19.62 -23.17
N TYR H 133 29.77 19.69 -22.56
CA TYR H 133 30.20 20.94 -21.96
C TYR H 133 30.34 22.01 -23.03
N PHE H 134 30.94 21.64 -24.16
CA PHE H 134 31.03 22.56 -25.29
C PHE H 134 29.65 23.02 -25.74
N HIS H 135 28.69 22.09 -25.84
CA HIS H 135 27.40 22.39 -26.47
C HIS H 135 26.45 23.15 -25.54
N THR H 136 26.36 22.77 -24.27
CA THR H 136 25.34 23.32 -23.40
C THR H 136 25.86 24.35 -22.39
N GLU H 137 27.18 24.43 -22.18
CA GLU H 137 27.73 25.42 -21.28
C GLU H 137 28.39 26.59 -22.02
N LEU H 138 29.10 26.32 -23.11
CA LEU H 138 29.72 27.38 -23.88
C LEU H 138 28.88 27.80 -25.08
N HIS H 139 27.92 26.95 -25.45
CA HIS H 139 27.08 27.04 -26.68
C HIS H 139 27.96 27.25 -27.89
N LEU H 140 28.90 26.35 -28.08
CA LEU H 140 29.77 26.36 -29.23
C LEU H 140 29.69 25.01 -29.92
N MET H 141 29.92 25.00 -31.23
CA MET H 141 30.12 23.76 -31.96
C MET H 141 31.57 23.67 -32.40
N HIS H 142 32.10 22.44 -32.40
CA HIS H 142 33.47 22.22 -32.86
C HIS H 142 33.55 22.25 -34.38
N THR H 143 32.69 21.47 -35.04
CA THR H 143 32.47 21.41 -36.48
C THR H 143 33.58 20.76 -37.30
N ASP H 144 34.73 20.46 -36.71
CA ASP H 144 35.79 19.78 -37.47
C ASP H 144 36.46 18.73 -36.61
N LEU H 145 35.67 17.88 -35.95
CA LEU H 145 36.26 16.80 -35.18
C LEU H 145 36.72 15.69 -36.11
N LYS H 146 37.90 15.16 -35.85
CA LYS H 146 38.49 14.11 -36.67
C LYS H 146 39.50 13.36 -35.83
N PRO H 147 39.79 12.10 -36.18
CA PRO H 147 40.82 11.36 -35.44
C PRO H 147 42.19 12.03 -35.42
N GLU H 148 42.45 12.97 -36.33
CA GLU H 148 43.74 13.64 -36.36
C GLU H 148 43.84 14.77 -35.34
N ASN H 149 42.72 15.27 -34.82
CA ASN H 149 42.75 16.33 -33.81
C ASN H 149 42.18 15.91 -32.47
N ILE H 150 41.94 14.61 -32.26
CA ILE H 150 41.74 14.05 -30.94
C ILE H 150 43.05 13.38 -30.56
N LEU H 151 43.76 13.97 -29.59
CA LEU H 151 45.10 13.57 -29.23
C LEU H 151 45.10 12.69 -27.99
N MET H 152 46.04 11.75 -27.95
CA MET H 152 46.31 11.06 -26.70
C MET H 152 46.84 12.06 -25.68
N GLU H 153 46.38 11.95 -24.43
CA GLU H 153 46.92 12.82 -23.39
C GLU H 153 48.42 12.59 -23.23
N SER H 154 48.85 11.34 -23.27
CA SER H 154 50.26 10.99 -23.22
C SER H 154 50.54 9.89 -24.22
N GLY H 155 51.76 9.85 -24.73
CA GLY H 155 52.15 8.84 -25.71
C GLY H 155 52.84 7.63 -25.12
N ASP H 156 52.49 7.29 -23.88
CA ASP H 156 53.10 6.15 -23.19
C ASP H 156 52.32 4.88 -23.50
N THR H 157 53.02 3.76 -23.46
CA THR H 157 52.50 2.49 -23.94
C THR H 157 52.79 1.39 -22.94
N SER H 158 51.85 0.47 -22.86
CA SER H 158 51.95 -0.64 -21.95
C SER H 158 51.79 -1.94 -22.75
N VAL H 159 52.18 -3.09 -22.21
CA VAL H 159 52.07 -4.35 -22.97
C VAL H 159 51.00 -5.22 -22.33
N ASP H 160 50.00 -5.61 -23.12
CA ASP H 160 48.98 -6.57 -22.64
C ASP H 160 49.64 -7.92 -22.40
N PRO H 161 49.61 -8.45 -21.18
CA PRO H 161 50.33 -9.71 -20.90
C PRO H 161 49.80 -10.93 -21.65
N MET H 162 48.55 -10.94 -22.12
CA MET H 162 48.06 -12.11 -22.86
C MET H 162 48.40 -12.05 -24.34
N THR H 163 48.12 -10.92 -24.97
CA THR H 163 48.33 -10.76 -26.40
C THR H 163 49.70 -10.19 -26.76
N HIS H 164 50.41 -9.60 -25.79
CA HIS H 164 51.69 -8.93 -25.99
C HIS H 164 51.56 -7.73 -26.90
N ARG H 165 50.33 -7.37 -27.21
CA ARG H 165 50.00 -6.27 -28.09
C ARG H 165 49.98 -4.98 -27.27
N ALA H 166 50.04 -3.82 -27.94
CA ALA H 166 50.20 -2.56 -27.22
C ALA H 166 48.89 -2.09 -26.61
N LEU H 167 48.95 -1.64 -25.35
CA LEU H 167 47.81 -1.02 -24.73
C LEU H 167 48.12 0.43 -24.39
N PRO H 168 47.17 1.33 -24.57
CA PRO H 168 47.37 2.73 -24.18
C PRO H 168 47.34 2.88 -22.67
N PRO H 169 47.57 4.08 -22.15
CA PRO H 169 47.46 4.28 -20.70
C PRO H 169 46.09 3.85 -20.17
N GLU H 170 46.06 3.54 -18.87
CA GLU H 170 44.85 3.12 -18.18
C GLU H 170 44.53 4.13 -17.08
N PRO H 171 43.54 5.02 -17.26
CA PRO H 171 42.61 5.18 -18.37
C PRO H 171 43.21 5.85 -19.61
N CYS H 172 42.56 5.68 -20.76
CA CYS H 172 43.04 6.23 -22.02
C CYS H 172 42.52 7.67 -22.16
N ARG H 173 43.25 8.59 -21.55
CA ARG H 173 42.88 10.00 -21.59
C ARG H 173 43.19 10.59 -22.95
N VAL H 174 42.26 11.38 -23.48
CA VAL H 174 42.41 12.08 -24.76
C VAL H 174 42.12 13.56 -24.55
N ARG H 175 42.45 14.35 -25.58
CA ARG H 175 42.21 15.78 -25.57
C ARG H 175 41.66 16.22 -26.91
N ILE H 176 40.58 17.00 -26.89
CA ILE H 176 40.03 17.58 -28.11
C ILE H 176 40.81 18.85 -28.47
N CYS H 177 41.30 18.93 -29.71
CA CYS H 177 42.09 20.06 -30.21
C CYS H 177 41.36 20.71 -31.39
N ASP H 178 42.04 21.60 -32.11
CA ASP H 178 41.43 22.29 -33.27
C ASP H 178 40.12 23.03 -32.94
N LEU H 179 40.26 24.14 -32.26
CA LEU H 179 39.09 24.98 -32.04
C LEU H 179 38.98 26.08 -33.09
N GLY H 180 39.70 25.95 -34.21
CA GLY H 180 39.72 27.01 -35.21
C GLY H 180 38.39 27.21 -35.91
N GLY H 181 37.63 26.14 -36.08
CA GLY H 181 36.39 26.20 -36.82
C GLY H 181 35.16 26.27 -35.94
N CYS H 182 35.32 26.79 -34.73
CA CYS H 182 34.18 26.82 -33.81
C CYS H 182 33.12 27.77 -34.32
N CYS H 183 31.87 27.33 -34.21
CA CYS H 183 30.70 28.12 -34.60
C CYS H 183 29.77 28.26 -33.41
N ASP H 184 28.72 29.07 -33.58
CA ASP H 184 27.74 29.32 -32.55
C ASP H 184 26.33 29.24 -33.12
N GLU H 185 25.36 29.52 -32.28
CA GLU H 185 23.97 29.16 -32.55
C GLU H 185 23.35 29.96 -33.65
N ARG H 186 24.02 30.95 -34.18
CA ARG H 186 23.31 31.50 -35.32
C ARG H 186 24.32 31.81 -36.40
N HIS H 187 25.10 30.78 -36.72
CA HIS H 187 26.02 30.72 -37.86
C HIS H 187 25.28 30.82 -39.19
N SER H 188 26.03 31.09 -40.24
CA SER H 188 25.49 31.04 -41.60
C SER H 188 24.79 29.70 -41.85
N ARG H 189 23.54 29.70 -42.32
CA ARG H 189 22.77 28.43 -42.34
C ARG H 189 23.23 27.49 -43.43
N THR H 190 23.75 28.03 -44.49
CA THR H 190 24.26 27.25 -45.57
C THR H 190 25.78 27.18 -45.53
N ALA H 191 26.38 27.60 -44.41
CA ALA H 191 27.81 27.49 -44.26
C ALA H 191 28.22 26.02 -44.34
N ILE H 192 29.37 25.76 -44.96
CA ILE H 192 29.89 24.41 -45.06
C ILE H 192 31.10 24.27 -44.13
N VAL H 193 30.98 23.32 -43.21
CA VAL H 193 31.98 23.02 -42.19
C VAL H 193 32.41 21.57 -42.35
N SER H 194 33.38 21.13 -41.56
CA SER H 194 33.84 19.75 -41.46
C SER H 194 34.72 19.36 -42.64
N THR H 195 35.76 18.55 -42.40
CA THR H 195 36.41 17.80 -43.48
C THR H 195 35.41 16.77 -44.01
N ARG H 196 35.40 16.54 -45.34
CA ARG H 196 34.20 15.93 -45.95
C ARG H 196 33.92 14.53 -45.41
N HIS H 197 34.98 13.74 -45.15
CA HIS H 197 34.79 12.38 -44.68
C HIS H 197 33.94 12.36 -43.41
N TYR H 198 33.96 13.45 -42.64
CA TYR H 198 33.21 13.56 -41.38
C TYR H 198 32.12 14.63 -41.48
N ARG H 199 31.74 15.01 -42.70
CA ARG H 199 30.74 16.04 -42.93
C ARG H 199 29.35 15.40 -42.98
N SER H 200 28.45 15.92 -42.16
CA SER H 200 27.11 15.37 -42.07
C SER H 200 26.28 15.74 -43.30
N PRO H 201 25.22 14.98 -43.57
CA PRO H 201 24.33 15.32 -44.69
C PRO H 201 23.64 16.66 -44.49
N GLU H 202 23.35 17.05 -43.24
CA GLU H 202 22.73 18.34 -42.98
C GLU H 202 23.54 19.49 -43.55
N VAL H 203 24.86 19.37 -43.50
CA VAL H 203 25.73 20.42 -44.01
C VAL H 203 25.82 20.37 -45.53
N VAL H 204 26.00 19.17 -46.09
CA VAL H 204 26.15 19.02 -47.54
C VAL H 204 24.94 19.59 -48.27
N LEU H 205 23.74 19.23 -47.85
CA LEU H 205 22.52 19.61 -48.55
C LEU H 205 21.92 20.91 -48.04
N SER H 206 22.63 21.63 -47.16
CA SER H 206 22.16 22.91 -46.61
C SER H 206 20.77 22.78 -46.00
N LEU H 207 20.61 21.77 -45.15
CA LEU H 207 19.36 21.49 -44.46
C LEU H 207 19.24 22.23 -43.13
N GLY H 208 20.25 22.99 -42.74
CA GLY H 208 20.31 23.49 -41.39
C GLY H 208 21.09 22.55 -40.50
N TRP H 209 22.08 23.05 -39.78
CA TRP H 209 22.87 22.19 -38.92
C TRP H 209 23.24 22.96 -37.68
N MET H 210 23.40 22.22 -36.57
CA MET H 210 24.06 22.79 -35.40
C MET H 210 24.80 21.78 -34.55
N TYR H 211 24.55 21.79 -33.24
CA TYR H 211 25.35 20.98 -32.33
C TYR H 211 25.38 19.51 -32.75
N SER H 212 24.27 19.00 -33.28
CA SER H 212 24.17 17.59 -33.61
C SER H 212 25.11 17.14 -34.73
N THR H 213 25.64 18.06 -35.54
CA THR H 213 26.57 17.63 -36.58
C THR H 213 27.92 17.26 -35.97
N ASP H 214 28.24 17.79 -34.77
CA ASP H 214 29.39 17.27 -34.04
C ASP H 214 29.18 15.80 -33.70
N LEU H 215 27.92 15.39 -33.54
CA LEU H 215 27.60 14.02 -33.19
C LEU H 215 27.57 13.11 -34.42
N TRP H 216 27.28 13.66 -35.61
CA TRP H 216 27.50 12.89 -36.83
C TRP H 216 28.96 12.51 -36.97
N SER H 217 29.86 13.50 -36.78
CA SER H 217 31.28 13.25 -36.91
C SER H 217 31.76 12.23 -35.89
N MET H 218 31.21 12.26 -34.67
CA MET H 218 31.57 11.24 -33.69
C MET H 218 31.14 9.86 -34.15
N GLY H 219 30.01 9.76 -34.85
CA GLY H 219 29.62 8.48 -35.41
C GLY H 219 30.64 7.95 -36.39
N CYS H 220 31.12 8.80 -37.29
CA CYS H 220 32.07 8.33 -38.30
C CYS H 220 33.45 8.09 -37.70
N ILE H 221 33.82 8.84 -36.67
CA ILE H 221 35.10 8.61 -36.00
C ILE H 221 35.06 7.30 -35.21
N ILE H 222 33.93 7.04 -34.53
CA ILE H 222 33.83 5.82 -33.74
C ILE H 222 33.86 4.58 -34.64
N TYR H 223 33.19 4.65 -35.79
CA TYR H 223 33.31 3.59 -36.78
C TYR H 223 34.79 3.37 -37.15
N GLU H 224 35.51 4.45 -37.40
CA GLU H 224 36.90 4.36 -37.84
C GLU H 224 37.82 3.88 -36.72
N LEU H 225 37.55 4.30 -35.48
CA LEU H 225 38.37 3.85 -34.36
C LEU H 225 38.18 2.37 -34.08
N TYR H 226 37.03 1.82 -34.46
CA TYR H 226 36.72 0.42 -34.18
C TYR H 226 37.07 -0.51 -35.34
N THR H 227 36.95 -0.04 -36.58
CA THR H 227 37.26 -0.85 -37.74
C THR H 227 38.63 -0.55 -38.35
N GLY H 228 39.20 0.62 -38.07
CA GLY H 228 40.43 1.02 -38.72
C GLY H 228 40.24 1.55 -40.12
N LYS H 229 39.01 1.75 -40.57
CA LYS H 229 38.70 2.19 -41.91
C LYS H 229 37.82 3.43 -41.86
N LEU H 230 37.98 4.28 -42.87
CA LEU H 230 37.06 5.38 -43.07
C LEU H 230 35.69 4.84 -43.45
N LEU H 231 34.63 5.40 -42.87
CA LEU H 231 33.29 5.01 -43.29
C LEU H 231 32.95 5.61 -44.65
N TYR H 232 33.41 6.83 -44.91
CA TYR H 232 33.13 7.53 -46.16
C TYR H 232 34.46 8.05 -46.71
N ASP H 233 35.11 7.21 -47.52
CA ASP H 233 36.34 7.60 -48.21
C ASP H 233 35.89 8.19 -49.54
N THR H 234 35.55 9.48 -49.52
CA THR H 234 34.79 10.08 -50.59
C THR H 234 35.37 11.46 -50.88
N HIS H 235 35.22 11.87 -52.13
CA HIS H 235 35.70 13.19 -52.52
C HIS H 235 34.56 14.03 -53.10
N ASP H 236 33.37 13.43 -53.20
CA ASP H 236 32.29 13.99 -54.02
C ASP H 236 30.94 13.92 -53.32
N ASN H 237 30.18 15.03 -53.38
CA ASN H 237 28.87 15.10 -52.72
C ASN H 237 27.98 13.95 -53.15
N LEU H 238 27.93 13.65 -54.45
CA LEU H 238 26.97 12.67 -54.96
C LEU H 238 27.30 11.26 -54.50
N GLU H 239 28.57 10.87 -54.54
CA GLU H 239 28.95 9.54 -54.07
C GLU H 239 28.81 9.45 -52.56
N HIS H 240 29.15 10.51 -51.85
CA HIS H 240 29.03 10.53 -50.40
C HIS H 240 27.61 10.18 -49.98
N LEU H 241 26.62 10.80 -50.63
CA LEU H 241 25.23 10.55 -50.29
C LEU H 241 24.82 9.13 -50.68
N HIS H 242 25.35 8.64 -51.80
CA HIS H 242 25.07 7.27 -52.22
C HIS H 242 25.65 6.28 -51.22
N LEU H 243 26.84 6.57 -50.70
CA LEU H 243 27.46 5.74 -49.68
C LEU H 243 26.67 5.81 -48.37
N MET H 244 26.15 6.99 -48.03
CA MET H 244 25.28 7.10 -46.87
C MET H 244 24.05 6.22 -47.02
N GLU H 245 23.47 6.19 -48.22
CA GLU H 245 22.33 5.32 -48.46
C GLU H 245 22.74 3.86 -48.36
N LYS H 246 23.96 3.54 -48.80
CA LYS H 246 24.42 2.16 -48.76
C LYS H 246 24.87 1.74 -47.37
N THR H 247 25.38 2.68 -46.57
CA THR H 247 25.83 2.34 -45.22
C THR H 247 24.70 2.37 -44.20
N LEU H 248 23.70 3.24 -44.39
CA LEU H 248 22.69 3.47 -43.37
C LEU H 248 21.22 3.26 -43.80
N GLY H 249 20.87 3.41 -45.07
CA GLY H 249 19.50 3.40 -45.57
C GLY H 249 19.23 4.66 -46.37
N ARG H 250 18.16 4.62 -47.18
CA ARG H 250 18.02 5.73 -48.12
C ARG H 250 17.62 6.98 -47.35
N LEU H 251 17.86 8.10 -47.99
CA LEU H 251 17.55 9.44 -47.48
C LEU H 251 16.05 9.69 -47.31
N PRO H 252 15.68 10.58 -46.39
CA PRO H 252 14.28 10.97 -46.23
C PRO H 252 13.71 11.53 -47.52
N ALA H 253 12.43 11.22 -47.77
CA ALA H 253 11.81 11.57 -49.04
C ALA H 253 11.71 13.09 -49.23
N ASP H 254 11.58 13.84 -48.16
CA ASP H 254 11.41 15.28 -48.25
C ASP H 254 12.70 16.05 -48.52
N TRP H 255 13.86 15.40 -48.57
CA TRP H 255 15.12 16.15 -48.50
C TRP H 255 15.35 17.07 -49.70
N SER H 256 15.02 16.64 -50.94
CA SER H 256 15.28 17.51 -52.09
C SER H 256 14.32 18.69 -52.10
N VAL H 257 13.22 18.63 -51.33
CA VAL H 257 12.36 19.79 -51.24
C VAL H 257 12.93 20.79 -50.25
N ARG H 258 13.79 20.34 -49.33
CA ARG H 258 14.31 21.19 -48.28
C ARG H 258 15.77 21.61 -48.48
N CYS H 259 16.40 21.31 -49.62
CA CYS H 259 17.80 21.71 -49.77
C CYS H 259 17.90 23.22 -49.90
N GLY H 260 18.97 23.78 -49.32
CA GLY H 260 19.04 25.21 -49.11
C GLY H 260 19.84 25.98 -50.15
N THR H 261 20.51 25.26 -51.05
CA THR H 261 21.28 25.90 -52.11
C THR H 261 20.97 25.22 -53.43
N GLN H 262 21.18 25.98 -54.52
CA GLN H 262 21.06 25.42 -55.86
C GLN H 262 21.86 24.13 -56.01
N GLU H 263 23.12 24.13 -55.53
CA GLU H 263 23.99 22.98 -55.74
C GLU H 263 23.35 21.73 -55.17
N ALA H 264 22.77 21.82 -53.98
CA ALA H 264 22.25 20.64 -53.33
C ALA H 264 21.02 20.12 -54.03
N ARG H 265 20.10 21.01 -54.41
CA ARG H 265 18.83 20.41 -54.82
C ARG H 265 19.07 19.54 -56.07
N ASP H 266 19.93 19.99 -56.96
CA ASP H 266 20.23 19.39 -58.26
C ASP H 266 20.98 18.06 -58.16
N LEU H 267 21.33 17.64 -56.95
CA LEU H 267 21.84 16.30 -56.71
C LEU H 267 20.72 15.27 -56.73
N PHE H 268 19.48 15.71 -56.90
CA PHE H 268 18.31 14.84 -56.88
C PHE H 268 17.58 14.87 -58.21
N THR H 269 16.73 13.85 -58.41
CA THR H 269 15.83 13.75 -59.54
C THR H 269 14.81 14.89 -59.55
N ALA H 270 14.07 14.99 -60.66
CA ALA H 270 12.84 15.78 -60.66
C ALA H 270 11.83 15.20 -59.67
N ALA H 271 11.82 13.87 -59.50
CA ALA H 271 10.97 13.25 -58.50
C ALA H 271 11.45 13.58 -57.09
N GLY H 272 12.75 13.41 -56.84
CA GLY H 272 13.33 13.68 -55.54
C GLY H 272 14.29 12.61 -55.06
N THR H 273 14.65 11.69 -55.96
CA THR H 273 15.60 10.61 -55.68
C THR H 273 16.99 11.03 -56.14
N LEU H 274 18.00 10.35 -55.61
CA LEU H 274 19.38 10.70 -55.93
C LEU H 274 19.68 10.42 -57.39
N GLN H 275 20.47 11.27 -58.00
CA GLN H 275 20.97 10.94 -59.32
C GLN H 275 21.97 9.82 -59.17
N PRO H 276 21.97 8.82 -60.05
CA PRO H 276 22.98 7.78 -59.95
C PRO H 276 24.32 8.32 -60.41
N CYS H 277 25.38 7.79 -59.80
CA CYS H 277 26.71 8.09 -60.27
C CYS H 277 27.06 7.15 -61.40
N LYS H 278 27.79 7.67 -62.39
CA LYS H 278 28.26 6.85 -63.49
C LYS H 278 29.75 6.99 -63.75
N ASP H 279 30.48 7.70 -62.89
CA ASP H 279 31.93 7.67 -62.96
C ASP H 279 32.35 6.30 -62.45
N PRO H 280 33.14 5.55 -63.19
CA PRO H 280 33.25 4.10 -62.91
C PRO H 280 33.86 3.74 -61.57
N LYS H 281 34.68 4.59 -60.95
CA LYS H 281 35.16 4.29 -59.61
C LYS H 281 34.21 4.72 -58.51
N HIS H 282 33.20 5.56 -58.81
CA HIS H 282 32.23 5.87 -57.76
C HIS H 282 31.23 4.74 -57.61
N ILE H 283 30.87 4.10 -58.72
CA ILE H 283 30.06 2.89 -58.67
C ILE H 283 30.81 1.78 -57.96
N ALA H 284 32.13 1.73 -58.17
CA ALA H 284 32.92 0.68 -57.55
C ALA H 284 32.87 0.81 -56.04
N ARG H 285 32.99 2.03 -55.53
CA ARG H 285 33.09 2.24 -54.08
C ARG H 285 31.79 1.92 -53.34
N ILE H 286 30.63 2.28 -53.89
CA ILE H 286 29.38 1.84 -53.26
C ILE H 286 29.18 0.32 -53.34
N ALA H 287 29.59 -0.33 -54.43
CA ALA H 287 29.39 -1.77 -54.51
C ALA H 287 30.17 -2.47 -53.40
N ARG H 288 31.24 -1.80 -52.93
CA ARG H 288 32.26 -2.14 -51.95
C ARG H 288 31.75 -1.94 -50.53
N ALA H 289 31.07 -0.82 -50.34
CA ALA H 289 30.60 -0.40 -49.04
C ALA H 289 29.47 -1.28 -48.57
N ARG H 290 29.51 -1.69 -47.31
CA ARG H 290 28.45 -2.52 -46.76
C ARG H 290 27.82 -1.84 -45.56
N PRO H 291 26.60 -2.23 -45.24
CA PRO H 291 25.85 -1.55 -44.18
C PRO H 291 26.57 -1.58 -42.85
N VAL H 292 26.56 -0.43 -42.18
CA VAL H 292 27.10 -0.33 -40.82
C VAL H 292 26.47 -1.39 -39.94
N ARG H 293 25.16 -1.64 -40.12
CA ARG H 293 24.47 -2.72 -39.40
C ARG H 293 25.29 -4.00 -39.39
N GLU H 294 25.96 -4.26 -40.51
CA GLU H 294 26.56 -5.57 -40.74
C GLU H 294 28.02 -5.65 -40.35
N VAL H 295 28.73 -4.53 -40.31
CA VAL H 295 30.15 -4.56 -39.98
C VAL H 295 30.36 -4.48 -38.48
N ILE H 296 29.55 -3.69 -37.79
CA ILE H 296 29.65 -3.51 -36.35
C ILE H 296 28.86 -4.64 -35.70
N THR H 297 29.56 -5.69 -35.26
CA THR H 297 28.91 -6.85 -34.66
C THR H 297 28.39 -6.59 -33.25
N GLU H 298 29.02 -5.71 -32.48
CA GLU H 298 28.57 -5.47 -31.12
C GLU H 298 27.25 -4.71 -31.16
N PRO H 299 26.15 -5.29 -30.67
CA PRO H 299 24.83 -4.66 -30.88
C PRO H 299 24.70 -3.31 -30.23
N LEU H 300 25.31 -3.11 -29.05
CA LEU H 300 25.24 -1.79 -28.41
C LEU H 300 26.13 -0.80 -29.14
N LEU H 301 27.29 -1.25 -29.61
CA LEU H 301 28.16 -0.39 -30.42
C LEU H 301 27.50 -0.04 -31.75
N CYS H 302 26.82 -1.03 -32.35
CA CYS H 302 26.08 -0.80 -33.58
C CYS H 302 25.00 0.26 -33.39
N ASP H 303 24.19 0.09 -32.34
CA ASP H 303 23.14 1.05 -32.05
C ASP H 303 23.70 2.44 -31.78
N LEU H 304 24.84 2.50 -31.08
CA LEU H 304 25.47 3.79 -30.79
C LEU H 304 25.86 4.50 -32.08
N ILE H 305 26.54 3.79 -32.97
CA ILE H 305 27.00 4.39 -34.21
C ILE H 305 25.83 4.79 -35.10
N LEU H 306 24.82 3.92 -35.21
CA LEU H 306 23.72 4.17 -36.13
C LEU H 306 22.87 5.36 -35.70
N ASN H 307 22.68 5.54 -34.40
CA ASN H 307 21.89 6.66 -33.91
C ASN H 307 22.71 7.94 -33.75
N LEU H 308 24.03 7.85 -33.88
CA LEU H 308 24.82 9.07 -34.11
C LEU H 308 24.73 9.50 -35.56
N LEU H 309 24.52 8.56 -36.48
CA LEU H 309 24.40 8.84 -37.89
C LEU H 309 22.94 8.93 -38.32
N HIS H 310 22.06 9.27 -37.39
CA HIS H 310 20.64 9.41 -37.69
C HIS H 310 20.42 10.60 -38.61
N TYR H 311 19.60 10.40 -39.64
CA TYR H 311 19.28 11.48 -40.56
C TYR H 311 18.46 12.58 -39.88
N ASP H 312 17.68 12.22 -38.86
CA ASP H 312 16.88 13.18 -38.11
C ASP H 312 17.76 13.87 -37.08
N ARG H 313 17.85 15.19 -37.15
CA ARG H 313 18.76 15.93 -36.29
C ARG H 313 18.32 15.98 -34.83
N GLN H 314 17.03 15.79 -34.53
CA GLN H 314 16.61 15.88 -33.14
C GLN H 314 16.63 14.56 -32.43
N ARG H 315 16.45 13.51 -33.18
CA ARG H 315 16.48 12.18 -32.67
C ARG H 315 17.86 11.53 -32.73
N ARG H 316 18.81 12.09 -33.49
CA ARG H 316 20.22 11.74 -33.37
C ARG H 316 20.70 11.97 -31.94
N LEU H 317 21.57 11.07 -31.46
CA LEU H 317 22.07 11.20 -30.11
C LEU H 317 22.80 12.52 -29.92
N ASN H 318 22.63 13.11 -28.74
CA ASN H 318 23.42 14.26 -28.35
C ASN H 318 24.62 13.77 -27.56
N ALA H 319 25.51 14.70 -27.19
CA ALA H 319 26.74 14.32 -26.52
C ALA H 319 26.48 13.62 -25.19
N ARG H 320 25.47 14.10 -24.43
CA ARG H 320 25.17 13.49 -23.15
C ARG H 320 24.70 12.06 -23.31
N GLN H 321 23.84 11.80 -24.30
CA GLN H 321 23.38 10.43 -24.54
C GLN H 321 24.51 9.53 -25.02
N MET H 322 25.43 10.07 -25.82
CA MET H 322 26.56 9.29 -26.30
C MET H 322 27.44 8.83 -25.14
N MET H 323 27.86 9.76 -24.28
CA MET H 323 28.71 9.41 -23.14
C MET H 323 27.96 8.57 -22.12
N SER H 324 26.63 8.60 -22.12
CA SER H 324 25.82 7.81 -21.19
C SER H 324 25.17 6.62 -21.88
N HIS H 325 25.63 6.26 -23.07
CA HIS H 325 25.05 5.15 -23.81
C HIS H 325 25.35 3.82 -23.13
N ALA H 326 24.47 2.84 -23.38
CA ALA H 326 24.62 1.53 -22.75
C ALA H 326 25.94 0.87 -23.12
N TYR H 327 26.49 1.17 -24.30
CA TYR H 327 27.77 0.60 -24.71
C TYR H 327 28.88 1.03 -23.75
N VAL H 328 28.91 2.31 -23.37
CA VAL H 328 29.94 2.82 -22.46
C VAL H 328 29.78 2.18 -21.09
N HIS H 329 28.55 1.95 -20.66
CA HIS H 329 28.32 1.37 -19.34
C HIS H 329 28.74 -0.10 -19.29
N LYS H 330 28.67 -0.81 -20.42
CA LYS H 330 29.01 -2.22 -20.42
C LYS H 330 30.53 -2.45 -20.35
N TYR H 331 31.29 -1.74 -21.19
CA TYR H 331 32.72 -1.98 -21.31
C TYR H 331 33.57 -1.03 -20.48
N PHE H 332 32.99 0.06 -19.99
CA PHE H 332 33.64 0.98 -19.08
C PHE H 332 32.76 1.13 -17.85
N PRO H 333 32.55 0.05 -17.08
CA PRO H 333 31.57 0.11 -15.98
C PRO H 333 31.88 1.12 -14.91
N GLU H 334 33.15 1.46 -14.73
CA GLU H 334 33.57 2.47 -13.77
C GLU H 334 33.18 3.87 -14.23
N CYS H 335 32.54 3.95 -15.40
CA CYS H 335 31.83 5.12 -15.91
C CYS H 335 31.01 5.81 -14.83
N ARG H 336 30.42 4.99 -13.98
CA ARG H 336 29.47 5.43 -12.97
C ARG H 336 30.08 6.09 -11.75
N GLN H 337 31.36 5.85 -11.50
CA GLN H 337 32.05 6.49 -10.40
C GLN H 337 32.88 7.67 -10.84
N HIS H 338 32.80 8.04 -12.11
CA HIS H 338 33.51 9.19 -12.62
C HIS H 338 32.75 10.47 -12.29
N PRO H 339 33.44 11.53 -11.87
CA PRO H 339 32.75 12.79 -11.54
C PRO H 339 32.05 13.44 -12.73
N ASN H 340 32.33 13.00 -13.96
CA ASN H 340 31.66 13.55 -15.13
C ASN H 340 30.42 12.76 -15.53
N HIS H 341 30.18 11.59 -14.91
CA HIS H 341 28.94 10.87 -15.15
C HIS H 341 27.76 11.76 -14.77
N VAL H 342 26.69 11.68 -15.57
CA VAL H 342 25.57 12.62 -15.45
C VAL H 342 24.90 12.52 -14.09
N ASP H 343 24.81 11.32 -13.53
CA ASP H 343 24.13 11.16 -12.26
C ASP H 343 25.00 11.49 -11.06
N ASN H 344 26.27 11.82 -11.28
CA ASN H 344 27.13 12.30 -10.22
C ASN H 344 27.34 13.80 -10.33
N ARG H 345 26.56 14.46 -11.17
CA ARG H 345 26.60 15.90 -11.40
C ARG H 345 25.28 16.54 -11.01
N SER H 346 25.31 17.87 -11.02
CA SER H 346 24.17 18.75 -10.86
C SER H 346 23.06 18.39 -11.85
N LYS H 347 21.93 19.08 -11.73
CA LYS H 347 21.05 19.14 -12.89
C LYS H 347 21.75 20.04 -13.90
N LEU H 348 21.96 19.52 -15.06
CA LEU H 348 22.75 20.20 -16.07
C LEU H 348 21.85 21.05 -16.95
N PRO H 349 22.41 21.98 -17.72
CA PRO H 349 21.58 22.68 -18.70
C PRO H 349 20.91 21.71 -19.61
N PRO H 350 19.75 22.05 -20.18
CA PRO H 350 19.07 21.13 -21.07
C PRO H 350 19.94 20.84 -22.28
N THR H 351 19.85 19.60 -22.76
CA THR H 351 20.56 19.21 -23.95
C THR H 351 20.03 19.97 -25.16
N PRO H 352 20.83 20.10 -26.21
CA PRO H 352 20.33 20.80 -27.38
C PRO H 352 19.19 20.07 -28.05
N VAL H 353 18.35 20.88 -28.64
CA VAL H 353 17.39 20.55 -29.67
C VAL H 353 18.07 20.67 -31.02
N MET H 354 18.30 19.50 -31.66
CA MET H 354 18.98 19.37 -32.93
C MET H 354 20.33 20.11 -32.98
N GLY I 16 9.16 78.60 -2.07
CA GLY I 16 9.04 79.38 -0.85
C GLY I 16 8.49 78.60 0.33
N ARG I 17 7.19 78.34 0.30
CA ARG I 17 6.52 77.62 1.38
C ARG I 17 6.28 76.15 1.08
N PHE I 18 6.03 75.79 -0.17
CA PHE I 18 5.72 74.42 -0.54
C PHE I 18 6.86 73.90 -1.41
N LYS I 19 7.49 72.81 -0.98
CA LYS I 19 8.57 72.19 -1.73
C LYS I 19 8.03 70.94 -2.41
N ILE I 20 8.20 70.89 -3.72
CA ILE I 20 7.67 69.79 -4.50
C ILE I 20 8.49 68.54 -4.24
N LEU I 21 7.82 67.43 -3.96
CA LEU I 21 8.48 66.16 -3.69
C LEU I 21 8.32 65.18 -4.85
N SER I 22 7.08 64.81 -5.17
CA SER I 22 6.82 63.88 -6.25
C SER I 22 5.67 64.39 -7.11
N LEU I 23 5.55 63.82 -8.30
CA LEU I 23 4.40 64.04 -9.18
C LEU I 23 3.43 62.89 -8.98
N LEU I 24 2.21 63.21 -8.53
CA LEU I 24 1.20 62.19 -8.27
C LEU I 24 0.31 61.93 -9.47
N GLY I 25 0.05 62.94 -10.27
CA GLY I 25 -0.75 62.77 -11.46
C GLY I 25 -0.79 64.05 -12.24
N GLU I 26 -1.14 63.93 -13.53
CA GLU I 26 -1.11 65.08 -14.42
C GLU I 26 -2.14 64.91 -15.53
N GLY I 27 -2.65 66.04 -15.99
CA GLY I 27 -3.62 66.03 -17.06
C GLY I 27 -3.77 67.44 -17.62
N THR I 28 -4.81 67.62 -18.44
CA THR I 28 -5.19 68.95 -18.91
C THR I 28 -5.23 70.00 -17.81
N PHE I 29 -5.93 69.73 -16.71
CA PHE I 29 -6.03 70.74 -15.66
C PHE I 29 -4.66 71.26 -15.27
N GLY I 30 -3.66 70.37 -15.23
CA GLY I 30 -2.35 70.72 -14.73
C GLY I 30 -1.73 69.52 -14.06
N LYS I 31 -1.20 69.73 -12.86
CA LYS I 31 -0.49 68.70 -12.13
C LYS I 31 -0.97 68.67 -10.68
N VAL I 32 -0.93 67.48 -10.09
CA VAL I 32 -1.03 67.33 -8.65
C VAL I 32 0.32 66.79 -8.18
N VAL I 33 0.98 67.54 -7.30
CA VAL I 33 2.28 67.16 -6.80
C VAL I 33 2.18 66.95 -5.29
N GLU I 34 2.99 66.03 -4.79
CA GLU I 34 3.17 65.90 -3.35
C GLU I 34 4.17 66.95 -2.90
N ALA I 35 3.81 67.70 -1.85
CA ALA I 35 4.66 68.79 -1.39
C ALA I 35 4.83 68.71 0.11
N TRP I 36 5.94 69.30 0.57
CA TRP I 36 6.22 69.46 1.98
C TRP I 36 5.90 70.89 2.37
N ASP I 37 4.97 71.07 3.29
CA ASP I 37 4.57 72.38 3.77
C ASP I 37 5.50 72.80 4.91
N ARG I 38 6.36 73.81 4.69
CA ARG I 38 7.38 74.16 5.70
C ARG I 38 6.79 74.84 6.92
N LYS I 39 5.64 75.49 6.72
CA LYS I 39 4.73 76.13 7.68
C LYS I 39 3.65 75.16 8.28
N ARG I 40 3.19 74.10 7.58
CA ARG I 40 2.51 72.99 8.26
C ARG I 40 3.40 71.83 8.73
N LYS I 41 4.59 71.64 8.10
CA LYS I 41 5.54 70.62 8.55
C LYS I 41 4.90 69.23 8.59
N GLU I 42 4.08 68.93 7.56
CA GLU I 42 3.54 67.59 7.23
C GLU I 42 3.37 67.60 5.68
N TYR I 43 3.00 66.45 5.08
CA TYR I 43 2.80 66.39 3.62
C TYR I 43 1.42 66.87 3.16
N CYS I 44 1.35 67.34 1.91
CA CYS I 44 0.11 67.85 1.31
C CYS I 44 0.11 67.49 -0.17
N ALA I 45 -1.08 67.58 -0.78
CA ALA I 45 -1.22 67.51 -2.23
C ALA I 45 -1.53 68.90 -2.75
N VAL I 46 -0.87 69.29 -3.84
CA VAL I 46 -1.05 70.62 -4.43
C VAL I 46 -1.47 70.43 -5.87
N LYS I 47 -2.64 70.97 -6.22
CA LYS I 47 -3.09 70.98 -7.60
C LYS I 47 -2.54 72.26 -8.23
N ILE I 48 -1.65 72.10 -9.19
CA ILE I 48 -1.03 73.23 -9.88
C ILE I 48 -1.75 73.36 -11.21
N VAL I 49 -2.61 74.37 -11.29
CA VAL I 49 -3.38 74.59 -12.52
C VAL I 49 -2.51 75.34 -13.50
N ARG I 50 -2.59 74.94 -14.75
CA ARG I 50 -1.81 75.59 -15.78
C ARG I 50 -2.08 77.08 -15.95
N ASN I 51 -1.02 77.74 -16.41
CA ASN I 51 -0.87 79.19 -16.51
C ASN I 51 -1.58 79.67 -17.76
N VAL I 52 -2.89 79.45 -17.76
CA VAL I 52 -3.75 79.89 -18.86
C VAL I 52 -4.92 80.64 -18.22
N PRO I 53 -5.38 81.73 -18.82
CA PRO I 53 -6.46 82.50 -18.20
C PRO I 53 -7.71 81.69 -17.95
N LYS I 54 -8.06 80.76 -18.85
CA LYS I 54 -9.32 80.04 -18.71
C LYS I 54 -9.26 78.95 -17.64
N TYR I 55 -8.07 78.42 -17.38
CA TYR I 55 -7.93 77.49 -16.27
C TYR I 55 -7.84 78.25 -14.94
N THR I 56 -7.20 79.41 -14.96
CA THR I 56 -7.11 80.23 -13.76
C THR I 56 -8.46 80.73 -13.30
N ARG I 57 -9.39 81.00 -14.21
CA ARG I 57 -10.68 81.51 -13.80
C ARG I 57 -11.61 80.41 -13.32
N ASP I 58 -11.54 79.23 -13.94
CA ASP I 58 -12.33 78.10 -13.46
C ASP I 58 -11.71 77.39 -12.28
N ALA I 59 -10.40 77.58 -12.05
CA ALA I 59 -9.82 77.10 -10.81
C ALA I 59 -10.27 77.95 -9.63
N LYS I 60 -10.37 79.27 -9.83
CA LYS I 60 -10.87 80.15 -8.78
C LYS I 60 -12.32 79.85 -8.46
N ILE I 61 -13.10 79.46 -9.46
CA ILE I 61 -14.46 78.99 -9.20
C ILE I 61 -14.43 77.68 -8.45
N GLU I 62 -13.55 76.76 -8.85
CA GLU I 62 -13.38 75.50 -8.12
C GLU I 62 -13.06 75.74 -6.66
N ILE I 63 -12.18 76.72 -6.38
CA ILE I 63 -11.78 77.02 -5.01
C ILE I 63 -13.00 77.47 -4.20
N GLN I 64 -13.85 78.32 -4.78
CA GLN I 64 -15.02 78.81 -4.06
C GLN I 64 -16.00 77.69 -3.74
N PHE I 65 -16.16 76.73 -4.66
CA PHE I 65 -16.96 75.56 -4.33
C PHE I 65 -16.30 74.74 -3.24
N MET I 66 -14.97 74.71 -3.22
CA MET I 66 -14.27 73.90 -2.22
C MET I 66 -14.35 74.53 -0.83
N GLU I 67 -14.27 75.86 -0.75
CA GLU I 67 -14.37 76.51 0.56
C GLU I 67 -15.79 76.46 1.11
N ARG I 68 -16.81 76.32 0.26
CA ARG I 68 -18.16 76.23 0.79
C ARG I 68 -18.35 74.89 1.47
N VAL I 69 -17.69 73.84 0.98
CA VAL I 69 -17.67 72.56 1.68
C VAL I 69 -16.88 72.70 2.97
N ARG I 70 -15.69 73.31 2.89
CA ARG I 70 -14.88 73.43 4.11
C ARG I 70 -15.60 74.25 5.17
N LEU I 71 -16.24 75.34 4.78
CA LEU I 71 -16.93 76.18 5.75
C LEU I 71 -18.18 75.50 6.33
N SER I 72 -18.86 74.68 5.54
CA SER I 72 -20.12 74.10 6.01
C SER I 72 -19.91 72.84 6.83
N ASP I 73 -19.09 71.91 6.35
CA ASP I 73 -18.79 70.68 7.10
C ASP I 73 -17.58 70.98 7.99
N VAL I 74 -17.84 71.70 9.08
CA VAL I 74 -16.73 72.28 9.84
C VAL I 74 -15.93 71.21 10.60
N GLU I 75 -16.51 70.06 11.00
CA GLU I 75 -15.58 69.10 11.58
C GLU I 75 -15.46 67.87 10.69
N ASP I 76 -15.47 68.05 9.38
CA ASP I 76 -15.07 67.02 8.41
C ASP I 76 -15.81 65.71 8.65
N ARG I 77 -17.13 65.79 8.80
CA ARG I 77 -17.84 64.54 9.02
C ARG I 77 -18.24 63.87 7.71
N PHE I 78 -18.21 64.61 6.56
CA PHE I 78 -18.64 63.99 5.30
C PHE I 78 -17.47 63.87 4.33
N PRO I 79 -17.42 62.77 3.53
CA PRO I 79 -16.25 62.48 2.67
C PRO I 79 -16.17 63.31 1.39
N LEU I 80 -16.33 64.61 1.52
CA LEU I 80 -15.97 65.56 0.50
C LEU I 80 -14.60 66.09 0.87
N MET I 81 -13.80 66.41 -0.14
CA MET I 81 -12.42 66.76 0.18
C MET I 81 -12.43 68.14 0.83
N LYS I 82 -11.43 68.44 1.66
CA LYS I 82 -11.37 69.70 2.40
C LYS I 82 -10.14 70.50 1.97
N ILE I 83 -10.37 71.61 1.24
CA ILE I 83 -9.29 72.51 0.83
C ILE I 83 -8.51 73.02 2.04
N GLN I 84 -7.19 73.19 1.89
CA GLN I 84 -6.34 73.66 2.97
C GLN I 84 -5.98 75.13 2.82
N ARG I 85 -5.51 75.50 1.63
CA ARG I 85 -5.29 76.90 1.33
C ARG I 85 -5.07 76.99 -0.18
N TYR I 86 -5.00 78.20 -0.70
CA TYR I 86 -4.77 78.46 -2.12
C TYR I 86 -4.04 79.79 -2.23
N PHE I 87 -3.34 79.96 -3.34
CA PHE I 87 -2.61 81.17 -3.66
C PHE I 87 -2.33 81.08 -5.15
N GLN I 88 -1.92 82.20 -5.72
CA GLN I 88 -1.47 82.23 -7.10
C GLN I 88 0.05 82.26 -7.13
N ASN I 89 0.63 81.39 -7.94
CA ASN I 89 2.08 81.25 -8.04
C ASN I 89 2.69 82.57 -8.51
N GLU I 90 4.02 82.63 -8.45
CA GLU I 90 4.69 83.80 -8.98
C GLU I 90 4.71 83.75 -10.51
N THR I 91 4.33 82.62 -11.08
CA THR I 91 4.19 82.44 -12.51
C THR I 91 2.74 82.48 -12.99
N GLY I 92 1.79 82.76 -12.12
CA GLY I 92 0.40 82.82 -12.51
C GLY I 92 -0.38 81.52 -12.43
N HIS I 93 0.26 80.39 -12.14
CA HIS I 93 -0.45 79.15 -11.94
C HIS I 93 -1.26 79.21 -10.65
N MET I 94 -2.54 78.83 -10.73
CA MET I 94 -3.31 78.62 -9.50
C MET I 94 -2.84 77.37 -8.79
N CYS I 95 -2.67 77.47 -7.47
CA CYS I 95 -2.18 76.36 -6.67
C CYS I 95 -3.19 76.07 -5.55
N ILE I 96 -3.74 74.87 -5.55
CA ILE I 96 -4.72 74.47 -4.57
C ILE I 96 -4.07 73.44 -3.66
N VAL I 97 -3.85 73.81 -2.40
CA VAL I 97 -3.20 72.95 -1.44
C VAL I 97 -4.28 72.15 -0.69
N MET I 98 -4.08 70.85 -0.60
CA MET I 98 -5.09 69.94 -0.07
C MET I 98 -4.39 68.87 0.76
N PRO I 99 -5.12 68.06 1.55
CA PRO I 99 -4.50 66.90 2.17
C PRO I 99 -4.10 65.90 1.11
N LYS I 100 -3.12 65.07 1.42
CA LYS I 100 -2.68 64.05 0.50
C LYS I 100 -3.47 62.79 0.74
N TYR I 101 -4.27 62.39 -0.25
CA TYR I 101 -5.07 61.18 -0.19
C TYR I 101 -4.39 60.10 -1.02
N GLY I 102 -5.12 59.04 -1.36
CA GLY I 102 -4.56 57.95 -2.13
C GLY I 102 -5.00 58.00 -3.58
N PRO I 103 -4.80 56.90 -4.30
CA PRO I 103 -5.14 56.85 -5.72
C PRO I 103 -6.63 56.69 -5.96
N CYS I 104 -7.05 57.02 -7.18
CA CYS I 104 -8.46 56.90 -7.56
C CYS I 104 -8.93 55.46 -7.51
N LEU I 105 -10.25 55.30 -7.43
CA LEU I 105 -10.86 53.97 -7.53
C LEU I 105 -10.56 53.33 -8.87
N LEU I 106 -10.44 54.12 -9.94
CA LEU I 106 -10.11 53.56 -11.24
C LEU I 106 -8.76 52.85 -11.22
N ASP I 107 -7.77 53.46 -10.57
CA ASP I 107 -6.46 52.82 -10.46
C ASP I 107 -6.55 51.48 -9.74
N TRP I 108 -7.42 51.39 -8.73
CA TRP I 108 -7.55 50.13 -8.00
C TRP I 108 -8.18 49.05 -8.84
N ILE I 109 -9.32 49.34 -9.47
CA ILE I 109 -10.02 48.31 -10.24
C ILE I 109 -9.18 47.90 -11.44
N MET I 110 -8.36 48.80 -11.97
CA MET I 110 -7.50 48.42 -13.09
C MET I 110 -6.31 47.57 -12.63
N LYS I 111 -5.85 47.76 -11.40
CA LYS I 111 -4.73 46.99 -10.90
C LYS I 111 -5.16 45.74 -10.14
N HIS I 112 -6.18 45.84 -9.31
CA HIS I 112 -6.57 44.72 -8.44
C HIS I 112 -7.90 44.12 -8.82
N GLY I 113 -8.60 44.65 -9.82
CA GLY I 113 -9.88 44.13 -10.21
C GLY I 113 -11.00 44.73 -9.38
N PRO I 114 -12.22 44.20 -9.54
CA PRO I 114 -13.36 44.78 -8.84
C PRO I 114 -13.28 44.58 -7.33
N PHE I 115 -13.96 45.46 -6.61
CA PHE I 115 -14.04 45.36 -5.17
C PHE I 115 -14.97 44.21 -4.76
N ASN I 116 -14.75 43.67 -3.57
CA ASN I 116 -15.70 42.71 -3.03
C ASN I 116 -16.90 43.44 -2.43
N HIS I 117 -17.93 42.67 -2.07
CA HIS I 117 -19.21 43.24 -1.69
C HIS I 117 -19.09 44.18 -0.49
N ARG I 118 -18.28 43.81 0.50
CA ARG I 118 -18.18 44.65 1.70
C ARG I 118 -17.64 46.04 1.37
N HIS I 119 -16.50 46.09 0.66
CA HIS I 119 -15.89 47.38 0.37
C HIS I 119 -16.71 48.19 -0.64
N LEU I 120 -17.41 47.50 -1.55
CA LEU I 120 -18.35 48.20 -2.41
C LEU I 120 -19.46 48.83 -1.59
N ALA I 121 -19.96 48.12 -0.58
CA ALA I 121 -20.97 48.68 0.29
C ALA I 121 -20.43 49.87 1.07
N GLN I 122 -19.17 49.81 1.50
CA GLN I 122 -18.57 50.93 2.21
C GLN I 122 -18.40 52.14 1.30
N ILE I 123 -18.03 51.91 0.04
CA ILE I 123 -17.91 53.03 -0.90
C ILE I 123 -19.27 53.65 -1.16
N ILE I 124 -20.30 52.83 -1.37
CA ILE I 124 -21.65 53.32 -1.62
C ILE I 124 -22.17 54.09 -0.41
N PHE I 125 -21.85 53.61 0.80
CA PHE I 125 -22.30 54.30 2.01
C PHE I 125 -21.70 55.70 2.11
N GLN I 126 -20.39 55.83 1.87
CA GLN I 126 -19.73 57.13 2.01
C GLN I 126 -20.19 58.09 0.92
N VAL I 127 -20.18 57.64 -0.33
CA VAL I 127 -20.61 58.50 -1.43
C VAL I 127 -22.07 58.91 -1.22
N GLY I 128 -22.90 57.98 -0.75
CA GLY I 128 -24.27 58.34 -0.45
C GLY I 128 -24.38 59.44 0.59
N ALA I 129 -23.63 59.30 1.69
CA ALA I 129 -23.65 60.33 2.73
C ALA I 129 -23.10 61.65 2.22
N ALA I 130 -22.04 61.61 1.41
CA ALA I 130 -21.49 62.84 0.87
C ALA I 130 -22.46 63.50 -0.10
N LEU I 131 -23.09 62.70 -0.97
CA LEU I 131 -24.02 63.26 -1.95
C LEU I 131 -25.29 63.76 -1.26
N ASP I 132 -25.73 63.06 -0.21
CA ASP I 132 -26.90 63.51 0.53
C ASP I 132 -26.62 64.82 1.25
N TYR I 133 -25.39 64.99 1.74
CA TYR I 133 -24.98 66.28 2.28
C TYR I 133 -24.94 67.33 1.19
N PHE I 134 -24.36 66.97 0.04
CA PHE I 134 -24.28 67.88 -1.10
C PHE I 134 -25.66 68.33 -1.55
N HIS I 135 -26.59 67.38 -1.69
CA HIS I 135 -27.87 67.66 -2.32
C HIS I 135 -28.82 68.41 -1.38
N THR I 136 -28.88 68.03 -0.11
CA THR I 136 -29.91 68.54 0.78
C THR I 136 -29.42 69.60 1.76
N GLU I 137 -28.11 69.71 1.98
CA GLU I 137 -27.57 70.74 2.85
C GLU I 137 -26.88 71.86 2.12
N LEU I 138 -26.13 71.57 1.06
CA LEU I 138 -25.52 72.60 0.23
C LEU I 138 -26.35 72.95 -0.99
N HIS I 139 -27.30 72.10 -1.38
CA HIS I 139 -28.12 72.31 -2.57
C HIS I 139 -27.24 72.48 -3.81
N LEU I 140 -26.35 71.52 -4.00
CA LEU I 140 -25.45 71.48 -5.15
C LEU I 140 -25.52 70.10 -5.80
N MET I 141 -25.27 70.08 -7.11
CA MET I 141 -25.03 68.84 -7.82
C MET I 141 -23.55 68.78 -8.18
N HIS I 142 -22.99 67.58 -8.12
CA HIS I 142 -21.61 67.40 -8.54
C HIS I 142 -21.49 67.36 -10.06
N THR I 143 -22.32 66.53 -10.69
CA THR I 143 -22.49 66.44 -12.14
C THR I 143 -21.30 65.81 -12.85
N ASP I 144 -20.19 65.57 -12.16
CA ASP I 144 -19.02 65.00 -12.80
C ASP I 144 -18.42 63.90 -11.95
N LEU I 145 -19.28 63.03 -11.42
CA LEU I 145 -18.78 61.92 -10.63
C LEU I 145 -18.25 60.85 -11.56
N LYS I 146 -17.08 60.32 -11.21
CA LYS I 146 -16.41 59.31 -12.01
C LYS I 146 -15.47 58.56 -11.10
N PRO I 147 -15.17 57.30 -11.40
CA PRO I 147 -14.16 56.58 -10.61
C PRO I 147 -12.80 57.25 -10.62
N GLU I 148 -12.56 58.15 -11.58
CA GLU I 148 -11.27 58.80 -11.69
C GLU I 148 -11.07 59.93 -10.67
N ASN I 149 -12.16 60.48 -10.11
CA ASN I 149 -12.05 61.52 -9.09
C ASN I 149 -12.67 61.14 -7.75
N ILE I 150 -13.00 59.87 -7.54
CA ILE I 150 -13.29 59.36 -6.20
C ILE I 150 -12.02 58.69 -5.70
N LEU I 151 -11.39 59.28 -4.72
CA LEU I 151 -10.06 58.86 -4.28
C LEU I 151 -10.11 58.01 -3.02
N MET I 152 -9.20 57.05 -2.94
CA MET I 152 -8.93 56.38 -1.69
C MET I 152 -8.40 57.38 -0.69
N GLU I 153 -8.86 57.27 0.56
CA GLU I 153 -8.28 58.12 1.60
C GLU I 153 -6.79 57.83 1.75
N SER I 154 -6.41 56.56 1.70
CA SER I 154 -5.02 56.15 1.83
C SER I 154 -4.66 55.15 0.75
N GLY I 155 -3.38 55.12 0.38
CA GLY I 155 -2.90 54.19 -0.62
C GLY I 155 -2.25 52.93 -0.07
N ASP I 156 -2.62 52.51 1.13
CA ASP I 156 -2.04 51.32 1.76
C ASP I 156 -2.88 50.08 1.45
N THR I 157 -2.22 48.92 1.44
CA THR I 157 -2.83 47.67 1.02
C THR I 157 -2.39 46.53 1.95
N SER I 158 -3.29 45.55 2.16
CA SER I 158 -3.12 44.33 2.92
C SER I 158 -3.18 43.18 1.96
N VAL I 159 -2.85 42.01 2.48
CA VAL I 159 -3.02 40.78 1.72
C VAL I 159 -4.19 40.02 2.33
N ASP I 160 -5.18 39.68 1.50
CA ASP I 160 -6.26 38.79 1.91
C ASP I 160 -5.68 37.40 2.18
N PRO I 161 -5.77 36.87 3.40
CA PRO I 161 -5.06 35.62 3.71
C PRO I 161 -5.59 34.40 2.95
N MET I 162 -6.86 34.37 2.56
CA MET I 162 -7.41 33.22 1.85
C MET I 162 -7.24 33.33 0.34
N THR I 163 -7.49 34.51 -0.21
CA THR I 163 -7.38 34.71 -1.65
C THR I 163 -5.99 35.15 -2.08
N HIS I 164 -5.19 35.68 -1.16
CA HIS I 164 -3.88 36.26 -1.44
C HIS I 164 -3.96 37.47 -2.36
N ARG I 165 -5.17 37.96 -2.61
CA ARG I 165 -5.39 39.16 -3.39
C ARG I 165 -5.24 40.39 -2.51
N ALA I 166 -5.13 41.54 -3.16
CA ALA I 166 -4.89 42.79 -2.44
C ALA I 166 -6.18 43.30 -1.83
N LEU I 167 -6.08 43.79 -0.60
CA LEU I 167 -7.22 44.40 0.06
C LEU I 167 -7.01 45.89 0.25
N PRO I 168 -8.05 46.70 0.11
CA PRO I 168 -7.93 48.12 0.47
C PRO I 168 -7.95 48.26 1.97
N PRO I 169 -7.72 49.47 2.51
CA PRO I 169 -7.82 49.65 3.96
C PRO I 169 -9.20 49.27 4.48
N GLU I 170 -9.25 48.91 5.76
CA GLU I 170 -10.51 48.54 6.42
C GLU I 170 -10.76 49.49 7.59
N PRO I 171 -11.72 50.41 7.51
CA PRO I 171 -12.64 50.56 6.37
C PRO I 171 -11.98 51.25 5.19
N CYS I 172 -12.55 51.06 4.00
CA CYS I 172 -11.97 51.65 2.78
C CYS I 172 -12.56 53.05 2.64
N ARG I 173 -11.91 54.01 3.31
CA ARG I 173 -12.38 55.38 3.27
C ARG I 173 -12.08 55.99 1.91
N VAL I 174 -13.05 56.73 1.38
CA VAL I 174 -12.90 57.42 0.10
C VAL I 174 -13.23 58.89 0.29
N ARG I 175 -12.88 59.68 -0.72
CA ARG I 175 -13.14 61.11 -0.72
C ARG I 175 -13.63 61.53 -2.09
N ILE I 176 -14.71 62.32 -2.12
CA ILE I 176 -15.17 62.92 -3.36
C ILE I 176 -14.39 64.21 -3.59
N CYS I 177 -13.70 64.30 -4.71
CA CYS I 177 -12.96 65.50 -5.07
C CYS I 177 -13.44 66.01 -6.44
N ASP I 178 -12.71 66.97 -6.99
CA ASP I 178 -13.03 67.55 -8.30
C ASP I 178 -14.41 68.20 -8.28
N LEU I 179 -14.47 69.33 -7.57
CA LEU I 179 -15.70 70.11 -7.42
C LEU I 179 -15.79 71.29 -8.37
N GLY I 180 -14.97 71.30 -9.44
CA GLY I 180 -14.97 72.45 -10.34
C GLY I 180 -16.25 72.58 -11.14
N GLY I 181 -16.89 71.46 -11.47
CA GLY I 181 -18.04 71.47 -12.35
C GLY I 181 -19.37 71.44 -11.63
N CYS I 182 -19.38 71.92 -10.38
CA CYS I 182 -20.58 71.89 -9.58
C CYS I 182 -21.63 72.87 -10.11
N CYS I 183 -22.88 72.45 -10.05
CA CYS I 183 -24.00 73.29 -10.45
C CYS I 183 -24.93 73.47 -9.26
N ASP I 184 -25.90 74.36 -9.44
CA ASP I 184 -26.92 74.63 -8.45
C ASP I 184 -28.26 74.70 -9.18
N GLU I 185 -29.31 75.04 -8.45
CA GLU I 185 -30.64 74.91 -9.00
C GLU I 185 -30.95 75.93 -10.08
N ARG I 186 -30.04 76.87 -10.36
CA ARG I 186 -30.25 77.73 -11.51
C ARG I 186 -29.11 77.56 -12.50
N HIS I 187 -28.77 76.30 -12.80
CA HIS I 187 -27.97 76.04 -13.97
C HIS I 187 -28.82 76.25 -15.22
N SER I 188 -28.15 76.49 -16.35
CA SER I 188 -28.83 76.46 -17.63
C SER I 188 -29.52 75.12 -17.82
N ARG I 189 -30.80 75.16 -18.21
CA ARG I 189 -31.59 73.93 -18.22
C ARG I 189 -31.22 73.04 -19.41
N THR I 190 -30.65 73.60 -20.47
CA THR I 190 -30.19 72.82 -21.60
C THR I 190 -28.69 72.56 -21.55
N ALA I 191 -28.05 72.84 -20.42
CA ALA I 191 -26.63 72.57 -20.27
C ALA I 191 -26.34 71.08 -20.36
N ILE I 192 -25.18 70.76 -20.92
CA ILE I 192 -24.68 69.39 -21.00
C ILE I 192 -23.61 69.22 -19.94
N VAL I 193 -23.82 68.28 -19.02
CA VAL I 193 -22.89 68.05 -17.94
C VAL I 193 -22.42 66.59 -18.00
N SER I 194 -21.41 66.29 -17.17
CA SER I 194 -20.91 64.94 -16.96
C SER I 194 -20.05 64.45 -18.12
N THR I 195 -19.04 63.65 -17.79
CA THR I 195 -18.41 62.83 -18.80
C THR I 195 -19.47 61.89 -19.37
N ARG I 196 -19.39 61.65 -20.68
CA ARG I 196 -20.50 60.99 -21.36
C ARG I 196 -20.78 59.61 -20.77
N HIS I 197 -19.73 58.91 -20.34
CA HIS I 197 -19.90 57.56 -19.79
C HIS I 197 -20.91 57.56 -18.64
N TYR I 198 -21.00 58.65 -17.90
CA TYR I 198 -21.82 58.70 -16.69
C TYR I 198 -22.94 59.73 -16.81
N ARG I 199 -23.25 60.17 -18.02
CA ARG I 199 -24.23 61.22 -18.25
C ARG I 199 -25.62 60.62 -18.39
N SER I 200 -26.57 61.14 -17.60
CA SER I 200 -27.93 60.63 -17.61
C SER I 200 -28.62 60.95 -18.93
N PRO I 201 -29.65 60.19 -19.29
CA PRO I 201 -30.38 60.50 -20.54
C PRO I 201 -31.07 61.85 -20.50
N GLU I 202 -31.57 62.27 -19.34
CA GLU I 202 -32.19 63.59 -19.24
C GLU I 202 -31.23 64.69 -19.64
N VAL I 203 -29.94 64.53 -19.35
CA VAL I 203 -28.95 65.53 -19.76
C VAL I 203 -28.65 65.41 -21.25
N VAL I 204 -28.46 64.18 -21.75
CA VAL I 204 -28.16 63.97 -23.17
C VAL I 204 -29.25 64.59 -24.03
N LEU I 205 -30.51 64.28 -23.73
CA LEU I 205 -31.62 64.80 -24.51
C LEU I 205 -32.15 66.09 -23.90
N SER I 206 -31.48 66.59 -22.87
CA SER I 206 -31.84 67.87 -22.24
C SER I 206 -33.31 67.93 -21.90
N LEU I 207 -33.79 66.89 -21.20
CA LEU I 207 -35.19 66.76 -20.79
C LEU I 207 -35.47 67.49 -19.48
N GLY I 208 -34.49 68.22 -18.95
CA GLY I 208 -34.55 68.76 -17.60
C GLY I 208 -33.81 67.85 -16.65
N TRP I 209 -32.85 68.41 -15.92
CA TRP I 209 -32.05 67.64 -14.98
C TRP I 209 -31.76 68.45 -13.73
N MET I 210 -31.57 67.73 -12.62
CA MET I 210 -31.22 68.33 -11.35
C MET I 210 -30.42 67.33 -10.54
N TYR I 211 -30.73 67.20 -9.24
CA TYR I 211 -29.93 66.38 -8.34
C TYR I 211 -29.87 64.92 -8.77
N SER I 212 -30.96 64.39 -9.34
CA SER I 212 -31.02 62.97 -9.65
C SER I 212 -30.00 62.52 -10.68
N THR I 213 -29.35 63.44 -11.39
CA THR I 213 -28.34 63.03 -12.36
C THR I 213 -27.05 62.56 -11.69
N ASP I 214 -26.77 63.02 -10.47
CA ASP I 214 -25.63 62.50 -9.74
C ASP I 214 -25.82 61.03 -9.38
N LEU I 215 -27.07 60.60 -9.19
CA LEU I 215 -27.34 59.22 -8.82
C LEU I 215 -27.31 58.30 -10.03
N TRP I 216 -27.62 58.84 -11.22
CA TRP I 216 -27.38 58.09 -12.44
C TRP I 216 -25.91 57.75 -12.59
N SER I 217 -25.03 58.75 -12.38
CA SER I 217 -23.60 58.49 -12.49
C SER I 217 -23.16 57.48 -11.44
N MET I 218 -23.75 57.56 -10.24
CA MET I 218 -23.44 56.56 -9.21
C MET I 218 -23.89 55.17 -9.63
N GLY I 219 -24.98 55.07 -10.38
CA GLY I 219 -25.38 53.77 -10.92
C GLY I 219 -24.32 53.17 -11.83
N CYS I 220 -23.77 53.99 -12.73
CA CYS I 220 -22.76 53.49 -13.66
C CYS I 220 -21.42 53.29 -12.97
N ILE I 221 -21.12 54.08 -11.94
CA ILE I 221 -19.89 53.88 -11.19
C ILE I 221 -19.92 52.56 -10.44
N ILE I 222 -21.06 52.25 -9.82
CA ILE I 222 -21.19 51.00 -9.06
C ILE I 222 -21.12 49.79 -9.98
N TYR I 223 -21.72 49.88 -11.15
CA TYR I 223 -21.56 48.82 -12.16
C TYR I 223 -20.09 48.58 -12.48
N GLU I 224 -19.34 49.67 -12.67
CA GLU I 224 -17.94 49.55 -13.06
C GLU I 224 -17.07 49.02 -11.92
N LEU I 225 -17.38 49.43 -10.69
CA LEU I 225 -16.60 48.96 -9.54
C LEU I 225 -16.80 47.48 -9.27
N TYR I 226 -17.95 46.92 -9.64
CA TYR I 226 -18.26 45.52 -9.35
C TYR I 226 -17.88 44.58 -10.48
N THR I 227 -17.98 45.03 -11.73
CA THR I 227 -17.63 44.19 -12.86
C THR I 227 -16.26 44.52 -13.46
N GLY I 228 -15.71 45.70 -13.17
CA GLY I 228 -14.49 46.13 -13.79
C GLY I 228 -14.61 46.66 -15.19
N LYS I 229 -15.84 46.81 -15.72
CA LYS I 229 -16.08 47.28 -17.08
C LYS I 229 -16.92 48.54 -17.08
N LEU I 230 -16.68 49.36 -18.09
CA LEU I 230 -17.57 50.49 -18.32
C LEU I 230 -18.94 50.00 -18.72
N LEU I 231 -19.97 50.60 -18.12
CA LEU I 231 -21.33 50.24 -18.52
C LEU I 231 -21.66 50.82 -19.88
N TYR I 232 -21.16 52.02 -20.16
CA TYR I 232 -21.41 52.72 -21.42
C TYR I 232 -20.07 53.24 -21.95
N ASP I 233 -19.40 52.41 -22.74
CA ASP I 233 -18.15 52.80 -23.39
C ASP I 233 -18.48 53.28 -24.80
N THR I 234 -18.87 54.55 -24.89
CA THR I 234 -19.39 55.11 -26.13
C THR I 234 -19.05 56.60 -26.17
N HIS I 235 -18.91 57.12 -27.38
CA HIS I 235 -18.74 58.56 -27.60
C HIS I 235 -19.85 59.12 -28.47
N ASP I 236 -20.96 58.41 -28.60
CA ASP I 236 -22.03 58.72 -29.55
C ASP I 236 -23.35 58.74 -28.81
N ASN I 237 -24.11 59.84 -28.97
CA ASN I 237 -25.40 59.96 -28.30
C ASN I 237 -26.36 58.86 -28.74
N LEU I 238 -26.46 58.65 -30.06
CA LEU I 238 -27.43 57.68 -30.56
C LEU I 238 -27.02 56.27 -30.19
N GLU I 239 -25.71 56.01 -30.16
CA GLU I 239 -25.24 54.72 -29.65
C GLU I 239 -25.47 54.62 -28.15
N HIS I 240 -25.23 55.72 -27.42
CA HIS I 240 -25.45 55.71 -25.98
C HIS I 240 -26.88 55.33 -25.64
N LEU I 241 -27.85 55.94 -26.31
CA LEU I 241 -29.24 55.68 -25.98
C LEU I 241 -29.65 54.26 -26.35
N HIS I 242 -29.14 53.73 -27.46
CA HIS I 242 -29.40 52.34 -27.79
C HIS I 242 -28.77 51.40 -26.77
N LEU I 243 -27.60 51.78 -26.26
CA LEU I 243 -26.98 50.98 -25.20
C LEU I 243 -27.82 51.03 -23.93
N MET I 244 -28.38 52.20 -23.62
CA MET I 244 -29.32 52.32 -22.51
C MET I 244 -30.53 51.43 -22.72
N GLU I 245 -31.05 51.40 -23.95
CA GLU I 245 -32.18 50.53 -24.24
C GLU I 245 -31.82 49.06 -24.05
N LYS I 246 -30.61 48.65 -24.45
CA LYS I 246 -30.37 47.22 -24.36
C LYS I 246 -29.88 46.83 -22.97
N THR I 247 -29.29 47.76 -22.23
CA THR I 247 -28.87 47.42 -20.87
C THR I 247 -30.01 47.54 -19.87
N LEU I 248 -30.97 48.45 -20.07
CA LEU I 248 -31.96 48.75 -19.03
C LEU I 248 -33.43 48.59 -19.45
N GLY I 249 -33.73 48.74 -20.74
CA GLY I 249 -35.09 48.74 -21.27
C GLY I 249 -35.36 50.01 -22.08
N ARG I 250 -36.47 49.98 -22.81
CA ARG I 250 -36.75 51.07 -23.74
C ARG I 250 -36.91 52.38 -23.03
N LEU I 251 -36.59 53.42 -23.76
CA LEU I 251 -36.86 54.76 -23.29
C LEU I 251 -38.37 55.01 -23.26
N PRO I 252 -38.83 55.86 -22.36
CA PRO I 252 -40.26 56.19 -22.31
C PRO I 252 -40.71 56.77 -23.64
N ALA I 253 -41.95 56.42 -24.03
CA ALA I 253 -42.44 56.78 -25.34
C ALA I 253 -42.58 58.30 -25.51
N ASP I 254 -42.83 59.03 -24.43
CA ASP I 254 -43.04 60.47 -24.49
C ASP I 254 -41.75 61.28 -24.58
N TRP I 255 -40.58 60.63 -24.54
CA TRP I 255 -39.33 61.37 -24.48
C TRP I 255 -39.07 62.21 -25.72
N SER I 256 -39.48 61.72 -26.90
CA SER I 256 -39.19 62.44 -28.14
C SER I 256 -39.95 63.75 -28.24
N VAL I 257 -41.05 63.91 -27.50
CA VAL I 257 -41.74 65.20 -27.49
C VAL I 257 -41.19 66.11 -26.41
N ARG I 258 -40.47 65.56 -25.43
CA ARG I 258 -39.99 66.33 -24.28
C ARG I 258 -38.50 66.67 -24.40
N CYS I 259 -37.87 66.38 -25.52
CA CYS I 259 -36.46 66.69 -25.68
C CYS I 259 -36.26 68.19 -25.74
N GLY I 260 -35.13 68.66 -25.19
CA GLY I 260 -35.00 70.08 -24.93
C GLY I 260 -34.22 70.91 -25.93
N THR I 261 -33.55 70.27 -26.88
CA THR I 261 -32.78 70.97 -27.90
C THR I 261 -33.05 70.39 -29.28
N GLN I 262 -32.81 71.20 -30.30
CA GLN I 262 -32.88 70.72 -31.68
C GLN I 262 -32.05 69.46 -31.84
N GLU I 263 -30.84 69.45 -31.28
CA GLU I 263 -29.93 68.32 -31.39
C GLU I 263 -30.56 67.04 -30.87
N ALA I 264 -31.24 67.12 -29.73
CA ALA I 264 -31.78 65.93 -29.08
C ALA I 264 -32.96 65.34 -29.86
N ARG I 265 -33.88 66.20 -30.29
CA ARG I 265 -35.04 65.74 -31.04
C ARG I 265 -34.64 65.07 -32.35
N ASP I 266 -33.52 65.48 -32.94
CA ASP I 266 -33.10 64.87 -34.20
C ASP I 266 -32.62 63.44 -34.00
N LEU I 267 -32.51 62.98 -32.76
CA LEU I 267 -32.18 61.58 -32.53
C LEU I 267 -33.38 60.67 -32.68
N PHE I 268 -34.59 61.20 -32.82
CA PHE I 268 -35.78 60.37 -32.99
C PHE I 268 -36.41 60.64 -34.35
N THR I 269 -37.17 59.65 -34.83
CA THR I 269 -37.99 59.83 -36.03
C THR I 269 -39.13 60.80 -35.76
N ALA I 270 -39.85 61.14 -36.84
CA ALA I 270 -41.11 61.86 -36.71
C ALA I 270 -42.14 61.07 -35.90
N ALA I 271 -42.10 59.74 -35.96
CA ALA I 271 -43.03 58.95 -35.15
C ALA I 271 -42.74 59.11 -33.66
N GLY I 272 -41.47 58.96 -33.28
CA GLY I 272 -41.09 59.12 -31.89
C GLY I 272 -40.18 58.02 -31.39
N THR I 273 -39.71 57.19 -32.32
CA THR I 273 -38.78 56.12 -32.01
C THR I 273 -37.36 56.59 -32.30
N LEU I 274 -36.40 55.96 -31.62
CA LEU I 274 -35.01 56.38 -31.83
C LEU I 274 -34.50 55.87 -33.16
N GLN I 275 -33.69 56.69 -33.83
CA GLN I 275 -33.16 56.32 -35.14
C GLN I 275 -32.21 55.16 -35.01
N PRO I 276 -32.19 54.24 -35.98
CA PRO I 276 -31.24 53.13 -35.90
C PRO I 276 -29.82 53.61 -36.17
N CYS I 277 -28.86 52.91 -35.59
CA CYS I 277 -27.46 53.17 -35.87
C CYS I 277 -27.06 52.37 -37.10
N LYS I 278 -26.16 52.92 -37.90
CA LYS I 278 -25.67 52.22 -39.07
C LYS I 278 -24.16 52.15 -39.13
N ASP I 279 -23.50 52.67 -38.15
CA ASP I 279 -22.06 52.56 -38.11
C ASP I 279 -21.68 51.19 -37.56
N PRO I 280 -20.85 50.41 -38.27
CA PRO I 280 -20.58 49.02 -37.84
C PRO I 280 -19.93 48.93 -36.48
N LYS I 281 -19.41 50.04 -35.98
CA LYS I 281 -18.77 50.15 -34.69
C LYS I 281 -19.72 50.16 -33.50
N HIS I 282 -20.92 50.66 -33.71
CA HIS I 282 -21.90 50.73 -32.66
C HIS I 282 -22.83 49.56 -32.70
N ILE I 283 -23.04 49.01 -33.89
CA ILE I 283 -24.02 47.96 -33.99
C ILE I 283 -23.48 46.69 -33.33
N ALA I 284 -22.17 46.48 -33.43
CA ALA I 284 -21.54 45.37 -32.75
C ALA I 284 -21.61 45.57 -31.24
N ARG I 285 -21.32 46.80 -30.78
CA ARG I 285 -21.30 47.08 -29.35
C ARG I 285 -22.70 47.05 -28.75
N ILE I 286 -23.70 47.53 -29.49
CA ILE I 286 -25.07 47.44 -29.02
C ILE I 286 -25.54 45.99 -28.96
N ALA I 287 -25.17 45.20 -29.98
CA ALA I 287 -25.53 43.77 -29.99
C ALA I 287 -24.80 42.99 -28.92
N ARG I 288 -23.57 43.38 -28.59
CA ARG I 288 -22.81 42.69 -27.56
C ARG I 288 -23.02 43.21 -26.15
N ALA I 289 -23.67 44.37 -25.95
CA ALA I 289 -24.03 44.79 -24.61
C ALA I 289 -25.10 43.87 -24.04
N ARG I 290 -25.02 43.61 -22.74
CA ARG I 290 -25.97 42.69 -22.11
C ARG I 290 -26.75 43.38 -21.00
N PRO I 291 -27.97 42.90 -20.70
CA PRO I 291 -28.80 43.58 -19.70
C PRO I 291 -28.12 43.60 -18.34
N VAL I 292 -28.21 44.75 -17.67
CA VAL I 292 -27.67 44.88 -16.32
C VAL I 292 -28.21 43.78 -15.40
N ARG I 293 -29.51 43.50 -15.51
CA ARG I 293 -30.13 42.46 -14.70
C ARG I 293 -29.42 41.12 -14.81
N GLU I 294 -28.85 40.82 -15.99
CA GLU I 294 -28.20 39.53 -16.17
C GLU I 294 -26.72 39.54 -15.82
N VAL I 295 -26.12 40.73 -15.74
CA VAL I 295 -24.71 40.82 -15.39
C VAL I 295 -24.53 40.88 -13.88
N ILE I 296 -25.41 41.59 -13.17
CA ILE I 296 -25.32 41.73 -11.73
C ILE I 296 -26.10 40.57 -11.11
N THR I 297 -25.38 39.53 -10.69
CA THR I 297 -26.02 38.35 -10.10
C THR I 297 -26.49 38.60 -8.67
N GLU I 298 -25.83 39.48 -7.92
CA GLU I 298 -26.23 39.76 -6.55
C GLU I 298 -27.56 40.51 -6.54
N PRO I 299 -28.63 39.93 -5.97
CA PRO I 299 -29.97 40.53 -6.16
C PRO I 299 -30.14 41.91 -5.53
N LEU I 300 -29.54 42.16 -4.37
CA LEU I 300 -29.68 43.48 -3.76
C LEU I 300 -28.88 44.53 -4.51
N LEU I 301 -27.68 44.15 -4.98
CA LEU I 301 -26.87 45.08 -5.79
C LEU I 301 -27.57 45.38 -7.12
N CYS I 302 -28.21 44.36 -7.70
CA CYS I 302 -28.97 44.54 -8.93
C CYS I 302 -30.08 45.56 -8.74
N ASP I 303 -30.86 45.42 -7.66
CA ASP I 303 -31.91 46.39 -7.37
C ASP I 303 -31.34 47.78 -7.16
N LEU I 304 -30.18 47.87 -6.50
CA LEU I 304 -29.54 49.16 -6.29
C LEU I 304 -29.13 49.79 -7.61
N ILE I 305 -28.45 49.03 -8.47
CA ILE I 305 -27.98 49.57 -9.74
C ILE I 305 -29.17 49.94 -10.63
N LEU I 306 -30.16 49.05 -10.72
CA LEU I 306 -31.28 49.27 -11.63
C LEU I 306 -32.13 50.44 -11.19
N ASN I 307 -32.31 50.63 -9.89
CA ASN I 307 -33.09 51.76 -9.40
C ASN I 307 -32.26 53.04 -9.27
N LEU I 308 -30.94 52.95 -9.40
CA LEU I 308 -30.14 54.14 -9.62
C LEU I 308 -30.21 54.60 -11.08
N LEU I 309 -30.44 53.67 -12.01
CA LEU I 309 -30.54 53.98 -13.42
C LEU I 309 -31.98 54.11 -13.88
N HIS I 310 -32.89 54.47 -12.96
CA HIS I 310 -34.29 54.64 -13.31
C HIS I 310 -34.46 55.82 -14.26
N TYR I 311 -35.24 55.60 -15.33
CA TYR I 311 -35.50 56.68 -16.28
C TYR I 311 -36.34 57.79 -15.67
N ASP I 312 -37.18 57.46 -14.71
CA ASP I 312 -37.97 58.47 -14.04
C ASP I 312 -37.13 59.09 -12.92
N ARG I 313 -36.94 60.40 -13.02
CA ARG I 313 -36.00 61.07 -12.13
C ARG I 313 -36.48 61.14 -10.69
N GLN I 314 -37.79 61.04 -10.44
CA GLN I 314 -38.31 61.06 -9.08
C GLN I 314 -38.48 59.67 -8.51
N ARG I 315 -38.56 58.67 -9.39
CA ARG I 315 -38.62 57.26 -9.08
C ARG I 315 -37.22 56.70 -8.86
N ARG I 316 -36.21 57.36 -9.44
CA ARG I 316 -34.81 57.04 -9.24
C ARG I 316 -34.42 57.25 -7.79
N LEU I 317 -33.62 56.32 -7.26
CA LEU I 317 -33.19 56.42 -5.88
C LEU I 317 -32.38 57.70 -5.66
N ASN I 318 -32.57 58.31 -4.50
CA ASN I 318 -31.72 59.43 -4.12
C ASN I 318 -30.55 58.92 -3.28
N ALA I 319 -29.62 59.84 -2.97
CA ALA I 319 -28.40 59.45 -2.27
C ALA I 319 -28.71 58.83 -0.91
N ARG I 320 -29.70 59.37 -0.20
CA ARG I 320 -30.03 58.85 1.12
C ARG I 320 -30.49 57.40 1.04
N GLN I 321 -31.34 57.10 0.05
CA GLN I 321 -31.78 55.71 -0.14
C GLN I 321 -30.62 54.83 -0.60
N MET I 322 -29.70 55.40 -1.38
CA MET I 322 -28.53 54.63 -1.82
C MET I 322 -27.69 54.20 -0.63
N MET I 323 -27.32 55.14 0.25
CA MET I 323 -26.48 54.80 1.40
C MET I 323 -27.20 53.91 2.41
N SER I 324 -28.54 53.90 2.41
CA SER I 324 -29.33 53.07 3.30
C SER I 324 -29.98 51.89 2.58
N HIS I 325 -29.49 51.58 1.38
CA HIS I 325 -30.08 50.49 0.60
C HIS I 325 -29.82 49.14 1.27
N ALA I 326 -30.67 48.18 0.95
CA ALA I 326 -30.56 46.86 1.55
C ALA I 326 -29.22 46.20 1.26
N TYR I 327 -28.60 46.52 0.11
CA TYR I 327 -27.28 45.98 -0.20
C TYR I 327 -26.24 46.43 0.81
N VAL I 328 -26.26 47.72 1.15
CA VAL I 328 -25.27 48.25 2.09
C VAL I 328 -25.47 47.65 3.48
N HIS I 329 -26.72 47.43 3.88
CA HIS I 329 -26.98 46.88 5.20
C HIS I 329 -26.57 45.42 5.30
N LYS I 330 -26.61 44.69 4.18
CA LYS I 330 -26.28 43.27 4.22
C LYS I 330 -24.78 43.05 4.28
N TYR I 331 -24.02 43.73 3.42
CA TYR I 331 -22.59 43.50 3.32
C TYR I 331 -21.75 44.49 4.10
N PHE I 332 -22.34 45.60 4.54
CA PHE I 332 -21.69 46.53 5.48
C PHE I 332 -22.62 46.74 6.67
N PRO I 333 -22.91 45.69 7.44
CA PRO I 333 -23.89 45.82 8.53
C PRO I 333 -23.47 46.82 9.59
N GLU I 334 -22.17 47.04 9.77
CA GLU I 334 -21.72 48.00 10.76
C GLU I 334 -21.99 49.45 10.37
N CYS I 335 -22.49 49.69 9.16
CA CYS I 335 -23.04 51.01 8.82
C CYS I 335 -24.03 51.51 9.87
N ARG I 336 -24.79 50.61 10.50
CA ARG I 336 -25.85 51.06 11.40
C ARG I 336 -25.29 51.64 12.69
N GLN I 337 -24.03 51.37 13.02
CA GLN I 337 -23.39 52.01 14.17
C GLN I 337 -22.52 53.19 13.75
N HIS I 338 -22.53 53.56 12.48
CA HIS I 338 -21.77 54.72 12.03
C HIS I 338 -22.56 55.99 12.33
N PRO I 339 -21.89 57.06 12.78
CA PRO I 339 -22.62 58.29 13.13
C PRO I 339 -23.34 58.95 11.95
N ASN I 340 -23.04 58.55 10.71
CA ASN I 340 -23.71 59.11 9.55
C ASN I 340 -24.90 58.27 9.09
N HIS I 341 -25.09 57.08 9.65
CA HIS I 341 -26.27 56.28 9.34
C HIS I 341 -27.53 57.06 9.69
N VAL I 342 -28.55 56.94 8.82
CA VAL I 342 -29.74 57.77 8.93
C VAL I 342 -30.44 57.59 10.27
N ASP I 343 -30.39 56.38 10.83
CA ASP I 343 -31.08 56.14 12.10
C ASP I 343 -30.28 56.64 13.29
N ASN I 344 -29.06 57.13 13.09
CA ASN I 344 -28.26 57.70 14.18
C ASN I 344 -28.18 59.22 14.09
N ARG I 345 -28.98 59.84 13.22
CA ARG I 345 -28.94 61.28 13.06
C ARG I 345 -30.28 61.89 13.44
N SER I 346 -30.29 63.21 13.58
CA SER I 346 -31.56 63.92 13.70
C SER I 346 -32.34 63.81 12.39
N LYS I 347 -33.57 64.31 12.43
CA LYS I 347 -34.38 64.37 11.23
C LYS I 347 -33.69 65.29 10.21
N LEU I 348 -33.55 64.76 9.00
CA LEU I 348 -32.77 65.42 7.97
C LEU I 348 -33.67 66.30 7.11
N PRO I 349 -33.09 67.27 6.39
CA PRO I 349 -33.86 68.02 5.39
C PRO I 349 -34.43 67.06 4.36
N PRO I 350 -35.50 67.44 3.68
CA PRO I 350 -36.11 66.51 2.72
C PRO I 350 -35.14 66.18 1.60
N THR I 351 -35.23 64.95 1.11
CA THR I 351 -34.47 64.56 -0.04
C THR I 351 -34.98 65.36 -1.24
N PRO I 352 -34.14 65.58 -2.25
CA PRO I 352 -34.63 66.32 -3.42
C PRO I 352 -35.75 65.55 -4.10
N VAL I 353 -36.66 66.30 -4.71
CA VAL I 353 -37.59 65.71 -5.66
C VAL I 353 -36.95 65.90 -7.03
N MET I 354 -36.62 64.78 -7.68
CA MET I 354 -35.88 64.76 -8.96
C MET I 354 -34.59 65.59 -8.97
N GLY J 16 43.11 -38.22 -40.23
CA GLY J 16 43.10 -37.40 -39.03
C GLY J 16 42.56 -38.11 -37.82
N ARG J 17 41.25 -38.31 -37.76
CA ARG J 17 40.66 -39.02 -36.64
C ARG J 17 40.35 -40.47 -36.96
N PHE J 18 40.04 -40.79 -38.22
CA PHE J 18 39.69 -42.14 -38.65
C PHE J 18 40.77 -42.66 -39.60
N LYS J 19 41.38 -43.79 -39.27
CA LYS J 19 42.35 -44.42 -40.16
C LYS J 19 41.88 -45.75 -40.71
N ILE J 20 41.96 -45.87 -42.03
CA ILE J 20 41.46 -47.00 -42.79
C ILE J 20 42.33 -48.21 -42.50
N LEU J 21 41.70 -49.34 -42.20
CA LEU J 21 42.40 -50.58 -41.95
C LEU J 21 42.24 -51.55 -43.11
N SER J 22 41.01 -51.94 -43.42
CA SER J 22 40.74 -52.85 -44.52
C SER J 22 39.56 -52.35 -45.36
N LEU J 23 39.43 -52.92 -46.55
CA LEU J 23 38.28 -52.71 -47.42
C LEU J 23 37.30 -53.87 -47.20
N LEU J 24 36.08 -53.56 -46.76
CA LEU J 24 35.09 -54.58 -46.49
C LEU J 24 34.20 -54.89 -47.69
N GLY J 25 33.94 -53.90 -48.53
CA GLY J 25 33.12 -54.11 -49.71
C GLY J 25 33.11 -52.87 -50.56
N GLU J 26 32.74 -53.05 -51.83
CA GLU J 26 32.84 -51.99 -52.82
C GLU J 26 31.68 -52.11 -53.80
N GLY J 27 31.23 -50.96 -54.30
CA GLY J 27 30.13 -50.98 -55.23
C GLY J 27 29.93 -49.64 -55.90
N THR J 28 28.75 -49.52 -56.52
CA THR J 28 28.29 -48.27 -57.14
C THR J 28 28.44 -47.09 -56.20
N PHE J 29 27.83 -47.21 -55.02
CA PHE J 29 27.83 -46.15 -54.03
C PHE J 29 29.23 -45.65 -53.70
N GLY J 30 30.18 -46.56 -53.60
CA GLY J 30 31.50 -46.21 -53.13
C GLY J 30 32.11 -47.37 -52.36
N LYS J 31 32.64 -47.09 -51.17
CA LYS J 31 33.34 -48.10 -50.40
C LYS J 31 32.88 -48.09 -48.95
N VAL J 32 32.91 -49.27 -48.34
CA VAL J 32 32.84 -49.41 -46.90
C VAL J 32 34.18 -49.96 -46.45
N VAL J 33 34.84 -49.23 -45.56
CA VAL J 33 36.15 -49.62 -45.09
C VAL J 33 36.06 -49.87 -43.59
N GLU J 34 36.89 -50.79 -43.11
CA GLU J 34 37.09 -50.92 -41.67
C GLU J 34 38.06 -49.84 -41.21
N ALA J 35 37.68 -49.10 -40.18
CA ALA J 35 38.46 -47.97 -39.71
C ALA J 35 38.62 -48.04 -38.20
N TRP J 36 39.69 -47.40 -37.73
CA TRP J 36 39.97 -47.25 -36.31
C TRP J 36 39.64 -45.82 -35.89
N ASP J 37 38.76 -45.66 -34.91
CA ASP J 37 38.44 -44.34 -34.37
C ASP J 37 39.44 -43.96 -33.31
N ARG J 38 40.27 -42.95 -33.56
CA ARG J 38 41.33 -42.71 -32.58
C ARG J 38 40.73 -42.06 -31.32
N LYS J 39 39.48 -41.56 -31.39
CA LYS J 39 38.75 -40.94 -30.29
C LYS J 39 38.02 -41.94 -29.42
N ARG J 40 37.87 -43.19 -29.87
CA ARG J 40 36.93 -44.13 -29.27
C ARG J 40 37.47 -45.47 -28.75
N LYS J 41 38.66 -45.88 -29.15
CA LYS J 41 39.31 -47.14 -28.72
C LYS J 41 38.57 -48.40 -29.23
N GLU J 42 38.13 -48.35 -30.49
CA GLU J 42 37.50 -49.51 -31.12
C GLU J 42 37.36 -49.24 -32.62
N TYR J 43 37.02 -50.30 -33.34
CA TYR J 43 36.84 -50.32 -34.79
C TYR J 43 35.42 -49.93 -35.18
N CYS J 44 35.31 -49.43 -36.40
CA CYS J 44 34.08 -48.91 -36.96
C CYS J 44 34.05 -49.27 -38.45
N ALA J 45 32.86 -49.18 -39.03
CA ALA J 45 32.68 -49.23 -40.47
C ALA J 45 32.38 -47.84 -40.98
N VAL J 46 33.03 -47.45 -42.08
CA VAL J 46 32.82 -46.13 -42.66
C VAL J 46 32.43 -46.30 -44.12
N LYS J 47 31.27 -45.79 -44.50
CA LYS J 47 30.82 -45.78 -45.89
C LYS J 47 31.34 -44.52 -46.55
N ILE J 48 32.23 -44.69 -47.53
CA ILE J 48 32.82 -43.57 -48.24
C ILE J 48 32.11 -43.47 -49.58
N VAL J 49 31.24 -42.48 -49.71
CA VAL J 49 30.51 -42.26 -50.94
C VAL J 49 31.42 -41.51 -51.90
N ARG J 50 31.46 -41.93 -53.18
CA ARG J 50 32.28 -41.20 -54.15
C ARG J 50 31.77 -39.78 -54.30
N ASN J 51 32.72 -38.87 -54.51
CA ASN J 51 32.49 -37.43 -54.53
C ASN J 51 31.94 -37.00 -55.89
N VAL J 52 30.72 -37.43 -56.17
CA VAL J 52 29.93 -36.93 -57.28
C VAL J 52 28.65 -36.33 -56.70
N PRO J 53 28.17 -35.25 -57.29
CA PRO J 53 27.03 -34.55 -56.72
C PRO J 53 25.81 -35.43 -56.47
N LYS J 54 25.52 -36.42 -57.32
CA LYS J 54 24.26 -37.16 -57.11
C LYS J 54 24.38 -38.16 -55.97
N TYR J 55 25.59 -38.62 -55.69
CA TYR J 55 25.81 -39.48 -54.54
C TYR J 55 25.88 -38.67 -53.26
N THR J 56 26.44 -37.45 -53.32
CA THR J 56 26.55 -36.64 -52.12
C THR J 56 25.19 -36.26 -51.59
N ARG J 57 24.24 -36.09 -52.48
CA ARG J 57 22.97 -35.67 -51.96
C ARG J 57 22.05 -36.83 -51.54
N ASP J 58 22.19 -37.98 -52.18
CA ASP J 58 21.52 -39.15 -51.67
C ASP J 58 22.23 -39.73 -50.46
N ALA J 59 23.52 -39.42 -50.25
CA ALA J 59 24.15 -39.78 -48.99
C ALA J 59 23.66 -38.89 -47.84
N LYS J 60 23.53 -37.58 -48.10
CA LYS J 60 23.02 -36.68 -47.08
C LYS J 60 21.57 -36.99 -46.75
N ILE J 61 20.79 -37.42 -47.74
CA ILE J 61 19.43 -37.88 -47.47
C ILE J 61 19.47 -39.19 -46.68
N GLU J 62 20.35 -40.11 -47.09
CA GLU J 62 20.53 -41.36 -46.35
C GLU J 62 20.91 -41.09 -44.89
N ILE J 63 21.80 -40.12 -44.67
CA ILE J 63 22.22 -39.80 -43.30
C ILE J 63 21.03 -39.33 -42.47
N GLN J 64 20.18 -38.47 -43.03
CA GLN J 64 19.04 -37.97 -42.28
C GLN J 64 18.06 -39.08 -41.94
N PHE J 65 17.88 -40.04 -42.86
CA PHE J 65 17.02 -41.18 -42.52
C PHE J 65 17.64 -42.05 -41.43
N MET J 66 18.98 -42.16 -41.39
CA MET J 66 19.60 -42.98 -40.37
C MET J 66 19.55 -42.33 -38.99
N GLU J 67 19.70 -41.01 -38.94
CA GLU J 67 19.59 -40.31 -37.67
C GLU J 67 18.15 -40.30 -37.16
N ARG J 68 17.16 -40.45 -38.03
CA ARG J 68 15.78 -40.53 -37.57
C ARG J 68 15.53 -41.86 -36.86
N VAL J 69 16.20 -42.91 -37.33
CA VAL J 69 16.19 -44.19 -36.60
C VAL J 69 16.97 -44.04 -35.30
N ARG J 70 18.16 -43.43 -35.37
CA ARG J 70 19.01 -43.28 -34.20
C ARG J 70 18.30 -42.46 -33.12
N LEU J 71 17.62 -41.39 -33.51
CA LEU J 71 16.95 -40.52 -32.54
C LEU J 71 15.72 -41.16 -31.93
N SER J 72 15.02 -42.03 -32.66
CA SER J 72 13.78 -42.60 -32.15
C SER J 72 14.03 -43.83 -31.28
N ASP J 73 14.86 -44.76 -31.75
CA ASP J 73 15.18 -45.99 -31.01
C ASP J 73 16.38 -45.70 -30.13
N VAL J 74 16.12 -45.04 -28.99
CA VAL J 74 17.20 -44.47 -28.19
C VAL J 74 18.06 -45.55 -27.54
N GLU J 75 17.51 -46.72 -27.26
CA GLU J 75 18.26 -47.77 -26.62
C GLU J 75 18.49 -48.96 -27.54
N ASP J 76 18.57 -48.71 -28.84
CA ASP J 76 18.97 -49.71 -29.83
C ASP J 76 18.22 -51.03 -29.63
N ARG J 77 16.90 -50.92 -29.49
CA ARG J 77 16.06 -52.07 -29.26
C ARG J 77 15.65 -52.81 -30.53
N PHE J 78 15.70 -52.15 -31.67
CA PHE J 78 15.25 -52.79 -32.90
C PHE J 78 16.41 -52.96 -33.87
N PRO J 79 16.44 -54.05 -34.63
CA PRO J 79 17.57 -54.36 -35.50
C PRO J 79 17.64 -53.54 -36.78
N LEU J 80 17.52 -52.22 -36.64
CA LEU J 80 17.88 -51.29 -37.69
C LEU J 80 19.27 -50.76 -37.39
N MET J 81 20.01 -50.49 -38.45
CA MET J 81 21.38 -50.00 -38.32
C MET J 81 21.44 -48.60 -37.75
N LYS J 82 22.52 -48.29 -37.02
CA LYS J 82 22.70 -46.90 -36.56
C LYS J 82 24.05 -46.30 -36.88
N ILE J 83 23.96 -45.14 -37.52
CA ILE J 83 25.02 -44.19 -37.80
C ILE J 83 25.60 -43.71 -36.47
N GLN J 84 26.92 -43.50 -36.40
CA GLN J 84 27.48 -42.96 -35.14
C GLN J 84 27.94 -41.53 -35.32
N ARG J 85 28.50 -41.23 -36.49
CA ARG J 85 28.85 -39.86 -36.83
C ARG J 85 28.90 -39.73 -38.36
N TYR J 86 29.01 -38.49 -38.83
CA TYR J 86 29.21 -38.27 -40.25
C TYR J 86 29.96 -36.96 -40.47
N PHE J 87 30.61 -36.86 -41.62
CA PHE J 87 31.36 -35.67 -42.00
C PHE J 87 31.63 -35.74 -43.49
N GLN J 88 32.07 -34.61 -44.05
CA GLN J 88 32.52 -34.54 -45.43
C GLN J 88 34.04 -34.52 -45.45
N ASN J 89 34.63 -35.47 -46.17
CA ASN J 89 36.09 -35.64 -46.23
C ASN J 89 36.77 -34.48 -46.95
N GLU J 90 38.11 -34.55 -46.98
CA GLU J 90 38.95 -33.52 -47.58
C GLU J 90 38.85 -33.47 -49.10
N THR J 91 38.30 -34.51 -49.74
CA THR J 91 38.01 -34.48 -51.17
C THR J 91 36.52 -34.34 -51.46
N GLY J 92 35.71 -34.07 -50.45
CA GLY J 92 34.28 -33.91 -50.67
C GLY J 92 33.49 -35.19 -50.56
N HIS J 93 34.14 -36.33 -50.33
CA HIS J 93 33.42 -37.58 -50.16
C HIS J 93 32.59 -37.53 -48.88
N MET J 94 31.33 -37.92 -48.97
CA MET J 94 30.53 -38.14 -47.77
C MET J 94 31.02 -39.40 -47.08
N CYS J 95 31.19 -39.31 -45.77
CA CYS J 95 31.69 -40.43 -44.99
C CYS J 95 30.69 -40.69 -43.88
N ILE J 96 30.12 -41.88 -43.88
CA ILE J 96 29.16 -42.28 -42.88
C ILE J 96 29.87 -43.30 -42.02
N VAL J 97 30.13 -42.95 -40.78
CA VAL J 97 30.79 -43.84 -39.84
C VAL J 97 29.67 -44.66 -39.22
N MET J 98 29.92 -46.02 -39.03
CA MET J 98 28.92 -47.00 -38.58
C MET J 98 29.53 -48.04 -37.69
N PRO J 99 28.81 -48.82 -36.88
CA PRO J 99 29.57 -49.89 -36.18
C PRO J 99 29.98 -51.01 -37.16
N LYS J 100 30.94 -51.84 -36.74
CA LYS J 100 31.45 -52.94 -37.57
C LYS J 100 30.45 -54.08 -37.43
N TYR J 101 29.71 -54.39 -38.49
CA TYR J 101 28.84 -55.55 -38.44
C TYR J 101 29.53 -56.68 -39.22
N GLY J 102 28.77 -57.71 -39.59
CA GLY J 102 29.31 -58.82 -40.34
C GLY J 102 28.90 -58.75 -41.81
N PRO J 103 29.08 -59.85 -42.53
CA PRO J 103 28.72 -59.87 -43.96
C PRO J 103 27.23 -60.02 -44.17
N CYS J 104 26.79 -59.65 -45.37
CA CYS J 104 25.38 -59.76 -45.73
C CYS J 104 24.93 -61.22 -45.71
N LEU J 105 23.62 -61.40 -45.62
CA LEU J 105 23.03 -62.74 -45.70
C LEU J 105 23.33 -63.42 -47.03
N LEU J 106 23.44 -62.67 -48.14
CA LEU J 106 23.73 -63.28 -49.42
C LEU J 106 25.07 -64.03 -49.41
N ASP J 107 26.10 -63.40 -48.83
CA ASP J 107 27.40 -64.06 -48.77
C ASP J 107 27.32 -65.35 -47.99
N TRP J 108 26.49 -65.42 -46.96
CA TRP J 108 26.37 -66.65 -46.18
C TRP J 108 25.75 -67.76 -47.01
N ILE J 109 24.60 -67.48 -47.65
CA ILE J 109 23.96 -68.53 -48.43
C ILE J 109 24.82 -68.91 -49.63
N MET J 110 25.62 -67.97 -50.14
CA MET J 110 26.49 -68.27 -51.29
C MET J 110 27.71 -69.10 -50.87
N LYS J 111 28.14 -68.99 -49.61
CA LYS J 111 29.26 -69.63 -48.92
C LYS J 111 28.84 -70.96 -48.31
N HIS J 112 27.75 -70.92 -47.56
CA HIS J 112 27.35 -72.04 -46.74
C HIS J 112 26.02 -72.66 -47.11
N GLY J 113 25.31 -72.12 -48.08
CA GLY J 113 24.00 -72.63 -48.43
C GLY J 113 22.91 -72.05 -47.56
N PRO J 114 21.69 -72.56 -47.70
CA PRO J 114 20.55 -71.97 -46.98
C PRO J 114 20.64 -72.21 -45.48
N PHE J 115 19.96 -71.33 -44.73
CA PHE J 115 19.89 -71.43 -43.28
C PHE J 115 18.97 -72.58 -42.87
N ASN J 116 19.20 -73.09 -41.66
CA ASN J 116 18.26 -74.07 -41.12
C ASN J 116 17.03 -73.35 -40.56
N HIS J 117 16.01 -74.13 -40.20
CA HIS J 117 14.71 -73.56 -39.85
C HIS J 117 14.82 -72.61 -38.65
N ARG J 118 15.63 -72.96 -37.64
CA ARG J 118 15.73 -72.11 -36.46
C ARG J 118 16.29 -70.73 -36.82
N HIS J 119 17.44 -70.70 -37.50
CA HIS J 119 18.07 -69.43 -37.82
C HIS J 119 17.26 -68.65 -38.85
N LEU J 120 16.54 -69.34 -39.73
CA LEU J 120 15.60 -68.65 -40.60
C LEU J 120 14.50 -67.97 -39.79
N ALA J 121 13.99 -68.66 -38.76
CA ALA J 121 12.98 -68.07 -37.90
C ALA J 121 13.53 -66.87 -37.12
N GLN J 122 14.79 -66.96 -36.69
CA GLN J 122 15.39 -65.85 -35.96
C GLN J 122 15.57 -64.62 -36.85
N ILE J 123 15.93 -64.84 -38.12
CA ILE J 123 16.06 -63.73 -39.05
C ILE J 123 14.70 -63.10 -39.32
N ILE J 124 13.68 -63.93 -39.54
CA ILE J 124 12.32 -63.43 -39.79
C ILE J 124 11.80 -62.67 -38.58
N PHE J 125 12.09 -63.16 -37.38
CA PHE J 125 11.62 -62.48 -36.17
C PHE J 125 12.21 -61.07 -36.07
N GLN J 126 13.52 -60.94 -36.29
CA GLN J 126 14.16 -59.63 -36.16
C GLN J 126 13.70 -58.69 -37.25
N VAL J 127 13.72 -59.15 -38.51
CA VAL J 127 13.29 -58.29 -39.62
C VAL J 127 11.83 -57.89 -39.44
N GLY J 128 11.00 -58.82 -38.97
CA GLY J 128 9.62 -58.47 -38.66
C GLY J 128 9.53 -57.38 -37.61
N ALA J 129 10.29 -57.54 -36.53
CA ALA J 129 10.29 -56.53 -35.46
C ALA J 129 10.85 -55.19 -35.97
N ALA J 130 11.88 -55.24 -36.82
CA ALA J 130 12.42 -54.00 -37.36
C ALA J 130 11.43 -53.33 -38.31
N LEU J 131 10.80 -54.12 -39.18
CA LEU J 131 9.89 -53.53 -40.17
C LEU J 131 8.63 -53.01 -39.50
N ASP J 132 8.15 -53.71 -38.47
CA ASP J 132 6.97 -53.25 -37.74
C ASP J 132 7.26 -51.95 -37.00
N TYR J 133 8.47 -51.79 -36.49
CA TYR J 133 8.88 -50.51 -35.93
C TYR J 133 8.96 -49.45 -37.01
N PHE J 134 9.59 -49.78 -38.14
CA PHE J 134 9.70 -48.84 -39.25
C PHE J 134 8.33 -48.38 -39.75
N HIS J 135 7.41 -49.33 -39.90
CA HIS J 135 6.13 -49.03 -40.56
C HIS J 135 5.17 -48.30 -39.63
N THR J 136 5.08 -48.72 -38.37
CA THR J 136 4.03 -48.24 -37.48
C THR J 136 4.50 -47.20 -36.48
N GLU J 137 5.81 -47.08 -36.26
CA GLU J 137 6.34 -46.04 -35.39
C GLU J 137 7.03 -44.92 -36.14
N LEU J 138 7.80 -45.23 -37.18
CA LEU J 138 8.42 -44.21 -38.00
C LEU J 138 7.60 -43.85 -39.23
N HIS J 139 6.65 -44.70 -39.61
CA HIS J 139 5.81 -44.48 -40.80
C HIS J 139 6.68 -44.32 -42.04
N LEU J 140 7.60 -45.26 -42.22
CA LEU J 140 8.47 -45.32 -43.38
C LEU J 140 8.41 -46.74 -43.94
N MET J 141 8.59 -46.86 -45.25
CA MET J 141 8.87 -48.16 -45.85
C MET J 141 10.29 -48.14 -46.39
N HIS J 142 10.94 -49.30 -46.31
CA HIS J 142 12.32 -49.43 -46.76
C HIS J 142 12.42 -49.44 -48.28
N THR J 143 11.59 -50.26 -48.93
CA THR J 143 11.46 -50.35 -50.40
C THR J 143 12.66 -50.97 -51.06
N ASP J 144 13.73 -51.24 -50.31
CA ASP J 144 14.90 -51.82 -50.97
C ASP J 144 15.55 -52.88 -50.07
N LEU J 145 14.72 -53.79 -49.55
CA LEU J 145 15.21 -54.92 -48.80
C LEU J 145 15.75 -55.98 -49.75
N LYS J 146 16.91 -56.53 -49.41
CA LYS J 146 17.58 -57.54 -50.20
C LYS J 146 18.46 -58.32 -49.24
N PRO J 147 18.74 -59.60 -49.54
CA PRO J 147 19.67 -60.37 -48.69
C PRO J 147 21.06 -59.74 -48.58
N GLU J 148 21.46 -58.91 -49.56
CA GLU J 148 22.77 -58.28 -49.55
C GLU J 148 22.84 -57.02 -48.69
N ASN J 149 21.70 -56.43 -48.31
CA ASN J 149 21.75 -55.29 -47.37
C ASN J 149 21.10 -55.61 -46.03
N ILE J 150 20.81 -56.88 -45.77
CA ILE J 150 20.52 -57.37 -44.43
C ILE J 150 21.82 -58.01 -43.93
N LEU J 151 22.44 -57.40 -42.94
CA LEU J 151 23.78 -57.81 -42.49
C LEU J 151 23.73 -58.65 -41.23
N MET J 152 24.65 -59.61 -41.14
CA MET J 152 24.92 -60.30 -39.89
C MET J 152 25.46 -59.30 -38.88
N GLU J 153 25.01 -59.40 -37.63
CA GLU J 153 25.60 -58.56 -36.60
C GLU J 153 27.08 -58.86 -36.43
N SER J 154 27.45 -60.14 -36.48
CA SER J 154 28.83 -60.56 -36.31
C SER J 154 29.20 -61.58 -37.38
N GLY J 155 30.50 -61.64 -37.68
CA GLY J 155 31.00 -62.60 -38.65
C GLY J 155 31.56 -63.87 -38.05
N ASP J 156 31.10 -64.27 -36.86
CA ASP J 156 31.57 -65.48 -36.21
C ASP J 156 30.72 -66.68 -36.63
N THR J 157 31.32 -67.87 -36.68
CA THR J 157 30.67 -69.10 -37.11
C THR J 157 31.17 -70.26 -36.24
N SER J 158 30.30 -71.26 -36.03
CA SER J 158 30.58 -72.49 -35.29
C SER J 158 30.61 -73.60 -36.28
N VAL J 159 30.95 -74.77 -35.76
CA VAL J 159 30.75 -76.01 -36.47
C VAL J 159 29.59 -76.76 -35.84
N ASP J 160 28.58 -77.09 -36.65
CA ASP J 160 27.53 -77.98 -36.18
C ASP J 160 28.14 -79.36 -35.92
N PRO J 161 28.10 -79.88 -34.69
CA PRO J 161 28.86 -81.11 -34.39
C PRO J 161 28.40 -82.35 -35.13
N MET J 162 27.13 -82.43 -35.51
CA MET J 162 26.63 -83.61 -36.22
C MET J 162 26.79 -83.49 -37.73
N THR J 163 26.49 -82.33 -38.29
CA THR J 163 26.58 -82.11 -39.73
C THR J 163 27.95 -81.64 -40.18
N HIS J 164 28.76 -81.09 -39.28
CA HIS J 164 30.06 -80.49 -39.58
C HIS J 164 29.94 -79.27 -40.48
N ARG J 165 28.72 -78.80 -40.74
CA ARG J 165 28.48 -77.62 -41.53
C ARG J 165 28.59 -76.36 -40.67
N ALA J 166 28.69 -75.21 -41.34
CA ALA J 166 28.90 -73.95 -40.65
C ALA J 166 27.61 -73.44 -40.03
N LEU J 167 27.71 -72.94 -38.81
CA LEU J 167 26.59 -72.32 -38.11
C LEU J 167 26.84 -70.84 -37.91
N PRO J 168 25.82 -70.00 -38.05
CA PRO J 168 25.97 -68.59 -37.70
C PRO J 168 25.98 -68.43 -36.19
N PRO J 169 26.20 -67.22 -35.67
CA PRO J 169 26.11 -67.03 -34.21
C PRO J 169 24.74 -67.42 -33.70
N GLU J 170 24.68 -67.81 -32.43
CA GLU J 170 23.43 -68.17 -31.78
C GLU J 170 23.20 -67.25 -30.61
N PRO J 171 22.25 -66.30 -30.69
CA PRO J 171 21.33 -66.14 -31.82
C PRO J 171 21.98 -65.46 -33.01
N CYS J 172 21.42 -65.66 -34.21
CA CYS J 172 21.96 -65.05 -35.43
C CYS J 172 21.36 -63.67 -35.58
N ARG J 173 21.98 -62.70 -34.91
CA ARG J 173 21.50 -61.33 -34.94
C ARG J 173 21.81 -60.70 -36.30
N VAL J 174 20.83 -59.98 -36.85
CA VAL J 174 21.02 -59.28 -38.11
C VAL J 174 20.68 -57.81 -37.92
N ARG J 175 21.06 -57.01 -38.92
CA ARG J 175 20.79 -55.59 -38.94
C ARG J 175 20.32 -55.21 -40.33
N ILE J 176 19.19 -54.52 -40.42
CA ILE J 176 18.76 -53.97 -41.70
C ILE J 176 19.44 -52.62 -41.87
N CYS J 177 20.18 -52.48 -42.96
CA CYS J 177 20.88 -51.25 -43.28
C CYS J 177 20.42 -50.77 -44.66
N ASP J 178 21.14 -49.81 -45.23
CA ASP J 178 20.85 -49.26 -46.54
C ASP J 178 19.47 -48.57 -46.52
N LEU J 179 19.45 -47.43 -45.83
CA LEU J 179 18.24 -46.62 -45.66
C LEU J 179 18.16 -45.47 -46.66
N GLY J 180 18.96 -45.51 -47.73
CA GLY J 180 18.97 -44.41 -48.68
C GLY J 180 17.68 -44.29 -49.48
N GLY J 181 17.02 -45.42 -49.75
CA GLY J 181 15.86 -45.44 -50.62
C GLY J 181 14.54 -45.43 -49.87
N CYS J 182 14.56 -44.91 -48.65
CA CYS J 182 13.36 -44.88 -47.83
C CYS J 182 12.35 -43.90 -48.38
N CYS J 183 11.08 -44.27 -48.30
CA CYS J 183 9.98 -43.41 -48.70
C CYS J 183 9.04 -43.24 -47.52
N ASP J 184 8.05 -42.37 -47.70
CA ASP J 184 7.03 -42.10 -46.70
C ASP J 184 5.68 -42.11 -47.42
N GLU J 185 4.63 -41.78 -46.69
CA GLU J 185 3.29 -41.97 -47.24
C GLU J 185 2.97 -40.98 -48.36
N ARG J 186 3.84 -40.01 -48.66
CA ARG J 186 3.63 -39.21 -49.86
C ARG J 186 4.80 -39.39 -50.82
N HIS J 187 5.16 -40.63 -51.10
CA HIS J 187 5.97 -40.88 -52.27
C HIS J 187 5.11 -40.65 -53.51
N SER J 188 5.75 -40.41 -54.65
CA SER J 188 5.00 -40.44 -55.90
C SER J 188 4.31 -41.78 -56.05
N ARG J 189 3.03 -41.76 -56.33
CA ARG J 189 2.35 -43.04 -56.36
C ARG J 189 2.59 -43.83 -57.67
N THR J 190 3.21 -43.22 -58.67
CA THR J 190 3.70 -43.96 -59.82
C THR J 190 5.19 -44.24 -59.75
N ALA J 191 5.81 -44.02 -58.59
CA ALA J 191 7.24 -44.28 -58.43
C ALA J 191 7.56 -45.77 -58.58
N ILE J 192 8.74 -46.04 -59.14
CA ILE J 192 9.26 -47.40 -59.23
C ILE J 192 10.37 -47.53 -58.20
N VAL J 193 10.19 -48.47 -57.26
CA VAL J 193 11.15 -48.71 -56.20
C VAL J 193 11.56 -50.17 -56.25
N SER J 194 12.54 -50.51 -55.42
CA SER J 194 13.00 -51.89 -55.20
C SER J 194 13.84 -52.39 -56.37
N THR J 195 14.85 -53.21 -56.07
CA THR J 195 15.48 -54.01 -57.12
C THR J 195 14.45 -55.00 -57.65
N ARG J 196 14.52 -55.26 -58.96
CA ARG J 196 13.45 -55.96 -59.64
C ARG J 196 13.16 -57.32 -59.03
N HIS J 197 14.22 -58.01 -58.55
CA HIS J 197 14.05 -59.34 -57.98
C HIS J 197 13.04 -59.37 -56.84
N TYR J 198 12.92 -58.27 -56.08
CA TYR J 198 12.08 -58.25 -54.89
C TYR J 198 10.96 -57.23 -55.01
N ARG J 199 10.66 -56.78 -56.23
CA ARG J 199 9.69 -55.72 -56.45
C ARG J 199 8.29 -56.28 -56.59
N SER J 200 7.35 -55.75 -55.80
CA SER J 200 5.98 -56.24 -55.81
C SER J 200 5.29 -55.88 -57.12
N PRO J 201 4.23 -56.62 -57.49
CA PRO J 201 3.51 -56.30 -58.73
C PRO J 201 2.82 -54.94 -58.69
N GLU J 202 2.32 -54.52 -57.53
CA GLU J 202 1.71 -53.19 -57.43
C GLU J 202 2.70 -52.10 -57.84
N VAL J 203 3.99 -52.30 -57.57
CA VAL J 203 4.99 -51.32 -58.00
C VAL J 203 5.23 -51.42 -59.50
N VAL J 204 5.40 -52.65 -59.99
CA VAL J 204 5.66 -52.85 -61.42
C VAL J 204 4.53 -52.24 -62.26
N LEU J 205 3.29 -52.57 -61.90
CA LEU J 205 2.14 -52.10 -62.65
C LEU J 205 1.59 -50.79 -62.12
N SER J 206 2.27 -50.19 -61.13
CA SER J 206 1.86 -48.91 -60.55
C SER J 206 0.39 -48.93 -60.15
N LEU J 207 0.02 -49.95 -59.39
CA LEU J 207 -1.35 -50.13 -58.94
C LEU J 207 -1.65 -49.35 -57.66
N GLY J 208 -0.67 -48.59 -57.17
CA GLY J 208 -0.73 -48.01 -55.85
C GLY J 208 0.00 -48.92 -54.88
N TRP J 209 0.99 -48.37 -54.15
CA TRP J 209 1.77 -49.18 -53.23
C TRP J 209 2.09 -48.37 -51.98
N MET J 210 2.28 -49.11 -50.88
CA MET J 210 2.65 -48.51 -49.61
C MET J 210 3.44 -49.50 -48.77
N TYR J 211 3.12 -49.61 -47.48
CA TYR J 211 3.92 -50.41 -46.56
C TYR J 211 4.01 -51.87 -47.00
N SER J 212 2.93 -52.41 -47.59
CA SER J 212 2.89 -53.81 -47.94
C SER J 212 3.95 -54.20 -48.97
N THR J 213 4.61 -53.24 -49.62
CA THR J 213 5.64 -53.59 -50.58
C THR J 213 6.90 -54.13 -49.91
N ASP J 214 7.16 -53.72 -48.66
CA ASP J 214 8.29 -54.29 -47.92
C ASP J 214 8.06 -55.75 -47.56
N LEU J 215 6.81 -56.16 -47.37
CA LEU J 215 6.53 -57.53 -46.97
C LEU J 215 6.55 -58.46 -48.18
N TRP J 216 6.24 -57.94 -49.37
CA TRP J 216 6.48 -58.69 -50.59
C TRP J 216 7.96 -59.05 -50.73
N SER J 217 8.84 -58.07 -50.53
CA SER J 217 10.28 -58.33 -50.64
C SER J 217 10.70 -59.34 -49.59
N MET J 218 10.12 -59.26 -48.39
CA MET J 218 10.40 -60.26 -47.38
C MET J 218 9.95 -61.65 -47.82
N GLY J 219 8.87 -61.73 -48.60
CA GLY J 219 8.46 -63.02 -49.15
C GLY J 219 9.52 -63.63 -50.04
N CYS J 220 10.07 -62.83 -50.96
CA CYS J 220 11.08 -63.34 -51.89
C CYS J 220 12.42 -63.52 -51.19
N ILE J 221 12.70 -62.72 -50.16
CA ILE J 221 13.94 -62.90 -49.40
C ILE J 221 13.90 -64.21 -48.63
N ILE J 222 12.77 -64.51 -47.99
CA ILE J 222 12.65 -65.74 -47.21
C ILE J 222 12.72 -66.96 -48.11
N TYR J 223 12.10 -66.90 -49.29
CA TYR J 223 12.26 -67.97 -50.28
C TYR J 223 13.75 -68.20 -50.59
N GLU J 224 14.50 -67.11 -50.77
CA GLU J 224 15.89 -67.22 -51.16
C GLU J 224 16.76 -67.72 -50.01
N LEU J 225 16.44 -67.33 -48.78
CA LEU J 225 17.23 -67.77 -47.64
C LEU J 225 17.06 -69.26 -47.35
N TYR J 226 15.91 -69.83 -47.71
CA TYR J 226 15.62 -71.23 -47.42
C TYR J 226 15.98 -72.17 -48.56
N THR J 227 15.85 -71.69 -49.81
CA THR J 227 16.19 -72.50 -50.97
C THR J 227 17.55 -72.19 -51.57
N GLY J 228 18.13 -71.01 -51.31
CA GLY J 228 19.40 -70.57 -51.89
C GLY J 228 19.32 -70.04 -53.30
N LYS J 229 18.11 -69.81 -53.77
CA LYS J 229 17.72 -69.55 -55.13
C LYS J 229 16.91 -68.25 -55.20
N LEU J 230 17.11 -67.46 -56.26
CA LEU J 230 16.25 -66.31 -56.45
C LEU J 230 14.86 -66.79 -56.79
N LEU J 231 13.84 -66.18 -56.17
CA LEU J 231 12.48 -66.54 -56.56
C LEU J 231 12.15 -66.00 -57.94
N TYR J 232 12.66 -64.80 -58.24
CA TYR J 232 12.45 -64.13 -59.52
C TYR J 232 13.79 -63.60 -60.03
N ASP J 233 14.50 -64.41 -60.82
CA ASP J 233 15.73 -63.97 -61.47
C ASP J 233 15.35 -63.49 -62.86
N THR J 234 15.00 -62.22 -62.94
CA THR J 234 14.40 -61.64 -64.14
C THR J 234 14.89 -60.22 -64.30
N HIS J 235 14.97 -59.78 -65.56
CA HIS J 235 15.25 -58.38 -65.86
C HIS J 235 14.16 -57.77 -66.73
N ASP J 236 13.01 -58.44 -66.85
CA ASP J 236 11.94 -58.06 -67.76
C ASP J 236 10.60 -58.08 -67.04
N ASN J 237 9.82 -57.01 -67.21
CA ASN J 237 8.51 -56.92 -66.58
C ASN J 237 7.62 -58.07 -67.00
N LEU J 238 7.58 -58.36 -68.31
CA LEU J 238 6.65 -59.36 -68.83
C LEU J 238 7.05 -60.76 -68.39
N GLU J 239 8.35 -61.03 -68.33
CA GLU J 239 8.80 -62.31 -67.79
C GLU J 239 8.53 -62.39 -66.29
N HIS J 240 8.76 -61.28 -65.58
CA HIS J 240 8.52 -61.24 -64.14
C HIS J 240 7.08 -61.62 -63.82
N LEU J 241 6.12 -61.03 -64.53
CA LEU J 241 4.71 -61.27 -64.22
C LEU J 241 4.31 -62.70 -64.55
N HIS J 242 4.82 -63.26 -65.65
CA HIS J 242 4.56 -64.65 -65.95
C HIS J 242 5.19 -65.56 -64.91
N LEU J 243 6.36 -65.18 -64.40
CA LEU J 243 6.98 -65.96 -63.34
C LEU J 243 6.13 -65.91 -62.08
N MET J 244 5.54 -64.75 -61.78
CA MET J 244 4.61 -64.65 -60.67
C MET J 244 3.41 -65.57 -60.86
N GLU J 245 2.90 -65.66 -62.09
CA GLU J 245 1.73 -66.49 -62.34
C GLU J 245 2.00 -67.98 -62.09
N LYS J 246 3.17 -68.48 -62.47
CA LYS J 246 3.53 -69.88 -62.26
C LYS J 246 4.03 -70.13 -60.82
N THR J 247 4.57 -69.11 -60.12
CA THR J 247 4.98 -69.37 -58.74
C THR J 247 3.83 -69.20 -57.76
N LEU J 248 2.87 -68.31 -58.03
CA LEU J 248 1.86 -67.98 -57.04
C LEU J 248 0.42 -68.14 -57.52
N GLY J 249 0.18 -68.02 -58.81
CA GLY J 249 -1.16 -68.01 -59.37
C GLY J 249 -1.40 -66.76 -60.17
N ARG J 250 -2.49 -66.78 -60.93
CA ARG J 250 -2.67 -65.67 -61.85
C ARG J 250 -2.88 -64.36 -61.16
N LEU J 251 -2.62 -63.33 -61.93
CA LEU J 251 -2.95 -62.02 -61.50
C LEU J 251 -4.46 -61.87 -61.44
N PRO J 252 -4.97 -61.07 -60.51
CA PRO J 252 -6.39 -60.81 -60.46
C PRO J 252 -6.86 -60.20 -61.78
N ALA J 253 -8.08 -60.55 -62.17
CA ALA J 253 -8.57 -60.17 -63.49
C ALA J 253 -8.70 -58.66 -63.66
N ASP J 254 -8.96 -57.92 -62.58
CA ASP J 254 -9.15 -56.47 -62.70
C ASP J 254 -7.85 -55.70 -62.85
N TRP J 255 -6.69 -56.36 -62.76
CA TRP J 255 -5.43 -55.64 -62.72
C TRP J 255 -5.15 -54.89 -64.03
N SER J 256 -5.57 -55.43 -65.18
CA SER J 256 -5.25 -54.78 -66.45
C SER J 256 -5.97 -53.45 -66.62
N VAL J 257 -7.05 -53.21 -65.88
CA VAL J 257 -7.73 -51.93 -65.94
C VAL J 257 -7.17 -50.92 -64.94
N ARG J 258 -6.51 -51.38 -63.88
CA ARG J 258 -6.08 -50.48 -62.82
C ARG J 258 -4.57 -50.19 -62.88
N CYS J 259 -3.89 -50.58 -63.95
CA CYS J 259 -2.47 -50.29 -64.03
C CYS J 259 -2.26 -48.79 -64.16
N GLY J 260 -1.16 -48.31 -63.59
CA GLY J 260 -1.02 -46.88 -63.38
C GLY J 260 -0.23 -46.08 -64.38
N THR J 261 0.43 -46.74 -65.35
CA THR J 261 1.25 -46.06 -66.34
C THR J 261 1.01 -46.58 -67.76
N GLN J 262 1.51 -45.78 -68.69
CA GLN J 262 1.61 -46.08 -70.12
C GLN J 262 2.16 -47.48 -70.33
N GLU J 263 3.23 -47.78 -69.59
CA GLU J 263 4.00 -49.01 -69.70
C GLU J 263 3.27 -50.18 -69.08
N ALA J 264 2.69 -49.96 -67.89
CA ALA J 264 2.03 -51.06 -67.17
C ALA J 264 0.82 -51.54 -67.97
N ARG J 265 0.06 -50.57 -68.54
CA ARG J 265 -1.09 -50.90 -69.38
C ARG J 265 -0.71 -51.73 -70.59
N ASP J 266 0.50 -51.56 -71.16
CA ASP J 266 0.82 -52.28 -72.40
C ASP J 266 1.25 -53.73 -72.25
N LEU J 267 1.53 -54.22 -71.06
CA LEU J 267 1.79 -55.64 -70.88
C LEU J 267 0.56 -56.52 -70.69
N PHE J 268 -0.65 -56.01 -70.94
CA PHE J 268 -1.79 -56.89 -71.10
C PHE J 268 -2.38 -56.70 -72.49
N THR J 269 -3.10 -57.73 -72.96
CA THR J 269 -3.85 -57.63 -74.21
C THR J 269 -5.00 -56.61 -74.08
N ALA J 270 -5.66 -56.34 -75.20
CA ALA J 270 -6.93 -55.62 -75.16
C ALA J 270 -7.99 -56.38 -74.37
N ALA J 271 -7.95 -57.71 -74.36
CA ALA J 271 -8.90 -58.47 -73.55
C ALA J 271 -8.65 -58.27 -72.06
N GLY J 272 -7.39 -58.42 -71.64
CA GLY J 272 -7.04 -58.26 -70.24
C GLY J 272 -6.15 -59.39 -69.78
N THR J 273 -5.65 -60.16 -70.75
CA THR J 273 -4.77 -61.28 -70.46
C THR J 273 -3.32 -60.81 -70.57
N LEU J 274 -2.43 -61.55 -69.92
CA LEU J 274 -1.04 -61.16 -69.93
C LEU J 274 -0.46 -61.40 -71.32
N GLN J 275 0.42 -60.49 -71.74
CA GLN J 275 1.05 -60.66 -73.05
C GLN J 275 1.97 -61.86 -73.01
N PRO J 276 2.00 -62.68 -74.05
CA PRO J 276 2.94 -63.80 -74.08
C PRO J 276 4.35 -63.30 -74.40
N CYS J 277 5.34 -64.01 -73.85
CA CYS J 277 6.72 -63.79 -74.23
C CYS J 277 7.04 -64.69 -75.42
N LYS J 278 7.91 -64.21 -76.32
CA LYS J 278 8.32 -65.05 -77.43
C LYS J 278 9.84 -65.14 -77.46
N ASP J 279 10.52 -64.61 -76.46
CA ASP J 279 11.97 -64.75 -76.35
C ASP J 279 12.32 -66.09 -75.73
N PRO J 280 13.18 -66.89 -76.37
CA PRO J 280 13.47 -68.23 -75.84
C PRO J 280 14.17 -68.19 -74.50
N LYS J 281 14.74 -67.05 -74.14
CA LYS J 281 15.42 -66.90 -72.85
C LYS J 281 14.46 -66.85 -71.68
N HIS J 282 13.19 -66.52 -71.89
CA HIS J 282 12.23 -66.49 -70.83
C HIS J 282 11.20 -67.61 -70.85
N ILE J 283 10.83 -68.14 -72.02
CA ILE J 283 9.92 -69.29 -72.04
C ILE J 283 10.54 -70.45 -71.29
N ALA J 284 11.86 -70.62 -71.41
CA ALA J 284 12.52 -71.70 -70.69
C ALA J 284 12.47 -71.46 -69.18
N ARG J 285 12.78 -70.24 -68.74
CA ARG J 285 12.84 -69.99 -67.30
C ARG J 285 11.47 -70.03 -66.65
N ILE J 286 10.45 -69.51 -67.34
CA ILE J 286 9.09 -69.65 -66.80
C ILE J 286 8.66 -71.10 -66.80
N ALA J 287 9.02 -71.87 -67.83
CA ALA J 287 8.67 -73.27 -67.88
C ALA J 287 9.32 -74.07 -66.75
N ARG J 288 10.48 -73.60 -66.30
CA ARG J 288 11.39 -74.30 -65.40
C ARG J 288 11.09 -73.97 -63.96
N ALA J 289 10.46 -72.82 -63.76
CA ALA J 289 10.05 -72.34 -62.44
C ALA J 289 8.93 -73.22 -61.86
N ARG J 290 8.97 -73.47 -60.57
CA ARG J 290 7.92 -74.34 -60.06
C ARG J 290 7.13 -73.62 -58.98
N PRO J 291 5.89 -74.05 -58.73
CA PRO J 291 5.06 -73.33 -57.76
C PRO J 291 5.70 -73.31 -56.39
N VAL J 292 5.57 -72.17 -55.71
CA VAL J 292 6.01 -72.08 -54.32
C VAL J 292 5.39 -73.23 -53.51
N ARG J 293 4.16 -73.65 -53.82
CA ARG J 293 3.56 -74.76 -53.07
C ARG J 293 4.44 -75.95 -53.03
N GLU J 294 5.11 -76.15 -54.12
CA GLU J 294 5.81 -77.39 -54.28
C GLU J 294 7.28 -77.30 -53.93
N VAL J 295 7.81 -76.09 -53.85
CA VAL J 295 9.20 -75.96 -53.45
C VAL J 295 9.32 -75.88 -51.93
N ILE J 296 8.39 -75.20 -51.26
CA ILE J 296 8.45 -75.05 -49.81
C ILE J 296 7.73 -76.24 -49.19
N THR J 297 8.51 -77.22 -48.76
CA THR J 297 8.00 -78.44 -48.15
C THR J 297 7.41 -78.21 -46.77
N GLU J 298 7.98 -77.29 -46.03
CA GLU J 298 7.57 -77.00 -44.68
C GLU J 298 6.22 -76.30 -44.69
N PRO J 299 5.17 -76.88 -44.10
CA PRO J 299 3.83 -76.29 -44.26
C PRO J 299 3.69 -74.91 -43.63
N LEU J 300 4.34 -74.64 -42.50
CA LEU J 300 4.23 -73.32 -41.88
C LEU J 300 5.04 -72.28 -42.65
N LEU J 301 6.23 -72.64 -43.11
CA LEU J 301 7.00 -71.74 -43.97
C LEU J 301 6.28 -71.50 -45.28
N CYS J 302 5.59 -72.54 -45.77
CA CYS J 302 4.76 -72.42 -46.97
C CYS J 302 3.71 -71.33 -46.81
N ASP J 303 2.96 -71.37 -45.71
CA ASP J 303 1.94 -70.34 -45.46
C ASP J 303 2.54 -68.95 -45.32
N LEU J 304 3.70 -68.85 -44.65
CA LEU J 304 4.33 -67.55 -44.45
C LEU J 304 4.75 -66.94 -45.77
N ILE J 305 5.46 -67.70 -46.61
CA ILE J 305 5.93 -67.17 -47.89
C ILE J 305 4.75 -66.81 -48.78
N LEU J 306 3.77 -67.71 -48.86
CA LEU J 306 2.64 -67.50 -49.78
C LEU J 306 1.78 -66.32 -49.34
N ASN J 307 1.59 -66.14 -48.04
CA ASN J 307 0.80 -65.02 -47.54
C ASN J 307 1.62 -63.74 -47.40
N LEU J 308 2.94 -63.83 -47.53
CA LEU J 308 3.74 -62.62 -47.75
C LEU J 308 3.67 -62.17 -49.20
N LEU J 309 3.47 -63.10 -50.13
CA LEU J 309 3.37 -62.79 -51.54
C LEU J 309 1.93 -62.71 -52.01
N HIS J 310 1.02 -62.36 -51.10
CA HIS J 310 -0.38 -62.21 -51.46
C HIS J 310 -0.55 -61.05 -52.42
N TYR J 311 -1.31 -61.26 -53.49
CA TYR J 311 -1.58 -60.20 -54.45
C TYR J 311 -2.45 -59.11 -53.84
N ASP J 312 -3.29 -59.46 -52.88
CA ASP J 312 -4.13 -58.50 -52.18
C ASP J 312 -3.28 -57.83 -51.09
N ARG J 313 -3.10 -56.51 -51.21
CA ARG J 313 -2.19 -55.80 -50.33
C ARG J 313 -2.72 -55.68 -48.92
N GLN J 314 -4.03 -55.83 -48.71
CA GLN J 314 -4.54 -55.76 -47.35
C GLN J 314 -4.57 -57.12 -46.69
N ARG J 315 -4.64 -58.19 -47.47
CA ARG J 315 -4.50 -59.48 -46.84
C ARG J 315 -3.09 -60.00 -46.77
N ARG J 316 -2.20 -59.39 -47.51
CA ARG J 316 -0.80 -59.69 -47.38
C ARG J 316 -0.40 -59.44 -45.94
N LEU J 317 0.37 -60.37 -45.36
CA LEU J 317 0.78 -60.24 -43.98
C LEU J 317 1.58 -58.96 -43.80
N ASN J 318 1.39 -58.33 -42.65
CA ASN J 318 2.23 -57.20 -42.27
C ASN J 318 3.39 -57.70 -41.43
N ALA J 319 4.31 -56.77 -41.11
CA ALA J 319 5.51 -57.15 -40.40
C ALA J 319 5.19 -57.78 -39.04
N ARG J 320 4.19 -57.24 -38.34
CA ARG J 320 3.85 -57.78 -37.03
C ARG J 320 3.39 -59.22 -37.12
N GLN J 321 2.56 -59.54 -38.12
CA GLN J 321 2.12 -60.92 -38.30
C GLN J 321 3.28 -61.81 -38.72
N MET J 322 4.22 -61.27 -39.49
CA MET J 322 5.39 -62.04 -39.91
C MET J 322 6.20 -62.50 -38.71
N MET J 323 6.54 -61.57 -37.81
CA MET J 323 7.34 -61.93 -36.64
C MET J 323 6.58 -62.82 -35.66
N SER J 324 5.25 -62.84 -35.71
CA SER J 324 4.44 -63.66 -34.83
C SER J 324 3.84 -64.86 -35.53
N HIS J 325 4.35 -65.20 -36.72
CA HIS J 325 3.81 -66.32 -37.48
C HIS J 325 4.12 -67.63 -36.78
N ALA J 326 3.27 -68.64 -37.04
CA ALA J 326 3.44 -69.95 -36.43
C ALA J 326 4.78 -70.57 -36.76
N TYR J 327 5.33 -70.26 -37.94
CA TYR J 327 6.66 -70.77 -38.29
C TYR J 327 7.71 -70.29 -37.31
N VAL J 328 7.67 -69.01 -36.95
CA VAL J 328 8.63 -68.48 -35.99
C VAL J 328 8.44 -69.12 -34.62
N HIS J 329 7.20 -69.36 -34.23
CA HIS J 329 6.93 -69.92 -32.91
C HIS J 329 7.34 -71.38 -32.81
N LYS J 330 7.29 -72.12 -33.93
CA LYS J 330 7.66 -73.53 -33.86
C LYS J 330 9.17 -73.72 -33.80
N TYR J 331 9.90 -73.05 -34.70
CA TYR J 331 11.33 -73.26 -34.84
C TYR J 331 12.17 -72.25 -34.08
N PHE J 332 11.59 -71.15 -33.63
CA PHE J 332 12.26 -70.23 -32.70
C PHE J 332 11.35 -70.02 -31.49
N PRO J 333 11.08 -71.08 -30.72
CA PRO J 333 10.10 -70.97 -29.63
C PRO J 333 10.48 -69.96 -28.57
N GLU J 334 11.77 -69.70 -28.38
CA GLU J 334 12.21 -68.73 -27.38
C GLU J 334 11.93 -67.29 -27.79
N CYS J 335 11.43 -67.06 -29.01
CA CYS J 335 10.89 -65.75 -29.37
C CYS J 335 9.88 -65.22 -28.34
N ARG J 336 9.11 -66.10 -27.69
CA ARG J 336 8.03 -65.64 -26.83
C ARG J 336 8.52 -64.98 -25.55
N GLN J 337 9.76 -65.25 -25.14
CA GLN J 337 10.34 -64.57 -23.99
C GLN J 337 11.25 -63.42 -24.40
N HIS J 338 11.32 -63.10 -25.68
CA HIS J 338 12.13 -61.97 -26.13
C HIS J 338 11.38 -60.67 -25.88
N PRO J 339 12.07 -59.62 -25.45
CA PRO J 339 11.37 -58.35 -25.13
C PRO J 339 10.66 -57.73 -26.32
N ASN J 340 10.93 -58.16 -27.55
CA ASN J 340 10.26 -57.62 -28.71
C ASN J 340 9.04 -58.44 -29.12
N HIS J 341 8.83 -59.62 -28.55
CA HIS J 341 7.64 -60.39 -28.85
C HIS J 341 6.39 -59.60 -28.46
N VAL J 342 5.36 -59.67 -29.32
CA VAL J 342 4.20 -58.79 -29.19
C VAL J 342 3.48 -58.99 -27.86
N ASP J 343 3.49 -60.20 -27.32
CA ASP J 343 2.78 -60.44 -26.06
C ASP J 343 3.56 -59.95 -24.85
N ASN J 344 4.78 -59.48 -25.02
CA ASN J 344 5.57 -58.91 -23.94
C ASN J 344 5.67 -57.40 -24.03
N ARG J 345 4.90 -56.77 -24.90
CA ARG J 345 4.93 -55.33 -25.10
C ARG J 345 3.60 -54.72 -24.73
N SER J 346 3.60 -53.39 -24.65
CA SER J 346 2.34 -52.67 -24.52
C SER J 346 1.52 -52.81 -25.81
N LYS J 347 0.31 -52.26 -25.75
CA LYS J 347 -0.58 -52.14 -26.90
C LYS J 347 0.15 -51.33 -27.97
N LEU J 348 0.30 -51.89 -29.16
CA LEU J 348 1.09 -51.23 -30.20
C LEU J 348 0.20 -50.37 -31.09
N PRO J 349 0.77 -49.41 -31.82
CA PRO J 349 -0.01 -48.71 -32.84
C PRO J 349 -0.58 -49.70 -33.84
N PRO J 350 -1.66 -49.35 -34.53
CA PRO J 350 -2.25 -50.30 -35.47
C PRO J 350 -1.28 -50.61 -36.61
N THR J 351 -1.36 -51.84 -37.10
CA THR J 351 -0.59 -52.22 -38.27
C THR J 351 -1.08 -51.41 -39.47
N PRO J 352 -0.24 -51.24 -40.48
CA PRO J 352 -0.69 -50.49 -41.66
C PRO J 352 -1.85 -51.19 -42.34
N VAL J 353 -2.69 -50.38 -42.97
CA VAL J 353 -3.66 -50.84 -43.95
C VAL J 353 -2.95 -50.78 -45.28
N MET J 354 -2.68 -51.95 -45.88
CA MET J 354 -1.96 -52.05 -47.15
C MET J 354 -0.62 -51.27 -47.21
N GLY K 16 -18.66 -42.05 -26.11
CA GLY K 16 -18.22 -43.29 -25.50
C GLY K 16 -17.11 -43.09 -24.49
N ARG K 17 -15.90 -42.83 -24.98
CA ARG K 17 -14.77 -42.61 -24.08
C ARG K 17 -14.49 -41.13 -23.84
N PHE K 18 -14.73 -40.28 -24.83
CA PHE K 18 -14.45 -38.85 -24.74
C PHE K 18 -15.76 -38.09 -24.74
N LYS K 19 -16.01 -37.33 -23.68
CA LYS K 19 -17.20 -36.52 -23.56
C LYS K 19 -16.85 -35.05 -23.79
N ILE K 20 -17.54 -34.43 -24.73
CA ILE K 20 -17.27 -33.04 -25.07
C ILE K 20 -17.82 -32.14 -23.96
N LEU K 21 -17.00 -31.21 -23.50
CA LEU K 21 -17.41 -30.30 -22.43
C LEU K 21 -17.69 -28.89 -22.97
N SER K 22 -16.69 -28.21 -23.52
CA SER K 22 -16.91 -26.88 -24.08
C SER K 22 -16.13 -26.75 -25.39
N LEU K 23 -16.47 -25.71 -26.15
CA LEU K 23 -15.76 -25.36 -27.38
C LEU K 23 -14.69 -24.31 -27.08
N LEU K 24 -13.44 -24.65 -27.39
CA LEU K 24 -12.31 -23.75 -27.14
C LEU K 24 -12.01 -22.83 -28.31
N GLY K 25 -12.25 -23.28 -29.53
CA GLY K 25 -12.00 -22.47 -30.70
C GLY K 25 -12.51 -23.16 -31.94
N GLU K 26 -12.68 -22.37 -33.00
CA GLU K 26 -13.33 -22.84 -34.21
C GLU K 26 -12.66 -22.18 -35.41
N GLY K 27 -12.59 -22.91 -36.51
CA GLY K 27 -11.96 -22.38 -37.70
C GLY K 27 -12.19 -23.20 -38.93
N THR K 28 -11.35 -22.91 -39.94
CA THR K 28 -11.32 -23.65 -41.21
C THR K 28 -11.23 -25.15 -40.98
N PHE K 29 -10.19 -25.56 -40.24
CA PHE K 29 -9.94 -26.98 -39.98
C PHE K 29 -11.12 -27.69 -39.37
N GLY K 30 -11.82 -27.04 -38.45
CA GLY K 30 -12.85 -27.69 -37.67
C GLY K 30 -12.93 -27.08 -36.29
N LYS K 31 -12.93 -27.93 -35.25
CA LYS K 31 -13.11 -27.46 -33.89
C LYS K 31 -12.08 -28.08 -32.96
N VAL K 32 -11.75 -27.32 -31.91
CA VAL K 32 -11.03 -27.83 -30.75
C VAL K 32 -12.00 -27.72 -29.58
N VAL K 33 -12.28 -28.85 -28.94
CA VAL K 33 -13.20 -28.87 -27.83
C VAL K 33 -12.43 -29.35 -26.60
N GLU K 34 -12.84 -28.85 -25.44
CA GLU K 34 -12.38 -29.43 -24.18
C GLU K 34 -13.21 -30.67 -23.89
N ALA K 35 -12.53 -31.78 -23.59
CA ALA K 35 -13.20 -33.06 -23.40
C ALA K 35 -12.70 -33.74 -22.14
N TRP K 36 -13.54 -34.62 -21.61
CA TRP K 36 -13.21 -35.45 -20.46
C TRP K 36 -12.94 -36.87 -20.95
N ASP K 37 -11.74 -37.37 -20.66
CA ASP K 37 -11.39 -38.75 -20.99
C ASP K 37 -11.83 -39.63 -19.82
N ARG K 38 -12.87 -40.43 -20.03
CA ARG K 38 -13.40 -41.27 -18.97
C ARG K 38 -12.44 -42.39 -18.63
N LYS K 39 -11.54 -42.73 -19.54
CA LYS K 39 -10.60 -43.83 -19.34
C LYS K 39 -9.47 -43.53 -18.40
N ARG K 40 -9.03 -42.29 -18.38
CA ARG K 40 -7.86 -41.90 -17.60
C ARG K 40 -8.21 -40.81 -16.60
N LYS K 41 -9.43 -40.28 -16.65
CA LYS K 41 -10.00 -39.27 -15.74
C LYS K 41 -9.15 -38.01 -15.85
N GLU K 42 -9.27 -37.29 -16.98
CA GLU K 42 -8.37 -36.19 -17.35
C GLU K 42 -9.22 -35.18 -18.10
N TYR K 43 -8.76 -33.96 -18.18
CA TYR K 43 -9.20 -33.09 -19.26
C TYR K 43 -8.21 -33.12 -20.43
N CYS K 44 -8.74 -32.92 -21.63
CA CYS K 44 -7.94 -32.95 -22.85
C CYS K 44 -8.50 -31.94 -23.83
N ALA K 45 -7.68 -31.60 -24.83
CA ALA K 45 -8.15 -30.89 -26.01
C ALA K 45 -8.24 -31.86 -27.17
N VAL K 46 -9.34 -31.79 -27.92
CA VAL K 46 -9.58 -32.67 -29.05
C VAL K 46 -9.82 -31.81 -30.28
N LYS K 47 -9.00 -31.99 -31.31
CA LYS K 47 -9.18 -31.31 -32.58
C LYS K 47 -10.08 -32.19 -33.45
N ILE K 48 -11.28 -31.70 -33.74
CA ILE K 48 -12.25 -32.42 -34.54
C ILE K 48 -12.21 -31.79 -35.93
N VAL K 49 -11.60 -32.49 -36.88
CA VAL K 49 -11.43 -31.97 -38.23
C VAL K 49 -12.72 -32.20 -39.01
N ARG K 50 -13.11 -31.20 -39.81
CA ARG K 50 -14.35 -31.30 -40.59
C ARG K 50 -14.32 -32.52 -41.51
N ASN K 51 -15.48 -33.12 -41.71
CA ASN K 51 -15.60 -34.42 -42.37
C ASN K 51 -15.59 -34.25 -43.89
N VAL K 52 -14.45 -33.85 -44.40
CA VAL K 52 -14.27 -33.71 -45.85
C VAL K 52 -13.00 -34.45 -46.23
N PRO K 53 -12.93 -35.05 -47.42
CA PRO K 53 -11.76 -35.88 -47.74
C PRO K 53 -10.42 -35.18 -47.67
N LYS K 54 -10.30 -33.92 -48.08
CA LYS K 54 -8.97 -33.30 -48.08
C LYS K 54 -8.54 -32.83 -46.71
N TYR K 55 -9.47 -32.58 -45.80
CA TYR K 55 -9.06 -32.29 -44.44
C TYR K 55 -8.72 -33.57 -43.68
N THR K 56 -9.46 -34.65 -43.93
CA THR K 56 -9.14 -35.93 -43.31
C THR K 56 -7.76 -36.39 -43.73
N ARG K 57 -7.37 -36.00 -44.93
CA ARG K 57 -6.19 -36.58 -45.51
C ARG K 57 -4.96 -35.81 -45.05
N ASP K 58 -5.08 -34.49 -44.85
CA ASP K 58 -4.05 -33.68 -44.18
C ASP K 58 -4.11 -33.75 -42.65
N ALA K 59 -5.23 -34.19 -42.07
CA ALA K 59 -5.25 -34.48 -40.64
C ALA K 59 -4.44 -35.73 -40.34
N LYS K 60 -4.55 -36.75 -41.19
CA LYS K 60 -3.72 -37.94 -41.01
C LYS K 60 -2.25 -37.63 -41.21
N ILE K 61 -1.94 -36.69 -42.10
CA ILE K 61 -0.57 -36.23 -42.27
C ILE K 61 -0.10 -35.47 -41.03
N GLU K 62 -0.95 -34.56 -40.53
CA GLU K 62 -0.61 -33.82 -39.31
C GLU K 62 -0.35 -34.78 -38.14
N ILE K 63 -1.16 -35.83 -38.03
CA ILE K 63 -1.00 -36.79 -36.93
C ILE K 63 0.37 -37.46 -37.00
N GLN K 64 0.79 -37.85 -38.20
CA GLN K 64 2.07 -38.55 -38.34
C GLN K 64 3.24 -37.64 -37.97
N PHE K 65 3.17 -36.36 -38.34
CA PHE K 65 4.19 -35.43 -37.90
C PHE K 65 4.16 -35.23 -36.39
N MET K 66 2.98 -35.32 -35.78
CA MET K 66 2.87 -35.13 -34.33
C MET K 66 3.46 -36.31 -33.58
N GLU K 67 3.25 -37.53 -34.09
CA GLU K 67 3.82 -38.71 -33.46
C GLU K 67 5.34 -38.76 -33.60
N ARG K 68 5.89 -38.09 -34.61
CA ARG K 68 7.34 -38.10 -34.78
C ARG K 68 8.01 -37.23 -33.73
N VAL K 69 7.36 -36.14 -33.31
CA VAL K 69 7.84 -35.38 -32.17
C VAL K 69 7.66 -36.19 -30.89
N ARG K 70 6.49 -36.80 -30.74
CA ARG K 70 6.20 -37.59 -29.55
C ARG K 70 7.17 -38.76 -29.41
N LEU K 71 7.48 -39.43 -30.53
CA LEU K 71 8.38 -40.57 -30.50
C LEU K 71 9.83 -40.17 -30.25
N SER K 72 10.24 -38.99 -30.74
CA SER K 72 11.63 -38.58 -30.61
C SER K 72 11.92 -37.90 -29.28
N ASP K 73 11.07 -36.95 -28.89
CA ASP K 73 11.22 -36.25 -27.60
C ASP K 73 10.42 -37.03 -26.55
N VAL K 74 10.98 -38.17 -26.14
CA VAL K 74 10.23 -39.09 -25.28
C VAL K 74 10.07 -38.51 -23.88
N GLU K 75 10.94 -37.59 -23.47
CA GLU K 75 10.86 -37.03 -22.13
C GLU K 75 10.36 -35.59 -22.15
N ASP K 76 9.66 -35.19 -23.22
CA ASP K 76 8.97 -33.91 -23.32
C ASP K 76 9.85 -32.72 -22.88
N ARG K 77 11.06 -32.67 -23.41
CA ARG K 77 11.97 -31.58 -23.07
C ARG K 77 11.79 -30.37 -23.96
N PHE K 78 11.19 -30.53 -25.13
CA PHE K 78 11.14 -29.34 -25.94
C PHE K 78 9.68 -28.91 -26.12
N PRO K 79 9.44 -27.59 -26.16
CA PRO K 79 8.06 -27.06 -26.18
C PRO K 79 7.36 -27.21 -27.53
N LEU K 80 7.40 -28.41 -28.09
CA LEU K 80 6.52 -28.78 -29.18
C LEU K 80 5.35 -29.55 -28.59
N MET K 81 4.18 -29.40 -29.18
CA MET K 81 2.97 -30.03 -28.65
C MET K 81 3.06 -31.55 -28.75
N LYS K 82 2.41 -32.30 -27.84
CA LYS K 82 2.48 -33.76 -28.00
C LYS K 82 1.07 -34.26 -28.26
N ILE K 83 0.86 -34.93 -29.39
CA ILE K 83 -0.36 -35.69 -29.56
C ILE K 83 -0.47 -36.75 -28.46
N GLN K 84 -1.69 -37.02 -27.95
CA GLN K 84 -1.84 -38.08 -26.95
C GLN K 84 -2.39 -39.41 -27.51
N ARG K 85 -3.51 -39.44 -28.24
CA ARG K 85 -3.73 -40.44 -29.30
C ARG K 85 -4.76 -39.87 -30.24
N TYR K 86 -5.20 -40.73 -31.15
CA TYR K 86 -6.13 -40.31 -32.17
C TYR K 86 -7.02 -41.47 -32.60
N PHE K 87 -8.13 -41.11 -33.24
CA PHE K 87 -9.07 -42.07 -33.78
C PHE K 87 -9.95 -41.39 -34.84
N GLN K 88 -10.69 -42.21 -35.59
CA GLN K 88 -11.68 -41.70 -36.54
C GLN K 88 -13.08 -41.84 -35.94
N ASN K 89 -13.80 -40.72 -35.88
CA ASN K 89 -15.11 -40.65 -35.26
C ASN K 89 -16.15 -41.45 -36.06
N GLU K 90 -17.34 -41.50 -35.46
CA GLU K 90 -18.48 -42.23 -36.02
C GLU K 90 -19.03 -41.56 -37.28
N THR K 91 -18.76 -40.29 -37.46
CA THR K 91 -19.13 -39.53 -38.64
C THR K 91 -17.99 -39.32 -39.61
N GLY K 92 -16.86 -39.98 -39.40
CA GLY K 92 -15.72 -39.83 -40.30
C GLY K 92 -14.81 -38.68 -39.96
N HIS K 93 -15.16 -37.86 -38.98
CA HIS K 93 -14.29 -36.78 -38.55
C HIS K 93 -13.03 -37.35 -37.90
N MET K 94 -11.86 -36.87 -38.34
CA MET K 94 -10.63 -37.18 -37.63
C MET K 94 -10.59 -36.42 -36.31
N CYS K 95 -10.23 -37.11 -35.24
CA CYS K 95 -10.21 -36.53 -33.91
C CYS K 95 -8.84 -36.73 -33.30
N ILE K 96 -8.17 -35.63 -32.98
CA ILE K 96 -6.82 -35.64 -32.46
C ILE K 96 -6.88 -35.23 -30.99
N VAL K 97 -6.54 -36.15 -30.10
CA VAL K 97 -6.57 -35.89 -28.67
C VAL K 97 -5.20 -35.38 -28.25
N MET K 98 -5.19 -34.29 -27.50
CA MET K 98 -3.96 -33.61 -27.11
C MET K 98 -4.11 -33.12 -25.68
N PRO K 99 -3.04 -32.68 -25.02
CA PRO K 99 -3.21 -32.03 -23.72
C PRO K 99 -3.92 -30.71 -23.92
N LYS K 100 -4.57 -30.24 -22.85
CA LYS K 100 -5.27 -28.98 -22.89
C LYS K 100 -4.31 -27.88 -22.45
N TYR K 101 -4.00 -26.98 -23.36
CA TYR K 101 -3.13 -25.84 -23.10
C TYR K 101 -3.98 -24.58 -22.95
N GLY K 102 -3.35 -23.40 -23.05
CA GLY K 102 -4.07 -22.16 -22.91
C GLY K 102 -4.30 -21.51 -24.27
N PRO K 103 -4.68 -20.23 -24.26
CA PRO K 103 -4.97 -19.54 -25.52
C PRO K 103 -3.69 -19.13 -26.25
N CYS K 104 -3.84 -18.86 -27.54
CA CYS K 104 -2.72 -18.44 -28.36
C CYS K 104 -2.14 -17.12 -27.86
N LEU K 105 -0.89 -16.87 -28.26
CA LEU K 105 -0.25 -15.59 -27.95
C LEU K 105 -1.02 -14.41 -28.55
N LEU K 106 -1.66 -14.60 -29.70
CA LEU K 106 -2.42 -13.51 -30.30
C LEU K 106 -3.54 -13.03 -29.39
N ASP K 107 -4.26 -13.97 -28.76
CA ASP K 107 -5.33 -13.59 -27.85
C ASP K 107 -4.80 -12.74 -26.71
N TRP K 108 -3.59 -13.02 -26.24
CA TRP K 108 -3.03 -12.24 -25.13
C TRP K 108 -2.71 -10.82 -25.57
N ILE K 109 -1.98 -10.66 -26.68
CA ILE K 109 -1.59 -9.31 -27.09
C ILE K 109 -2.80 -8.50 -27.49
N MET K 110 -3.85 -9.13 -28.00
CA MET K 110 -5.05 -8.39 -28.36
C MET K 110 -5.86 -8.01 -27.14
N LYS K 111 -5.78 -8.80 -26.07
CA LYS K 111 -6.53 -8.49 -24.86
C LYS K 111 -5.71 -7.67 -23.87
N HIS K 112 -4.44 -7.98 -23.68
CA HIS K 112 -3.64 -7.33 -22.66
C HIS K 112 -2.53 -6.45 -23.21
N GLY K 113 -2.34 -6.41 -24.53
CA GLY K 113 -1.27 -5.64 -25.12
C GLY K 113 0.02 -6.44 -25.21
N PRO K 114 1.10 -5.78 -25.61
CA PRO K 114 2.36 -6.50 -25.82
C PRO K 114 2.97 -7.03 -24.52
N PHE K 115 3.79 -8.06 -24.67
CA PHE K 115 4.51 -8.64 -23.55
C PHE K 115 5.64 -7.72 -23.09
N ASN K 116 6.02 -7.84 -21.82
CA ASN K 116 7.20 -7.15 -21.34
C ASN K 116 8.47 -7.90 -21.76
N HIS K 117 9.62 -7.26 -21.53
CA HIS K 117 10.89 -7.78 -22.04
C HIS K 117 11.19 -9.18 -21.50
N ARG K 118 10.90 -9.42 -20.22
CA ARG K 118 11.21 -10.72 -19.63
C ARG K 118 10.40 -11.83 -20.31
N HIS K 119 9.08 -11.65 -20.40
CA HIS K 119 8.23 -12.69 -20.97
C HIS K 119 8.49 -12.85 -22.46
N LEU K 120 8.84 -11.77 -23.15
CA LEU K 120 9.25 -11.90 -24.54
C LEU K 120 10.52 -12.75 -24.65
N ALA K 121 11.49 -12.53 -23.77
CA ALA K 121 12.71 -13.33 -23.77
C ALA K 121 12.42 -14.78 -23.47
N GLN K 122 11.48 -15.05 -22.56
CA GLN K 122 11.15 -16.44 -22.24
C GLN K 122 10.48 -17.13 -23.42
N ILE K 123 9.62 -16.42 -24.14
CA ILE K 123 8.99 -17.00 -25.32
C ILE K 123 10.02 -17.27 -26.40
N ILE K 124 10.92 -16.30 -26.63
CA ILE K 124 11.98 -16.46 -27.63
C ILE K 124 12.89 -17.63 -27.27
N PHE K 125 13.20 -17.80 -25.98
CA PHE K 125 14.04 -18.90 -25.55
C PHE K 125 13.39 -20.25 -25.86
N GLN K 126 12.11 -20.39 -25.54
CA GLN K 126 11.43 -21.66 -25.74
C GLN K 126 11.26 -21.97 -27.22
N VAL K 127 10.75 -21.00 -27.99
CA VAL K 127 10.57 -21.22 -29.42
C VAL K 127 11.91 -21.49 -30.09
N GLY K 128 12.96 -20.79 -29.66
CA GLY K 128 14.28 -21.07 -30.17
C GLY K 128 14.71 -22.51 -29.89
N ALA K 129 14.51 -22.96 -28.65
CA ALA K 129 14.87 -24.33 -28.30
C ALA K 129 14.02 -25.34 -29.07
N ALA K 130 12.73 -25.04 -29.25
CA ALA K 130 11.87 -25.95 -30.00
C ALA K 130 12.27 -26.01 -31.47
N LEU K 131 12.56 -24.85 -32.07
CA LEU K 131 12.88 -24.82 -33.49
C LEU K 131 14.24 -25.46 -33.75
N ASP K 132 15.19 -25.28 -32.82
CA ASP K 132 16.51 -25.88 -32.99
C ASP K 132 16.44 -27.40 -32.89
N TYR K 133 15.55 -27.91 -32.03
CA TYR K 133 15.31 -29.34 -32.00
C TYR K 133 14.66 -29.80 -33.30
N PHE K 134 13.65 -29.05 -33.75
CA PHE K 134 12.98 -29.37 -35.00
C PHE K 134 13.95 -29.38 -36.18
N HIS K 135 14.82 -28.36 -36.25
CA HIS K 135 15.66 -28.18 -37.43
C HIS K 135 16.84 -29.15 -37.45
N THR K 136 17.50 -29.36 -36.31
CA THR K 136 18.76 -30.09 -36.30
C THR K 136 18.64 -31.52 -35.80
N GLU K 137 17.55 -31.87 -35.12
CA GLU K 137 17.32 -33.24 -34.69
C GLU K 137 16.25 -33.96 -35.49
N LEU K 138 15.16 -33.27 -35.84
CA LEU K 138 14.14 -33.87 -36.69
C LEU K 138 14.33 -33.52 -38.16
N HIS K 139 15.13 -32.49 -38.47
CA HIS K 139 15.34 -32.03 -39.84
C HIS K 139 14.02 -31.71 -40.52
N LEU K 140 13.20 -30.91 -39.83
CA LEU K 140 11.92 -30.46 -40.34
C LEU K 140 11.83 -28.96 -40.21
N MET K 141 11.05 -28.34 -41.11
CA MET K 141 10.66 -26.96 -40.99
C MET K 141 9.18 -26.89 -40.64
N HIS K 142 8.82 -25.91 -39.80
CA HIS K 142 7.41 -25.71 -39.46
C HIS K 142 6.68 -25.00 -40.59
N THR K 143 7.25 -23.90 -41.07
CA THR K 143 6.80 -23.11 -42.22
C THR K 143 5.51 -22.34 -41.97
N ASP K 144 4.83 -22.57 -40.84
CA ASP K 144 3.58 -21.88 -40.59
C ASP K 144 3.51 -21.41 -39.15
N LEU K 145 4.60 -20.80 -38.67
CA LEU K 145 4.62 -20.24 -37.32
C LEU K 145 3.81 -18.96 -37.30
N LYS K 146 3.01 -18.80 -36.26
CA LYS K 146 2.08 -17.70 -36.21
C LYS K 146 1.81 -17.46 -34.74
N PRO K 147 1.52 -16.23 -34.32
CA PRO K 147 1.07 -16.06 -32.93
C PRO K 147 -0.22 -16.79 -32.59
N GLU K 148 -1.03 -17.15 -33.59
CA GLU K 148 -2.28 -17.84 -33.36
C GLU K 148 -2.08 -19.34 -33.10
N ASN K 149 -0.93 -19.92 -33.46
CA ASN K 149 -0.66 -21.33 -33.17
C ASN K 149 0.54 -21.53 -32.25
N ILE K 150 1.04 -20.47 -31.62
CA ILE K 150 1.94 -20.60 -30.49
C ILE K 150 1.09 -20.40 -29.24
N LEU K 151 0.87 -21.47 -28.48
CA LEU K 151 -0.06 -21.42 -27.37
C LEU K 151 0.69 -21.30 -26.04
N MET K 152 0.12 -20.52 -25.13
CA MET K 152 0.56 -20.56 -23.74
C MET K 152 0.22 -21.92 -23.13
N GLU K 153 1.13 -22.44 -22.33
CA GLU K 153 0.90 -23.73 -21.67
C GLU K 153 -0.34 -23.69 -20.79
N SER K 154 -0.56 -22.57 -20.09
CA SER K 154 -1.70 -22.42 -19.20
C SER K 154 -2.37 -21.07 -19.42
N GLY K 155 -3.67 -21.01 -19.12
CA GLY K 155 -4.40 -19.78 -19.24
C GLY K 155 -4.55 -19.01 -17.94
N ASP K 156 -3.61 -19.20 -17.03
CA ASP K 156 -3.68 -18.53 -15.73
C ASP K 156 -2.98 -17.18 -15.79
N THR K 157 -3.49 -16.23 -15.01
CA THR K 157 -2.97 -14.87 -15.02
C THR K 157 -2.87 -14.30 -13.61
N SER K 158 -1.88 -13.42 -13.45
CA SER K 158 -1.56 -12.59 -12.28
C SER K 158 -1.84 -11.13 -12.52
N VAL K 159 -1.78 -10.41 -11.41
CA VAL K 159 -1.83 -8.97 -11.42
C VAL K 159 -0.44 -8.46 -11.09
N ASP K 160 0.12 -7.69 -11.99
CA ASP K 160 1.36 -7.00 -11.71
C ASP K 160 1.10 -5.99 -10.60
N PRO K 161 1.75 -6.11 -9.44
CA PRO K 161 1.36 -5.26 -8.30
C PRO K 161 1.56 -3.76 -8.53
N MET K 162 2.51 -3.36 -9.37
CA MET K 162 2.73 -1.94 -9.61
C MET K 162 1.94 -1.41 -10.79
N THR K 163 1.92 -2.14 -11.91
CA THR K 163 1.21 -1.66 -13.08
C THR K 163 -0.26 -2.02 -13.04
N HIS K 164 -0.63 -3.00 -12.21
CA HIS K 164 -1.98 -3.53 -12.11
C HIS K 164 -2.42 -4.19 -13.40
N ARG K 165 -1.51 -4.35 -14.35
CA ARG K 165 -1.77 -5.02 -15.60
C ARG K 165 -1.59 -6.53 -15.43
N ALA K 166 -2.09 -7.28 -16.42
CA ALA K 166 -2.09 -8.73 -16.32
C ALA K 166 -0.72 -9.30 -16.66
N LEU K 167 -0.32 -10.28 -15.89
CA LEU K 167 0.89 -11.01 -16.14
C LEU K 167 0.58 -12.44 -16.54
N PRO K 168 1.31 -13.01 -17.49
CA PRO K 168 1.17 -14.43 -17.80
C PRO K 168 1.80 -15.25 -16.69
N PRO K 169 1.68 -16.59 -16.73
CA PRO K 169 2.36 -17.41 -15.71
C PRO K 169 3.86 -17.15 -15.71
N GLU K 170 4.47 -17.41 -14.56
CA GLU K 170 5.93 -17.26 -14.42
C GLU K 170 6.53 -18.60 -14.03
N PRO K 171 7.26 -19.28 -14.93
CA PRO K 171 7.59 -18.78 -16.27
C PRO K 171 6.42 -18.91 -17.22
N CYS K 172 6.40 -18.09 -18.29
CA CYS K 172 5.30 -18.15 -19.27
C CYS K 172 5.67 -19.20 -20.30
N ARG K 173 5.34 -20.45 -19.98
CA ARG K 173 5.65 -21.56 -20.88
C ARG K 173 4.72 -21.52 -22.09
N VAL K 174 5.28 -21.77 -23.26
CA VAL K 174 4.50 -21.82 -24.48
C VAL K 174 4.69 -23.18 -25.15
N ARG K 175 3.84 -23.46 -26.13
CA ARG K 175 3.89 -24.70 -26.89
C ARG K 175 3.66 -24.36 -28.35
N ILE K 176 4.54 -24.85 -29.22
CA ILE K 176 4.33 -24.75 -30.65
C ILE K 176 3.49 -25.94 -31.08
N CYS K 177 2.34 -25.66 -31.69
CA CYS K 177 1.42 -26.68 -32.19
C CYS K 177 1.23 -26.43 -33.68
N ASP K 178 0.23 -27.08 -34.27
CA ASP K 178 -0.12 -26.93 -35.68
C ASP K 178 1.04 -27.38 -36.56
N LEU K 179 1.22 -28.70 -36.59
CA LEU K 179 2.28 -29.35 -37.36
C LEU K 179 1.81 -29.86 -38.71
N GLY K 180 0.64 -29.42 -39.18
CA GLY K 180 0.10 -29.94 -40.42
C GLY K 180 0.91 -29.53 -41.65
N GLY K 181 1.51 -28.35 -41.62
CA GLY K 181 2.20 -27.83 -42.79
C GLY K 181 3.70 -28.03 -42.75
N CYS K 182 4.14 -29.03 -42.01
CA CYS K 182 5.57 -29.29 -41.88
C CYS K 182 6.15 -29.82 -43.17
N CYS K 183 7.36 -29.36 -43.49
CA CYS K 183 8.08 -29.84 -44.66
C CYS K 183 9.44 -30.38 -44.23
N ASP K 184 10.14 -30.97 -45.18
CA ASP K 184 11.49 -31.48 -44.98
C ASP K 184 12.31 -31.06 -46.19
N GLU K 185 13.55 -31.51 -46.25
CA GLU K 185 14.49 -30.96 -47.21
C GLU K 185 14.16 -31.34 -48.65
N ARG K 186 13.13 -32.15 -48.89
CA ARG K 186 12.68 -32.44 -50.24
C ARG K 186 11.25 -31.93 -50.47
N HIS K 187 10.97 -30.71 -50.03
CA HIS K 187 9.79 -30.00 -50.48
C HIS K 187 9.98 -29.57 -51.94
N SER K 188 8.86 -29.34 -52.64
CA SER K 188 8.89 -28.71 -53.96
C SER K 188 9.67 -27.41 -53.85
N ARG K 189 10.71 -27.19 -54.71
CA ARG K 189 11.62 -26.10 -54.34
C ARG K 189 11.03 -24.74 -54.68
N THR K 190 9.96 -24.68 -55.50
CA THR K 190 9.21 -23.43 -55.70
C THR K 190 7.91 -23.41 -54.89
N ALA K 191 7.75 -24.30 -53.91
CA ALA K 191 6.53 -24.34 -53.10
C ALA K 191 6.32 -23.02 -52.37
N ILE K 192 5.06 -22.63 -52.20
CA ILE K 192 4.68 -21.46 -51.44
C ILE K 192 4.15 -21.93 -50.10
N VAL K 193 4.81 -21.51 -49.03
CA VAL K 193 4.44 -21.89 -47.67
C VAL K 193 4.20 -20.63 -46.86
N SER K 194 3.70 -20.82 -45.63
CA SER K 194 3.53 -19.75 -44.65
C SER K 194 2.34 -18.87 -44.98
N THR K 195 1.64 -18.40 -43.95
CA THR K 195 0.72 -17.30 -44.14
C THR K 195 1.51 -16.04 -44.51
N ARG K 196 0.92 -15.23 -45.40
CA ARG K 196 1.66 -14.16 -46.06
C ARG K 196 2.29 -13.19 -45.06
N HIS K 197 1.60 -12.94 -43.94
CA HIS K 197 2.13 -12.00 -42.94
C HIS K 197 3.52 -12.36 -42.48
N TYR K 198 3.85 -13.66 -42.46
CA TYR K 198 5.13 -14.12 -41.91
C TYR K 198 5.98 -14.83 -42.96
N ARG K 199 5.67 -14.65 -44.23
CA ARG K 199 6.31 -15.39 -45.31
C ARG K 199 7.57 -14.65 -45.77
N SER K 200 8.69 -15.38 -45.80
CA SER K 200 9.97 -14.80 -46.18
C SER K 200 10.00 -14.43 -47.66
N PRO K 201 10.86 -13.49 -48.05
CA PRO K 201 10.94 -13.12 -49.48
C PRO K 201 11.44 -14.24 -50.37
N GLU K 202 12.37 -15.09 -49.87
CA GLU K 202 12.82 -16.22 -50.66
C GLU K 202 11.67 -17.13 -51.04
N VAL K 203 10.64 -17.23 -50.19
CA VAL K 203 9.46 -18.02 -50.53
C VAL K 203 8.59 -17.27 -51.53
N VAL K 204 8.38 -15.97 -51.28
CA VAL K 204 7.55 -15.16 -52.18
C VAL K 204 8.11 -15.23 -53.60
N LEU K 205 9.40 -15.01 -53.74
CA LEU K 205 10.05 -14.99 -55.04
C LEU K 205 10.60 -16.35 -55.44
N SER K 206 10.35 -17.39 -54.65
CA SER K 206 10.83 -18.73 -54.93
C SER K 206 12.33 -18.71 -55.23
N LEU K 207 13.07 -18.10 -54.31
CA LEU K 207 14.52 -17.97 -54.43
C LEU K 207 15.26 -19.19 -53.91
N GLY K 208 14.53 -20.22 -53.48
CA GLY K 208 15.11 -21.31 -52.74
C GLY K 208 14.95 -21.02 -51.27
N TRP K 209 14.33 -21.93 -50.53
CA TRP K 209 14.11 -21.72 -49.11
C TRP K 209 14.29 -23.02 -48.36
N MET K 210 14.67 -22.89 -47.09
CA MET K 210 14.85 -24.04 -46.22
C MET K 210 14.58 -23.63 -44.77
N TYR K 211 15.44 -24.09 -43.85
CA TYR K 211 15.18 -23.90 -42.42
C TYR K 211 15.06 -22.43 -42.05
N SER K 212 15.85 -21.55 -42.68
CA SER K 212 15.86 -20.15 -42.30
C SER K 212 14.51 -19.46 -42.51
N THR K 213 13.56 -20.10 -43.22
CA THR K 213 12.26 -19.47 -43.39
C THR K 213 11.45 -19.48 -42.11
N ASP K 214 11.71 -20.44 -41.21
CA ASP K 214 11.08 -20.42 -39.90
C ASP K 214 11.59 -19.27 -39.04
N LEU K 215 12.84 -18.86 -39.24
CA LEU K 215 13.40 -17.79 -38.43
C LEU K 215 12.98 -16.42 -38.94
N TRP K 216 12.70 -16.29 -40.24
CA TRP K 216 12.11 -15.07 -40.75
C TRP K 216 10.76 -14.80 -40.08
N SER K 217 9.89 -15.82 -40.05
CA SER K 217 8.59 -15.66 -39.42
C SER K 217 8.73 -15.37 -37.94
N MET K 218 9.74 -15.96 -37.29
CA MET K 218 10.01 -15.66 -35.90
C MET K 218 10.38 -14.19 -35.73
N GLY K 219 11.07 -13.61 -36.71
CA GLY K 219 11.33 -12.17 -36.67
C GLY K 219 10.05 -11.35 -36.66
N CYS K 220 9.09 -11.71 -37.52
CA CYS K 220 7.84 -10.96 -37.59
C CYS K 220 6.96 -11.24 -36.38
N ILE K 221 7.06 -12.45 -35.81
CA ILE K 221 6.32 -12.76 -34.61
C ILE K 221 6.84 -11.94 -33.43
N ILE K 222 8.16 -11.85 -33.30
CA ILE K 222 8.77 -11.10 -32.19
C ILE K 222 8.44 -9.62 -32.32
N TYR K 223 8.48 -9.08 -33.54
CA TYR K 223 8.04 -7.71 -33.75
C TYR K 223 6.62 -7.49 -33.24
N GLU K 224 5.72 -8.42 -33.57
CA GLU K 224 4.31 -8.23 -33.21
C GLU K 224 4.08 -8.42 -31.72
N LEU K 225 4.82 -9.33 -31.08
CA LEU K 225 4.65 -9.54 -29.64
C LEU K 225 5.10 -8.33 -28.84
N TYR K 226 6.03 -7.54 -29.36
CA TYR K 226 6.58 -6.40 -28.64
C TYR K 226 5.87 -5.10 -28.94
N THR K 227 5.37 -4.93 -30.16
CA THR K 227 4.66 -3.72 -30.54
C THR K 227 3.15 -3.88 -30.54
N GLY K 228 2.64 -5.11 -30.61
CA GLY K 228 1.22 -5.34 -30.72
C GLY K 228 0.65 -5.15 -32.11
N LYS K 229 1.49 -4.94 -33.12
CA LYS K 229 1.05 -4.68 -34.47
C LYS K 229 1.68 -5.68 -35.42
N LEU K 230 0.96 -6.00 -36.50
CA LEU K 230 1.55 -6.80 -37.56
C LEU K 230 2.67 -6.03 -38.24
N LEU K 231 3.78 -6.72 -38.49
CA LEU K 231 4.87 -6.07 -39.22
C LEU K 231 4.50 -5.91 -40.69
N TYR K 232 3.79 -6.89 -41.25
CA TYR K 232 3.37 -6.88 -42.64
C TYR K 232 1.90 -7.27 -42.70
N ASP K 233 1.00 -6.29 -42.63
CA ASP K 233 -0.43 -6.52 -42.81
C ASP K 233 -0.70 -6.29 -44.27
N THR K 234 -0.58 -7.37 -45.02
CA THR K 234 -0.50 -7.36 -46.47
C THR K 234 -1.26 -8.57 -46.99
N HIS K 235 -1.83 -8.43 -48.20
CA HIS K 235 -2.26 -9.60 -48.94
C HIS K 235 -1.76 -9.59 -50.37
N ASP K 236 -0.77 -8.75 -50.68
CA ASP K 236 -0.30 -8.55 -52.04
C ASP K 236 1.21 -8.66 -52.07
N ASN K 237 1.72 -9.42 -53.05
CA ASN K 237 3.16 -9.63 -53.17
C ASN K 237 3.92 -8.32 -53.32
N LEU K 238 3.44 -7.46 -54.22
CA LEU K 238 4.19 -6.26 -54.58
C LEU K 238 4.21 -5.24 -53.45
N GLU K 239 3.12 -5.10 -52.70
CA GLU K 239 3.18 -4.23 -51.54
C GLU K 239 4.01 -4.86 -50.43
N HIS K 240 3.94 -6.19 -50.26
CA HIS K 240 4.75 -6.86 -49.25
C HIS K 240 6.22 -6.53 -49.45
N LEU K 241 6.71 -6.63 -50.68
CA LEU K 241 8.12 -6.39 -50.94
C LEU K 241 8.49 -4.92 -50.72
N HIS K 242 7.58 -4.00 -51.06
CA HIS K 242 7.85 -2.58 -50.81
C HIS K 242 7.90 -2.29 -49.31
N LEU K 243 7.03 -2.95 -48.53
CA LEU K 243 7.08 -2.77 -47.09
C LEU K 243 8.36 -3.36 -46.52
N MET K 244 8.82 -4.49 -47.05
CA MET K 244 10.11 -5.04 -46.64
C MET K 244 11.23 -4.04 -46.92
N GLU K 245 11.19 -3.40 -48.09
CA GLU K 245 12.20 -2.40 -48.42
C GLU K 245 12.12 -1.22 -47.47
N LYS K 246 10.91 -0.83 -47.06
CA LYS K 246 10.77 0.34 -46.19
C LYS K 246 11.07 0.00 -44.74
N THR K 247 10.82 -1.23 -44.30
CA THR K 247 11.07 -1.60 -42.91
C THR K 247 12.50 -2.09 -42.68
N LEU K 248 13.12 -2.72 -43.66
CA LEU K 248 14.40 -3.40 -43.44
C LEU K 248 15.48 -2.92 -44.36
N GLY K 249 15.12 -2.41 -45.52
CA GLY K 249 16.10 -2.03 -46.51
C GLY K 249 15.88 -2.71 -47.84
N ARG K 250 16.65 -2.23 -48.78
CA ARG K 250 16.65 -2.55 -50.19
C ARG K 250 16.79 -4.04 -50.41
N LEU K 251 16.06 -4.59 -51.39
CA LEU K 251 16.28 -5.99 -51.70
C LEU K 251 17.65 -6.12 -52.36
N PRO K 252 18.31 -7.26 -52.19
CA PRO K 252 19.59 -7.43 -52.89
C PRO K 252 19.42 -7.30 -54.39
N ALA K 253 20.42 -6.73 -55.06
CA ALA K 253 20.31 -6.47 -56.48
C ALA K 253 20.16 -7.76 -57.29
N ASP K 254 20.61 -8.90 -56.73
CA ASP K 254 20.60 -10.18 -57.43
C ASP K 254 19.21 -10.77 -57.57
N TRP K 255 18.24 -10.24 -56.85
CA TRP K 255 16.97 -10.92 -56.79
C TRP K 255 16.20 -10.90 -58.10
N SER K 256 16.24 -9.85 -58.93
CA SER K 256 15.24 -9.97 -60.00
C SER K 256 15.61 -11.01 -61.04
N VAL K 257 16.88 -11.45 -61.12
CA VAL K 257 17.21 -12.56 -62.03
C VAL K 257 17.13 -13.94 -61.37
N ARG K 258 17.12 -14.03 -60.04
CA ARG K 258 17.13 -15.35 -59.40
C ARG K 258 15.76 -15.75 -58.87
N CYS K 259 14.70 -15.03 -59.26
CA CYS K 259 13.37 -15.41 -58.87
C CYS K 259 13.00 -16.71 -59.58
N GLY K 260 12.20 -17.53 -58.90
CA GLY K 260 12.01 -18.91 -59.31
C GLY K 260 10.76 -19.24 -60.10
N THR K 261 9.84 -18.28 -60.24
CA THR K 261 8.57 -18.48 -60.92
C THR K 261 8.27 -17.33 -61.85
N GLN K 262 7.38 -17.57 -62.82
CA GLN K 262 6.88 -16.39 -63.48
C GLN K 262 6.38 -15.26 -62.61
N GLU K 263 5.45 -15.54 -61.68
CA GLU K 263 4.89 -14.49 -60.86
C GLU K 263 5.99 -13.67 -60.23
N ALA K 264 7.04 -14.35 -59.78
CA ALA K 264 8.14 -13.69 -59.09
C ALA K 264 8.88 -12.75 -60.06
N ARG K 265 9.09 -13.15 -61.36
CA ARG K 265 9.74 -12.17 -62.23
C ARG K 265 8.90 -10.93 -62.38
N ASP K 266 7.60 -11.12 -62.44
CA ASP K 266 6.79 -10.02 -62.91
C ASP K 266 6.72 -8.92 -61.90
N LEU K 267 7.27 -9.12 -60.71
CA LEU K 267 7.34 -8.09 -59.70
C LEU K 267 8.50 -7.12 -59.91
N PHE K 268 9.35 -7.33 -60.90
CA PHE K 268 10.47 -6.44 -61.15
C PHE K 268 10.39 -5.82 -62.54
N THR K 269 11.03 -4.67 -62.69
CA THR K 269 11.21 -4.01 -63.97
C THR K 269 12.09 -4.87 -64.89
N ALA K 270 12.16 -4.45 -66.16
CA ALA K 270 13.21 -4.96 -67.04
C ALA K 270 14.59 -4.60 -66.52
N ALA K 271 14.72 -3.46 -65.83
CA ALA K 271 15.99 -3.08 -65.23
C ALA K 271 16.35 -4.00 -64.06
N GLY K 272 15.42 -4.22 -63.14
CA GLY K 272 15.69 -5.08 -62.00
C GLY K 272 15.20 -4.42 -60.71
N THR K 273 14.42 -3.37 -60.86
CA THR K 273 13.85 -2.59 -59.77
C THR K 273 12.45 -3.09 -59.45
N LEU K 274 11.97 -2.77 -58.26
CA LEU K 274 10.65 -3.19 -57.86
C LEU K 274 9.62 -2.43 -58.68
N GLN K 275 8.55 -3.12 -59.03
CA GLN K 275 7.48 -2.42 -59.71
C GLN K 275 6.83 -1.47 -58.72
N PRO K 276 6.46 -0.26 -59.15
CA PRO K 276 5.78 0.64 -58.22
C PRO K 276 4.38 0.12 -57.96
N CYS K 277 3.88 0.38 -56.76
CA CYS K 277 2.49 0.10 -56.47
C CYS K 277 1.70 1.28 -56.96
N LYS K 278 0.48 1.04 -57.47
CA LYS K 278 -0.32 2.15 -57.96
C LYS K 278 -1.70 2.19 -57.33
N ASP K 279 -1.95 1.36 -56.48
CA ASP K 279 -3.16 1.34 -55.68
C ASP K 279 -3.02 2.28 -54.48
N PRO K 280 -3.94 3.22 -54.28
CA PRO K 280 -3.74 4.20 -53.21
C PRO K 280 -3.81 3.58 -51.83
N LYS K 281 -4.34 2.37 -51.73
CA LYS K 281 -4.49 1.66 -50.48
C LYS K 281 -3.18 1.13 -49.92
N HIS K 282 -2.22 0.89 -50.80
CA HIS K 282 -0.91 0.39 -50.44
C HIS K 282 0.17 1.47 -50.35
N ILE K 283 0.06 2.52 -51.17
CA ILE K 283 1.00 3.63 -51.05
C ILE K 283 0.89 4.28 -49.67
N ALA K 284 -0.31 4.33 -49.10
CA ALA K 284 -0.48 4.92 -47.77
C ALA K 284 0.20 4.05 -46.71
N ARG K 285 0.03 2.73 -46.80
CA ARG K 285 0.59 1.85 -45.79
C ARG K 285 2.11 1.76 -45.91
N ILE K 286 2.63 1.81 -47.14
CA ILE K 286 4.08 1.87 -47.32
C ILE K 286 4.63 3.16 -46.76
N ALA K 287 3.91 4.27 -46.98
CA ALA K 287 4.34 5.55 -46.45
C ALA K 287 4.28 5.58 -44.92
N ARG K 288 3.35 4.85 -44.31
CA ARG K 288 3.22 4.87 -42.86
C ARG K 288 4.03 3.78 -42.19
N ALA K 289 4.48 2.77 -42.94
CA ALA K 289 5.33 1.75 -42.34
C ALA K 289 6.67 2.36 -41.99
N ARG K 290 7.20 1.98 -40.84
CA ARG K 290 8.43 2.64 -40.43
C ARG K 290 9.57 1.66 -40.17
N PRO K 291 10.83 2.13 -40.29
CA PRO K 291 11.97 1.22 -40.16
C PRO K 291 11.97 0.54 -38.79
N VAL K 292 12.25 -0.77 -38.80
CA VAL K 292 12.36 -1.56 -37.57
C VAL K 292 13.32 -0.88 -36.61
N ARG K 293 14.41 -0.35 -37.17
CA ARG K 293 15.45 0.32 -36.43
C ARG K 293 14.88 1.43 -35.56
N GLU K 294 13.82 2.07 -36.06
CA GLU K 294 13.19 3.21 -35.40
C GLU K 294 12.04 2.81 -34.47
N VAL K 295 11.44 1.65 -34.68
CA VAL K 295 10.36 1.22 -33.83
C VAL K 295 10.88 0.44 -32.63
N ILE K 296 11.88 -0.41 -32.85
CA ILE K 296 12.45 -1.21 -31.78
C ILE K 296 13.57 -0.39 -31.15
N THR K 297 13.22 0.29 -30.06
CA THR K 297 14.14 1.08 -29.23
C THR K 297 15.13 0.22 -28.45
N GLU K 298 14.73 -0.94 -28.04
CA GLU K 298 15.62 -1.77 -27.25
C GLU K 298 16.74 -2.26 -28.15
N PRO K 299 18.00 -1.89 -27.90
CA PRO K 299 19.07 -2.19 -28.88
C PRO K 299 19.31 -3.67 -29.09
N LEU K 300 19.21 -4.49 -28.05
CA LEU K 300 19.43 -5.93 -28.21
C LEU K 300 18.26 -6.59 -28.95
N LEU K 301 17.03 -6.19 -28.62
CA LEU K 301 15.88 -6.68 -29.37
C LEU K 301 15.95 -6.19 -30.81
N CYS K 302 16.48 -4.98 -31.01
CA CYS K 302 16.70 -4.45 -32.35
C CYS K 302 17.60 -5.37 -33.17
N ASP K 303 18.75 -5.77 -32.61
CA ASP K 303 19.65 -6.69 -33.31
C ASP K 303 18.98 -8.04 -33.55
N LEU K 304 18.19 -8.52 -32.58
CA LEU K 304 17.53 -9.82 -32.72
C LEU K 304 16.56 -9.82 -33.89
N ILE K 305 15.66 -8.84 -33.94
CA ILE K 305 14.64 -8.81 -34.99
C ILE K 305 15.29 -8.61 -36.36
N LEU K 306 16.22 -7.65 -36.46
CA LEU K 306 16.79 -7.33 -37.77
C LEU K 306 17.65 -8.48 -38.30
N ASN K 307 18.36 -9.18 -37.41
CA ASN K 307 19.17 -10.30 -37.86
C ASN K 307 18.36 -11.59 -37.98
N LEU K 308 17.12 -11.61 -37.49
CA LEU K 308 16.18 -12.65 -37.88
C LEU K 308 15.58 -12.39 -39.25
N LEU K 309 15.45 -11.11 -39.64
CA LEU K 309 14.87 -10.73 -40.91
C LEU K 309 15.95 -10.44 -41.96
N HIS K 310 17.11 -11.06 -41.80
CA HIS K 310 18.20 -10.87 -42.76
C HIS K 310 17.80 -11.42 -44.12
N TYR K 311 18.06 -10.63 -45.18
CA TYR K 311 17.73 -11.09 -46.52
C TYR K 311 18.61 -12.26 -46.96
N ASP K 312 19.85 -12.30 -46.48
CA ASP K 312 20.74 -13.42 -46.79
C ASP K 312 20.43 -14.57 -45.85
N ARG K 313 20.07 -15.72 -46.41
CA ARG K 313 19.61 -16.84 -45.61
C ARG K 313 20.70 -17.46 -44.76
N GLN K 314 21.97 -17.24 -45.08
CA GLN K 314 23.05 -17.84 -44.30
C GLN K 314 23.55 -16.94 -43.18
N ARG K 315 23.38 -15.63 -43.31
CA ARG K 315 23.69 -14.72 -42.21
C ARG K 315 22.50 -14.49 -41.31
N ARG K 316 21.29 -14.84 -41.76
CA ARG K 316 20.13 -14.83 -40.88
C ARG K 316 20.36 -15.75 -39.69
N LEU K 317 19.97 -15.28 -38.51
CA LEU K 317 20.15 -16.06 -37.30
C LEU K 317 19.38 -17.37 -37.41
N ASN K 318 19.97 -18.44 -36.86
CA ASN K 318 19.28 -19.70 -36.74
C ASN K 318 18.62 -19.81 -35.37
N ALA K 319 17.85 -20.88 -35.19
CA ALA K 319 17.11 -21.06 -33.94
C ALA K 319 18.05 -21.11 -32.74
N ARG K 320 19.22 -21.76 -32.90
CA ARG K 320 20.18 -21.87 -31.81
C ARG K 320 20.68 -20.50 -31.36
N GLN K 321 21.02 -19.63 -32.32
CA GLN K 321 21.46 -18.27 -31.96
C GLN K 321 20.34 -17.44 -31.36
N MET K 322 19.11 -17.65 -31.84
CA MET K 322 17.96 -16.90 -31.32
C MET K 322 17.80 -17.12 -29.82
N MET K 323 17.77 -18.37 -29.38
CA MET K 323 17.60 -18.66 -27.96
C MET K 323 18.82 -18.26 -27.13
N SER K 324 19.99 -18.09 -27.75
CA SER K 324 21.20 -17.70 -27.05
C SER K 324 21.57 -16.25 -27.30
N HIS K 325 20.64 -15.45 -27.83
CA HIS K 325 20.93 -14.07 -28.13
C HIS K 325 21.11 -13.24 -26.86
N ALA K 326 21.86 -12.14 -26.99
CA ALA K 326 22.12 -11.28 -25.85
C ALA K 326 20.83 -10.72 -25.25
N TYR K 327 19.80 -10.54 -26.08
CA TYR K 327 18.51 -10.06 -25.57
C TYR K 327 17.93 -11.04 -24.57
N VAL K 328 17.97 -12.34 -24.89
CA VAL K 328 17.44 -13.35 -23.97
C VAL K 328 18.28 -13.40 -22.69
N HIS K 329 19.60 -13.23 -22.81
CA HIS K 329 20.46 -13.29 -21.63
C HIS K 329 20.30 -12.07 -20.74
N LYS K 330 19.92 -10.92 -21.32
CA LYS K 330 19.75 -9.69 -20.54
C LYS K 330 18.47 -9.72 -19.73
N TYR K 331 17.35 -10.04 -20.37
CA TYR K 331 16.05 -9.95 -19.72
C TYR K 331 15.53 -11.28 -19.20
N PHE K 332 16.12 -12.39 -19.61
CA PHE K 332 15.82 -13.71 -19.03
C PHE K 332 17.13 -14.37 -18.59
N PRO K 333 17.82 -13.77 -17.62
CA PRO K 333 19.15 -14.30 -17.25
C PRO K 333 19.12 -15.71 -16.71
N GLU K 334 17.99 -16.15 -16.14
CA GLU K 334 17.89 -17.51 -15.62
C GLU K 334 17.80 -18.56 -16.72
N CYS K 335 17.70 -18.16 -17.99
CA CYS K 335 17.92 -19.10 -19.09
C CYS K 335 19.23 -19.88 -18.92
N ARG K 336 20.25 -19.26 -18.31
CA ARG K 336 21.55 -19.90 -18.24
C ARG K 336 21.57 -21.11 -17.30
N GLN K 337 20.60 -21.21 -16.39
CA GLN K 337 20.45 -22.40 -15.55
C GLN K 337 19.37 -23.35 -16.06
N HIS K 338 18.77 -23.07 -17.21
CA HIS K 338 17.77 -23.96 -17.75
C HIS K 338 18.44 -25.15 -18.44
N PRO K 339 17.89 -26.36 -18.30
CA PRO K 339 18.52 -27.53 -18.91
C PRO K 339 18.60 -27.48 -20.43
N ASN K 340 17.86 -26.58 -21.08
CA ASN K 340 17.91 -26.46 -22.54
C ASN K 340 18.92 -25.44 -23.01
N HIS K 341 19.48 -24.63 -22.12
CA HIS K 341 20.52 -23.68 -22.50
C HIS K 341 21.71 -24.39 -23.13
N VAL K 342 22.27 -23.78 -24.18
CA VAL K 342 23.29 -24.43 -24.99
C VAL K 342 24.53 -24.78 -24.16
N ASP K 343 24.85 -23.98 -23.15
CA ASP K 343 26.06 -24.25 -22.38
C ASP K 343 25.88 -25.35 -21.35
N ASN K 344 24.67 -25.86 -21.18
CA ASN K 344 24.43 -26.98 -20.27
C ASN K 344 24.03 -28.26 -21.01
N ARG K 345 24.23 -28.34 -22.30
CA ARG K 345 23.92 -29.53 -23.07
C ARG K 345 25.19 -30.15 -23.64
N SER K 346 25.07 -31.40 -24.09
CA SER K 346 26.17 -31.96 -24.85
C SER K 346 26.27 -31.20 -26.17
N LYS K 347 27.35 -31.42 -26.90
CA LYS K 347 27.47 -30.75 -28.19
C LYS K 347 26.46 -31.29 -29.17
N LEU K 348 25.75 -30.37 -29.80
CA LEU K 348 24.56 -30.52 -30.62
C LEU K 348 24.95 -30.74 -32.06
N PRO K 349 24.04 -31.28 -32.86
CA PRO K 349 24.27 -31.34 -34.30
C PRO K 349 24.51 -29.94 -34.85
N PRO K 350 25.19 -29.82 -35.99
CA PRO K 350 25.46 -28.48 -36.52
C PRO K 350 24.16 -27.76 -36.86
N THR K 351 24.19 -26.44 -36.70
CA THR K 351 23.05 -25.63 -37.11
C THR K 351 22.87 -25.75 -38.61
N PRO K 352 21.66 -25.51 -39.12
CA PRO K 352 21.45 -25.59 -40.56
C PRO K 352 22.29 -24.55 -41.30
N VAL K 353 22.65 -24.89 -42.53
CA VAL K 353 23.14 -23.94 -43.50
C VAL K 353 21.91 -23.47 -44.26
N MET K 354 21.55 -22.19 -44.09
CA MET K 354 20.35 -21.60 -44.70
C MET K 354 19.06 -22.40 -44.51
N GLY L 16 65.50 -17.01 53.82
CA GLY L 16 66.49 -16.46 54.73
C GLY L 16 65.93 -16.30 56.14
N ARG L 17 65.07 -15.29 56.33
CA ARG L 17 64.44 -15.00 57.62
C ARG L 17 63.07 -15.61 57.74
N PHE L 18 62.32 -15.66 56.65
CA PHE L 18 60.94 -16.11 56.66
C PHE L 18 60.85 -17.40 55.88
N LYS L 19 60.39 -18.45 56.53
CA LYS L 19 60.19 -19.75 55.92
C LYS L 19 58.70 -19.99 55.72
N ILE L 20 58.32 -20.29 54.47
CA ILE L 20 56.92 -20.48 54.12
C ILE L 20 56.44 -21.82 54.64
N LEU L 21 55.28 -21.82 55.31
CA LEU L 21 54.70 -23.05 55.85
C LEU L 21 53.49 -23.53 55.04
N SER L 22 52.43 -22.75 54.98
CA SER L 22 51.23 -23.13 54.26
C SER L 22 50.71 -21.96 53.43
N LEU L 23 49.82 -22.27 52.50
CA LEU L 23 49.08 -21.25 51.75
C LEU L 23 47.73 -21.04 52.43
N LEU L 24 47.48 -19.82 52.87
CA LEU L 24 46.23 -19.49 53.57
C LEU L 24 45.15 -19.01 52.63
N GLY L 25 45.54 -18.32 51.57
CA GLY L 25 44.59 -17.86 50.59
C GLY L 25 45.32 -17.18 49.46
N GLU L 26 44.64 -17.09 48.31
CA GLU L 26 45.27 -16.58 47.12
C GLU L 26 44.25 -15.88 46.24
N GLY L 27 44.73 -14.87 45.50
CA GLY L 27 43.88 -14.13 44.59
C GLY L 27 44.73 -13.30 43.67
N THR L 28 44.07 -12.38 42.96
CA THR L 28 44.77 -11.39 42.13
C THR L 28 45.97 -10.73 42.82
N PHE L 29 45.78 -10.18 44.01
CA PHE L 29 46.87 -9.48 44.67
C PHE L 29 48.14 -10.33 44.69
N GLY L 30 48.00 -11.63 44.89
CA GLY L 30 49.10 -12.53 45.09
C GLY L 30 48.65 -13.61 46.05
N LYS L 31 49.46 -13.89 47.05
CA LYS L 31 49.20 -14.95 48.01
C LYS L 31 49.44 -14.45 49.42
N VAL L 32 48.71 -15.03 50.35
CA VAL L 32 48.99 -14.91 51.78
C VAL L 32 49.42 -16.28 52.26
N VAL L 33 50.63 -16.35 52.81
CA VAL L 33 51.18 -17.62 53.27
C VAL L 33 51.43 -17.50 54.77
N GLU L 34 51.30 -18.64 55.45
CA GLU L 34 51.76 -18.75 56.83
C GLU L 34 53.27 -18.96 56.82
N ALA L 35 53.98 -18.19 57.63
CA ALA L 35 55.43 -18.25 57.64
C ALA L 35 55.94 -18.33 59.08
N TRP L 36 57.14 -18.89 59.20
CA TRP L 36 57.86 -18.94 60.46
C TRP L 36 58.97 -17.89 60.41
N ASP L 37 58.93 -16.95 61.34
CA ASP L 37 59.96 -15.92 61.44
C ASP L 37 61.10 -16.49 62.30
N ARG L 38 62.25 -16.74 61.67
CA ARG L 38 63.35 -17.40 62.37
C ARG L 38 63.93 -16.52 63.45
N LYS L 39 63.68 -15.26 63.31
CA LYS L 39 64.29 -14.16 64.01
C LYS L 39 63.56 -13.78 65.28
N ARG L 40 62.29 -14.11 65.32
CA ARG L 40 61.34 -13.73 66.33
C ARG L 40 60.59 -14.91 66.94
N LYS L 41 60.68 -16.10 66.33
CA LYS L 41 60.22 -17.38 66.87
C LYS L 41 58.70 -17.48 66.99
N GLU L 42 57.99 -17.05 65.95
CA GLU L 42 56.54 -17.12 65.98
C GLU L 42 56.01 -17.21 64.55
N TYR L 43 54.73 -17.53 64.44
CA TYR L 43 54.07 -17.60 63.15
C TYR L 43 53.52 -16.23 62.77
N CYS L 44 53.47 -15.99 61.47
CA CYS L 44 53.01 -14.74 60.93
C CYS L 44 52.31 -15.02 59.61
N ALA L 45 51.52 -14.07 59.16
CA ALA L 45 51.00 -14.10 57.80
C ALA L 45 51.78 -13.13 56.94
N VAL L 46 52.16 -13.60 55.74
CA VAL L 46 52.90 -12.79 54.79
C VAL L 46 52.11 -12.77 53.49
N LYS L 47 51.72 -11.56 53.06
CA LYS L 47 51.07 -11.42 51.76
C LYS L 47 52.14 -11.12 50.72
N ILE L 48 52.30 -12.02 49.78
CA ILE L 48 53.28 -11.91 48.72
C ILE L 48 52.56 -11.38 47.48
N VAL L 49 52.81 -10.12 47.14
CA VAL L 49 52.13 -9.48 46.03
C VAL L 49 52.81 -9.90 44.74
N ARG L 50 52.01 -10.08 43.68
CA ARG L 50 52.53 -10.49 42.39
C ARG L 50 53.62 -9.55 41.91
N ASN L 51 54.61 -10.11 41.18
CA ASN L 51 55.78 -9.34 40.75
C ASN L 51 55.45 -8.58 39.48
N VAL L 52 54.56 -7.61 39.64
CA VAL L 52 54.15 -6.76 38.52
C VAL L 52 54.39 -5.34 38.98
N PRO L 53 54.88 -4.45 38.10
CA PRO L 53 55.19 -3.10 38.58
C PRO L 53 54.00 -2.40 39.19
N LYS L 54 52.80 -2.58 38.65
CA LYS L 54 51.65 -1.85 39.16
C LYS L 54 51.10 -2.42 40.46
N TYR L 55 51.32 -3.70 40.71
CA TYR L 55 50.97 -4.27 41.99
C TYR L 55 52.02 -3.91 43.04
N THR L 56 53.28 -3.87 42.62
CA THR L 56 54.33 -3.43 43.52
C THR L 56 54.07 -2.00 43.92
N ARG L 57 53.39 -1.25 43.08
CA ARG L 57 53.37 0.16 43.42
C ARG L 57 52.18 0.50 44.31
N ASP L 58 51.08 -0.21 44.14
CA ASP L 58 49.96 -0.09 45.04
C ASP L 58 50.14 -0.92 46.31
N ALA L 59 51.06 -1.88 46.33
CA ALA L 59 51.42 -2.53 47.59
C ALA L 59 52.21 -1.56 48.47
N LYS L 60 53.10 -0.78 47.85
CA LYS L 60 53.84 0.23 48.60
C LYS L 60 52.91 1.31 49.13
N ILE L 61 51.83 1.63 48.41
CA ILE L 61 50.82 2.54 48.94
C ILE L 61 50.09 1.90 50.11
N GLU L 62 49.69 0.63 49.96
CA GLU L 62 49.03 -0.08 51.04
C GLU L 62 49.91 -0.13 52.29
N ILE L 63 51.21 -0.35 52.12
CA ILE L 63 52.12 -0.40 53.26
C ILE L 63 52.11 0.92 54.01
N GLN L 64 52.14 2.04 53.27
CA GLN L 64 52.14 3.35 53.92
C GLN L 64 50.84 3.59 54.68
N PHE L 65 49.71 3.13 54.13
CA PHE L 65 48.46 3.19 54.90
C PHE L 65 48.51 2.28 56.11
N MET L 66 49.23 1.15 56.01
CA MET L 66 49.27 0.21 57.12
C MET L 66 50.11 0.73 58.28
N GLU L 67 51.25 1.37 57.98
CA GLU L 67 52.10 1.91 59.04
C GLU L 67 51.49 3.11 59.71
N ARG L 68 50.58 3.83 59.05
CA ARG L 68 49.96 4.97 59.69
C ARG L 68 49.00 4.52 60.78
N VAL L 69 48.37 3.35 60.59
CA VAL L 69 47.57 2.77 61.67
C VAL L 69 48.49 2.33 62.81
N ARG L 70 49.56 1.60 62.49
CA ARG L 70 50.44 1.10 63.53
C ARG L 70 51.08 2.25 64.30
N LEU L 71 51.50 3.30 63.59
CA LEU L 71 52.10 4.43 64.27
C LEU L 71 51.08 5.19 65.11
N SER L 72 49.82 5.20 64.69
CA SER L 72 48.79 5.96 65.40
C SER L 72 48.23 5.19 66.58
N ASP L 73 47.81 3.94 66.36
CA ASP L 73 47.30 3.08 67.43
C ASP L 73 48.45 2.26 68.00
N VAL L 74 49.32 2.95 68.76
CA VAL L 74 50.59 2.32 69.13
C VAL L 74 50.40 1.21 70.14
N GLU L 75 49.36 1.24 70.99
CA GLU L 75 49.20 0.07 71.85
C GLU L 75 48.00 -0.80 71.48
N ASP L 76 47.70 -0.88 70.17
CA ASP L 76 46.77 -1.86 69.57
C ASP L 76 45.43 -1.92 70.27
N ARG L 77 44.88 -0.75 70.48
CA ARG L 77 43.60 -0.58 71.11
C ARG L 77 42.41 -0.72 70.16
N PHE L 78 42.60 -0.51 68.83
CA PHE L 78 41.49 -0.58 67.88
C PHE L 78 41.68 -1.74 66.89
N PRO L 79 40.57 -2.41 66.46
CA PRO L 79 40.69 -3.61 65.61
C PRO L 79 41.00 -3.34 64.13
N LEU L 80 41.99 -2.50 63.89
CA LEU L 80 42.59 -2.40 62.57
C LEU L 80 43.86 -3.25 62.60
N MET L 81 44.17 -3.86 61.45
CA MET L 81 45.32 -4.74 61.37
C MET L 81 46.64 -3.97 61.46
N LYS L 82 47.64 -4.63 62.00
CA LYS L 82 48.93 -4.02 62.31
C LYS L 82 50.03 -4.74 61.61
N ILE L 83 50.56 -4.03 60.63
CA ILE L 83 51.70 -4.46 59.85
C ILE L 83 52.85 -4.68 60.80
N GLN L 84 53.63 -5.72 60.53
CA GLN L 84 54.77 -6.01 61.37
C GLN L 84 56.08 -5.62 60.71
N ARG L 85 56.25 -5.95 59.44
CA ARG L 85 57.42 -5.54 58.68
C ARG L 85 57.11 -5.70 57.21
N TYR L 86 58.00 -5.16 56.37
CA TYR L 86 57.87 -5.32 54.93
C TYR L 86 59.24 -5.25 54.30
N PHE L 87 59.36 -5.85 53.12
CA PHE L 87 60.58 -5.86 52.35
C PHE L 87 60.25 -6.29 50.93
N GLN L 88 61.21 -6.09 50.02
CA GLN L 88 61.13 -6.59 48.66
C GLN L 88 62.00 -7.85 48.50
N ASN L 89 61.41 -8.89 47.93
CA ASN L 89 62.01 -10.21 47.74
C ASN L 89 63.25 -10.14 46.83
N GLU L 90 63.95 -11.29 46.70
CA GLU L 90 64.94 -11.43 45.65
C GLU L 90 64.28 -11.53 44.28
N THR L 91 62.97 -11.73 44.25
CA THR L 91 62.23 -11.86 43.00
C THR L 91 61.41 -10.61 42.67
N GLY L 92 61.54 -9.54 43.43
CA GLY L 92 60.81 -8.34 43.12
C GLY L 92 59.40 -8.30 43.70
N HIS L 93 58.94 -9.39 44.32
CA HIS L 93 57.65 -9.39 44.99
C HIS L 93 57.69 -8.54 46.25
N MET L 94 56.72 -7.65 46.40
CA MET L 94 56.52 -6.98 47.68
C MET L 94 55.93 -7.96 48.69
N CYS L 95 56.49 -7.98 49.90
CA CYS L 95 56.07 -8.92 50.93
C CYS L 95 55.72 -8.15 52.19
N ILE L 96 54.48 -8.26 52.64
CA ILE L 96 54.00 -7.57 53.83
C ILE L 96 53.79 -8.62 54.91
N VAL L 97 54.60 -8.56 55.96
CA VAL L 97 54.53 -9.52 57.06
C VAL L 97 53.60 -8.97 58.12
N MET L 98 52.68 -9.82 58.60
CA MET L 98 51.63 -9.39 59.51
C MET L 98 51.39 -10.49 60.53
N PRO L 99 50.64 -10.24 61.62
CA PRO L 99 50.26 -11.34 62.50
C PRO L 99 49.36 -12.29 61.75
N LYS L 100 49.31 -13.53 62.23
CA LYS L 100 48.41 -14.50 61.61
C LYS L 100 47.07 -14.44 62.32
N TYR L 101 46.05 -14.05 61.58
CA TYR L 101 44.69 -13.97 62.08
C TYR L 101 43.92 -15.20 61.59
N GLY L 102 42.59 -15.14 61.65
CA GLY L 102 41.79 -16.25 61.21
C GLY L 102 41.16 -16.01 59.85
N PRO L 103 40.17 -16.84 59.49
CA PRO L 103 39.52 -16.73 58.18
C PRO L 103 38.52 -15.58 58.13
N CYS L 104 38.14 -15.22 56.91
CA CYS L 104 37.19 -14.13 56.71
C CYS L 104 35.84 -14.46 57.34
N LEU L 105 35.07 -13.39 57.58
CA LEU L 105 33.68 -13.56 57.97
C LEU L 105 32.88 -14.30 56.91
N LEU L 106 33.21 -14.08 55.63
CA LEU L 106 32.51 -14.77 54.55
C LEU L 106 32.67 -16.28 54.67
N ASP L 107 33.88 -16.76 54.96
CA ASP L 107 34.09 -18.20 55.13
C ASP L 107 33.21 -18.75 56.23
N TRP L 108 33.01 -17.98 57.31
CA TRP L 108 32.19 -18.46 58.41
C TRP L 108 30.72 -18.56 58.00
N ILE L 109 30.17 -17.50 57.41
CA ILE L 109 28.76 -17.53 57.05
C ILE L 109 28.50 -18.56 55.96
N MET L 110 29.48 -18.82 55.10
CA MET L 110 29.28 -19.84 54.08
C MET L 110 29.37 -21.24 54.66
N LYS L 111 30.14 -21.42 55.73
CA LYS L 111 30.28 -22.74 56.34
C LYS L 111 29.29 -22.97 57.47
N HIS L 112 29.09 -21.98 58.34
CA HIS L 112 28.27 -22.16 59.53
C HIS L 112 26.97 -21.37 59.50
N GLY L 113 26.73 -20.56 58.46
CA GLY L 113 25.53 -19.78 58.39
C GLY L 113 25.67 -18.45 59.11
N PRO L 114 24.57 -17.72 59.25
CA PRO L 114 24.63 -16.40 59.87
C PRO L 114 25.00 -16.48 61.35
N PHE L 115 25.55 -15.37 61.84
CA PHE L 115 25.90 -15.25 63.25
C PHE L 115 24.66 -15.09 64.12
N ASN L 116 24.79 -15.47 65.39
CA ASN L 116 23.71 -15.19 66.33
C ASN L 116 23.78 -13.73 66.78
N HIS L 117 22.72 -13.29 67.48
CA HIS L 117 22.57 -11.88 67.80
C HIS L 117 23.74 -11.34 68.63
N ARG L 118 24.24 -12.14 69.57
CA ARG L 118 25.34 -11.67 70.42
C ARG L 118 26.59 -11.39 69.59
N HIS L 119 27.02 -12.36 68.78
CA HIS L 119 28.26 -12.22 68.02
C HIS L 119 28.13 -11.18 66.91
N LEU L 120 26.94 -11.02 66.34
CA LEU L 120 26.73 -9.93 65.39
C LEU L 120 26.94 -8.58 66.07
N ALA L 121 26.42 -8.44 67.30
CA ALA L 121 26.62 -7.20 68.05
C ALA L 121 28.10 -6.97 68.36
N GLN L 122 28.84 -8.03 68.67
CA GLN L 122 30.26 -7.88 68.95
C GLN L 122 31.03 -7.45 67.71
N ILE L 123 30.65 -7.99 66.55
CA ILE L 123 31.30 -7.57 65.30
C ILE L 123 30.98 -6.12 65.00
N ILE L 124 29.71 -5.74 65.15
CA ILE L 124 29.30 -4.36 64.89
C ILE L 124 30.00 -3.40 65.85
N PHE L 125 30.17 -3.81 67.12
CA PHE L 125 30.85 -2.96 68.09
C PHE L 125 32.30 -2.71 67.69
N GLN L 126 33.02 -3.77 67.31
CA GLN L 126 34.44 -3.62 67.00
C GLN L 126 34.64 -2.81 65.72
N VAL L 127 33.93 -3.16 64.66
CA VAL L 127 34.06 -2.43 63.41
C VAL L 127 33.68 -0.98 63.60
N GLY L 128 32.63 -0.71 64.38
CA GLY L 128 32.27 0.66 64.70
C GLY L 128 33.38 1.41 65.38
N ALA L 129 34.00 0.79 66.39
CA ALA L 129 35.12 1.44 67.08
C ALA L 129 36.30 1.65 66.13
N ALA L 130 36.56 0.67 65.27
CA ALA L 130 37.65 0.82 64.30
C ALA L 130 37.34 1.90 63.29
N LEU L 131 36.10 1.95 62.79
CA LEU L 131 35.75 2.94 61.78
C LEU L 131 35.70 4.35 62.37
N ASP L 132 35.25 4.48 63.62
CA ASP L 132 35.25 5.79 64.27
C ASP L 132 36.66 6.28 64.51
N TYR L 133 37.58 5.37 64.82
CA TYR L 133 38.99 5.74 64.89
C TYR L 133 39.51 6.15 63.53
N PHE L 134 39.16 5.37 62.50
CA PHE L 134 39.56 5.69 61.13
C PHE L 134 39.04 7.06 60.70
N HIS L 135 37.76 7.33 60.97
CA HIS L 135 37.13 8.53 60.42
C HIS L 135 37.51 9.79 61.18
N THR L 136 37.57 9.71 62.50
CA THR L 136 37.70 10.93 63.32
C THR L 136 39.11 11.15 63.86
N GLU L 137 39.96 10.13 63.89
CA GLU L 137 41.34 10.30 64.34
C GLU L 137 42.36 10.26 63.21
N LEU L 138 42.17 9.37 62.23
CA LEU L 138 43.05 9.32 61.07
C LEU L 138 42.51 10.12 59.89
N HIS L 139 41.23 10.44 59.88
CA HIS L 139 40.59 11.14 58.76
C HIS L 139 40.81 10.37 57.46
N LEU L 140 40.47 9.08 57.50
CA LEU L 140 40.52 8.19 56.36
C LEU L 140 39.19 7.48 56.22
N MET L 141 38.83 7.14 54.99
CA MET L 141 37.78 6.18 54.73
C MET L 141 38.39 4.93 54.12
N HIS L 142 37.82 3.79 54.49
CA HIS L 142 38.28 2.51 53.98
C HIS L 142 37.81 2.28 52.55
N THR L 143 36.51 2.49 52.30
CA THR L 143 35.89 2.46 50.98
C THR L 143 35.79 1.05 50.40
N ASP L 144 36.37 0.05 51.03
CA ASP L 144 36.35 -1.30 50.47
C ASP L 144 36.06 -2.33 51.54
N LEU L 145 35.09 -2.03 52.41
CA LEU L 145 34.72 -2.98 53.45
C LEU L 145 33.82 -4.06 52.86
N LYS L 146 34.11 -5.31 53.22
CA LYS L 146 33.39 -6.47 52.72
C LYS L 146 33.61 -7.61 53.70
N PRO L 147 32.69 -8.56 53.76
CA PRO L 147 32.92 -9.75 54.60
C PRO L 147 34.19 -10.52 54.25
N GLU L 148 34.74 -10.33 53.05
CA GLU L 148 35.93 -11.07 52.62
C GLU L 148 37.22 -10.53 53.24
N ASN L 149 37.24 -9.29 53.69
CA ASN L 149 38.44 -8.71 54.30
C ASN L 149 38.23 -8.28 55.76
N ILE L 150 37.13 -8.68 56.39
CA ILE L 150 37.01 -8.60 57.84
C ILE L 150 37.33 -9.98 58.39
N LEU L 151 38.45 -10.12 59.08
CA LEU L 151 38.96 -11.42 59.47
C LEU L 151 38.65 -11.75 60.92
N MET L 152 38.41 -13.02 61.19
CA MET L 152 38.42 -13.54 62.53
C MET L 152 39.79 -13.34 63.13
N GLU L 153 39.86 -12.94 64.40
CA GLU L 153 41.16 -12.88 65.04
C GLU L 153 41.81 -14.25 65.09
N SER L 154 41.03 -15.29 65.39
CA SER L 154 41.51 -16.66 65.44
C SER L 154 40.50 -17.58 64.78
N GLY L 155 40.98 -18.72 64.27
CA GLY L 155 40.13 -19.70 63.62
C GLY L 155 39.65 -20.81 64.53
N ASP L 156 39.50 -20.53 65.82
CA ASP L 156 39.08 -21.53 66.79
C ASP L 156 37.56 -21.59 66.86
N THR L 157 37.05 -22.78 67.16
CA THR L 157 35.60 -23.01 67.16
C THR L 157 35.22 -23.86 68.36
N SER L 158 34.05 -23.57 68.91
CA SER L 158 33.43 -24.29 70.01
C SER L 158 32.08 -24.83 69.55
N VAL L 159 31.50 -25.69 70.37
CA VAL L 159 30.21 -26.31 70.06
C VAL L 159 29.16 -25.70 70.97
N ASP L 160 28.12 -25.13 70.39
CA ASP L 160 26.97 -24.67 71.15
C ASP L 160 26.28 -25.89 71.76
N PRO L 161 26.20 -26.02 73.08
CA PRO L 161 25.67 -27.26 73.66
C PRO L 161 24.20 -27.55 73.36
N MET L 162 23.38 -26.53 73.14
CA MET L 162 21.97 -26.78 72.86
C MET L 162 21.69 -26.96 71.38
N THR L 163 22.29 -26.12 70.53
CA THR L 163 22.05 -26.21 69.10
C THR L 163 23.00 -27.19 68.42
N HIS L 164 24.12 -27.53 69.07
CA HIS L 164 25.18 -28.36 68.53
C HIS L 164 25.83 -27.72 67.30
N ARG L 165 25.50 -26.46 67.02
CA ARG L 165 26.10 -25.72 65.92
C ARG L 165 27.42 -25.09 66.38
N ALA L 166 28.19 -24.64 65.39
CA ALA L 166 29.52 -24.10 65.66
C ALA L 166 29.42 -22.67 66.20
N LEU L 167 30.25 -22.38 67.21
CA LEU L 167 30.34 -21.05 67.78
C LEU L 167 31.71 -20.43 67.49
N PRO L 168 31.75 -19.13 67.22
CA PRO L 168 33.04 -18.45 67.09
C PRO L 168 33.67 -18.27 68.46
N PRO L 169 34.90 -17.78 68.56
CA PRO L 169 35.47 -17.49 69.87
C PRO L 169 34.62 -16.49 70.64
N GLU L 170 34.70 -16.56 71.96
CA GLU L 170 33.97 -15.64 72.83
C GLU L 170 34.96 -14.85 73.67
N PRO L 171 35.17 -13.55 73.42
CA PRO L 171 34.44 -12.77 72.40
C PRO L 171 34.92 -13.04 71.00
N CYS L 172 34.08 -12.75 70.00
CA CYS L 172 34.45 -13.00 68.60
C CYS L 172 35.20 -11.76 68.10
N ARG L 173 36.50 -11.75 68.37
CA ARG L 173 37.34 -10.63 67.96
C ARG L 173 37.58 -10.67 66.45
N VAL L 174 37.48 -9.50 65.82
CA VAL L 174 37.72 -9.38 64.40
C VAL L 174 38.77 -8.28 64.18
N ARG L 175 39.29 -8.25 62.95
CA ARG L 175 40.27 -7.24 62.55
C ARG L 175 39.91 -6.76 61.16
N ILE L 176 39.87 -5.44 60.98
CA ILE L 176 39.66 -4.86 59.65
C ILE L 176 40.99 -4.83 58.92
N CYS L 177 41.05 -5.48 57.75
CA CYS L 177 42.26 -5.50 56.95
C CYS L 177 41.98 -4.92 55.57
N ASP L 178 42.95 -5.07 54.66
CA ASP L 178 42.87 -4.59 53.29
C ASP L 178 42.69 -3.07 53.25
N LEU L 179 43.79 -2.39 53.57
CA LEU L 179 43.84 -0.92 53.58
C LEU L 179 44.40 -0.32 52.31
N GLY L 180 44.51 -1.09 51.23
CA GLY L 180 45.13 -0.58 50.02
C GLY L 180 44.34 0.52 49.34
N GLY L 181 43.01 0.46 49.42
CA GLY L 181 42.16 1.38 48.70
C GLY L 181 41.67 2.53 49.55
N CYS L 182 42.41 2.86 50.60
CA CYS L 182 41.99 3.93 51.49
C CYS L 182 42.11 5.28 50.81
N CYS L 183 41.14 6.15 51.09
CA CYS L 183 41.14 7.50 50.57
C CYS L 183 41.12 8.46 51.73
N ASP L 184 41.26 9.74 51.41
CA ASP L 184 41.21 10.82 52.39
C ASP L 184 40.30 11.89 51.83
N GLU L 185 40.20 13.02 52.53
CA GLU L 185 39.20 14.03 52.18
C GLU L 185 39.57 14.73 50.89
N ARG L 186 40.69 14.34 50.30
CA ARG L 186 41.18 14.83 49.03
C ARG L 186 41.21 13.72 47.98
N HIS L 187 40.17 12.89 47.95
CA HIS L 187 39.96 12.01 46.81
C HIS L 187 39.30 12.73 45.63
N SER L 188 39.50 12.19 44.43
CA SER L 188 38.69 12.60 43.30
C SER L 188 37.23 12.33 43.61
N ARG L 189 36.38 13.35 43.45
CA ARG L 189 35.03 13.22 43.97
C ARG L 189 34.16 12.36 43.06
N THR L 190 34.49 12.25 41.77
CA THR L 190 33.75 11.33 40.91
C THR L 190 34.43 9.99 40.81
N ALA L 191 35.40 9.74 41.68
CA ALA L 191 36.04 8.44 41.74
C ALA L 191 35.01 7.39 42.12
N ILE L 192 35.18 6.20 41.57
CA ILE L 192 34.32 5.06 41.88
C ILE L 192 35.09 4.15 42.82
N VAL L 193 34.54 3.94 44.01
CA VAL L 193 35.17 3.11 45.02
C VAL L 193 34.21 1.98 45.39
N SER L 194 34.71 1.04 46.18
CA SER L 194 33.94 -0.07 46.75
C SER L 194 33.64 -1.11 45.68
N THR L 195 33.64 -2.38 46.07
CA THR L 195 33.01 -3.39 45.23
C THR L 195 31.52 -3.10 45.13
N ARG L 196 30.95 -3.38 43.97
CA ARG L 196 29.62 -2.88 43.64
C ARG L 196 28.59 -3.34 44.68
N HIS L 197 28.75 -4.55 45.22
CA HIS L 197 27.80 -5.08 46.20
C HIS L 197 27.63 -4.13 47.39
N TYR L 198 28.68 -3.41 47.77
CA TYR L 198 28.67 -2.60 48.98
C TYR L 198 28.86 -1.12 48.67
N ARG L 199 28.68 -0.73 47.41
CA ARG L 199 28.93 0.64 46.98
C ARG L 199 27.69 1.50 47.16
N SER L 200 27.86 2.63 47.84
CA SER L 200 26.74 3.51 48.13
C SER L 200 26.21 4.15 46.84
N PRO L 201 24.95 4.59 46.84
CA PRO L 201 24.42 5.25 45.64
C PRO L 201 25.13 6.56 45.31
N GLU L 202 25.55 7.32 46.31
CA GLU L 202 26.29 8.55 46.05
C GLU L 202 27.55 8.29 45.25
N VAL L 203 28.21 7.14 45.47
CA VAL L 203 29.39 6.82 44.69
C VAL L 203 29.00 6.40 43.27
N VAL L 204 27.97 5.55 43.15
CA VAL L 204 27.51 5.11 41.85
C VAL L 204 27.15 6.30 40.98
N LEU L 205 26.36 7.22 41.52
CA LEU L 205 25.90 8.38 40.78
C LEU L 205 26.79 9.60 40.96
N SER L 206 27.91 9.45 41.66
CA SER L 206 28.86 10.56 41.89
C SER L 206 28.16 11.80 42.43
N LEU L 207 27.36 11.62 43.47
CA LEU L 207 26.60 12.70 44.09
C LEU L 207 27.40 13.42 45.16
N GLY L 208 28.68 13.09 45.31
CA GLY L 208 29.48 13.51 46.44
C GLY L 208 29.48 12.43 47.50
N TRP L 209 30.67 11.99 47.89
CA TRP L 209 30.80 10.95 48.90
C TRP L 209 31.99 11.23 49.80
N MET L 210 31.89 10.76 51.04
CA MET L 210 32.96 10.89 52.01
C MET L 210 32.86 9.73 53.00
N TYR L 211 33.02 10.03 54.29
CA TYR L 211 33.09 8.99 55.30
C TYR L 211 31.85 8.13 55.34
N SER L 212 30.67 8.71 55.08
CA SER L 212 29.42 7.98 55.23
C SER L 212 29.30 6.77 54.29
N THR L 213 30.15 6.67 53.27
CA THR L 213 30.07 5.52 52.37
C THR L 213 30.61 4.25 53.03
N ASP L 214 31.50 4.38 54.02
CA ASP L 214 31.93 3.21 54.78
C ASP L 214 30.79 2.62 55.59
N LEU L 215 29.86 3.46 56.02
CA LEU L 215 28.73 2.99 56.84
C LEU L 215 27.64 2.39 55.99
N TRP L 216 27.50 2.83 54.74
CA TRP L 216 26.63 2.14 53.79
C TRP L 216 27.09 0.69 53.61
N SER L 217 28.39 0.49 53.37
CA SER L 217 28.90 -0.86 53.19
C SER L 217 28.70 -1.68 54.46
N MET L 218 28.85 -1.05 55.62
CA MET L 218 28.56 -1.73 56.87
C MET L 218 27.10 -2.13 56.96
N GLY L 219 26.20 -1.32 56.40
CA GLY L 219 24.79 -1.72 56.35
C GLY L 219 24.57 -3.00 55.58
N CYS L 220 25.21 -3.11 54.40
CA CYS L 220 25.05 -4.30 53.58
C CYS L 220 25.82 -5.48 54.16
N ILE L 221 26.93 -5.22 54.84
CA ILE L 221 27.67 -6.30 55.48
C ILE L 221 26.85 -6.90 56.61
N ILE L 222 26.21 -6.04 57.41
CA ILE L 222 25.40 -6.52 58.53
C ILE L 222 24.19 -7.29 58.03
N TYR L 223 23.57 -6.82 56.95
CA TYR L 223 22.49 -7.59 56.32
C TYR L 223 22.96 -8.99 55.98
N GLU L 224 24.12 -9.09 55.36
CA GLU L 224 24.63 -10.37 54.89
C GLU L 224 25.07 -11.28 56.05
N LEU L 225 25.62 -10.70 57.11
CA LEU L 225 26.04 -11.52 58.24
C LEU L 225 24.85 -12.13 58.98
N TYR L 226 23.69 -11.48 58.92
CA TYR L 226 22.53 -11.93 59.67
C TYR L 226 21.62 -12.83 58.84
N THR L 227 21.54 -12.61 57.53
CA THR L 227 20.70 -13.42 56.66
C THR L 227 21.49 -14.47 55.87
N GLY L 228 22.79 -14.30 55.72
CA GLY L 228 23.59 -15.18 54.90
C GLY L 228 23.50 -14.94 53.41
N LYS L 229 22.82 -13.87 52.98
CA LYS L 229 22.62 -13.57 51.57
C LYS L 229 23.12 -12.18 51.26
N LEU L 230 23.57 -12.00 50.02
CA LEU L 230 23.91 -10.67 49.55
C LEU L 230 22.67 -9.79 49.51
N LEU L 231 22.82 -8.55 49.97
CA LEU L 231 21.71 -7.61 49.86
C LEU L 231 21.54 -7.15 48.42
N TYR L 232 22.65 -6.96 47.72
CA TYR L 232 22.66 -6.51 46.32
C TYR L 232 23.62 -7.42 45.54
N ASP L 233 23.08 -8.50 44.98
CA ASP L 233 23.85 -9.40 44.12
C ASP L 233 23.61 -9.01 42.67
N THR L 234 24.35 -8.00 42.22
CA THR L 234 24.16 -7.40 40.91
C THR L 234 25.50 -6.84 40.45
N HIS L 235 25.68 -6.78 39.12
CA HIS L 235 26.83 -6.09 38.54
C HIS L 235 26.40 -4.95 37.62
N ASP L 236 25.18 -4.43 37.77
CA ASP L 236 24.64 -3.43 36.86
C ASP L 236 24.11 -2.25 37.66
N ASN L 237 24.50 -1.04 37.23
CA ASN L 237 24.09 0.18 37.94
C ASN L 237 22.57 0.34 37.96
N LEU L 238 21.92 0.17 36.81
CA LEU L 238 20.49 0.42 36.72
C LEU L 238 19.72 -0.63 37.50
N GLU L 239 20.20 -1.87 37.49
CA GLU L 239 19.61 -2.90 38.33
C GLU L 239 19.90 -2.63 39.80
N HIS L 240 21.12 -2.20 40.12
CA HIS L 240 21.48 -1.89 41.50
C HIS L 240 20.54 -0.86 42.10
N LEU L 241 20.29 0.24 41.37
CA LEU L 241 19.46 1.30 41.92
C LEU L 241 18.01 0.86 42.06
N HIS L 242 17.51 0.07 41.09
CA HIS L 242 16.16 -0.48 41.22
C HIS L 242 16.09 -1.43 42.41
N LEU L 243 17.16 -2.19 42.65
CA LEU L 243 17.19 -3.04 43.84
C LEU L 243 17.18 -2.21 45.11
N MET L 244 17.89 -1.07 45.12
CA MET L 244 17.87 -0.17 46.29
C MET L 244 16.47 0.35 46.58
N GLU L 245 15.71 0.72 45.53
CA GLU L 245 14.32 1.15 45.72
C GLU L 245 13.52 0.07 46.36
N LYS L 246 13.77 -1.10 45.88
CA LYS L 246 12.89 -2.18 46.15
C LYS L 246 13.17 -2.67 47.54
N THR L 247 14.40 -2.53 47.97
CA THR L 247 14.73 -2.93 49.33
C THR L 247 14.49 -1.81 50.32
N LEU L 248 14.66 -0.54 49.90
CA LEU L 248 14.67 0.57 50.85
C LEU L 248 13.66 1.68 50.55
N GLY L 249 13.25 1.86 49.31
CA GLY L 249 12.40 2.96 48.97
C GLY L 249 13.03 3.78 47.88
N ARG L 250 12.19 4.67 47.33
CA ARG L 250 12.59 5.39 46.14
C ARG L 250 13.82 6.27 46.38
N LEU L 251 14.61 6.49 45.33
CA LEU L 251 15.70 7.44 45.46
C LEU L 251 15.10 8.84 45.58
N PRO L 252 15.78 9.76 46.28
CA PRO L 252 15.28 11.14 46.36
C PRO L 252 15.14 11.76 44.99
N ALA L 253 14.10 12.58 44.83
CA ALA L 253 13.78 13.16 43.54
C ALA L 253 14.88 14.07 43.00
N ASP L 254 15.73 14.63 43.86
CA ASP L 254 16.68 15.61 43.37
C ASP L 254 17.85 14.94 42.68
N TRP L 255 17.94 13.62 42.79
CA TRP L 255 19.17 12.91 42.41
C TRP L 255 19.45 13.06 40.92
N SER L 256 18.41 13.14 40.09
CA SER L 256 18.65 13.24 38.66
C SER L 256 19.30 14.56 38.26
N VAL L 257 19.17 15.59 39.10
CA VAL L 257 19.85 16.86 38.85
C VAL L 257 21.22 16.88 39.49
N ARG L 258 21.48 16.02 40.46
CA ARG L 258 22.69 16.08 41.27
C ARG L 258 23.73 15.02 40.90
N CYS L 259 23.52 14.27 39.83
CA CYS L 259 24.50 13.25 39.46
C CYS L 259 25.77 13.90 38.96
N GLY L 260 26.90 13.26 39.24
CA GLY L 260 28.20 13.88 39.07
C GLY L 260 28.94 13.52 37.80
N THR L 261 28.43 12.57 37.05
CA THR L 261 29.06 12.17 35.79
C THR L 261 28.01 12.07 34.70
N GLN L 262 28.48 12.22 33.46
CA GLN L 262 27.63 11.95 32.31
C GLN L 262 26.98 10.58 32.42
N GLU L 263 27.78 9.56 32.77
CA GLU L 263 27.27 8.20 32.88
C GLU L 263 26.12 8.09 33.87
N ALA L 264 26.23 8.78 35.01
CA ALA L 264 25.25 8.63 36.08
C ALA L 264 23.89 9.20 35.69
N ARG L 265 23.89 10.40 35.10
CA ARG L 265 22.65 11.02 34.68
C ARG L 265 21.93 10.18 33.61
N ASP L 266 22.68 9.44 32.78
CA ASP L 266 22.04 8.68 31.72
C ASP L 266 21.21 7.53 32.26
N LEU L 267 21.26 7.27 33.57
CA LEU L 267 20.38 6.30 34.20
C LEU L 267 19.01 6.87 34.53
N PHE L 268 18.77 8.15 34.28
CA PHE L 268 17.50 8.79 34.56
C PHE L 268 16.86 9.32 33.27
N THR L 269 15.53 9.47 33.33
CA THR L 269 14.74 10.12 32.29
C THR L 269 15.10 11.61 32.20
N ALA L 270 14.64 12.24 31.11
CA ALA L 270 14.63 13.70 31.04
C ALA L 270 13.77 14.31 32.14
N ALA L 271 12.71 13.61 32.54
CA ALA L 271 11.88 14.08 33.65
C ALA L 271 12.66 14.01 34.96
N GLY L 272 13.28 12.86 35.23
CA GLY L 272 14.07 12.70 36.43
C GLY L 272 13.81 11.41 37.16
N THR L 273 13.08 10.49 36.51
CA THR L 273 12.81 9.18 37.09
C THR L 273 13.84 8.19 36.57
N LEU L 274 14.06 7.12 37.32
CA LEU L 274 15.08 6.15 36.91
C LEU L 274 14.61 5.35 35.72
N GLN L 275 15.54 5.03 34.83
CA GLN L 275 15.21 4.27 33.64
C GLN L 275 14.83 2.83 34.01
N PRO L 276 13.87 2.24 33.31
CA PRO L 276 13.49 0.86 33.58
C PRO L 276 14.54 -0.13 33.07
N CYS L 277 14.57 -1.29 33.73
CA CYS L 277 15.40 -2.42 33.31
C CYS L 277 14.66 -3.21 32.25
N LYS L 278 15.43 -3.85 31.36
CA LYS L 278 14.80 -4.50 30.23
C LYS L 278 15.24 -5.94 30.03
N ASP L 279 16.43 -6.32 30.51
CA ASP L 279 16.90 -7.69 30.36
C ASP L 279 16.28 -8.61 31.40
N PRO L 280 15.67 -9.71 30.99
CA PRO L 280 14.87 -10.53 31.91
C PRO L 280 15.66 -11.08 33.07
N LYS L 281 16.99 -10.98 33.03
CA LYS L 281 17.81 -11.43 34.15
C LYS L 281 17.75 -10.50 35.35
N HIS L 282 17.45 -9.24 35.11
CA HIS L 282 17.39 -8.22 36.16
C HIS L 282 15.99 -7.95 36.66
N ILE L 283 14.99 -8.21 35.84
CA ILE L 283 13.62 -7.94 36.22
C ILE L 283 13.13 -8.96 37.26
N ALA L 284 13.61 -10.20 37.12
CA ALA L 284 13.30 -11.24 38.10
C ALA L 284 13.94 -10.92 39.44
N ARG L 285 15.18 -10.43 39.41
CA ARG L 285 15.90 -10.15 40.65
C ARG L 285 15.28 -8.99 41.41
N ILE L 286 14.82 -7.96 40.68
CA ILE L 286 14.13 -6.85 41.34
C ILE L 286 12.77 -7.28 41.87
N ALA L 287 12.05 -8.13 41.13
CA ALA L 287 10.77 -8.60 41.60
C ALA L 287 10.91 -9.45 42.87
N ARG L 288 12.04 -10.16 43.01
CA ARG L 288 12.21 -11.06 44.14
C ARG L 288 12.84 -10.43 45.34
N ALA L 289 13.45 -9.27 45.15
CA ALA L 289 14.00 -8.56 46.28
C ALA L 289 12.85 -8.07 47.14
N ARG L 290 13.02 -8.20 48.44
CA ARG L 290 11.96 -7.81 49.34
C ARG L 290 12.47 -6.75 50.31
N PRO L 291 11.59 -5.91 50.84
CA PRO L 291 12.04 -4.79 51.69
C PRO L 291 12.82 -5.29 52.90
N VAL L 292 13.89 -4.56 53.23
CA VAL L 292 14.70 -4.83 54.43
C VAL L 292 13.79 -4.92 55.64
N ARG L 293 12.81 -4.01 55.66
CA ARG L 293 11.73 -3.92 56.62
C ARG L 293 11.18 -5.28 57.00
N GLU L 294 11.05 -6.17 56.01
CA GLU L 294 10.45 -7.50 56.19
C GLU L 294 11.43 -8.64 56.39
N VAL L 295 12.69 -8.49 55.99
CA VAL L 295 13.62 -9.60 56.15
C VAL L 295 14.23 -9.57 57.54
N ILE L 296 14.52 -8.38 58.05
CA ILE L 296 15.10 -8.20 59.37
C ILE L 296 13.94 -8.09 60.36
N THR L 297 13.57 -9.20 61.00
CA THR L 297 12.49 -9.20 61.98
C THR L 297 12.91 -8.59 63.32
N GLU L 298 14.19 -8.67 63.68
CA GLU L 298 14.64 -8.09 64.94
C GLU L 298 14.54 -6.57 64.85
N PRO L 299 13.70 -5.91 65.66
CA PRO L 299 13.40 -4.50 65.41
C PRO L 299 14.58 -3.56 65.58
N LEU L 300 15.47 -3.81 66.54
CA LEU L 300 16.62 -2.93 66.71
C LEU L 300 17.63 -3.13 65.60
N LEU L 301 17.83 -4.38 65.16
CA LEU L 301 18.71 -4.65 64.03
C LEU L 301 18.17 -4.02 62.75
N CYS L 302 16.84 -4.05 62.58
CA CYS L 302 16.21 -3.40 61.43
C CYS L 302 16.51 -1.91 61.43
N ASP L 303 16.33 -1.25 62.57
CA ASP L 303 16.63 0.17 62.66
C ASP L 303 18.11 0.43 62.39
N LEU L 304 18.98 -0.45 62.86
CA LEU L 304 20.41 -0.29 62.59
C LEU L 304 20.70 -0.39 61.10
N ILE L 305 20.19 -1.44 60.45
CA ILE L 305 20.47 -1.64 59.03
C ILE L 305 19.85 -0.52 58.20
N LEU L 306 18.60 -0.16 58.49
CA LEU L 306 17.90 0.82 57.67
C LEU L 306 18.53 2.21 57.82
N ASN L 307 18.98 2.56 59.02
CA ASN L 307 19.61 3.86 59.20
C ASN L 307 21.08 3.86 58.85
N LEU L 308 21.69 2.69 58.62
CA LEU L 308 22.98 2.64 57.95
C LEU L 308 22.85 2.80 56.44
N LEU L 309 21.71 2.41 55.87
CA LEU L 309 21.48 2.53 54.44
C LEU L 309 20.65 3.77 54.10
N HIS L 310 20.73 4.80 54.93
CA HIS L 310 20.01 6.04 54.69
C HIS L 310 20.53 6.72 53.43
N TYR L 311 19.61 7.18 52.58
CA TYR L 311 20.01 7.90 51.38
C TYR L 311 20.62 9.25 51.72
N ASP L 312 20.20 9.86 52.82
CA ASP L 312 20.77 11.14 53.26
C ASP L 312 22.06 10.85 54.01
N ARG L 313 23.17 11.38 53.49
CA ARG L 313 24.49 11.07 54.02
C ARG L 313 24.74 11.70 55.37
N GLN L 314 24.01 12.74 55.73
CA GLN L 314 24.20 13.39 57.02
C GLN L 314 23.33 12.78 58.10
N ARG L 315 22.20 12.19 57.71
CA ARG L 315 21.35 11.43 58.62
C ARG L 315 21.70 9.95 58.71
N ARG L 316 22.48 9.44 57.77
CA ARG L 316 22.99 8.08 57.89
C ARG L 316 23.82 7.95 59.15
N LEU L 317 23.65 6.83 59.85
CA LEU L 317 24.41 6.63 61.08
C LEU L 317 25.90 6.64 60.79
N ASN L 318 26.67 7.23 61.69
CA ASN L 318 28.12 7.16 61.62
C ASN L 318 28.59 5.99 62.48
N ALA L 319 29.90 5.72 62.40
CA ALA L 319 30.46 4.56 63.09
C ALA L 319 30.22 4.64 64.59
N ARG L 320 30.33 5.83 65.17
CA ARG L 320 30.12 5.99 66.61
C ARG L 320 28.70 5.61 67.01
N GLN L 321 27.71 6.04 66.22
CA GLN L 321 26.34 5.66 66.49
C GLN L 321 26.12 4.16 66.25
N MET L 322 26.82 3.60 65.26
CA MET L 322 26.71 2.17 64.98
C MET L 322 27.17 1.33 66.17
N MET L 323 28.37 1.59 66.68
CA MET L 323 28.88 0.82 67.81
C MET L 323 28.11 1.10 69.10
N SER L 324 27.40 2.22 69.17
CA SER L 324 26.61 2.57 70.35
C SER L 324 25.11 2.39 70.12
N HIS L 325 24.72 1.67 69.07
CA HIS L 325 23.32 1.49 68.75
C HIS L 325 22.62 0.62 69.79
N ALA L 326 21.30 0.79 69.86
CA ALA L 326 20.49 0.02 70.81
C ALA L 326 20.60 -1.48 70.59
N TYR L 327 20.83 -1.91 69.34
CA TYR L 327 21.01 -3.34 69.07
C TYR L 327 22.25 -3.87 69.78
N VAL L 328 23.35 -3.12 69.73
CA VAL L 328 24.59 -3.56 70.36
C VAL L 328 24.43 -3.63 71.87
N HIS L 329 23.70 -2.68 72.45
CA HIS L 329 23.54 -2.65 73.90
C HIS L 329 22.62 -3.76 74.41
N LYS L 330 21.67 -4.21 73.59
CA LYS L 330 20.76 -5.26 74.04
C LYS L 330 21.42 -6.63 74.01
N TYR L 331 22.08 -6.97 72.90
CA TYR L 331 22.60 -8.31 72.70
C TYR L 331 24.08 -8.44 73.04
N PHE L 332 24.80 -7.32 73.18
CA PHE L 332 26.16 -7.33 73.72
C PHE L 332 26.23 -6.32 74.87
N PRO L 333 25.48 -6.57 75.94
CA PRO L 333 25.44 -5.58 77.04
C PRO L 333 26.78 -5.37 77.68
N GLU L 334 27.70 -6.33 77.60
CA GLU L 334 29.01 -6.10 78.20
C GLU L 334 29.88 -5.13 77.41
N CYS L 335 29.41 -4.68 76.24
CA CYS L 335 30.04 -3.54 75.58
C CYS L 335 30.24 -2.39 76.54
N ARG L 336 29.35 -2.28 77.54
CA ARG L 336 29.37 -1.09 78.37
C ARG L 336 30.55 -1.09 79.35
N GLN L 337 31.19 -2.24 79.58
CA GLN L 337 32.42 -2.29 80.38
C GLN L 337 33.67 -2.42 79.53
N HIS L 338 33.55 -2.36 78.21
CA HIS L 338 34.74 -2.42 77.36
C HIS L 338 35.41 -1.05 77.31
N PRO L 339 36.75 -1.00 77.32
CA PRO L 339 37.43 0.30 77.33
C PRO L 339 37.17 1.15 76.10
N ASN L 340 36.62 0.58 75.03
CA ASN L 340 36.33 1.36 73.82
C ASN L 340 34.91 1.90 73.78
N HIS L 341 34.06 1.49 74.72
CA HIS L 341 32.72 2.06 74.81
C HIS L 341 32.78 3.57 75.01
N VAL L 342 31.86 4.28 74.36
CA VAL L 342 31.93 5.74 74.31
C VAL L 342 31.86 6.34 75.71
N ASP L 343 31.12 5.73 76.63
CA ASP L 343 30.98 6.28 77.98
C ASP L 343 32.17 5.98 78.86
N ASN L 344 33.14 5.20 78.40
CA ASN L 344 34.35 4.94 79.14
C ASN L 344 35.55 5.70 78.58
N ARG L 345 35.33 6.64 77.69
CA ARG L 345 36.41 7.36 77.04
C ARG L 345 36.37 8.85 77.34
N SER L 346 37.45 9.50 76.94
CA SER L 346 37.58 10.95 76.94
C SER L 346 36.59 11.58 75.96
N LYS L 347 36.61 12.90 75.93
CA LYS L 347 35.88 13.60 74.88
C LYS L 347 36.51 13.29 73.53
N LEU L 348 35.69 12.83 72.60
CA LEU L 348 36.19 12.39 71.31
C LEU L 348 36.14 13.50 70.28
N PRO L 349 36.93 13.40 69.20
CA PRO L 349 36.76 14.34 68.08
C PRO L 349 35.36 14.25 67.53
N PRO L 350 34.87 15.30 66.88
CA PRO L 350 33.50 15.25 66.36
C PRO L 350 33.35 14.15 65.32
N THR L 351 32.17 13.56 65.27
CA THR L 351 31.88 12.60 64.22
C THR L 351 31.88 13.34 62.89
N PRO L 352 32.14 12.65 61.78
CA PRO L 352 32.15 13.34 60.50
C PRO L 352 30.77 13.91 60.16
N VAL L 353 30.79 15.00 59.41
CA VAL L 353 29.62 15.49 58.71
C VAL L 353 29.62 14.81 57.36
N MET L 354 28.66 13.92 57.12
CA MET L 354 28.57 13.13 55.89
C MET L 354 29.85 12.42 55.47
N GLY M 16 -45.41 51.75 33.14
CA GLY M 16 -45.99 52.96 32.58
C GLY M 16 -45.48 53.27 31.18
N ARG M 17 -44.23 53.75 31.10
CA ARG M 17 -43.61 54.10 29.83
C ARG M 17 -42.67 53.02 29.32
N PHE M 18 -42.02 52.26 30.20
CA PHE M 18 -41.04 51.25 29.81
C PHE M 18 -41.63 49.88 30.10
N LYS M 19 -41.71 49.05 29.05
CA LYS M 19 -42.19 47.69 29.18
C LYS M 19 -40.97 46.77 29.13
N ILE M 20 -40.80 45.96 30.17
CA ILE M 20 -39.64 45.08 30.27
C ILE M 20 -39.85 43.89 29.36
N LEU M 21 -38.84 43.59 28.53
CA LEU M 21 -38.92 42.51 27.56
C LEU M 21 -38.07 41.31 27.97
N SER M 22 -36.77 41.49 28.13
CA SER M 22 -35.88 40.39 28.47
C SER M 22 -34.98 40.78 29.62
N LEU M 23 -34.39 39.78 30.26
CA LEU M 23 -33.34 39.97 31.25
C LEU M 23 -32.00 39.77 30.54
N LEU M 24 -31.18 40.82 30.52
CA LEU M 24 -29.88 40.74 29.87
C LEU M 24 -28.76 40.37 30.82
N GLY M 25 -28.89 40.75 32.09
CA GLY M 25 -27.88 40.42 33.07
C GLY M 25 -28.32 40.80 34.46
N GLU M 26 -27.65 40.21 35.45
CA GLU M 26 -28.06 40.34 36.84
C GLU M 26 -26.82 40.33 37.72
N GLY M 27 -26.89 41.08 38.82
CA GLY M 27 -25.78 41.10 39.76
C GLY M 27 -26.18 41.74 41.07
N THR M 28 -25.17 41.96 41.91
CA THR M 28 -25.38 42.64 43.19
C THR M 28 -26.08 43.99 43.00
N PHE M 29 -25.58 44.80 42.06
CA PHE M 29 -26.16 46.11 41.79
C PHE M 29 -27.66 46.03 41.55
N GLY M 30 -28.10 44.99 40.86
CA GLY M 30 -29.48 44.87 40.41
C GLY M 30 -29.61 44.12 39.10
N LYS M 31 -30.35 44.66 38.15
CA LYS M 31 -30.60 43.99 36.89
C LYS M 31 -30.43 44.95 35.73
N VAL M 32 -30.04 44.41 34.57
CA VAL M 32 -30.10 45.11 33.29
C VAL M 32 -31.12 44.39 32.44
N VAL M 33 -32.16 45.11 32.02
CA VAL M 33 -33.23 44.52 31.23
C VAL M 33 -33.30 45.22 29.88
N GLU M 34 -33.71 44.48 28.87
CA GLU M 34 -34.14 45.08 27.62
C GLU M 34 -35.58 45.54 27.79
N ALA M 35 -35.88 46.77 27.41
CA ALA M 35 -37.19 47.33 27.62
C ALA M 35 -37.69 47.96 26.33
N TRP M 36 -39.00 48.07 26.22
CA TRP M 36 -39.63 48.75 25.11
C TRP M 36 -40.04 50.14 25.57
N ASP M 37 -39.57 51.15 24.86
CA ASP M 37 -39.87 52.54 25.17
C ASP M 37 -41.24 52.82 24.57
N ARG M 38 -42.29 52.80 25.41
CA ARG M 38 -43.62 52.93 24.87
C ARG M 38 -43.88 54.38 24.42
N LYS M 39 -43.11 55.38 24.91
CA LYS M 39 -43.27 56.79 24.45
C LYS M 39 -42.43 57.19 23.25
N ARG M 40 -41.36 56.47 22.93
CA ARG M 40 -40.52 56.87 21.81
C ARG M 40 -40.41 55.71 20.83
N LYS M 41 -41.00 54.57 21.19
CA LYS M 41 -41.14 53.43 20.33
C LYS M 41 -39.80 52.71 20.09
N GLU M 42 -38.99 52.39 21.11
CA GLU M 42 -37.73 51.69 20.81
C GLU M 42 -37.11 50.96 21.99
N TYR M 43 -36.18 50.07 21.68
CA TYR M 43 -35.59 49.15 22.64
C TYR M 43 -34.43 49.85 23.30
N CYS M 44 -34.26 49.53 24.58
CA CYS M 44 -33.28 50.17 25.40
C CYS M 44 -32.85 49.15 26.44
N ALA M 45 -31.74 49.44 27.08
CA ALA M 45 -31.34 48.71 28.27
C ALA M 45 -31.67 49.58 29.49
N VAL M 46 -32.23 48.95 30.51
CA VAL M 46 -32.63 49.64 31.72
C VAL M 46 -31.89 49.00 32.87
N LYS M 47 -31.09 49.78 33.58
CA LYS M 47 -30.41 49.31 34.78
C LYS M 47 -31.35 49.58 35.94
N ILE M 48 -31.86 48.51 36.54
CA ILE M 48 -32.78 48.61 37.67
C ILE M 48 -31.93 48.38 38.90
N VAL M 49 -31.62 49.46 39.61
CA VAL M 49 -30.73 49.36 40.76
C VAL M 49 -31.53 48.85 41.95
N ARG M 50 -30.93 47.99 42.75
CA ARG M 50 -31.66 47.53 43.90
C ARG M 50 -31.99 48.70 44.81
N ASN M 51 -33.13 48.59 45.44
CA ASN M 51 -33.78 49.71 46.08
C ASN M 51 -33.26 49.76 47.51
N VAL M 52 -31.98 50.04 47.69
CA VAL M 52 -31.48 50.14 49.07
C VAL M 52 -30.71 51.44 49.21
N PRO M 53 -30.69 52.07 50.40
CA PRO M 53 -30.13 53.43 50.51
C PRO M 53 -28.69 53.56 49.98
N LYS M 54 -27.73 52.62 50.21
CA LYS M 54 -26.45 52.89 49.53
C LYS M 54 -26.47 52.66 48.05
N TYR M 55 -27.30 51.76 47.56
CA TYR M 55 -27.34 51.51 46.13
C TYR M 55 -28.11 52.61 45.42
N THR M 56 -29.20 53.05 46.03
CA THR M 56 -29.96 54.16 45.47
C THR M 56 -29.12 55.43 45.50
N ARG M 57 -28.23 55.53 46.47
CA ARG M 57 -27.52 56.79 46.64
C ARG M 57 -26.33 56.84 45.68
N ASP M 58 -25.74 55.67 45.43
CA ASP M 58 -24.65 55.51 44.46
C ASP M 58 -25.13 55.50 43.01
N ALA M 59 -26.41 55.20 42.77
CA ALA M 59 -26.96 55.38 41.43
C ALA M 59 -27.15 56.86 41.13
N LYS M 60 -27.56 57.64 42.13
CA LYS M 60 -27.73 59.08 41.92
C LYS M 60 -26.40 59.74 41.62
N ILE M 61 -25.33 59.30 42.29
CA ILE M 61 -24.00 59.81 41.98
C ILE M 61 -23.55 59.30 40.62
N GLU M 62 -23.78 58.02 40.34
CA GLU M 62 -23.45 57.47 39.02
C GLU M 62 -24.18 58.23 37.91
N ILE M 63 -25.45 58.55 38.12
CA ILE M 63 -26.21 59.29 37.12
C ILE M 63 -25.56 60.64 36.85
N GLN M 64 -25.09 61.31 37.91
CA GLN M 64 -24.50 62.63 37.74
C GLN M 64 -23.24 62.57 36.88
N PHE M 65 -22.43 61.52 37.04
CA PHE M 65 -21.29 61.34 36.15
C PHE M 65 -21.76 61.02 34.73
N MET M 66 -22.90 60.35 34.60
CA MET M 66 -23.44 60.05 33.27
C MET M 66 -24.00 61.30 32.63
N GLU M 67 -24.61 62.19 33.43
CA GLU M 67 -25.09 63.44 32.85
C GLU M 67 -23.91 64.32 32.41
N ARG M 68 -22.73 64.16 33.02
CA ARG M 68 -21.62 65.01 32.65
C ARG M 68 -20.97 64.54 31.38
N VAL M 69 -20.91 63.23 31.20
CA VAL M 69 -20.37 62.70 29.95
C VAL M 69 -21.27 63.11 28.81
N ARG M 70 -22.58 62.93 28.97
CA ARG M 70 -23.46 63.23 27.84
C ARG M 70 -23.49 64.72 27.44
N LEU M 71 -23.66 65.61 28.41
CA LEU M 71 -23.93 66.98 28.04
C LEU M 71 -22.71 67.63 27.38
N SER M 72 -21.49 67.15 27.67
CA SER M 72 -20.29 67.71 27.04
C SER M 72 -19.95 67.06 25.70
N ASP M 73 -19.94 65.74 25.64
CA ASP M 73 -19.57 65.04 24.41
C ASP M 73 -20.82 64.82 23.54
N VAL M 74 -21.41 65.92 23.09
CA VAL M 74 -22.65 65.77 22.35
C VAL M 74 -22.31 65.32 20.95
N GLU M 75 -21.09 64.85 20.74
CA GLU M 75 -20.79 64.42 19.39
C GLU M 75 -20.87 62.92 19.33
N ASP M 76 -21.14 62.31 20.48
CA ASP M 76 -20.96 60.89 20.73
C ASP M 76 -19.63 60.47 20.14
N ARG M 77 -18.60 61.28 20.42
CA ARG M 77 -17.31 61.10 19.80
C ARG M 77 -16.46 60.04 20.48
N PHE M 78 -16.72 59.77 21.75
CA PHE M 78 -15.89 58.83 22.46
C PHE M 78 -16.73 57.66 22.95
N PRO M 79 -16.16 56.46 22.97
CA PRO M 79 -16.88 55.23 23.33
C PRO M 79 -17.15 55.09 24.82
N LEU M 80 -17.71 56.13 25.43
CA LEU M 80 -18.30 56.08 26.75
C LEU M 80 -19.80 55.93 26.63
N MET M 81 -20.41 55.32 27.65
CA MET M 81 -21.85 55.13 27.63
C MET M 81 -22.55 56.47 27.68
N LYS M 82 -23.71 56.51 27.07
CA LYS M 82 -24.47 57.75 26.93
C LYS M 82 -25.84 57.48 27.54
N ILE M 83 -26.03 57.93 28.78
CA ILE M 83 -27.30 57.76 29.47
C ILE M 83 -28.39 58.41 28.64
N GLN M 84 -29.57 57.79 28.64
CA GLN M 84 -30.64 58.37 27.87
C GLN M 84 -31.63 59.09 28.78
N ARG M 85 -31.99 58.47 29.92
CA ARG M 85 -32.85 59.05 30.94
C ARG M 85 -32.70 58.25 32.24
N TYR M 86 -33.32 58.75 33.30
CA TYR M 86 -33.36 58.06 34.58
C TYR M 86 -34.62 58.46 35.32
N PHE M 87 -35.03 57.61 36.26
CA PHE M 87 -36.16 57.91 37.13
C PHE M 87 -36.10 57.00 38.33
N GLN M 88 -36.87 57.36 39.35
CA GLN M 88 -37.04 56.53 40.54
C GLN M 88 -38.39 55.83 40.44
N ASN M 89 -38.36 54.51 40.54
CA ASN M 89 -39.58 53.76 40.41
C ASN M 89 -40.55 54.12 41.52
N GLU M 90 -41.76 53.62 41.34
CA GLU M 90 -42.89 53.76 42.24
C GLU M 90 -42.67 52.96 43.50
N THR M 91 -41.77 51.98 43.42
CA THR M 91 -41.26 51.23 44.55
C THR M 91 -39.86 51.67 44.96
N GLY M 92 -39.37 52.77 44.40
CA GLY M 92 -38.10 53.39 44.77
C GLY M 92 -36.86 52.90 44.06
N HIS M 93 -36.96 51.90 43.18
CA HIS M 93 -35.78 51.45 42.46
C HIS M 93 -35.28 52.55 41.54
N MET M 94 -33.98 52.85 41.62
CA MET M 94 -33.39 53.71 40.60
C MET M 94 -33.27 52.96 39.29
N CYS M 95 -33.73 53.59 38.21
CA CYS M 95 -33.72 52.97 36.90
C CYS M 95 -33.02 53.90 35.92
N ILE M 96 -31.93 53.43 35.31
CA ILE M 96 -31.11 54.23 34.41
C ILE M 96 -31.35 53.71 33.00
N VAL M 97 -31.94 54.54 32.14
CA VAL M 97 -32.28 54.17 30.78
C VAL M 97 -31.13 54.54 29.86
N MET M 98 -30.70 53.59 29.05
CA MET M 98 -29.53 53.71 28.19
C MET M 98 -29.78 52.96 26.89
N PRO M 99 -28.94 53.12 25.87
CA PRO M 99 -29.07 52.25 24.69
C PRO M 99 -28.74 50.82 25.07
N LYS M 100 -29.23 49.89 24.25
CA LYS M 100 -28.91 48.48 24.45
C LYS M 100 -27.61 48.19 23.71
N TYR M 101 -26.58 47.85 24.45
CA TYR M 101 -25.30 47.51 23.87
C TYR M 101 -25.20 45.98 23.84
N GLY M 102 -23.99 45.47 23.68
CA GLY M 102 -23.78 44.03 23.66
C GLY M 102 -23.17 43.54 24.96
N PRO M 103 -22.65 42.32 24.93
CA PRO M 103 -22.05 41.76 26.14
C PRO M 103 -20.66 42.32 26.37
N CYS M 104 -20.20 42.18 27.62
CA CYS M 104 -18.87 42.63 28.00
C CYS M 104 -17.79 41.85 27.26
N LEU M 105 -16.58 42.42 27.25
CA LEU M 105 -15.43 41.71 26.69
C LEU M 105 -15.17 40.39 27.40
N LEU M 106 -15.47 40.31 28.71
CA LEU M 106 -15.28 39.07 29.43
C LEU M 106 -16.09 37.94 28.82
N ASP M 107 -17.33 38.22 28.43
CA ASP M 107 -18.16 37.19 27.81
C ASP M 107 -17.55 36.67 26.51
N TRP M 108 -16.94 37.55 25.71
CA TRP M 108 -16.38 37.13 24.44
C TRP M 108 -15.16 36.23 24.65
N ILE M 109 -14.21 36.66 25.48
CA ILE M 109 -12.97 35.92 25.63
C ILE M 109 -13.20 34.53 26.22
N MET M 110 -14.20 34.37 27.09
CA MET M 110 -14.46 33.06 27.65
C MET M 110 -15.20 32.15 26.67
N LYS M 111 -15.92 32.73 25.72
CA LYS M 111 -16.65 31.93 24.74
C LYS M 111 -15.83 31.68 23.48
N HIS M 112 -15.14 32.70 22.96
CA HIS M 112 -14.42 32.59 21.70
C HIS M 112 -12.91 32.67 21.85
N GLY M 113 -12.40 32.86 23.06
CA GLY M 113 -10.98 32.99 23.28
C GLY M 113 -10.50 34.41 23.10
N PRO M 114 -9.19 34.61 23.14
CA PRO M 114 -8.64 35.97 23.05
C PRO M 114 -8.88 36.58 21.68
N PHE M 115 -8.85 37.90 21.63
CA PHE M 115 -8.95 38.62 20.36
C PHE M 115 -7.66 38.50 19.58
N ASN M 116 -7.78 38.65 18.25
CA ASN M 116 -6.61 38.76 17.42
C ASN M 116 -6.04 40.18 17.53
N HIS M 117 -4.84 40.36 16.96
CA HIS M 117 -4.11 41.61 17.18
C HIS M 117 -4.92 42.82 16.70
N ARG M 118 -5.61 42.68 15.57
CA ARG M 118 -6.34 43.83 15.01
C ARG M 118 -7.45 44.29 15.94
N HIS M 119 -8.32 43.37 16.37
CA HIS M 119 -9.44 43.78 17.22
C HIS M 119 -8.96 44.23 18.58
N LEU M 120 -7.89 43.62 19.09
CA LEU M 120 -7.28 44.10 20.33
C LEU M 120 -6.74 45.52 20.15
N ALA M 121 -6.07 45.77 19.03
CA ALA M 121 -5.58 47.12 18.76
C ALA M 121 -6.75 48.09 18.62
N GLN M 122 -7.85 47.65 18.01
CA GLN M 122 -9.02 48.51 17.89
C GLN M 122 -9.63 48.81 19.24
N ILE M 123 -9.66 47.81 20.13
CA ILE M 123 -10.18 48.03 21.48
C ILE M 123 -9.27 48.99 22.25
N ILE M 124 -7.95 48.78 22.15
CA ILE M 124 -6.99 49.64 22.84
C ILE M 124 -7.11 51.07 22.34
N PHE M 125 -7.31 51.25 21.03
CA PHE M 125 -7.46 52.59 20.48
C PHE M 125 -8.68 53.30 21.06
N GLN M 126 -9.82 52.61 21.11
CA GLN M 126 -11.07 53.25 21.54
C GLN M 126 -11.04 53.60 23.02
N VAL M 127 -10.64 52.65 23.87
CA VAL M 127 -10.58 52.91 25.31
C VAL M 127 -9.62 54.05 25.61
N GLY M 128 -8.48 54.08 24.89
CA GLY M 128 -7.57 55.21 25.06
C GLY M 128 -8.22 56.54 24.73
N ALA M 129 -8.95 56.59 23.61
CA ALA M 129 -9.60 57.84 23.22
C ALA M 129 -10.65 58.26 24.24
N ALA M 130 -11.41 57.30 24.76
CA ALA M 130 -12.38 57.62 25.80
C ALA M 130 -11.70 58.04 27.09
N LEU M 131 -10.62 57.35 27.47
CA LEU M 131 -9.97 57.63 28.74
C LEU M 131 -9.24 58.96 28.74
N ASP M 132 -8.58 59.31 27.62
CA ASP M 132 -7.92 60.61 27.62
C ASP M 132 -8.94 61.74 27.55
N TYR M 133 -10.10 61.52 26.92
CA TYR M 133 -11.19 62.48 27.05
C TYR M 133 -11.63 62.55 28.50
N PHE M 134 -11.78 61.39 29.15
CA PHE M 134 -12.13 61.37 30.56
C PHE M 134 -11.08 62.11 31.39
N HIS M 135 -9.80 61.88 31.11
CA HIS M 135 -8.72 62.38 31.96
C HIS M 135 -8.41 63.85 31.73
N THR M 136 -8.39 64.29 30.47
CA THR M 136 -7.90 65.64 30.16
C THR M 136 -8.99 66.64 29.85
N GLU M 137 -10.21 66.19 29.54
CA GLU M 137 -11.31 67.11 29.27
C GLU M 137 -12.28 67.19 30.43
N LEU M 138 -12.60 66.05 31.03
CA LEU M 138 -13.45 66.06 32.21
C LEU M 138 -12.63 66.07 33.49
N HIS M 139 -11.36 65.66 33.45
CA HIS M 139 -10.56 65.55 34.66
C HIS M 139 -11.25 64.66 35.69
N LEU M 140 -11.63 63.48 35.23
CA LEU M 140 -12.21 62.44 36.07
C LEU M 140 -11.42 61.17 35.83
N MET M 141 -11.36 60.33 36.86
CA MET M 141 -10.85 58.97 36.72
C MET M 141 -11.98 57.98 36.86
N HIS M 142 -11.89 56.90 36.11
CA HIS M 142 -12.89 55.83 36.19
C HIS M 142 -12.67 54.99 37.44
N THR M 143 -11.44 54.51 37.63
CA THR M 143 -10.97 53.81 38.82
C THR M 143 -11.51 52.38 38.96
N ASP M 144 -12.46 51.98 38.12
CA ASP M 144 -13.03 50.63 38.24
C ASP M 144 -13.24 50.00 36.87
N LEU M 145 -12.27 50.15 35.97
CA LEU M 145 -12.37 49.51 34.67
C LEU M 145 -12.02 48.04 34.76
N LYS M 146 -12.81 47.21 34.09
CA LYS M 146 -12.68 45.76 34.13
C LYS M 146 -13.29 45.20 32.87
N PRO M 147 -12.88 44.01 32.45
CA PRO M 147 -13.52 43.39 31.28
C PRO M 147 -15.03 43.21 31.43
N GLU M 148 -15.57 43.27 32.64
CA GLU M 148 -17.01 43.09 32.84
C GLU M 148 -17.81 44.34 32.51
N ASN M 149 -17.19 45.52 32.52
CA ASN M 149 -17.89 46.75 32.20
C ASN M 149 -17.34 47.43 30.95
N ILE M 150 -16.52 46.74 30.16
CA ILE M 150 -16.23 47.15 28.78
C ILE M 150 -17.13 46.30 27.89
N LEU M 151 -18.15 46.92 27.32
CA LEU M 151 -19.16 46.19 26.56
C LEU M 151 -18.88 46.34 25.08
N MET M 152 -19.11 45.26 24.33
CA MET M 152 -19.18 45.41 22.88
C MET M 152 -20.39 46.25 22.52
N GLU M 153 -20.21 47.15 21.56
CA GLU M 153 -21.33 47.98 21.12
C GLU M 153 -22.48 47.12 20.61
N SER M 154 -22.17 46.05 19.90
CA SER M 154 -23.17 45.14 19.37
C SER M 154 -22.75 43.70 19.63
N GLY M 155 -23.74 42.82 19.74
CA GLY M 155 -23.52 41.41 19.93
C GLY M 155 -23.53 40.65 18.62
N ASP M 156 -23.16 41.32 17.54
CA ASP M 156 -23.18 40.74 16.21
C ASP M 156 -21.88 39.98 15.96
N THR M 157 -21.99 38.94 15.13
CA THR M 157 -20.87 38.02 14.94
C THR M 157 -20.68 37.72 13.46
N SER M 158 -19.43 37.57 13.05
CA SER M 158 -19.06 37.14 11.72
C SER M 158 -18.21 35.88 11.85
N VAL M 159 -18.06 35.16 10.74
CA VAL M 159 -17.23 33.96 10.71
C VAL M 159 -16.04 34.24 9.82
N ASP M 160 -14.84 34.05 10.37
CA ASP M 160 -13.60 34.17 9.60
C ASP M 160 -13.57 33.09 8.51
N PRO M 161 -13.47 33.46 7.23
CA PRO M 161 -13.57 32.44 6.17
C PRO M 161 -12.43 31.41 6.20
N MET M 162 -11.28 31.74 6.78
CA MET M 162 -10.17 30.78 6.82
C MET M 162 -10.22 29.87 8.04
N THR M 163 -10.41 30.45 9.22
CA THR M 163 -10.39 29.69 10.46
C THR M 163 -11.76 29.19 10.90
N HIS M 164 -12.83 29.76 10.36
CA HIS M 164 -14.21 29.48 10.75
C HIS M 164 -14.53 29.88 12.18
N ARG M 165 -13.61 30.58 12.86
CA ARG M 165 -13.93 31.04 14.20
C ARG M 165 -14.70 32.35 14.13
N ALA M 166 -15.31 32.72 15.25
CA ALA M 166 -16.17 33.89 15.27
C ALA M 166 -15.33 35.16 15.27
N LEU M 167 -15.74 36.13 14.47
CA LEU M 167 -15.12 37.43 14.47
C LEU M 167 -16.11 38.47 14.98
N PRO M 168 -15.64 39.44 15.76
CA PRO M 168 -16.52 40.51 16.21
C PRO M 168 -16.86 41.44 15.07
N PRO M 169 -17.74 42.41 15.28
CA PRO M 169 -18.00 43.40 14.23
C PRO M 169 -16.73 44.10 13.80
N GLU M 170 -16.74 44.58 12.55
CA GLU M 170 -15.60 45.31 11.98
C GLU M 170 -16.03 46.72 11.61
N PRO M 171 -15.63 47.75 12.36
CA PRO M 171 -14.72 47.72 13.52
C PRO M 171 -15.35 47.20 14.80
N CYS M 172 -14.51 46.78 15.74
CA CYS M 172 -14.95 46.22 17.01
C CYS M 172 -15.18 47.37 17.98
N ARG M 173 -16.38 47.96 17.89
CA ARG M 173 -16.75 49.06 18.77
C ARG M 173 -17.07 48.56 20.17
N VAL M 174 -16.55 49.26 21.18
CA VAL M 174 -16.83 48.96 22.58
C VAL M 174 -17.32 50.23 23.25
N ARG M 175 -17.83 50.07 24.47
CA ARG M 175 -18.33 51.18 25.27
C ARG M 175 -17.87 50.99 26.71
N ILE M 176 -17.32 52.05 27.29
CA ILE M 176 -16.93 52.03 28.70
C ILE M 176 -18.17 52.32 29.55
N CYS M 177 -18.45 51.43 30.50
CA CYS M 177 -19.63 51.60 31.35
C CYS M 177 -19.27 51.65 32.84
N ASP M 178 -20.33 51.68 33.65
CA ASP M 178 -20.28 51.65 35.12
C ASP M 178 -19.35 52.75 35.68
N LEU M 179 -19.84 53.98 35.64
CA LEU M 179 -19.11 55.14 36.11
C LEU M 179 -19.38 55.45 37.58
N GLY M 180 -19.85 54.45 38.34
CA GLY M 180 -20.19 54.69 39.72
C GLY M 180 -19.01 55.09 40.59
N GLY M 181 -17.81 54.62 40.22
CA GLY M 181 -16.63 54.84 41.03
C GLY M 181 -15.75 55.98 40.60
N CYS M 182 -16.33 56.98 39.94
CA CYS M 182 -15.55 58.10 39.43
C CYS M 182 -14.97 58.92 40.55
N CYS M 183 -13.75 59.37 40.35
CA CYS M 183 -13.06 60.24 41.29
C CYS M 183 -12.65 61.53 40.58
N ASP M 184 -12.09 62.40 41.38
CA ASP M 184 -11.83 63.77 41.04
C ASP M 184 -10.44 64.18 41.56
N GLU M 185 -9.98 65.40 41.24
CA GLU M 185 -8.54 65.66 41.36
C GLU M 185 -8.09 65.80 42.80
N ARG M 186 -9.02 65.94 43.75
CA ARG M 186 -8.45 65.90 45.09
C ARG M 186 -9.33 64.92 45.84
N HIS M 187 -9.39 63.69 45.36
CA HIS M 187 -9.99 62.59 46.11
C HIS M 187 -9.19 62.35 47.40
N SER M 188 -9.77 61.59 48.34
CA SER M 188 -9.02 61.17 49.51
C SER M 188 -7.69 60.54 49.10
N ARG M 189 -6.61 60.90 49.81
CA ARG M 189 -5.27 60.58 49.31
C ARG M 189 -4.93 59.10 49.43
N THR M 190 -5.46 58.39 50.43
CA THR M 190 -5.23 56.95 50.56
C THR M 190 -6.47 56.11 50.24
N ALA M 191 -7.41 56.64 49.45
CA ALA M 191 -8.61 55.88 49.10
C ALA M 191 -8.26 54.55 48.45
N ILE M 192 -9.12 53.57 48.66
CA ILE M 192 -8.98 52.27 48.02
C ILE M 192 -9.99 52.23 46.89
N VAL M 193 -9.47 52.09 45.67
CA VAL M 193 -10.29 52.03 44.46
C VAL M 193 -9.94 50.74 43.72
N SER M 194 -10.69 50.47 42.65
CA SER M 194 -10.44 49.37 41.72
C SER M 194 -10.86 48.03 42.33
N THR M 195 -11.31 47.11 41.47
CA THR M 195 -11.33 45.72 41.83
C THR M 195 -9.90 45.23 42.04
N ARG M 196 -9.72 44.35 43.04
CA ARG M 196 -8.37 44.03 43.50
C ARG M 196 -7.51 43.49 42.36
N HIS M 197 -8.10 42.71 41.45
CA HIS M 197 -7.36 42.17 40.31
C HIS M 197 -6.72 43.26 39.48
N TYR M 198 -7.35 44.44 39.42
CA TYR M 198 -6.93 45.53 38.54
C TYR M 198 -6.49 46.75 39.33
N ARG M 199 -6.18 46.57 40.62
CA ARG M 199 -5.81 47.68 41.50
C ARG M 199 -4.32 47.92 41.40
N SER M 200 -3.95 49.16 41.12
CA SER M 200 -2.55 49.54 40.98
C SER M 200 -1.84 49.47 42.33
N PRO M 201 -0.51 49.32 42.32
CA PRO M 201 0.23 49.30 43.60
C PRO M 201 0.15 50.61 44.36
N GLU M 202 0.12 51.75 43.66
CA GLU M 202 0.01 53.03 44.34
C GLU M 202 -1.25 53.10 45.20
N VAL M 203 -2.33 52.45 44.78
CA VAL M 203 -3.55 52.45 45.58
C VAL M 203 -3.40 51.54 46.80
N VAL M 204 -2.85 50.33 46.59
CA VAL M 204 -2.69 49.36 47.68
C VAL M 204 -1.87 49.96 48.81
N LEU M 205 -0.72 50.55 48.49
CA LEU M 205 0.21 51.03 49.49
C LEU M 205 0.01 52.50 49.84
N SER M 206 -1.05 53.13 49.32
CA SER M 206 -1.37 54.53 49.60
C SER M 206 -0.18 55.44 49.33
N LEU M 207 0.42 55.28 48.15
CA LEU M 207 1.55 56.10 47.72
C LEU M 207 1.08 57.34 46.98
N GLY M 208 -0.23 57.56 46.88
CA GLY M 208 -0.74 58.59 46.01
C GLY M 208 -1.11 58.01 44.66
N TRP M 209 -2.33 58.28 44.21
CA TRP M 209 -2.81 57.79 42.93
C TRP M 209 -3.68 58.86 42.27
N MET M 210 -3.71 58.83 40.94
CA MET M 210 -4.54 59.75 40.18
C MET M 210 -4.96 59.10 38.86
N TYR M 211 -4.88 59.85 37.77
CA TYR M 211 -5.36 59.34 36.50
C TYR M 211 -4.63 58.06 36.07
N SER M 212 -3.32 57.98 36.28
CA SER M 212 -2.68 56.83 35.64
C SER M 212 -3.04 55.49 36.26
N THR M 213 -3.75 55.46 37.37
CA THR M 213 -4.21 54.17 37.92
C THR M 213 -5.25 53.55 36.99
N ASP M 214 -5.93 54.36 36.17
CA ASP M 214 -6.75 53.82 35.10
C ASP M 214 -5.88 53.12 34.06
N LEU M 215 -4.63 53.57 33.92
CA LEU M 215 -3.74 52.97 32.93
C LEU M 215 -3.09 51.70 33.45
N TRP M 216 -2.91 51.58 34.77
CA TRP M 216 -2.54 50.29 35.34
C TRP M 216 -3.60 49.25 35.04
N SER M 217 -4.88 49.60 35.23
CA SER M 217 -5.96 48.67 34.96
C SER M 217 -6.00 48.25 33.50
N MET M 218 -5.68 49.18 32.59
CA MET M 218 -5.63 48.82 31.17
C MET M 218 -4.54 47.79 30.90
N GLY M 219 -3.42 47.88 31.61
CA GLY M 219 -2.39 46.87 31.49
C GLY M 219 -2.89 45.50 31.87
N CYS M 220 -3.63 45.41 32.98
CA CYS M 220 -4.10 44.12 33.44
C CYS M 220 -5.23 43.60 32.56
N ILE M 221 -6.05 44.49 32.02
CA ILE M 221 -7.12 44.07 31.11
C ILE M 221 -6.53 43.62 29.77
N ILE M 222 -5.53 44.35 29.25
CA ILE M 222 -4.96 44.00 27.95
C ILE M 222 -4.26 42.65 28.04
N TYR M 223 -3.54 42.40 29.14
CA TYR M 223 -2.98 41.07 29.37
C TYR M 223 -4.05 40.00 29.29
N GLU M 224 -5.18 40.23 29.96
CA GLU M 224 -6.25 39.24 30.03
C GLU M 224 -6.97 39.09 28.69
N LEU M 225 -7.15 40.20 27.96
CA LEU M 225 -7.81 40.10 26.65
C LEU M 225 -6.97 39.30 25.66
N TYR M 226 -5.65 39.28 25.85
CA TYR M 226 -4.74 38.62 24.93
C TYR M 226 -4.41 37.18 25.34
N THR M 227 -4.35 36.91 26.64
CA THR M 227 -4.04 35.57 27.13
C THR M 227 -5.27 34.79 27.58
N GLY M 228 -6.37 35.47 27.88
CA GLY M 228 -7.54 34.81 28.42
C GLY M 228 -7.46 34.47 29.89
N LYS M 229 -6.39 34.88 30.58
CA LYS M 229 -6.21 34.57 31.99
C LYS M 229 -5.96 35.87 32.76
N LEU M 230 -6.37 35.86 34.02
CA LEU M 230 -6.07 36.96 34.92
C LEU M 230 -4.57 37.06 35.17
N LEU M 231 -4.05 38.29 35.17
CA LEU M 231 -2.65 38.49 35.53
C LEU M 231 -2.44 38.34 37.03
N TYR M 232 -3.41 38.78 37.84
CA TYR M 232 -3.33 38.73 39.30
C TYR M 232 -4.63 38.15 39.84
N ASP M 233 -4.66 36.83 40.01
CA ASP M 233 -5.80 36.12 40.59
C ASP M 233 -5.53 35.93 42.09
N THR M 234 -5.85 36.95 42.88
CA THR M 234 -5.44 36.98 44.28
C THR M 234 -6.48 37.72 45.11
N HIS M 235 -6.53 37.40 46.41
CA HIS M 235 -7.46 38.11 47.27
C HIS M 235 -6.74 38.81 48.41
N ASP M 236 -5.41 38.85 48.37
CA ASP M 236 -4.58 39.25 49.52
C ASP M 236 -3.49 40.22 49.06
N ASN M 237 -3.33 41.31 49.81
CA ASN M 237 -2.38 42.36 49.45
C ASN M 237 -0.96 41.82 49.29
N LEU M 238 -0.50 40.98 50.22
CA LEU M 238 0.91 40.60 50.19
C LEU M 238 1.23 39.70 49.01
N GLU M 239 0.34 38.78 48.66
CA GLU M 239 0.57 37.97 47.47
C GLU M 239 0.46 38.80 46.22
N HIS M 240 -0.48 39.74 46.19
CA HIS M 240 -0.61 40.64 45.06
C HIS M 240 0.72 41.32 44.77
N LEU M 241 1.40 41.80 45.82
CA LEU M 241 2.66 42.51 45.64
C LEU M 241 3.77 41.57 45.17
N HIS M 242 3.78 40.34 45.71
CA HIS M 242 4.80 39.39 45.27
C HIS M 242 4.53 38.91 43.87
N LEU M 243 3.26 38.82 43.45
CA LEU M 243 2.94 38.53 42.06
C LEU M 243 3.41 39.65 41.15
N MET M 244 3.26 40.90 41.61
CA MET M 244 3.83 42.03 40.86
C MET M 244 5.34 41.89 40.73
N GLU M 245 6.01 41.45 41.79
CA GLU M 245 7.45 41.24 41.72
C GLU M 245 7.80 40.12 40.74
N LYS M 246 6.99 39.06 40.72
CA LYS M 246 7.30 37.93 39.85
C LYS M 246 6.90 38.17 38.41
N THR M 247 5.87 38.97 38.16
CA THR M 247 5.46 39.26 36.80
C THR M 247 6.22 40.42 36.20
N LEU M 248 6.66 41.38 37.00
CA LEU M 248 7.17 42.64 36.50
C LEU M 248 8.57 43.00 36.95
N GLY M 249 9.05 42.52 38.09
CA GLY M 249 10.34 42.93 38.59
C GLY M 249 10.27 43.51 40.00
N ARG M 250 11.46 43.83 40.51
CA ARG M 250 11.60 44.28 41.89
C ARG M 250 10.76 45.52 42.14
N LEU M 251 10.19 45.61 43.34
CA LEU M 251 9.51 46.83 43.73
C LEU M 251 10.55 47.90 44.06
N PRO M 252 10.22 49.17 43.84
CA PRO M 252 11.18 50.24 44.13
C PRO M 252 11.61 50.22 45.59
N ALA M 253 12.91 50.46 45.81
CA ALA M 253 13.49 50.34 47.14
C ALA M 253 12.93 51.37 48.12
N ASP M 254 12.54 52.54 47.64
CA ASP M 254 12.03 53.58 48.52
C ASP M 254 10.59 53.37 48.94
N TRP M 255 9.90 52.31 48.47
CA TRP M 255 8.43 52.27 48.66
C TRP M 255 7.99 52.18 50.13
N SER M 256 8.71 51.46 50.94
CA SER M 256 8.29 51.33 52.33
C SER M 256 8.60 52.61 53.20
N VAL M 257 9.42 53.55 52.73
CA VAL M 257 9.47 54.82 53.44
C VAL M 257 8.33 55.73 52.98
N ARG M 258 7.67 55.42 51.85
CA ARG M 258 6.66 56.27 51.22
C ARG M 258 5.21 55.80 51.42
N CYS M 259 4.96 54.75 52.20
CA CYS M 259 3.59 54.27 52.34
C CYS M 259 2.74 55.20 53.19
N GLY M 260 1.46 55.28 52.85
CA GLY M 260 0.59 56.28 53.45
C GLY M 260 -0.29 55.76 54.57
N THR M 261 -0.35 54.44 54.75
CA THR M 261 -1.15 53.87 55.83
C THR M 261 -0.38 52.78 56.58
N GLN M 262 -0.81 52.57 57.85
CA GLN M 262 -0.37 51.46 58.71
C GLN M 262 -0.42 50.12 57.99
N GLU M 263 -1.57 49.84 57.35
CA GLU M 263 -1.77 48.54 56.73
C GLU M 263 -0.72 48.23 55.66
N ALA M 264 -0.43 49.20 54.80
CA ALA M 264 0.47 49.00 53.66
C ALA M 264 1.89 48.80 54.14
N ARG M 265 2.29 49.62 55.07
CA ARG M 265 3.61 49.61 55.65
C ARG M 265 4.04 48.32 56.31
N ASP M 266 3.13 47.57 56.91
CA ASP M 266 3.52 46.34 57.58
C ASP M 266 3.76 45.19 56.62
N LEU M 267 3.50 45.39 55.34
CA LEU M 267 3.81 44.37 54.36
C LEU M 267 5.29 44.35 54.01
N PHE M 268 6.08 45.25 54.59
CA PHE M 268 7.52 45.31 54.36
C PHE M 268 8.27 45.07 55.66
N THR M 269 9.55 44.70 55.50
CA THR M 269 10.48 44.52 56.60
C THR M 269 10.72 45.84 57.34
N ALA M 270 11.33 45.73 58.53
CA ALA M 270 11.94 46.90 59.15
C ALA M 270 13.07 47.43 58.29
N ALA M 271 13.76 46.54 57.57
CA ALA M 271 14.77 46.98 56.61
C ALA M 271 14.13 47.68 55.43
N GLY M 272 13.09 47.07 54.86
CA GLY M 272 12.35 47.71 53.78
C GLY M 272 12.02 46.86 52.57
N THR M 273 12.30 45.57 52.65
CA THR M 273 11.96 44.60 51.61
C THR M 273 10.70 43.87 52.01
N LEU M 274 10.07 43.23 51.03
CA LEU M 274 8.76 42.64 51.27
C LEU M 274 8.81 41.45 52.21
N GLN M 275 7.76 41.39 53.03
CA GLN M 275 7.50 40.30 53.95
C GLN M 275 7.14 39.08 53.13
N PRO M 276 7.70 37.90 53.42
CA PRO M 276 7.33 36.74 52.62
C PRO M 276 5.96 36.20 52.99
N CYS M 277 5.30 35.58 52.02
CA CYS M 277 4.06 34.87 52.30
C CYS M 277 4.40 33.46 52.78
N LYS M 278 3.58 32.93 53.68
CA LYS M 278 3.79 31.59 54.22
C LYS M 278 2.58 30.73 54.02
N ASP M 279 1.66 31.22 53.26
CA ASP M 279 0.42 30.62 52.93
C ASP M 279 0.65 29.62 51.81
N PRO M 280 0.54 28.31 52.01
CA PRO M 280 1.17 27.37 51.06
C PRO M 280 0.58 27.45 49.68
N LYS M 281 -0.60 28.04 49.52
CA LYS M 281 -1.23 28.29 48.23
C LYS M 281 -0.86 29.67 47.68
N HIS M 282 -0.32 30.57 48.51
CA HIS M 282 0.21 31.80 47.93
C HIS M 282 1.62 31.56 47.44
N ILE M 283 2.36 30.67 48.11
CA ILE M 283 3.67 30.26 47.63
C ILE M 283 3.54 29.54 46.29
N ALA M 284 2.47 28.77 46.12
CA ALA M 284 2.29 27.98 44.90
C ALA M 284 2.02 28.88 43.69
N ARG M 285 1.13 29.86 43.83
CA ARG M 285 0.75 30.67 42.68
C ARG M 285 1.87 31.62 42.27
N ILE M 286 2.61 32.17 43.24
CA ILE M 286 3.74 33.02 42.91
C ILE M 286 4.81 32.20 42.18
N ALA M 287 5.01 30.96 42.61
CA ALA M 287 5.94 30.07 41.92
C ALA M 287 5.45 29.70 40.53
N ARG M 288 4.14 29.65 40.33
CA ARG M 288 3.57 29.24 39.06
C ARG M 288 3.37 30.39 38.10
N ALA M 289 3.39 31.63 38.60
CA ALA M 289 3.30 32.79 37.75
C ALA M 289 4.60 32.95 36.95
N ARG M 290 4.46 33.37 35.70
CA ARG M 290 5.59 33.55 34.83
C ARG M 290 5.69 35.01 34.36
N PRO M 291 6.89 35.54 34.07
CA PRO M 291 6.97 36.98 33.78
C PRO M 291 6.15 37.35 32.56
N VAL M 292 5.49 38.51 32.63
CA VAL M 292 4.77 39.03 31.47
C VAL M 292 5.67 39.04 30.25
N ARG M 293 6.96 39.35 30.45
CA ARG M 293 7.90 39.43 29.35
C ARG M 293 7.89 38.16 28.50
N GLU M 294 7.70 36.98 29.12
CA GLU M 294 7.85 35.78 28.34
C GLU M 294 6.51 35.21 27.93
N VAL M 295 5.43 35.71 28.51
CA VAL M 295 4.10 35.29 28.09
C VAL M 295 3.67 36.10 26.85
N ILE M 296 3.99 37.39 26.80
CA ILE M 296 3.62 38.24 25.67
C ILE M 296 4.74 38.14 24.64
N THR M 297 4.53 37.32 23.60
CA THR M 297 5.53 37.12 22.56
C THR M 297 5.67 38.32 21.62
N GLU M 298 4.58 39.05 21.37
CA GLU M 298 4.65 40.18 20.47
C GLU M 298 5.42 41.33 21.13
N PRO M 299 6.55 41.77 20.57
CA PRO M 299 7.39 42.74 21.29
C PRO M 299 6.70 44.08 21.51
N LEU M 300 5.87 44.53 20.56
CA LEU M 300 5.16 45.79 20.75
C LEU M 300 4.05 45.65 21.78
N LEU M 301 3.33 44.52 21.75
CA LEU M 301 2.32 44.27 22.76
C LEU M 301 2.94 44.14 24.15
N CYS M 302 4.10 43.50 24.22
CA CYS M 302 4.83 43.39 25.48
C CYS M 302 5.21 44.77 26.00
N ASP M 303 5.76 45.62 25.13
CA ASP M 303 6.15 46.96 25.55
C ASP M 303 4.94 47.76 26.02
N LEU M 304 3.80 47.61 25.34
CA LEU M 304 2.60 48.33 25.73
C LEU M 304 2.15 47.93 27.14
N ILE M 305 2.06 46.63 27.38
CA ILE M 305 1.59 46.13 28.68
C ILE M 305 2.57 46.49 29.79
N LEU M 306 3.88 46.32 29.54
CA LEU M 306 4.87 46.52 30.59
C LEU M 306 4.95 47.98 31.03
N ASN M 307 4.82 48.92 30.10
CA ASN M 307 4.87 50.33 30.44
C ASN M 307 3.53 50.90 30.85
N LEU M 308 2.44 50.15 30.69
CA LEU M 308 1.20 50.48 31.40
C LEU M 308 1.28 50.03 32.86
N LEU M 309 2.07 48.98 33.13
CA LEU M 309 2.26 48.46 34.47
C LEU M 309 3.53 49.00 35.11
N HIS M 310 3.98 50.17 34.68
CA HIS M 310 5.17 50.79 35.26
C HIS M 310 4.93 51.20 36.70
N TYR M 311 5.91 50.91 37.56
CA TYR M 311 5.80 51.30 38.97
C TYR M 311 5.85 52.81 39.13
N ASP M 312 6.55 53.52 38.24
CA ASP M 312 6.60 54.98 38.30
C ASP M 312 5.38 55.57 37.60
N ARG M 313 4.61 56.37 38.33
CA ARG M 313 3.35 56.90 37.83
C ARG M 313 3.52 57.95 36.73
N GLN M 314 4.69 58.57 36.62
CA GLN M 314 4.91 59.58 35.57
C GLN M 314 5.47 59.00 34.29
N ARG M 315 6.20 57.88 34.38
CA ARG M 315 6.69 57.19 33.20
C ARG M 315 5.70 56.16 32.67
N ARG M 316 4.74 55.77 33.49
CA ARG M 316 3.66 54.92 32.99
C ARG M 316 2.94 55.63 31.86
N LEU M 317 2.59 54.85 30.83
CA LEU M 317 1.90 55.41 29.69
C LEU M 317 0.58 56.05 30.13
N ASN M 318 0.26 57.18 29.51
CA ASN M 318 -1.04 57.81 29.69
C ASN M 318 -1.98 57.31 28.60
N ALA M 319 -3.25 57.70 28.70
CA ALA M 319 -4.24 57.21 27.75
C ALA M 319 -3.87 57.59 26.32
N ARG M 320 -3.35 58.80 26.12
CA ARG M 320 -2.97 59.24 24.78
C ARG M 320 -1.85 58.38 24.21
N GLN M 321 -0.84 58.06 25.03
CA GLN M 321 0.25 57.23 24.55
C GLN M 321 -0.22 55.80 24.27
N MET M 322 -1.15 55.30 25.09
CA MET M 322 -1.67 53.95 24.88
C MET M 322 -2.38 53.83 23.53
N MET M 323 -3.33 54.74 23.27
CA MET M 323 -4.06 54.71 22.01
C MET M 323 -3.16 55.06 20.82
N SER M 324 -2.04 55.73 21.06
CA SER M 324 -1.11 56.10 20.00
C SER M 324 0.13 55.23 20.00
N HIS M 325 0.10 54.11 20.70
CA HIS M 325 1.25 53.22 20.81
C HIS M 325 1.56 52.55 19.48
N ALA M 326 2.83 52.14 19.33
CA ALA M 326 3.27 51.50 18.09
C ALA M 326 2.50 50.21 17.82
N TYR M 327 2.05 49.53 18.87
CA TYR M 327 1.27 48.31 18.68
C TYR M 327 -0.03 48.58 17.91
N VAL M 328 -0.74 49.65 18.30
CA VAL M 328 -1.99 49.98 17.63
C VAL M 328 -1.74 50.40 16.18
N HIS M 329 -0.63 51.09 15.92
CA HIS M 329 -0.35 51.53 14.55
C HIS M 329 0.01 50.36 13.64
N LYS M 330 0.57 49.28 14.20
CA LYS M 330 0.96 48.15 13.37
C LYS M 330 -0.23 47.29 12.96
N TYR M 331 -1.10 46.95 13.91
CA TYR M 331 -2.19 46.03 13.65
C TYR M 331 -3.51 46.71 13.35
N PHE M 332 -3.62 48.00 13.63
CA PHE M 332 -4.78 48.81 13.26
C PHE M 332 -4.30 50.02 12.47
N PRO M 333 -3.71 49.81 11.29
CA PRO M 333 -3.10 50.93 10.55
C PRO M 333 -4.07 52.04 10.18
N GLU M 334 -5.36 51.72 10.06
CA GLU M 334 -6.39 52.71 9.79
C GLU M 334 -6.62 53.60 10.99
N CYS M 335 -5.90 53.33 12.09
CA CYS M 335 -5.75 54.26 13.19
C CYS M 335 -5.47 55.68 12.73
N ARG M 336 -4.70 55.84 11.66
CA ARG M 336 -4.25 57.16 11.25
C ARG M 336 -5.32 57.99 10.54
N GLN M 337 -6.37 57.37 10.03
CA GLN M 337 -7.48 58.08 9.40
C GLN M 337 -8.68 58.25 10.31
N HIS M 338 -8.59 57.84 11.56
CA HIS M 338 -9.70 57.99 12.50
C HIS M 338 -9.72 59.42 13.06
N PRO M 339 -10.90 60.02 13.19
CA PRO M 339 -10.98 61.38 13.75
C PRO M 339 -10.51 61.49 15.19
N ASN M 340 -10.34 60.39 15.90
CA ASN M 340 -9.84 60.46 17.28
C ASN M 340 -8.33 60.32 17.35
N HIS M 341 -7.66 59.98 16.26
CA HIS M 341 -6.21 59.96 16.23
C HIS M 341 -5.67 61.35 16.56
N VAL M 342 -4.59 61.37 17.35
CA VAL M 342 -4.08 62.63 17.89
C VAL M 342 -3.64 63.59 16.79
N ASP M 343 -3.08 63.07 15.69
CA ASP M 343 -2.59 63.93 14.64
C ASP M 343 -3.68 64.43 13.71
N ASN M 344 -4.92 63.98 13.89
CA ASN M 344 -6.05 64.49 13.13
C ASN M 344 -6.97 65.37 13.98
N ARG M 345 -6.53 65.76 15.17
CA ARG M 345 -7.30 66.62 16.05
C ARG M 345 -6.56 67.93 16.25
N SER M 346 -7.27 68.92 16.79
CA SER M 346 -6.60 70.13 17.20
C SER M 346 -5.66 69.83 18.37
N LYS M 347 -4.86 70.81 18.76
CA LYS M 347 -4.00 70.61 19.92
C LYS M 347 -4.86 70.43 21.17
N LEU M 348 -4.60 69.34 21.87
CA LEU M 348 -5.36 68.85 23.00
C LEU M 348 -4.80 69.41 24.30
N PRO M 349 -5.58 69.38 25.38
CA PRO M 349 -5.02 69.73 26.68
C PRO M 349 -3.83 68.84 27.01
N PRO M 350 -2.91 69.30 27.85
CA PRO M 350 -1.74 68.48 28.18
C PRO M 350 -2.17 67.19 28.88
N THR M 351 -1.37 66.13 28.64
CA THR M 351 -1.62 64.87 29.32
C THR M 351 -1.39 65.05 30.82
N PRO M 352 -2.03 64.22 31.64
CA PRO M 352 -1.81 64.32 33.08
C PRO M 352 -0.36 64.02 33.41
N VAL M 353 0.12 64.64 34.47
CA VAL M 353 1.34 64.24 35.13
C VAL M 353 0.92 63.29 36.23
N MET M 354 1.30 62.02 36.11
CA MET M 354 0.89 60.95 37.03
C MET M 354 -0.63 60.86 37.29
N GLY N 16 -11.60 -65.28 -5.24
CA GLY N 16 -12.20 -64.10 -5.83
C GLY N 16 -11.61 -63.74 -7.17
N ARG N 17 -10.38 -63.21 -7.16
CA ARG N 17 -9.69 -62.83 -8.37
C ARG N 17 -8.69 -63.86 -8.85
N PHE N 18 -8.09 -64.62 -7.95
CA PHE N 18 -7.09 -65.60 -8.32
C PHE N 18 -7.66 -66.98 -8.05
N LYS N 19 -7.74 -67.80 -9.09
CA LYS N 19 -8.24 -69.15 -8.95
C LYS N 19 -7.05 -70.08 -8.91
N ILE N 20 -6.95 -70.86 -7.83
CA ILE N 20 -5.81 -71.75 -7.64
C ILE N 20 -5.98 -72.95 -8.55
N LEU N 21 -4.97 -73.23 -9.36
CA LEU N 21 -5.01 -74.37 -10.27
C LEU N 21 -3.92 -75.36 -9.75
N SER N 22 -2.78 -75.43 -10.37
CA SER N 22 -1.79 -76.43 -9.97
C SER N 22 -1.05 -76.00 -8.71
N LEU N 23 -0.44 -76.99 -8.05
CA LEU N 23 0.53 -76.79 -6.98
C LEU N 23 1.92 -76.97 -7.60
N LEU N 24 2.73 -75.91 -7.59
CA LEU N 24 4.04 -75.99 -8.21
C LEU N 24 5.13 -76.36 -7.22
N GLY N 25 4.99 -76.01 -5.94
CA GLY N 25 6.02 -76.33 -4.97
C GLY N 25 5.57 -76.08 -3.56
N GLU N 26 6.31 -76.68 -2.63
CA GLU N 26 5.91 -76.75 -1.24
C GLU N 26 7.16 -76.65 -0.37
N GLY N 27 7.02 -75.98 0.77
CA GLY N 27 8.09 -75.95 1.75
C GLY N 27 7.68 -75.25 3.04
N THR N 28 8.67 -75.04 3.90
CA THR N 28 8.51 -74.21 5.10
C THR N 28 7.91 -72.85 4.80
N PHE N 29 8.46 -72.13 3.82
CA PHE N 29 7.95 -70.81 3.51
C PHE N 29 6.44 -70.83 3.29
N GLY N 30 5.93 -71.86 2.63
CA GLY N 30 4.54 -71.93 2.23
C GLY N 30 4.38 -72.68 0.92
N LYS N 31 3.65 -72.09 -0.02
CA LYS N 31 3.34 -72.74 -1.28
C LYS N 31 3.55 -71.77 -2.43
N VAL N 32 3.93 -72.33 -3.58
CA VAL N 32 3.85 -71.64 -4.87
C VAL N 32 2.87 -72.40 -5.73
N VAL N 33 1.79 -71.73 -6.15
CA VAL N 33 0.78 -72.37 -6.98
C VAL N 33 0.66 -71.60 -8.29
N GLU N 34 0.33 -72.33 -9.34
CA GLU N 34 -0.11 -71.72 -10.58
C GLU N 34 -1.57 -71.34 -10.43
N ALA N 35 -1.89 -70.09 -10.76
CA ALA N 35 -3.23 -69.57 -10.57
C ALA N 35 -3.70 -68.89 -11.84
N TRP N 36 -5.01 -68.80 -11.98
CA TRP N 36 -5.64 -68.07 -13.07
C TRP N 36 -6.12 -66.73 -12.53
N ASP N 37 -5.63 -65.65 -13.15
CA ASP N 37 -5.99 -64.28 -12.78
C ASP N 37 -7.30 -63.89 -13.46
N ARG N 38 -8.37 -63.68 -12.67
CA ARG N 38 -9.70 -63.49 -13.26
C ARG N 38 -9.80 -62.18 -14.02
N LYS N 39 -8.88 -61.28 -13.82
CA LYS N 39 -9.17 -59.90 -14.10
C LYS N 39 -8.20 -59.31 -15.11
N ARG N 40 -7.14 -60.02 -15.43
CA ARG N 40 -6.27 -59.77 -16.57
C ARG N 40 -6.33 -60.92 -17.58
N LYS N 41 -6.95 -62.04 -17.22
CA LYS N 41 -7.01 -63.26 -18.03
C LYS N 41 -5.62 -63.90 -18.10
N GLU N 42 -5.03 -64.15 -16.93
CA GLU N 42 -3.61 -64.36 -17.00
C GLU N 42 -3.20 -65.58 -16.19
N TYR N 43 -2.15 -66.27 -16.64
CA TYR N 43 -1.62 -67.39 -15.86
C TYR N 43 -0.47 -66.84 -15.04
N CYS N 44 -0.39 -67.25 -13.78
CA CYS N 44 0.62 -66.67 -12.90
C CYS N 44 1.00 -67.66 -11.81
N ALA N 45 2.09 -67.36 -11.12
CA ALA N 45 2.46 -68.03 -9.90
C ALA N 45 2.17 -67.15 -8.69
N VAL N 46 1.61 -67.75 -7.64
CA VAL N 46 1.29 -67.05 -6.41
C VAL N 46 2.06 -67.74 -5.29
N LYS N 47 2.90 -66.98 -4.61
CA LYS N 47 3.61 -67.48 -3.43
C LYS N 47 2.73 -67.22 -2.23
N ILE N 48 2.24 -68.28 -1.60
CA ILE N 48 1.33 -68.18 -0.47
C ILE N 48 2.13 -68.40 0.80
N VAL N 49 2.36 -67.33 1.53
CA VAL N 49 3.14 -67.42 2.75
C VAL N 49 2.25 -67.91 3.88
N ARG N 50 2.77 -68.86 4.65
CA ARG N 50 2.12 -69.31 5.86
C ARG N 50 1.86 -68.14 6.78
N ASN N 51 0.70 -68.21 7.43
CA ASN N 51 0.19 -67.03 8.11
C ASN N 51 0.75 -67.05 9.53
N VAL N 52 2.06 -66.85 9.66
CA VAL N 52 2.68 -66.89 10.98
C VAL N 52 3.35 -65.54 11.17
N PRO N 53 3.42 -64.95 12.38
CA PRO N 53 3.87 -63.55 12.47
C PRO N 53 5.21 -63.19 11.81
N LYS N 54 6.29 -63.98 11.96
CA LYS N 54 7.54 -63.65 11.27
C LYS N 54 7.56 -64.11 9.81
N TYR N 55 6.79 -65.11 9.41
CA TYR N 55 6.82 -65.38 7.98
C TYR N 55 6.12 -64.28 7.21
N THR N 56 4.95 -63.81 7.70
CA THR N 56 4.24 -62.73 7.04
C THR N 56 5.02 -61.41 7.17
N ARG N 57 5.80 -61.21 8.24
CA ARG N 57 6.56 -59.95 8.26
C ARG N 57 7.82 -60.10 7.41
N ASP N 58 8.34 -61.32 7.25
CA ASP N 58 9.42 -61.51 6.29
C ASP N 58 8.91 -61.53 4.86
N ALA N 59 7.62 -61.80 4.63
CA ALA N 59 7.06 -61.61 3.30
C ALA N 59 6.90 -60.13 2.97
N LYS N 60 6.46 -59.33 3.94
CA LYS N 60 6.31 -57.89 3.70
C LYS N 60 7.66 -57.21 3.46
N ILE N 61 8.72 -57.70 4.12
CA ILE N 61 10.07 -57.25 3.79
C ILE N 61 10.45 -57.74 2.41
N GLU N 62 10.17 -59.01 2.13
CA GLU N 62 10.40 -59.60 0.81
C GLU N 62 9.71 -58.78 -0.29
N ILE N 63 8.48 -58.38 -0.04
CA ILE N 63 7.71 -57.60 -1.01
C ILE N 63 8.35 -56.25 -1.28
N GLN N 64 8.83 -55.58 -0.24
CA GLN N 64 9.39 -54.25 -0.42
C GLN N 64 10.65 -54.27 -1.31
N PHE N 65 11.49 -55.29 -1.14
CA PHE N 65 12.65 -55.44 -2.00
C PHE N 65 12.25 -55.83 -3.43
N MET N 66 11.17 -56.58 -3.57
CA MET N 66 10.74 -56.94 -4.91
C MET N 66 10.20 -55.73 -5.64
N GLU N 67 9.49 -54.84 -4.95
CA GLU N 67 9.09 -53.67 -5.75
C GLU N 67 10.15 -52.63 -6.02
N ARG N 68 11.27 -52.66 -5.32
CA ARG N 68 12.30 -51.72 -5.73
C ARG N 68 12.93 -52.21 -7.04
N VAL N 69 12.95 -53.53 -7.26
CA VAL N 69 13.48 -54.06 -8.51
C VAL N 69 12.58 -53.69 -9.69
N ARG N 70 11.32 -54.05 -9.64
CA ARG N 70 10.48 -53.75 -10.79
C ARG N 70 10.29 -52.25 -11.05
N LEU N 71 10.10 -51.47 -10.00
CA LEU N 71 9.94 -50.03 -10.21
C LEU N 71 11.22 -49.42 -10.76
N SER N 72 12.38 -49.99 -10.42
CA SER N 72 13.65 -49.46 -10.94
C SER N 72 13.98 -50.06 -12.29
N ASP N 73 13.90 -51.39 -12.41
CA ASP N 73 14.15 -52.07 -13.68
C ASP N 73 12.83 -52.18 -14.45
N VAL N 74 12.37 -51.04 -14.95
CA VAL N 74 11.05 -51.01 -15.57
C VAL N 74 11.08 -51.71 -16.91
N GLU N 75 12.25 -51.89 -17.54
CA GLU N 75 12.18 -52.51 -18.86
C GLU N 75 12.74 -53.93 -18.83
N ASP N 76 12.63 -54.62 -17.70
CA ASP N 76 12.97 -56.05 -17.58
C ASP N 76 14.33 -56.35 -18.20
N ARG N 77 15.34 -55.57 -17.81
CA ARG N 77 16.67 -55.72 -18.38
C ARG N 77 17.49 -56.79 -17.67
N PHE N 78 17.21 -57.07 -16.41
CA PHE N 78 18.03 -58.03 -15.69
C PHE N 78 17.20 -59.19 -15.19
N PRO N 79 17.78 -60.41 -15.17
CA PRO N 79 17.04 -61.63 -14.79
C PRO N 79 16.83 -61.75 -13.27
N LEU N 80 16.32 -60.69 -12.67
CA LEU N 80 15.85 -60.73 -11.29
C LEU N 80 14.35 -61.02 -11.26
N MET N 81 13.87 -61.57 -10.12
CA MET N 81 12.46 -61.86 -9.92
C MET N 81 11.71 -60.52 -9.88
N LYS N 82 10.49 -60.50 -10.39
CA LYS N 82 9.82 -59.23 -10.64
C LYS N 82 8.32 -59.36 -10.36
N ILE N 83 7.95 -58.94 -9.13
CA ILE N 83 6.60 -58.99 -8.58
C ILE N 83 5.58 -58.19 -9.44
N GLN N 84 4.34 -58.69 -9.48
CA GLN N 84 3.20 -58.08 -10.19
C GLN N 84 2.17 -57.44 -9.26
N ARG N 85 1.75 -58.18 -8.23
CA ARG N 85 0.95 -57.75 -7.08
C ARG N 85 1.23 -58.61 -5.87
N TYR N 86 0.63 -58.16 -4.78
CA TYR N 86 0.61 -58.84 -3.51
C TYR N 86 -0.63 -58.42 -2.76
N PHE N 87 -1.03 -59.25 -1.81
CA PHE N 87 -2.13 -58.94 -0.93
C PHE N 87 -2.02 -59.88 0.27
N GLN N 88 -2.76 -59.54 1.32
CA GLN N 88 -2.87 -60.41 2.47
C GLN N 88 -4.18 -61.15 2.33
N ASN N 89 -4.12 -62.47 2.37
CA ASN N 89 -5.33 -63.23 2.14
C ASN N 89 -6.33 -62.92 3.24
N GLU N 90 -7.57 -63.28 2.98
CA GLU N 90 -8.62 -63.12 3.96
C GLU N 90 -8.50 -64.19 5.05
N THR N 91 -7.57 -65.13 4.86
CA THR N 91 -7.05 -65.98 5.89
C THR N 91 -5.79 -65.37 6.47
N GLY N 92 -5.44 -64.19 5.97
CA GLY N 92 -4.29 -63.46 6.42
C GLY N 92 -2.98 -63.88 5.79
N HIS N 93 -2.99 -64.93 4.98
CA HIS N 93 -1.75 -65.38 4.35
C HIS N 93 -1.27 -64.30 3.41
N MET N 94 0.01 -63.95 3.52
CA MET N 94 0.58 -63.08 2.51
C MET N 94 0.70 -63.86 1.21
N CYS N 95 0.22 -63.25 0.14
CA CYS N 95 0.22 -63.89 -1.17
C CYS N 95 0.89 -62.95 -2.16
N ILE N 96 1.98 -63.42 -2.77
CA ILE N 96 2.78 -62.63 -3.69
C ILE N 96 2.54 -63.20 -5.10
N VAL N 97 1.91 -62.41 -5.96
CA VAL N 97 1.64 -62.85 -7.32
C VAL N 97 2.77 -62.38 -8.23
N MET N 98 3.29 -63.27 -9.03
CA MET N 98 4.46 -63.09 -9.88
C MET N 98 4.18 -63.84 -11.18
N PRO N 99 4.99 -63.67 -12.21
CA PRO N 99 4.84 -64.52 -13.39
C PRO N 99 5.18 -65.95 -13.04
N LYS N 100 4.70 -66.88 -13.88
CA LYS N 100 5.01 -68.28 -13.70
C LYS N 100 6.30 -68.58 -14.46
N TYR N 101 7.33 -68.95 -13.72
CA TYR N 101 8.62 -69.31 -14.28
C TYR N 101 8.71 -70.84 -14.31
N GLY N 102 9.92 -71.37 -14.47
CA GLY N 102 10.12 -72.80 -14.51
C GLY N 102 10.72 -73.31 -13.21
N PRO N 103 11.26 -74.52 -13.24
CA PRO N 103 11.86 -75.09 -12.04
C PRO N 103 13.24 -74.50 -11.79
N CYS N 104 13.68 -74.62 -10.55
CA CYS N 104 15.00 -74.15 -10.15
C CYS N 104 16.10 -74.90 -10.88
N LEU N 105 17.31 -74.33 -10.86
CA LEU N 105 18.48 -74.99 -11.41
C LEU N 105 18.75 -76.34 -10.73
N LEU N 106 18.44 -76.45 -9.45
CA LEU N 106 18.66 -77.72 -8.75
C LEU N 106 17.87 -78.84 -9.41
N ASP N 107 16.61 -78.58 -9.77
CA ASP N 107 15.78 -79.60 -10.41
C ASP N 107 16.40 -80.09 -11.72
N TRP N 108 16.99 -79.18 -12.49
CA TRP N 108 17.54 -79.60 -13.78
C TRP N 108 18.74 -80.52 -13.61
N ILE N 109 19.71 -80.12 -12.79
CA ILE N 109 20.93 -80.92 -12.64
C ILE N 109 20.62 -82.25 -11.98
N MET N 110 19.57 -82.31 -11.15
CA MET N 110 19.24 -83.59 -10.51
C MET N 110 18.59 -84.56 -11.48
N LYS N 111 17.89 -84.05 -12.51
CA LYS N 111 17.24 -84.90 -13.49
C LYS N 111 18.11 -85.17 -14.72
N HIS N 112 18.78 -84.14 -15.25
CA HIS N 112 19.50 -84.24 -16.51
C HIS N 112 21.01 -84.17 -16.35
N GLY N 113 21.52 -83.94 -15.15
CA GLY N 113 22.95 -83.81 -14.95
C GLY N 113 23.43 -82.37 -15.15
N PRO N 114 24.74 -82.18 -15.14
CA PRO N 114 25.30 -80.83 -15.25
C PRO N 114 25.05 -80.20 -16.61
N PHE N 115 25.07 -78.87 -16.64
CA PHE N 115 24.98 -78.15 -17.89
C PHE N 115 26.28 -78.24 -18.66
N ASN N 116 26.18 -78.13 -19.99
CA ASN N 116 27.38 -78.00 -20.79
C ASN N 116 27.89 -76.57 -20.71
N HIS N 117 29.09 -76.35 -21.26
CA HIS N 117 29.79 -75.09 -21.06
C HIS N 117 28.98 -73.89 -21.57
N ARG N 118 28.30 -74.04 -22.70
CA ARG N 118 27.56 -72.91 -23.25
C ARG N 118 26.45 -72.46 -22.32
N HIS N 119 25.60 -73.40 -21.87
CA HIS N 119 24.49 -73.01 -21.01
C HIS N 119 24.97 -72.53 -19.66
N LEU N 120 26.06 -73.13 -19.14
CA LEU N 120 26.65 -72.63 -17.90
C LEU N 120 27.17 -71.20 -18.07
N ALA N 121 27.85 -70.93 -19.18
CA ALA N 121 28.32 -69.57 -19.43
C ALA N 121 27.16 -68.60 -19.55
N GLN N 122 26.06 -69.04 -20.17
CA GLN N 122 24.89 -68.18 -20.28
C GLN N 122 24.28 -67.92 -18.92
N ILE N 123 24.26 -68.93 -18.04
CA ILE N 123 23.74 -68.74 -16.69
C ILE N 123 24.64 -67.79 -15.90
N ILE N 124 25.95 -67.99 -16.00
CA ILE N 124 26.89 -67.13 -15.29
C ILE N 124 26.77 -65.69 -15.77
N PHE N 125 26.59 -65.50 -17.08
CA PHE N 125 26.43 -64.16 -17.62
C PHE N 125 25.19 -63.46 -17.07
N GLN N 126 24.06 -64.17 -17.05
CA GLN N 126 22.81 -63.55 -16.60
C GLN N 126 22.86 -63.21 -15.11
N VAL N 127 23.26 -64.18 -14.29
CA VAL N 127 23.33 -63.93 -12.85
C VAL N 127 24.30 -62.81 -12.56
N GLY N 128 25.42 -62.76 -13.28
CA GLY N 128 26.35 -61.65 -13.12
C GLY N 128 25.70 -60.31 -13.43
N ALA N 129 24.98 -60.23 -14.55
CA ALA N 129 24.32 -58.98 -14.92
C ALA N 129 23.29 -58.57 -13.88
N ALA N 130 22.53 -59.53 -13.36
CA ALA N 130 21.55 -59.22 -12.33
C ALA N 130 22.24 -58.83 -11.02
N LEU N 131 23.31 -59.53 -10.66
CA LEU N 131 23.97 -59.28 -9.38
C LEU N 131 24.71 -57.95 -9.39
N ASP N 132 25.35 -57.60 -10.51
CA ASP N 132 26.04 -56.31 -10.56
C ASP N 132 25.05 -55.14 -10.55
N TYR N 133 23.88 -55.32 -11.16
CA TYR N 133 22.83 -54.32 -11.01
C TYR N 133 22.36 -54.26 -9.56
N PHE N 134 22.16 -55.42 -8.94
CA PHE N 134 21.81 -55.46 -7.53
C PHE N 134 22.85 -54.73 -6.68
N HIS N 135 24.14 -54.97 -6.97
CA HIS N 135 25.21 -54.48 -6.12
C HIS N 135 25.51 -53.00 -6.35
N THR N 136 25.54 -52.56 -7.61
CA THR N 136 26.02 -51.22 -7.90
C THR N 136 24.91 -50.21 -8.20
N GLU N 137 23.70 -50.65 -8.50
CA GLU N 137 22.60 -49.73 -8.74
C GLU N 137 21.60 -49.66 -7.59
N LEU N 138 21.26 -50.80 -6.99
CA LEU N 138 20.40 -50.80 -5.83
C LEU N 138 21.19 -50.81 -4.52
N HIS N 139 22.47 -51.18 -4.59
CA HIS N 139 23.31 -51.30 -3.41
C HIS N 139 22.67 -52.22 -2.38
N LEU N 140 22.30 -53.41 -2.85
CA LEU N 140 21.72 -54.45 -2.02
C LEU N 140 22.52 -55.73 -2.24
N MET N 141 22.56 -56.55 -1.21
CA MET N 141 23.09 -57.90 -1.32
C MET N 141 21.95 -58.90 -1.23
N HIS N 142 22.07 -59.99 -2.00
CA HIS N 142 21.09 -61.06 -1.94
C HIS N 142 21.30 -61.92 -0.69
N THR N 143 22.54 -62.37 -0.48
CA THR N 143 23.02 -63.10 0.70
C THR N 143 22.48 -64.53 0.80
N ASP N 144 21.53 -64.93 -0.05
CA ASP N 144 20.94 -66.27 0.06
C ASP N 144 20.73 -66.93 -1.29
N LEU N 145 21.71 -66.81 -2.20
CA LEU N 145 21.58 -67.48 -3.49
C LEU N 145 21.96 -68.95 -3.39
N LYS N 146 21.16 -69.77 -4.06
CA LYS N 146 21.27 -71.23 -4.06
C LYS N 146 20.65 -71.73 -5.35
N PRO N 147 21.04 -72.92 -5.81
CA PRO N 147 20.39 -73.47 -7.01
C PRO N 147 18.87 -73.62 -6.90
N GLU N 148 18.30 -73.62 -5.69
CA GLU N 148 16.86 -73.75 -5.54
C GLU N 148 16.11 -72.44 -5.78
N ASN N 149 16.80 -71.30 -5.70
CA ASN N 149 16.13 -70.03 -5.93
C ASN N 149 16.66 -69.31 -7.16
N ILE N 150 17.46 -69.98 -7.99
CA ILE N 150 17.69 -69.54 -9.36
C ILE N 150 16.82 -70.42 -10.24
N LEU N 151 15.77 -69.85 -10.82
CA LEU N 151 14.79 -70.61 -11.55
C LEU N 151 15.05 -70.48 -13.03
N MET N 152 14.84 -71.56 -13.78
CA MET N 152 14.76 -71.43 -15.22
C MET N 152 13.54 -70.59 -15.58
N GLU N 153 13.69 -69.71 -16.56
CA GLU N 153 12.56 -68.87 -16.97
C GLU N 153 11.38 -69.71 -17.42
N SER N 154 11.66 -70.79 -18.17
CA SER N 154 10.62 -71.70 -18.62
C SER N 154 11.10 -73.12 -18.41
N GLY N 155 10.16 -74.04 -18.22
CA GLY N 155 10.49 -75.44 -18.04
C GLY N 155 10.40 -76.23 -19.32
N ASP N 156 10.60 -75.56 -20.46
CA ASP N 156 10.54 -76.23 -21.75
C ASP N 156 11.91 -76.76 -22.12
N THR N 157 11.93 -77.86 -22.86
CA THR N 157 13.16 -78.58 -23.15
C THR N 157 13.20 -78.97 -24.62
N SER N 158 14.40 -79.04 -25.16
CA SER N 158 14.64 -79.50 -26.52
C SER N 158 15.55 -80.71 -26.48
N VAL N 159 15.63 -81.42 -27.59
CA VAL N 159 16.42 -82.65 -27.69
C VAL N 159 17.66 -82.37 -28.52
N ASP N 160 18.82 -82.66 -27.94
CA ASP N 160 20.07 -82.58 -28.67
C ASP N 160 20.06 -83.64 -29.76
N PRO N 161 20.14 -83.26 -31.04
CA PRO N 161 20.04 -84.26 -32.11
C PRO N 161 21.19 -85.26 -32.10
N MET N 162 22.35 -84.91 -31.55
CA MET N 162 23.51 -85.79 -31.54
C MET N 162 23.54 -86.72 -30.32
N THR N 163 23.36 -86.17 -29.12
CA THR N 163 23.42 -86.98 -27.90
C THR N 163 22.07 -87.49 -27.44
N HIS N 164 20.97 -86.92 -27.93
CA HIS N 164 19.60 -87.22 -27.52
C HIS N 164 19.31 -86.85 -26.07
N ARG N 165 20.22 -86.16 -25.40
CA ARG N 165 19.97 -85.71 -24.04
C ARG N 165 19.20 -84.39 -24.06
N ALA N 166 18.69 -84.01 -22.91
CA ALA N 166 17.81 -82.85 -22.83
C ALA N 166 18.60 -81.55 -22.94
N LEU N 167 18.07 -80.62 -23.70
CA LEU N 167 18.64 -79.31 -23.80
C LEU N 167 17.70 -78.28 -23.19
N PRO N 168 18.23 -77.30 -22.48
CA PRO N 168 17.38 -76.23 -21.97
C PRO N 168 16.99 -75.30 -23.10
N PRO N 169 16.14 -74.30 -22.86
CA PRO N 169 15.86 -73.31 -23.90
C PRO N 169 17.13 -72.64 -24.38
N GLU N 170 17.09 -72.15 -25.62
CA GLU N 170 18.24 -71.46 -26.20
C GLU N 170 17.85 -70.02 -26.53
N PRO N 171 18.30 -69.02 -25.76
CA PRO N 171 19.22 -69.09 -24.62
C PRO N 171 18.58 -69.62 -23.34
N CYS N 172 19.40 -70.05 -22.40
CA CYS N 172 18.95 -70.61 -21.14
C CYS N 172 18.70 -69.47 -20.15
N ARG N 173 17.50 -68.89 -20.23
CA ARG N 173 17.15 -67.79 -19.34
C ARG N 173 16.83 -68.29 -17.94
N VAL N 174 17.36 -67.60 -16.93
CA VAL N 174 17.11 -67.94 -15.54
C VAL N 174 16.62 -66.68 -14.80
N ARG N 175 16.10 -66.89 -13.59
CA ARG N 175 15.59 -65.80 -12.77
C ARG N 175 16.05 -65.97 -11.34
N ILE N 176 16.59 -64.89 -10.78
CA ILE N 176 16.99 -64.86 -9.37
C ILE N 176 15.78 -64.52 -8.53
N CYS N 177 15.47 -65.37 -7.57
CA CYS N 177 14.34 -65.10 -6.71
C CYS N 177 14.76 -65.12 -5.25
N ASP N 178 13.74 -65.08 -4.41
CA ASP N 178 13.88 -65.27 -2.97
C ASP N 178 14.71 -64.13 -2.37
N LEU N 179 14.07 -62.95 -2.38
CA LEU N 179 14.68 -61.71 -1.91
C LEU N 179 14.33 -61.40 -0.45
N GLY N 180 13.85 -62.39 0.29
CA GLY N 180 13.46 -62.16 1.66
C GLY N 180 14.63 -61.82 2.56
N GLY N 181 15.82 -62.35 2.24
CA GLY N 181 16.98 -62.13 3.08
C GLY N 181 17.89 -61.05 2.54
N CYS N 182 17.34 -60.14 1.75
CA CYS N 182 18.17 -59.11 1.14
C CYS N 182 18.68 -58.15 2.21
N CYS N 183 19.94 -57.77 2.08
CA CYS N 183 20.53 -56.82 3.00
C CYS N 183 21.15 -55.67 2.20
N ASP N 184 21.57 -54.64 2.94
CA ASP N 184 22.25 -53.50 2.35
C ASP N 184 23.45 -53.18 3.23
N GLU N 185 24.17 -52.10 2.90
CA GLU N 185 25.54 -51.93 3.39
C GLU N 185 25.66 -51.63 4.88
N ARG N 186 24.57 -51.43 5.62
CA ARG N 186 24.78 -51.29 7.05
C ARG N 186 23.96 -52.31 7.83
N HIS N 187 24.11 -53.57 7.43
CA HIS N 187 23.68 -54.72 8.20
C HIS N 187 24.51 -54.86 9.47
N SER N 188 23.98 -55.63 10.41
CA SER N 188 24.74 -56.05 11.59
C SER N 188 26.07 -56.63 11.15
N ARG N 189 27.16 -56.20 11.79
CA ARG N 189 28.46 -56.56 11.23
C ARG N 189 28.82 -58.01 11.49
N THR N 190 28.31 -58.63 12.56
CA THR N 190 28.55 -60.05 12.79
C THR N 190 27.34 -60.90 12.41
N ALA N 191 26.41 -60.32 11.63
CA ALA N 191 25.24 -61.08 11.20
C ALA N 191 25.61 -62.29 10.37
N ILE N 192 24.85 -63.36 10.54
CA ILE N 192 24.98 -64.55 9.71
C ILE N 192 23.84 -64.70 8.73
N VAL N 193 24.29 -64.82 7.49
CA VAL N 193 23.50 -64.90 6.27
C VAL N 193 23.83 -66.22 5.59
N SER N 194 23.11 -66.51 4.51
CA SER N 194 23.38 -67.62 3.59
C SER N 194 22.97 -68.96 4.20
N THR N 195 22.52 -69.86 3.33
CA THR N 195 22.50 -71.26 3.70
C THR N 195 23.92 -71.73 3.92
N ARG N 196 24.11 -72.60 4.92
CA ARG N 196 25.47 -72.92 5.37
C ARG N 196 26.31 -73.48 4.23
N HIS N 197 25.71 -74.26 3.32
CA HIS N 197 26.44 -74.82 2.18
C HIS N 197 27.10 -73.73 1.34
N TYR N 198 26.49 -72.54 1.27
CA TYR N 198 26.94 -71.47 0.39
C TYR N 198 27.41 -70.25 1.16
N ARG N 199 27.72 -70.43 2.44
CA ARG N 199 28.11 -69.33 3.32
C ARG N 199 29.61 -69.10 3.24
N SER N 200 30.00 -67.87 2.97
CA SER N 200 31.40 -67.52 2.84
C SER N 200 32.12 -67.58 4.18
N PRO N 201 33.45 -67.75 4.17
CA PRO N 201 34.17 -67.77 5.44
C PRO N 201 34.10 -66.45 6.18
N GLU N 202 34.03 -65.33 5.46
CA GLU N 202 33.91 -64.02 6.09
C GLU N 202 32.72 -63.93 7.01
N VAL N 203 31.63 -64.60 6.65
CA VAL N 203 30.42 -64.57 7.45
C VAL N 203 30.55 -65.50 8.66
N VAL N 204 31.07 -66.70 8.43
CA VAL N 204 31.20 -67.69 9.51
C VAL N 204 32.02 -67.14 10.66
N LEU N 205 33.17 -66.55 10.38
CA LEU N 205 34.07 -66.08 11.42
C LEU N 205 33.85 -64.61 11.81
N SER N 206 32.77 -63.97 11.32
CA SER N 206 32.45 -62.57 11.58
C SER N 206 33.63 -61.67 11.22
N LEU N 207 34.11 -61.84 9.99
CA LEU N 207 35.26 -61.12 9.46
C LEU N 207 34.92 -59.82 8.77
N GLY N 208 33.64 -59.47 8.70
CA GLY N 208 33.21 -58.38 7.85
C GLY N 208 32.82 -58.94 6.50
N TRP N 209 31.59 -58.66 6.06
CA TRP N 209 31.12 -59.15 4.78
C TRP N 209 30.24 -58.09 4.14
N MET N 210 30.19 -58.11 2.81
CA MET N 210 29.37 -57.19 2.02
C MET N 210 28.98 -57.86 0.72
N TYR N 211 29.08 -57.11 -0.40
CA TYR N 211 28.62 -57.61 -1.68
C TYR N 211 29.36 -58.88 -2.09
N SER N 212 30.64 -59.00 -1.74
CA SER N 212 31.47 -60.12 -2.17
C SER N 212 30.99 -61.46 -1.66
N THR N 213 30.11 -61.51 -0.65
CA THR N 213 29.63 -62.81 -0.18
C THR N 213 28.68 -63.43 -1.18
N ASP N 214 28.02 -62.61 -2.01
CA ASP N 214 27.22 -63.15 -3.11
C ASP N 214 28.10 -63.85 -4.13
N LEU N 215 29.34 -63.39 -4.28
CA LEU N 215 30.23 -63.98 -5.27
C LEU N 215 30.89 -65.25 -4.75
N TRP N 216 31.06 -65.37 -3.42
CA TRP N 216 31.39 -66.67 -2.85
C TRP N 216 30.28 -67.67 -3.16
N SER N 217 29.03 -67.27 -2.94
CA SER N 217 27.90 -68.17 -3.19
C SER N 217 27.85 -68.58 -4.65
N MET N 218 28.15 -67.65 -5.57
CA MET N 218 28.22 -68.03 -6.98
C MET N 218 29.34 -69.01 -7.23
N GLY N 219 30.45 -68.88 -6.50
CA GLY N 219 31.52 -69.86 -6.62
C GLY N 219 31.05 -71.26 -6.26
N CYS N 220 30.29 -71.38 -5.17
CA CYS N 220 29.82 -72.70 -4.75
C CYS N 220 28.70 -73.21 -5.64
N ILE N 221 27.87 -72.32 -6.18
CA ILE N 221 26.80 -72.75 -7.09
C ILE N 221 27.38 -73.20 -8.43
N ILE N 222 28.37 -72.46 -8.95
CA ILE N 222 28.93 -72.80 -10.25
C ILE N 222 29.66 -74.14 -10.19
N TYR N 223 30.37 -74.41 -9.10
CA TYR N 223 30.93 -75.73 -8.89
C TYR N 223 29.85 -76.81 -8.98
N GLU N 224 28.73 -76.58 -8.31
CA GLU N 224 27.67 -77.58 -8.24
C GLU N 224 26.93 -77.72 -9.57
N LEU N 225 26.76 -76.62 -10.31
CA LEU N 225 26.12 -76.70 -11.60
C LEU N 225 26.97 -77.47 -12.60
N TYR N 226 28.29 -77.47 -12.41
CA TYR N 226 29.20 -78.13 -13.34
C TYR N 226 29.51 -79.57 -12.94
N THR N 227 29.54 -79.87 -11.65
CA THR N 227 29.81 -81.23 -11.20
C THR N 227 28.56 -81.98 -10.76
N GLY N 228 27.48 -81.28 -10.45
CA GLY N 228 26.30 -81.93 -9.91
C GLY N 228 26.39 -82.29 -8.44
N LYS N 229 27.46 -81.87 -7.76
CA LYS N 229 27.70 -82.20 -6.37
C LYS N 229 27.92 -80.94 -5.56
N LEU N 230 27.54 -80.99 -4.29
CA LEU N 230 27.86 -79.92 -3.36
C LEU N 230 29.36 -79.85 -3.12
N LEU N 231 29.90 -78.63 -3.12
CA LEU N 231 31.31 -78.47 -2.77
C LEU N 231 31.52 -78.62 -1.26
N TYR N 232 30.58 -78.16 -0.45
CA TYR N 232 30.66 -78.19 1.00
C TYR N 232 29.35 -78.77 1.54
N ASP N 233 29.32 -80.09 1.70
CA ASP N 233 28.16 -80.79 2.26
C ASP N 233 28.34 -80.98 3.76
N THR N 234 28.02 -79.92 4.51
CA THR N 234 28.34 -79.91 5.93
C THR N 234 27.35 -79.06 6.73
N HIS N 235 27.24 -79.42 8.01
CA HIS N 235 26.57 -78.71 9.08
C HIS N 235 27.49 -78.03 10.08
N ASP N 236 28.80 -78.04 9.91
CA ASP N 236 29.57 -77.68 11.06
C ASP N 236 30.69 -76.71 10.68
N ASN N 237 30.77 -75.62 11.44
CA ASN N 237 31.72 -74.53 11.18
C ASN N 237 33.13 -75.08 11.09
N LEU N 238 33.48 -75.95 12.04
CA LEU N 238 34.84 -76.45 12.12
C LEU N 238 35.16 -77.41 10.98
N GLU N 239 34.22 -78.26 10.60
CA GLU N 239 34.47 -79.11 9.44
C GLU N 239 34.42 -78.29 8.15
N HIS N 240 33.48 -77.35 8.06
CA HIS N 240 33.36 -76.51 6.87
C HIS N 240 34.69 -75.84 6.54
N LEU N 241 35.36 -75.30 7.56
CA LEU N 241 36.62 -74.60 7.33
C LEU N 241 37.72 -75.55 6.89
N HIS N 242 37.72 -76.78 7.41
CA HIS N 242 38.71 -77.76 6.99
C HIS N 242 38.51 -78.15 5.54
N LEU N 243 37.24 -78.26 5.10
CA LEU N 243 36.97 -78.55 3.69
C LEU N 243 37.40 -77.40 2.81
N MET N 244 37.23 -76.17 3.28
CA MET N 244 37.76 -75.01 2.56
C MET N 244 39.27 -75.14 2.40
N GLU N 245 39.96 -75.58 3.45
CA GLU N 245 41.40 -75.77 3.37
C GLU N 245 41.76 -76.86 2.38
N LYS N 246 40.98 -77.93 2.34
CA LYS N 246 41.31 -79.01 1.42
C LYS N 246 40.87 -78.71 0.00
N THR N 247 39.83 -77.91 -0.19
CA THR N 247 39.40 -77.60 -1.55
C THR N 247 40.12 -76.42 -2.18
N LEU N 248 40.51 -75.43 -1.40
CA LEU N 248 40.96 -74.18 -1.96
C LEU N 248 42.35 -73.82 -1.52
N GLY N 249 42.77 -74.32 -0.36
CA GLY N 249 44.04 -73.95 0.21
C GLY N 249 43.94 -73.43 1.64
N ARG N 250 45.15 -73.30 2.27
CA ARG N 250 45.34 -72.93 3.69
C ARG N 250 44.74 -71.57 4.00
N LEU N 251 44.11 -71.44 5.18
CA LEU N 251 43.45 -70.17 5.55
C LEU N 251 44.49 -69.09 5.84
N PRO N 252 44.17 -67.81 5.65
CA PRO N 252 45.15 -66.75 5.97
C PRO N 252 45.54 -66.77 7.44
N ALA N 253 46.84 -66.54 7.69
CA ALA N 253 47.36 -66.67 9.05
C ALA N 253 46.77 -65.64 10.01
N ASP N 254 46.41 -64.47 9.50
CA ASP N 254 45.88 -63.40 10.35
C ASP N 254 44.41 -63.58 10.69
N TRP N 255 43.72 -64.59 10.12
CA TRP N 255 42.27 -64.64 10.25
C TRP N 255 41.81 -64.83 11.69
N SER N 256 42.55 -65.62 12.47
CA SER N 256 42.13 -65.94 13.82
C SER N 256 42.25 -64.75 14.77
N VAL N 257 43.05 -63.75 14.42
CA VAL N 257 43.13 -62.54 15.24
C VAL N 257 42.03 -61.57 14.87
N ARG N 258 41.42 -61.73 13.69
CA ARG N 258 40.46 -60.78 13.15
C ARG N 258 39.01 -61.23 13.29
N CYS N 259 38.75 -62.36 13.94
CA CYS N 259 37.37 -62.83 14.04
C CYS N 259 36.56 -61.97 14.99
N GLY N 260 35.30 -61.74 14.64
CA GLY N 260 34.49 -60.75 15.30
C GLY N 260 33.60 -61.36 16.36
N THR N 261 33.62 -62.68 16.48
CA THR N 261 32.76 -63.33 17.45
C THR N 261 33.61 -64.26 18.31
N GLN N 262 33.11 -64.59 19.49
CA GLN N 262 34.00 -65.46 20.23
C GLN N 262 33.82 -66.91 19.75
N GLU N 263 32.65 -67.22 19.18
CA GLU N 263 32.46 -68.53 18.57
C GLU N 263 33.57 -68.79 17.55
N ALA N 264 33.96 -67.77 16.78
CA ALA N 264 35.01 -67.94 15.79
C ALA N 264 36.35 -68.14 16.48
N ARG N 265 36.53 -67.54 17.65
CA ARG N 265 37.81 -67.62 18.36
C ARG N 265 38.26 -69.05 18.55
N ASP N 266 37.39 -69.89 19.09
CA ASP N 266 37.66 -71.26 19.49
C ASP N 266 37.69 -72.27 18.33
N LEU N 267 37.43 -71.88 17.10
CA LEU N 267 37.67 -72.80 16.02
C LEU N 267 39.16 -72.89 15.66
N PHE N 268 39.99 -72.09 16.31
CA PHE N 268 41.42 -72.00 16.04
C PHE N 268 42.28 -72.31 17.27
N THR N 269 43.56 -72.56 17.00
CA THR N 269 44.61 -72.75 17.99
C THR N 269 44.81 -71.50 18.85
N ALA N 270 45.57 -71.68 19.93
CA ALA N 270 46.19 -70.53 20.57
C ALA N 270 47.20 -69.87 19.65
N ALA N 271 47.88 -70.67 18.82
CA ALA N 271 48.82 -70.13 17.83
C ALA N 271 48.10 -69.39 16.71
N GLY N 272 47.05 -69.99 16.15
CA GLY N 272 46.29 -69.38 15.08
C GLY N 272 45.96 -70.34 13.95
N THR N 273 46.18 -71.63 14.20
CA THR N 273 45.86 -72.71 13.27
C THR N 273 44.51 -73.31 13.66
N LEU N 274 43.87 -74.00 12.71
CA LEU N 274 42.56 -74.57 12.96
C LEU N 274 42.64 -75.77 13.88
N GLN N 275 41.62 -75.93 14.72
CA GLN N 275 41.53 -77.13 15.54
C GLN N 275 41.20 -78.29 14.62
N PRO N 276 41.80 -79.46 14.84
CA PRO N 276 41.45 -80.60 14.00
C PRO N 276 40.07 -81.12 14.36
N CYS N 277 39.40 -81.72 13.38
CA CYS N 277 38.13 -82.39 13.66
C CYS N 277 38.44 -83.74 14.29
N LYS N 278 37.55 -84.16 15.20
CA LYS N 278 37.65 -85.50 15.78
C LYS N 278 36.38 -86.31 15.58
N ASP N 279 35.40 -85.79 14.82
CA ASP N 279 34.32 -86.68 14.28
C ASP N 279 34.83 -87.59 13.20
N PRO N 280 34.66 -88.87 13.35
CA PRO N 280 35.09 -89.83 12.34
C PRO N 280 34.27 -89.61 11.07
N LYS N 281 33.11 -88.96 11.15
CA LYS N 281 32.34 -88.57 9.98
C LYS N 281 32.84 -87.28 9.37
N HIS N 282 33.50 -86.43 10.16
CA HIS N 282 34.10 -85.22 9.63
C HIS N 282 35.53 -85.48 9.17
N ILE N 283 36.24 -86.38 9.85
CA ILE N 283 37.52 -86.84 9.33
C ILE N 283 37.30 -87.55 7.99
N ALA N 284 36.20 -88.28 7.87
CA ALA N 284 35.91 -89.02 6.65
C ALA N 284 35.56 -88.09 5.49
N ARG N 285 34.72 -87.07 5.76
CA ARG N 285 34.25 -86.25 4.64
C ARG N 285 35.36 -85.35 4.09
N ILE N 286 36.22 -84.83 4.96
CA ILE N 286 37.37 -84.05 4.49
C ILE N 286 38.38 -84.94 3.77
N ALA N 287 38.55 -86.18 4.20
CA ALA N 287 39.50 -87.07 3.55
C ALA N 287 39.15 -87.35 2.09
N ARG N 288 37.86 -87.38 1.77
CA ARG N 288 37.38 -87.61 0.41
C ARG N 288 37.25 -86.35 -0.45
N ALA N 289 37.25 -85.16 0.15
CA ALA N 289 37.23 -83.96 -0.68
C ALA N 289 38.58 -83.79 -1.35
N ARG N 290 38.55 -83.39 -2.61
CA ARG N 290 39.75 -83.12 -3.38
C ARG N 290 39.67 -81.68 -3.86
N PRO N 291 40.81 -81.01 -4.02
CA PRO N 291 40.78 -79.59 -4.38
C PRO N 291 40.00 -79.29 -5.65
N VAL N 292 39.34 -78.14 -5.63
CA VAL N 292 38.58 -77.65 -6.79
C VAL N 292 39.44 -77.70 -8.05
N ARG N 293 40.72 -77.35 -7.92
CA ARG N 293 41.74 -77.42 -8.96
C ARG N 293 41.84 -78.81 -9.58
N GLU N 294 41.43 -79.83 -8.82
CA GLU N 294 41.60 -81.23 -9.18
C GLU N 294 40.41 -81.78 -9.95
N VAL N 295 39.23 -81.22 -9.72
CA VAL N 295 38.01 -81.68 -10.38
C VAL N 295 37.69 -80.83 -11.61
N ILE N 296 37.94 -79.53 -11.57
CA ILE N 296 37.59 -78.63 -12.67
C ILE N 296 38.72 -78.67 -13.69
N THR N 297 38.49 -79.42 -14.76
CA THR N 297 39.47 -79.61 -15.84
C THR N 297 39.64 -78.39 -16.73
N GLU N 298 38.56 -77.66 -16.97
CA GLU N 298 38.61 -76.52 -17.85
C GLU N 298 39.35 -75.36 -17.18
N PRO N 299 40.49 -74.91 -17.71
CA PRO N 299 41.30 -73.93 -16.97
C PRO N 299 40.59 -72.60 -16.77
N LEU N 300 39.76 -72.16 -17.71
CA LEU N 300 39.06 -70.89 -17.52
C LEU N 300 37.96 -71.02 -16.48
N LEU N 301 37.22 -72.13 -16.50
CA LEU N 301 36.22 -72.37 -15.47
C LEU N 301 36.86 -72.52 -14.12
N CYS N 302 37.99 -73.21 -14.07
CA CYS N 302 38.69 -73.38 -12.81
C CYS N 302 39.15 -72.04 -12.25
N ASP N 303 39.77 -71.21 -13.10
CA ASP N 303 40.19 -69.90 -12.64
C ASP N 303 38.99 -69.08 -12.16
N LEU N 304 37.86 -69.23 -12.86
CA LEU N 304 36.65 -68.52 -12.49
C LEU N 304 36.18 -68.93 -11.10
N ILE N 305 36.07 -70.24 -10.86
CA ILE N 305 35.56 -70.73 -9.58
C ILE N 305 36.49 -70.35 -8.45
N LEU N 306 37.81 -70.49 -8.65
CA LEU N 306 38.76 -70.25 -7.57
C LEU N 306 38.80 -68.80 -7.14
N ASN N 307 38.69 -67.87 -8.08
CA ASN N 307 38.70 -66.45 -7.73
C ASN N 307 37.34 -65.92 -7.31
N LEU N 308 36.27 -66.71 -7.47
CA LEU N 308 35.03 -66.42 -6.77
C LEU N 308 35.10 -66.87 -5.32
N LEU N 309 35.88 -67.92 -5.04
CA LEU N 309 36.05 -68.42 -3.68
C LEU N 309 37.35 -67.92 -3.06
N HIS N 310 37.83 -66.77 -3.51
CA HIS N 310 39.05 -66.18 -2.97
C HIS N 310 38.84 -65.75 -1.51
N TYR N 311 39.83 -66.06 -0.66
CA TYR N 311 39.74 -65.66 0.73
C TYR N 311 39.84 -64.14 0.89
N ASP N 312 40.54 -63.47 -0.02
CA ASP N 312 40.61 -62.02 0.03
C ASP N 312 39.36 -61.47 -0.64
N ARG N 313 38.55 -60.73 0.12
CA ARG N 313 37.26 -60.27 -0.39
C ARG N 313 37.42 -59.20 -1.46
N GLN N 314 38.55 -58.53 -1.50
CA GLN N 314 38.77 -57.50 -2.50
C GLN N 314 39.38 -58.08 -3.74
N ARG N 315 40.07 -59.19 -3.59
CA ARG N 315 40.60 -59.74 -4.81
C ARG N 315 39.75 -60.87 -5.38
N ARG N 316 38.77 -61.32 -4.61
CA ARG N 316 37.69 -62.10 -5.16
C ARG N 316 36.99 -61.32 -6.28
N LEU N 317 36.57 -62.05 -7.31
CA LEU N 317 35.86 -61.44 -8.42
C LEU N 317 34.56 -60.79 -7.95
N ASN N 318 34.22 -59.67 -8.59
CA ASN N 318 32.91 -59.05 -8.39
C ASN N 318 31.95 -59.56 -9.47
N ALA N 319 30.69 -59.14 -9.37
CA ALA N 319 29.67 -59.64 -10.29
C ALA N 319 30.00 -59.27 -11.73
N ARG N 320 30.49 -58.05 -11.95
CA ARG N 320 30.83 -57.63 -13.31
C ARG N 320 31.98 -58.45 -13.89
N GLN N 321 33.00 -58.73 -13.08
CA GLN N 321 34.12 -59.54 -13.56
C GLN N 321 33.68 -60.97 -13.84
N MET N 322 32.77 -61.50 -13.03
CA MET N 322 32.25 -62.85 -13.25
C MET N 322 31.54 -62.94 -14.60
N MET N 323 30.60 -62.03 -14.86
CA MET N 323 29.89 -62.03 -16.12
C MET N 323 30.78 -61.67 -17.30
N SER N 324 31.91 -61.01 -17.05
CA SER N 324 32.83 -60.61 -18.11
C SER N 324 34.06 -61.50 -18.13
N HIS N 325 34.01 -62.66 -17.47
CA HIS N 325 35.16 -63.55 -17.37
C HIS N 325 35.47 -64.21 -18.72
N ALA N 326 36.73 -64.59 -18.88
CA ALA N 326 37.17 -65.21 -20.13
C ALA N 326 36.43 -66.51 -20.42
N TYR N 327 35.99 -67.22 -19.38
CA TYR N 327 35.23 -68.45 -19.57
C TYR N 327 33.93 -68.18 -20.33
N VAL N 328 33.21 -67.12 -19.94
CA VAL N 328 31.95 -66.80 -20.60
C VAL N 328 32.18 -66.39 -22.05
N HIS N 329 33.27 -65.67 -22.32
CA HIS N 329 33.52 -65.21 -23.67
C HIS N 329 33.90 -66.35 -24.61
N LYS N 330 34.49 -67.43 -24.08
CA LYS N 330 34.87 -68.54 -24.94
C LYS N 330 33.66 -69.39 -25.33
N TYR N 331 32.82 -69.74 -24.36
CA TYR N 331 31.73 -70.68 -24.59
C TYR N 331 30.40 -70.02 -24.89
N PHE N 332 30.27 -68.73 -24.59
CA PHE N 332 29.09 -67.94 -24.95
C PHE N 332 29.55 -66.71 -25.72
N PRO N 333 30.16 -66.89 -26.90
CA PRO N 333 30.80 -65.75 -27.59
C PRO N 333 29.84 -64.65 -27.98
N GLU N 334 28.56 -64.96 -28.20
CA GLU N 334 27.58 -63.94 -28.53
C GLU N 334 27.28 -63.08 -27.32
N CYS N 335 27.94 -63.38 -26.20
CA CYS N 335 28.03 -62.46 -25.06
C CYS N 335 28.31 -61.02 -25.45
N ARG N 336 29.09 -60.81 -26.51
CA ARG N 336 29.53 -59.48 -26.89
C ARG N 336 28.44 -58.68 -27.62
N GLN N 337 27.42 -59.33 -28.13
CA GLN N 337 26.31 -58.65 -28.77
C GLN N 337 25.11 -58.48 -27.86
N HIS N 338 25.22 -58.88 -26.61
CA HIS N 338 24.13 -58.72 -25.68
C HIS N 338 24.10 -57.29 -25.15
N PRO N 339 22.91 -56.69 -25.00
CA PRO N 339 22.84 -55.32 -24.49
C PRO N 339 23.34 -55.18 -23.05
N ASN N 340 23.50 -56.28 -22.32
CA ASN N 340 23.99 -56.22 -20.95
C ASN N 340 25.51 -56.41 -20.86
N HIS N 341 26.17 -56.76 -21.96
CA HIS N 341 27.63 -56.80 -21.96
C HIS N 341 28.17 -55.42 -21.61
N VAL N 342 29.21 -55.38 -20.78
CA VAL N 342 29.66 -54.12 -20.19
C VAL N 342 30.12 -53.13 -21.25
N ASP N 343 30.73 -53.63 -22.33
CA ASP N 343 31.20 -52.73 -23.37
C ASP N 343 30.09 -52.31 -24.32
N ASN N 344 28.86 -52.82 -24.13
CA ASN N 344 27.69 -52.35 -24.83
C ASN N 344 26.82 -51.45 -23.96
N ARG N 345 27.31 -51.06 -22.79
CA ARG N 345 26.61 -50.20 -21.86
C ARG N 345 27.40 -48.91 -21.68
N SER N 346 26.74 -47.91 -21.13
CA SER N 346 27.39 -46.68 -20.74
C SER N 346 28.33 -46.95 -19.56
N LYS N 347 29.12 -45.94 -19.17
CA LYS N 347 29.96 -46.15 -18.00
C LYS N 347 29.09 -46.32 -16.78
N LEU N 348 29.30 -47.40 -16.09
CA LEU N 348 28.51 -47.92 -15.00
C LEU N 348 29.04 -47.39 -13.69
N PRO N 349 28.24 -47.45 -12.62
CA PRO N 349 28.76 -47.12 -11.30
C PRO N 349 29.98 -47.95 -10.97
N PRO N 350 30.85 -47.47 -10.09
CA PRO N 350 32.05 -48.23 -9.77
C PRO N 350 31.67 -49.56 -9.14
N THR N 351 32.47 -50.58 -9.43
CA THR N 351 32.27 -51.87 -8.81
C THR N 351 32.51 -51.76 -7.31
N PRO N 352 31.91 -52.63 -6.51
CA PRO N 352 32.15 -52.58 -5.08
C PRO N 352 33.60 -52.85 -4.74
N VAL N 353 34.02 -52.25 -3.65
CA VAL N 353 35.24 -52.62 -2.95
C VAL N 353 34.84 -53.60 -1.87
N MET N 354 35.25 -54.86 -2.02
CA MET N 354 34.87 -55.96 -1.11
C MET N 354 33.35 -56.08 -0.82
N GLY O 16 -4.93 26.73 -12.35
CA GLY O 16 -4.53 25.43 -11.86
C GLY O 16 -3.42 25.65 -10.82
N ARG O 17 -2.17 26.07 -11.24
CA ARG O 17 -1.06 26.33 -10.29
C ARG O 17 -0.94 27.75 -9.93
N PHE O 18 -1.14 28.65 -10.87
CA PHE O 18 -0.82 30.05 -10.68
C PHE O 18 -2.14 30.76 -10.63
N LYS O 19 -2.38 31.46 -9.53
CA LYS O 19 -3.60 32.23 -9.38
C LYS O 19 -3.24 33.69 -9.60
N ILE O 20 -3.93 34.32 -10.55
CA ILE O 20 -3.62 35.70 -10.89
C ILE O 20 -4.15 36.61 -9.80
N LEU O 21 -3.28 37.49 -9.28
CA LEU O 21 -3.61 38.39 -8.19
C LEU O 21 -3.76 39.83 -8.65
N SER O 22 -2.70 40.41 -9.21
CA SER O 22 -2.71 41.79 -9.62
C SER O 22 -2.18 41.91 -11.04
N LEU O 23 -2.51 43.02 -11.65
CA LEU O 23 -1.92 43.41 -12.92
C LEU O 23 -0.83 44.43 -12.67
N LEU O 24 0.39 44.11 -13.06
CA LEU O 24 1.51 44.99 -12.80
C LEU O 24 1.84 45.91 -13.97
N GLY O 25 1.60 45.47 -15.20
CA GLY O 25 1.95 46.25 -16.37
C GLY O 25 1.38 45.59 -17.61
N GLU O 26 1.35 46.38 -18.69
CA GLU O 26 0.56 45.99 -19.83
C GLU O 26 1.32 46.50 -21.05
N GLY O 27 1.35 45.72 -22.13
CA GLY O 27 2.04 46.25 -23.30
C GLY O 27 1.78 45.43 -24.54
N THR O 28 2.49 45.80 -25.63
CA THR O 28 2.42 45.03 -26.87
C THR O 28 2.79 43.57 -26.62
N PHE O 29 3.90 43.33 -25.92
CA PHE O 29 4.34 41.97 -25.62
C PHE O 29 3.22 41.15 -25.01
N GLY O 30 2.41 41.77 -24.14
CA GLY O 30 1.39 41.09 -23.37
C GLY O 30 1.22 41.76 -22.02
N LYS O 31 1.20 40.98 -20.94
CA LYS O 31 0.98 41.51 -19.60
C LYS O 31 1.96 40.88 -18.62
N VAL O 32 2.29 41.62 -17.58
CA VAL O 32 2.99 41.08 -16.41
C VAL O 32 2.03 41.14 -15.23
N VAL O 33 1.75 40.00 -14.62
CA VAL O 33 0.82 39.92 -13.51
C VAL O 33 1.54 39.42 -12.27
N GLU O 34 1.08 39.89 -11.11
CA GLU O 34 1.44 39.28 -9.85
C GLU O 34 0.55 38.06 -9.64
N ALA O 35 1.15 36.92 -9.32
CA ALA O 35 0.42 35.69 -9.18
C ALA O 35 0.81 34.99 -7.89
N TRP O 36 -0.09 34.11 -7.43
CA TRP O 36 0.17 33.28 -6.27
C TRP O 36 0.56 31.89 -6.75
N ASP O 37 1.74 31.45 -6.36
CA ASP O 37 2.23 30.13 -6.72
C ASP O 37 1.68 29.15 -5.71
N ARG O 38 0.68 28.34 -6.11
CA ARG O 38 0.00 27.46 -5.18
C ARG O 38 0.91 26.30 -4.77
N LYS O 39 1.95 26.05 -5.58
CA LYS O 39 2.93 24.98 -5.50
C LYS O 39 4.04 25.33 -4.55
N ARG O 40 4.21 26.60 -4.24
CA ARG O 40 5.25 27.10 -3.36
C ARG O 40 4.77 27.91 -2.18
N LYS O 41 3.55 28.42 -2.20
CA LYS O 41 3.10 29.30 -1.13
C LYS O 41 3.96 30.57 -1.18
N GLU O 42 4.01 31.17 -2.38
CA GLU O 42 4.84 32.34 -2.59
C GLU O 42 4.22 33.23 -3.66
N TYR O 43 4.69 34.48 -3.68
CA TYR O 43 4.29 35.45 -4.69
C TYR O 43 5.29 35.49 -5.84
N CYS O 44 4.77 35.76 -7.03
CA CYS O 44 5.58 35.75 -8.24
C CYS O 44 5.03 36.78 -9.22
N ALA O 45 5.85 37.13 -10.19
CA ALA O 45 5.42 37.86 -11.38
C ALA O 45 5.40 36.90 -12.56
N VAL O 46 4.33 36.96 -13.35
CA VAL O 46 4.17 36.08 -14.50
C VAL O 46 4.00 36.93 -15.75
N LYS O 47 4.88 36.73 -16.71
CA LYS O 47 4.81 37.40 -18.00
C LYS O 47 3.96 36.57 -18.95
N ILE O 48 2.80 37.09 -19.32
CA ILE O 48 1.87 36.42 -20.22
C ILE O 48 2.00 37.12 -21.58
N VAL O 49 2.70 36.48 -22.49
CA VAL O 49 2.93 37.02 -23.84
C VAL O 49 1.73 36.70 -24.72
N ARG O 50 1.43 37.60 -25.65
CA ARG O 50 0.33 37.37 -26.57
C ARG O 50 0.58 36.06 -27.32
N ASN O 51 -0.49 35.34 -27.57
CA ASN O 51 -0.38 34.01 -28.13
C ASN O 51 -0.42 34.18 -29.65
N VAL O 52 0.60 34.80 -30.23
CA VAL O 52 0.59 35.02 -31.68
C VAL O 52 1.91 34.45 -32.17
N PRO O 53 2.05 33.97 -33.42
CA PRO O 53 3.29 33.25 -33.78
C PRO O 53 4.63 33.96 -33.52
N LYS O 54 4.80 35.28 -33.77
CA LYS O 54 6.09 35.90 -33.46
C LYS O 54 6.22 36.34 -32.01
N TYR O 55 5.14 36.54 -31.25
CA TYR O 55 5.44 36.83 -29.86
C TYR O 55 5.78 35.56 -29.09
N THR O 56 5.14 34.43 -29.42
CA THR O 56 5.44 33.18 -28.72
C THR O 56 6.86 32.68 -28.99
N ARG O 57 7.43 32.94 -30.18
CA ARG O 57 8.74 32.37 -30.41
C ARG O 57 9.86 33.24 -29.84
N ASP O 58 9.68 34.57 -29.82
CA ASP O 58 10.70 35.36 -29.11
C ASP O 58 10.54 35.18 -27.61
N ALA O 59 9.37 34.71 -27.15
CA ALA O 59 9.26 34.26 -25.78
C ALA O 59 10.02 32.97 -25.60
N LYS O 60 9.91 32.04 -26.55
CA LYS O 60 10.70 30.81 -26.49
C LYS O 60 12.17 31.11 -26.67
N ILE O 61 12.53 32.08 -27.50
CA ILE O 61 13.91 32.52 -27.62
C ILE O 61 14.35 33.23 -26.35
N GLU O 62 13.51 34.13 -25.83
CA GLU O 62 13.80 34.81 -24.57
C GLU O 62 14.01 33.80 -23.45
N ILE O 63 13.20 32.74 -23.42
CA ILE O 63 13.33 31.72 -22.37
C ILE O 63 14.70 31.07 -22.42
N GLN O 64 15.19 30.77 -23.62
CA GLN O 64 16.47 30.09 -23.75
C GLN O 64 17.62 30.93 -23.22
N PHE O 65 17.57 32.25 -23.44
CA PHE O 65 18.57 33.12 -22.84
C PHE O 65 18.44 33.21 -21.33
N MET O 66 17.23 33.08 -20.79
CA MET O 66 17.00 33.26 -19.36
C MET O 66 17.55 32.10 -18.55
N GLU O 67 17.46 30.89 -19.10
CA GLU O 67 17.99 29.66 -18.54
C GLU O 67 19.51 29.61 -18.57
N ARG O 68 20.17 30.25 -19.53
CA ARG O 68 21.63 30.26 -19.59
C ARG O 68 22.25 31.22 -18.58
N VAL O 69 21.60 32.36 -18.34
CA VAL O 69 22.04 33.22 -17.24
C VAL O 69 21.80 32.50 -15.92
N ARG O 70 20.61 31.94 -15.71
CA ARG O 70 20.40 31.31 -14.42
C ARG O 70 21.34 30.14 -14.16
N LEU O 71 21.51 29.28 -15.14
CA LEU O 71 22.33 28.11 -14.92
C LEU O 71 23.77 28.48 -14.67
N SER O 72 24.23 29.59 -15.21
CA SER O 72 25.61 30.02 -15.01
C SER O 72 25.79 30.82 -13.73
N ASP O 73 24.94 31.83 -13.53
CA ASP O 73 24.98 32.65 -12.33
C ASP O 73 24.06 32.03 -11.27
N VAL O 74 24.49 30.86 -10.75
CA VAL O 74 23.56 30.12 -9.90
C VAL O 74 23.39 30.81 -8.56
N GLU O 75 24.33 31.67 -8.14
CA GLU O 75 24.02 32.29 -6.85
C GLU O 75 23.73 33.76 -6.95
N ASP O 76 23.01 34.16 -8.00
CA ASP O 76 22.46 35.49 -8.08
C ASP O 76 23.53 36.53 -7.81
N ARG O 77 24.67 36.36 -8.49
CA ARG O 77 25.78 37.26 -8.26
C ARG O 77 25.63 38.54 -9.06
N PHE O 78 24.91 38.49 -10.16
CA PHE O 78 24.78 39.67 -10.99
C PHE O 78 23.31 40.05 -11.15
N PRO O 79 23.01 41.35 -11.23
CA PRO O 79 21.62 41.82 -11.28
C PRO O 79 20.96 41.62 -12.65
N LEU O 80 21.05 40.39 -13.16
CA LEU O 80 20.26 39.96 -14.30
C LEU O 80 19.05 39.18 -13.81
N MET O 81 17.99 39.19 -14.62
CA MET O 81 16.77 38.49 -14.26
C MET O 81 17.05 37.00 -14.18
N LYS O 82 16.36 36.34 -13.26
CA LYS O 82 16.58 34.92 -12.99
C LYS O 82 15.23 34.24 -13.14
N ILE O 83 15.00 33.65 -14.32
CA ILE O 83 13.75 32.93 -14.53
C ILE O 83 13.63 31.79 -13.54
N GLN O 84 12.42 31.56 -13.05
CA GLN O 84 12.16 30.43 -12.16
C GLN O 84 11.45 29.30 -12.86
N ARG O 85 10.43 29.59 -13.66
CA ARG O 85 9.83 28.55 -14.48
C ARG O 85 9.03 29.17 -15.63
N TYR O 86 8.63 28.32 -16.56
CA TYR O 86 7.86 28.75 -17.72
C TYR O 86 6.99 27.60 -18.20
N PHE O 87 5.94 27.94 -18.94
CA PHE O 87 5.06 26.94 -19.53
C PHE O 87 4.25 27.62 -20.64
N GLN O 88 3.60 26.79 -21.45
CA GLN O 88 2.65 27.27 -22.45
C GLN O 88 1.24 27.05 -21.92
N ASN O 89 0.44 28.11 -21.91
CA ASN O 89 -0.89 28.10 -21.36
C ASN O 89 -1.81 27.15 -22.13
N GLU O 90 -3.01 26.90 -21.57
CA GLU O 90 -3.97 26.05 -22.24
C GLU O 90 -4.62 26.76 -23.41
N THR O 91 -4.46 28.08 -23.49
CA THR O 91 -4.77 28.82 -24.71
C THR O 91 -3.49 29.16 -25.46
N GLY O 92 -2.37 28.58 -25.04
CA GLY O 92 -1.11 28.69 -25.73
C GLY O 92 -0.26 29.89 -25.43
N HIS O 93 -0.72 30.81 -24.59
CA HIS O 93 0.10 31.97 -24.28
C HIS O 93 1.37 31.49 -23.61
N MET O 94 2.52 31.96 -24.10
CA MET O 94 3.74 31.67 -23.37
C MET O 94 3.74 32.45 -22.07
N CYS O 95 4.02 31.77 -20.97
CA CYS O 95 3.98 32.37 -19.64
C CYS O 95 5.32 32.13 -18.96
N ILE O 96 6.00 33.21 -18.60
CA ILE O 96 7.32 33.16 -17.97
C ILE O 96 7.18 33.55 -16.51
N VAL O 97 7.48 32.61 -15.62
CA VAL O 97 7.37 32.84 -14.18
C VAL O 97 8.72 33.30 -13.65
N MET O 98 8.70 34.39 -12.89
CA MET O 98 9.89 35.05 -12.38
C MET O 98 9.61 35.61 -10.99
N PRO O 99 10.61 36.06 -10.24
CA PRO O 99 10.33 36.75 -8.98
C PRO O 99 9.61 38.07 -9.23
N LYS O 100 8.97 38.58 -8.19
CA LYS O 100 8.29 39.87 -8.28
C LYS O 100 9.32 40.96 -7.96
N TYR O 101 9.62 41.78 -8.94
CA TYR O 101 10.52 42.89 -8.77
C TYR O 101 9.68 44.16 -8.65
N GLY O 102 10.30 45.32 -8.80
CA GLY O 102 9.61 46.58 -8.71
C GLY O 102 9.38 47.25 -10.04
N PRO O 103 9.08 48.54 -10.02
CA PRO O 103 8.85 49.29 -11.26
C PRO O 103 10.16 49.63 -11.93
N CYS O 104 10.06 49.94 -13.22
CA CYS O 104 11.22 50.32 -14.01
C CYS O 104 11.85 51.61 -13.49
N LEU O 105 13.10 51.85 -13.89
CA LEU O 105 13.75 53.12 -13.60
C LEU O 105 12.97 54.29 -14.21
N LEU O 106 12.34 54.07 -15.36
CA LEU O 106 11.55 55.13 -15.97
C LEU O 106 10.42 55.56 -15.05
N ASP O 107 9.79 54.62 -14.35
CA ASP O 107 8.73 54.96 -13.41
C ASP O 107 9.23 55.87 -12.30
N TRP O 108 10.44 55.62 -11.79
CA TRP O 108 10.95 56.40 -10.67
C TRP O 108 11.28 57.83 -11.08
N ILE O 109 12.04 57.98 -12.16
CA ILE O 109 12.41 59.27 -12.72
C ILE O 109 11.19 60.12 -13.10
N MET O 110 10.09 59.50 -13.49
CA MET O 110 8.91 60.31 -13.83
C MET O 110 8.14 60.77 -12.61
N LYS O 111 8.19 60.03 -11.50
CA LYS O 111 7.47 60.43 -10.29
C LYS O 111 8.34 61.27 -9.36
N HIS O 112 9.61 60.89 -9.17
CA HIS O 112 10.47 61.53 -8.18
C HIS O 112 11.60 62.34 -8.79
N GLY O 113 11.76 62.36 -10.11
CA GLY O 113 12.84 63.10 -10.72
C GLY O 113 14.12 62.28 -10.82
N PRO O 114 15.21 62.95 -11.20
CA PRO O 114 16.47 62.23 -11.38
C PRO O 114 17.03 61.70 -10.07
N PHE O 115 17.87 60.68 -10.18
CA PHE O 115 18.56 60.14 -9.01
C PHE O 115 19.68 61.06 -8.57
N ASN O 116 20.02 60.98 -7.28
CA ASN O 116 21.22 61.67 -6.84
C ASN O 116 22.44 60.85 -7.23
N HIS O 117 23.62 61.44 -7.03
CA HIS O 117 24.85 60.83 -7.53
C HIS O 117 25.07 59.44 -6.93
N ARG O 118 24.77 59.27 -5.64
CA ARG O 118 25.03 57.98 -5.00
C ARG O 118 24.21 56.86 -5.62
N HIS O 119 22.89 57.04 -5.71
CA HIS O 119 22.07 55.97 -6.25
C HIS O 119 22.35 55.76 -7.73
N LEU O 120 22.66 56.84 -8.45
CA LEU O 120 23.11 56.72 -9.83
C LEU O 120 24.41 55.94 -9.92
N ALA O 121 25.36 56.22 -9.02
CA ALA O 121 26.61 55.46 -9.00
C ALA O 121 26.36 53.99 -8.69
N GLN O 122 25.43 53.71 -7.78
CA GLN O 122 25.11 52.32 -7.46
C GLN O 122 24.46 51.62 -8.64
N ILE O 123 23.60 52.34 -9.37
CA ILE O 123 22.96 51.76 -10.55
C ILE O 123 23.99 51.48 -11.63
N ILE O 124 24.90 52.43 -11.87
CA ILE O 124 25.93 52.24 -12.90
C ILE O 124 26.81 51.06 -12.55
N PHE O 125 27.13 50.91 -11.27
CA PHE O 125 27.96 49.79 -10.82
C PHE O 125 27.29 48.45 -11.10
N GLN O 126 25.99 48.34 -10.77
CA GLN O 126 25.28 47.07 -10.92
C GLN O 126 25.12 46.69 -12.37
N VAL O 127 24.62 47.61 -13.19
CA VAL O 127 24.43 47.32 -14.61
C VAL O 127 25.76 46.98 -15.26
N GLY O 128 26.82 47.67 -14.87
CA GLY O 128 28.15 47.32 -15.37
C GLY O 128 28.54 45.90 -15.01
N ALA O 129 28.32 45.51 -13.76
CA ALA O 129 28.68 44.16 -13.32
C ALA O 129 27.88 43.11 -14.08
N ALA O 130 26.60 43.36 -14.30
CA ALA O 130 25.79 42.43 -15.08
C ALA O 130 26.23 42.43 -16.54
N LEU O 131 26.54 43.62 -17.08
CA LEU O 131 26.89 43.71 -18.50
C LEU O 131 28.25 43.10 -18.78
N ASP O 132 29.22 43.28 -17.87
CA ASP O 132 30.51 42.64 -18.06
C ASP O 132 30.41 41.13 -17.89
N TYR O 133 29.51 40.67 -17.02
CA TYR O 133 29.25 39.24 -16.98
C TYR O 133 28.58 38.76 -18.26
N PHE O 134 27.58 39.52 -18.75
CA PHE O 134 26.93 39.16 -20.00
C PHE O 134 27.92 39.08 -21.15
N HIS O 135 28.84 40.05 -21.23
CA HIS O 135 29.74 40.19 -22.37
C HIS O 135 30.93 39.23 -22.28
N THR O 136 31.49 39.05 -21.10
CA THR O 136 32.77 38.34 -20.97
C THR O 136 32.64 36.89 -20.52
N GLU O 137 31.51 36.52 -19.92
CA GLU O 137 31.29 35.14 -19.50
C GLU O 137 30.29 34.41 -20.38
N LEU O 138 29.21 35.08 -20.79
CA LEU O 138 28.24 34.49 -21.69
C LEU O 138 28.46 34.86 -23.14
N HIS O 139 29.20 35.95 -23.39
CA HIS O 139 29.46 36.43 -24.74
C HIS O 139 28.16 36.65 -25.51
N LEU O 140 27.27 37.42 -24.88
CA LEU O 140 26.00 37.81 -25.45
C LEU O 140 25.89 39.34 -25.37
N MET O 141 25.12 39.90 -26.28
CA MET O 141 24.74 41.30 -26.22
C MET O 141 23.28 41.40 -25.81
N HIS O 142 22.96 42.43 -25.03
CA HIS O 142 21.57 42.69 -24.70
C HIS O 142 20.86 43.37 -25.87
N THR O 143 21.45 44.45 -26.38
CA THR O 143 21.04 45.22 -27.56
C THR O 143 19.77 46.05 -27.41
N ASP O 144 19.02 45.93 -26.32
CA ASP O 144 17.81 46.74 -26.14
C ASP O 144 17.68 47.22 -24.71
N LEU O 145 18.74 47.80 -24.16
CA LEU O 145 18.64 48.37 -22.82
C LEU O 145 17.91 49.70 -22.88
N LYS O 146 17.01 49.90 -21.93
CA LYS O 146 16.22 51.13 -21.84
C LYS O 146 15.76 51.27 -20.39
N PRO O 147 15.47 52.50 -19.95
CA PRO O 147 14.95 52.67 -18.58
C PRO O 147 13.68 51.89 -18.28
N GLU O 148 12.93 51.45 -19.31
CA GLU O 148 11.71 50.70 -19.07
C GLU O 148 11.95 49.23 -18.73
N ASN O 149 13.12 48.68 -19.07
CA ASN O 149 13.41 47.28 -18.78
C ASN O 149 14.58 47.10 -17.81
N ILE O 150 15.04 48.18 -17.18
CA ILE O 150 15.87 48.07 -15.99
C ILE O 150 14.96 48.36 -14.81
N LEU O 151 14.67 47.32 -14.03
CA LEU O 151 13.66 47.39 -12.98
C LEU O 151 14.31 47.56 -11.62
N MET O 152 13.63 48.30 -10.74
CA MET O 152 13.99 48.29 -9.34
C MET O 152 13.76 46.90 -8.76
N GLU O 153 14.70 46.45 -7.93
CA GLU O 153 14.51 45.15 -7.27
C GLU O 153 13.26 45.15 -6.42
N SER O 154 13.01 46.24 -5.69
CA SER O 154 11.80 46.37 -4.88
C SER O 154 11.27 47.80 -5.03
N GLY O 155 9.96 47.94 -4.87
CA GLY O 155 9.32 49.24 -4.97
C GLY O 155 9.11 49.94 -3.65
N ASP O 156 9.99 49.68 -2.67
CA ASP O 156 9.88 50.29 -1.36
C ASP O 156 10.64 51.60 -1.34
N THR O 157 10.14 52.57 -0.57
CA THR O 157 10.72 53.91 -0.53
C THR O 157 10.75 54.45 0.89
N SER O 158 11.80 55.23 1.19
CA SER O 158 11.95 55.93 2.46
C SER O 158 12.07 57.43 2.17
N VAL O 159 12.01 58.23 3.24
CA VAL O 159 12.02 59.68 3.14
C VAL O 159 13.35 60.23 3.64
N ASP O 160 13.97 61.08 2.82
CA ASP O 160 15.16 61.84 3.23
C ASP O 160 14.80 62.81 4.33
N PRO O 161 15.42 62.73 5.50
CA PRO O 161 14.99 63.59 6.60
C PRO O 161 15.18 65.07 6.33
N MET O 162 16.14 65.45 5.47
CA MET O 162 16.35 66.86 5.21
C MET O 162 15.53 67.40 4.04
N THR O 163 15.52 66.70 2.90
CA THR O 163 14.80 67.19 1.73
C THR O 163 13.35 66.72 1.69
N HIS O 164 13.02 65.67 2.45
CA HIS O 164 11.70 65.04 2.48
C HIS O 164 11.33 64.39 1.15
N ARG O 165 12.26 64.31 0.20
CA ARG O 165 11.97 63.64 -1.04
C ARG O 165 12.16 62.14 -0.88
N ALA O 166 11.66 61.40 -1.88
CA ALA O 166 11.65 59.95 -1.81
C ALA O 166 13.05 59.41 -2.08
N LEU O 167 13.38 58.45 -1.36
CA LEU O 167 14.61 57.73 -1.40
C LEU O 167 14.38 56.31 -1.80
N PRO O 168 15.20 55.79 -2.70
CA PRO O 168 15.09 54.38 -3.04
C PRO O 168 15.67 53.53 -1.94
N PRO O 169 15.55 52.21 -2.03
CA PRO O 169 16.23 51.37 -1.04
C PRO O 169 17.72 51.65 -1.04
N GLU O 170 18.36 51.39 0.10
CA GLU O 170 19.81 51.58 0.24
C GLU O 170 20.44 50.23 0.57
N PRO O 171 21.14 49.58 -0.37
CA PRO O 171 21.47 50.04 -1.72
C PRO O 171 20.31 49.96 -2.71
N CYS O 172 20.43 50.71 -3.81
CA CYS O 172 19.40 50.76 -4.84
C CYS O 172 19.64 49.63 -5.84
N ARG O 173 19.12 48.45 -5.47
CA ARG O 173 19.27 47.28 -6.32
C ARG O 173 18.35 47.35 -7.53
N VAL O 174 18.89 47.01 -8.70
CA VAL O 174 18.14 46.99 -9.95
C VAL O 174 18.31 45.61 -10.60
N ARG O 175 17.49 45.35 -11.61
CA ARG O 175 17.54 44.10 -12.36
C ARG O 175 17.39 44.39 -13.85
N ILE O 176 18.29 43.82 -14.66
CA ILE O 176 18.19 43.90 -16.11
C ILE O 176 17.24 42.81 -16.58
N CYS O 177 16.21 43.20 -17.31
CA CYS O 177 15.22 42.26 -17.82
C CYS O 177 15.17 42.34 -19.35
N ASP O 178 14.17 41.67 -19.92
CA ASP O 178 13.86 41.73 -21.35
C ASP O 178 15.06 41.29 -22.20
N LEU O 179 15.29 39.98 -22.18
CA LEU O 179 16.37 39.35 -22.94
C LEU O 179 15.92 38.82 -24.29
N GLY O 180 14.76 39.27 -24.79
CA GLY O 180 14.24 38.74 -26.03
C GLY O 180 15.10 39.07 -27.23
N GLY O 181 15.78 40.22 -27.21
CA GLY O 181 16.58 40.66 -28.33
C GLY O 181 18.06 40.37 -28.19
N CYS O 182 18.38 39.35 -27.40
CA CYS O 182 19.78 39.03 -27.15
C CYS O 182 20.43 38.52 -28.41
N CYS O 183 21.67 38.90 -28.59
CA CYS O 183 22.47 38.52 -29.74
C CYS O 183 23.73 37.78 -29.30
N ASP O 184 24.48 37.39 -30.32
CA ASP O 184 25.72 36.65 -30.27
C ASP O 184 26.70 37.20 -31.33
N GLU O 185 27.97 36.74 -31.32
CA GLU O 185 29.04 37.55 -31.93
C GLU O 185 29.03 37.57 -33.46
N ARG O 186 28.35 36.66 -34.13
CA ARG O 186 28.22 36.89 -35.56
C ARG O 186 26.76 36.85 -35.93
N HIS O 187 26.05 37.72 -35.23
CA HIS O 187 24.74 38.18 -35.63
C HIS O 187 24.87 38.76 -37.04
N SER O 188 23.74 38.96 -37.69
CA SER O 188 23.73 39.69 -38.96
C SER O 188 24.54 40.98 -38.81
N ARG O 189 25.45 41.21 -39.76
CA ARG O 189 26.39 42.31 -39.56
C ARG O 189 25.71 43.66 -39.79
N THR O 190 24.68 43.69 -40.62
CA THR O 190 23.88 44.90 -40.80
C THR O 190 22.55 44.84 -40.06
N ALA O 191 22.38 43.90 -39.13
CA ALA O 191 21.16 43.85 -38.35
C ALA O 191 20.96 45.13 -37.55
N ILE O 192 19.71 45.55 -37.43
CA ILE O 192 19.34 46.70 -36.62
C ILE O 192 18.66 46.30 -35.34
N VAL O 193 19.27 46.79 -34.26
CA VAL O 193 18.93 46.51 -32.89
C VAL O 193 18.55 47.81 -32.19
N SER O 194 18.10 47.68 -30.94
CA SER O 194 17.85 48.77 -30.02
C SER O 194 16.57 49.52 -30.37
N THR O 195 15.88 49.99 -29.34
CA THR O 195 14.90 51.04 -29.54
C THR O 195 15.66 52.28 -30.03
N ARG O 196 15.04 53.01 -30.96
CA ARG O 196 15.79 54.03 -31.68
C ARG O 196 16.42 55.06 -30.76
N HIS O 197 15.72 55.45 -29.70
CA HIS O 197 16.23 56.46 -28.77
C HIS O 197 17.62 56.08 -28.24
N TYR O 198 17.90 54.78 -28.15
CA TYR O 198 19.13 54.27 -27.55
C TYR O 198 20.00 53.52 -28.55
N ARG O 199 19.77 53.75 -29.84
CA ARG O 199 20.48 53.02 -30.90
C ARG O 199 21.80 53.73 -31.25
N SER O 200 22.89 52.97 -31.22
CA SER O 200 24.22 53.52 -31.49
C SER O 200 24.37 53.91 -32.95
N PRO O 201 25.30 54.82 -33.26
CA PRO O 201 25.49 55.20 -34.67
C PRO O 201 26.02 54.08 -35.54
N GLU O 202 26.89 53.22 -35.01
CA GLU O 202 27.40 52.09 -35.78
C GLU O 202 26.28 51.19 -36.27
N VAL O 203 25.20 51.05 -35.50
CA VAL O 203 24.07 50.23 -35.92
C VAL O 203 23.28 50.94 -37.02
N VAL O 204 23.00 52.23 -36.83
CA VAL O 204 22.25 52.99 -37.82
C VAL O 204 22.94 52.96 -39.18
N LEU O 205 24.24 53.21 -39.20
CA LEU O 205 25.01 53.32 -40.43
C LEU O 205 25.60 52.00 -40.92
N SER O 206 25.25 50.89 -40.27
CA SER O 206 25.76 49.57 -40.61
C SER O 206 27.29 49.58 -40.67
N LEU O 207 27.89 50.12 -39.62
CA LEU O 207 29.33 50.23 -39.47
C LEU O 207 29.95 49.02 -38.80
N GLY O 208 29.15 48.03 -38.43
CA GLY O 208 29.64 46.97 -37.56
C GLY O 208 29.39 47.30 -36.11
N TRP O 209 28.76 46.39 -35.37
CA TRP O 209 28.47 46.62 -33.96
C TRP O 209 28.64 45.31 -33.20
N MET O 210 28.99 45.43 -31.93
CA MET O 210 29.18 44.25 -31.10
C MET O 210 28.79 44.61 -29.67
N TYR O 211 29.60 44.16 -28.69
CA TYR O 211 29.25 44.36 -27.30
C TYR O 211 29.14 45.84 -26.95
N SER O 212 29.98 46.67 -27.58
CA SER O 212 30.07 48.08 -27.24
C SER O 212 28.79 48.86 -27.53
N THR O 213 27.84 48.29 -28.30
CA THR O 213 26.59 48.99 -28.54
C THR O 213 25.72 48.99 -27.28
N ASP O 214 25.93 48.02 -26.39
CA ASP O 214 25.28 48.06 -25.09
C ASP O 214 25.79 49.24 -24.26
N LEU O 215 27.03 49.67 -24.50
CA LEU O 215 27.60 50.76 -23.74
C LEU O 215 27.20 52.11 -24.30
N TRP O 216 26.92 52.19 -25.60
CA TRP O 216 26.23 53.36 -26.13
C TRP O 216 24.88 53.52 -25.45
N SER O 217 24.12 52.41 -25.33
CA SER O 217 22.82 52.48 -24.69
C SER O 217 22.94 52.94 -23.24
N MET O 218 23.98 52.48 -22.54
CA MET O 218 24.20 52.94 -21.17
C MET O 218 24.51 54.43 -21.13
N GLY O 219 25.21 54.95 -22.13
CA GLY O 219 25.45 56.38 -22.19
C GLY O 219 24.17 57.19 -22.24
N CYS O 220 23.23 56.78 -23.10
CA CYS O 220 21.99 57.54 -23.22
C CYS O 220 21.07 57.31 -22.04
N ILE O 221 21.12 56.13 -21.42
CA ILE O 221 20.29 55.88 -20.24
C ILE O 221 20.80 56.71 -19.06
N ILE O 222 22.13 56.77 -18.89
CA ILE O 222 22.68 57.53 -17.77
C ILE O 222 22.40 59.02 -17.93
N TYR O 223 22.48 59.54 -19.15
CA TYR O 223 22.05 60.92 -19.39
C TYR O 223 20.61 61.12 -18.94
N GLU O 224 19.73 60.18 -19.30
CA GLU O 224 18.31 60.33 -19.01
C GLU O 224 18.03 60.16 -17.52
N LEU O 225 18.76 59.26 -16.85
CA LEU O 225 18.56 59.06 -15.42
C LEU O 225 18.97 60.28 -14.61
N TYR O 226 19.93 61.06 -15.12
CA TYR O 226 20.45 62.20 -14.38
C TYR O 226 19.75 63.51 -14.73
N THR O 227 19.30 63.66 -15.97
CA THR O 227 18.63 64.89 -16.40
C THR O 227 17.12 64.77 -16.45
N GLY O 228 16.58 63.57 -16.51
CA GLY O 228 15.15 63.42 -16.68
C GLY O 228 14.68 63.61 -18.11
N LYS O 229 15.60 63.74 -19.06
CA LYS O 229 15.28 63.97 -20.45
C LYS O 229 15.93 62.89 -21.30
N LEU O 230 15.25 62.52 -22.38
CA LEU O 230 15.89 61.70 -23.40
C LEU O 230 16.96 62.51 -24.10
N LEU O 231 18.11 61.90 -24.35
CA LEU O 231 19.15 62.60 -25.09
C LEU O 231 18.80 62.75 -26.56
N TYR O 232 18.12 61.75 -27.13
CA TYR O 232 17.75 61.74 -28.54
C TYR O 232 16.28 61.41 -28.62
N ASP O 233 15.45 62.45 -28.60
CA ASP O 233 14.01 62.28 -28.77
C ASP O 233 13.72 62.47 -30.26
N THR O 234 13.95 61.42 -31.04
CA THR O 234 13.90 61.53 -32.49
C THR O 234 13.41 60.20 -33.04
N HIS O 235 12.76 60.22 -34.21
CA HIS O 235 12.37 58.92 -34.74
C HIS O 235 13.05 58.67 -36.10
N ASP O 236 13.99 59.53 -36.50
CA ASP O 236 14.44 59.57 -37.89
C ASP O 236 15.96 59.58 -37.95
N ASN O 237 16.50 58.74 -38.84
CA ASN O 237 17.95 58.58 -38.97
C ASN O 237 18.65 59.92 -39.20
N LEU O 238 18.10 60.75 -40.10
CA LEU O 238 18.80 61.98 -40.46
C LEU O 238 18.80 62.99 -39.32
N GLU O 239 17.71 63.10 -38.58
CA GLU O 239 17.70 63.99 -37.42
C GLU O 239 18.55 63.40 -36.29
N HIS O 240 18.47 62.09 -36.08
CA HIS O 240 19.24 61.44 -35.02
C HIS O 240 20.73 61.75 -35.15
N LEU O 241 21.26 61.63 -36.37
CA LEU O 241 22.68 61.84 -36.57
C LEU O 241 23.06 63.30 -36.37
N HIS O 242 22.19 64.24 -36.76
CA HIS O 242 22.47 65.64 -36.53
C HIS O 242 22.49 65.96 -35.04
N LEU O 243 21.59 65.33 -34.29
CA LEU O 243 21.57 65.52 -32.84
C LEU O 243 22.82 64.93 -32.19
N MET O 244 23.29 63.79 -32.71
CA MET O 244 24.57 63.25 -32.25
C MET O 244 25.70 64.23 -32.51
N GLU O 245 25.69 64.87 -33.67
CA GLU O 245 26.71 65.86 -33.97
C GLU O 245 26.62 67.05 -33.03
N LYS O 246 25.40 67.48 -32.70
CA LYS O 246 25.25 68.65 -31.84
C LYS O 246 25.45 68.30 -30.37
N THR O 247 25.18 67.06 -29.98
CA THR O 247 25.38 66.71 -28.58
C THR O 247 26.83 66.33 -28.29
N LEU O 248 27.53 65.76 -29.28
CA LEU O 248 28.82 65.16 -29.00
C LEU O 248 29.95 65.67 -29.90
N GLY O 249 29.62 66.13 -31.09
CA GLY O 249 30.63 66.48 -32.07
C GLY O 249 30.39 65.78 -33.40
N ARG O 250 31.12 66.23 -34.42
CA ARG O 250 30.87 65.83 -35.80
C ARG O 250 31.08 64.34 -35.92
N LEU O 251 30.42 63.72 -36.89
CA LEU O 251 30.72 62.33 -37.17
C LEU O 251 32.12 62.19 -37.79
N PRO O 252 32.77 61.04 -37.59
CA PRO O 252 34.09 60.86 -38.21
C PRO O 252 34.04 61.01 -39.72
N ALA O 253 35.10 61.59 -40.28
CA ALA O 253 35.12 61.91 -41.70
C ALA O 253 35.03 60.68 -42.59
N ASP O 254 35.56 59.54 -42.13
CA ASP O 254 35.55 58.31 -42.91
C ASP O 254 34.21 57.59 -42.85
N TRP O 255 33.27 58.10 -42.06
CA TRP O 255 32.11 57.27 -41.73
C TRP O 255 31.27 56.87 -42.92
N SER O 256 31.11 57.70 -43.97
CA SER O 256 30.15 57.05 -44.87
C SER O 256 30.85 56.32 -45.99
N VAL O 257 32.20 56.33 -46.03
CA VAL O 257 32.87 55.42 -46.94
C VAL O 257 32.73 54.02 -46.40
N ARG O 258 32.41 53.88 -45.10
CA ARG O 258 32.36 52.60 -44.43
C ARG O 258 30.94 52.10 -44.18
N CYS O 259 29.91 52.77 -44.70
CA CYS O 259 28.54 52.33 -44.45
C CYS O 259 28.24 51.03 -45.16
N GLY O 260 27.47 50.17 -44.50
CA GLY O 260 27.29 48.82 -44.96
C GLY O 260 26.02 48.61 -45.76
N THR O 261 25.15 49.62 -45.85
CA THR O 261 23.92 49.51 -46.60
C THR O 261 23.70 50.78 -47.45
N GLN O 262 22.94 50.64 -48.55
CA GLN O 262 22.48 51.78 -49.37
C GLN O 262 21.91 52.88 -48.50
N GLU O 263 21.12 52.46 -47.52
CA GLU O 263 20.31 53.25 -46.63
C GLU O 263 21.15 54.31 -45.92
N ALA O 264 22.33 53.91 -45.45
CA ALA O 264 23.18 54.75 -44.60
C ALA O 264 23.89 55.85 -45.38
N ARG O 265 24.57 55.50 -46.48
CA ARG O 265 25.40 56.46 -47.22
C ARG O 265 24.62 57.63 -47.80
N ASP O 266 23.40 57.41 -48.24
CA ASP O 266 22.64 58.50 -48.84
C ASP O 266 22.13 59.50 -47.80
N LEU O 267 22.42 59.24 -46.53
CA LEU O 267 22.24 60.23 -45.49
C LEU O 267 23.39 61.24 -45.48
N PHE O 268 24.38 61.04 -46.37
CA PHE O 268 25.56 61.86 -46.47
C PHE O 268 25.67 62.53 -47.85
N THR O 269 26.51 63.56 -47.90
CA THR O 269 26.88 64.26 -49.13
C THR O 269 27.60 63.33 -50.11
N ALA O 270 27.75 63.83 -51.34
CA ALA O 270 28.73 63.25 -52.25
C ALA O 270 30.14 63.40 -51.71
N ALA O 271 30.41 64.49 -50.98
CA ALA O 271 31.70 64.67 -50.32
C ALA O 271 31.85 63.68 -49.17
N GLY O 272 30.85 63.59 -48.32
CA GLY O 272 30.87 62.68 -47.20
C GLY O 272 30.41 63.35 -45.92
N THR O 273 29.86 64.56 -46.07
CA THR O 273 29.34 65.32 -44.94
C THR O 273 27.84 65.07 -44.84
N LEU O 274 27.29 65.27 -43.65
CA LEU O 274 25.91 64.91 -43.37
C LEU O 274 24.90 65.80 -44.08
N GLN O 275 23.75 65.22 -44.46
CA GLN O 275 22.74 66.12 -44.99
C GLN O 275 22.06 66.99 -43.98
N PRO O 276 21.82 68.25 -44.34
CA PRO O 276 21.01 69.11 -43.50
C PRO O 276 19.57 68.68 -43.58
N CYS O 277 18.88 68.91 -42.47
CA CYS O 277 17.45 68.66 -42.40
C CYS O 277 16.73 69.87 -42.97
N LYS O 278 15.56 69.59 -43.54
CA LYS O 278 14.69 70.66 -43.99
C LYS O 278 13.29 70.56 -43.40
N ASP O 279 13.02 69.59 -42.55
CA ASP O 279 11.72 69.61 -41.89
C ASP O 279 11.79 70.61 -40.74
N PRO O 280 10.87 71.58 -40.67
CA PRO O 280 11.09 72.75 -39.79
C PRO O 280 11.13 72.43 -38.30
N LYS O 281 10.58 71.30 -37.92
CA LYS O 281 10.54 70.73 -36.57
C LYS O 281 11.69 69.73 -36.34
N HIS O 282 12.44 69.34 -37.41
CA HIS O 282 13.74 68.70 -37.20
C HIS O 282 14.79 69.78 -36.98
N ILE O 283 14.61 70.93 -37.61
CA ILE O 283 15.45 72.10 -37.37
C ILE O 283 15.30 72.59 -35.94
N ALA O 284 14.09 72.51 -35.38
CA ALA O 284 13.84 73.05 -34.04
C ALA O 284 14.59 72.23 -32.98
N ARG O 285 14.58 70.90 -33.14
CA ARG O 285 15.10 70.01 -32.11
C ARG O 285 16.61 70.05 -32.02
N ILE O 286 17.30 70.09 -33.16
CA ILE O 286 18.73 70.37 -33.15
C ILE O 286 19.03 71.79 -32.69
N ALA O 287 18.16 72.76 -32.96
CA ALA O 287 18.50 74.11 -32.52
C ALA O 287 18.61 74.19 -31.01
N ARG O 288 17.77 73.44 -30.29
CA ARG O 288 17.83 73.44 -28.83
C ARG O 288 18.61 72.29 -28.24
N ALA O 289 19.05 71.33 -29.06
CA ALA O 289 19.90 70.30 -28.49
C ALA O 289 21.15 71.00 -27.97
N ARG O 290 21.58 70.59 -26.79
CA ARG O 290 22.73 71.20 -26.18
C ARG O 290 23.82 70.17 -26.00
N PRO O 291 25.09 70.56 -26.05
CA PRO O 291 26.17 69.59 -25.85
C PRO O 291 26.07 68.92 -24.49
N VAL O 292 26.36 67.62 -24.47
CA VAL O 292 26.26 66.83 -23.24
C VAL O 292 27.11 67.44 -22.09
N ARG O 293 28.34 67.89 -22.40
CA ARG O 293 29.22 68.56 -21.45
C ARG O 293 28.62 69.82 -20.88
N GLU O 294 27.70 70.44 -21.60
CA GLU O 294 27.17 71.73 -21.22
C GLU O 294 26.07 71.55 -20.19
N VAL O 295 25.41 70.38 -20.22
CA VAL O 295 24.37 70.05 -19.25
C VAL O 295 24.91 69.23 -18.08
N ILE O 296 25.85 68.31 -18.31
CA ILE O 296 26.39 67.47 -17.23
C ILE O 296 27.47 68.29 -16.54
N THR O 297 27.12 68.91 -15.40
CA THR O 297 28.05 69.77 -14.69
C THR O 297 29.14 68.99 -13.95
N GLU O 298 28.84 67.81 -13.43
CA GLU O 298 29.82 67.04 -12.68
C GLU O 298 30.86 66.47 -13.64
N PRO O 299 32.14 66.84 -13.52
CA PRO O 299 33.12 66.46 -14.55
C PRO O 299 33.33 64.97 -14.70
N LEU O 300 33.27 64.20 -13.61
CA LEU O 300 33.46 62.76 -13.72
C LEU O 300 32.27 62.09 -14.39
N LEU O 301 31.06 62.56 -14.07
CA LEU O 301 29.87 62.03 -14.74
C LEU O 301 29.88 62.39 -16.22
N CYS O 302 30.31 63.62 -16.53
CA CYS O 302 30.42 64.04 -17.92
C CYS O 302 31.38 63.16 -18.71
N ASP O 303 32.58 62.93 -18.16
CA ASP O 303 33.54 62.08 -18.83
C ASP O 303 32.99 60.67 -19.03
N LEU O 304 32.25 60.16 -18.04
CA LEU O 304 31.66 58.84 -18.15
C LEU O 304 30.67 58.79 -19.32
N ILE O 305 29.76 59.75 -19.38
CA ILE O 305 28.75 59.75 -20.43
C ILE O 305 29.38 59.91 -21.80
N LEU O 306 30.34 60.83 -21.92
CA LEU O 306 30.91 61.14 -23.23
C LEU O 306 31.70 59.96 -23.80
N ASN O 307 32.41 59.23 -22.95
CA ASN O 307 33.19 58.09 -23.42
C ASN O 307 32.37 56.83 -23.51
N LEU O 308 31.15 56.82 -22.98
CA LEU O 308 30.18 55.79 -23.36
C LEU O 308 29.58 56.08 -24.72
N LEU O 309 29.48 57.36 -25.09
CA LEU O 309 28.94 57.77 -26.37
C LEU O 309 30.03 58.05 -27.39
N HIS O 310 31.19 57.43 -27.21
CA HIS O 310 32.31 57.63 -28.13
C HIS O 310 31.99 57.03 -29.50
N TYR O 311 32.29 57.79 -30.55
CA TYR O 311 32.07 57.29 -31.90
C TYR O 311 32.99 56.12 -32.21
N ASP O 312 34.17 56.10 -31.61
CA ASP O 312 35.11 55.01 -31.80
C ASP O 312 34.69 53.86 -30.88
N ARG O 313 34.36 52.72 -31.48
CA ARG O 313 33.85 51.61 -30.69
C ARG O 313 34.91 50.98 -29.81
N GLN O 314 36.20 51.18 -30.12
CA GLN O 314 37.28 50.57 -29.35
C GLN O 314 37.77 51.44 -28.22
N ARG O 315 37.61 52.74 -28.39
CA ARG O 315 37.95 53.78 -27.44
C ARG O 315 36.76 54.15 -26.56
N ARG O 316 35.55 53.75 -26.94
CA ARG O 316 34.39 53.70 -26.05
C ARG O 316 34.59 52.77 -24.84
N LEU O 317 34.09 53.20 -23.69
CA LEU O 317 34.20 52.42 -22.47
C LEU O 317 33.47 51.09 -22.60
N ASN O 318 34.04 50.04 -22.01
CA ASN O 318 33.38 48.76 -21.88
C ASN O 318 32.67 48.69 -20.53
N ALA O 319 31.93 47.60 -20.30
CA ALA O 319 31.14 47.48 -19.07
C ALA O 319 32.02 47.52 -17.83
N ARG O 320 33.19 46.88 -17.87
CA ARG O 320 34.07 46.85 -16.72
C ARG O 320 34.59 48.25 -16.37
N GLN O 321 34.98 49.03 -17.38
CA GLN O 321 35.44 50.38 -17.11
C GLN O 321 34.32 51.27 -16.60
N MET O 322 33.10 51.07 -17.10
CA MET O 322 31.95 51.85 -16.65
C MET O 322 31.71 51.62 -15.16
N MET O 323 31.59 50.35 -14.75
CA MET O 323 31.37 50.03 -13.35
C MET O 323 32.59 50.37 -12.49
N SER O 324 33.76 50.50 -13.10
CA SER O 324 34.99 50.84 -12.38
C SER O 324 35.40 52.29 -12.62
N HIS O 325 34.51 53.12 -13.14
CA HIS O 325 34.81 54.51 -13.46
C HIS O 325 34.99 55.34 -12.19
N ALA O 326 35.77 56.42 -12.32
CA ALA O 326 36.05 57.30 -11.19
C ALA O 326 34.78 57.91 -10.61
N TYR O 327 33.76 58.13 -11.44
CA TYR O 327 32.51 58.68 -10.94
C TYR O 327 31.86 57.77 -9.91
N VAL O 328 31.84 56.47 -10.19
CA VAL O 328 31.24 55.51 -9.27
C VAL O 328 32.06 55.43 -7.98
N HIS O 329 33.37 55.55 -8.08
CA HIS O 329 34.20 55.46 -6.88
C HIS O 329 34.03 56.68 -5.97
N LYS O 330 33.69 57.84 -6.55
CA LYS O 330 33.54 59.04 -5.73
C LYS O 330 32.24 59.01 -4.94
N TYR O 331 31.13 58.69 -5.59
CA TYR O 331 29.82 58.77 -4.96
C TYR O 331 29.33 57.44 -4.40
N PHE O 332 29.94 56.34 -4.80
CA PHE O 332 29.65 55.02 -4.23
C PHE O 332 30.95 54.39 -3.75
N PRO O 333 31.62 55.00 -2.77
CA PRO O 333 32.96 54.52 -2.38
C PRO O 333 32.94 53.11 -1.83
N GLU O 334 31.81 52.66 -1.30
CA GLU O 334 31.70 51.30 -0.80
C GLU O 334 31.64 50.27 -1.92
N CYS O 335 31.62 50.71 -3.18
CA CYS O 335 31.87 49.82 -4.32
C CYS O 335 33.11 48.96 -4.13
N ARG O 336 34.15 49.50 -3.49
CA ARG O 336 35.42 48.78 -3.40
C ARG O 336 35.35 47.60 -2.44
N GLN O 337 34.38 47.57 -1.55
CA GLN O 337 34.18 46.44 -0.66
C GLN O 337 33.10 45.49 -1.17
N HIS O 338 32.60 45.75 -2.36
CA HIS O 338 31.62 44.87 -2.98
C HIS O 338 32.34 43.68 -3.63
N PRO O 339 31.79 42.47 -3.49
CA PRO O 339 32.43 41.30 -4.10
C PRO O 339 32.49 41.35 -5.62
N ASN O 340 31.75 42.26 -6.26
CA ASN O 340 31.79 42.41 -7.70
C ASN O 340 32.80 43.44 -8.17
N HIS O 341 33.39 44.21 -7.25
CA HIS O 341 34.47 45.11 -7.63
C HIS O 341 35.59 44.29 -8.25
N VAL O 342 36.20 44.81 -9.31
CA VAL O 342 37.15 44.04 -10.10
C VAL O 342 38.35 43.60 -9.27
N ASP O 343 38.78 44.41 -8.32
CA ASP O 343 39.95 44.06 -7.53
C ASP O 343 39.62 43.08 -6.41
N ASN O 344 38.35 42.74 -6.23
CA ASN O 344 37.94 41.73 -5.28
C ASN O 344 37.56 40.41 -5.96
N ARG O 345 37.87 40.27 -7.23
CA ARG O 345 37.58 39.07 -8.00
C ARG O 345 38.88 38.43 -8.49
N SER O 346 38.77 37.20 -8.98
CA SER O 346 39.90 36.63 -9.68
C SER O 346 40.15 37.43 -10.95
N LYS O 347 41.28 37.18 -11.61
CA LYS O 347 41.48 37.83 -12.89
C LYS O 347 40.49 37.27 -13.89
N LEU O 348 39.78 38.14 -14.53
CA LEU O 348 38.61 37.92 -15.35
C LEU O 348 38.98 37.67 -16.80
N PRO O 349 38.09 37.11 -17.59
CA PRO O 349 38.33 37.03 -19.04
C PRO O 349 38.59 38.41 -19.60
N PRO O 350 39.30 38.49 -20.73
CA PRO O 350 39.60 39.82 -21.29
C PRO O 350 38.33 40.56 -21.66
N THR O 351 38.38 41.89 -21.51
CA THR O 351 37.28 42.72 -21.95
C THR O 351 37.16 42.64 -23.47
N PRO O 352 35.97 42.91 -24.02
CA PRO O 352 35.81 42.85 -25.47
C PRO O 352 36.67 43.88 -26.17
N VAL O 353 37.06 43.56 -27.39
CA VAL O 353 37.57 44.52 -28.34
C VAL O 353 36.36 44.97 -29.16
N MET O 354 35.98 46.24 -29.00
CA MET O 354 34.79 46.82 -29.65
C MET O 354 33.50 46.01 -29.46
N GLY P 16 -73.79 3.35 -1.69
CA GLY P 16 -73.36 2.10 -1.08
C GLY P 16 -72.35 2.31 0.05
N ARG P 17 -71.11 2.64 -0.34
CA ARG P 17 -70.04 2.86 0.62
C ARG P 17 -69.84 4.33 0.92
N PHE P 18 -70.04 5.19 -0.09
CA PHE P 18 -69.79 6.62 0.02
C PHE P 18 -71.13 7.31 0.06
N LYS P 19 -71.38 8.05 1.13
CA LYS P 19 -72.59 8.82 1.29
C LYS P 19 -72.24 10.27 1.04
N ILE P 20 -72.91 10.89 0.08
CA ILE P 20 -72.60 12.27 -0.28
C ILE P 20 -73.14 13.19 0.80
N LEU P 21 -72.28 14.07 1.32
CA LEU P 21 -72.64 14.99 2.38
C LEU P 21 -72.76 16.42 1.90
N SER P 22 -71.70 16.98 1.32
CA SER P 22 -71.68 18.36 0.91
C SER P 22 -71.18 18.49 -0.53
N LEU P 23 -71.49 19.63 -1.13
CA LEU P 23 -70.90 20.03 -2.40
C LEU P 23 -69.77 21.00 -2.11
N LEU P 24 -68.55 20.62 -2.47
CA LEU P 24 -67.41 21.48 -2.19
C LEU P 24 -67.05 22.39 -3.37
N GLY P 25 -67.28 21.94 -4.60
CA GLY P 25 -66.99 22.75 -5.76
C GLY P 25 -67.48 22.06 -7.02
N GLU P 26 -67.60 22.85 -8.08
CA GLU P 26 -68.21 22.37 -9.32
C GLU P 26 -67.54 23.03 -10.52
N GLY P 27 -67.44 22.28 -11.61
CA GLY P 27 -66.88 22.82 -12.82
C GLY P 27 -67.14 21.92 -14.02
N THR P 28 -66.46 22.27 -15.12
CA THR P 28 -66.53 21.46 -16.34
C THR P 28 -66.18 20.00 -16.07
N PHE P 29 -65.07 19.77 -15.37
CA PHE P 29 -64.63 18.41 -15.05
C PHE P 29 -65.74 17.59 -14.43
N GLY P 30 -66.55 18.21 -13.56
CA GLY P 30 -67.54 17.52 -12.76
C GLY P 30 -67.74 18.17 -11.41
N LYS P 31 -67.74 17.38 -10.34
CA LYS P 31 -67.99 17.91 -9.00
C LYS P 31 -66.99 17.33 -8.03
N VAL P 32 -66.68 18.09 -6.98
CA VAL P 32 -65.97 17.59 -5.81
C VAL P 32 -66.94 17.68 -4.64
N VAL P 33 -67.21 16.53 -4.02
CA VAL P 33 -68.16 16.46 -2.92
C VAL P 33 -67.43 15.96 -1.68
N GLU P 34 -67.91 16.43 -0.53
CA GLU P 34 -67.56 15.80 0.73
C GLU P 34 -68.46 14.59 0.92
N ALA P 35 -67.88 13.44 1.26
CA ALA P 35 -68.64 12.21 1.38
C ALA P 35 -68.31 11.52 2.69
N TRP P 36 -69.24 10.71 3.18
CA TRP P 36 -69.02 9.89 4.37
C TRP P 36 -68.69 8.49 3.88
N ASP P 37 -67.51 8.03 4.28
CA ASP P 37 -67.01 6.73 3.93
C ASP P 37 -67.50 5.72 4.97
N ARG P 38 -68.46 4.89 4.57
CA ARG P 38 -69.06 3.93 5.47
C ARG P 38 -68.09 2.84 5.88
N LYS P 39 -67.00 2.66 5.17
CA LYS P 39 -66.16 1.51 5.47
C LYS P 39 -65.13 1.76 6.54
N ARG P 40 -64.73 3.00 6.69
CA ARG P 40 -63.56 3.30 7.50
C ARG P 40 -63.89 4.38 8.51
N LYS P 41 -65.07 4.97 8.37
CA LYS P 41 -65.49 6.05 9.24
C LYS P 41 -64.64 7.29 8.97
N GLU P 42 -64.53 7.76 7.70
CA GLU P 42 -63.82 9.02 7.44
C GLU P 42 -64.83 10.03 6.93
N TYR P 43 -64.43 11.29 6.93
CA TYR P 43 -64.85 12.22 5.88
C TYR P 43 -63.80 12.28 4.75
N CYS P 44 -64.28 12.45 3.51
CA CYS P 44 -63.37 12.46 2.36
C CYS P 44 -63.95 13.37 1.28
N ALA P 45 -63.09 13.74 0.34
CA ALA P 45 -63.50 14.44 -0.86
C ALA P 45 -63.54 13.47 -2.05
N VAL P 46 -64.60 13.56 -2.84
CA VAL P 46 -64.79 12.68 -3.98
C VAL P 46 -64.93 13.54 -5.22
N LYS P 47 -64.05 13.31 -6.20
CA LYS P 47 -64.13 13.97 -7.50
C LYS P 47 -64.99 13.12 -8.42
N ILE P 48 -66.16 13.64 -8.79
CA ILE P 48 -67.09 12.95 -9.68
C ILE P 48 -66.98 13.61 -11.05
N VAL P 49 -66.34 12.91 -11.99
CA VAL P 49 -66.08 13.41 -13.33
C VAL P 49 -67.32 13.24 -14.20
N ARG P 50 -67.55 14.21 -15.10
CA ARG P 50 -68.64 14.06 -16.03
C ARG P 50 -68.46 12.75 -16.76
N ASN P 51 -69.62 12.21 -16.97
CA ASN P 51 -69.92 10.86 -17.40
C ASN P 51 -70.00 10.77 -18.94
N VAL P 52 -68.92 11.25 -19.51
CA VAL P 52 -68.64 11.31 -20.97
C VAL P 52 -67.25 10.73 -21.36
N PRO P 53 -67.08 10.15 -22.57
CA PRO P 53 -65.85 9.36 -22.86
C PRO P 53 -64.49 10.08 -22.76
N LYS P 54 -64.34 11.34 -23.20
CA LYS P 54 -63.00 11.93 -23.14
C LYS P 54 -62.63 12.33 -21.74
N TYR P 55 -63.63 12.66 -20.92
CA TYR P 55 -63.35 12.95 -19.54
C TYR P 55 -63.10 11.66 -18.76
N THR P 56 -63.82 10.60 -19.13
CA THR P 56 -63.65 9.31 -18.45
C THR P 56 -62.26 8.74 -18.64
N ARG P 57 -61.67 8.95 -19.81
CA ARG P 57 -60.34 8.44 -20.08
C ARG P 57 -59.26 9.36 -19.51
N ASP P 58 -59.54 10.67 -19.47
CA ASP P 58 -58.60 11.59 -18.85
C ASP P 58 -58.65 11.51 -17.34
N ALA P 59 -59.76 11.01 -16.78
CA ALA P 59 -59.76 10.70 -15.35
C ALA P 59 -58.93 9.46 -15.08
N LYS P 60 -59.08 8.43 -15.92
CA LYS P 60 -58.28 7.22 -15.74
C LYS P 60 -56.80 7.47 -15.99
N ILE P 61 -56.45 8.38 -16.91
CA ILE P 61 -55.06 8.80 -17.04
C ILE P 61 -54.64 9.62 -15.84
N GLU P 62 -55.48 10.61 -15.45
CA GLU P 62 -55.20 11.38 -14.25
C GLU P 62 -55.06 10.46 -13.06
N ILE P 63 -55.91 9.44 -12.98
CA ILE P 63 -55.80 8.52 -11.87
C ILE P 63 -54.41 7.93 -11.88
N GLN P 64 -53.93 7.49 -13.06
CA GLN P 64 -52.66 6.77 -13.16
C GLN P 64 -51.47 7.61 -12.67
N PHE P 65 -51.48 8.91 -12.93
CA PHE P 65 -50.44 9.74 -12.34
C PHE P 65 -50.60 9.84 -10.83
N MET P 66 -51.84 9.75 -10.32
CA MET P 66 -52.07 9.85 -8.89
C MET P 66 -51.60 8.61 -8.14
N GLU P 67 -51.80 7.39 -8.69
CA GLU P 67 -51.27 6.22 -7.98
C GLU P 67 -49.77 6.12 -8.07
N ARG P 68 -49.17 6.72 -9.08
CA ARG P 68 -47.73 6.65 -9.15
C ARG P 68 -47.09 7.63 -8.17
N VAL P 69 -47.72 8.78 -7.93
CA VAL P 69 -47.16 9.73 -6.97
C VAL P 69 -47.09 9.10 -5.60
N ARG P 70 -48.20 8.53 -5.12
CA ARG P 70 -48.09 8.12 -3.74
C ARG P 70 -47.52 6.73 -3.54
N LEU P 71 -47.62 5.82 -4.52
CA LEU P 71 -46.95 4.54 -4.32
C LEU P 71 -45.46 4.77 -4.11
N SER P 72 -44.90 5.89 -4.59
CA SER P 72 -43.46 6.11 -4.45
C SER P 72 -43.05 6.77 -3.12
N ASP P 73 -43.64 7.92 -2.81
CA ASP P 73 -43.33 8.72 -1.56
C ASP P 73 -44.23 8.31 -0.42
N VAL P 74 -44.02 7.03 0.04
CA VAL P 74 -45.09 6.30 0.77
C VAL P 74 -45.44 6.96 2.08
N GLU P 75 -44.58 7.85 2.60
CA GLU P 75 -44.87 8.51 3.87
C GLU P 75 -45.20 10.00 3.72
N ASP P 76 -45.89 10.39 2.65
CA ASP P 76 -46.47 11.74 2.52
C ASP P 76 -45.44 12.84 2.77
N ARG P 77 -44.29 12.74 2.11
CA ARG P 77 -43.22 13.69 2.36
C ARG P 77 -43.39 14.99 1.57
N PHE P 78 -44.09 14.95 0.45
CA PHE P 78 -44.20 16.15 -0.37
C PHE P 78 -45.65 16.58 -0.51
N PRO P 79 -45.91 17.90 -0.60
CA PRO P 79 -47.28 18.42 -0.66
C PRO P 79 -47.95 18.22 -2.01
N LEU P 80 -47.88 16.99 -2.50
CA LEU P 80 -48.66 16.53 -3.64
C LEU P 80 -49.91 15.82 -3.17
N MET P 81 -50.91 15.83 -4.02
CA MET P 81 -52.14 15.14 -3.71
C MET P 81 -51.93 13.64 -3.63
N LYS P 82 -52.69 12.99 -2.74
CA LYS P 82 -52.54 11.55 -2.55
C LYS P 82 -53.89 10.84 -2.59
N ILE P 83 -54.16 10.20 -3.73
CA ILE P 83 -55.38 9.44 -3.89
C ILE P 83 -55.48 8.31 -2.85
N GLN P 84 -56.69 8.08 -2.36
CA GLN P 84 -57.00 7.01 -1.43
C GLN P 84 -57.63 5.83 -2.16
N ARG P 85 -58.59 6.09 -3.05
CA ARG P 85 -59.20 5.10 -3.92
C ARG P 85 -59.93 5.78 -5.06
N TYR P 86 -60.32 4.95 -6.04
CA TYR P 86 -61.10 5.34 -7.19
C TYR P 86 -61.97 4.15 -7.61
N PHE P 87 -63.03 4.45 -8.36
CA PHE P 87 -63.90 3.44 -8.94
C PHE P 87 -64.68 4.12 -10.05
N GLN P 88 -65.32 3.29 -10.88
CA GLN P 88 -66.24 3.79 -11.88
C GLN P 88 -67.63 3.58 -11.31
N ASN P 89 -68.37 4.66 -11.11
CA ASN P 89 -69.67 4.43 -10.50
C ASN P 89 -70.55 3.67 -11.47
N GLU P 90 -71.65 3.14 -10.93
CA GLU P 90 -72.55 2.28 -11.67
C GLU P 90 -73.39 3.02 -12.70
N THR P 91 -73.32 4.36 -12.72
CA THR P 91 -73.82 5.14 -13.84
C THR P 91 -72.67 5.58 -14.76
N GLY P 92 -71.48 5.04 -14.55
CA GLY P 92 -70.32 5.31 -15.38
C GLY P 92 -69.44 6.47 -14.99
N HIS P 93 -69.79 7.23 -13.96
CA HIS P 93 -68.95 8.33 -13.53
C HIS P 93 -67.63 7.81 -12.96
N MET P 94 -66.51 8.35 -13.43
CA MET P 94 -65.26 8.11 -12.74
C MET P 94 -65.27 8.89 -11.44
N CYS P 95 -64.93 8.22 -10.34
CA CYS P 95 -64.98 8.84 -9.02
C CYS P 95 -63.63 8.65 -8.33
N ILE P 96 -62.98 9.75 -7.99
CA ILE P 96 -61.65 9.75 -7.39
C ILE P 96 -61.82 10.16 -5.93
N VAL P 97 -61.54 9.24 -5.01
CA VAL P 97 -61.67 9.51 -3.59
C VAL P 97 -60.31 9.93 -3.04
N MET P 98 -60.31 11.04 -2.30
CA MET P 98 -59.10 11.68 -1.80
C MET P 98 -59.36 12.21 -0.41
N PRO P 99 -58.34 12.63 0.34
CA PRO P 99 -58.62 13.32 1.60
C PRO P 99 -59.32 14.64 1.30
N LYS P 100 -60.00 15.16 2.31
CA LYS P 100 -60.68 16.45 2.18
C LYS P 100 -59.67 17.53 2.54
N TYR P 101 -59.32 18.35 1.57
CA TYR P 101 -58.41 19.47 1.77
C TYR P 101 -59.26 20.74 1.86
N GLY P 102 -58.62 21.90 1.72
CA GLY P 102 -59.32 23.16 1.80
C GLY P 102 -59.53 23.82 0.45
N PRO P 103 -59.85 25.10 0.47
CA PRO P 103 -60.08 25.82 -0.78
C PRO P 103 -58.76 26.16 -1.46
N CYS P 104 -58.86 26.44 -2.76
CA CYS P 104 -57.69 26.83 -3.54
C CYS P 104 -57.09 28.14 -3.02
N LEU P 105 -55.83 28.38 -3.41
CA LEU P 105 -55.19 29.65 -3.11
C LEU P 105 -55.95 30.83 -3.70
N LEU P 106 -56.57 30.64 -4.87
CA LEU P 106 -57.34 31.72 -5.49
C LEU P 106 -58.46 32.18 -4.57
N ASP P 107 -59.13 31.24 -3.91
CA ASP P 107 -60.20 31.60 -2.99
C ASP P 107 -59.69 32.50 -1.86
N TRP P 108 -58.48 32.22 -1.37
CA TRP P 108 -57.96 32.99 -0.24
C TRP P 108 -57.63 34.43 -0.65
N ILE P 109 -56.89 34.60 -1.75
CA ILE P 109 -56.47 35.94 -2.16
C ILE P 109 -57.67 36.79 -2.53
N MET P 110 -58.73 36.17 -3.06
CA MET P 110 -59.91 36.94 -3.45
C MET P 110 -60.74 37.36 -2.24
N LYS P 111 -60.69 36.59 -1.15
CA LYS P 111 -61.45 36.93 0.05
C LYS P 111 -60.62 37.75 1.04
N HIS P 112 -59.36 37.38 1.26
CA HIS P 112 -58.54 38.00 2.30
C HIS P 112 -57.38 38.83 1.74
N GLY P 113 -57.18 38.87 0.43
CA GLY P 113 -56.08 39.60 -0.14
C GLY P 113 -54.82 38.76 -0.22
N PRO P 114 -53.71 39.39 -0.61
CA PRO P 114 -52.45 38.65 -0.77
C PRO P 114 -51.90 38.14 0.55
N PHE P 115 -51.08 37.11 0.46
CA PHE P 115 -50.38 36.60 1.64
C PHE P 115 -49.24 37.53 2.01
N ASN P 116 -48.89 37.50 3.30
CA ASN P 116 -47.69 38.20 3.72
C ASN P 116 -46.46 37.37 3.34
N HIS P 117 -45.27 37.97 3.50
CA HIS P 117 -44.06 37.36 2.98
C HIS P 117 -43.82 35.97 3.57
N ARG P 118 -44.09 35.79 4.88
CA ARG P 118 -43.82 34.50 5.51
C ARG P 118 -44.65 33.39 4.88
N HIS P 119 -45.97 33.59 4.78
CA HIS P 119 -46.80 32.54 4.23
C HIS P 119 -46.52 32.34 2.75
N LEU P 120 -46.23 33.43 2.03
CA LEU P 120 -45.82 33.29 0.64
C LEU P 120 -44.53 32.49 0.53
N ALA P 121 -43.56 32.76 1.41
CA ALA P 121 -42.33 31.98 1.43
C ALA P 121 -42.60 30.52 1.76
N GLN P 122 -43.53 30.27 2.69
CA GLN P 122 -43.88 28.90 3.04
C GLN P 122 -44.54 28.19 1.87
N ILE P 123 -45.38 28.89 1.11
CA ILE P 123 -46.01 28.30 -0.07
C ILE P 123 -44.96 27.99 -1.12
N ILE P 124 -44.04 28.93 -1.35
CA ILE P 124 -43.00 28.72 -2.36
C ILE P 124 -42.11 27.54 -1.98
N PHE P 125 -41.81 27.39 -0.70
CA PHE P 125 -40.98 26.28 -0.25
C PHE P 125 -41.64 24.93 -0.54
N GLN P 126 -42.94 24.81 -0.21
CA GLN P 126 -43.62 23.52 -0.37
C GLN P 126 -43.78 23.16 -1.84
N VAL P 127 -44.27 24.09 -2.66
CA VAL P 127 -44.45 23.82 -4.08
C VAL P 127 -43.12 23.49 -4.74
N GLY P 128 -42.06 24.19 -4.33
CA GLY P 128 -40.73 23.85 -4.82
C GLY P 128 -40.33 22.43 -4.47
N ALA P 129 -40.55 22.03 -3.21
CA ALA P 129 -40.20 20.69 -2.79
C ALA P 129 -40.99 19.64 -3.54
N ALA P 130 -42.28 19.89 -3.78
CA ALA P 130 -43.09 18.95 -4.54
C ALA P 130 -42.66 18.90 -6.00
N LEU P 131 -42.38 20.07 -6.60
CA LEU P 131 -42.05 20.11 -8.02
C LEU P 131 -40.69 19.49 -8.33
N ASP P 132 -39.70 19.71 -7.47
CA ASP P 132 -38.41 19.09 -7.74
C ASP P 132 -38.49 17.59 -7.59
N TYR P 133 -39.31 17.12 -6.64
CA TYR P 133 -39.60 15.69 -6.55
C TYR P 133 -40.29 15.21 -7.81
N PHE P 134 -41.28 15.98 -8.27
CA PHE P 134 -41.94 15.67 -9.53
C PHE P 134 -40.92 15.61 -10.67
N HIS P 135 -40.03 16.60 -10.73
CA HIS P 135 -39.13 16.76 -11.86
C HIS P 135 -37.95 15.79 -11.81
N THR P 136 -37.39 15.57 -10.62
CA THR P 136 -36.13 14.83 -10.51
C THR P 136 -36.29 13.38 -10.05
N GLU P 137 -37.42 13.02 -9.44
CA GLU P 137 -37.64 11.65 -9.00
C GLU P 137 -38.63 10.89 -9.86
N LEU P 138 -39.72 11.53 -10.26
CA LEU P 138 -40.69 10.90 -11.12
C LEU P 138 -40.48 11.20 -12.60
N HIS P 139 -39.73 12.25 -12.91
CA HIS P 139 -39.54 12.70 -14.29
C HIS P 139 -40.87 12.98 -14.97
N LEU P 140 -41.69 13.78 -14.31
CA LEU P 140 -42.97 14.22 -14.83
C LEU P 140 -43.02 15.73 -14.76
N MET P 141 -43.76 16.32 -15.68
CA MET P 141 -44.12 17.72 -15.59
C MET P 141 -45.60 17.85 -15.27
N HIS P 142 -45.94 18.86 -14.47
CA HIS P 142 -47.34 19.13 -14.17
C HIS P 142 -48.03 19.83 -15.34
N THR P 143 -47.41 20.89 -15.84
CA THR P 143 -47.77 21.67 -17.03
C THR P 143 -49.04 22.52 -16.87
N ASP P 144 -49.79 22.37 -15.78
CA ASP P 144 -51.01 23.17 -15.59
C ASP P 144 -51.19 23.61 -14.14
N LEU P 145 -50.12 24.13 -13.52
CA LEU P 145 -50.30 24.67 -12.18
C LEU P 145 -50.94 26.05 -12.24
N LYS P 146 -51.90 26.27 -11.35
CA LYS P 146 -52.66 27.52 -11.30
C LYS P 146 -53.16 27.70 -9.88
N PRO P 147 -53.44 28.94 -9.45
CA PRO P 147 -53.94 29.13 -8.09
C PRO P 147 -55.21 28.35 -7.76
N GLU P 148 -55.97 27.90 -8.75
CA GLU P 148 -57.20 27.16 -8.48
C GLU P 148 -56.94 25.70 -8.12
N ASN P 149 -55.77 25.16 -8.45
CA ASN P 149 -55.48 23.77 -8.12
C ASN P 149 -54.32 23.62 -7.14
N ILE P 150 -53.87 24.71 -6.54
CA ILE P 150 -53.03 24.64 -5.34
C ILE P 150 -53.96 24.93 -4.17
N LEU P 151 -54.27 23.90 -3.40
CA LEU P 151 -55.30 23.97 -2.37
C LEU P 151 -54.67 24.15 -1.00
N MET P 152 -55.37 24.89 -0.14
CA MET P 152 -55.03 24.88 1.27
C MET P 152 -55.23 23.48 1.83
N GLU P 153 -54.29 23.04 2.66
CA GLU P 153 -54.46 21.74 3.30
C GLU P 153 -55.72 21.71 4.16
N SER P 154 -56.01 22.81 4.86
CA SER P 154 -57.18 22.93 5.70
C SER P 154 -57.82 24.28 5.49
N GLY P 155 -59.12 24.36 5.76
CA GLY P 155 -59.86 25.59 5.64
C GLY P 155 -59.96 26.32 6.96
N ASP P 156 -58.95 26.15 7.81
CA ASP P 156 -58.92 26.74 9.14
C ASP P 156 -58.34 28.14 9.10
N THR P 157 -58.82 28.98 10.01
CA THR P 157 -58.44 30.40 10.04
C THR P 157 -58.22 30.86 11.47
N SER P 158 -57.22 31.70 11.67
CA SER P 158 -56.99 32.38 12.93
C SER P 158 -56.94 33.88 12.67
N VAL P 159 -56.97 34.67 13.75
CA VAL P 159 -56.98 36.12 13.65
C VAL P 159 -55.63 36.68 14.09
N ASP P 160 -55.04 37.51 13.24
CA ASP P 160 -53.84 38.25 13.61
C ASP P 160 -54.17 39.23 14.73
N PRO P 161 -53.55 39.11 15.90
CA PRO P 161 -53.93 40.01 17.01
C PRO P 161 -53.62 41.47 16.75
N MET P 162 -52.67 41.80 15.89
CA MET P 162 -52.35 43.22 15.66
C MET P 162 -53.21 43.84 14.56
N THR P 163 -53.34 43.18 13.40
CA THR P 163 -54.10 43.72 12.28
C THR P 163 -55.56 43.27 12.26
N HIS P 164 -55.91 42.20 12.97
CA HIS P 164 -57.24 41.57 12.98
C HIS P 164 -57.61 40.96 11.63
N ARG P 165 -56.68 40.89 10.68
CA ARG P 165 -57.02 40.21 9.44
C ARG P 165 -56.84 38.71 9.61
N ALA P 166 -57.39 37.96 8.67
CA ALA P 166 -57.35 36.50 8.77
C ALA P 166 -55.97 36.01 8.38
N LEU P 167 -55.43 35.08 9.16
CA LEU P 167 -54.19 34.45 8.79
C LEU P 167 -54.42 32.96 8.54
N PRO P 168 -53.72 32.38 7.59
CA PRO P 168 -53.88 30.94 7.33
C PRO P 168 -53.28 30.12 8.45
N PRO P 169 -53.43 28.80 8.41
CA PRO P 169 -52.77 27.96 9.42
C PRO P 169 -51.27 28.18 9.42
N GLU P 170 -50.65 27.91 10.57
CA GLU P 170 -49.20 28.06 10.73
C GLU P 170 -48.58 26.71 11.08
N PRO P 171 -47.84 26.06 10.16
CA PRO P 171 -47.48 26.55 8.82
C PRO P 171 -48.61 26.46 7.81
N CYS P 172 -48.49 27.22 6.72
CA CYS P 172 -49.51 27.28 5.68
C CYS P 172 -49.26 26.15 4.69
N ARG P 173 -49.80 24.98 5.03
CA ARG P 173 -49.65 23.79 4.20
C ARG P 173 -50.55 23.89 2.98
N VAL P 174 -50.01 23.54 1.82
CA VAL P 174 -50.74 23.56 0.57
C VAL P 174 -50.65 22.17 -0.08
N ARG P 175 -51.47 21.96 -1.10
CA ARG P 175 -51.47 20.71 -1.83
C ARG P 175 -51.55 20.97 -3.32
N ILE P 176 -50.65 20.36 -4.08
CA ILE P 176 -50.69 20.44 -5.53
C ILE P 176 -51.67 19.40 -6.05
N CYS P 177 -52.61 19.85 -6.86
CA CYS P 177 -53.62 18.96 -7.39
C CYS P 177 -53.53 18.95 -8.91
N ASP P 178 -54.53 18.30 -9.48
CA ASP P 178 -54.92 18.25 -10.89
C ASP P 178 -53.77 17.71 -11.75
N LEU P 179 -53.64 16.39 -11.72
CA LEU P 179 -52.59 15.67 -12.43
C LEU P 179 -53.02 15.22 -13.83
N GLY P 180 -54.09 15.82 -14.37
CA GLY P 180 -54.59 15.35 -15.65
C GLY P 180 -53.65 15.64 -16.81
N GLY P 181 -52.91 16.74 -16.74
CA GLY P 181 -52.05 17.15 -17.84
C GLY P 181 -50.57 16.81 -17.72
N CYS P 182 -50.23 15.77 -16.95
CA CYS P 182 -48.83 15.41 -16.77
C CYS P 182 -48.23 14.86 -18.06
N CYS P 183 -46.96 15.21 -18.33
CA CYS P 183 -46.22 14.82 -19.54
C CYS P 183 -44.93 14.08 -19.19
N ASP P 184 -44.17 13.59 -20.19
CA ASP P 184 -42.87 12.97 -19.96
C ASP P 184 -41.89 13.68 -20.86
N GLU P 185 -40.66 13.17 -20.88
CA GLU P 185 -39.57 13.88 -21.52
C GLU P 185 -39.58 13.83 -23.05
N ARG P 186 -40.38 13.00 -23.72
CA ARG P 186 -40.54 13.21 -25.16
C ARG P 186 -42.02 13.22 -25.51
N HIS P 187 -42.68 14.15 -24.85
CA HIS P 187 -44.00 14.61 -25.24
C HIS P 187 -43.88 15.21 -26.63
N SER P 188 -45.02 15.41 -27.29
CA SER P 188 -45.01 16.13 -28.55
C SER P 188 -44.25 17.44 -28.38
N ARG P 189 -43.30 17.71 -29.29
CA ARG P 189 -42.40 18.83 -29.09
C ARG P 189 -43.09 20.15 -29.34
N THR P 190 -44.10 20.17 -30.19
CA THR P 190 -44.92 21.35 -30.40
C THR P 190 -46.24 21.26 -29.65
N ALA P 191 -46.36 20.33 -28.71
CA ALA P 191 -47.57 20.25 -27.92
C ALA P 191 -47.77 21.57 -27.17
N ILE P 192 -49.04 21.97 -27.06
CA ILE P 192 -49.49 23.14 -26.31
C ILE P 192 -50.03 22.70 -24.96
N VAL P 193 -49.41 23.22 -23.89
CA VAL P 193 -49.76 22.87 -22.53
C VAL P 193 -50.18 24.14 -21.80
N SER P 194 -50.66 23.97 -20.57
CA SER P 194 -50.92 25.08 -19.64
C SER P 194 -52.16 25.88 -19.98
N THR P 195 -52.82 26.40 -18.94
CA THR P 195 -53.76 27.49 -19.12
C THR P 195 -53.01 28.71 -19.64
N ARG P 196 -53.66 29.46 -20.54
CA ARG P 196 -52.94 30.48 -21.29
C ARG P 196 -52.31 31.53 -20.37
N HIS P 197 -53.00 31.88 -19.28
CA HIS P 197 -52.47 32.88 -18.35
C HIS P 197 -51.10 32.50 -17.81
N TYR P 198 -50.83 31.20 -17.68
CA TYR P 198 -49.62 30.70 -17.05
C TYR P 198 -48.76 29.91 -18.03
N ARG P 199 -48.99 30.10 -19.33
CA ARG P 199 -48.30 29.34 -20.37
C ARG P 199 -46.99 30.04 -20.71
N SER P 200 -45.89 29.29 -20.66
CA SER P 200 -44.58 29.86 -20.94
C SER P 200 -44.46 30.20 -22.42
N PRO P 201 -43.55 31.13 -22.76
CA PRO P 201 -43.36 31.48 -24.17
C PRO P 201 -42.84 30.33 -25.02
N GLU P 202 -41.99 29.47 -24.46
CA GLU P 202 -41.47 28.32 -25.19
C GLU P 202 -42.60 27.41 -25.68
N VAL P 203 -43.69 27.31 -24.92
CA VAL P 203 -44.82 26.51 -25.38
C VAL P 203 -45.57 27.23 -26.50
N VAL P 204 -45.79 28.53 -26.32
CA VAL P 204 -46.54 29.33 -27.29
C VAL P 204 -45.94 29.20 -28.69
N LEU P 205 -44.63 29.40 -28.78
CA LEU P 205 -43.94 29.46 -30.06
C LEU P 205 -43.35 28.12 -30.51
N SER P 206 -43.65 27.03 -29.80
CA SER P 206 -43.10 25.71 -30.10
C SER P 206 -41.58 25.77 -30.15
N LEU P 207 -41.02 26.36 -29.12
CA LEU P 207 -39.58 26.55 -29.02
C LEU P 207 -38.90 25.38 -28.31
N GLY P 208 -39.66 24.38 -27.91
CA GLY P 208 -39.16 23.35 -27.03
C GLY P 208 -39.43 23.71 -25.58
N TRP P 209 -40.06 22.80 -24.84
CA TRP P 209 -40.36 23.02 -23.44
C TRP P 209 -40.20 21.73 -22.66
N MET P 210 -39.87 21.86 -21.39
CA MET P 210 -39.73 20.67 -20.56
C MET P 210 -40.08 21.04 -19.14
N TYR P 211 -39.28 20.57 -18.19
CA TYR P 211 -39.59 20.81 -16.79
C TYR P 211 -39.68 22.29 -16.46
N SER P 212 -38.82 23.12 -17.07
CA SER P 212 -38.83 24.49 -16.53
C SER P 212 -40.09 25.27 -16.87
N THR P 213 -40.99 24.74 -17.72
CA THR P 213 -42.25 25.43 -17.97
C THR P 213 -43.15 25.41 -16.74
N ASP P 214 -42.96 24.45 -15.84
CA ASP P 214 -43.63 24.50 -14.55
C ASP P 214 -43.13 25.68 -13.73
N LEU P 215 -41.88 26.08 -13.94
CA LEU P 215 -41.32 27.19 -13.18
C LEU P 215 -41.71 28.53 -13.75
N TRP P 216 -41.97 28.61 -15.06
CA TRP P 216 -42.63 29.79 -15.60
C TRP P 216 -44.00 29.97 -14.95
N SER P 217 -44.77 28.88 -14.84
CA SER P 217 -46.09 28.95 -14.22
C SER P 217 -46.00 29.41 -12.77
N MET P 218 -44.99 28.96 -12.04
CA MET P 218 -44.81 29.43 -10.66
C MET P 218 -44.51 30.93 -10.63
N GLY P 219 -43.76 31.42 -11.60
CA GLY P 219 -43.50 32.85 -11.67
C GLY P 219 -44.78 33.66 -11.78
N CYS P 220 -45.69 33.24 -12.66
CA CYS P 220 -46.93 33.97 -12.84
C CYS P 220 -47.87 33.76 -11.66
N ILE P 221 -47.82 32.59 -11.03
CA ILE P 221 -48.64 32.36 -9.84
C ILE P 221 -48.12 33.18 -8.67
N ILE P 222 -46.80 33.24 -8.49
CA ILE P 222 -46.24 33.98 -7.36
C ILE P 222 -46.52 35.46 -7.51
N TYR P 223 -46.42 35.99 -8.73
CA TYR P 223 -46.84 37.37 -8.97
C TYR P 223 -48.27 37.60 -8.51
N GLU P 224 -49.17 36.66 -8.86
CA GLU P 224 -50.59 36.82 -8.56
C GLU P 224 -50.87 36.64 -7.07
N LEU P 225 -50.15 35.74 -6.40
CA LEU P 225 -50.37 35.54 -4.97
C LEU P 225 -49.97 36.75 -4.15
N TYR P 226 -49.04 37.55 -4.66
CA TYR P 226 -48.51 38.70 -3.92
C TYR P 226 -49.23 40.00 -4.25
N THR P 227 -49.71 40.16 -5.50
CA THR P 227 -50.42 41.37 -5.91
C THR P 227 -51.93 41.19 -5.96
N GLY P 228 -52.41 39.96 -6.06
CA GLY P 228 -53.83 39.72 -6.22
C GLY P 228 -54.36 39.87 -7.62
N LYS P 229 -53.54 40.13 -8.61
CA LYS P 229 -54.10 40.18 -9.95
C LYS P 229 -53.14 39.42 -10.87
N LEU P 230 -53.71 38.92 -11.97
CA LEU P 230 -53.01 38.16 -13.00
C LEU P 230 -51.93 38.99 -13.69
N LEU P 231 -50.78 38.36 -13.93
CA LEU P 231 -49.72 39.03 -14.66
C LEU P 231 -50.05 39.14 -16.14
N TYR P 232 -50.73 38.12 -16.68
CA TYR P 232 -51.09 38.07 -18.11
C TYR P 232 -52.57 37.71 -18.21
N ASP P 233 -53.42 38.72 -18.25
CA ASP P 233 -54.87 38.52 -18.42
C ASP P 233 -55.14 38.59 -19.92
N THR P 234 -54.94 37.46 -20.62
CA THR P 234 -54.95 37.42 -22.07
C THR P 234 -55.45 36.07 -22.60
N HIS P 235 -56.06 36.11 -23.79
CA HIS P 235 -56.52 35.00 -24.63
C HIS P 235 -55.76 34.93 -25.95
N ASP P 236 -54.78 35.78 -26.20
CA ASP P 236 -54.27 35.92 -27.55
C ASP P 236 -52.75 35.83 -27.53
N ASN P 237 -52.20 35.03 -28.45
CA ASN P 237 -50.76 34.77 -28.45
C ASN P 237 -49.95 36.07 -28.56
N LEU P 238 -50.29 36.94 -29.51
CA LEU P 238 -49.45 38.11 -29.71
C LEU P 238 -49.71 39.16 -28.61
N GLU P 239 -50.94 39.29 -28.15
CA GLU P 239 -51.14 40.20 -27.02
C GLU P 239 -50.40 39.65 -25.82
N HIS P 240 -50.43 38.32 -25.65
CA HIS P 240 -49.65 37.67 -24.60
C HIS P 240 -48.16 38.02 -24.73
N LEU P 241 -47.63 37.91 -25.95
CA LEU P 241 -46.19 38.14 -26.15
C LEU P 241 -45.79 39.59 -25.93
N HIS P 242 -46.65 40.52 -26.33
CA HIS P 242 -46.35 41.94 -26.09
C HIS P 242 -46.39 42.27 -24.60
N LEU P 243 -47.29 41.63 -23.85
CA LEU P 243 -47.32 41.83 -22.41
C LEU P 243 -46.05 41.29 -21.76
N MET P 244 -45.52 40.18 -22.28
CA MET P 244 -44.24 39.67 -21.82
C MET P 244 -43.14 40.71 -22.04
N GLU P 245 -43.17 41.39 -23.18
CA GLU P 245 -42.16 42.42 -23.45
C GLU P 245 -42.28 43.60 -22.51
N LYS P 246 -43.51 44.04 -22.19
CA LYS P 246 -43.65 45.20 -21.34
C LYS P 246 -43.47 44.86 -19.86
N THR P 247 -43.78 43.62 -19.48
CA THR P 247 -43.61 43.24 -18.09
C THR P 247 -42.18 42.79 -17.79
N LEU P 248 -41.50 42.21 -18.77
CA LEU P 248 -40.22 41.54 -18.52
C LEU P 248 -39.06 42.03 -19.36
N GLY P 249 -39.30 42.56 -20.55
CA GLY P 249 -38.23 42.91 -21.46
C GLY P 249 -38.38 42.25 -22.82
N ARG P 250 -37.52 42.68 -23.73
CA ARG P 250 -37.61 42.30 -25.13
C ARG P 250 -37.45 40.80 -25.31
N LEU P 251 -38.11 40.28 -26.35
CA LEU P 251 -37.94 38.88 -26.70
C LEU P 251 -36.57 38.64 -27.32
N PRO P 252 -36.02 37.44 -27.17
CA PRO P 252 -34.73 37.13 -27.80
C PRO P 252 -34.82 37.29 -29.31
N ALA P 253 -33.76 37.85 -29.90
CA ALA P 253 -33.78 38.19 -31.32
C ALA P 253 -33.86 36.95 -32.20
N ASP P 254 -33.29 35.84 -31.77
CA ASP P 254 -33.30 34.61 -32.57
C ASP P 254 -34.60 33.85 -32.49
N TRP P 255 -35.53 34.27 -31.63
CA TRP P 255 -36.78 33.52 -31.47
C TRP P 255 -37.51 33.43 -32.79
N SER P 256 -37.31 34.42 -33.65
CA SER P 256 -38.05 34.46 -34.91
C SER P 256 -37.66 33.34 -35.87
N VAL P 257 -36.45 32.81 -35.79
CA VAL P 257 -36.08 31.72 -36.67
C VAL P 257 -36.29 30.35 -36.02
N ARG P 258 -36.49 30.29 -34.71
CA ARG P 258 -36.46 29.01 -34.03
C ARG P 258 -37.86 28.46 -33.74
N CYS P 259 -38.90 29.14 -34.20
CA CYS P 259 -40.27 28.75 -33.91
C CYS P 259 -40.62 27.44 -34.61
N GLY P 260 -41.38 26.60 -33.93
CA GLY P 260 -41.55 25.23 -34.37
C GLY P 260 -42.82 24.99 -35.15
N THR P 261 -43.74 25.94 -35.22
CA THR P 261 -44.96 25.75 -35.97
C THR P 261 -45.18 26.95 -36.84
N GLN P 262 -45.95 26.76 -37.89
CA GLN P 262 -46.09 27.93 -38.70
C GLN P 262 -46.88 29.02 -37.90
N GLU P 263 -47.83 28.57 -37.09
CA GLU P 263 -48.64 29.47 -36.26
C GLU P 263 -47.75 30.40 -35.46
N ALA P 264 -46.59 29.92 -34.99
CA ALA P 264 -45.74 30.72 -34.11
C ALA P 264 -45.05 31.86 -34.87
N ARG P 265 -44.46 31.54 -36.02
CA ARG P 265 -43.69 32.50 -36.82
C ARG P 265 -44.49 33.70 -37.36
N ASP P 266 -45.78 33.56 -37.66
CA ASP P 266 -46.54 34.67 -38.24
C ASP P 266 -46.74 35.79 -37.24
N LEU P 267 -46.37 35.56 -35.97
CA LEU P 267 -46.35 36.60 -34.99
C LEU P 267 -45.10 37.45 -35.09
N PHE P 268 -44.20 37.11 -36.01
CA PHE P 268 -42.99 37.86 -36.25
C PHE P 268 -43.02 38.42 -37.67
N THR P 269 -42.29 39.51 -37.87
CA THR P 269 -42.04 40.09 -39.17
C THR P 269 -41.24 39.14 -40.06
N ALA P 270 -41.03 39.57 -41.32
CA ALA P 270 -40.02 38.94 -42.15
C ALA P 270 -38.60 39.15 -41.61
N ALA P 271 -38.35 40.30 -40.96
CA ALA P 271 -37.02 40.61 -40.40
C ALA P 271 -36.67 39.75 -39.17
N GLY P 272 -37.59 39.69 -38.20
CA GLY P 272 -37.48 38.98 -36.94
C GLY P 272 -38.07 39.64 -35.67
N THR P 273 -38.79 40.74 -35.81
CA THR P 273 -39.46 41.53 -34.77
C THR P 273 -40.93 41.11 -34.62
N LEU P 274 -41.51 41.36 -33.44
CA LEU P 274 -42.94 41.07 -33.34
C LEU P 274 -43.86 42.12 -33.90
N GLN P 275 -44.97 41.58 -34.42
CA GLN P 275 -46.03 42.35 -35.02
C GLN P 275 -46.76 43.14 -33.94
N PRO P 276 -47.05 44.40 -34.19
CA PRO P 276 -47.84 45.18 -33.25
C PRO P 276 -49.30 44.80 -33.36
N CYS P 277 -49.99 44.93 -32.24
CA CYS P 277 -51.42 44.81 -32.24
C CYS P 277 -51.98 46.17 -32.58
N LYS P 278 -53.13 46.21 -33.23
CA LYS P 278 -53.93 47.41 -33.14
C LYS P 278 -55.33 47.08 -32.71
N ASP P 279 -55.50 45.98 -32.01
CA ASP P 279 -56.83 45.76 -31.52
C ASP P 279 -56.91 46.71 -30.34
N PRO P 280 -57.88 47.61 -30.25
CA PRO P 280 -57.71 48.76 -29.35
C PRO P 280 -57.65 48.38 -27.88
N LYS P 281 -58.14 47.21 -27.52
CA LYS P 281 -58.08 46.68 -26.17
C LYS P 281 -56.75 46.00 -25.91
N HIS P 282 -56.04 45.56 -26.97
CA HIS P 282 -54.69 45.02 -26.73
C HIS P 282 -53.69 46.15 -26.62
N ILE P 283 -53.91 47.22 -27.38
CA ILE P 283 -53.07 48.41 -27.23
C ILE P 283 -53.25 49.01 -25.84
N ALA P 284 -54.49 49.02 -25.34
CA ALA P 284 -54.77 49.65 -24.06
C ALA P 284 -54.21 48.86 -22.89
N ARG P 285 -54.42 47.54 -22.89
CA ARG P 285 -53.98 46.73 -21.76
C ARG P 285 -52.46 46.61 -21.71
N ILE P 286 -51.82 46.51 -22.88
CA ILE P 286 -50.36 46.53 -22.88
C ILE P 286 -49.86 47.87 -22.38
N ALA P 287 -50.59 48.96 -22.71
CA ALA P 287 -50.22 50.30 -22.23
C ALA P 287 -50.35 50.41 -20.72
N ARG P 288 -51.27 49.63 -20.12
CA ARG P 288 -51.59 49.63 -18.70
C ARG P 288 -50.67 48.72 -17.90
N ALA P 289 -50.08 47.75 -18.55
CA ALA P 289 -49.21 46.83 -17.86
C ALA P 289 -47.92 47.55 -17.44
N ARG P 290 -47.41 47.16 -16.28
CA ARG P 290 -46.21 47.76 -15.75
C ARG P 290 -45.14 46.71 -15.58
N PRO P 291 -43.86 47.08 -15.67
CA PRO P 291 -42.81 46.08 -15.50
C PRO P 291 -42.87 45.45 -14.11
N VAL P 292 -42.66 44.13 -14.06
CA VAL P 292 -42.61 43.43 -12.78
C VAL P 292 -41.59 44.10 -11.86
N ARG P 293 -40.46 44.53 -12.42
CA ARG P 293 -39.44 45.24 -11.66
C ARG P 293 -40.01 46.41 -10.89
N GLU P 294 -41.04 47.07 -11.42
CA GLU P 294 -41.57 48.26 -10.78
C GLU P 294 -42.71 47.97 -9.80
N VAL P 295 -43.38 46.82 -9.92
CA VAL P 295 -44.47 46.53 -9.00
C VAL P 295 -43.98 45.76 -7.77
N ILE P 296 -43.03 44.84 -7.94
CA ILE P 296 -42.51 44.05 -6.81
C ILE P 296 -41.40 44.85 -6.15
N THR P 297 -41.73 45.50 -5.03
CA THR P 297 -40.77 46.31 -4.30
C THR P 297 -39.74 45.47 -3.54
N GLU P 298 -40.14 44.28 -3.09
CA GLU P 298 -39.21 43.43 -2.33
C GLU P 298 -38.12 42.90 -3.25
N PRO P 299 -36.85 43.25 -3.03
CA PRO P 299 -35.83 42.90 -4.03
C PRO P 299 -35.60 41.41 -4.18
N LEU P 300 -35.71 40.64 -3.11
CA LEU P 300 -35.52 39.19 -3.21
C LEU P 300 -36.71 38.53 -3.90
N LEU P 301 -37.91 39.01 -3.61
CA LEU P 301 -39.09 38.51 -4.31
C LEU P 301 -39.05 38.90 -5.78
N CYS P 302 -38.60 40.13 -6.07
CA CYS P 302 -38.47 40.58 -7.45
C CYS P 302 -37.50 39.69 -8.22
N ASP P 303 -36.32 39.44 -7.63
CA ASP P 303 -35.36 38.57 -8.29
C ASP P 303 -35.90 37.16 -8.49
N LEU P 304 -36.63 36.65 -7.51
CA LEU P 304 -37.22 35.31 -7.62
C LEU P 304 -38.19 35.23 -8.79
N ILE P 305 -39.12 36.19 -8.87
CA ILE P 305 -40.12 36.18 -9.92
C ILE P 305 -39.48 36.36 -11.29
N LEU P 306 -38.50 37.27 -11.39
CA LEU P 306 -37.92 37.59 -12.69
C LEU P 306 -37.15 36.41 -13.28
N ASN P 307 -36.46 35.63 -12.45
CA ASN P 307 -35.72 34.46 -12.92
C ASN P 307 -36.59 33.22 -13.01
N LEU P 308 -37.81 33.25 -12.47
CA LEU P 308 -38.79 32.24 -12.82
C LEU P 308 -39.38 32.53 -14.20
N LEU P 309 -39.41 33.81 -14.57
CA LEU P 309 -39.89 34.24 -15.87
C LEU P 309 -38.76 34.49 -16.85
N HIS P 310 -37.61 33.86 -16.64
CA HIS P 310 -36.47 34.02 -17.54
C HIS P 310 -36.75 33.41 -18.90
N TYR P 311 -36.40 34.14 -19.95
CA TYR P 311 -36.62 33.65 -21.32
C TYR P 311 -35.75 32.44 -21.64
N ASP P 312 -34.57 32.34 -21.03
CA ASP P 312 -33.71 31.17 -21.25
C ASP P 312 -34.18 30.05 -20.34
N ARG P 313 -34.54 28.91 -20.94
CA ARG P 313 -35.06 27.81 -20.16
C ARG P 313 -33.99 27.21 -19.26
N GLN P 314 -32.71 27.46 -19.56
CA GLN P 314 -31.62 26.93 -18.75
C GLN P 314 -31.12 27.90 -17.66
N ARG P 315 -31.30 29.23 -17.84
CA ARG P 315 -30.98 30.24 -16.82
C ARG P 315 -32.20 30.50 -15.95
N ARG P 316 -33.38 30.08 -16.41
CA ARG P 316 -34.55 30.09 -15.54
C ARG P 316 -34.31 29.19 -14.34
N LEU P 317 -34.79 29.65 -13.19
CA LEU P 317 -34.65 28.88 -11.96
C LEU P 317 -35.36 27.54 -12.09
N ASN P 318 -34.78 26.51 -11.48
CA ASN P 318 -35.45 25.23 -11.35
C ASN P 318 -36.19 25.14 -10.01
N ALA P 319 -36.92 24.04 -9.82
CA ALA P 319 -37.73 23.89 -8.60
C ALA P 319 -36.87 23.92 -7.35
N ARG P 320 -35.69 23.29 -7.40
CA ARG P 320 -34.80 23.28 -6.25
C ARG P 320 -34.30 24.69 -5.91
N GLN P 321 -33.94 25.47 -6.93
CA GLN P 321 -33.49 26.83 -6.70
C GLN P 321 -34.62 27.72 -6.20
N MET P 322 -35.84 27.48 -6.70
CA MET P 322 -36.99 28.27 -6.24
C MET P 322 -37.23 28.07 -4.75
N MET P 323 -37.32 26.81 -4.31
CA MET P 323 -37.59 26.51 -2.90
C MET P 323 -36.42 26.89 -2.01
N SER P 324 -35.22 27.02 -2.56
CA SER P 324 -34.02 27.36 -1.78
C SER P 324 -33.58 28.80 -2.01
N HIS P 325 -34.47 29.63 -2.55
CA HIS P 325 -34.16 31.01 -2.88
C HIS P 325 -33.95 31.86 -1.62
N ALA P 326 -33.19 32.94 -1.80
CA ALA P 326 -32.91 33.85 -0.69
C ALA P 326 -34.18 34.44 -0.12
N TYR P 327 -35.22 34.59 -0.94
CA TYR P 327 -36.49 35.11 -0.46
C TYR P 327 -37.10 34.20 0.61
N VAL P 328 -37.09 32.89 0.36
CA VAL P 328 -37.66 31.94 1.31
C VAL P 328 -36.84 31.91 2.59
N HIS P 329 -35.52 32.02 2.48
CA HIS P 329 -34.67 31.95 3.67
C HIS P 329 -34.83 33.19 4.54
N LYS P 330 -35.17 34.34 3.95
CA LYS P 330 -35.31 35.55 4.75
C LYS P 330 -36.62 35.54 5.53
N TYR P 331 -37.73 35.23 4.85
CA TYR P 331 -39.05 35.34 5.48
C TYR P 331 -39.57 34.03 6.03
N PHE P 332 -38.98 32.90 5.64
CA PHE P 332 -39.29 31.59 6.21
C PHE P 332 -37.99 30.94 6.69
N PRO P 333 -37.32 31.56 7.67
CA PRO P 333 -35.98 31.05 8.07
C PRO P 333 -36.02 29.64 8.62
N GLU P 334 -37.15 29.22 9.19
CA GLU P 334 -37.26 27.87 9.73
C GLU P 334 -37.33 26.80 8.66
N CYS P 335 -37.42 27.19 7.38
CA CYS P 335 -37.20 26.25 6.28
C CYS P 335 -35.91 25.45 6.45
N ARG P 336 -34.87 26.03 7.06
CA ARG P 336 -33.59 25.36 7.15
C ARG P 336 -33.62 24.17 8.10
N GLN P 337 -34.61 24.11 8.99
CA GLN P 337 -34.78 22.97 9.87
C GLN P 337 -35.83 22.01 9.34
N HIS P 338 -36.36 22.27 8.16
CA HIS P 338 -37.32 21.38 7.55
C HIS P 338 -36.61 20.20 6.91
N PRO P 339 -37.16 18.99 7.04
CA PRO P 339 -36.51 17.81 6.42
C PRO P 339 -36.44 17.89 4.90
N ASN P 340 -37.18 18.80 4.27
CA ASN P 340 -37.13 18.95 2.82
C ASN P 340 -36.13 20.00 2.36
N HIS P 341 -35.54 20.78 3.27
CA HIS P 341 -34.47 21.69 2.89
C HIS P 341 -33.33 20.89 2.27
N VAL P 342 -32.74 21.45 1.21
CA VAL P 342 -31.78 20.68 0.41
C VAL P 342 -30.60 20.24 1.26
N ASP P 343 -30.17 21.06 2.21
CA ASP P 343 -29.03 20.73 3.05
C ASP P 343 -29.37 19.79 4.19
N ASN P 344 -30.64 19.42 4.36
CA ASN P 344 -31.03 18.40 5.32
C ASN P 344 -31.34 17.09 4.63
N ARG P 345 -31.01 16.97 3.35
CA ARG P 345 -31.31 15.80 2.56
C ARG P 345 -30.05 15.14 2.02
N SER P 346 -30.27 13.97 1.44
CA SER P 346 -29.30 13.18 0.70
C SER P 346 -28.71 14.00 -0.44
N LYS P 347 -27.73 13.43 -1.13
CA LYS P 347 -27.41 14.00 -2.43
C LYS P 347 -28.56 13.67 -3.35
N LEU P 348 -29.10 14.67 -3.96
CA LEU P 348 -30.30 14.52 -4.75
C LEU P 348 -29.93 14.24 -6.21
N PRO P 349 -30.84 13.69 -6.99
CA PRO P 349 -30.59 13.60 -8.40
C PRO P 349 -30.29 14.99 -8.98
N PRO P 350 -29.55 15.06 -10.06
CA PRO P 350 -29.25 16.39 -10.60
C PRO P 350 -30.52 17.08 -11.04
N THR P 351 -30.51 18.42 -10.88
CA THR P 351 -31.65 19.21 -11.36
C THR P 351 -31.75 19.08 -12.87
N PRO P 352 -32.94 19.26 -13.43
CA PRO P 352 -33.08 19.18 -14.88
C PRO P 352 -32.29 20.27 -15.59
N VAL P 353 -31.84 19.94 -16.79
CA VAL P 353 -31.34 20.93 -17.72
C VAL P 353 -32.54 21.35 -18.58
N MET P 354 -32.95 22.60 -18.46
CA MET P 354 -34.14 23.14 -19.15
C MET P 354 -35.41 22.29 -18.98
S SO4 Q . -60.30 -62.91 -4.88
O1 SO4 Q . -60.30 -64.29 -4.40
O2 SO4 Q . -60.34 -62.01 -3.74
O3 SO4 Q . -59.08 -62.66 -5.67
O4 SO4 Q . -61.48 -62.69 -5.72
C1 5XH R . -41.93 -41.71 18.10
C2 5XH R . -42.44 -43.46 16.53
C3 5XH R . -42.72 -43.82 15.09
O1 5XH R . -39.55 -46.76 6.08
O2 5XH R . -42.13 -43.81 12.40
C11 5XH R . -39.24 -44.87 8.24
C12 5XH R . -39.34 -47.11 7.24
C13 5XH R . -39.35 -48.56 7.62
C14 5XH R . -39.58 -49.55 6.69
C15 5XH R . -39.57 -50.87 7.11
C16 5XH R . -39.14 -50.27 9.29
C17 5XH R . -38.91 -50.71 10.70
C18 5XH R . -39.12 -48.93 8.94
C19 5XH R . -39.48 -42.86 7.53
C20 5XH R . -39.68 -41.72 6.75
C21 5XH R . -39.93 -40.52 7.39
C22 5XH R . -39.97 -40.43 8.78
C23 5XH R . -39.75 -41.56 9.57
C24 5XH R . -39.77 -41.42 11.07
C25 5XH R . -39.50 -42.78 8.93
C26 5XH R . -40.58 -45.55 10.98
C27 5XH R . -40.36 -42.24 16.38
C5 5XH R . -41.61 -44.73 13.02
C4 5XH R . -41.72 -44.81 14.53
N1 5XH R . -41.78 -42.17 16.72
N2 5XH R . -40.92 -45.70 12.39
C10 5XH R . -39.38 -44.66 10.76
C9 5XH R . -38.07 -45.30 11.22
C8 5XH R . -38.09 -46.00 12.59
C7 5XH R . -38.98 -47.22 12.69
C6 5XH R . -40.42 -46.91 13.05
N3 5XH R . -39.36 -44.11 9.38
N6 5XH R . -39.30 -44.18 7.12
N4 5XH R . -39.07 -46.23 8.26
N5 5XH R . -39.36 -51.24 8.37
S SO4 S . -25.56 -28.73 33.07
O1 SO4 S . -25.77 -28.24 34.44
O2 SO4 S . -24.58 -29.81 33.08
O3 SO4 S . -26.83 -29.21 32.53
O4 SO4 S . -25.05 -27.63 32.25
S SO4 T . -29.74 -13.20 1.10
O1 SO4 T . -29.23 -12.27 2.12
O2 SO4 T . -29.78 -14.55 1.67
O3 SO4 T . -31.09 -12.79 0.72
O4 SO4 T . -28.84 -13.18 -0.06
S SO4 U . -24.31 -0.51 3.50
O1 SO4 U . -23.95 0.44 4.54
O2 SO4 U . -23.90 -1.86 3.90
O3 SO4 U . -25.74 -0.48 3.30
O4 SO4 U . -23.64 -0.15 2.25
C1 5XH V . -33.98 -32.11 18.70
C2 5XH V . -33.89 -29.81 18.03
C3 5XH V . -34.15 -28.81 16.91
O1 5XH V . -40.42 -22.05 12.68
O2 5XH V . -35.85 -27.65 15.07
C11 5XH V . -39.89 -24.80 13.44
C12 5XH V . -40.01 -22.35 13.80
C13 5XH V . -39.66 -21.30 14.81
C14 5XH V . -39.75 -19.95 14.50
C15 5XH V . -39.39 -19.03 15.45
C16 5XH V . -38.87 -20.67 17.00
C17 5XH V . -38.38 -21.01 18.37
C18 5XH V . -39.22 -21.66 16.08
C19 5XH V . -40.28 -26.20 11.86
C20 5XH V . -40.66 -26.83 10.67
C21 5XH V . -40.42 -28.19 10.52
C22 5XH V . -39.81 -28.91 11.53
C23 5XH V . -39.42 -28.31 12.74
C24 5XH V . -38.77 -29.13 13.81
C25 5XH V . -39.68 -26.94 12.87
C26 5XH V . -37.46 -25.46 15.36
C27 5XH V . -36.00 -30.97 18.14
C5 5XH V . -35.89 -27.13 16.17
C4 5XH V . -35.12 -27.72 17.33
N1 5XH V . -34.58 -31.09 17.84
N2 5XH V . -36.62 -26.03 16.41
C10 5XH V . -38.79 -26.19 15.24
C9 5XH V . -39.73 -25.94 16.44
C8 5XH V . -39.11 -26.04 17.84
C7 5XH V . -38.06 -24.99 18.16
C6 5XH V . -36.66 -25.35 17.71
N3 5XH V . -39.43 -26.00 13.91
N6 5XH V . -40.40 -24.86 12.24
N4 5XH V . -39.84 -23.66 14.20
N5 5XH V . -38.95 -19.36 16.68
S SO4 W . 43.27 -5.07 22.64
O1 SO4 W . 43.05 -4.56 23.99
O2 SO4 W . 44.25 -6.16 22.67
O3 SO4 W . 42.01 -5.57 22.09
O4 SO4 W . 43.77 -3.99 21.79
S SO4 X . 39.24 10.16 -9.42
O1 SO4 X . 39.72 11.10 -8.40
O2 SO4 X . 39.17 8.81 -8.86
O3 SO4 X . 37.91 10.57 -9.87
O4 SO4 X . 40.18 10.17 -10.55
S SO4 Y . 44.69 22.88 -7.13
O1 SO4 Y . 45.06 23.82 -6.07
O2 SO4 Y . 45.08 21.53 -6.73
O3 SO4 Y . 43.24 22.92 -7.33
O4 SO4 Y . 45.36 23.23 -8.37
C1 5XH Z . 35.21 -8.55 8.47
C2 5XH Z . 34.68 -6.32 7.75
C3 5XH Z . 34.50 -5.44 6.53
O1 5XH Z . 28.52 1.38 2.09
O2 5XH Z . 33.08 -4.15 4.54
C11 5XH Z . 29.02 -1.32 2.89
C12 5XH Z . 28.90 1.11 3.22
C13 5XH Z . 29.19 2.19 4.21
C14 5XH Z . 29.00 3.51 3.85
C15 5XH Z . 29.27 4.50 4.79
C16 5XH Z . 29.88 2.95 6.38
C17 5XH Z . 30.35 2.70 7.78
C18 5XH Z . 29.64 1.90 5.50
C19 5XH Z . 28.65 -2.67 1.26
C20 5XH Z . 28.31 -3.25 0.04
C21 5XH Z . 28.50 -4.61 -0.13
C22 5XH Z . 29.05 -5.38 0.89
C23 5XH Z . 29.43 -4.81 2.11
C24 5XH Z . 30.03 -5.68 3.18
C25 5XH Z . 29.22 -3.44 2.28
C26 5XH Z . 31.40 -2.02 4.75
C27 5XH Z . 33.05 -8.07 7.56
C5 5XH Z . 32.96 -3.64 5.64
C4 5XH Z . 33.58 -4.27 6.87
N1 5XH Z . 34.48 -7.74 7.50
N2 5XH Z . 32.26 -2.51 5.83
C10 5XH Z . 30.07 -2.75 4.67
C9 5XH Z . 29.16 -2.43 5.86
C8 5XH Z . 29.78 -2.31 7.26
C7 5XH Z . 30.85 -1.25 7.43
C6 5XH Z . 32.24 -1.72 7.06
N3 5XH Z . 29.46 -2.53 3.35
N6 5XH Z . 28.54 -1.34 1.67
N4 5XH Z . 29.10 -0.17 3.65
N5 5XH Z . 29.70 4.24 6.03
S SO4 AA . 8.66 -39.49 -15.34
O1 SO4 AA . 8.64 -40.86 -14.84
O2 SO4 AA . 8.67 -38.57 -14.20
O3 SO4 AA . 9.87 -39.27 -16.13
O4 SO4 AA . 7.48 -39.26 -16.16
C1 5XH BA . 27.03 -18.28 7.59
C2 5XH BA . 26.49 -19.97 5.97
C3 5XH BA . 26.24 -20.29 4.51
O1 5XH BA . 29.34 -23.31 -4.48
O2 5XH BA . 26.88 -20.28 1.84
C11 5XH BA . 29.63 -21.41 -2.33
C12 5XH BA . 29.56 -23.66 -3.32
C13 5XH BA . 29.61 -25.11 -2.94
C14 5XH BA . 29.43 -26.12 -3.87
C15 5XH BA . 29.47 -27.43 -3.44
C16 5XH BA . 29.86 -26.81 -1.26
C17 5XH BA . 30.11 -27.23 0.16
C18 5XH BA . 29.84 -25.46 -1.61
C19 5XH BA . 29.42 -19.40 -3.07
C20 5XH BA . 29.27 -18.26 -3.86
C21 5XH BA . 29.15 -17.03 -3.22
C22 5XH BA . 29.19 -16.94 -1.84
C23 5XH BA . 29.35 -18.06 -1.03
C24 5XH BA . 29.41 -17.92 0.46
C25 5XH BA . 29.45 -19.30 -1.67
C26 5XH BA . 28.38 -22.08 0.41
C27 5XH BA . 28.56 -18.74 5.81
C5 5XH BA . 27.36 -21.23 2.45
C4 5XH BA . 27.21 -21.32 3.95
N1 5XH BA . 27.15 -18.69 6.18
N2 5XH BA . 28.06 -22.20 1.83
C10 5XH BA . 29.56 -21.16 0.17
C9 5XH BA . 30.89 -21.76 0.68
C8 5XH BA . 30.87 -22.38 2.08
C7 5XH BA . 30.05 -23.64 2.23
C6 5XH BA . 28.57 -23.39 2.51
N3 5XH BA . 29.57 -20.64 -1.21
N6 5XH BA . 29.54 -20.73 -3.46
N4 5XH BA . 29.79 -22.76 -2.31
N5 5XH BA . 29.69 -27.78 -2.16
S SO4 CA . -29.83 16.19 45.20
O1 SO4 CA . -28.96 15.41 46.09
O2 SO4 CA . -31.06 16.58 45.91
O3 SO4 CA . -29.15 17.40 44.79
O4 SO4 CA . -30.20 15.45 43.97
S SO4 DA . -41.18 18.37 12.03
O1 SO4 DA . -41.30 17.03 12.59
O2 SO4 DA . -40.76 19.31 13.07
O3 SO4 DA . -40.20 18.36 10.95
O4 SO4 DA . -42.50 18.79 11.52
S SO4 EA . -46.44 5.51 10.39
O1 SO4 EA . -46.44 4.16 10.93
O2 SO4 EA . -46.49 6.47 11.49
O3 SO4 EA . -45.24 5.74 9.61
O4 SO4 EA . -47.62 5.68 9.53
C1 5XH FA . -27.96 27.45 32.60
C2 5XH FA . -28.48 25.71 31.02
C3 5XH FA . -28.76 25.41 29.56
O1 5XH FA . -25.76 22.10 20.53
O2 5XH FA . -28.16 25.44 26.87
C11 5XH FA . -25.53 24.15 22.57
C12 5XH FA . -25.57 21.82 21.71
C13 5XH FA . -25.55 20.40 22.19
C14 5XH FA . -25.81 19.36 21.31
C15 5XH FA . -25.82 18.07 21.82
C16 5XH FA . -25.30 18.78 23.95
C17 5XH FA . -25.03 18.42 25.38
C18 5XH FA . -25.28 20.11 23.52
C19 5XH FA . -25.72 26.14 21.80
C20 5XH FA . -25.90 27.26 20.99
C21 5XH FA . -26.07 28.50 21.60
C22 5XH FA . -26.06 28.63 22.97
C23 5XH FA . -25.86 27.52 23.81
C24 5XH FA . -25.80 27.71 25.30
C25 5XH FA . -25.71 26.27 23.19
C26 5XH FA . -26.77 23.58 25.40
C27 5XH FA . -26.32 26.82 30.98
C5 5XH FA . -27.68 24.48 27.47
C4 5XH FA . -27.80 24.39 28.97
N1 5XH FA . -27.75 26.97 31.24
N2 5XH FA . -27.04 23.50 26.83
C10 5XH FA . -25.56 24.43 25.08
C9 5XH FA . -24.24 23.73 25.47
C8 5XH FA . -24.19 23.08 26.85
C7 5XH FA . -25.13 21.90 27.06
C6 5XH FA . -26.52 22.30 27.51
N3 5XH FA . -25.59 24.94 23.69
N6 5XH FA . -25.61 24.79 21.43
N4 5XH FA . -25.39 22.78 22.67
N5 5XH FA . -25.57 17.77 23.10
S SO4 GA . 39.59 40.03 35.26
O1 SO4 GA . 40.43 38.92 35.70
O2 SO4 GA . 38.87 40.61 36.39
O3 SO4 GA . 40.43 41.06 34.65
O4 SO4 GA . 38.63 39.53 34.29
S SO4 HA . 27.72 41.95 1.53
O1 SO4 HA . 27.61 40.60 2.08
O2 SO4 HA . 28.18 42.87 2.56
O3 SO4 HA . 28.69 41.95 0.43
O4 SO4 HA . 26.40 42.37 1.05
S SO4 IA . 22.43 29.05 -0.14
O1 SO4 IA . 22.46 27.68 0.37
O2 SO4 IA . 22.35 29.98 0.98
O3 SO4 IA . 23.66 29.30 -0.90
O4 SO4 IA . 21.27 29.23 -1.02
C1 5XH JA . 41.09 50.96 22.02
C2 5XH JA . 40.51 49.24 20.43
C3 5XH JA . 40.22 48.92 18.98
O1 5XH JA . 43.22 45.52 9.99
O2 5XH JA . 40.82 48.88 16.29
C11 5XH JA . 43.41 47.53 12.05
C12 5XH JA . 43.39 45.23 11.17
C13 5XH JA . 43.42 43.80 11.62
C14 5XH JA . 43.22 42.77 10.72
C15 5XH JA . 43.23 41.48 11.19
C16 5XH JA . 43.63 42.16 13.35
C17 5XH JA . 43.86 41.76 14.79
C18 5XH JA . 43.63 43.48 12.95
C19 5XH JA . 43.22 49.53 11.29
C20 5XH JA . 43.09 50.66 10.48
C21 5XH JA . 43.00 51.90 11.08
C22 5XH JA . 43.02 52.02 12.47
C23 5XH JA . 43.14 50.91 13.30
C24 5XH JA . 43.19 51.09 14.79
C25 5XH JA . 43.23 49.66 12.68
C26 5XH JA . 42.14 46.98 14.86
C27 5XH JA . 42.65 50.36 20.30
C5 5XH JA . 41.27 47.92 16.91
C4 5XH JA . 41.16 47.86 18.42
N1 5XH JA . 41.23 50.50 20.64
N2 5XH JA . 41.87 46.89 16.29
C10 5XH JA . 43.37 47.82 14.56
C9 5XH JA . 44.67 47.12 15.00
C8 5XH JA . 44.69 46.46 16.37
C7 5XH JA . 43.74 45.29 16.55
C6 5XH JA . 42.34 45.67 16.96
N3 5XH JA . 43.35 48.33 13.17
N6 5XH JA . 43.33 48.19 10.92
N4 5XH JA . 43.57 46.17 12.15
N5 5XH JA . 43.44 41.15 12.47
S SO4 KA . -40.09 -4.18 0.08
O1 SO4 KA . -38.79 -3.62 0.46
O2 SO4 KA . -40.65 -4.95 1.18
O3 SO4 KA . -40.98 -3.08 -0.27
O4 SO4 KA . -39.94 -5.05 -1.09
C1 5XH LA . -19.99 -12.11 -28.96
C2 5XH LA . -20.95 -10.90 -27.12
C3 5XH LA . -20.97 -10.69 -25.62
O1 5XH LA . -17.80 -5.58 -17.54
O2 5XH LA . -19.83 -10.14 -23.16
C11 5XH LA . -17.13 -7.21 -19.82
C12 5XH LA . -18.23 -5.34 -18.67
C13 5XH LA . -19.22 -4.24 -18.91
C14 5XH LA . -19.78 -3.52 -17.87
C15 5XH LA . -20.71 -2.55 -18.17
C16 5XH LA . -20.55 -2.95 -20.43
C17 5XH LA . -21.02 -2.61 -21.82
C18 5XH LA . -19.61 -3.94 -20.21
C19 5XH LA . -15.89 -8.86 -19.26
C20 5XH LA . -15.10 -9.77 -18.58
C21 5XH LA . -14.62 -10.88 -19.27
C22 5XH LA . -14.94 -11.08 -20.60
C23 5XH LA . -15.74 -10.17 -21.29
C24 5XH LA . -16.05 -10.41 -22.76
C25 5XH LA . -16.21 -9.06 -20.60
C26 5XH LA . -19.27 -7.68 -22.04
C27 5XH LA . -18.58 -10.78 -27.57
C5 5XH LA . -20.12 -9.14 -23.81
C4 5XH LA . -20.63 -9.26 -25.23
N1 5XH LA . -19.77 -11.62 -27.60
N2 5XH LA . -19.98 -7.90 -23.31
C10 5XH LA . -17.76 -7.67 -22.21
C9 5XH LA . -17.26 -6.44 -22.98
C8 5XH LA . -18.00 -6.10 -24.27
C7 5XH LA . -19.42 -5.60 -24.10
C6 5XH LA . -20.46 -6.71 -24.00
N3 5XH LA . -17.05 -7.96 -20.95
N6 5XH LA . -16.48 -7.68 -18.78
N4 5XH LA . -17.82 -6.03 -19.77
N5 5XH LA . -21.09 -2.25 -19.42
S SO4 MA . 37.73 18.07 -50.07
O1 SO4 MA . 39.19 17.93 -49.87
O2 SO4 MA . 36.98 18.13 -48.81
O3 SO4 MA . 37.27 19.11 -51.01
O4 SO4 MA . 37.63 16.82 -50.78
S SO4 NA . 28.69 19.33 -10.55
O1 SO4 NA . 29.95 19.93 -10.13
O2 SO4 NA . 28.14 18.54 -9.45
O3 SO4 NA . 27.76 20.40 -10.90
O4 SO4 NA . 28.91 18.49 -11.70
C1 5XH OA . 49.04 11.35 -39.41
C2 5XH OA . 48.05 12.53 -37.59
C3 5XH OA . 48.03 12.74 -36.08
O1 5XH OA . 51.14 17.85 -28.05
O2 5XH OA . 49.19 13.30 -33.66
C11 5XH OA . 51.89 16.28 -30.36
C12 5XH OA . 50.76 18.14 -29.19
C13 5XH OA . 49.77 19.23 -29.42
C14 5XH OA . 49.28 19.98 -28.37
C15 5XH OA . 48.37 20.97 -28.63
C16 5XH OA . 48.39 20.53 -30.89
C17 5XH OA . 47.87 20.87 -32.26
C18 5XH OA . 49.32 19.51 -30.70
C19 5XH OA . 53.08 14.59 -29.78
C20 5XH OA . 53.81 13.63 -29.09
C21 5XH OA . 54.21 12.48 -29.75
C22 5XH OA . 53.91 12.30 -31.08
C23 5XH OA . 53.18 13.25 -31.81
C24 5XH OA . 52.90 13.03 -33.27
C25 5XH OA . 52.76 14.40 -31.13
C26 5XH OA . 49.75 15.77 -32.54
C27 5XH OA . 50.40 12.79 -38.09
C5 5XH OA . 48.86 14.29 -34.28
C4 5XH OA . 48.31 14.18 -35.68
N1 5XH OA . 49.25 11.88 -38.08
N2 5XH OA . 49.01 15.53 -33.77
C10 5XH OA . 51.25 15.79 -32.75
C9 5XH OA . 51.72 17.03 -33.53
C8 5XH OA . 50.92 17.37 -34.79
C7 5XH OA . 49.49 17.85 -34.54
C6 5XH OA . 48.48 16.73 -34.44
N3 5XH OA . 51.96 15.51 -31.49
N6 5XH OA . 52.52 15.78 -29.31
N4 5XH OA . 51.21 17.48 -30.30
N5 5XH OA . 47.93 21.26 -29.86
S SO4 PA . -16.78 62.93 -25.86
O1 SO4 PA . -15.36 62.91 -25.49
O2 SO4 PA . -17.59 62.92 -24.65
O3 SO4 PA . -17.06 64.13 -26.64
O4 SO4 PA . -17.08 61.75 -26.66
S SO4 QA . -15.71 57.56 9.45
O1 SO4 QA . -14.69 58.25 10.24
O2 SO4 QA . -16.33 56.48 10.24
O3 SO4 QA . -16.73 58.53 9.07
O4 SO4 QA . -15.09 56.99 8.27
S SO4 RA . -26.92 64.82 13.71
O1 SO4 RA . -25.68 65.44 14.13
O2 SO4 RA . -27.49 64.05 14.81
O3 SO4 RA . -27.87 65.85 13.29
O4 SO4 RA . -26.66 63.93 12.58
C1 5XH SA . -5.74 56.53 -14.56
C2 5XH SA . -6.78 57.69 -12.73
C3 5XH SA . -6.79 57.91 -11.23
O1 5XH SA . -4.10 63.24 -3.10
O2 5XH SA . -5.64 58.55 -8.81
C11 5XH SA . -3.27 61.58 -5.33
C12 5XH SA . -4.44 63.48 -4.26
C13 5XH SA . -5.43 64.55 -4.56
C14 5XH SA . -6.09 65.25 -3.55
C15 5XH SA . -7.01 66.21 -3.90
C16 5XH SA . -6.70 65.84 -6.15
C17 5XH SA . -7.07 66.20 -7.56
C18 5XH SA . -5.75 64.86 -5.88
C19 5XH SA . -2.09 59.91 -4.69
C20 5XH SA . -1.33 58.99 -3.97
C21 5XH SA . -0.85 57.86 -4.62
C22 5XH SA . -1.12 57.65 -5.96
C23 5XH SA . -1.88 58.55 -6.70
C24 5XH SA . -2.11 58.31 -8.17
C25 5XH SA . -2.36 59.69 -6.04
C26 5XH SA . -5.33 61.03 -7.66
C27 5XH SA . -4.48 58.14 -13.33
C5 5XH SA . -6.01 59.53 -9.45
C4 5XH SA . -6.53 59.37 -10.86
N1 5XH SA . -5.53 57.13 -13.25
N2 5XH SA . -5.95 60.78 -8.94
C10 5XH SA . -3.81 61.10 -7.74
C9 5XH SA . -3.33 62.38 -8.45
C8 5XH SA . -4.04 62.75 -9.75
C7 5XH SA . -5.51 63.13 -9.63
C6 5XH SA . -6.46 61.95 -9.66
N3 5XH SA . -3.16 60.80 -6.44
N6 5XH SA . -2.67 61.10 -4.26
N4 5XH SA . -3.96 62.78 -5.33
N5 5XH SA . -7.32 66.51 -5.16
S SO4 TA . 17.14 -54.10 -64.08
O1 SO4 TA . 18.56 -54.12 -63.72
O2 SO4 TA . 16.32 -54.07 -62.87
O3 SO4 TA . 16.86 -52.91 -64.89
O4 SO4 TA . 16.82 -55.29 -64.85
S SO4 UA . 18.29 -58.68 -28.53
O1 SO4 UA . 18.21 -58.79 -27.07
O2 SO4 UA . 18.44 -60.01 -29.11
O3 SO4 UA . 19.44 -57.85 -28.89
O4 SO4 UA . 17.07 -58.06 -29.05
S SO4 VA . 6.97 -51.84 -24.55
O1 SO4 VA . 8.25 -51.22 -24.19
O2 SO4 VA . 6.44 -52.59 -23.42
O3 SO4 VA . 6.02 -50.81 -24.95
O4 SO4 VA . 7.21 -52.73 -25.68
C1 5XH WA . 28.16 -60.27 -52.79
C2 5XH WA . 27.14 -59.09 -50.97
C3 5XH WA . 27.11 -58.86 -49.46
O1 5XH WA . 29.82 -53.61 -41.32
O2 5XH WA . 28.26 -58.24 -47.04
C11 5XH WA . 30.62 -55.29 -43.55
C12 5XH WA . 29.45 -53.38 -42.48
C13 5XH WA . 28.47 -52.29 -42.78
C14 5XH WA . 27.89 -51.55 -41.77
C15 5XH WA . 26.97 -50.58 -42.11
C16 5XH WA . 27.19 -51.01 -44.37
C17 5XH WA . 26.78 -50.68 -45.77
C18 5XH WA . 28.12 -52.02 -44.11
C19 5XH WA . 31.84 -56.95 -42.92
C20 5XH WA . 32.62 -57.86 -42.22
C21 5XH WA . 33.11 -58.98 -42.88
C22 5XH WA . 32.83 -59.18 -44.22
C23 5XH WA . 32.06 -58.28 -44.95
C24 5XH WA . 31.81 -58.51 -46.42
C25 5XH WA . 31.57 -57.16 -44.28
C26 5XH WA . 28.60 -55.80 -45.87
C27 5XH WA . 29.49 -58.79 -51.47
C5 5XH WA . 27.90 -57.26 -47.68
C4 5XH WA . 27.37 -57.42 -49.09
N1 5XH WA . 28.36 -59.73 -51.46
N2 5XH WA . 27.97 -56.01 -47.17
C10 5XH WA . 30.12 -55.75 -45.96
C9 5XH WA . 30.63 -54.48 -46.66
C8 5XH WA . 29.93 -54.07 -47.95
C7 5XH WA . 28.46 -53.66 -47.81
C6 5XH WA . 27.48 -54.82 -47.87
N3 5XH WA . 30.76 -56.06 -44.67
N6 5XH WA . 31.24 -55.76 -42.48
N4 5XH WA . 29.91 -54.10 -43.55
N5 5XH WA . 26.62 -50.29 -43.38
S SO4 XA . 10.97 -26.06 -18.43
O1 SO4 XA . 10.29 -27.14 -17.71
O2 SO4 XA . 11.98 -25.42 -17.60
O3 SO4 XA . 11.62 -26.61 -19.63
O4 SO4 XA . 9.97 -25.06 -18.83
S SO4 YA . 21.99 -33.14 -23.40
O1 SO4 YA . 20.94 -33.96 -22.82
O2 SO4 YA . 23.04 -32.91 -22.40
O3 SO4 YA . 22.56 -33.79 -24.56
O4 SO4 YA . 21.42 -31.85 -23.80
C1 5XH ZA . -8.20 -15.11 -32.37
C2 5XH ZA . -6.64 -16.89 -31.99
C3 5XH ZA . -5.96 -17.77 -30.96
O1 5XH ZA . -5.49 -26.43 -25.84
O2 5XH ZA . -5.98 -19.52 -28.85
C11 5XH ZA . -6.95 -23.99 -26.43
C12 5XH ZA . -5.66 -26.03 -26.99
C13 5XH ZA . -5.04 -26.74 -28.15
C14 5XH ZA . -4.21 -27.83 -27.97
C15 5XH ZA . -3.65 -28.44 -29.07
C16 5XH ZA . -4.68 -26.97 -30.52
C17 5XH ZA . -4.89 -26.53 -31.94
C18 5XH ZA . -5.28 -26.31 -29.46
C19 5XH ZA . -7.66 -23.00 -24.67
C20 5XH ZA . -8.01 -22.64 -23.36
C21 5XH ZA . -8.63 -21.43 -23.14
C22 5XH ZA . -8.91 -20.58 -24.20
C23 5XH ZA . -8.58 -20.91 -25.51
C24 5XH ZA . -8.92 -19.96 -26.64
C25 5XH ZA . -7.95 -22.15 -25.73
C26 5XH ZA . -6.08 -22.24 -28.85
C27 5XH ZA . -8.96 -17.14 -31.38
C5 5XH ZA . -6.07 -20.07 -29.93
C4 5XH ZA . -6.21 -19.25 -31.19
N1 5XH ZA . -7.84 -16.21 -31.49
N2 5XH ZA . -6.04 -21.40 -30.05
C10 5XH ZA . -7.49 -22.40 -28.31
C9 5XH ZA . -8.38 -23.26 -29.22
C8 5XH ZA . -8.35 -22.97 -30.72
C7 5XH ZA . -7.02 -23.26 -31.40
C6 5XH ZA . -6.02 -22.11 -31.34
N3 5XH ZA . -7.48 -22.81 -26.89
N6 5XH ZA . -7.03 -24.15 -25.13
N4 5XH ZA . -6.41 -24.92 -27.30
N5 5XH ZA . -3.88 -28.04 -30.33
S SO4 AB . 39.32 -6.22 73.43
O1 SO4 AB . 40.65 -6.68 73.83
O2 SO4 AB . 38.42 -6.18 74.57
O3 SO4 AB . 39.42 -4.88 72.85
O4 SO4 AB . 38.79 -7.14 72.42
S SO4 BB . 40.52 7.51 76.33
O1 SO4 BB . 41.79 6.78 76.39
O2 SO4 BB . 39.97 7.67 77.68
O3 SO4 BB . 40.74 8.82 75.74
O4 SO4 BB . 39.58 6.76 75.50
C1 5XH CB . 36.13 -17.26 50.06
C2 5XH CB . 37.07 -15.61 51.52
C3 5XH CB . 37.71 -15.31 52.87
O1 5XH CB . 45.78 -14.00 58.67
O2 5XH CB . 39.59 -15.73 54.83
C11 5XH CB . 44.29 -15.80 56.97
C12 5XH CB . 45.47 -13.69 57.52
C13 5XH CB . 45.73 -12.33 56.98
C14 5XH CB . 46.32 -11.35 57.76
C15 5XH CB . 46.51 -10.09 57.22
C16 5XH CB . 45.61 -10.72 55.20
C17 5XH CB . 45.23 -10.33 53.80
C18 5XH CB . 45.38 -12.00 55.67
C19 5XH CB . 43.84 -17.66 57.94
C20 5XH CB . 43.79 -18.75 58.81
C21 5XH CB . 42.97 -19.81 58.48
C22 5XH CB . 42.21 -19.80 57.32
C23 5XH CB . 42.25 -18.72 56.44
C24 5XH CB . 41.44 -18.75 55.17
C25 5XH CB . 43.08 -17.64 56.77
C26 5XH CB . 42.03 -14.56 55.15
C27 5XH CB . 38.38 -17.51 50.83
C5 5XH CB . 39.95 -14.95 53.97
C4 5XH CB . 39.10 -14.71 52.74
N1 5XH CB . 37.05 -17.02 51.17
N2 5XH CB . 41.11 -14.27 54.05
C10 5XH CB . 42.87 -15.80 54.89
C9 5XH CB . 43.92 -15.57 53.80
C8 5XH CB . 43.46 -14.86 52.53
C7 5XH CB . 43.01 -13.42 52.69
C6 5XH CB . 41.55 -13.26 53.08
N3 5XH CB . 43.38 -16.40 56.15
N6 5XH CB . 44.60 -16.48 58.05
N4 5XH CB . 44.84 -14.57 56.67
N5 5XH CB . 46.16 -9.77 55.97
S SO4 DB . -10.91 68.35 17.00
O1 SO4 DB . -10.56 69.36 18.00
O2 SO4 DB . -10.50 67.03 17.47
O3 SO4 DB . -12.36 68.36 16.78
O4 SO4 DB . -10.22 68.66 15.74
C1 5XH EB . -19.91 37.14 33.16
C2 5XH EB . -19.90 39.44 32.50
C3 5XH EB . -20.20 40.43 31.38
O1 5XH EB . -26.50 46.77 26.94
O2 5XH EB . -21.84 41.56 29.49
C11 5XH EB . -26.09 44.09 27.90
C12 5XH EB . -26.18 46.54 28.11
C13 5XH EB . -25.85 47.63 29.06
C14 5XH EB . -25.99 48.96 28.69
C15 5XH EB . -25.69 49.93 29.63
C16 5XH EB . -25.14 48.37 31.23
C17 5XH EB . -24.67 48.10 32.63
C18 5XH EB . -25.42 47.33 30.35
C19 5XH EB . -26.38 42.67 26.32
C20 5XH EB . -26.68 42.02 25.12
C21 5XH EB . -26.39 40.67 24.99
C22 5XH EB . -25.82 39.98 26.05
C23 5XH EB . -25.51 40.60 27.27
C24 5XH EB . -24.91 39.79 28.39
C25 5XH EB . -25.81 41.96 27.38
C26 5XH EB . -23.67 43.58 29.78
C27 5XH EB . -21.98 38.22 32.65
C5 5XH EB . -21.97 42.05 30.60
C4 5XH EB . -21.25 41.46 31.79
N1 5XH EB . -20.56 38.14 32.32
N2 5XH EB . -22.76 43.12 30.82
C10 5XH EB . -24.96 42.77 29.73
C9 5XH EB . -25.86 43.02 30.94
C8 5XH EB . -25.20 43.04 32.31
C7 5XH EB . -24.20 44.17 32.55
C6 5XH EB . -22.79 43.86 32.08
N3 5XH EB . -25.61 42.91 28.40
N6 5XH EB . -26.56 44.01 26.67
N4 5XH EB . -26.11 45.27 28.60
N5 5XH EB . -25.27 49.67 30.88
S SO4 FB . 23.06 -48.39 -21.05
O1 SO4 FB . 23.41 -47.41 -20.02
O2 SO4 FB . 23.45 -49.73 -20.60
O3 SO4 FB . 21.62 -48.36 -21.27
O4 SO4 FB . 23.75 -48.07 -22.29
C1 5XH GB . 14.07 -79.68 -5.07
C2 5XH GB . 14.06 -77.39 -5.77
C3 5XH GB . 13.72 -76.40 -6.88
O1 5XH GB . 7.35 -69.92 -11.13
O2 5XH GB . 12.07 -75.18 -8.72
C11 5XH GB . 7.86 -72.61 -10.24
C12 5XH GB . 7.72 -70.16 -9.99
C13 5XH GB . 8.07 -69.07 -9.03
C14 5XH GB . 8.04 -67.73 -9.40
C15 5XH GB . 8.37 -66.78 -8.45
C16 5XH GB . 8.75 -68.38 -6.83
C17 5XH GB . 9.15 -68.69 -5.42
C18 5XH GB . 8.42 -69.40 -7.72
C19 5XH GB . 7.51 -74.02 -11.81
C20 5XH GB . 7.20 -74.65 -13.02
C21 5XH GB . 7.47 -76.00 -13.16
C22 5XH GB . 8.04 -76.73 -12.11
C23 5XH GB . 8.37 -76.12 -10.90
C24 5XH GB . 8.98 -76.93 -9.79
C25 5XH GB . 8.10 -74.75 -10.77
C26 5XH GB . 10.26 -73.15 -8.32
C27 5XH GB . 11.99 -78.62 -5.58
C5 5XH GB . 11.97 -74.73 -7.59
C4 5XH GB . 12.70 -75.35 -6.43
N1 5XH GB . 13.42 -78.69 -5.92
N2 5XH GB . 11.18 -73.67 -7.32
C10 5XH GB . 8.99 -73.97 -8.43
C9 5XH GB . 8.08 -73.83 -7.20
C8 5XH GB . 8.77 -73.96 -5.84
C7 5XH GB . 9.73 -72.83 -5.48
C6 5XH GB . 11.14 -73.01 -6.01
N3 5XH GB . 8.32 -73.80 -9.74
N6 5XH GB . 7.38 -72.68 -11.45
N4 5XH GB . 7.86 -71.44 -9.51
N5 5XH GB . 8.73 -67.08 -7.19
S SO4 HB . 11.02 54.01 -34.47
O1 SO4 HB . 9.78 54.00 -33.70
O2 SO4 HB . 12.02 53.17 -33.82
O3 SO4 HB . 10.77 53.49 -35.82
O4 SO4 HB . 11.50 55.39 -34.57
S SO4 IB . 35.70 35.55 -8.02
O1 SO4 IB . 34.68 34.68 -7.45
O2 SO4 IB . 36.75 35.80 -7.03
O3 SO4 IB . 36.30 34.90 -9.20
O4 SO4 IB . 35.09 36.81 -8.42
C1 5XH JB . 5.86 53.54 -18.20
C2 5XH JB . 7.46 51.83 -17.67
C3 5XH JB . 8.05 50.97 -16.57
O1 5XH JB . 8.18 42.35 -11.40
O2 5XH JB . 7.94 49.19 -14.48
C11 5XH JB . 6.74 44.72 -12.18
C12 5XH JB . 8.05 42.66 -12.57
C13 5XH JB . 8.75 41.92 -13.66
C14 5XH JB . 9.53 40.82 -13.39
C15 5XH JB . 10.16 40.17 -14.44
C16 5XH JB . 9.27 41.63 -15.99
C17 5XH JB . 9.15 42.02 -17.43
C18 5XH JB . 8.61 42.32 -14.98
C19 5XH JB . 6.06 45.80 -10.44
C20 5XH JB . 5.78 46.23 -9.15
C21 5XH JB . 5.29 47.51 -8.97
C22 5XH JB . 5.06 48.34 -10.06
C23 5XH JB . 5.32 47.93 -11.36
C24 5XH JB . 5.02 48.85 -12.52
C25 5XH JB . 5.82 46.64 -11.54
C26 5XH JB . 7.80 46.45 -14.54
C27 5XH JB . 5.09 51.45 -17.36
C5 5XH JB . 7.93 48.65 -15.58
C4 5XH JB . 7.89 49.47 -16.84
N1 5XH JB . 6.17 52.43 -17.31
N2 5XH JB . 7.95 47.31 -15.72
C10 5XH JB . 6.36 46.31 -14.09
C9 5XH JB . 5.52 45.49 -15.07
C8 5XH JB . 5.66 45.83 -16.55
C7 5XH JB . 7.02 45.51 -17.16
C6 5XH JB . 8.04 46.62 -17.01
N3 5XH JB . 6.29 45.92 -12.67
N6 5XH JB . 6.63 44.59 -10.87
N4 5XH JB . 7.26 43.72 -12.96
N5 5XH JB . 10.05 40.56 -15.71
S SO4 KB . -57.56 30.10 -23.73
O1 SO4 KB . -58.87 30.23 -23.11
O2 SO4 KB . -56.67 29.22 -22.93
O3 SO4 KB . -57.70 29.54 -25.06
O4 SO4 KB . -57.00 31.44 -23.83
S SO4 LB . -33.28 12.06 2.65
O1 SO4 LB . -34.33 11.26 3.25
O2 SO4 LB . -32.22 12.29 3.62
O3 SO4 LB . -32.75 11.36 1.47
O4 SO4 LB . -33.82 13.35 2.22
C1 5XH MB . -63.07 30.04 -7.57
C2 5XH MB . -61.51 28.27 -7.17
C3 5XH MB . -60.82 27.39 -6.14
O1 5XH MB . -60.70 18.91 -0.86
O2 5XH MB . -60.85 25.66 -4.02
C11 5XH MB . -62.16 21.28 -1.65
C12 5XH MB . -60.84 19.23 -2.04
C13 5XH MB . -60.16 18.48 -3.13
C14 5XH MB . -59.35 17.38 -2.89
C15 5XH MB . -58.75 16.74 -3.96
C16 5XH MB . -59.69 18.19 -5.48
C17 5XH MB . -59.84 18.61 -6.92
C18 5XH MB . -60.32 18.88 -4.46
C19 5XH MB . -62.88 22.34 0.07
C20 5XH MB . -63.21 22.76 1.36
C21 5XH MB . -63.78 24.01 1.52
C22 5XH MB . -64.03 24.83 0.42
C23 5XH MB . -63.72 24.43 -0.87
C24 5XH MB . -64.04 25.33 -2.04
C25 5XH MB . -63.14 23.16 -1.04
C26 5XH MB . -61.10 22.94 -4.02
C27 5XH MB . -63.80 28.04 -6.47
C5 5XH MB . -60.94 25.10 -5.11
C4 5XH MB . -61.07 25.91 -6.37
N1 5XH MB . -62.68 28.96 -6.65
N2 5XH MB . -60.93 23.76 -5.22
C10 5XH MB . -62.55 22.86 -3.58
C9 5XH MB . -63.42 22.05 -4.56
C8 5XH MB . -63.23 22.32 -6.06
C7 5XH MB . -61.87 21.93 -6.62
C6 5XH MB . -60.83 23.03 -6.49
N3 5XH MB . -62.63 22.45 -2.16
N6 5XH MB . -62.27 21.15 -0.34
N4 5XH MB . -61.62 20.29 -2.44
N5 5XH MB . -58.91 17.13 -5.23
#